data_2BO5
#
_entry.id   2BO5
#
_cell.length_a   1.000
_cell.length_b   1.000
_cell.length_c   1.000
_cell.angle_alpha   90.00
_cell.angle_beta   90.00
_cell.angle_gamma   90.00
#
_symmetry.space_group_name_H-M   'P 1'
#
_entity_poly.entity_id   1
_entity_poly.type   'polypeptide(L)'
_entity_poly.pdbx_seq_one_letter_code
;FAKLVRPPVQIYGIEGRYATALYSAASKQNKLEQVEKELLRVGQILKEPKMAASLLNPYVKRSVKVKSLSDMTAKEKFSP
LTSNLINLLAENGRLTNTPAVISAFSTMMSVHRGEVPCTV
;
_entity_poly.pdbx_strand_id   A
#
# COMPACT_ATOMS: atom_id res chain seq x y z
N PHE A 1 30.27 17.90 11.40
CA PHE A 1 29.20 18.36 10.48
C PHE A 1 28.27 17.22 10.10
N ALA A 2 27.29 17.52 9.24
CA ALA A 2 26.34 16.51 8.80
C ALA A 2 25.55 15.94 9.97
N LYS A 3 25.30 16.77 10.97
CA LYS A 3 24.57 16.35 12.15
C LYS A 3 23.16 15.89 11.78
N LEU A 4 22.29 16.85 11.47
CA LEU A 4 20.92 16.53 11.10
C LEU A 4 20.19 15.81 12.24
N VAL A 5 18.87 15.92 12.24
CA VAL A 5 18.05 15.28 13.26
C VAL A 5 17.23 14.14 12.68
N ARG A 6 16.81 14.30 11.44
CA ARG A 6 16.00 13.28 10.76
C ARG A 6 14.70 13.02 11.52
N PRO A 7 13.72 13.93 11.37
CA PRO A 7 12.42 13.81 12.04
C PRO A 7 11.77 12.46 11.77
N PRO A 8 10.90 12.00 12.69
CA PRO A 8 10.20 10.72 12.55
C PRO A 8 9.16 10.75 11.44
N VAL A 9 8.88 9.59 10.87
CA VAL A 9 7.91 9.47 9.79
C VAL A 9 7.32 8.07 9.72
N GLN A 10 6.00 7.98 9.68
CA GLN A 10 5.31 6.69 9.61
C GLN A 10 3.81 6.88 9.43
N ILE A 11 3.26 7.85 10.16
CA ILE A 11 1.83 8.14 10.07
C ILE A 11 1.58 9.63 9.91
N TYR A 12 0.56 9.96 9.13
CA TYR A 12 0.23 11.36 8.85
C TYR A 12 -1.26 11.55 8.65
N GLY A 13 -1.78 10.99 7.55
CA GLY A 13 -3.20 11.11 7.28
C GLY A 13 -3.52 10.92 5.80
N ILE A 14 -3.04 11.84 4.98
CA ILE A 14 -3.29 11.77 3.54
C ILE A 14 -2.75 10.47 2.96
N GLU A 15 -1.53 10.11 3.33
CA GLU A 15 -0.91 8.88 2.85
C GLU A 15 -1.57 7.67 3.51
N GLY A 16 -1.97 7.82 4.76
CA GLY A 16 -2.62 6.74 5.47
C GLY A 16 -4.04 6.53 4.99
N ARG A 17 -4.65 7.59 4.46
CA ARG A 17 -6.00 7.52 3.95
C ARG A 17 -6.06 6.73 2.65
N TYR A 18 -4.93 6.67 1.94
CA TYR A 18 -4.86 5.95 0.69
C TYR A 18 -5.27 4.50 0.90
N ALA A 19 -4.68 3.87 1.91
CA ALA A 19 -4.99 2.48 2.23
C ALA A 19 -6.40 2.37 2.78
N THR A 20 -6.79 3.31 3.64
CA THR A 20 -8.11 3.31 4.22
C THR A 20 -9.18 3.65 3.18
N ALA A 21 -8.77 4.33 2.11
CA ALA A 21 -9.70 4.69 1.06
C ALA A 21 -9.73 3.62 -0.03
N LEU A 22 -8.92 2.59 0.15
CA LEU A 22 -8.88 1.48 -0.80
C LEU A 22 -9.34 0.23 -0.11
N TYR A 23 -8.91 0.07 1.13
CA TYR A 23 -9.31 -1.05 1.93
C TYR A 23 -10.73 -0.81 2.46
N SER A 24 -11.16 0.46 2.45
CA SER A 24 -12.51 0.79 2.91
C SER A 24 -13.51 -0.14 2.25
N ALA A 25 -13.33 -0.35 0.96
CA ALA A 25 -14.18 -1.27 0.21
C ALA A 25 -13.82 -2.69 0.59
N ALA A 26 -12.53 -2.91 0.84
CA ALA A 26 -12.02 -4.21 1.24
C ALA A 26 -12.65 -4.65 2.55
N SER A 27 -12.77 -3.71 3.50
CA SER A 27 -13.36 -4.00 4.80
C SER A 27 -14.76 -4.57 4.64
N LYS A 28 -15.55 -3.93 3.79
CA LYS A 28 -16.93 -4.38 3.54
C LYS A 28 -16.95 -5.87 3.18
N GLN A 29 -15.87 -6.32 2.55
CA GLN A 29 -15.74 -7.72 2.17
C GLN A 29 -15.01 -8.52 3.24
N ASN A 30 -13.93 -7.90 3.77
CA ASN A 30 -13.11 -8.52 4.81
C ASN A 30 -11.79 -8.98 4.21
N LYS A 31 -11.34 -8.25 3.20
CA LYS A 31 -10.09 -8.58 2.52
C LYS A 31 -8.90 -7.94 3.22
N LEU A 32 -9.14 -7.31 4.37
CA LEU A 32 -8.06 -6.68 5.14
C LEU A 32 -6.83 -7.58 5.17
N GLU A 33 -7.06 -8.89 5.15
CA GLU A 33 -5.97 -9.85 5.15
C GLU A 33 -5.28 -9.88 3.79
N GLN A 34 -6.07 -9.73 2.73
CA GLN A 34 -5.56 -9.73 1.36
C GLN A 34 -5.05 -8.35 0.96
N VAL A 35 -5.38 -7.34 1.77
CA VAL A 35 -4.96 -5.97 1.49
C VAL A 35 -3.90 -5.50 2.47
N GLU A 36 -3.90 -6.10 3.67
CA GLU A 36 -2.93 -5.74 4.70
C GLU A 36 -1.69 -6.59 4.55
N LYS A 37 -1.89 -7.85 4.18
CA LYS A 37 -0.77 -8.76 3.99
C LYS A 37 -0.10 -8.42 2.68
N GLU A 38 -0.89 -8.00 1.70
CA GLU A 38 -0.36 -7.61 0.41
C GLU A 38 0.45 -6.33 0.56
N LEU A 39 -0.16 -5.32 1.18
CA LEU A 39 0.52 -4.04 1.41
C LEU A 39 1.91 -4.26 1.98
N LEU A 40 2.07 -5.32 2.77
CA LEU A 40 3.36 -5.62 3.36
C LEU A 40 4.39 -5.92 2.28
N ARG A 41 3.91 -6.45 1.15
CA ARG A 41 4.78 -6.76 0.03
C ARG A 41 5.40 -5.50 -0.54
N VAL A 42 4.56 -4.48 -0.77
CA VAL A 42 5.03 -3.21 -1.31
C VAL A 42 6.19 -2.65 -0.50
N GLY A 43 6.21 -2.99 0.79
CA GLY A 43 7.27 -2.51 1.66
C GLY A 43 8.59 -3.19 1.37
N GLN A 44 8.56 -4.51 1.20
CA GLN A 44 9.75 -5.29 0.92
C GLN A 44 10.27 -4.99 -0.48
N ILE A 45 9.34 -4.67 -1.39
CA ILE A 45 9.71 -4.36 -2.76
C ILE A 45 10.52 -3.08 -2.84
N LEU A 46 10.27 -2.15 -1.92
CA LEU A 46 10.99 -0.89 -1.90
C LEU A 46 12.38 -1.07 -1.30
N LYS A 47 12.50 -2.04 -0.39
CA LYS A 47 13.78 -2.31 0.25
C LYS A 47 14.71 -3.04 -0.72
N GLU A 48 14.10 -3.66 -1.74
CA GLU A 48 14.86 -4.39 -2.75
C GLU A 48 15.65 -3.43 -3.64
N PRO A 49 16.99 -3.46 -3.56
CA PRO A 49 17.85 -2.59 -4.38
C PRO A 49 17.52 -2.69 -5.86
N LYS A 50 17.30 -3.91 -6.33
CA LYS A 50 16.98 -4.14 -7.74
C LYS A 50 15.62 -3.54 -8.09
N MET A 51 14.72 -3.52 -7.11
CA MET A 51 13.39 -2.97 -7.31
C MET A 51 13.44 -1.45 -7.43
N ALA A 52 14.33 -0.82 -6.67
CA ALA A 52 14.48 0.62 -6.71
C ALA A 52 14.81 1.12 -8.11
N ALA A 53 15.46 0.26 -8.89
CA ALA A 53 15.84 0.60 -10.25
C ALA A 53 14.71 0.29 -11.24
N SER A 54 13.56 -0.15 -10.72
CA SER A 54 12.42 -0.47 -11.56
C SER A 54 11.17 0.25 -11.10
N LEU A 55 11.01 0.39 -9.79
CA LEU A 55 9.85 1.07 -9.23
C LEU A 55 9.99 2.59 -9.34
N LEU A 56 11.18 3.06 -9.71
CA LEU A 56 11.44 4.48 -9.85
C LEU A 56 12.25 4.79 -11.10
N ASN A 57 12.15 3.92 -12.10
CA ASN A 57 12.89 4.12 -13.35
C ASN A 57 12.06 4.91 -14.35
N PRO A 58 12.46 6.17 -14.64
CA PRO A 58 11.74 7.02 -15.60
C PRO A 58 11.97 6.60 -17.05
N TYR A 59 12.62 5.46 -17.24
CA TYR A 59 12.91 4.94 -18.57
C TYR A 59 11.74 4.13 -19.11
N VAL A 60 10.99 3.50 -18.22
CA VAL A 60 9.85 2.70 -18.62
C VAL A 60 8.77 3.55 -19.30
N LYS A 61 7.86 4.11 -18.51
CA LYS A 61 6.79 4.96 -19.04
C LYS A 61 5.77 5.27 -17.97
N ARG A 62 4.62 5.79 -18.39
CA ARG A 62 3.54 6.13 -17.45
C ARG A 62 2.50 5.02 -17.40
N SER A 63 2.35 4.30 -18.52
CA SER A 63 1.39 3.21 -18.60
C SER A 63 2.08 1.89 -18.94
N VAL A 64 3.39 1.93 -19.12
CA VAL A 64 4.15 0.72 -19.44
C VAL A 64 4.56 0.02 -18.15
N LYS A 65 5.26 0.75 -17.28
CA LYS A 65 5.70 0.20 -16.01
C LYS A 65 4.53 -0.38 -15.23
N VAL A 66 3.33 0.14 -15.48
CA VAL A 66 2.14 -0.33 -14.79
C VAL A 66 1.83 -1.78 -15.17
N LYS A 67 2.21 -2.15 -16.39
CA LYS A 67 1.97 -3.51 -16.87
C LYS A 67 2.92 -4.50 -16.18
N SER A 68 4.19 -4.13 -16.12
CA SER A 68 5.18 -4.98 -15.46
C SER A 68 4.82 -5.20 -14.00
N LEU A 69 4.07 -4.26 -13.43
CA LEU A 69 3.66 -4.38 -12.04
C LEU A 69 2.81 -5.63 -11.84
N SER A 70 1.90 -5.87 -12.77
CA SER A 70 1.03 -7.04 -12.72
C SER A 70 1.84 -8.31 -12.43
N ASP A 71 3.07 -8.35 -12.92
CA ASP A 71 3.94 -9.49 -12.70
C ASP A 71 4.30 -9.60 -11.21
N MET A 72 4.32 -8.46 -10.54
CA MET A 72 4.62 -8.43 -9.11
C MET A 72 3.33 -8.33 -8.32
N THR A 73 2.21 -8.34 -9.05
CA THR A 73 0.89 -8.27 -8.44
C THR A 73 0.18 -9.61 -8.54
N ALA A 74 0.62 -10.44 -9.49
CA ALA A 74 0.03 -11.75 -9.68
C ALA A 74 0.99 -12.87 -9.26
N LYS A 75 2.15 -12.48 -8.72
CA LYS A 75 3.15 -13.46 -8.29
C LYS A 75 3.80 -13.04 -6.98
N GLU A 76 3.12 -12.19 -6.22
CA GLU A 76 3.66 -11.72 -4.94
C GLU A 76 2.63 -11.91 -3.82
N LYS A 77 1.40 -11.51 -4.10
CA LYS A 77 0.31 -11.63 -3.13
C LYS A 77 -0.89 -10.82 -3.62
N PHE A 78 -0.59 -9.68 -4.24
CA PHE A 78 -1.61 -8.80 -4.78
C PHE A 78 -2.52 -9.55 -5.73
N SER A 79 -3.42 -8.79 -6.36
CA SER A 79 -4.36 -9.31 -7.34
C SER A 79 -5.78 -8.85 -7.07
N PRO A 80 -6.24 -8.90 -5.81
CA PRO A 80 -7.60 -8.52 -5.46
C PRO A 80 -7.75 -7.12 -4.89
N LEU A 81 -7.36 -6.93 -3.62
CA LEU A 81 -7.48 -5.62 -3.02
C LEU A 81 -6.19 -4.86 -3.17
N THR A 82 -5.30 -5.43 -3.96
CA THR A 82 -4.01 -4.84 -4.22
C THR A 82 -3.77 -4.72 -5.71
N SER A 83 -4.73 -5.16 -6.52
CA SER A 83 -4.59 -5.07 -7.97
C SER A 83 -5.23 -3.79 -8.48
N ASN A 84 -5.19 -2.77 -7.63
CA ASN A 84 -5.73 -1.46 -7.93
C ASN A 84 -4.85 -0.45 -7.24
N LEU A 85 -4.55 -0.75 -5.99
CA LEU A 85 -3.65 0.08 -5.21
C LEU A 85 -2.25 -0.01 -5.80
N ILE A 86 -2.01 -1.08 -6.57
CA ILE A 86 -0.71 -1.26 -7.20
C ILE A 86 -0.47 -0.19 -8.26
N ASN A 87 -1.46 -0.02 -9.14
CA ASN A 87 -1.36 0.97 -10.20
C ASN A 87 -1.40 2.38 -9.61
N LEU A 88 -2.19 2.54 -8.56
CA LEU A 88 -2.33 3.83 -7.89
C LEU A 88 -1.03 4.20 -7.18
N LEU A 89 -0.36 3.20 -6.62
CA LEU A 89 0.90 3.44 -5.92
C LEU A 89 2.00 3.82 -6.91
N ALA A 90 1.86 3.36 -8.14
CA ALA A 90 2.84 3.66 -9.18
C ALA A 90 2.22 4.51 -10.28
N GLU A 91 1.18 5.26 -9.94
CA GLU A 91 0.50 6.12 -10.90
C GLU A 91 1.17 7.49 -10.96
N ASN A 92 1.44 8.05 -9.77
CA ASN A 92 2.07 9.37 -9.69
C ASN A 92 3.54 9.24 -9.30
N GLY A 93 3.87 8.17 -8.58
CA GLY A 93 5.24 7.96 -8.16
C GLY A 93 5.39 8.02 -6.65
N ARG A 94 4.45 7.41 -5.95
CA ARG A 94 4.48 7.40 -4.48
C ARG A 94 5.08 6.09 -3.97
N LEU A 95 6.02 5.54 -4.72
CA LEU A 95 6.67 4.28 -4.34
C LEU A 95 8.01 4.56 -3.66
N THR A 96 8.07 5.67 -2.91
CA THR A 96 9.27 6.05 -2.20
C THR A 96 9.01 6.09 -0.70
N ASN A 97 7.84 6.60 -0.33
CA ASN A 97 7.43 6.70 1.06
C ASN A 97 6.14 5.93 1.28
N THR A 98 5.91 4.91 0.44
CA THR A 98 4.71 4.09 0.54
C THR A 98 4.70 3.23 1.81
N PRO A 99 5.87 2.79 2.31
CA PRO A 99 5.94 1.97 3.53
C PRO A 99 5.19 2.59 4.69
N ALA A 100 5.03 3.91 4.65
CA ALA A 100 4.32 4.63 5.70
C ALA A 100 2.82 4.43 5.58
N VAL A 101 2.35 4.23 4.34
CA VAL A 101 0.93 4.01 4.09
C VAL A 101 0.49 2.65 4.59
N ILE A 102 1.38 1.67 4.50
CA ILE A 102 1.07 0.31 4.96
C ILE A 102 0.90 0.27 6.47
N SER A 103 1.73 1.03 7.18
CA SER A 103 1.67 1.08 8.64
C SER A 103 0.29 1.54 9.11
N ALA A 104 -0.22 2.58 8.48
CA ALA A 104 -1.54 3.11 8.84
C ALA A 104 -2.62 2.05 8.68
N PHE A 105 -2.41 1.15 7.72
CA PHE A 105 -3.37 0.07 7.46
C PHE A 105 -3.52 -0.81 8.70
N SER A 106 -2.43 -1.00 9.42
CA SER A 106 -2.45 -1.84 10.62
C SER A 106 -3.28 -1.20 11.73
N THR A 107 -3.36 0.13 11.73
CA THR A 107 -4.14 0.83 12.73
C THR A 107 -5.55 1.05 12.24
N MET A 108 -5.71 1.16 10.93
CA MET A 108 -7.02 1.35 10.34
C MET A 108 -7.72 0.00 10.19
N MET A 109 -6.92 -1.06 10.09
CA MET A 109 -7.46 -2.40 9.94
C MET A 109 -8.00 -2.92 11.28
N SER A 110 -7.66 -2.23 12.37
CA SER A 110 -8.12 -2.64 13.69
C SER A 110 -9.37 -1.85 14.07
N VAL A 111 -9.60 -0.72 13.41
CA VAL A 111 -10.75 0.11 13.68
C VAL A 111 -11.98 -0.41 12.95
N HIS A 112 -11.77 -1.31 11.97
CA HIS A 112 -12.85 -1.87 11.20
C HIS A 112 -13.56 -2.97 11.98
N ARG A 113 -12.83 -3.61 12.90
CA ARG A 113 -13.38 -4.69 13.71
C ARG A 113 -14.42 -4.15 14.69
N GLY A 114 -14.16 -2.95 15.22
CA GLY A 114 -15.08 -2.35 16.16
C GLY A 114 -16.21 -1.61 15.48
N GLU A 115 -15.97 -1.13 14.27
CA GLU A 115 -16.98 -0.40 13.51
C GLU A 115 -17.90 -1.36 12.76
N VAL A 116 -18.54 -2.26 13.50
CA VAL A 116 -19.44 -3.24 12.90
C VAL A 116 -20.53 -3.65 13.90
N PRO A 117 -21.78 -3.79 13.42
CA PRO A 117 -22.90 -4.18 14.28
C PRO A 117 -22.61 -5.44 15.08
N CYS A 118 -22.06 -5.27 16.28
CA CYS A 118 -21.74 -6.38 17.15
C CYS A 118 -22.94 -6.80 17.99
N THR A 119 -23.85 -7.55 17.38
CA THR A 119 -25.05 -8.01 18.07
C THR A 119 -24.94 -9.49 18.42
N VAL A 120 -24.25 -10.24 17.57
CA VAL A 120 -24.07 -11.67 17.79
C VAL A 120 -23.02 -11.94 18.86
N PHE A 1 -4.04 22.22 19.80
CA PHE A 1 -4.15 21.08 20.75
C PHE A 1 -3.97 19.75 20.03
N ALA A 2 -4.06 18.66 20.80
CA ALA A 2 -3.91 17.32 20.24
C ALA A 2 -2.49 17.08 19.75
N LYS A 3 -2.13 17.72 18.65
CA LYS A 3 -0.80 17.58 18.07
C LYS A 3 -0.57 18.58 16.96
N LEU A 4 0.59 19.22 16.96
CA LEU A 4 0.93 20.21 15.94
C LEU A 4 0.91 19.59 14.55
N VAL A 5 1.27 20.37 13.54
CA VAL A 5 1.30 19.89 12.17
C VAL A 5 2.47 20.49 11.40
N ARG A 6 3.54 20.80 12.11
CA ARG A 6 4.74 21.38 11.49
C ARG A 6 5.61 20.29 10.86
N PRO A 7 5.89 19.20 11.59
CA PRO A 7 6.71 18.10 11.09
C PRO A 7 5.92 17.14 10.19
N PRO A 8 6.62 16.23 9.50
CA PRO A 8 5.98 15.25 8.60
C PRO A 8 5.04 14.33 9.35
N VAL A 9 4.38 13.44 8.62
CA VAL A 9 3.44 12.49 9.22
C VAL A 9 3.72 11.06 8.75
N GLN A 10 3.84 10.89 7.44
CA GLN A 10 4.11 9.58 6.84
C GLN A 10 2.81 8.78 6.65
N ILE A 11 2.33 8.15 7.71
CA ILE A 11 1.10 7.35 7.62
C ILE A 11 -0.11 8.14 8.09
N TYR A 12 -0.05 9.46 7.93
CA TYR A 12 -1.14 10.34 8.35
C TYR A 12 -1.26 11.53 7.42
N GLY A 13 -1.17 11.28 6.10
CA GLY A 13 -1.27 12.34 5.14
C GLY A 13 -2.27 12.05 4.05
N ILE A 14 -1.77 12.02 2.83
CA ILE A 14 -2.60 11.73 1.66
C ILE A 14 -2.35 10.31 1.21
N GLU A 15 -1.11 9.87 1.37
CA GLU A 15 -0.72 8.52 1.02
C GLU A 15 -1.20 7.55 2.09
N GLY A 16 -1.32 8.04 3.32
CA GLY A 16 -1.77 7.19 4.40
C GLY A 16 -3.26 6.91 4.31
N ARG A 17 -4.02 7.90 3.84
CA ARG A 17 -5.46 7.74 3.69
C ARG A 17 -5.78 6.87 2.49
N TYR A 18 -4.90 6.89 1.50
CA TYR A 18 -5.08 6.08 0.29
C TYR A 18 -5.43 4.65 0.67
N ALA A 19 -4.77 4.14 1.69
CA ALA A 19 -5.00 2.79 2.16
C ALA A 19 -6.35 2.69 2.86
N THR A 20 -6.63 3.68 3.72
CA THR A 20 -7.89 3.70 4.45
C THR A 20 -9.06 3.98 3.51
N ALA A 21 -8.79 4.65 2.40
CA ALA A 21 -9.84 4.96 1.44
C ALA A 21 -9.88 3.92 0.32
N LEU A 22 -9.05 2.90 0.45
CA LEU A 22 -9.00 1.82 -0.52
C LEU A 22 -9.36 0.53 0.16
N TYR A 23 -8.90 0.38 1.39
CA TYR A 23 -9.20 -0.78 2.16
C TYR A 23 -10.59 -0.61 2.80
N SER A 24 -11.08 0.64 2.86
CA SER A 24 -12.40 0.91 3.41
C SER A 24 -13.40 -0.04 2.77
N ALA A 25 -13.25 -0.24 1.48
CA ALA A 25 -14.10 -1.16 0.74
C ALA A 25 -13.68 -2.58 1.06
N ALA A 26 -12.37 -2.75 1.22
CA ALA A 26 -11.81 -4.06 1.56
C ALA A 26 -12.33 -4.55 2.90
N SER A 27 -12.43 -3.63 3.87
CA SER A 27 -12.92 -3.96 5.19
C SER A 27 -14.32 -4.55 5.11
N LYS A 28 -15.20 -3.89 4.35
CA LYS A 28 -16.57 -4.35 4.19
C LYS A 28 -16.59 -5.82 3.76
N GLN A 29 -15.57 -6.21 3.01
CA GLN A 29 -15.44 -7.59 2.54
C GLN A 29 -14.68 -8.42 3.56
N ASN A 30 -13.61 -7.82 4.12
CA ASN A 30 -12.76 -8.47 5.12
C ASN A 30 -11.50 -8.98 4.45
N LYS A 31 -11.06 -8.27 3.43
CA LYS A 31 -9.86 -8.63 2.70
C LYS A 31 -8.62 -7.99 3.30
N LEU A 32 -8.78 -7.34 4.46
CA LEU A 32 -7.65 -6.71 5.15
C LEU A 32 -6.43 -7.61 5.13
N GLU A 33 -6.67 -8.92 5.14
CA GLU A 33 -5.59 -9.90 5.12
C GLU A 33 -4.99 -9.98 3.72
N GLN A 34 -5.84 -9.81 2.71
CA GLN A 34 -5.42 -9.85 1.31
C GLN A 34 -4.93 -8.48 0.86
N VAL A 35 -5.23 -7.45 1.64
CA VAL A 35 -4.81 -6.09 1.30
C VAL A 35 -3.66 -5.63 2.20
N GLU A 36 -3.60 -6.18 3.40
CA GLU A 36 -2.56 -5.83 4.35
C GLU A 36 -1.35 -6.71 4.12
N LYS A 37 -1.61 -7.99 3.84
CA LYS A 37 -0.55 -8.93 3.57
C LYS A 37 0.07 -8.60 2.22
N GLU A 38 -0.78 -8.16 1.29
CA GLU A 38 -0.32 -7.78 -0.02
C GLU A 38 0.45 -6.47 0.08
N LEU A 39 -0.14 -5.49 0.76
CA LEU A 39 0.50 -4.19 0.95
C LEU A 39 1.93 -4.37 1.44
N LEU A 40 2.16 -5.41 2.24
CA LEU A 40 3.50 -5.68 2.76
C LEU A 40 4.47 -5.94 1.63
N ARG A 41 3.93 -6.39 0.49
CA ARG A 41 4.75 -6.68 -0.68
C ARG A 41 5.30 -5.40 -1.30
N VAL A 42 4.40 -4.45 -1.55
CA VAL A 42 4.80 -3.17 -2.13
C VAL A 42 5.84 -2.47 -1.27
N GLY A 43 5.79 -2.73 0.04
CA GLY A 43 6.73 -2.11 0.95
C GLY A 43 8.10 -2.76 0.88
N GLN A 44 8.11 -4.08 0.75
CA GLN A 44 9.36 -4.82 0.67
C GLN A 44 9.97 -4.70 -0.73
N ILE A 45 9.11 -4.55 -1.73
CA ILE A 45 9.57 -4.43 -3.11
C ILE A 45 10.17 -3.04 -3.36
N LEU A 46 9.62 -2.05 -2.66
CA LEU A 46 10.10 -0.68 -2.80
C LEU A 46 11.41 -0.49 -2.03
N LYS A 47 11.44 -1.01 -0.81
CA LYS A 47 12.62 -0.91 0.03
C LYS A 47 13.73 -1.83 -0.48
N GLU A 48 13.35 -2.83 -1.26
CA GLU A 48 14.32 -3.77 -1.81
C GLU A 48 15.38 -3.04 -2.65
N PRO A 49 16.66 -3.43 -2.52
CA PRO A 49 17.74 -2.80 -3.27
C PRO A 49 17.70 -3.16 -4.76
N LYS A 50 17.53 -4.44 -5.06
CA LYS A 50 17.48 -4.90 -6.43
C LYS A 50 16.28 -4.28 -7.16
N MET A 51 15.22 -4.02 -6.41
CA MET A 51 14.00 -3.43 -6.98
C MET A 51 14.16 -1.92 -7.11
N ALA A 52 14.89 -1.32 -6.18
CA ALA A 52 15.12 0.12 -6.20
C ALA A 52 15.64 0.59 -7.55
N ALA A 53 16.49 -0.23 -8.16
CA ALA A 53 17.07 0.10 -9.46
C ALA A 53 16.00 0.11 -10.55
N SER A 54 14.83 -0.45 -10.25
CA SER A 54 13.74 -0.51 -11.21
C SER A 54 12.58 0.40 -10.79
N LEU A 55 12.15 0.26 -9.54
CA LEU A 55 11.06 1.07 -9.02
C LEU A 55 11.41 2.55 -9.05
N LEU A 56 12.58 2.88 -8.51
CA LEU A 56 13.04 4.27 -8.47
C LEU A 56 13.68 4.68 -9.80
N ASN A 57 13.73 3.75 -10.75
CA ASN A 57 14.32 4.03 -12.06
C ASN A 57 13.48 5.05 -12.83
N PRO A 58 14.09 6.16 -13.26
CA PRO A 58 13.39 7.20 -14.03
C PRO A 58 12.76 6.65 -15.30
N TYR A 59 13.22 5.48 -15.72
CA TYR A 59 12.72 4.84 -16.92
C TYR A 59 11.43 4.06 -16.65
N VAL A 60 10.94 4.12 -15.41
CA VAL A 60 9.72 3.41 -15.03
C VAL A 60 8.55 3.83 -15.93
N LYS A 61 8.60 5.05 -16.43
CA LYS A 61 7.55 5.57 -17.30
C LYS A 61 6.22 5.63 -16.57
N ARG A 62 5.29 6.43 -17.09
CA ARG A 62 3.97 6.57 -16.48
C ARG A 62 2.95 5.67 -17.16
N SER A 63 3.39 4.47 -17.53
CA SER A 63 2.51 3.51 -18.19
C SER A 63 3.17 2.13 -18.26
N VAL A 64 4.46 2.11 -18.58
CA VAL A 64 5.21 0.87 -18.69
C VAL A 64 5.20 0.12 -17.36
N LYS A 65 5.41 0.85 -16.27
CA LYS A 65 5.43 0.25 -14.93
C LYS A 65 4.09 -0.42 -14.63
N VAL A 66 3.02 0.10 -15.22
CA VAL A 66 1.69 -0.45 -15.01
C VAL A 66 1.60 -1.88 -15.52
N LYS A 67 2.20 -2.13 -16.68
CA LYS A 67 2.19 -3.46 -17.27
C LYS A 67 2.96 -4.45 -16.40
N SER A 68 4.09 -3.99 -15.87
CA SER A 68 4.93 -4.84 -15.02
C SER A 68 4.18 -5.23 -13.75
N LEU A 69 3.26 -4.37 -13.33
CA LEU A 69 2.47 -4.63 -12.12
C LEU A 69 1.60 -5.87 -12.31
N SER A 70 1.02 -6.02 -13.49
CA SER A 70 0.16 -7.16 -13.80
C SER A 70 0.91 -8.47 -13.58
N ASP A 71 2.16 -8.52 -14.00
CA ASP A 71 2.99 -9.70 -13.84
C ASP A 71 3.68 -9.73 -12.47
N MET A 72 3.34 -8.75 -11.64
CA MET A 72 3.90 -8.66 -10.30
C MET A 72 2.80 -8.96 -9.28
N THR A 73 1.58 -8.58 -9.65
CA THR A 73 0.42 -8.81 -8.80
C THR A 73 0.02 -10.28 -8.87
N ALA A 74 0.31 -10.93 -10.00
CA ALA A 74 -0.02 -12.34 -10.17
C ALA A 74 1.16 -13.23 -9.76
N LYS A 75 2.21 -12.63 -9.23
CA LYS A 75 3.39 -13.39 -8.82
C LYS A 75 3.94 -12.88 -7.48
N GLU A 76 3.17 -12.03 -6.80
CA GLU A 76 3.59 -11.49 -5.52
C GLU A 76 2.58 -11.82 -4.43
N LYS A 77 1.32 -11.49 -4.69
CA LYS A 77 0.23 -11.74 -3.75
C LYS A 77 -1.00 -10.97 -4.19
N PHE A 78 -0.77 -9.78 -4.73
CA PHE A 78 -1.86 -8.92 -5.21
C PHE A 78 -2.80 -9.67 -6.11
N SER A 79 -3.87 -8.99 -6.49
CA SER A 79 -4.87 -9.53 -7.39
C SER A 79 -6.28 -9.07 -7.03
N PRO A 80 -6.65 -9.12 -5.75
CA PRO A 80 -7.98 -8.77 -5.32
C PRO A 80 -8.12 -7.36 -4.75
N LEU A 81 -7.64 -7.14 -3.52
CA LEU A 81 -7.75 -5.84 -2.92
C LEU A 81 -6.48 -5.06 -3.18
N THR A 82 -5.61 -5.64 -3.97
CA THR A 82 -4.36 -5.04 -4.33
C THR A 82 -4.23 -4.90 -5.83
N SER A 83 -5.23 -5.40 -6.57
CA SER A 83 -5.18 -5.29 -8.02
C SER A 83 -5.88 -4.01 -8.48
N ASN A 84 -5.82 -3.01 -7.62
CA ASN A 84 -6.41 -1.71 -7.88
C ASN A 84 -5.49 -0.68 -7.27
N LEU A 85 -5.09 -0.96 -6.03
CA LEU A 85 -4.15 -0.11 -5.33
C LEU A 85 -2.80 -0.21 -6.02
N ILE A 86 -2.61 -1.29 -6.81
CA ILE A 86 -1.37 -1.47 -7.54
C ILE A 86 -1.21 -0.42 -8.62
N ASN A 87 -2.24 -0.27 -9.45
CA ASN A 87 -2.21 0.71 -10.53
C ASN A 87 -2.35 2.12 -9.98
N LEU A 88 -2.97 2.23 -8.80
CA LEU A 88 -3.18 3.51 -8.16
C LEU A 88 -1.90 3.98 -7.47
N LEU A 89 -1.12 3.02 -6.98
CA LEU A 89 0.13 3.35 -6.29
C LEU A 89 1.17 3.83 -7.29
N ALA A 90 1.10 3.31 -8.51
CA ALA A 90 2.04 3.70 -9.56
C ALA A 90 1.37 4.67 -10.54
N GLU A 91 0.29 5.30 -10.11
CA GLU A 91 -0.44 6.25 -10.96
C GLU A 91 0.15 7.65 -10.81
N ASN A 92 0.26 8.11 -9.56
CA ASN A 92 0.79 9.44 -9.29
C ASN A 92 2.13 9.36 -8.55
N GLY A 93 2.78 8.20 -8.63
CA GLY A 93 4.05 8.02 -7.96
C GLY A 93 3.91 7.87 -6.46
N ARG A 94 2.80 7.26 -6.04
CA ARG A 94 2.55 7.05 -4.61
C ARG A 94 3.67 6.24 -3.96
N LEU A 95 4.35 5.43 -4.78
CA LEU A 95 5.45 4.61 -4.28
C LEU A 95 6.47 5.46 -3.55
N THR A 96 7.53 4.82 -3.05
CA THR A 96 8.59 5.51 -2.31
C THR A 96 8.18 5.69 -0.85
N ASN A 97 6.99 6.24 -0.64
CA ASN A 97 6.46 6.44 0.70
C ASN A 97 5.56 5.27 1.09
N THR A 98 5.71 4.16 0.38
CA THR A 98 4.91 2.96 0.62
C THR A 98 4.76 2.67 2.12
N PRO A 99 5.88 2.50 2.84
CA PRO A 99 5.86 2.20 4.27
C PRO A 99 4.88 3.09 5.04
N ALA A 100 4.66 4.30 4.52
CA ALA A 100 3.74 5.24 5.16
C ALA A 100 2.29 4.91 4.81
N VAL A 101 2.09 4.37 3.61
CA VAL A 101 0.76 4.00 3.16
C VAL A 101 0.37 2.61 3.66
N ILE A 102 1.35 1.85 4.13
CA ILE A 102 1.11 0.50 4.63
C ILE A 102 0.97 0.49 6.15
N SER A 103 1.71 1.37 6.82
CA SER A 103 1.66 1.44 8.28
C SER A 103 0.27 1.86 8.76
N ALA A 104 -0.23 2.97 8.23
CA ALA A 104 -1.55 3.47 8.62
C ALA A 104 -2.60 2.37 8.45
N PHE A 105 -2.31 1.43 7.56
CA PHE A 105 -3.22 0.32 7.29
C PHE A 105 -3.43 -0.53 8.54
N SER A 106 -2.33 -0.96 9.15
CA SER A 106 -2.41 -1.79 10.34
C SER A 106 -3.04 -1.03 11.50
N THR A 107 -2.88 0.29 11.49
CA THR A 107 -3.45 1.12 12.55
C THR A 107 -4.92 1.41 12.28
N MET A 108 -5.25 1.71 11.03
CA MET A 108 -6.63 1.97 10.66
C MET A 108 -7.39 0.66 10.58
N MET A 109 -6.67 -0.43 10.36
CA MET A 109 -7.28 -1.74 10.29
C MET A 109 -7.79 -2.16 11.66
N SER A 110 -6.97 -1.95 12.68
CA SER A 110 -7.36 -2.29 14.05
C SER A 110 -8.70 -1.67 14.41
N VAL A 111 -9.04 -0.57 13.75
CA VAL A 111 -10.30 0.10 14.00
C VAL A 111 -11.45 -0.57 13.27
N HIS A 112 -11.13 -1.48 12.35
CA HIS A 112 -12.13 -2.20 11.59
C HIS A 112 -12.66 -3.40 12.37
N ARG A 113 -11.82 -3.94 13.26
CA ARG A 113 -12.21 -5.10 14.05
C ARG A 113 -13.20 -4.70 15.14
N GLY A 114 -13.08 -3.47 15.63
CA GLY A 114 -13.96 -2.99 16.66
C GLY A 114 -15.23 -2.39 16.10
N GLU A 115 -15.16 -1.87 14.89
CA GLU A 115 -16.32 -1.26 14.24
C GLU A 115 -17.03 -2.27 13.35
N VAL A 116 -17.25 -3.46 13.88
CA VAL A 116 -17.93 -4.52 13.14
C VAL A 116 -18.70 -5.45 14.08
N PRO A 117 -19.73 -6.13 13.56
CA PRO A 117 -20.55 -7.05 14.36
C PRO A 117 -19.79 -8.31 14.75
N CYS A 118 -19.64 -8.52 16.05
CA CYS A 118 -18.92 -9.70 16.54
C CYS A 118 -17.47 -9.70 16.07
N THR A 119 -16.67 -10.58 16.65
CA THR A 119 -15.26 -10.68 16.28
C THR A 119 -15.11 -11.04 14.80
N VAL A 120 -13.92 -10.80 14.26
CA VAL A 120 -13.64 -11.09 12.85
C VAL A 120 -14.52 -10.24 11.94
N PHE A 1 24.96 11.25 14.36
CA PHE A 1 23.78 12.03 13.93
C PHE A 1 23.28 11.58 12.57
N ALA A 2 22.12 12.09 12.17
CA ALA A 2 21.53 11.74 10.88
C ALA A 2 21.26 10.24 10.79
N LYS A 3 20.29 9.87 9.96
CA LYS A 3 19.93 8.47 9.78
C LYS A 3 19.46 7.86 11.10
N LEU A 4 18.77 8.66 11.91
CA LEU A 4 18.26 8.20 13.20
C LEU A 4 16.77 8.47 13.32
N VAL A 5 15.96 7.53 12.85
CA VAL A 5 14.51 7.66 12.91
C VAL A 5 14.01 7.62 14.36
N ARG A 6 14.23 8.72 15.08
CA ARG A 6 13.80 8.80 16.48
C ARG A 6 12.29 8.60 16.60
N PRO A 7 11.50 9.49 15.96
CA PRO A 7 10.03 9.40 16.00
C PRO A 7 9.50 8.25 15.17
N PRO A 8 8.33 7.69 15.56
CA PRO A 8 7.71 6.57 14.84
C PRO A 8 7.10 7.00 13.51
N VAL A 9 7.54 6.36 12.43
CA VAL A 9 7.04 6.68 11.10
C VAL A 9 6.12 5.58 10.58
N GLN A 10 4.88 5.59 11.06
CA GLN A 10 3.90 4.60 10.64
C GLN A 10 2.60 5.25 10.21
N ILE A 11 2.16 6.25 10.97
CA ILE A 11 0.93 6.97 10.67
C ILE A 11 1.19 8.46 10.52
N TYR A 12 0.46 9.11 9.61
CA TYR A 12 0.65 10.53 9.35
C TYR A 12 -0.69 11.19 9.01
N GLY A 13 -1.34 10.69 7.97
CA GLY A 13 -2.63 11.25 7.56
C GLY A 13 -2.99 10.90 6.14
N ILE A 14 -2.54 11.73 5.19
CA ILE A 14 -2.81 11.50 3.77
C ILE A 14 -2.41 10.09 3.36
N GLU A 15 -1.23 9.66 3.81
CA GLU A 15 -0.73 8.34 3.48
C GLU A 15 -1.51 7.26 4.24
N GLY A 16 -2.01 7.62 5.42
CA GLY A 16 -2.77 6.69 6.22
C GLY A 16 -4.18 6.51 5.69
N ARG A 17 -4.70 7.55 5.05
CA ARG A 17 -6.05 7.49 4.49
C ARG A 17 -6.08 6.60 3.25
N TYR A 18 -4.97 6.58 2.52
CA TYR A 18 -4.86 5.76 1.32
C TYR A 18 -5.33 4.34 1.62
N ALA A 19 -5.10 3.90 2.85
CA ALA A 19 -5.51 2.57 3.27
C ALA A 19 -7.00 2.55 3.59
N THR A 20 -7.46 3.57 4.29
CA THR A 20 -8.87 3.68 4.66
C THR A 20 -9.72 4.01 3.44
N ALA A 21 -9.11 4.61 2.42
CA ALA A 21 -9.83 4.95 1.21
C ALA A 21 -9.61 3.90 0.13
N LEU A 22 -8.89 2.85 0.49
CA LEU A 22 -8.61 1.75 -0.43
C LEU A 22 -9.19 0.49 0.16
N TYR A 23 -9.03 0.35 1.46
CA TYR A 23 -9.59 -0.78 2.14
C TYR A 23 -11.07 -0.53 2.40
N SER A 24 -11.52 0.73 2.22
CA SER A 24 -12.93 1.05 2.41
C SER A 24 -13.76 0.05 1.61
N ALA A 25 -13.21 -0.35 0.47
CA ALA A 25 -13.84 -1.35 -0.38
C ALA A 25 -13.47 -2.72 0.15
N ALA A 26 -12.24 -2.84 0.65
CA ALA A 26 -11.76 -4.10 1.21
C ALA A 26 -12.57 -4.47 2.46
N SER A 27 -13.11 -3.44 3.14
CA SER A 27 -13.90 -3.66 4.34
C SER A 27 -15.19 -4.38 3.98
N LYS A 28 -15.87 -3.91 2.94
CA LYS A 28 -17.10 -4.53 2.49
C LYS A 28 -16.91 -6.04 2.35
N GLN A 29 -15.70 -6.43 1.98
CA GLN A 29 -15.35 -7.82 1.83
C GLN A 29 -14.87 -8.38 3.16
N ASN A 30 -14.03 -7.58 3.84
CA ASN A 30 -13.47 -7.96 5.14
C ASN A 30 -12.20 -8.76 4.95
N LYS A 31 -11.46 -8.42 3.91
CA LYS A 31 -10.22 -9.11 3.60
C LYS A 31 -9.02 -8.21 3.90
N LEU A 32 -9.13 -7.42 4.97
CA LEU A 32 -8.05 -6.53 5.38
C LEU A 32 -6.71 -7.23 5.29
N GLU A 33 -6.72 -8.54 5.55
CA GLU A 33 -5.51 -9.35 5.47
C GLU A 33 -5.12 -9.56 4.01
N GLN A 34 -6.14 -9.81 3.18
CA GLN A 34 -5.95 -10.02 1.76
C GLN A 34 -5.35 -8.78 1.10
N VAL A 35 -5.61 -7.63 1.71
CA VAL A 35 -5.10 -6.36 1.19
C VAL A 35 -3.96 -5.83 2.07
N GLU A 36 -3.86 -6.35 3.28
CA GLU A 36 -2.81 -5.95 4.21
C GLU A 36 -1.56 -6.79 3.96
N LYS A 37 -1.77 -8.09 3.81
CA LYS A 37 -0.68 -9.02 3.55
C LYS A 37 -0.08 -8.69 2.19
N GLU A 38 -0.94 -8.35 1.24
CA GLU A 38 -0.48 -7.99 -0.08
C GLU A 38 0.34 -6.72 0.00
N LEU A 39 -0.24 -5.68 0.61
CA LEU A 39 0.45 -4.41 0.75
C LEU A 39 1.87 -4.61 1.26
N LEU A 40 2.06 -5.65 2.06
CA LEU A 40 3.38 -5.95 2.61
C LEU A 40 4.39 -6.20 1.50
N ARG A 41 3.90 -6.64 0.35
CA ARG A 41 4.76 -6.91 -0.80
C ARG A 41 5.36 -5.63 -1.35
N VAL A 42 4.53 -4.59 -1.48
CA VAL A 42 4.99 -3.30 -1.99
C VAL A 42 6.14 -2.76 -1.15
N GLY A 43 6.13 -3.10 0.14
CA GLY A 43 7.18 -2.64 1.04
C GLY A 43 8.52 -3.25 0.72
N GLN A 44 8.55 -4.57 0.58
CA GLN A 44 9.79 -5.29 0.27
C GLN A 44 10.25 -4.97 -1.15
N ILE A 45 9.29 -4.73 -2.04
CA ILE A 45 9.60 -4.41 -3.43
C ILE A 45 10.17 -3.00 -3.54
N LEU A 46 9.61 -2.07 -2.78
CA LEU A 46 10.07 -0.70 -2.80
C LEU A 46 11.35 -0.55 -2.01
N LYS A 47 11.46 -1.31 -0.92
CA LYS A 47 12.64 -1.29 -0.08
C LYS A 47 13.80 -2.00 -0.75
N GLU A 48 13.48 -2.94 -1.64
CA GLU A 48 14.52 -3.70 -2.34
C GLU A 48 15.47 -2.75 -3.09
N PRO A 49 16.73 -2.63 -2.62
CA PRO A 49 17.72 -1.75 -3.25
C PRO A 49 17.82 -1.97 -4.76
N LYS A 50 17.71 -3.24 -5.18
CA LYS A 50 17.79 -3.57 -6.60
C LYS A 50 16.42 -3.42 -7.27
N MET A 51 15.43 -2.98 -6.49
CA MET A 51 14.08 -2.79 -7.01
C MET A 51 13.66 -1.33 -6.94
N ALA A 52 14.22 -0.60 -5.98
CA ALA A 52 13.89 0.81 -5.81
C ALA A 52 14.25 1.61 -7.06
N ALA A 53 15.48 1.46 -7.53
CA ALA A 53 15.95 2.16 -8.71
C ALA A 53 15.13 1.76 -9.94
N SER A 54 14.64 0.52 -9.94
CA SER A 54 13.85 0.00 -11.05
C SER A 54 12.49 0.69 -11.11
N LEU A 55 11.93 0.96 -9.94
CA LEU A 55 10.61 1.60 -9.85
C LEU A 55 10.73 3.10 -10.11
N LEU A 56 11.89 3.67 -9.78
CA LEU A 56 12.13 5.09 -9.97
C LEU A 56 12.81 5.36 -11.31
N ASN A 57 13.30 4.31 -11.96
CA ASN A 57 13.98 4.44 -13.25
C ASN A 57 13.10 5.19 -14.25
N PRO A 58 13.70 6.11 -15.04
CA PRO A 58 12.96 6.89 -16.04
C PRO A 58 12.32 6.01 -17.12
N TYR A 59 12.75 4.75 -17.18
CA TYR A 59 12.23 3.82 -18.17
C TYR A 59 10.92 3.19 -17.71
N VAL A 60 10.77 3.05 -16.39
CA VAL A 60 9.56 2.47 -15.83
C VAL A 60 8.47 3.52 -15.65
N LYS A 61 8.10 4.18 -16.74
CA LYS A 61 7.08 5.21 -16.71
C LYS A 61 5.76 4.65 -16.17
N ARG A 62 4.72 5.49 -16.18
CA ARG A 62 3.41 5.09 -15.69
C ARG A 62 2.85 3.93 -16.50
N SER A 63 2.83 4.11 -17.82
CA SER A 63 2.32 3.08 -18.73
C SER A 63 3.08 1.77 -18.55
N VAL A 64 4.40 1.83 -18.75
CA VAL A 64 5.23 0.64 -18.61
C VAL A 64 5.11 0.04 -17.22
N LYS A 65 4.89 0.89 -16.23
CA LYS A 65 4.75 0.45 -14.85
C LYS A 65 3.48 -0.39 -14.69
N VAL A 66 2.46 -0.06 -15.46
CA VAL A 66 1.19 -0.78 -15.40
C VAL A 66 1.37 -2.24 -15.81
N LYS A 67 2.09 -2.46 -16.90
CA LYS A 67 2.35 -3.81 -17.39
C LYS A 67 3.24 -4.58 -16.41
N SER A 68 4.27 -3.91 -15.93
CA SER A 68 5.19 -4.52 -14.98
C SER A 68 4.51 -4.76 -13.63
N LEU A 69 3.51 -3.94 -13.33
CA LEU A 69 2.77 -4.08 -12.08
C LEU A 69 1.88 -5.31 -12.10
N SER A 70 1.48 -5.73 -13.29
CA SER A 70 0.62 -6.91 -13.44
C SER A 70 1.45 -8.20 -13.37
N ASP A 71 2.71 -8.11 -13.76
CA ASP A 71 3.59 -9.27 -13.74
C ASP A 71 4.31 -9.41 -12.39
N MET A 72 4.13 -8.41 -11.52
CA MET A 72 4.75 -8.44 -10.20
C MET A 72 3.71 -8.85 -9.17
N THR A 73 2.47 -8.46 -9.45
CA THR A 73 1.34 -8.80 -8.59
C THR A 73 1.03 -10.28 -8.70
N ALA A 74 1.31 -10.86 -9.85
CA ALA A 74 1.07 -12.29 -10.07
C ALA A 74 2.16 -13.15 -9.44
N LYS A 75 3.21 -12.51 -8.93
CA LYS A 75 4.31 -13.25 -8.30
C LYS A 75 4.69 -12.64 -6.95
N GLU A 76 3.75 -11.94 -6.33
CA GLU A 76 4.00 -11.31 -5.03
C GLU A 76 2.92 -11.70 -4.04
N LYS A 77 1.67 -11.40 -4.40
CA LYS A 77 0.52 -11.71 -3.57
C LYS A 77 -0.70 -10.98 -4.12
N PHE A 78 -0.48 -9.75 -4.56
CA PHE A 78 -1.51 -8.92 -5.15
C PHE A 78 -2.38 -9.70 -6.10
N SER A 79 -3.55 -9.15 -6.40
CA SER A 79 -4.46 -9.78 -7.35
C SER A 79 -5.90 -9.32 -7.17
N PRO A 80 -6.45 -9.42 -5.95
CA PRO A 80 -7.83 -9.07 -5.70
C PRO A 80 -8.04 -7.68 -5.10
N LEU A 81 -7.61 -7.48 -3.86
CA LEU A 81 -7.81 -6.19 -3.23
C LEU A 81 -6.55 -5.35 -3.38
N THR A 82 -5.62 -5.87 -4.17
CA THR A 82 -4.37 -5.20 -4.42
C THR A 82 -4.09 -5.07 -5.90
N SER A 83 -4.98 -5.62 -6.73
CA SER A 83 -4.78 -5.53 -8.17
C SER A 83 -5.45 -4.28 -8.72
N ASN A 84 -5.56 -3.28 -7.86
CA ASN A 84 -6.14 -2.00 -8.20
C ASN A 84 -5.36 -0.93 -7.48
N LEU A 85 -5.11 -1.20 -6.21
CA LEU A 85 -4.31 -0.32 -5.39
C LEU A 85 -2.87 -0.37 -5.90
N ILE A 86 -2.53 -1.44 -6.64
CA ILE A 86 -1.20 -1.58 -7.18
C ILE A 86 -0.92 -0.48 -8.20
N ASN A 87 -1.87 -0.26 -9.10
CA ASN A 87 -1.74 0.77 -10.12
C ASN A 87 -1.81 2.15 -9.47
N LEU A 88 -2.67 2.27 -8.46
CA LEU A 88 -2.83 3.53 -7.75
C LEU A 88 -1.53 3.94 -7.07
N LEU A 89 -0.77 2.94 -6.60
CA LEU A 89 0.50 3.22 -5.94
C LEU A 89 1.58 3.59 -6.97
N ALA A 90 1.37 3.18 -8.21
CA ALA A 90 2.32 3.47 -9.28
C ALA A 90 1.66 4.32 -10.37
N GLU A 91 0.59 5.03 -10.00
CA GLU A 91 -0.12 5.88 -10.95
C GLU A 91 0.40 7.32 -10.88
N ASN A 92 0.36 7.90 -9.69
CA ASN A 92 0.82 9.26 -9.49
C ASN A 92 2.32 9.29 -9.16
N GLY A 93 2.81 8.20 -8.59
CA GLY A 93 4.22 8.11 -8.23
C GLY A 93 4.44 8.04 -6.74
N ARG A 94 3.64 7.21 -6.07
CA ARG A 94 3.75 7.05 -4.62
C ARG A 94 4.59 5.83 -4.27
N LEU A 95 5.48 5.45 -5.18
CA LEU A 95 6.35 4.29 -4.95
C LEU A 95 7.68 4.73 -4.36
N THR A 96 7.60 5.55 -3.31
CA THR A 96 8.79 6.05 -2.64
C THR A 96 8.62 5.93 -1.13
N ASN A 97 7.46 6.36 -0.65
CA ASN A 97 7.15 6.29 0.77
C ASN A 97 6.05 5.25 1.00
N THR A 98 5.82 4.41 -0.01
CA THR A 98 4.80 3.36 0.08
C THR A 98 4.83 2.62 1.41
N PRO A 99 6.01 2.12 1.82
CA PRO A 99 6.17 1.39 3.09
C PRO A 99 5.39 2.03 4.23
N ALA A 100 5.22 3.35 4.16
CA ALA A 100 4.47 4.07 5.18
C ALA A 100 2.98 3.81 5.07
N VAL A 101 2.48 3.79 3.85
CA VAL A 101 1.06 3.54 3.61
C VAL A 101 0.70 2.10 3.97
N ILE A 102 1.68 1.21 3.92
CA ILE A 102 1.47 -0.18 4.25
C ILE A 102 1.26 -0.36 5.75
N SER A 103 2.14 0.27 6.54
CA SER A 103 2.03 0.19 7.99
C SER A 103 0.81 0.95 8.48
N ALA A 104 0.42 1.98 7.74
CA ALA A 104 -0.74 2.78 8.10
C ALA A 104 -2.02 1.98 7.95
N PHE A 105 -2.04 1.08 6.97
CA PHE A 105 -3.22 0.24 6.74
C PHE A 105 -3.52 -0.61 7.95
N SER A 106 -2.47 -1.13 8.57
CA SER A 106 -2.62 -1.97 9.76
C SER A 106 -3.35 -1.22 10.87
N THR A 107 -3.28 0.10 10.84
CA THR A 107 -3.94 0.93 11.84
C THR A 107 -5.38 1.20 11.43
N MET A 108 -5.59 1.40 10.13
CA MET A 108 -6.92 1.64 9.61
C MET A 108 -7.73 0.34 9.59
N MET A 109 -7.02 -0.77 9.44
CA MET A 109 -7.65 -2.08 9.41
C MET A 109 -8.00 -2.57 10.82
N SER A 110 -7.52 -1.86 11.84
CA SER A 110 -7.79 -2.23 13.22
C SER A 110 -8.83 -1.30 13.83
N VAL A 111 -8.83 -0.06 13.41
CA VAL A 111 -9.79 0.92 13.90
C VAL A 111 -11.19 0.59 13.41
N HIS A 112 -11.28 -0.32 12.44
CA HIS A 112 -12.57 -0.72 11.89
C HIS A 112 -13.31 -1.64 12.85
N ARG A 113 -12.56 -2.37 13.67
CA ARG A 113 -13.15 -3.29 14.63
C ARG A 113 -13.96 -2.54 15.69
N GLY A 114 -13.45 -1.37 16.08
CA GLY A 114 -14.13 -0.57 17.07
C GLY A 114 -15.21 0.32 16.47
N GLU A 115 -15.02 0.70 15.21
CA GLU A 115 -15.97 1.56 14.51
C GLU A 115 -17.10 0.73 13.90
N VAL A 116 -16.73 -0.38 13.28
CA VAL A 116 -17.71 -1.26 12.64
C VAL A 116 -17.76 -2.61 13.34
N PRO A 117 -18.58 -2.74 14.40
CA PRO A 117 -18.71 -3.99 15.15
C PRO A 117 -19.02 -5.18 14.25
N CYS A 118 -18.92 -6.38 14.80
CA CYS A 118 -19.18 -7.60 14.05
C CYS A 118 -19.85 -8.65 14.92
N THR A 119 -19.23 -8.95 16.06
CA THR A 119 -19.76 -9.94 16.98
C THR A 119 -19.87 -11.31 16.32
N VAL A 120 -18.93 -11.61 15.44
CA VAL A 120 -18.92 -12.89 14.73
C VAL A 120 -17.51 -13.27 14.30
N PHE A 1 28.10 9.50 6.46
CA PHE A 1 29.27 8.80 7.07
C PHE A 1 29.34 9.06 8.57
N ALA A 2 28.95 10.27 8.98
CA ALA A 2 28.96 10.64 10.39
C ALA A 2 27.69 11.40 10.76
N LYS A 3 27.14 11.08 11.93
CA LYS A 3 25.93 11.73 12.40
C LYS A 3 24.77 11.50 11.43
N LEU A 4 24.16 10.33 11.52
CA LEU A 4 23.04 9.98 10.64
C LEU A 4 21.73 9.98 11.42
N VAL A 5 20.79 10.83 10.99
CA VAL A 5 19.49 10.92 11.65
C VAL A 5 18.40 10.31 10.78
N ARG A 6 17.49 9.58 11.42
CA ARG A 6 16.39 8.94 10.71
C ARG A 6 15.17 8.79 11.61
N PRO A 7 14.32 9.84 11.68
CA PRO A 7 13.11 9.81 12.51
C PRO A 7 12.05 8.86 11.97
N PRO A 8 11.02 8.57 12.77
CA PRO A 8 9.93 7.67 12.37
C PRO A 8 9.05 8.29 11.29
N VAL A 9 8.89 7.57 10.18
CA VAL A 9 8.06 8.04 9.07
C VAL A 9 7.16 6.93 8.55
N GLN A 10 6.05 6.70 9.24
CA GLN A 10 5.09 5.68 8.85
C GLN A 10 3.66 6.11 9.23
N ILE A 11 3.49 7.42 9.44
CA ILE A 11 2.19 7.97 9.82
C ILE A 11 2.14 9.45 9.45
N TYR A 12 1.09 9.85 8.74
CA TYR A 12 0.93 11.23 8.31
C TYR A 12 -0.53 11.59 8.15
N GLY A 13 -1.18 10.99 7.15
CA GLY A 13 -2.59 11.27 6.92
C GLY A 13 -2.99 11.10 5.46
N ILE A 14 -2.55 12.04 4.62
CA ILE A 14 -2.87 11.98 3.20
C ILE A 14 -2.42 10.67 2.58
N GLU A 15 -1.19 10.26 2.90
CA GLU A 15 -0.65 9.02 2.37
C GLU A 15 -1.32 7.83 3.04
N GLY A 16 -1.66 7.98 4.31
CA GLY A 16 -2.33 6.91 5.02
C GLY A 16 -3.76 6.74 4.55
N ARG A 17 -4.37 7.85 4.13
CA ARG A 17 -5.74 7.83 3.64
C ARG A 17 -5.85 6.99 2.36
N TYR A 18 -4.74 6.87 1.64
CA TYR A 18 -4.74 6.08 0.41
C TYR A 18 -5.17 4.65 0.70
N ALA A 19 -4.50 4.02 1.65
CA ALA A 19 -4.83 2.66 2.03
C ALA A 19 -6.19 2.60 2.68
N THR A 20 -6.46 3.55 3.57
CA THR A 20 -7.74 3.60 4.26
C THR A 20 -8.86 3.96 3.30
N ALA A 21 -8.53 4.60 2.19
CA ALA A 21 -9.54 4.96 1.20
C ALA A 21 -9.62 3.90 0.10
N LEU A 22 -8.86 2.83 0.27
CA LEU A 22 -8.87 1.73 -0.68
C LEU A 22 -9.32 0.48 0.03
N TYR A 23 -8.87 0.34 1.27
CA TYR A 23 -9.26 -0.78 2.08
C TYR A 23 -10.63 -0.51 2.69
N SER A 24 -11.06 0.77 2.69
CA SER A 24 -12.38 1.12 3.22
C SER A 24 -13.42 0.19 2.63
N ALA A 25 -13.28 -0.07 1.34
CA ALA A 25 -14.18 -0.97 0.64
C ALA A 25 -13.80 -2.40 1.02
N ALA A 26 -12.50 -2.61 1.18
CA ALA A 26 -11.97 -3.92 1.55
C ALA A 26 -12.51 -4.34 2.91
N SER A 27 -12.73 -3.37 3.80
CA SER A 27 -13.25 -3.63 5.13
C SER A 27 -14.61 -4.31 5.04
N LYS A 28 -15.50 -3.73 4.25
CA LYS A 28 -16.84 -4.27 4.06
C LYS A 28 -16.77 -5.74 3.67
N GLN A 29 -15.79 -6.06 2.83
CA GLN A 29 -15.59 -7.44 2.39
C GLN A 29 -14.83 -8.23 3.45
N ASN A 30 -13.88 -7.56 4.10
CA ASN A 30 -13.05 -8.17 5.15
C ASN A 30 -11.81 -8.77 4.54
N LYS A 31 -11.33 -8.14 3.48
CA LYS A 31 -10.14 -8.60 2.79
C LYS A 31 -8.88 -7.96 3.38
N LEU A 32 -9.02 -7.31 4.53
CA LEU A 32 -7.88 -6.67 5.19
C LEU A 32 -6.67 -7.59 5.20
N GLU A 33 -6.93 -8.89 5.21
CA GLU A 33 -5.85 -9.87 5.19
C GLU A 33 -5.25 -9.95 3.79
N GLN A 34 -6.10 -9.77 2.78
CA GLN A 34 -5.65 -9.80 1.39
C GLN A 34 -5.16 -8.42 0.94
N VAL A 35 -5.45 -7.40 1.74
CA VAL A 35 -5.04 -6.03 1.41
C VAL A 35 -3.90 -5.58 2.31
N GLU A 36 -3.81 -6.17 3.49
CA GLU A 36 -2.76 -5.83 4.44
C GLU A 36 -1.57 -6.73 4.22
N LYS A 37 -1.84 -7.99 3.88
CA LYS A 37 -0.79 -8.95 3.61
C LYS A 37 -0.16 -8.64 2.28
N GLU A 38 -0.96 -8.17 1.33
CA GLU A 38 -0.45 -7.82 0.02
C GLU A 38 0.44 -6.59 0.15
N LEU A 39 -0.03 -5.59 0.88
CA LEU A 39 0.73 -4.36 1.08
C LEU A 39 2.17 -4.69 1.49
N LEU A 40 2.35 -5.80 2.20
CA LEU A 40 3.68 -6.21 2.64
C LEU A 40 4.60 -6.40 1.43
N ARG A 41 4.00 -6.69 0.27
CA ARG A 41 4.77 -6.88 -0.95
C ARG A 41 5.40 -5.57 -1.43
N VAL A 42 4.57 -4.56 -1.64
CA VAL A 42 5.05 -3.26 -2.09
C VAL A 42 6.05 -2.67 -1.10
N GLY A 43 5.92 -3.09 0.17
CA GLY A 43 6.82 -2.59 1.20
C GLY A 43 8.21 -3.22 1.09
N GLN A 44 8.25 -4.52 0.87
CA GLN A 44 9.52 -5.24 0.75
C GLN A 44 10.17 -4.95 -0.60
N ILE A 45 9.35 -4.71 -1.61
CA ILE A 45 9.83 -4.41 -2.95
C ILE A 45 10.44 -3.01 -3.02
N LEU A 46 9.98 -2.12 -2.13
CA LEU A 46 10.47 -0.76 -2.11
C LEU A 46 11.82 -0.68 -1.40
N LYS A 47 11.94 -1.40 -0.29
CA LYS A 47 13.18 -1.42 0.48
C LYS A 47 14.25 -2.23 -0.25
N GLU A 48 13.82 -3.11 -1.15
CA GLU A 48 14.75 -3.93 -1.91
C GLU A 48 15.72 -3.07 -2.71
N PRO A 49 17.01 -3.06 -2.31
CA PRO A 49 18.04 -2.27 -3.00
C PRO A 49 18.02 -2.48 -4.50
N LYS A 50 17.81 -3.71 -4.93
CA LYS A 50 17.77 -4.05 -6.35
C LYS A 50 16.53 -3.45 -7.02
N MET A 51 15.46 -3.31 -6.24
CA MET A 51 14.22 -2.75 -6.76
C MET A 51 14.32 -1.23 -6.90
N ALA A 52 15.13 -0.61 -6.05
CA ALA A 52 15.32 0.83 -6.09
C ALA A 52 15.72 1.31 -7.49
N ALA A 53 16.39 0.44 -8.23
CA ALA A 53 16.84 0.78 -9.58
C ALA A 53 15.79 0.39 -10.62
N SER A 54 14.67 -0.17 -10.16
CA SER A 54 13.61 -0.60 -11.07
C SER A 54 12.23 -0.16 -10.56
N LEU A 55 12.20 0.61 -9.48
CA LEU A 55 10.94 1.08 -8.92
C LEU A 55 10.73 2.57 -9.20
N LEU A 56 11.81 3.27 -9.54
CA LEU A 56 11.74 4.69 -9.84
C LEU A 56 12.46 5.04 -11.13
N ASN A 57 12.94 4.02 -11.85
CA ASN A 57 13.65 4.23 -13.11
C ASN A 57 12.74 4.92 -14.13
N PRO A 58 13.27 5.92 -14.86
CA PRO A 58 12.51 6.65 -15.87
C PRO A 58 12.40 5.88 -17.18
N TYR A 59 12.93 4.66 -17.20
CA TYR A 59 12.89 3.81 -18.39
C TYR A 59 11.61 2.99 -18.43
N VAL A 60 11.03 2.72 -17.27
CA VAL A 60 9.81 1.94 -17.18
C VAL A 60 8.57 2.81 -17.39
N LYS A 61 8.77 4.07 -17.71
CA LYS A 61 7.66 5.00 -17.94
C LYS A 61 6.67 4.98 -16.78
N ARG A 62 5.51 5.61 -16.98
CA ARG A 62 4.49 5.65 -15.94
C ARG A 62 3.38 4.66 -16.24
N SER A 63 2.97 4.59 -17.50
CA SER A 63 1.91 3.67 -17.92
C SER A 63 2.44 2.24 -18.02
N VAL A 64 3.62 2.10 -18.64
CA VAL A 64 4.23 0.79 -18.81
C VAL A 64 4.46 0.12 -17.46
N LYS A 65 4.89 0.91 -16.48
CA LYS A 65 5.16 0.39 -15.14
C LYS A 65 3.90 -0.28 -14.56
N VAL A 66 2.75 0.30 -14.87
CA VAL A 66 1.47 -0.23 -14.39
C VAL A 66 1.26 -1.66 -14.88
N LYS A 67 1.40 -1.85 -16.18
CA LYS A 67 1.22 -3.17 -16.79
C LYS A 67 2.25 -4.16 -16.24
N SER A 68 3.48 -3.69 -16.06
CA SER A 68 4.55 -4.53 -15.54
C SER A 68 4.26 -4.94 -14.11
N LEU A 69 3.55 -4.09 -13.37
CA LEU A 69 3.20 -4.37 -11.99
C LEU A 69 2.23 -5.55 -11.91
N SER A 70 1.21 -5.54 -12.76
CA SER A 70 0.22 -6.60 -12.79
C SER A 70 0.84 -7.95 -13.15
N ASP A 71 2.03 -7.92 -13.75
CA ASP A 71 2.71 -9.15 -14.12
C ASP A 71 3.64 -9.59 -13.00
N MET A 72 4.29 -8.62 -12.37
CA MET A 72 5.19 -8.90 -11.26
C MET A 72 4.38 -9.20 -10.01
N THR A 73 3.18 -8.61 -9.91
CA THR A 73 2.34 -8.86 -8.76
C THR A 73 1.94 -10.33 -8.73
N ALA A 74 1.87 -10.95 -9.90
CA ALA A 74 1.53 -12.36 -9.97
C ALA A 74 2.40 -13.13 -8.99
N LYS A 75 3.60 -12.61 -8.75
CA LYS A 75 4.53 -13.23 -7.82
C LYS A 75 4.46 -12.57 -6.45
N GLU A 76 4.00 -11.32 -6.41
CA GLU A 76 3.88 -10.58 -5.15
C GLU A 76 2.73 -11.14 -4.32
N LYS A 77 1.51 -11.00 -4.85
CA LYS A 77 0.30 -11.50 -4.17
C LYS A 77 -0.94 -10.73 -4.62
N PHE A 78 -0.79 -9.43 -4.87
CA PHE A 78 -1.90 -8.58 -5.31
C PHE A 78 -2.79 -9.26 -6.31
N SER A 79 -4.00 -8.74 -6.43
CA SER A 79 -4.98 -9.26 -7.36
C SER A 79 -6.39 -8.84 -7.01
N PRO A 80 -6.79 -8.93 -5.72
CA PRO A 80 -8.13 -8.61 -5.31
C PRO A 80 -8.31 -7.21 -4.70
N LEU A 81 -7.84 -7.02 -3.48
CA LEU A 81 -7.99 -5.72 -2.84
C LEU A 81 -6.73 -4.90 -3.07
N THR A 82 -5.85 -5.45 -3.88
CA THR A 82 -4.60 -4.79 -4.20
C THR A 82 -4.45 -4.64 -5.71
N SER A 83 -5.39 -5.18 -6.48
CA SER A 83 -5.31 -5.06 -7.93
C SER A 83 -5.94 -3.74 -8.38
N ASN A 84 -5.92 -2.78 -7.49
CA ASN A 84 -6.45 -1.44 -7.74
C ASN A 84 -5.50 -0.47 -7.10
N LEU A 85 -5.14 -0.78 -5.85
CA LEU A 85 -4.17 0.00 -5.12
C LEU A 85 -2.82 -0.15 -5.81
N ILE A 86 -2.68 -1.19 -6.64
CA ILE A 86 -1.45 -1.43 -7.35
C ILE A 86 -1.24 -0.38 -8.43
N ASN A 87 -2.22 -0.25 -9.32
CA ASN A 87 -2.15 0.72 -10.40
C ASN A 87 -2.21 2.15 -9.86
N LEU A 88 -2.87 2.30 -8.71
CA LEU A 88 -3.00 3.61 -8.08
C LEU A 88 -1.70 4.02 -7.40
N LEU A 89 -0.96 3.04 -6.91
CA LEU A 89 0.30 3.31 -6.24
C LEU A 89 1.37 3.71 -7.24
N ALA A 90 1.28 3.18 -8.45
CA ALA A 90 2.24 3.49 -9.50
C ALA A 90 1.58 4.32 -10.60
N GLU A 91 0.51 5.03 -10.24
CA GLU A 91 -0.20 5.87 -11.20
C GLU A 91 0.41 7.26 -11.26
N ASN A 92 0.77 7.80 -10.10
CA ASN A 92 1.36 9.13 -10.02
C ASN A 92 2.82 9.05 -9.57
N GLY A 93 3.10 8.09 -8.69
CA GLY A 93 4.46 7.93 -8.19
C GLY A 93 4.51 7.80 -6.69
N ARG A 94 3.66 6.93 -6.14
CA ARG A 94 3.61 6.72 -4.70
C ARG A 94 4.40 5.48 -4.31
N LEU A 95 5.44 5.17 -5.07
CA LEU A 95 6.28 4.01 -4.80
C LEU A 95 7.53 4.42 -4.03
N THR A 96 7.34 5.36 -3.11
CA THR A 96 8.43 5.86 -2.28
C THR A 96 7.97 5.96 -0.84
N ASN A 97 6.73 6.41 -0.65
CA ASN A 97 6.13 6.52 0.67
C ASN A 97 5.17 5.37 0.93
N THR A 98 5.05 4.47 -0.05
CA THR A 98 4.15 3.33 0.06
C THR A 98 4.27 2.63 1.43
N PRO A 99 5.49 2.18 1.80
CA PRO A 99 5.72 1.51 3.08
C PRO A 99 5.11 2.27 4.25
N ALA A 100 5.00 3.60 4.10
CA ALA A 100 4.43 4.43 5.14
C ALA A 100 2.90 4.34 5.13
N VAL A 101 2.35 4.11 3.94
CA VAL A 101 0.91 4.00 3.78
C VAL A 101 0.40 2.67 4.33
N ILE A 102 1.28 1.66 4.32
CA ILE A 102 0.93 0.33 4.81
C ILE A 102 0.79 0.33 6.34
N SER A 103 1.62 1.12 7.01
CA SER A 103 1.58 1.20 8.46
C SER A 103 0.21 1.68 8.94
N ALA A 104 -0.26 2.79 8.39
CA ALA A 104 -1.55 3.33 8.75
C ALA A 104 -2.65 2.28 8.59
N PHE A 105 -2.39 1.32 7.71
CA PHE A 105 -3.35 0.24 7.46
C PHE A 105 -3.60 -0.58 8.71
N SER A 106 -2.53 -1.01 9.36
CA SER A 106 -2.65 -1.82 10.57
C SER A 106 -3.32 -1.05 11.70
N THR A 107 -3.24 0.28 11.64
CA THR A 107 -3.86 1.10 12.67
C THR A 107 -5.29 1.44 12.28
N MET A 108 -5.53 1.57 10.98
CA MET A 108 -6.87 1.88 10.50
C MET A 108 -7.70 0.61 10.42
N MET A 109 -7.02 -0.53 10.26
CA MET A 109 -7.71 -1.81 10.19
C MET A 109 -8.26 -2.16 11.57
N SER A 110 -7.47 -1.91 12.61
CA SER A 110 -7.91 -2.20 13.98
C SER A 110 -9.25 -1.53 14.26
N VAL A 111 -9.54 -0.46 13.54
CA VAL A 111 -10.80 0.26 13.72
C VAL A 111 -11.94 -0.43 12.97
N HIS A 112 -11.60 -1.36 12.08
CA HIS A 112 -12.60 -2.08 11.31
C HIS A 112 -13.16 -3.25 12.12
N ARG A 113 -12.36 -3.77 13.04
CA ARG A 113 -12.78 -4.91 13.85
C ARG A 113 -13.80 -4.46 14.90
N GLY A 114 -13.68 -3.22 15.36
CA GLY A 114 -14.59 -2.71 16.35
C GLY A 114 -16.03 -2.66 15.86
N GLU A 115 -16.19 -2.32 14.59
CA GLU A 115 -17.52 -2.23 13.99
C GLU A 115 -18.06 -3.63 13.66
N VAL A 116 -17.24 -4.43 12.99
CA VAL A 116 -17.63 -5.78 12.61
C VAL A 116 -16.91 -6.82 13.47
N PRO A 117 -17.46 -7.13 14.66
CA PRO A 117 -16.85 -8.10 15.58
C PRO A 117 -16.97 -9.53 15.06
N CYS A 118 -18.13 -9.85 14.48
CA CYS A 118 -18.37 -11.19 13.94
C CYS A 118 -19.67 -11.22 13.14
N THR A 119 -20.72 -10.62 13.70
CA THR A 119 -22.01 -10.58 13.03
C THR A 119 -22.85 -9.40 13.52
N VAL A 120 -23.06 -8.43 12.65
CA VAL A 120 -23.84 -7.24 12.97
C VAL A 120 -23.49 -6.70 14.36
N PHE A 1 15.67 -8.78 27.67
CA PHE A 1 16.08 -8.96 26.25
C PHE A 1 15.37 -7.96 25.34
N ALA A 2 14.04 -7.94 25.42
CA ALA A 2 13.23 -7.04 24.61
C ALA A 2 12.80 -5.82 25.41
N LYS A 3 12.92 -4.64 24.81
CA LYS A 3 12.54 -3.40 25.47
C LYS A 3 12.70 -2.21 24.53
N LEU A 4 13.78 -2.21 23.76
CA LEU A 4 14.06 -1.14 22.81
C LEU A 4 13.51 -1.47 21.44
N VAL A 5 13.73 -0.57 20.48
CA VAL A 5 13.25 -0.76 19.12
C VAL A 5 11.72 -0.79 19.06
N ARG A 6 11.16 0.13 18.29
CA ARG A 6 9.70 0.22 18.16
C ARG A 6 9.32 0.95 16.87
N PRO A 7 8.07 0.78 16.41
CA PRO A 7 7.58 1.42 15.19
C PRO A 7 7.87 2.93 15.17
N PRO A 8 8.85 3.36 14.37
CA PRO A 8 9.21 4.77 14.26
C PRO A 8 8.15 5.60 13.54
N VAL A 9 7.53 4.99 12.54
CA VAL A 9 6.49 5.67 11.77
C VAL A 9 5.28 4.76 11.55
N GLN A 10 4.11 5.24 11.94
CA GLN A 10 2.87 4.48 11.78
C GLN A 10 1.66 5.40 11.80
N ILE A 11 0.88 5.35 10.72
CA ILE A 11 -0.33 6.17 10.59
C ILE A 11 -0.03 7.65 10.78
N TYR A 12 -0.60 8.49 9.92
CA TYR A 12 -0.35 9.92 9.96
C TYR A 12 -1.58 10.71 9.49
N GLY A 13 -1.89 10.60 8.20
CA GLY A 13 -3.03 11.31 7.67
C GLY A 13 -3.27 11.02 6.20
N ILE A 14 -2.84 11.94 5.33
CA ILE A 14 -3.01 11.77 3.90
C ILE A 14 -2.55 10.39 3.43
N GLU A 15 -1.40 9.96 3.94
CA GLU A 15 -0.86 8.66 3.58
C GLU A 15 -1.65 7.55 4.27
N GLY A 16 -2.20 7.86 5.44
CA GLY A 16 -2.97 6.88 6.17
C GLY A 16 -4.37 6.72 5.60
N ARG A 17 -4.87 7.78 4.98
CA ARG A 17 -6.19 7.75 4.38
C ARG A 17 -6.19 6.94 3.09
N TYR A 18 -5.02 6.88 2.43
CA TYR A 18 -4.91 6.11 1.19
C TYR A 18 -5.38 4.68 1.41
N ALA A 19 -4.93 4.08 2.50
CA ALA A 19 -5.31 2.71 2.82
C ALA A 19 -6.76 2.68 3.28
N THR A 20 -7.17 3.70 4.02
CA THR A 20 -8.55 3.76 4.51
C THR A 20 -9.51 4.01 3.36
N ALA A 21 -9.04 4.72 2.34
CA ALA A 21 -9.88 5.00 1.18
C ALA A 21 -9.68 3.95 0.10
N LEU A 22 -8.97 2.88 0.46
CA LEU A 22 -8.71 1.78 -0.45
C LEU A 22 -9.27 0.52 0.16
N TYR A 23 -9.01 0.36 1.44
CA TYR A 23 -9.52 -0.77 2.16
C TYR A 23 -11.01 -0.59 2.38
N SER A 24 -11.50 0.65 2.23
CA SER A 24 -12.92 0.92 2.39
C SER A 24 -13.71 -0.07 1.54
N ALA A 25 -13.14 -0.39 0.38
CA ALA A 25 -13.74 -1.35 -0.52
C ALA A 25 -13.37 -2.75 -0.07
N ALA A 26 -12.17 -2.87 0.50
CA ALA A 26 -11.70 -4.16 1.01
C ALA A 26 -12.46 -4.53 2.28
N SER A 27 -13.12 -3.56 2.90
CA SER A 27 -13.89 -3.79 4.11
C SER A 27 -15.17 -4.54 3.78
N LYS A 28 -15.86 -4.09 2.75
CA LYS A 28 -17.10 -4.74 2.32
C LYS A 28 -16.86 -6.22 2.07
N GLN A 29 -15.64 -6.54 1.64
CA GLN A 29 -15.26 -7.93 1.38
C GLN A 29 -14.61 -8.53 2.62
N ASN A 30 -13.80 -7.73 3.31
CA ASN A 30 -13.10 -8.15 4.52
C ASN A 30 -11.76 -8.76 4.15
N LYS A 31 -11.13 -8.19 3.14
CA LYS A 31 -9.84 -8.66 2.68
C LYS A 31 -8.70 -7.87 3.32
N LEU A 32 -8.98 -7.20 4.43
CA LEU A 32 -7.96 -6.42 5.15
C LEU A 32 -6.66 -7.20 5.19
N GLU A 33 -6.78 -8.51 5.29
CA GLU A 33 -5.61 -9.39 5.32
C GLU A 33 -5.04 -9.54 3.92
N GLN A 34 -5.92 -9.72 2.94
CA GLN A 34 -5.52 -9.86 1.55
C GLN A 34 -4.97 -8.54 1.01
N VAL A 35 -5.31 -7.44 1.68
CA VAL A 35 -4.85 -6.12 1.27
C VAL A 35 -3.70 -5.66 2.17
N GLU A 36 -3.69 -6.13 3.41
CA GLU A 36 -2.66 -5.77 4.37
C GLU A 36 -1.37 -6.51 4.04
N LYS A 37 -1.49 -7.82 3.84
CA LYS A 37 -0.34 -8.63 3.48
C LYS A 37 0.14 -8.23 2.10
N GLU A 38 -0.80 -7.74 1.30
CA GLU A 38 -0.50 -7.27 -0.03
C GLU A 38 -0.11 -5.79 -0.01
N LEU A 39 0.19 -5.28 1.18
CA LEU A 39 0.59 -3.90 1.35
C LEU A 39 2.06 -3.85 1.74
N LEU A 40 2.48 -4.81 2.55
CA LEU A 40 3.86 -4.91 2.99
C LEU A 40 4.75 -5.34 1.83
N ARG A 41 4.17 -6.07 0.88
CA ARG A 41 4.90 -6.54 -0.29
C ARG A 41 5.33 -5.36 -1.15
N VAL A 42 4.41 -4.41 -1.34
CA VAL A 42 4.70 -3.23 -2.15
C VAL A 42 5.84 -2.42 -1.55
N GLY A 43 6.09 -2.61 -0.26
CA GLY A 43 7.16 -1.89 0.40
C GLY A 43 8.51 -2.54 0.15
N GLN A 44 8.53 -3.86 0.14
CA GLN A 44 9.76 -4.61 -0.09
C GLN A 44 10.20 -4.47 -1.55
N ILE A 45 9.22 -4.31 -2.44
CA ILE A 45 9.48 -4.16 -3.86
C ILE A 45 10.26 -2.87 -4.13
N LEU A 46 9.87 -1.81 -3.44
CA LEU A 46 10.53 -0.51 -3.60
C LEU A 46 11.89 -0.51 -2.90
N LYS A 47 11.96 -1.19 -1.77
CA LYS A 47 13.19 -1.27 -1.00
C LYS A 47 14.15 -2.28 -1.62
N GLU A 48 13.60 -3.25 -2.35
CA GLU A 48 14.42 -4.27 -3.00
C GLU A 48 15.43 -3.62 -3.95
N PRO A 49 16.74 -3.73 -3.63
CA PRO A 49 17.80 -3.15 -4.46
C PRO A 49 17.70 -3.60 -5.91
N LYS A 50 17.14 -4.78 -6.13
CA LYS A 50 16.97 -5.32 -7.48
C LYS A 50 15.63 -4.88 -8.07
N MET A 51 14.89 -4.07 -7.32
CA MET A 51 13.60 -3.58 -7.78
C MET A 51 13.36 -2.14 -7.34
N ALA A 52 14.42 -1.47 -6.91
CA ALA A 52 14.32 -0.08 -6.47
C ALA A 52 14.59 0.89 -7.62
N ALA A 53 15.57 0.55 -8.45
CA ALA A 53 15.92 1.39 -9.59
C ALA A 53 14.82 1.38 -10.64
N SER A 54 14.10 0.27 -10.72
CA SER A 54 13.01 0.14 -11.69
C SER A 54 11.77 0.90 -11.24
N LEU A 55 11.66 1.12 -9.93
CA LEU A 55 10.52 1.85 -9.37
C LEU A 55 10.85 3.33 -9.21
N LEU A 56 11.75 3.82 -10.06
CA LEU A 56 12.17 5.21 -10.01
C LEU A 56 12.70 5.66 -11.38
N ASN A 57 13.35 4.75 -12.08
CA ASN A 57 13.91 5.06 -13.40
C ASN A 57 12.84 5.65 -14.32
N PRO A 58 13.25 6.55 -15.25
CA PRO A 58 12.32 7.18 -16.18
C PRO A 58 11.89 6.25 -17.31
N TYR A 59 12.44 5.05 -17.34
CA TYR A 59 12.10 4.07 -18.38
C TYR A 59 10.91 3.22 -17.95
N VAL A 60 10.75 3.03 -16.64
CA VAL A 60 9.65 2.23 -16.12
C VAL A 60 8.30 2.79 -16.55
N LYS A 61 8.24 4.09 -16.79
CA LYS A 61 7.02 4.76 -17.22
C LYS A 61 5.92 4.56 -16.18
N ARG A 62 4.72 5.05 -16.50
CA ARG A 62 3.58 4.93 -15.59
C ARG A 62 2.63 3.84 -16.06
N SER A 63 2.40 3.77 -17.37
CA SER A 63 1.52 2.77 -17.94
C SER A 63 2.21 1.41 -18.05
N VAL A 64 3.47 1.44 -18.45
CA VAL A 64 4.25 0.21 -18.59
C VAL A 64 4.34 -0.54 -17.27
N LYS A 65 4.62 0.19 -16.20
CA LYS A 65 4.72 -0.40 -14.87
C LYS A 65 3.44 -1.16 -14.51
N VAL A 66 2.32 -0.68 -15.03
CA VAL A 66 1.03 -1.32 -14.77
C VAL A 66 1.03 -2.76 -15.24
N LYS A 67 1.55 -2.99 -16.44
CA LYS A 67 1.61 -4.34 -17.00
C LYS A 67 2.68 -5.16 -16.31
N SER A 68 3.74 -4.48 -15.86
CA SER A 68 4.83 -5.15 -15.16
C SER A 68 4.44 -5.48 -13.74
N LEU A 69 3.58 -4.66 -13.16
CA LEU A 69 3.12 -4.87 -11.79
C LEU A 69 2.11 -6.01 -11.72
N SER A 70 1.26 -6.11 -12.74
CA SER A 70 0.25 -7.15 -12.80
C SER A 70 0.89 -8.51 -13.05
N ASP A 71 2.04 -8.51 -13.71
CA ASP A 71 2.74 -9.75 -13.99
C ASP A 71 3.73 -10.05 -12.88
N MET A 72 4.28 -8.98 -12.30
CA MET A 72 5.22 -9.11 -11.21
C MET A 72 4.49 -9.36 -9.91
N THR A 73 3.26 -8.87 -9.82
CA THR A 73 2.46 -9.09 -8.62
C THR A 73 2.16 -10.57 -8.48
N ALA A 74 2.05 -11.26 -9.61
CA ALA A 74 1.79 -12.69 -9.59
C ALA A 74 2.75 -13.37 -8.63
N LYS A 75 3.94 -12.79 -8.48
CA LYS A 75 4.94 -13.32 -7.58
C LYS A 75 4.93 -12.60 -6.23
N GLU A 76 4.41 -11.38 -6.21
CA GLU A 76 4.34 -10.61 -4.98
C GLU A 76 3.25 -11.17 -4.06
N LYS A 77 2.00 -11.07 -4.52
CA LYS A 77 0.84 -11.57 -3.77
C LYS A 77 -0.44 -10.88 -4.25
N PHE A 78 -0.33 -9.59 -4.57
CA PHE A 78 -1.49 -8.80 -5.01
C PHE A 78 -2.30 -9.51 -6.06
N SER A 79 -3.37 -8.83 -6.46
CA SER A 79 -4.28 -9.30 -7.48
C SER A 79 -5.72 -8.86 -7.21
N PRO A 80 -6.19 -8.97 -5.96
CA PRO A 80 -7.56 -8.63 -5.61
C PRO A 80 -7.75 -7.26 -4.97
N LEU A 81 -7.28 -7.09 -3.75
CA LEU A 81 -7.44 -5.81 -3.07
C LEU A 81 -6.21 -4.96 -3.25
N THR A 82 -5.29 -5.48 -4.05
CA THR A 82 -4.06 -4.81 -4.32
C THR A 82 -3.83 -4.65 -5.82
N SER A 83 -4.78 -5.15 -6.63
CA SER A 83 -4.66 -5.03 -8.07
C SER A 83 -5.30 -3.73 -8.54
N ASN A 84 -5.28 -2.74 -7.66
CA ASN A 84 -5.81 -1.43 -7.93
C ASN A 84 -4.92 -0.44 -7.21
N LEU A 85 -4.58 -0.78 -5.97
CA LEU A 85 -3.66 0.01 -5.19
C LEU A 85 -2.29 -0.08 -5.83
N ILE A 86 -2.07 -1.15 -6.61
CA ILE A 86 -0.79 -1.33 -7.27
C ILE A 86 -0.55 -0.20 -8.27
N ASN A 87 -1.55 0.07 -9.10
CA ASN A 87 -1.44 1.13 -10.09
C ASN A 87 -1.47 2.49 -9.39
N LEU A 88 -2.24 2.57 -8.31
CA LEU A 88 -2.35 3.80 -7.55
C LEU A 88 -1.03 4.14 -6.88
N LEU A 89 -0.32 3.11 -6.40
CA LEU A 89 0.97 3.32 -5.76
C LEU A 89 2.08 3.51 -6.80
N ALA A 90 1.79 3.16 -8.04
CA ALA A 90 2.75 3.29 -9.13
C ALA A 90 2.30 4.33 -10.15
N GLU A 91 1.25 5.08 -9.83
CA GLU A 91 0.73 6.10 -10.73
C GLU A 91 1.08 7.50 -10.22
N ASN A 92 0.47 7.88 -9.10
CA ASN A 92 0.72 9.19 -8.51
C ASN A 92 2.19 9.36 -8.14
N GLY A 93 2.87 8.24 -7.90
CA GLY A 93 4.27 8.29 -7.55
C GLY A 93 4.50 8.14 -6.05
N ARG A 94 3.73 7.25 -5.43
CA ARG A 94 3.83 7.02 -3.99
C ARG A 94 4.73 5.81 -3.70
N LEU A 95 5.61 5.48 -4.65
CA LEU A 95 6.51 4.34 -4.48
C LEU A 95 7.86 4.80 -3.93
N THR A 96 7.80 5.60 -2.87
CA THR A 96 8.99 6.13 -2.22
C THR A 96 8.85 5.98 -0.71
N ASN A 97 7.69 6.36 -0.20
CA ASN A 97 7.41 6.27 1.22
C ASN A 97 6.26 5.30 1.47
N THR A 98 5.98 4.44 0.48
CA THR A 98 4.90 3.46 0.58
C THR A 98 4.94 2.71 1.91
N PRO A 99 6.12 2.18 2.30
CA PRO A 99 6.27 1.44 3.55
C PRO A 99 5.56 2.10 4.72
N ALA A 100 5.54 3.43 4.72
CA ALA A 100 4.87 4.17 5.78
C ALA A 100 3.36 4.03 5.66
N VAL A 101 2.87 4.08 4.43
CA VAL A 101 1.45 3.95 4.16
C VAL A 101 0.97 2.55 4.55
N ILE A 102 1.88 1.59 4.51
CA ILE A 102 1.57 0.21 4.85
C ILE A 102 1.20 0.08 6.32
N SER A 103 2.00 0.68 7.19
CA SER A 103 1.75 0.64 8.62
C SER A 103 0.48 1.42 8.97
N ALA A 104 0.15 2.39 8.15
CA ALA A 104 -1.04 3.20 8.36
C ALA A 104 -2.30 2.40 8.11
N PHE A 105 -2.22 1.42 7.22
CA PHE A 105 -3.37 0.59 6.89
C PHE A 105 -3.77 -0.27 8.08
N SER A 106 -2.78 -0.85 8.75
CA SER A 106 -3.04 -1.70 9.91
C SER A 106 -3.81 -0.94 10.98
N THR A 107 -3.57 0.37 11.07
CA THR A 107 -4.26 1.19 12.06
C THR A 107 -5.73 1.35 11.70
N MET A 108 -6.00 1.82 10.50
CA MET A 108 -7.37 1.99 10.04
C MET A 108 -8.02 0.62 9.83
N MET A 109 -7.18 -0.40 9.66
CA MET A 109 -7.64 -1.76 9.47
C MET A 109 -8.08 -2.38 10.80
N SER A 110 -7.66 -1.77 11.90
CA SER A 110 -8.01 -2.28 13.23
C SER A 110 -9.14 -1.47 13.83
N VAL A 111 -9.15 -0.17 13.58
CA VAL A 111 -10.20 0.69 14.09
C VAL A 111 -11.56 0.30 13.52
N HIS A 112 -11.54 -0.48 12.43
CA HIS A 112 -12.76 -0.93 11.78
C HIS A 112 -13.50 -1.93 12.67
N ARG A 113 -12.76 -2.65 13.49
CA ARG A 113 -13.36 -3.65 14.38
C ARG A 113 -14.30 -3.00 15.37
N GLY A 114 -13.94 -1.81 15.83
CA GLY A 114 -14.77 -1.10 16.79
C GLY A 114 -16.09 -0.65 16.19
N GLU A 115 -16.02 -0.03 15.00
CA GLU A 115 -17.22 0.45 14.33
C GLU A 115 -17.90 -0.68 13.55
N VAL A 116 -17.22 -1.16 12.50
CA VAL A 116 -17.76 -2.23 11.68
C VAL A 116 -19.08 -1.84 11.04
N PRO A 117 -19.03 -1.16 9.88
CA PRO A 117 -20.24 -0.72 9.18
C PRO A 117 -21.02 -1.89 8.57
N CYS A 118 -20.28 -2.79 7.92
CA CYS A 118 -20.90 -3.95 7.29
C CYS A 118 -21.39 -4.95 8.35
N THR A 119 -22.71 -5.09 8.45
CA THR A 119 -23.30 -6.01 9.41
C THR A 119 -22.83 -5.69 10.83
N VAL A 120 -23.29 -6.48 11.79
CA VAL A 120 -22.92 -6.30 13.19
C VAL A 120 -23.36 -4.92 13.68
N PHE A 1 11.03 9.93 21.06
CA PHE A 1 11.61 11.30 21.01
C PHE A 1 12.39 11.61 22.28
N ALA A 2 13.66 11.19 22.30
CA ALA A 2 14.52 11.43 23.44
C ALA A 2 15.96 11.70 23.01
N LYS A 3 16.61 10.69 22.44
CA LYS A 3 17.98 10.83 21.99
C LYS A 3 18.02 11.12 20.49
N LEU A 4 17.07 10.57 19.76
CA LEU A 4 16.99 10.77 18.31
C LEU A 4 16.79 12.25 17.98
N VAL A 5 17.35 12.68 16.86
CA VAL A 5 17.23 14.08 16.43
C VAL A 5 15.94 14.30 15.64
N ARG A 6 15.85 13.68 14.47
CA ARG A 6 14.68 13.81 13.63
C ARG A 6 13.45 13.23 14.30
N PRO A 7 12.25 13.77 14.02
CA PRO A 7 11.00 13.29 14.62
C PRO A 7 10.60 11.92 14.08
N PRO A 8 9.77 11.19 14.85
CA PRO A 8 9.30 9.85 14.44
C PRO A 8 8.33 9.90 13.28
N VAL A 9 8.76 9.39 12.12
CA VAL A 9 7.93 9.38 10.93
C VAL A 9 6.91 8.24 10.99
N GLN A 10 6.39 7.85 9.83
CA GLN A 10 5.41 6.77 9.75
C GLN A 10 4.08 7.21 10.33
N ILE A 11 2.98 6.91 9.64
CA ILE A 11 1.66 7.28 10.11
C ILE A 11 1.52 8.80 10.14
N TYR A 12 0.53 9.32 9.40
CA TYR A 12 0.33 10.77 9.32
C TYR A 12 -1.14 11.08 9.06
N GLY A 13 -1.62 10.73 7.87
CA GLY A 13 -3.01 11.00 7.54
C GLY A 13 -3.27 10.93 6.04
N ILE A 14 -2.72 11.85 5.28
CA ILE A 14 -2.90 11.88 3.84
C ILE A 14 -2.39 10.59 3.21
N GLU A 15 -1.20 10.17 3.61
CA GLU A 15 -0.61 8.95 3.08
C GLU A 15 -1.31 7.73 3.67
N GLY A 16 -1.75 7.86 4.92
CA GLY A 16 -2.45 6.77 5.56
C GLY A 16 -3.86 6.61 5.03
N ARG A 17 -4.43 7.71 4.54
CA ARG A 17 -5.78 7.69 3.99
C ARG A 17 -5.81 6.93 2.68
N TYR A 18 -4.68 6.91 1.97
CA TYR A 18 -4.60 6.20 0.70
C TYR A 18 -5.03 4.75 0.87
N ALA A 19 -4.45 4.09 1.86
CA ALA A 19 -4.78 2.70 2.13
C ALA A 19 -6.19 2.58 2.66
N THR A 20 -6.58 3.50 3.53
CA THR A 20 -7.93 3.48 4.09
C THR A 20 -8.97 3.84 3.04
N ALA A 21 -8.54 4.51 1.98
CA ALA A 21 -9.46 4.88 0.92
C ALA A 21 -9.48 3.82 -0.18
N LEU A 22 -8.72 2.75 0.05
CA LEU A 22 -8.67 1.63 -0.90
C LEU A 22 -9.11 0.38 -0.18
N TYR A 23 -8.67 0.26 1.06
CA TYR A 23 -9.05 -0.84 1.87
C TYR A 23 -10.45 -0.61 2.43
N SER A 24 -10.90 0.66 2.42
CA SER A 24 -12.23 0.99 2.90
C SER A 24 -13.24 0.07 2.24
N ALA A 25 -13.03 -0.18 0.95
CA ALA A 25 -13.89 -1.09 0.21
C ALA A 25 -13.57 -2.51 0.62
N ALA A 26 -12.29 -2.75 0.88
CA ALA A 26 -11.84 -4.07 1.33
C ALA A 26 -12.39 -4.38 2.71
N SER A 27 -12.64 -3.34 3.50
CA SER A 27 -13.17 -3.50 4.84
C SER A 27 -14.59 -4.05 4.80
N LYS A 28 -15.42 -3.42 3.97
CA LYS A 28 -16.82 -3.85 3.82
C LYS A 28 -16.87 -5.33 3.48
N GLN A 29 -15.86 -5.80 2.74
CA GLN A 29 -15.79 -7.19 2.36
C GLN A 29 -15.10 -8.00 3.46
N ASN A 30 -14.00 -7.46 3.97
CA ASN A 30 -13.21 -8.10 5.03
C ASN A 30 -11.98 -8.77 4.43
N LYS A 31 -11.48 -8.18 3.36
CA LYS A 31 -10.31 -8.70 2.68
C LYS A 31 -9.03 -8.12 3.25
N LEU A 32 -9.13 -7.42 4.38
CA LEU A 32 -7.96 -6.82 5.02
C LEU A 32 -6.80 -7.81 5.09
N GLU A 33 -7.13 -9.09 5.12
CA GLU A 33 -6.11 -10.13 5.16
C GLU A 33 -5.48 -10.29 3.78
N GLN A 34 -6.29 -10.07 2.75
CA GLN A 34 -5.83 -10.16 1.36
C GLN A 34 -5.25 -8.83 0.88
N VAL A 35 -5.45 -7.78 1.67
CA VAL A 35 -4.95 -6.46 1.33
C VAL A 35 -3.80 -6.06 2.24
N GLU A 36 -3.83 -6.55 3.47
CA GLU A 36 -2.79 -6.26 4.44
C GLU A 36 -1.51 -6.99 4.08
N LYS A 37 -1.64 -8.29 3.84
CA LYS A 37 -0.50 -9.08 3.44
C LYS A 37 -0.04 -8.62 2.06
N GLU A 38 -1.00 -8.09 1.30
CA GLU A 38 -0.73 -7.58 -0.03
C GLU A 38 -0.34 -6.10 0.05
N LEU A 39 -0.08 -5.61 1.26
CA LEU A 39 0.33 -4.23 1.45
C LEU A 39 1.80 -4.18 1.85
N LEU A 40 2.23 -5.21 2.57
CA LEU A 40 3.62 -5.30 3.00
C LEU A 40 4.51 -5.64 1.81
N ARG A 41 3.95 -6.34 0.83
CA ARG A 41 4.69 -6.72 -0.37
C ARG A 41 5.09 -5.47 -1.16
N VAL A 42 4.14 -4.55 -1.32
CA VAL A 42 4.40 -3.31 -2.05
C VAL A 42 5.50 -2.49 -1.38
N GLY A 43 5.69 -2.73 -0.08
CA GLY A 43 6.72 -2.01 0.65
C GLY A 43 8.10 -2.57 0.41
N GLN A 44 8.19 -3.90 0.32
CA GLN A 44 9.45 -4.56 0.08
C GLN A 44 9.94 -4.27 -1.33
N ILE A 45 9.00 -4.09 -2.26
CA ILE A 45 9.33 -3.81 -3.65
C ILE A 45 10.11 -2.50 -3.75
N LEU A 46 9.86 -1.59 -2.82
CA LEU A 46 10.57 -0.31 -2.82
C LEU A 46 11.89 -0.44 -2.08
N LYS A 47 11.91 -1.33 -1.10
CA LYS A 47 13.12 -1.57 -0.32
C LYS A 47 14.13 -2.40 -1.12
N GLU A 48 13.62 -3.19 -2.06
CA GLU A 48 14.47 -4.02 -2.90
C GLU A 48 15.51 -3.17 -3.63
N PRO A 49 16.80 -3.32 -3.29
CA PRO A 49 17.88 -2.55 -3.93
C PRO A 49 17.81 -2.60 -5.45
N LYS A 50 17.47 -3.78 -5.99
CA LYS A 50 17.38 -3.96 -7.42
C LYS A 50 15.99 -3.55 -7.93
N MET A 51 15.15 -3.07 -7.02
CA MET A 51 13.80 -2.64 -7.37
C MET A 51 13.60 -1.16 -7.10
N ALA A 52 14.38 -0.60 -6.18
CA ALA A 52 14.28 0.81 -5.83
C ALA A 52 14.54 1.68 -7.05
N ALA A 53 15.66 1.44 -7.72
CA ALA A 53 16.02 2.21 -8.90
C ALA A 53 15.03 1.99 -10.03
N SER A 54 14.49 0.78 -10.10
CA SER A 54 13.52 0.43 -11.14
C SER A 54 12.16 1.06 -10.85
N LEU A 55 11.90 1.36 -9.58
CA LEU A 55 10.65 1.97 -9.17
C LEU A 55 10.78 3.48 -9.09
N LEU A 56 11.68 4.03 -9.90
CA LEU A 56 11.90 5.48 -9.93
C LEU A 56 12.65 5.88 -11.19
N ASN A 57 13.52 5.00 -11.69
CA ASN A 57 14.30 5.28 -12.88
C ASN A 57 13.42 5.80 -14.02
N PRO A 58 13.96 6.67 -14.89
CA PRO A 58 13.22 7.24 -16.01
C PRO A 58 13.02 6.25 -17.15
N TYR A 59 13.61 5.06 -17.02
CA TYR A 59 13.50 4.04 -18.06
C TYR A 59 12.29 3.14 -17.81
N VAL A 60 11.96 2.96 -16.53
CA VAL A 60 10.82 2.12 -16.16
C VAL A 60 9.51 2.66 -16.72
N LYS A 61 9.51 3.94 -17.10
CA LYS A 61 8.33 4.57 -17.66
C LYS A 61 7.13 4.44 -16.71
N ARG A 62 6.01 5.04 -17.08
CA ARG A 62 4.81 5.00 -16.27
C ARG A 62 3.84 3.94 -16.79
N SER A 63 3.86 3.73 -18.10
CA SER A 63 2.97 2.75 -18.72
C SER A 63 3.59 1.35 -18.66
N VAL A 64 4.90 1.28 -18.91
CA VAL A 64 5.60 0.00 -18.87
C VAL A 64 5.44 -0.68 -17.53
N LYS A 65 5.70 0.06 -16.45
CA LYS A 65 5.58 -0.47 -15.11
C LYS A 65 4.21 -1.12 -14.90
N VAL A 66 3.20 -0.59 -15.59
CA VAL A 66 1.85 -1.12 -15.49
C VAL A 66 1.80 -2.60 -15.87
N LYS A 67 2.46 -2.94 -16.97
CA LYS A 67 2.49 -4.31 -17.44
C LYS A 67 3.22 -5.21 -16.44
N SER A 68 4.37 -4.73 -15.96
CA SER A 68 5.15 -5.48 -14.98
C SER A 68 4.37 -5.65 -13.68
N LEU A 69 3.51 -4.68 -13.38
CA LEU A 69 2.70 -4.72 -12.17
C LEU A 69 1.72 -5.89 -12.22
N SER A 70 1.09 -6.08 -13.38
CA SER A 70 0.12 -7.15 -13.55
C SER A 70 0.76 -8.51 -13.27
N ASP A 71 1.97 -8.70 -13.79
CA ASP A 71 2.70 -9.95 -13.58
C ASP A 71 3.42 -9.96 -12.24
N MET A 72 3.26 -8.88 -11.47
CA MET A 72 3.87 -8.77 -10.16
C MET A 72 2.82 -8.96 -9.09
N THR A 73 1.59 -8.56 -9.42
CA THR A 73 0.47 -8.68 -8.51
C THR A 73 0.01 -10.14 -8.45
N ALA A 74 0.20 -10.86 -9.55
CA ALA A 74 -0.19 -12.27 -9.62
C ALA A 74 0.96 -13.18 -9.18
N LYS A 75 2.06 -12.58 -8.73
CA LYS A 75 3.22 -13.35 -8.30
C LYS A 75 3.50 -13.11 -6.82
N GLU A 76 3.29 -11.88 -6.36
CA GLU A 76 3.53 -11.52 -4.97
C GLU A 76 2.38 -12.01 -4.09
N LYS A 77 1.16 -11.62 -4.45
CA LYS A 77 -0.03 -12.00 -3.70
C LYS A 77 -1.22 -11.17 -4.16
N PHE A 78 -0.94 -9.95 -4.59
CA PHE A 78 -1.97 -9.03 -5.07
C PHE A 78 -2.89 -9.69 -6.06
N SER A 79 -3.83 -8.88 -6.56
CA SER A 79 -4.80 -9.33 -7.57
C SER A 79 -6.22 -8.90 -7.20
N PRO A 80 -6.62 -9.04 -5.92
CA PRO A 80 -7.95 -8.71 -5.50
C PRO A 80 -8.11 -7.35 -4.83
N LEU A 81 -7.63 -7.20 -3.61
CA LEU A 81 -7.76 -5.93 -2.92
C LEU A 81 -6.49 -5.12 -3.10
N THR A 82 -5.58 -5.68 -3.88
CA THR A 82 -4.33 -5.03 -4.17
C THR A 82 -4.19 -4.79 -5.67
N SER A 83 -5.17 -5.25 -6.45
CA SER A 83 -5.14 -5.04 -7.88
C SER A 83 -5.83 -3.73 -8.24
N ASN A 84 -5.76 -2.79 -7.32
CA ASN A 84 -6.34 -1.47 -7.47
C ASN A 84 -5.40 -0.49 -6.81
N LEU A 85 -4.98 -0.86 -5.60
CA LEU A 85 -4.03 -0.07 -4.86
C LEU A 85 -2.69 -0.13 -5.58
N ILE A 86 -2.53 -1.16 -6.44
CA ILE A 86 -1.29 -1.32 -7.20
C ILE A 86 -1.16 -0.22 -8.24
N ASN A 87 -2.20 -0.07 -9.06
CA ASN A 87 -2.20 0.96 -10.10
C ASN A 87 -2.12 2.34 -9.49
N LEU A 88 -2.88 2.56 -8.43
CA LEU A 88 -2.90 3.85 -7.74
C LEU A 88 -1.53 4.17 -7.17
N LEU A 89 -0.81 3.14 -6.73
CA LEU A 89 0.52 3.33 -6.16
C LEU A 89 1.53 3.62 -7.26
N ALA A 90 1.25 3.12 -8.46
CA ALA A 90 2.14 3.33 -9.59
C ALA A 90 1.53 4.30 -10.60
N GLU A 91 0.54 5.08 -10.16
CA GLU A 91 -0.11 6.04 -11.03
C GLU A 91 0.39 7.45 -10.74
N ASN A 92 0.09 7.95 -9.54
CA ASN A 92 0.51 9.29 -9.14
C ASN A 92 1.98 9.30 -8.74
N GLY A 93 2.46 8.16 -8.24
CA GLY A 93 3.86 8.06 -7.83
C GLY A 93 3.99 7.90 -6.33
N ARG A 94 3.26 6.96 -5.76
CA ARG A 94 3.30 6.70 -4.33
C ARG A 94 4.23 5.54 -4.01
N LEU A 95 5.23 5.32 -4.86
CA LEU A 95 6.18 4.24 -4.66
C LEU A 95 7.49 4.77 -4.08
N THR A 96 7.39 5.84 -3.30
CA THR A 96 8.55 6.45 -2.67
C THR A 96 8.48 6.31 -1.16
N ASN A 97 7.27 6.47 -0.63
CA ASN A 97 7.04 6.35 0.81
C ASN A 97 5.97 5.30 1.09
N THR A 98 5.83 4.33 0.18
CA THR A 98 4.85 3.27 0.33
C THR A 98 4.84 2.68 1.75
N PRO A 99 6.01 2.35 2.32
CA PRO A 99 6.09 1.78 3.67
C PRO A 99 5.32 2.62 4.69
N ALA A 100 5.15 3.90 4.38
CA ALA A 100 4.44 4.81 5.26
C ALA A 100 2.93 4.60 5.17
N VAL A 101 2.46 4.30 3.96
CA VAL A 101 1.04 4.08 3.74
C VAL A 101 0.59 2.74 4.33
N ILE A 102 1.54 1.82 4.49
CA ILE A 102 1.24 0.51 5.04
C ILE A 102 1.02 0.59 6.55
N SER A 103 1.79 1.45 7.21
CA SER A 103 1.67 1.62 8.65
C SER A 103 0.25 2.04 9.03
N ALA A 104 -0.36 2.86 8.19
CA ALA A 104 -1.72 3.33 8.43
C ALA A 104 -2.70 2.18 8.38
N PHE A 105 -2.42 1.21 7.51
CA PHE A 105 -3.27 0.03 7.37
C PHE A 105 -3.38 -0.72 8.68
N SER A 106 -2.33 -0.65 9.49
CA SER A 106 -2.29 -1.34 10.77
C SER A 106 -3.03 -0.56 11.85
N THR A 107 -3.12 0.76 11.69
CA THR A 107 -3.82 1.59 12.65
C THR A 107 -5.27 1.81 12.22
N MET A 108 -5.49 1.76 10.91
CA MET A 108 -6.82 1.93 10.37
C MET A 108 -7.59 0.61 10.43
N MET A 109 -6.84 -0.50 10.46
CA MET A 109 -7.47 -1.80 10.54
C MET A 109 -8.20 -1.95 11.87
N SER A 110 -7.62 -1.36 12.92
CA SER A 110 -8.24 -1.41 14.24
C SER A 110 -9.66 -0.85 14.20
N VAL A 111 -9.93 -0.02 13.20
CA VAL A 111 -11.24 0.59 13.04
C VAL A 111 -12.24 -0.41 12.44
N HIS A 112 -11.80 -1.16 11.44
CA HIS A 112 -12.67 -2.15 10.81
C HIS A 112 -12.85 -3.37 11.70
N ARG A 113 -11.82 -3.66 12.50
CA ARG A 113 -11.87 -4.80 13.40
C ARG A 113 -12.66 -4.46 14.66
N GLY A 114 -12.64 -3.19 15.04
CA GLY A 114 -13.35 -2.76 16.23
C GLY A 114 -14.85 -2.75 16.02
N GLU A 115 -15.28 -2.53 14.78
CA GLU A 115 -16.70 -2.50 14.46
C GLU A 115 -17.07 -3.64 13.52
N VAL A 116 -17.06 -4.87 14.04
CA VAL A 116 -17.40 -6.05 13.26
C VAL A 116 -18.72 -6.65 13.70
N PRO A 117 -19.84 -6.14 13.18
CA PRO A 117 -21.18 -6.64 13.54
C PRO A 117 -21.44 -8.04 12.99
N CYS A 118 -20.95 -8.29 11.78
CA CYS A 118 -21.13 -9.58 11.13
C CYS A 118 -20.50 -10.70 11.96
N THR A 119 -21.06 -11.90 11.85
CA THR A 119 -20.55 -13.05 12.59
C THR A 119 -19.12 -13.38 12.18
N VAL A 120 -18.17 -13.06 13.07
CA VAL A 120 -16.76 -13.32 12.80
C VAL A 120 -16.05 -13.81 14.06
N PHE A 1 6.92 17.72 -2.54
CA PHE A 1 8.21 18.05 -1.89
C PHE A 1 8.58 17.01 -0.84
N ALA A 2 9.86 16.94 -0.50
CA ALA A 2 10.34 15.98 0.48
C ALA A 2 11.61 16.49 1.18
N LYS A 3 11.71 17.81 1.30
CA LYS A 3 12.87 18.42 1.93
C LYS A 3 12.47 19.68 2.70
N LEU A 4 11.25 19.70 3.21
CA LEU A 4 10.74 20.83 3.96
C LEU A 4 10.30 20.42 5.36
N VAL A 5 9.63 19.27 5.45
CA VAL A 5 9.14 18.75 6.73
C VAL A 5 8.50 19.85 7.58
N ARG A 6 7.82 20.78 6.92
CA ARG A 6 7.17 21.88 7.61
C ARG A 6 5.95 21.38 8.39
N PRO A 7 4.95 20.81 7.69
CA PRO A 7 3.73 20.29 8.33
C PRO A 7 4.00 19.05 9.17
N PRO A 8 3.16 18.80 10.20
CA PRO A 8 3.31 17.64 11.08
C PRO A 8 2.95 16.33 10.38
N VAL A 9 3.96 15.60 9.94
CA VAL A 9 3.75 14.33 9.25
C VAL A 9 3.04 13.34 10.17
N GLN A 10 3.70 12.97 11.27
CA GLN A 10 3.15 12.03 12.25
C GLN A 10 2.59 10.77 11.57
N ILE A 11 1.32 10.82 11.17
CA ILE A 11 0.67 9.68 10.53
C ILE A 11 0.17 10.02 9.13
N TYR A 12 0.26 11.30 8.74
CA TYR A 12 -0.16 11.73 7.41
C TYR A 12 -1.51 11.13 7.03
N GLY A 13 -2.58 11.83 7.40
CA GLY A 13 -3.91 11.36 7.10
C GLY A 13 -4.15 11.13 5.62
N ILE A 14 -3.55 11.98 4.79
CA ILE A 14 -3.71 11.88 3.34
C ILE A 14 -3.12 10.58 2.82
N GLU A 15 -1.89 10.28 3.23
CA GLU A 15 -1.23 9.06 2.80
C GLU A 15 -1.85 7.85 3.48
N GLY A 16 -2.28 8.05 4.73
CA GLY A 16 -2.91 6.98 5.47
C GLY A 16 -4.32 6.71 5.01
N ARG A 17 -4.96 7.73 4.45
CA ARG A 17 -6.32 7.61 3.94
C ARG A 17 -6.34 6.81 2.65
N TYR A 18 -5.23 6.80 1.93
CA TYR A 18 -5.13 6.06 0.68
C TYR A 18 -5.47 4.59 0.91
N ALA A 19 -4.83 4.00 1.92
CA ALA A 19 -5.08 2.60 2.25
C ALA A 19 -6.48 2.41 2.80
N THR A 20 -6.90 3.36 3.63
CA THR A 20 -8.22 3.28 4.24
C THR A 20 -9.31 3.58 3.21
N ALA A 21 -8.94 4.27 2.13
CA ALA A 21 -9.91 4.58 1.08
C ALA A 21 -9.90 3.51 0.00
N LEU A 22 -9.03 2.51 0.17
CA LEU A 22 -8.93 1.41 -0.76
C LEU A 22 -9.33 0.14 -0.06
N TYR A 23 -8.91 0.03 1.20
CA TYR A 23 -9.26 -1.12 1.99
C TYR A 23 -10.66 -0.91 2.58
N SER A 24 -11.14 0.34 2.58
CA SER A 24 -12.47 0.63 3.11
C SER A 24 -13.47 -0.34 2.50
N ALA A 25 -13.35 -0.54 1.19
CA ALA A 25 -14.21 -1.48 0.48
C ALA A 25 -13.78 -2.89 0.85
N ALA A 26 -12.47 -3.06 1.02
CA ALA A 26 -11.91 -4.35 1.39
C ALA A 26 -12.45 -4.81 2.74
N SER A 27 -12.56 -3.86 3.68
CA SER A 27 -13.07 -4.16 5.02
C SER A 27 -14.46 -4.80 4.94
N LYS A 28 -15.33 -4.20 4.13
CA LYS A 28 -16.68 -4.70 3.95
C LYS A 28 -16.66 -6.20 3.62
N GLN A 29 -15.61 -6.61 2.91
CA GLN A 29 -15.44 -8.01 2.54
C GLN A 29 -14.61 -8.75 3.58
N ASN A 30 -13.61 -8.05 4.12
CA ASN A 30 -12.70 -8.61 5.14
C ASN A 30 -11.40 -9.04 4.48
N LYS A 31 -11.00 -8.31 3.45
CA LYS A 31 -9.78 -8.60 2.73
C LYS A 31 -8.58 -7.91 3.35
N LEU A 32 -8.77 -7.28 4.52
CA LEU A 32 -7.69 -6.60 5.21
C LEU A 32 -6.41 -7.41 5.16
N GLU A 33 -6.57 -8.73 5.15
CA GLU A 33 -5.42 -9.63 5.08
C GLU A 33 -4.92 -9.73 3.64
N GLN A 34 -5.85 -9.72 2.70
CA GLN A 34 -5.52 -9.78 1.28
C GLN A 34 -5.13 -8.40 0.74
N VAL A 35 -5.30 -7.37 1.56
CA VAL A 35 -4.95 -6.01 1.16
C VAL A 35 -3.77 -5.50 1.97
N GLU A 36 -3.75 -5.85 3.26
CA GLU A 36 -2.66 -5.42 4.14
C GLU A 36 -1.40 -6.20 3.81
N LYS A 37 -1.55 -7.52 3.72
CA LYS A 37 -0.43 -8.38 3.37
C LYS A 37 0.02 -8.02 1.96
N GLU A 38 -0.94 -7.55 1.16
CA GLU A 38 -0.67 -7.15 -0.20
C GLU A 38 -0.29 -5.67 -0.25
N LEU A 39 -0.03 -5.08 0.92
CA LEU A 39 0.36 -3.69 1.00
C LEU A 39 1.81 -3.59 1.43
N LEU A 40 2.23 -4.54 2.27
CA LEU A 40 3.60 -4.59 2.74
C LEU A 40 4.52 -5.10 1.63
N ARG A 41 3.96 -5.90 0.73
CA ARG A 41 4.71 -6.45 -0.38
C ARG A 41 5.15 -5.33 -1.33
N VAL A 42 4.26 -4.37 -1.56
CA VAL A 42 4.55 -3.25 -2.44
C VAL A 42 5.72 -2.44 -1.89
N GLY A 43 5.87 -2.44 -0.57
CA GLY A 43 6.95 -1.70 0.05
C GLY A 43 8.27 -2.41 -0.09
N GLN A 44 8.23 -3.74 0.04
CA GLN A 44 9.44 -4.55 -0.10
C GLN A 44 9.96 -4.51 -1.53
N ILE A 45 9.04 -4.33 -2.48
CA ILE A 45 9.40 -4.26 -3.88
C ILE A 45 10.22 -3.00 -4.17
N LEU A 46 9.70 -1.87 -3.75
CA LEU A 46 10.38 -0.59 -3.95
C LEU A 46 11.64 -0.52 -3.11
N LYS A 47 11.57 -1.08 -1.90
CA LYS A 47 12.71 -1.08 -0.99
C LYS A 47 13.74 -2.12 -1.43
N GLU A 48 13.26 -3.16 -2.11
CA GLU A 48 14.15 -4.22 -2.58
C GLU A 48 15.22 -3.66 -3.53
N PRO A 49 16.49 -3.68 -3.11
CA PRO A 49 17.60 -3.16 -3.93
C PRO A 49 17.56 -3.69 -5.36
N LYS A 50 16.95 -4.85 -5.54
CA LYS A 50 16.85 -5.46 -6.87
C LYS A 50 15.75 -4.79 -7.69
N MET A 51 14.75 -4.27 -7.02
CA MET A 51 13.64 -3.61 -7.69
C MET A 51 13.76 -2.09 -7.62
N ALA A 52 14.43 -1.61 -6.57
CA ALA A 52 14.62 -0.18 -6.37
C ALA A 52 15.29 0.46 -7.58
N ALA A 53 16.09 -0.33 -8.30
CA ALA A 53 16.79 0.14 -9.48
C ALA A 53 15.91 0.06 -10.73
N SER A 54 14.66 -0.35 -10.55
CA SER A 54 13.74 -0.48 -11.67
C SER A 54 12.49 0.39 -11.47
N LEU A 55 12.00 0.43 -10.23
CA LEU A 55 10.81 1.21 -9.92
C LEU A 55 11.15 2.70 -9.76
N LEU A 56 12.42 2.99 -9.50
CA LEU A 56 12.87 4.37 -9.33
C LEU A 56 13.59 4.86 -10.58
N ASN A 57 14.23 3.94 -11.29
CA ASN A 57 14.97 4.28 -12.51
C ASN A 57 14.05 4.93 -13.54
N PRO A 58 14.62 5.44 -14.64
CA PRO A 58 13.84 6.10 -15.71
C PRO A 58 12.92 5.14 -16.45
N TYR A 59 13.03 3.84 -16.15
CA TYR A 59 12.21 2.84 -16.81
C TYR A 59 10.87 2.67 -16.09
N VAL A 60 10.72 3.28 -14.92
CA VAL A 60 9.47 3.19 -14.17
C VAL A 60 8.48 4.25 -14.64
N LYS A 61 8.16 4.22 -15.92
CA LYS A 61 7.21 5.17 -16.49
C LYS A 61 5.87 5.13 -15.76
N ARG A 62 4.90 5.88 -16.27
CA ARG A 62 3.58 5.94 -15.66
C ARG A 62 2.62 4.99 -16.37
N SER A 63 3.16 3.89 -16.89
CA SER A 63 2.34 2.90 -17.60
C SER A 63 3.10 1.59 -17.74
N VAL A 64 4.37 1.69 -18.11
CA VAL A 64 5.21 0.51 -18.28
C VAL A 64 5.32 -0.26 -16.97
N LYS A 65 5.73 0.43 -15.91
CA LYS A 65 5.88 -0.19 -14.60
C LYS A 65 4.54 -0.75 -14.12
N VAL A 66 3.45 -0.11 -14.53
CA VAL A 66 2.11 -0.54 -14.15
C VAL A 66 1.76 -1.88 -14.78
N LYS A 67 2.16 -2.06 -16.04
CA LYS A 67 1.89 -3.30 -16.75
C LYS A 67 2.70 -4.46 -16.18
N SER A 68 3.96 -4.18 -15.86
CA SER A 68 4.85 -5.20 -15.29
C SER A 68 4.40 -5.57 -13.88
N LEU A 69 3.79 -4.62 -13.19
CA LEU A 69 3.32 -4.85 -11.82
C LEU A 69 2.13 -5.81 -11.83
N SER A 70 1.29 -5.71 -12.85
CA SER A 70 0.12 -6.57 -12.98
C SER A 70 0.53 -8.01 -13.20
N ASP A 71 1.56 -8.22 -13.99
CA ASP A 71 2.05 -9.56 -14.27
C ASP A 71 3.01 -10.00 -13.17
N MET A 72 3.70 -9.03 -12.58
CA MET A 72 4.63 -9.29 -11.51
C MET A 72 3.88 -9.52 -10.21
N THR A 73 2.69 -8.93 -10.10
CA THR A 73 1.89 -9.12 -8.90
C THR A 73 1.50 -10.58 -8.77
N ALA A 74 1.34 -11.25 -9.90
CA ALA A 74 0.98 -12.66 -9.88
C ALA A 74 1.93 -13.43 -8.97
N LYS A 75 3.15 -12.90 -8.83
CA LYS A 75 4.15 -13.53 -7.98
C LYS A 75 4.29 -12.79 -6.64
N GLU A 76 3.83 -11.54 -6.60
CA GLU A 76 3.91 -10.75 -5.38
C GLU A 76 2.89 -11.23 -4.36
N LYS A 77 1.61 -11.06 -4.70
CA LYS A 77 0.49 -11.48 -3.84
C LYS A 77 -0.80 -10.77 -4.26
N PHE A 78 -0.68 -9.52 -4.68
CA PHE A 78 -1.83 -8.72 -5.09
C PHE A 78 -2.68 -9.44 -6.10
N SER A 79 -3.68 -8.71 -6.60
CA SER A 79 -4.61 -9.18 -7.60
C SER A 79 -6.05 -8.77 -7.28
N PRO A 80 -6.46 -8.88 -6.00
CA PRO A 80 -7.81 -8.56 -5.60
C PRO A 80 -8.00 -7.18 -4.98
N LEU A 81 -7.52 -6.99 -3.76
CA LEU A 81 -7.68 -5.70 -3.11
C LEU A 81 -6.44 -4.85 -3.31
N THR A 82 -5.55 -5.37 -4.13
CA THR A 82 -4.32 -4.70 -4.43
C THR A 82 -4.14 -4.55 -5.94
N SER A 83 -5.11 -5.04 -6.71
CA SER A 83 -5.04 -4.93 -8.15
C SER A 83 -5.70 -3.64 -8.61
N ASN A 84 -5.65 -2.65 -7.74
CA ASN A 84 -6.20 -1.34 -7.98
C ASN A 84 -5.29 -0.34 -7.31
N LEU A 85 -4.92 -0.68 -6.08
CA LEU A 85 -3.98 0.12 -5.31
C LEU A 85 -2.62 0.03 -5.99
N ILE A 86 -2.42 -1.02 -6.79
CA ILE A 86 -1.17 -1.20 -7.50
C ILE A 86 -1.00 -0.12 -8.57
N ASN A 87 -2.04 0.07 -9.38
CA ASN A 87 -2.01 1.06 -10.43
C ASN A 87 -2.11 2.46 -9.84
N LEU A 88 -2.74 2.57 -8.67
CA LEU A 88 -2.89 3.85 -8.00
C LEU A 88 -1.60 4.27 -7.31
N LEU A 89 -0.80 3.29 -6.91
CA LEU A 89 0.47 3.57 -6.24
C LEU A 89 1.54 3.95 -7.26
N ALA A 90 1.42 3.42 -8.47
CA ALA A 90 2.38 3.71 -9.52
C ALA A 90 1.90 4.86 -10.42
N GLU A 91 0.77 5.47 -10.07
CA GLU A 91 0.24 6.58 -10.85
C GLU A 91 0.24 7.88 -10.04
N ASN A 92 -0.02 7.76 -8.74
CA ASN A 92 -0.05 8.92 -7.85
C ASN A 92 1.36 9.32 -7.44
N GLY A 93 2.25 8.33 -7.35
CA GLY A 93 3.62 8.61 -6.96
C GLY A 93 3.88 8.30 -5.50
N ARG A 94 3.07 7.42 -4.93
CA ARG A 94 3.21 7.03 -3.53
C ARG A 94 4.37 6.06 -3.35
N LEU A 95 4.79 5.41 -4.44
CA LEU A 95 5.90 4.46 -4.38
C LEU A 95 7.11 5.08 -3.69
N THR A 96 8.04 4.23 -3.26
CA THR A 96 9.24 4.68 -2.56
C THR A 96 8.93 4.88 -1.08
N ASN A 97 7.89 5.65 -0.80
CA ASN A 97 7.46 5.89 0.57
C ASN A 97 6.33 4.93 0.95
N THR A 98 6.22 3.84 0.20
CA THR A 98 5.19 2.83 0.43
C THR A 98 5.06 2.49 1.92
N PRO A 99 6.17 2.15 2.58
CA PRO A 99 6.17 1.79 4.01
C PRO A 99 5.31 2.72 4.85
N ALA A 100 5.27 3.99 4.47
CA ALA A 100 4.47 4.97 5.21
C ALA A 100 2.99 4.80 4.92
N VAL A 101 2.67 4.35 3.71
CA VAL A 101 1.30 4.13 3.31
C VAL A 101 0.75 2.82 3.86
N ILE A 102 1.65 1.86 4.09
CA ILE A 102 1.26 0.57 4.62
C ILE A 102 1.06 0.62 6.14
N SER A 103 1.82 1.50 6.78
CA SER A 103 1.73 1.65 8.24
C SER A 103 0.33 2.07 8.67
N ALA A 104 -0.20 3.09 8.01
CA ALA A 104 -1.54 3.59 8.33
C ALA A 104 -2.59 2.49 8.19
N PHE A 105 -2.33 1.54 7.30
CA PHE A 105 -3.26 0.43 7.08
C PHE A 105 -3.37 -0.45 8.32
N SER A 106 -2.23 -0.69 8.97
CA SER A 106 -2.21 -1.53 10.17
C SER A 106 -3.11 -0.95 11.26
N THR A 107 -3.00 0.34 11.49
CA THR A 107 -3.80 1.01 12.51
C THR A 107 -5.26 1.05 12.11
N MET A 108 -5.53 1.40 10.87
CA MET A 108 -6.90 1.45 10.38
C MET A 108 -7.45 0.04 10.26
N MET A 109 -6.55 -0.93 10.10
CA MET A 109 -6.94 -2.33 9.97
C MET A 109 -7.43 -2.86 11.31
N SER A 110 -7.14 -2.14 12.39
CA SER A 110 -7.57 -2.56 13.72
C SER A 110 -8.82 -1.82 14.15
N VAL A 111 -9.06 -0.66 13.53
CA VAL A 111 -10.24 0.14 13.85
C VAL A 111 -11.48 -0.41 13.15
N HIS A 112 -11.27 -1.30 12.17
CA HIS A 112 -12.38 -1.89 11.43
C HIS A 112 -13.03 -3.00 12.25
N ARG A 113 -12.26 -3.63 13.13
CA ARG A 113 -12.77 -4.71 13.95
C ARG A 113 -13.78 -4.19 14.97
N GLY A 114 -13.53 -2.98 15.49
CA GLY A 114 -14.43 -2.40 16.47
C GLY A 114 -15.55 -1.62 15.82
N GLU A 115 -15.30 -1.09 14.63
CA GLU A 115 -16.31 -0.32 13.91
C GLU A 115 -16.91 -1.14 12.78
N VAL A 116 -17.60 -2.21 13.13
CA VAL A 116 -18.22 -3.08 12.14
C VAL A 116 -19.71 -3.26 12.43
N PRO A 117 -20.57 -3.20 11.40
CA PRO A 117 -22.01 -3.36 11.56
C PRO A 117 -22.40 -4.80 11.90
N CYS A 118 -22.69 -5.05 13.17
CA CYS A 118 -23.07 -6.37 13.64
C CYS A 118 -24.55 -6.42 14.00
N THR A 119 -25.20 -7.51 13.62
CA THR A 119 -26.63 -7.68 13.91
C THR A 119 -26.84 -8.64 15.07
N VAL A 120 -26.33 -9.86 14.93
CA VAL A 120 -26.46 -10.88 15.96
C VAL A 120 -25.80 -10.42 17.26
N PHE A 1 15.21 24.92 14.18
CA PHE A 1 14.86 24.02 15.30
C PHE A 1 16.06 23.79 16.22
N ALA A 2 15.93 22.83 17.13
CA ALA A 2 17.01 22.53 18.08
C ALA A 2 16.91 21.09 18.56
N LYS A 3 18.03 20.54 19.01
CA LYS A 3 18.08 19.16 19.50
C LYS A 3 17.67 18.18 18.41
N LEU A 4 18.62 17.37 17.96
CA LEU A 4 18.36 16.39 16.92
C LEU A 4 17.87 17.06 15.64
N VAL A 5 17.98 16.34 14.53
CA VAL A 5 17.56 16.87 13.23
C VAL A 5 17.25 15.75 12.25
N ARG A 6 16.80 14.61 12.77
CA ARG A 6 16.48 13.45 11.94
C ARG A 6 15.02 13.05 12.10
N PRO A 7 14.09 13.86 11.54
CA PRO A 7 12.66 13.58 11.62
C PRO A 7 12.24 12.38 10.77
N PRO A 8 11.86 11.26 11.41
CA PRO A 8 11.45 10.05 10.69
C PRO A 8 10.10 10.23 9.99
N VAL A 9 9.80 9.34 9.04
CA VAL A 9 8.55 9.40 8.30
C VAL A 9 7.68 8.19 8.59
N GLN A 10 6.49 8.44 9.11
CA GLN A 10 5.54 7.38 9.44
C GLN A 10 4.26 7.95 10.04
N ILE A 11 3.12 7.50 9.54
CA ILE A 11 1.83 7.99 10.03
C ILE A 11 1.67 9.47 9.73
N TYR A 12 0.60 9.81 9.03
CA TYR A 12 0.35 11.20 8.64
C TYR A 12 -1.14 11.47 8.51
N GLY A 13 -1.77 10.85 7.52
CA GLY A 13 -3.20 11.05 7.31
C GLY A 13 -3.61 10.87 5.86
N ILE A 14 -3.19 11.79 5.01
CA ILE A 14 -3.53 11.73 3.59
C ILE A 14 -3.06 10.42 2.97
N GLU A 15 -1.82 10.04 3.26
CA GLU A 15 -1.26 8.81 2.72
C GLU A 15 -1.88 7.61 3.42
N GLY A 16 -2.22 7.77 4.70
CA GLY A 16 -2.83 6.71 5.45
C GLY A 16 -4.28 6.49 5.05
N ARG A 17 -4.93 7.57 4.61
CA ARG A 17 -6.32 7.50 4.18
C ARG A 17 -6.44 6.74 2.86
N TYR A 18 -5.36 6.70 2.10
CA TYR A 18 -5.36 5.99 0.82
C TYR A 18 -5.74 4.53 1.02
N ALA A 19 -5.07 3.89 1.97
CA ALA A 19 -5.34 2.49 2.28
C ALA A 19 -6.72 2.35 2.92
N THR A 20 -7.04 3.27 3.80
CA THR A 20 -8.34 3.25 4.48
C THR A 20 -9.47 3.61 3.53
N ALA A 21 -9.12 4.26 2.41
CA ALA A 21 -10.13 4.63 1.44
C ALA A 21 -10.26 3.57 0.36
N LEU A 22 -9.44 2.52 0.47
CA LEU A 22 -9.50 1.42 -0.48
C LEU A 22 -9.91 0.17 0.27
N TYR A 23 -9.35 0.02 1.45
CA TYR A 23 -9.69 -1.10 2.28
C TYR A 23 -11.04 -0.83 2.95
N SER A 24 -11.46 0.45 2.99
CA SER A 24 -12.74 0.79 3.59
C SER A 24 -13.82 -0.11 3.01
N ALA A 25 -13.72 -0.37 1.71
CA ALA A 25 -14.65 -1.26 1.04
C ALA A 25 -14.30 -2.69 1.42
N ALA A 26 -12.99 -2.95 1.55
CA ALA A 26 -12.51 -4.26 1.94
C ALA A 26 -13.06 -4.66 3.30
N SER A 27 -13.03 -3.72 4.24
CA SER A 27 -13.53 -3.97 5.59
C SER A 27 -14.96 -4.47 5.54
N LYS A 28 -15.79 -3.80 4.75
CA LYS A 28 -17.18 -4.20 4.60
C LYS A 28 -17.28 -5.69 4.31
N GLN A 29 -16.26 -6.20 3.64
CA GLN A 29 -16.19 -7.62 3.30
C GLN A 29 -15.33 -8.36 4.31
N ASN A 30 -14.02 -8.17 4.20
CA ASN A 30 -13.04 -8.80 5.09
C ASN A 30 -11.73 -9.04 4.35
N LYS A 31 -11.50 -8.23 3.32
CA LYS A 31 -10.30 -8.35 2.51
C LYS A 31 -9.08 -7.76 3.22
N LEU A 32 -9.27 -7.21 4.42
CA LEU A 32 -8.16 -6.65 5.20
C LEU A 32 -6.92 -7.52 5.10
N GLU A 33 -7.15 -8.83 4.98
CA GLU A 33 -6.05 -9.78 4.87
C GLU A 33 -5.47 -9.76 3.45
N GLN A 34 -6.34 -9.57 2.47
CA GLN A 34 -5.94 -9.53 1.07
C GLN A 34 -5.47 -8.12 0.67
N VAL A 35 -5.71 -7.14 1.54
CA VAL A 35 -5.32 -5.76 1.26
C VAL A 35 -4.19 -5.31 2.18
N GLU A 36 -4.07 -5.97 3.32
CA GLU A 36 -3.02 -5.63 4.29
C GLU A 36 -1.77 -6.45 4.01
N LYS A 37 -1.98 -7.71 3.62
CA LYS A 37 -0.89 -8.60 3.30
C LYS A 37 -0.33 -8.24 1.94
N GLU A 38 -1.20 -7.79 1.05
CA GLU A 38 -0.79 -7.40 -0.28
C GLU A 38 0.03 -6.12 -0.19
N LEU A 39 -0.55 -5.10 0.43
CA LEU A 39 0.12 -3.81 0.60
C LEU A 39 1.55 -4.01 1.13
N LEU A 40 1.74 -5.06 1.92
CA LEU A 40 3.05 -5.36 2.47
C LEU A 40 4.06 -5.64 1.36
N ARG A 41 3.56 -6.07 0.20
CA ARG A 41 4.40 -6.37 -0.94
C ARG A 41 5.02 -5.11 -1.53
N VAL A 42 4.18 -4.09 -1.75
CA VAL A 42 4.67 -2.83 -2.30
C VAL A 42 5.77 -2.23 -1.41
N GLY A 43 5.74 -2.56 -0.13
CA GLY A 43 6.74 -2.07 0.79
C GLY A 43 8.08 -2.78 0.61
N GLN A 44 8.02 -4.09 0.43
CA GLN A 44 9.23 -4.89 0.25
C GLN A 44 9.87 -4.58 -1.11
N ILE A 45 9.04 -4.26 -2.09
CA ILE A 45 9.52 -3.94 -3.42
C ILE A 45 10.40 -2.70 -3.39
N LEU A 46 10.05 -1.73 -2.55
CA LEU A 46 10.83 -0.51 -2.44
C LEU A 46 12.11 -0.75 -1.66
N LYS A 47 12.04 -1.64 -0.68
CA LYS A 47 13.20 -1.97 0.14
C LYS A 47 14.18 -2.83 -0.67
N GLU A 48 13.67 -3.51 -1.68
CA GLU A 48 14.50 -4.36 -2.53
C GLU A 48 15.56 -3.54 -3.25
N PRO A 49 16.85 -3.74 -2.91
CA PRO A 49 17.96 -3.02 -3.54
C PRO A 49 17.90 -3.08 -5.06
N LYS A 50 17.47 -4.22 -5.59
CA LYS A 50 17.37 -4.40 -7.04
C LYS A 50 16.19 -3.63 -7.60
N MET A 51 15.14 -3.48 -6.79
CA MET A 51 13.94 -2.76 -7.20
C MET A 51 14.15 -1.25 -7.08
N ALA A 52 14.97 -0.85 -6.12
CA ALA A 52 15.25 0.57 -5.91
C ALA A 52 15.81 1.23 -7.16
N ALA A 53 16.54 0.44 -7.95
CA ALA A 53 17.13 0.94 -9.19
C ALA A 53 16.16 0.83 -10.36
N SER A 54 14.93 0.40 -10.07
CA SER A 54 13.91 0.26 -11.11
C SER A 54 12.61 0.95 -10.73
N LEU A 55 12.58 1.57 -9.55
CA LEU A 55 11.39 2.27 -9.08
C LEU A 55 11.49 3.77 -9.38
N LEU A 56 12.71 4.27 -9.47
CA LEU A 56 12.94 5.68 -9.75
C LEU A 56 13.94 5.85 -10.90
N ASN A 57 13.99 4.86 -11.78
CA ASN A 57 14.89 4.90 -12.93
C ASN A 57 14.13 4.78 -14.25
N PRO A 58 14.83 4.88 -15.39
CA PRO A 58 14.20 4.79 -16.71
C PRO A 58 13.38 3.52 -16.92
N TYR A 59 13.53 2.54 -16.03
CA TYR A 59 12.80 1.29 -16.13
C TYR A 59 11.38 1.42 -15.57
N VAL A 60 11.04 2.60 -15.09
CA VAL A 60 9.70 2.84 -14.53
C VAL A 60 8.97 3.95 -15.28
N LYS A 61 8.63 3.67 -16.54
CA LYS A 61 7.93 4.65 -17.36
C LYS A 61 6.49 4.81 -16.90
N ARG A 62 5.69 5.53 -17.69
CA ARG A 62 4.29 5.76 -17.36
C ARG A 62 3.39 4.78 -18.10
N SER A 63 3.84 3.53 -18.19
CA SER A 63 3.08 2.48 -18.86
C SER A 63 3.77 1.13 -18.72
N VAL A 64 5.09 1.13 -18.85
CA VAL A 64 5.87 -0.10 -18.74
C VAL A 64 5.79 -0.66 -17.32
N LYS A 65 5.98 0.21 -16.33
CA LYS A 65 5.93 -0.20 -14.93
C LYS A 65 4.52 -0.66 -14.55
N VAL A 66 3.51 -0.13 -15.24
CA VAL A 66 2.13 -0.50 -14.95
C VAL A 66 1.81 -1.89 -15.48
N LYS A 67 2.55 -2.32 -16.51
CA LYS A 67 2.34 -3.64 -17.07
C LYS A 67 3.20 -4.67 -16.36
N SER A 68 4.30 -4.20 -15.77
CA SER A 68 5.20 -5.07 -15.04
C SER A 68 4.68 -5.32 -13.63
N LEU A 69 3.91 -4.38 -13.10
CA LEU A 69 3.34 -4.51 -11.77
C LEU A 69 2.24 -5.55 -11.75
N SER A 70 1.53 -5.69 -12.87
CA SER A 70 0.45 -6.66 -12.97
C SER A 70 0.98 -8.07 -13.20
N ASP A 71 2.17 -8.16 -13.80
CA ASP A 71 2.79 -9.45 -14.04
C ASP A 71 3.68 -9.82 -12.88
N MET A 72 4.29 -8.81 -12.26
CA MET A 72 5.15 -9.02 -11.12
C MET A 72 4.31 -9.20 -9.87
N THR A 73 3.13 -8.60 -9.86
CA THR A 73 2.26 -8.75 -8.70
C THR A 73 1.82 -10.19 -8.57
N ALA A 74 1.75 -10.89 -9.70
CA ALA A 74 1.37 -12.30 -9.69
C ALA A 74 2.21 -13.03 -8.65
N LYS A 75 3.42 -12.52 -8.41
CA LYS A 75 4.31 -13.11 -7.43
C LYS A 75 4.23 -12.36 -6.11
N GLU A 76 3.83 -11.09 -6.16
CA GLU A 76 3.70 -10.28 -4.96
C GLU A 76 2.53 -10.76 -4.11
N LYS A 77 1.32 -10.63 -4.65
CA LYS A 77 0.09 -11.04 -3.96
C LYS A 77 -1.12 -10.30 -4.50
N PHE A 78 -0.94 -9.01 -4.84
CA PHE A 78 -2.04 -8.19 -5.34
C PHE A 78 -2.90 -8.93 -6.33
N SER A 79 -4.09 -8.41 -6.52
CA SER A 79 -5.04 -8.97 -7.47
C SER A 79 -6.47 -8.54 -7.18
N PRO A 80 -6.91 -8.61 -5.92
CA PRO A 80 -8.27 -8.27 -5.57
C PRO A 80 -8.47 -6.87 -4.97
N LEU A 81 -8.01 -6.67 -3.74
CA LEU A 81 -8.17 -5.37 -3.11
C LEU A 81 -6.91 -4.55 -3.32
N THR A 82 -6.05 -5.05 -4.17
CA THR A 82 -4.80 -4.40 -4.47
C THR A 82 -4.59 -4.29 -5.97
N SER A 83 -5.49 -4.86 -6.76
CA SER A 83 -5.35 -4.78 -8.21
C SER A 83 -6.00 -3.51 -8.74
N ASN A 84 -6.06 -2.51 -7.88
CA ASN A 84 -6.62 -1.21 -8.22
C ASN A 84 -5.77 -0.18 -7.54
N LEU A 85 -5.47 -0.44 -6.27
CA LEU A 85 -4.61 0.42 -5.50
C LEU A 85 -3.20 0.31 -6.07
N ILE A 86 -2.94 -0.79 -6.80
CA ILE A 86 -1.63 -0.99 -7.40
C ILE A 86 -1.35 0.09 -8.43
N ASN A 87 -2.33 0.33 -9.31
CA ASN A 87 -2.20 1.34 -10.34
C ASN A 87 -2.08 2.73 -9.72
N LEU A 88 -2.64 2.90 -8.53
CA LEU A 88 -2.60 4.17 -7.83
C LEU A 88 -1.17 4.52 -7.42
N LEU A 89 -0.43 3.52 -6.95
CA LEU A 89 0.95 3.73 -6.51
C LEU A 89 1.89 3.78 -7.71
N ALA A 90 1.49 3.11 -8.79
CA ALA A 90 2.30 3.06 -10.00
C ALA A 90 1.94 4.20 -10.96
N GLU A 91 0.77 4.79 -10.77
CA GLU A 91 0.32 5.89 -11.62
C GLU A 91 0.50 7.23 -10.92
N ASN A 92 -0.17 7.40 -9.80
CA ASN A 92 -0.09 8.65 -9.04
C ASN A 92 1.35 8.98 -8.69
N GLY A 93 2.21 7.96 -8.66
CA GLY A 93 3.61 8.17 -8.34
C GLY A 93 3.87 8.11 -6.85
N ARG A 94 3.11 7.27 -6.16
CA ARG A 94 3.26 7.12 -4.72
C ARG A 94 4.12 5.90 -4.38
N LEU A 95 5.05 5.57 -5.27
CA LEU A 95 5.93 4.42 -5.06
C LEU A 95 7.26 4.88 -4.47
N THR A 96 7.24 5.99 -3.73
CA THR A 96 8.44 6.51 -3.10
C THR A 96 8.28 6.47 -1.58
N ASN A 97 7.06 6.76 -1.13
CA ASN A 97 6.76 6.76 0.30
C ASN A 97 5.59 5.82 0.58
N THR A 98 5.43 4.80 -0.27
CA THR A 98 4.35 3.84 -0.12
C THR A 98 4.42 3.08 1.21
N PRO A 99 5.64 2.83 1.75
CA PRO A 99 5.78 2.10 3.02
C PRO A 99 5.01 2.76 4.16
N ALA A 100 4.76 4.05 4.02
CA ALA A 100 4.03 4.81 5.03
C ALA A 100 2.54 4.56 4.91
N VAL A 101 2.07 4.33 3.69
CA VAL A 101 0.66 4.07 3.44
C VAL A 101 0.28 2.66 3.90
N ILE A 102 1.24 1.74 3.80
CA ILE A 102 0.99 0.36 4.20
C ILE A 102 0.99 0.21 5.72
N SER A 103 1.90 0.94 6.37
CA SER A 103 2.00 0.90 7.82
C SER A 103 0.70 1.34 8.47
N ALA A 104 0.12 2.42 7.95
CA ALA A 104 -1.14 2.94 8.48
C ALA A 104 -2.23 1.88 8.41
N PHE A 105 -2.20 1.07 7.37
CA PHE A 105 -3.18 0.01 7.18
C PHE A 105 -3.20 -0.93 8.38
N SER A 106 -2.02 -1.17 8.96
CA SER A 106 -1.91 -2.05 10.11
C SER A 106 -2.62 -1.47 11.32
N THR A 107 -2.72 -0.15 11.38
CA THR A 107 -3.39 0.51 12.49
C THR A 107 -4.85 0.76 12.15
N MET A 108 -5.13 0.91 10.87
CA MET A 108 -6.49 1.13 10.41
C MET A 108 -7.20 -0.22 10.25
N MET A 109 -6.42 -1.28 10.10
CA MET A 109 -6.99 -2.62 9.95
C MET A 109 -7.38 -3.19 11.31
N SER A 110 -6.95 -2.55 12.39
CA SER A 110 -7.28 -3.02 13.73
C SER A 110 -8.46 -2.24 14.29
N VAL A 111 -8.67 -1.03 13.79
CA VAL A 111 -9.78 -0.20 14.25
C VAL A 111 -11.09 -0.65 13.62
N HIS A 112 -11.00 -1.50 12.59
CA HIS A 112 -12.19 -1.99 11.91
C HIS A 112 -12.84 -3.10 12.72
N ARG A 113 -12.05 -3.80 13.52
CA ARG A 113 -12.56 -4.90 14.34
C ARG A 113 -13.48 -4.37 15.44
N GLY A 114 -13.17 -3.18 15.95
CA GLY A 114 -13.97 -2.58 16.99
C GLY A 114 -15.00 -1.61 16.45
N GLU A 115 -15.43 -1.82 15.21
CA GLU A 115 -16.42 -0.96 14.58
C GLU A 115 -17.75 -1.67 14.43
N VAL A 116 -17.70 -2.97 14.15
CA VAL A 116 -18.91 -3.76 13.99
C VAL A 116 -19.62 -3.99 15.32
N PRO A 117 -18.88 -4.41 16.37
CA PRO A 117 -19.47 -4.66 17.69
C PRO A 117 -19.73 -3.37 18.46
N CYS A 118 -20.99 -3.12 18.78
CA CYS A 118 -21.37 -1.91 19.51
C CYS A 118 -22.43 -2.24 20.56
N THR A 119 -23.50 -2.90 20.13
CA THR A 119 -24.59 -3.26 21.03
C THR A 119 -24.51 -4.73 21.42
N VAL A 120 -24.12 -5.00 22.66
CA VAL A 120 -23.99 -6.36 23.17
C VAL A 120 -25.37 -6.99 23.36
N PHE A 1 11.97 27.18 17.49
CA PHE A 1 10.62 26.55 17.63
C PHE A 1 10.39 25.51 16.55
N ALA A 2 10.67 25.87 15.30
CA ALA A 2 10.49 24.96 14.18
C ALA A 2 11.81 24.34 13.76
N LYS A 3 12.71 24.16 14.72
CA LYS A 3 14.02 23.57 14.45
C LYS A 3 14.09 22.13 14.94
N LEU A 4 12.96 21.43 14.87
CA LEU A 4 12.89 20.04 15.30
C LEU A 4 13.26 19.09 14.16
N VAL A 5 13.58 17.85 14.51
CA VAL A 5 13.95 16.85 13.52
C VAL A 5 12.78 15.92 13.22
N ARG A 6 12.19 15.35 14.27
CA ARG A 6 11.07 14.44 14.11
C ARG A 6 11.46 13.23 13.26
N PRO A 7 12.14 12.25 13.87
CA PRO A 7 12.56 11.03 13.17
C PRO A 7 11.39 10.28 12.53
N PRO A 8 10.29 10.10 13.28
CA PRO A 8 9.11 9.38 12.78
C PRO A 8 8.63 9.94 11.44
N VAL A 9 8.47 9.05 10.45
CA VAL A 9 8.02 9.44 9.13
C VAL A 9 7.35 8.28 8.40
N GLN A 10 6.47 7.57 9.12
CA GLN A 10 5.76 6.43 8.55
C GLN A 10 4.28 6.74 8.38
N ILE A 11 3.76 7.62 9.23
CA ILE A 11 2.36 8.00 9.17
C ILE A 11 2.21 9.51 9.02
N TYR A 12 1.17 9.92 8.29
CA TYR A 12 0.94 11.33 8.02
C TYR A 12 -0.55 11.63 7.91
N GLY A 13 -1.17 11.11 6.85
CA GLY A 13 -2.59 11.33 6.65
C GLY A 13 -3.01 11.12 5.21
N ILE A 14 -2.53 11.98 4.30
CA ILE A 14 -2.86 11.86 2.89
C ILE A 14 -2.42 10.52 2.33
N GLU A 15 -1.20 10.12 2.65
CA GLU A 15 -0.67 8.84 2.18
C GLU A 15 -1.35 7.69 2.90
N GLY A 16 -1.70 7.90 4.16
CA GLY A 16 -2.38 6.87 4.93
C GLY A 16 -3.82 6.71 4.51
N ARG A 17 -4.43 7.82 4.07
CA ARG A 17 -5.81 7.80 3.63
C ARG A 17 -5.95 7.01 2.34
N TYR A 18 -4.85 6.93 1.57
CA TYR A 18 -4.86 6.18 0.33
C TYR A 18 -5.29 4.75 0.58
N ALA A 19 -4.60 4.10 1.50
CA ALA A 19 -4.92 2.72 1.85
C ALA A 19 -6.27 2.63 2.51
N THR A 20 -6.54 3.56 3.43
CA THR A 20 -7.82 3.57 4.13
C THR A 20 -8.95 3.95 3.19
N ALA A 21 -8.62 4.62 2.10
CA ALA A 21 -9.62 5.01 1.13
C ALA A 21 -9.75 3.96 0.02
N LEU A 22 -9.01 2.87 0.17
CA LEU A 22 -9.07 1.78 -0.79
C LEU A 22 -9.49 0.53 -0.06
N TYR A 23 -8.96 0.37 1.15
CA TYR A 23 -9.32 -0.73 1.99
C TYR A 23 -10.70 -0.47 2.59
N SER A 24 -11.12 0.80 2.60
CA SER A 24 -12.44 1.15 3.12
C SER A 24 -13.48 0.23 2.52
N ALA A 25 -13.29 -0.09 1.23
CA ALA A 25 -14.17 -1.01 0.54
C ALA A 25 -13.81 -2.42 0.93
N ALA A 26 -12.51 -2.66 1.11
CA ALA A 26 -12.01 -3.95 1.52
C ALA A 26 -12.56 -4.33 2.89
N SER A 27 -12.82 -3.33 3.72
CA SER A 27 -13.36 -3.54 5.05
C SER A 27 -14.72 -4.24 4.97
N LYS A 28 -15.61 -3.68 4.16
CA LYS A 28 -16.95 -4.23 3.99
C LYS A 28 -16.86 -5.71 3.63
N GLN A 29 -15.87 -6.05 2.82
CA GLN A 29 -15.66 -7.43 2.41
C GLN A 29 -14.92 -8.20 3.50
N ASN A 30 -13.97 -7.51 4.14
CA ASN A 30 -13.15 -8.10 5.21
C ASN A 30 -11.92 -8.76 4.62
N LYS A 31 -11.43 -8.18 3.53
CA LYS A 31 -10.25 -8.70 2.86
C LYS A 31 -8.98 -8.04 3.41
N LEU A 32 -9.09 -7.34 4.54
CA LEU A 32 -7.94 -6.69 5.15
C LEU A 32 -6.74 -7.63 5.20
N GLU A 33 -7.00 -8.94 5.25
CA GLU A 33 -5.94 -9.92 5.27
C GLU A 33 -5.30 -10.04 3.88
N GLN A 34 -6.13 -9.82 2.85
CA GLN A 34 -5.66 -9.87 1.47
C GLN A 34 -5.17 -8.51 1.01
N VAL A 35 -5.50 -7.46 1.77
CA VAL A 35 -5.09 -6.11 1.43
C VAL A 35 -3.96 -5.63 2.35
N GLU A 36 -3.87 -6.24 3.52
CA GLU A 36 -2.83 -5.88 4.49
C GLU A 36 -1.62 -6.78 4.28
N LYS A 37 -1.89 -8.03 3.94
CA LYS A 37 -0.83 -8.99 3.69
C LYS A 37 -0.20 -8.70 2.34
N GLU A 38 -1.02 -8.25 1.40
CA GLU A 38 -0.51 -7.92 0.09
C GLU A 38 0.38 -6.68 0.19
N LEU A 39 -0.10 -5.68 0.93
CA LEU A 39 0.64 -4.44 1.11
C LEU A 39 2.10 -4.73 1.48
N LEU A 40 2.32 -5.83 2.21
CA LEU A 40 3.66 -6.21 2.62
C LEU A 40 4.55 -6.46 1.39
N ARG A 41 3.92 -6.77 0.26
CA ARG A 41 4.67 -7.02 -0.97
C ARG A 41 5.26 -5.73 -1.52
N VAL A 42 4.42 -4.71 -1.69
CA VAL A 42 4.87 -3.43 -2.21
C VAL A 42 5.98 -2.85 -1.33
N GLY A 43 6.02 -3.26 -0.07
CA GLY A 43 7.04 -2.77 0.84
C GLY A 43 8.38 -3.41 0.58
N GLN A 44 8.38 -4.72 0.36
CA GLN A 44 9.61 -5.45 0.09
C GLN A 44 10.17 -5.10 -1.28
N ILE A 45 9.26 -4.78 -2.21
CA ILE A 45 9.65 -4.42 -3.57
C ILE A 45 10.40 -3.09 -3.58
N LEU A 46 9.96 -2.15 -2.75
CA LEU A 46 10.62 -0.85 -2.67
C LEU A 46 11.88 -0.95 -1.82
N LYS A 47 11.90 -1.90 -0.89
CA LYS A 47 13.04 -2.10 -0.02
C LYS A 47 14.17 -2.80 -0.77
N GLU A 48 13.80 -3.59 -1.77
CA GLU A 48 14.77 -4.32 -2.58
C GLU A 48 15.73 -3.35 -3.26
N PRO A 49 17.01 -3.32 -2.85
CA PRO A 49 18.01 -2.43 -3.45
C PRO A 49 18.05 -2.51 -4.96
N LYS A 50 17.88 -3.73 -5.49
CA LYS A 50 17.89 -3.94 -6.93
C LYS A 50 16.50 -3.68 -7.53
N MET A 51 15.56 -3.29 -6.68
CA MET A 51 14.20 -3.02 -7.11
C MET A 51 13.84 -1.55 -6.91
N ALA A 52 14.48 -0.92 -5.93
CA ALA A 52 14.21 0.49 -5.64
C ALA A 52 14.67 1.38 -6.79
N ALA A 53 15.89 1.16 -7.26
CA ALA A 53 16.44 1.95 -8.35
C ALA A 53 15.57 1.81 -9.61
N SER A 54 14.94 0.65 -9.76
CA SER A 54 14.09 0.40 -10.92
C SER A 54 12.79 1.18 -10.82
N LEU A 55 12.15 1.11 -9.67
CA LEU A 55 10.89 1.82 -9.44
C LEU A 55 11.07 3.32 -9.61
N LEU A 56 12.30 3.80 -9.40
CA LEU A 56 12.60 5.22 -9.52
C LEU A 56 13.22 5.54 -10.88
N ASN A 57 13.65 4.51 -11.60
CA ASN A 57 14.26 4.70 -12.91
C ASN A 57 13.32 5.45 -13.84
N PRO A 58 13.87 6.32 -14.72
CA PRO A 58 13.07 7.10 -15.67
C PRO A 58 12.63 6.28 -16.88
N TYR A 59 13.02 5.01 -16.90
CA TYR A 59 12.65 4.12 -18.00
C TYR A 59 11.32 3.42 -17.74
N VAL A 60 11.03 3.20 -16.46
CA VAL A 60 9.80 2.54 -16.06
C VAL A 60 8.57 3.27 -16.61
N LYS A 61 8.73 4.55 -16.91
CA LYS A 61 7.65 5.37 -17.44
C LYS A 61 6.53 5.53 -16.41
N ARG A 62 5.65 6.50 -16.64
CA ARG A 62 4.55 6.77 -15.73
C ARG A 62 3.28 6.05 -16.19
N SER A 63 3.43 4.80 -16.62
CA SER A 63 2.31 4.01 -17.09
C SER A 63 2.74 2.57 -17.39
N VAL A 64 3.91 2.43 -18.01
CA VAL A 64 4.43 1.12 -18.35
C VAL A 64 4.68 0.29 -17.08
N LYS A 65 5.17 0.94 -16.04
CA LYS A 65 5.45 0.26 -14.78
C LYS A 65 4.17 -0.34 -14.20
N VAL A 66 3.04 0.30 -14.48
CA VAL A 66 1.75 -0.17 -13.99
C VAL A 66 1.42 -1.54 -14.57
N LYS A 67 1.52 -1.66 -15.89
CA LYS A 67 1.23 -2.92 -16.57
C LYS A 67 2.19 -4.01 -16.12
N SER A 68 3.47 -3.66 -16.02
CA SER A 68 4.48 -4.61 -15.58
C SER A 68 4.21 -5.07 -14.14
N LEU A 69 3.56 -4.21 -13.37
CA LEU A 69 3.24 -4.53 -11.98
C LEU A 69 2.25 -5.70 -11.91
N SER A 70 1.23 -5.65 -12.76
CA SER A 70 0.22 -6.70 -12.79
C SER A 70 0.83 -8.06 -13.13
N ASP A 71 2.02 -8.05 -13.71
CA ASP A 71 2.70 -9.29 -14.07
C ASP A 71 3.60 -9.73 -12.93
N MET A 72 4.26 -8.76 -12.30
CA MET A 72 5.14 -9.04 -11.18
C MET A 72 4.30 -9.34 -9.95
N THR A 73 3.10 -8.76 -9.88
CA THR A 73 2.25 -9.00 -8.74
C THR A 73 1.87 -10.47 -8.68
N ALA A 74 1.79 -11.09 -9.86
CA ALA A 74 1.45 -12.51 -9.92
C ALA A 74 2.34 -13.28 -8.96
N LYS A 75 3.53 -12.73 -8.70
CA LYS A 75 4.48 -13.36 -7.78
C LYS A 75 4.41 -12.72 -6.40
N GLU A 76 3.93 -11.48 -6.33
CA GLU A 76 3.80 -10.80 -5.04
C GLU A 76 2.65 -11.38 -4.23
N LYS A 77 1.43 -11.21 -4.76
CA LYS A 77 0.21 -11.71 -4.11
C LYS A 77 -1.03 -10.94 -4.60
N PHE A 78 -0.87 -9.63 -4.84
CA PHE A 78 -1.99 -8.78 -5.27
C PHE A 78 -2.88 -9.47 -6.27
N SER A 79 -4.10 -8.96 -6.37
CA SER A 79 -5.07 -9.49 -7.29
C SER A 79 -6.50 -9.07 -6.92
N PRO A 80 -6.87 -9.15 -5.64
CA PRO A 80 -8.21 -8.82 -5.21
C PRO A 80 -8.39 -7.42 -4.63
N LEU A 81 -7.91 -7.20 -3.41
CA LEU A 81 -8.06 -5.90 -2.79
C LEU A 81 -6.81 -5.08 -3.04
N THR A 82 -5.92 -5.64 -3.84
CA THR A 82 -4.69 -4.99 -4.18
C THR A 82 -4.55 -4.85 -5.69
N SER A 83 -5.49 -5.41 -6.45
CA SER A 83 -5.43 -5.30 -7.89
C SER A 83 -6.06 -3.98 -8.34
N ASN A 84 -6.01 -3.00 -7.45
CA ASN A 84 -6.54 -1.68 -7.69
C ASN A 84 -5.57 -0.70 -7.07
N LEU A 85 -5.18 -1.01 -5.83
CA LEU A 85 -4.20 -0.23 -5.12
C LEU A 85 -2.86 -0.38 -5.85
N ILE A 86 -2.75 -1.43 -6.66
CA ILE A 86 -1.53 -1.69 -7.41
C ILE A 86 -1.33 -0.63 -8.49
N ASN A 87 -2.33 -0.47 -9.35
CA ASN A 87 -2.27 0.51 -10.42
C ASN A 87 -2.22 1.93 -9.86
N LEU A 88 -2.88 2.12 -8.72
CA LEU A 88 -2.91 3.43 -8.08
C LEU A 88 -1.55 3.78 -7.48
N LEU A 89 -0.83 2.76 -7.01
CA LEU A 89 0.48 2.96 -6.41
C LEU A 89 1.54 3.12 -7.50
N ALA A 90 1.31 2.49 -8.64
CA ALA A 90 2.24 2.56 -9.76
C ALA A 90 1.84 3.64 -10.75
N GLU A 91 0.76 4.38 -10.44
CA GLU A 91 0.29 5.45 -11.32
C GLU A 91 0.54 6.81 -10.69
N ASN A 92 -0.10 7.07 -9.56
CA ASN A 92 0.05 8.34 -8.87
C ASN A 92 1.51 8.59 -8.51
N GLY A 93 2.26 7.51 -8.31
CA GLY A 93 3.66 7.64 -7.97
C GLY A 93 3.90 7.49 -6.48
N ARG A 94 3.18 6.56 -5.86
CA ARG A 94 3.32 6.31 -4.43
C ARG A 94 4.23 5.11 -4.16
N LEU A 95 5.18 4.88 -5.07
CA LEU A 95 6.11 3.78 -4.93
C LEU A 95 7.44 4.25 -4.32
N THR A 96 7.37 5.33 -3.55
CA THR A 96 8.55 5.89 -2.90
C THR A 96 8.47 5.71 -1.39
N ASN A 97 7.27 5.87 -0.85
CA ASN A 97 7.04 5.71 0.58
C ASN A 97 5.90 4.75 0.85
N THR A 98 5.68 3.82 -0.09
CA THR A 98 4.62 2.83 0.04
C THR A 98 4.59 2.18 1.43
N PRO A 99 5.75 1.73 1.96
CA PRO A 99 5.81 1.10 3.28
C PRO A 99 5.18 1.97 4.35
N ALA A 100 5.22 3.28 4.15
CA ALA A 100 4.64 4.22 5.09
C ALA A 100 3.12 4.21 5.01
N VAL A 101 2.60 3.99 3.80
CA VAL A 101 1.16 3.93 3.58
C VAL A 101 0.56 2.70 4.22
N ILE A 102 1.35 1.63 4.31
CA ILE A 102 0.89 0.38 4.90
C ILE A 102 0.76 0.51 6.42
N SER A 103 1.60 1.35 7.01
CA SER A 103 1.57 1.57 8.45
C SER A 103 0.19 2.03 8.89
N ALA A 104 -0.37 3.01 8.18
CA ALA A 104 -1.69 3.52 8.50
C ALA A 104 -2.72 2.40 8.43
N PHE A 105 -2.48 1.43 7.55
CA PHE A 105 -3.38 0.29 7.40
C PHE A 105 -3.50 -0.47 8.71
N SER A 106 -2.45 -0.44 9.51
CA SER A 106 -2.45 -1.15 10.80
C SER A 106 -3.15 -0.35 11.89
N THR A 107 -3.32 0.95 11.67
CA THR A 107 -4.00 1.79 12.65
C THR A 107 -5.45 2.00 12.25
N MET A 108 -5.69 1.98 10.94
CA MET A 108 -7.05 2.15 10.44
C MET A 108 -7.79 0.83 10.51
N MET A 109 -7.04 -0.28 10.55
CA MET A 109 -7.66 -1.59 10.63
C MET A 109 -8.40 -1.72 11.96
N SER A 110 -7.83 -1.12 13.01
CA SER A 110 -8.44 -1.17 14.33
C SER A 110 -9.87 -0.63 14.27
N VAL A 111 -10.15 0.19 13.26
CA VAL A 111 -11.47 0.77 13.08
C VAL A 111 -12.44 -0.25 12.50
N HIS A 112 -11.99 -1.03 11.52
CA HIS A 112 -12.83 -2.04 10.89
C HIS A 112 -12.99 -3.25 11.80
N ARG A 113 -11.96 -3.51 12.61
CA ARG A 113 -11.98 -4.63 13.54
C ARG A 113 -12.77 -4.29 14.80
N GLY A 114 -12.77 -3.01 15.15
CA GLY A 114 -13.50 -2.57 16.33
C GLY A 114 -15.00 -2.57 16.12
N GLU A 115 -15.43 -2.40 14.88
CA GLU A 115 -16.85 -2.37 14.55
C GLU A 115 -17.32 -3.75 14.08
N VAL A 116 -16.88 -4.79 14.78
CA VAL A 116 -17.26 -6.16 14.43
C VAL A 116 -17.93 -6.85 15.61
N PRO A 117 -19.25 -6.63 15.80
CA PRO A 117 -20.00 -7.24 16.90
C PRO A 117 -20.19 -8.74 16.70
N CYS A 118 -19.82 -9.51 17.72
CA CYS A 118 -19.95 -10.96 17.67
C CYS A 118 -21.08 -11.45 18.57
N THR A 119 -21.04 -11.02 19.84
CA THR A 119 -22.05 -11.41 20.80
C THR A 119 -21.99 -10.53 22.05
N VAL A 120 -23.13 -9.98 22.44
CA VAL A 120 -23.20 -9.12 23.62
C VAL A 120 -23.90 -9.82 24.77
N PHE A 1 20.95 13.41 20.02
CA PHE A 1 21.29 13.51 18.58
C PHE A 1 21.49 14.97 18.17
N ALA A 2 20.63 15.84 18.67
CA ALA A 2 20.71 17.27 18.35
C ALA A 2 20.38 17.52 16.88
N LYS A 3 21.29 17.12 16.00
CA LYS A 3 21.10 17.32 14.56
C LYS A 3 19.86 16.57 14.09
N LEU A 4 18.91 17.31 13.51
CA LEU A 4 17.68 16.73 13.01
C LEU A 4 17.71 16.62 11.49
N VAL A 5 17.33 15.45 10.97
CA VAL A 5 17.32 15.22 9.54
C VAL A 5 16.19 14.25 9.15
N ARG A 6 14.97 14.59 9.55
CA ARG A 6 13.82 13.75 9.24
C ARG A 6 12.61 14.61 8.84
N PRO A 7 11.73 14.07 7.99
CA PRO A 7 10.54 14.79 7.53
C PRO A 7 9.51 14.97 8.64
N PRO A 8 9.29 16.21 9.11
CA PRO A 8 8.32 16.49 10.18
C PRO A 8 6.94 15.92 9.87
N VAL A 9 6.70 14.70 10.35
CA VAL A 9 5.42 14.03 10.12
C VAL A 9 5.04 13.16 11.32
N GLN A 10 3.82 12.64 11.31
CA GLN A 10 3.33 11.80 12.39
C GLN A 10 2.62 10.56 11.83
N ILE A 11 1.37 10.74 11.40
CA ILE A 11 0.60 9.63 10.86
C ILE A 11 0.14 9.92 9.43
N TYR A 12 0.34 11.16 8.98
CA TYR A 12 -0.01 11.55 7.60
C TYR A 12 -1.38 10.99 7.21
N GLY A 13 -2.43 11.74 7.53
CA GLY A 13 -3.78 11.30 7.20
C GLY A 13 -3.97 11.04 5.72
N ILE A 14 -3.45 11.93 4.89
CA ILE A 14 -3.58 11.79 3.44
C ILE A 14 -3.03 10.44 2.95
N GLU A 15 -1.83 10.10 3.40
CA GLU A 15 -1.22 8.83 3.01
C GLU A 15 -1.92 7.67 3.68
N GLY A 16 -2.42 7.91 4.90
CA GLY A 16 -3.13 6.89 5.62
C GLY A 16 -4.51 6.63 5.06
N ARG A 17 -5.09 7.67 4.47
CA ARG A 17 -6.42 7.57 3.88
C ARG A 17 -6.39 6.74 2.60
N TYR A 18 -5.21 6.66 1.97
CA TYR A 18 -5.06 5.89 0.74
C TYR A 18 -5.43 4.43 0.99
N ALA A 19 -4.85 3.84 2.02
CA ALA A 19 -5.12 2.46 2.37
C ALA A 19 -6.56 2.31 2.86
N THR A 20 -6.97 3.23 3.73
CA THR A 20 -8.32 3.21 4.26
C THR A 20 -9.36 3.53 3.19
N ALA A 21 -8.91 4.13 2.09
CA ALA A 21 -9.82 4.46 1.01
C ALA A 21 -9.85 3.37 -0.05
N LEU A 22 -9.02 2.35 0.14
CA LEU A 22 -8.97 1.21 -0.77
C LEU A 22 -9.42 -0.02 -0.02
N TYR A 23 -8.98 -0.11 1.21
CA TYR A 23 -9.34 -1.21 2.06
C TYR A 23 -10.74 -0.96 2.64
N SER A 24 -11.20 0.31 2.61
CA SER A 24 -12.52 0.64 3.11
C SER A 24 -13.55 -0.34 2.53
N ALA A 25 -13.42 -0.59 1.24
CA ALA A 25 -14.28 -1.53 0.56
C ALA A 25 -13.87 -2.95 0.96
N ALA A 26 -12.56 -3.13 1.13
CA ALA A 26 -12.02 -4.41 1.54
C ALA A 26 -12.53 -4.82 2.92
N SER A 27 -12.75 -3.83 3.77
CA SER A 27 -13.24 -4.09 5.13
C SER A 27 -14.62 -4.74 5.08
N LYS A 28 -15.51 -4.16 4.28
CA LYS A 28 -16.86 -4.69 4.14
C LYS A 28 -16.83 -6.18 3.79
N GLN A 29 -15.80 -6.57 3.05
CA GLN A 29 -15.63 -7.96 2.65
C GLN A 29 -14.82 -8.71 3.69
N ASN A 30 -13.76 -8.06 4.19
CA ASN A 30 -12.86 -8.63 5.20
C ASN A 30 -11.56 -9.06 4.54
N LYS A 31 -11.18 -8.32 3.51
CA LYS A 31 -9.95 -8.60 2.78
C LYS A 31 -8.75 -7.93 3.42
N LEU A 32 -8.94 -7.31 4.59
CA LEU A 32 -7.86 -6.65 5.30
C LEU A 32 -6.59 -7.48 5.26
N GLU A 33 -6.76 -8.80 5.23
CA GLU A 33 -5.63 -9.72 5.16
C GLU A 33 -5.10 -9.79 3.73
N GLN A 34 -6.03 -9.73 2.77
CA GLN A 34 -5.68 -9.78 1.35
C GLN A 34 -5.27 -8.39 0.84
N VAL A 35 -5.42 -7.37 1.68
CA VAL A 35 -5.06 -6.01 1.30
C VAL A 35 -3.89 -5.52 2.14
N GLU A 36 -3.86 -5.92 3.41
CA GLU A 36 -2.78 -5.53 4.32
C GLU A 36 -1.52 -6.32 3.99
N LYS A 37 -1.70 -7.63 3.82
CA LYS A 37 -0.59 -8.50 3.46
C LYS A 37 -0.13 -8.13 2.07
N GLU A 38 -1.07 -7.62 1.28
CA GLU A 38 -0.79 -7.19 -0.08
C GLU A 38 -0.37 -5.72 -0.10
N LEU A 39 -0.07 -5.18 1.07
CA LEU A 39 0.37 -3.80 1.19
C LEU A 39 1.82 -3.76 1.61
N LEU A 40 2.21 -4.71 2.45
CA LEU A 40 3.58 -4.82 2.92
C LEU A 40 4.47 -5.32 1.78
N ARG A 41 3.89 -6.06 0.86
CA ARG A 41 4.63 -6.59 -0.28
C ARG A 41 5.12 -5.45 -1.17
N VAL A 42 4.25 -4.47 -1.40
CA VAL A 42 4.58 -3.32 -2.22
C VAL A 42 5.76 -2.55 -1.62
N GLY A 43 5.94 -2.69 -0.32
CA GLY A 43 7.03 -2.02 0.36
C GLY A 43 8.35 -2.70 0.12
N GLN A 44 8.35 -4.03 0.15
CA GLN A 44 9.55 -4.82 -0.07
C GLN A 44 10.03 -4.66 -1.51
N ILE A 45 9.09 -4.44 -2.43
CA ILE A 45 9.42 -4.27 -3.84
C ILE A 45 10.30 -3.05 -4.03
N LEU A 46 10.12 -2.04 -3.18
CA LEU A 46 10.91 -0.82 -3.26
C LEU A 46 12.29 -1.05 -2.67
N LYS A 47 12.34 -1.64 -1.49
CA LYS A 47 13.59 -1.92 -0.82
C LYS A 47 14.34 -3.04 -1.55
N GLU A 48 13.61 -3.83 -2.32
CA GLU A 48 14.20 -4.93 -3.07
C GLU A 48 15.32 -4.42 -3.98
N PRO A 49 16.58 -4.75 -3.65
CA PRO A 49 17.73 -4.31 -4.44
C PRO A 49 17.59 -4.66 -5.93
N LYS A 50 16.78 -5.67 -6.21
CA LYS A 50 16.55 -6.10 -7.59
C LYS A 50 15.33 -5.39 -8.18
N MET A 51 14.64 -4.61 -7.36
CA MET A 51 13.46 -3.88 -7.81
C MET A 51 13.46 -2.45 -7.29
N ALA A 52 14.60 -2.00 -6.76
CA ALA A 52 14.71 -0.65 -6.23
C ALA A 52 15.16 0.33 -7.31
N ALA A 53 16.22 -0.05 -8.03
CA ALA A 53 16.75 0.80 -9.10
C ALA A 53 15.71 1.00 -10.19
N SER A 54 14.82 0.02 -10.34
CA SER A 54 13.77 0.11 -11.35
C SER A 54 12.66 1.05 -10.92
N LEU A 55 12.18 0.87 -9.70
CA LEU A 55 11.11 1.70 -9.16
C LEU A 55 11.53 3.17 -9.11
N LEU A 56 12.83 3.40 -9.00
CA LEU A 56 13.37 4.76 -8.94
C LEU A 56 14.03 5.14 -10.27
N ASN A 57 13.73 4.38 -11.33
CA ASN A 57 14.31 4.65 -12.64
C ASN A 57 13.27 5.26 -13.58
N PRO A 58 13.62 6.33 -14.30
CA PRO A 58 12.71 7.00 -15.24
C PRO A 58 12.58 6.23 -16.57
N TYR A 59 13.28 5.10 -16.66
CA TYR A 59 13.25 4.28 -17.86
C TYR A 59 12.03 3.36 -17.87
N VAL A 60 11.58 2.98 -16.67
CA VAL A 60 10.43 2.09 -16.54
C VAL A 60 9.12 2.83 -16.84
N LYS A 61 9.19 4.14 -17.01
CA LYS A 61 8.02 4.95 -17.30
C LYS A 61 7.02 4.87 -16.15
N ARG A 62 5.87 5.51 -16.33
CA ARG A 62 4.82 5.51 -15.32
C ARG A 62 3.68 4.57 -15.70
N SER A 63 3.46 4.42 -16.99
CA SER A 63 2.40 3.55 -17.50
C SER A 63 2.92 2.13 -17.72
N VAL A 64 4.12 2.03 -18.28
CA VAL A 64 4.74 0.74 -18.54
C VAL A 64 4.90 -0.06 -17.26
N LYS A 65 5.39 0.59 -16.22
CA LYS A 65 5.60 -0.07 -14.92
C LYS A 65 4.31 -0.69 -14.42
N VAL A 66 3.18 -0.06 -14.75
CA VAL A 66 1.88 -0.57 -14.33
C VAL A 66 1.62 -1.97 -14.87
N LYS A 67 2.03 -2.20 -16.11
CA LYS A 67 1.84 -3.51 -16.74
C LYS A 67 2.75 -4.55 -16.09
N SER A 68 3.93 -4.13 -15.67
CA SER A 68 4.89 -5.02 -15.04
C SER A 68 4.42 -5.43 -13.65
N LEU A 69 3.79 -4.49 -12.95
CA LEU A 69 3.28 -4.73 -11.60
C LEU A 69 2.13 -5.74 -11.64
N SER A 70 1.32 -5.68 -12.69
CA SER A 70 0.19 -6.58 -12.84
C SER A 70 0.65 -8.01 -13.04
N ASP A 71 1.71 -8.19 -13.84
CA ASP A 71 2.25 -9.52 -14.08
C ASP A 71 3.20 -9.90 -12.97
N MET A 72 3.84 -8.90 -12.37
CA MET A 72 4.76 -9.13 -11.28
C MET A 72 3.99 -9.38 -9.99
N THR A 73 2.77 -8.84 -9.90
CA THR A 73 1.97 -9.05 -8.71
C THR A 73 1.62 -10.51 -8.58
N ALA A 74 1.50 -11.20 -9.72
CA ALA A 74 1.19 -12.61 -9.71
C ALA A 74 2.13 -13.35 -8.77
N LYS A 75 3.34 -12.79 -8.60
CA LYS A 75 4.33 -13.39 -7.72
C LYS A 75 4.38 -12.67 -6.37
N GLU A 76 3.85 -11.45 -6.31
CA GLU A 76 3.85 -10.69 -5.08
C GLU A 76 2.75 -11.19 -4.14
N LYS A 77 1.50 -11.08 -4.58
CA LYS A 77 0.34 -11.52 -3.80
C LYS A 77 -0.93 -10.79 -4.24
N PHE A 78 -0.78 -9.51 -4.59
CA PHE A 78 -1.91 -8.68 -5.00
C PHE A 78 -2.77 -9.37 -6.03
N SER A 79 -3.81 -8.64 -6.44
CA SER A 79 -4.75 -9.10 -7.46
C SER A 79 -6.17 -8.62 -7.18
N PRO A 80 -6.62 -8.71 -5.92
CA PRO A 80 -7.98 -8.34 -5.57
C PRO A 80 -8.12 -6.97 -4.91
N LEU A 81 -7.60 -6.81 -3.70
CA LEU A 81 -7.71 -5.53 -3.02
C LEU A 81 -6.46 -4.73 -3.21
N THR A 82 -5.59 -5.24 -4.07
CA THR A 82 -4.33 -4.60 -4.35
C THR A 82 -4.14 -4.46 -5.86
N SER A 83 -5.11 -4.94 -6.65
CA SER A 83 -5.01 -4.83 -8.10
C SER A 83 -5.63 -3.52 -8.57
N ASN A 84 -5.59 -2.53 -7.68
CA ASN A 84 -6.11 -1.21 -7.94
C ASN A 84 -5.17 -0.23 -7.26
N LEU A 85 -4.83 -0.57 -6.03
CA LEU A 85 -3.89 0.21 -5.26
C LEU A 85 -2.51 0.06 -5.90
N ILE A 86 -2.34 -0.99 -6.72
CA ILE A 86 -1.08 -1.23 -7.40
C ILE A 86 -0.83 -0.15 -8.44
N ASN A 87 -1.82 0.06 -9.31
CA ASN A 87 -1.71 1.07 -10.36
C ASN A 87 -1.70 2.47 -9.74
N LEU A 88 -2.42 2.63 -8.65
CA LEU A 88 -2.49 3.92 -7.96
C LEU A 88 -1.16 4.25 -7.32
N LEU A 89 -0.43 3.22 -6.90
CA LEU A 89 0.87 3.42 -6.27
C LEU A 89 1.95 3.68 -7.33
N ALA A 90 1.70 3.18 -8.54
CA ALA A 90 2.64 3.38 -9.64
C ALA A 90 2.14 4.40 -10.65
N GLU A 91 1.09 5.14 -10.27
CA GLU A 91 0.53 6.16 -11.15
C GLU A 91 0.61 7.53 -10.51
N ASN A 92 -0.08 7.71 -9.38
CA ASN A 92 -0.08 8.98 -8.67
C ASN A 92 1.34 9.40 -8.28
N GLY A 93 2.20 8.41 -8.06
CA GLY A 93 3.57 8.68 -7.70
C GLY A 93 3.83 8.46 -6.22
N ARG A 94 3.07 7.56 -5.61
CA ARG A 94 3.22 7.25 -4.20
C ARG A 94 4.02 5.97 -4.00
N LEU A 95 4.87 5.64 -4.97
CA LEU A 95 5.70 4.45 -4.89
C LEU A 95 7.08 4.77 -4.33
N THR A 96 7.18 5.91 -3.65
CA THR A 96 8.42 6.35 -3.04
C THR A 96 8.26 6.38 -1.52
N ASN A 97 7.07 6.77 -1.09
CA ASN A 97 6.74 6.84 0.32
C ASN A 97 5.63 5.85 0.65
N THR A 98 5.51 4.81 -0.18
CA THR A 98 4.49 3.80 0.01
C THR A 98 4.63 3.07 1.35
N PRO A 99 5.87 2.87 1.86
CA PRO A 99 6.08 2.18 3.13
C PRO A 99 5.34 2.83 4.29
N ALA A 100 5.12 4.14 4.17
CA ALA A 100 4.43 4.89 5.21
C ALA A 100 2.93 4.60 5.16
N VAL A 101 2.40 4.42 3.95
CA VAL A 101 0.99 4.13 3.76
C VAL A 101 0.64 2.73 4.27
N ILE A 102 1.61 1.82 4.22
CA ILE A 102 1.41 0.46 4.67
C ILE A 102 1.26 0.41 6.19
N SER A 103 1.93 1.32 6.88
CA SER A 103 1.86 1.37 8.34
C SER A 103 0.47 1.80 8.81
N ALA A 104 -0.08 2.81 8.15
CA ALA A 104 -1.41 3.31 8.50
C ALA A 104 -2.46 2.21 8.42
N PHE A 105 -2.31 1.33 7.43
CA PHE A 105 -3.25 0.23 7.25
C PHE A 105 -3.31 -0.65 8.48
N SER A 106 -2.17 -0.84 9.13
CA SER A 106 -2.09 -1.67 10.33
C SER A 106 -2.86 -1.04 11.48
N THR A 107 -2.94 0.28 11.49
CA THR A 107 -3.67 0.99 12.54
C THR A 107 -5.12 1.18 12.13
N MET A 108 -5.36 1.24 10.83
CA MET A 108 -6.71 1.40 10.32
C MET A 108 -7.41 0.06 10.27
N MET A 109 -6.62 -1.01 10.16
CA MET A 109 -7.17 -2.36 10.11
C MET A 109 -7.65 -2.80 11.49
N SER A 110 -7.24 -2.07 12.53
CA SER A 110 -7.66 -2.40 13.88
C SER A 110 -8.90 -1.61 14.29
N VAL A 111 -9.22 -0.58 13.51
CA VAL A 111 -10.39 0.24 13.78
C VAL A 111 -11.63 -0.34 13.11
N HIS A 112 -11.43 -1.25 12.16
CA HIS A 112 -12.54 -1.88 11.46
C HIS A 112 -13.15 -2.99 12.31
N ARG A 113 -12.35 -3.56 13.20
CA ARG A 113 -12.83 -4.63 14.07
C ARG A 113 -13.84 -4.11 15.09
N GLY A 114 -13.61 -2.88 15.55
CA GLY A 114 -14.51 -2.28 16.52
C GLY A 114 -15.79 -1.76 15.89
N GLU A 115 -15.71 -1.38 14.62
CA GLU A 115 -16.87 -0.86 13.90
C GLU A 115 -17.96 -1.93 13.80
N VAL A 116 -17.55 -3.19 13.73
CA VAL A 116 -18.49 -4.29 13.63
C VAL A 116 -18.43 -5.18 14.88
N PRO A 117 -19.21 -4.85 15.91
CA PRO A 117 -19.25 -5.62 17.16
C PRO A 117 -19.49 -7.11 16.92
N CYS A 118 -18.70 -7.94 17.59
CA CYS A 118 -18.84 -9.38 17.46
C CYS A 118 -20.00 -9.92 18.28
N THR A 119 -20.13 -9.43 19.51
CA THR A 119 -21.21 -9.85 20.39
C THR A 119 -21.68 -8.68 21.26
N VAL A 120 -20.77 -8.14 22.07
CA VAL A 120 -21.11 -7.02 22.94
C VAL A 120 -20.89 -5.69 22.23
N PHE A 1 21.32 20.37 9.75
CA PHE A 1 20.86 18.99 10.10
C PHE A 1 20.80 18.80 11.61
N ALA A 2 21.97 18.88 12.26
CA ALA A 2 22.06 18.71 13.70
C ALA A 2 21.63 17.31 14.13
N LYS A 3 20.33 17.06 14.16
CA LYS A 3 19.80 15.76 14.54
C LYS A 3 19.92 14.76 13.39
N LEU A 4 19.85 15.27 12.17
CA LEU A 4 19.94 14.41 10.98
C LEU A 4 18.82 13.39 10.95
N VAL A 5 17.66 13.78 11.50
CA VAL A 5 16.50 12.88 11.53
C VAL A 5 16.07 12.49 10.13
N ARG A 6 15.44 11.32 10.01
CA ARG A 6 14.96 10.84 8.72
C ARG A 6 14.26 9.48 8.86
N PRO A 7 14.91 8.50 9.50
CA PRO A 7 14.35 7.16 9.68
C PRO A 7 12.98 7.17 10.35
N PRO A 8 12.81 7.96 11.43
CA PRO A 8 11.53 8.05 12.15
C PRO A 8 10.41 8.58 11.27
N VAL A 9 9.73 7.68 10.57
CA VAL A 9 8.63 8.06 9.69
C VAL A 9 7.68 6.89 9.48
N GLN A 10 6.42 7.10 9.84
CA GLN A 10 5.40 6.07 9.68
C GLN A 10 4.05 6.56 10.20
N ILE A 11 3.00 6.36 9.41
CA ILE A 11 1.67 6.80 9.80
C ILE A 11 1.61 8.32 9.91
N TYR A 12 0.69 8.94 9.17
CA TYR A 12 0.57 10.39 9.16
C TYR A 12 -0.86 10.82 8.86
N GLY A 13 -1.32 10.55 7.64
CA GLY A 13 -2.66 10.92 7.26
C GLY A 13 -2.95 10.62 5.80
N ILE A 14 -2.40 11.43 4.90
CA ILE A 14 -2.60 11.26 3.46
C ILE A 14 -2.20 9.85 3.03
N GLU A 15 -1.03 9.41 3.49
CA GLU A 15 -0.55 8.08 3.14
C GLU A 15 -1.41 7.00 3.78
N GLY A 16 -1.97 7.31 4.95
CA GLY A 16 -2.81 6.37 5.64
C GLY A 16 -4.14 6.19 4.94
N ARG A 17 -4.68 7.29 4.42
CA ARG A 17 -5.96 7.25 3.71
C ARG A 17 -5.86 6.39 2.46
N TYR A 18 -4.64 6.24 1.93
CA TYR A 18 -4.45 5.43 0.74
C TYR A 18 -4.91 4.00 0.98
N ALA A 19 -4.40 3.40 2.05
CA ALA A 19 -4.77 2.04 2.41
C ALA A 19 -6.21 1.99 2.87
N THR A 20 -6.63 3.03 3.59
CA THR A 20 -8.00 3.11 4.09
C THR A 20 -8.96 3.32 2.95
N ALA A 21 -8.48 3.94 1.86
CA ALA A 21 -9.31 4.19 0.70
C ALA A 21 -9.23 3.01 -0.28
N LEU A 22 -8.55 1.95 0.15
CA LEU A 22 -8.41 0.75 -0.66
C LEU A 22 -9.07 -0.37 0.10
N TYR A 23 -8.72 -0.45 1.37
CA TYR A 23 -9.30 -1.44 2.23
C TYR A 23 -10.77 -1.10 2.46
N SER A 24 -11.17 0.14 2.14
CA SER A 24 -12.56 0.55 2.30
C SER A 24 -13.45 -0.48 1.66
N ALA A 25 -12.99 -1.01 0.53
CA ALA A 25 -13.71 -2.05 -0.18
C ALA A 25 -13.40 -3.38 0.49
N ALA A 26 -12.17 -3.51 0.99
CA ALA A 26 -11.75 -4.71 1.69
C ALA A 26 -12.42 -4.80 3.06
N SER A 27 -13.04 -3.70 3.49
CA SER A 27 -13.73 -3.66 4.77
C SER A 27 -15.08 -4.34 4.66
N LYS A 28 -15.84 -3.95 3.65
CA LYS A 28 -17.16 -4.54 3.43
C LYS A 28 -17.02 -6.04 3.19
N GLN A 29 -15.87 -6.43 2.66
CA GLN A 29 -15.59 -7.83 2.39
C GLN A 29 -14.91 -8.48 3.58
N ASN A 30 -13.79 -7.87 4.02
CA ASN A 30 -13.00 -8.36 5.16
C ASN A 30 -11.68 -8.93 4.65
N LYS A 31 -11.18 -8.35 3.57
CA LYS A 31 -9.93 -8.79 2.98
C LYS A 31 -8.72 -8.11 3.61
N LEU A 32 -8.93 -7.48 4.78
CA LEU A 32 -7.83 -6.81 5.48
C LEU A 32 -6.58 -7.67 5.44
N GLU A 33 -6.78 -8.98 5.48
CA GLU A 33 -5.67 -9.94 5.42
C GLU A 33 -5.16 -10.06 4.00
N GLN A 34 -6.08 -10.02 3.04
CA GLN A 34 -5.75 -10.11 1.63
C GLN A 34 -5.16 -8.80 1.11
N VAL A 35 -5.29 -7.72 1.89
CA VAL A 35 -4.78 -6.43 1.49
C VAL A 35 -3.61 -6.00 2.37
N GLU A 36 -3.56 -6.52 3.59
CA GLU A 36 -2.49 -6.19 4.52
C GLU A 36 -1.22 -6.94 4.13
N LYS A 37 -1.40 -8.20 3.77
CA LYS A 37 -0.29 -9.02 3.34
C LYS A 37 0.11 -8.61 1.92
N GLU A 38 -0.89 -8.10 1.20
CA GLU A 38 -0.67 -7.64 -0.16
C GLU A 38 -0.22 -6.18 -0.17
N LEU A 39 0.04 -5.63 1.01
CA LEU A 39 0.50 -4.26 1.13
C LEU A 39 1.96 -4.26 1.56
N LEU A 40 2.32 -5.24 2.38
CA LEU A 40 3.69 -5.38 2.84
C LEU A 40 4.60 -5.85 1.70
N ARG A 41 4.02 -6.58 0.75
CA ARG A 41 4.78 -7.07 -0.38
C ARG A 41 5.27 -5.90 -1.22
N VAL A 42 4.42 -4.90 -1.40
CA VAL A 42 4.78 -3.72 -2.16
C VAL A 42 5.86 -2.91 -1.45
N GLY A 43 5.99 -3.15 -0.14
CA GLY A 43 7.00 -2.45 0.64
C GLY A 43 8.39 -2.97 0.38
N GLN A 44 8.53 -4.30 0.38
CA GLN A 44 9.82 -4.92 0.13
C GLN A 44 10.34 -4.55 -1.25
N ILE A 45 9.40 -4.35 -2.17
CA ILE A 45 9.75 -3.96 -3.54
C ILE A 45 10.30 -2.55 -3.58
N LEU A 46 9.69 -1.66 -2.81
CA LEU A 46 10.13 -0.27 -2.75
C LEU A 46 11.47 -0.16 -2.03
N LYS A 47 11.58 -0.86 -0.91
CA LYS A 47 12.81 -0.85 -0.12
C LYS A 47 13.91 -1.64 -0.82
N GLU A 48 13.51 -2.55 -1.72
CA GLU A 48 14.47 -3.36 -2.45
C GLU A 48 15.48 -2.49 -3.19
N PRO A 49 16.75 -2.47 -2.74
CA PRO A 49 17.80 -1.67 -3.38
C PRO A 49 17.85 -1.86 -4.89
N LYS A 50 17.45 -3.05 -5.33
CA LYS A 50 17.45 -3.37 -6.76
C LYS A 50 16.24 -2.76 -7.45
N MET A 51 15.15 -2.61 -6.71
CA MET A 51 13.92 -2.05 -7.25
C MET A 51 13.91 -0.53 -7.10
N ALA A 52 14.57 -0.03 -6.06
CA ALA A 52 14.63 1.40 -5.81
C ALA A 52 15.15 2.16 -7.03
N ALA A 53 16.11 1.58 -7.72
CA ALA A 53 16.69 2.19 -8.91
C ALA A 53 15.82 1.96 -10.14
N SER A 54 14.72 1.22 -9.97
CA SER A 54 13.81 0.93 -11.06
C SER A 54 12.50 1.69 -10.91
N LEU A 55 12.05 1.84 -9.66
CA LEU A 55 10.81 2.54 -9.37
C LEU A 55 10.95 4.04 -9.69
N LEU A 56 12.16 4.56 -9.60
CA LEU A 56 12.42 5.96 -9.88
C LEU A 56 13.33 6.12 -11.10
N ASN A 57 13.29 5.14 -12.00
CA ASN A 57 14.11 5.17 -13.20
C ASN A 57 13.30 5.68 -14.40
N PRO A 58 13.98 6.34 -15.36
CA PRO A 58 13.32 6.88 -16.55
C PRO A 58 12.95 5.79 -17.56
N TYR A 59 13.35 4.56 -17.27
CA TYR A 59 13.06 3.43 -18.16
C TYR A 59 11.70 2.83 -17.84
N VAL A 60 11.42 2.66 -16.56
CA VAL A 60 10.14 2.09 -16.12
C VAL A 60 8.96 2.93 -16.62
N LYS A 61 9.22 4.20 -16.91
CA LYS A 61 8.18 5.09 -17.40
C LYS A 61 7.07 5.26 -16.36
N ARG A 62 6.14 6.18 -16.63
CA ARG A 62 5.03 6.44 -15.72
C ARG A 62 3.78 5.70 -16.18
N SER A 63 3.98 4.51 -16.74
CA SER A 63 2.86 3.70 -17.21
C SER A 63 3.32 2.28 -17.52
N VAL A 64 4.47 2.16 -18.16
CA VAL A 64 5.03 0.86 -18.51
C VAL A 64 5.26 0.01 -17.27
N LYS A 65 5.68 0.65 -16.18
CA LYS A 65 5.93 -0.05 -14.93
C LYS A 65 4.65 -0.68 -14.39
N VAL A 66 3.51 -0.03 -14.68
CA VAL A 66 2.22 -0.52 -14.22
C VAL A 66 1.92 -1.90 -14.81
N LYS A 67 2.34 -2.11 -16.05
CA LYS A 67 2.12 -3.38 -16.72
C LYS A 67 2.86 -4.50 -16.02
N SER A 68 4.14 -4.26 -15.72
CA SER A 68 4.97 -5.25 -15.03
C SER A 68 4.44 -5.52 -13.63
N LEU A 69 3.84 -4.51 -13.02
CA LEU A 69 3.29 -4.64 -11.67
C LEU A 69 2.06 -5.54 -11.68
N SER A 70 1.38 -5.62 -12.82
CA SER A 70 0.19 -6.45 -12.94
C SER A 70 0.55 -7.93 -12.92
N ASP A 71 1.78 -8.24 -13.32
CA ASP A 71 2.24 -9.63 -13.35
C ASP A 71 2.66 -10.07 -11.95
N MET A 72 3.33 -9.17 -11.23
CA MET A 72 3.78 -9.47 -9.87
C MET A 72 2.59 -9.51 -8.92
N THR A 73 1.58 -8.69 -9.20
CA THR A 73 0.39 -8.65 -8.37
C THR A 73 -0.40 -9.96 -8.48
N ALA A 74 -0.25 -10.64 -9.62
CA ALA A 74 -0.93 -11.90 -9.83
C ALA A 74 -0.02 -13.08 -9.47
N LYS A 75 1.10 -12.79 -8.81
CA LYS A 75 2.04 -13.83 -8.41
C LYS A 75 2.48 -13.66 -6.96
N GLU A 76 2.63 -12.42 -6.51
CA GLU A 76 3.05 -12.16 -5.13
C GLU A 76 1.95 -12.53 -4.15
N LYS A 77 0.77 -11.98 -4.36
CA LYS A 77 -0.38 -12.24 -3.50
C LYS A 77 -1.55 -11.34 -3.92
N PHE A 78 -1.21 -10.16 -4.46
CA PHE A 78 -2.21 -9.21 -4.92
C PHE A 78 -3.22 -9.86 -5.85
N SER A 79 -4.04 -9.01 -6.47
CA SER A 79 -5.05 -9.44 -7.43
C SER A 79 -6.43 -8.91 -7.07
N PRO A 80 -6.83 -9.01 -5.78
CA PRO A 80 -8.14 -8.59 -5.35
C PRO A 80 -8.18 -7.22 -4.68
N LEU A 81 -7.58 -7.10 -3.49
CA LEU A 81 -7.60 -5.82 -2.79
C LEU A 81 -6.31 -5.06 -3.06
N THR A 82 -5.51 -5.63 -3.94
CA THR A 82 -4.25 -5.03 -4.30
C THR A 82 -4.17 -4.84 -5.82
N SER A 83 -5.22 -5.27 -6.54
CA SER A 83 -5.22 -5.11 -7.99
C SER A 83 -5.90 -3.80 -8.37
N ASN A 84 -5.78 -2.83 -7.49
CA ASN A 84 -6.35 -1.51 -7.69
C ASN A 84 -5.39 -0.51 -7.08
N LEU A 85 -4.94 -0.85 -5.87
CA LEU A 85 -3.97 -0.05 -5.17
C LEU A 85 -2.63 -0.18 -5.90
N ILE A 86 -2.48 -1.26 -6.69
CA ILE A 86 -1.26 -1.46 -7.44
C ILE A 86 -1.08 -0.39 -8.51
N ASN A 87 -2.15 -0.13 -9.26
CA ASN A 87 -2.12 0.88 -10.31
C ASN A 87 -2.13 2.28 -9.70
N LEU A 88 -2.71 2.40 -8.50
CA LEU A 88 -2.79 3.67 -7.81
C LEU A 88 -1.45 4.02 -7.17
N LEU A 89 -0.70 3.01 -6.76
CA LEU A 89 0.59 3.22 -6.13
C LEU A 89 1.61 3.68 -7.18
N ALA A 90 1.49 3.16 -8.39
CA ALA A 90 2.39 3.53 -9.47
C ALA A 90 1.69 4.43 -10.49
N GLU A 91 0.65 5.13 -10.05
CA GLU A 91 -0.10 6.03 -10.92
C GLU A 91 0.50 7.44 -10.89
N ASN A 92 0.62 8.00 -9.69
CA ASN A 92 1.18 9.34 -9.54
C ASN A 92 2.56 9.29 -8.91
N GLY A 93 3.22 8.14 -9.00
CA GLY A 93 4.55 7.99 -8.44
C GLY A 93 4.51 7.77 -6.94
N ARG A 94 3.46 7.11 -6.47
CA ARG A 94 3.31 6.84 -5.03
C ARG A 94 4.39 5.88 -4.54
N LEU A 95 5.07 5.20 -5.48
CA LEU A 95 6.12 4.26 -5.12
C LEU A 95 7.35 4.99 -4.60
N THR A 96 7.19 5.64 -3.46
CA THR A 96 8.27 6.39 -2.82
C THR A 96 8.10 6.31 -1.31
N ASN A 97 6.87 6.50 -0.86
CA ASN A 97 6.55 6.44 0.57
C ASN A 97 5.57 5.29 0.84
N THR A 98 5.52 4.33 -0.08
CA THR A 98 4.64 3.17 0.05
C THR A 98 4.68 2.59 1.47
N PRO A 99 5.90 2.32 1.99
CA PRO A 99 6.06 1.75 3.33
C PRO A 99 5.12 2.39 4.37
N ALA A 100 4.77 3.65 4.15
CA ALA A 100 3.88 4.35 5.06
C ALA A 100 2.45 3.85 4.91
N VAL A 101 2.04 3.60 3.69
CA VAL A 101 0.70 3.10 3.41
C VAL A 101 0.52 1.68 3.94
N ILE A 102 1.63 0.95 4.04
CA ILE A 102 1.61 -0.42 4.53
C ILE A 102 1.41 -0.45 6.04
N SER A 103 2.18 0.36 6.76
CA SER A 103 2.08 0.42 8.21
C SER A 103 0.82 1.17 8.63
N ALA A 104 0.44 2.17 7.85
CA ALA A 104 -0.74 2.96 8.15
C ALA A 104 -2.01 2.12 8.02
N PHE A 105 -1.97 1.13 7.11
CA PHE A 105 -3.10 0.26 6.90
C PHE A 105 -3.44 -0.52 8.17
N SER A 106 -2.40 -1.00 8.85
CA SER A 106 -2.58 -1.78 10.07
C SER A 106 -3.37 -0.99 11.11
N THR A 107 -3.30 0.34 11.04
CA THR A 107 -4.02 1.18 11.98
C THR A 107 -5.44 1.42 11.51
N MET A 108 -5.62 1.49 10.20
CA MET A 108 -6.95 1.71 9.63
C MET A 108 -7.73 0.40 9.60
N MET A 109 -7.00 -0.71 9.52
CA MET A 109 -7.62 -2.03 9.50
C MET A 109 -8.00 -2.48 10.91
N SER A 110 -7.53 -1.75 11.93
CA SER A 110 -7.84 -2.10 13.31
C SER A 110 -8.96 -1.22 13.84
N VAL A 111 -9.00 0.02 13.38
CA VAL A 111 -10.04 0.95 13.80
C VAL A 111 -11.40 0.52 13.27
N HIS A 112 -11.40 -0.42 12.33
CA HIS A 112 -12.62 -0.93 11.75
C HIS A 112 -13.37 -1.83 12.73
N ARG A 113 -12.62 -2.46 13.63
CA ARG A 113 -13.20 -3.35 14.62
C ARG A 113 -14.12 -2.58 15.57
N GLY A 114 -13.71 -1.37 15.92
CA GLY A 114 -14.50 -0.55 16.82
C GLY A 114 -15.79 -0.07 16.18
N GLU A 115 -15.70 0.37 14.92
CA GLU A 115 -16.86 0.86 14.19
C GLU A 115 -17.79 -0.28 13.82
N VAL A 116 -17.24 -1.31 13.18
CA VAL A 116 -18.03 -2.47 12.77
C VAL A 116 -18.57 -3.22 13.97
N PRO A 117 -19.86 -3.63 13.93
CA PRO A 117 -20.49 -4.35 15.03
C PRO A 117 -19.94 -5.77 15.18
N CYS A 118 -20.26 -6.41 16.30
CA CYS A 118 -19.81 -7.77 16.56
C CYS A 118 -20.41 -8.76 15.56
N THR A 119 -19.58 -9.22 14.64
CA THR A 119 -20.03 -10.17 13.62
C THR A 119 -18.88 -11.08 13.17
N VAL A 120 -18.79 -12.25 13.79
CA VAL A 120 -17.75 -13.20 13.46
C VAL A 120 -18.33 -14.60 13.27
N PHE A 1 12.59 19.33 17.10
CA PHE A 1 12.89 19.87 18.45
C PHE A 1 11.68 19.74 19.38
N ALA A 2 11.88 19.07 20.51
CA ALA A 2 10.82 18.87 21.48
C ALA A 2 9.64 18.10 20.87
N LYS A 3 9.97 17.19 19.96
CA LYS A 3 8.95 16.39 19.29
C LYS A 3 8.95 14.97 19.83
N LEU A 4 8.29 14.78 20.97
CA LEU A 4 8.20 13.46 21.60
C LEU A 4 6.82 12.87 21.43
N VAL A 5 6.75 11.66 20.87
CA VAL A 5 5.47 10.98 20.66
C VAL A 5 5.04 10.21 21.90
N ARG A 6 4.44 10.92 22.85
CA ARG A 6 3.98 10.30 24.09
C ARG A 6 2.75 9.43 23.84
N PRO A 7 1.66 10.03 23.34
CA PRO A 7 0.42 9.30 23.07
C PRO A 7 0.55 8.39 21.85
N PRO A 8 -0.44 7.51 21.63
CA PRO A 8 -0.44 6.58 20.49
C PRO A 8 -0.67 7.29 19.16
N VAL A 9 0.41 7.58 18.45
CA VAL A 9 0.31 8.26 17.16
C VAL A 9 -0.53 7.46 16.18
N GLN A 10 -1.37 8.14 15.43
CA GLN A 10 -2.22 7.49 14.44
C GLN A 10 -2.37 8.36 13.19
N ILE A 11 -2.20 7.73 12.02
CA ILE A 11 -2.31 8.44 10.75
C ILE A 11 -1.22 9.50 10.62
N TYR A 12 -0.35 9.34 9.63
CA TYR A 12 0.75 10.27 9.40
C TYR A 12 1.13 10.31 7.92
N GLY A 13 0.39 11.09 7.14
CA GLY A 13 0.67 11.19 5.72
C GLY A 13 -0.54 10.86 4.88
N ILE A 14 -1.02 11.87 4.14
CA ILE A 14 -2.19 11.70 3.27
C ILE A 14 -2.13 10.38 2.51
N GLU A 15 -0.91 9.92 2.23
CA GLU A 15 -0.72 8.66 1.50
C GLU A 15 -1.46 7.52 2.19
N GLY A 16 -1.40 7.48 3.52
CA GLY A 16 -2.06 6.44 4.26
C GLY A 16 -3.53 6.33 3.91
N ARG A 17 -4.16 7.47 3.64
CA ARG A 17 -5.58 7.49 3.29
C ARG A 17 -5.84 6.70 2.02
N TYR A 18 -4.81 6.54 1.18
CA TYR A 18 -4.97 5.78 -0.06
C TYR A 18 -5.40 4.36 0.26
N ALA A 19 -4.61 3.69 1.08
CA ALA A 19 -4.92 2.32 1.48
C ALA A 19 -6.21 2.27 2.28
N THR A 20 -6.38 3.23 3.19
CA THR A 20 -7.58 3.28 4.01
C THR A 20 -8.80 3.65 3.17
N ALA A 21 -8.57 4.34 2.06
CA ALA A 21 -9.65 4.73 1.17
C ALA A 21 -9.86 3.69 0.08
N LEU A 22 -9.11 2.60 0.17
CA LEU A 22 -9.22 1.51 -0.79
C LEU A 22 -9.65 0.27 -0.05
N TYR A 23 -9.10 0.10 1.14
CA TYR A 23 -9.47 -1.01 1.98
C TYR A 23 -10.86 -0.78 2.55
N SER A 24 -11.31 0.49 2.54
CA SER A 24 -12.64 0.82 3.04
C SER A 24 -13.65 -0.15 2.45
N ALA A 25 -13.46 -0.46 1.17
CA ALA A 25 -14.32 -1.42 0.48
C ALA A 25 -13.90 -2.82 0.88
N ALA A 26 -12.60 -3.00 1.07
CA ALA A 26 -12.05 -4.29 1.48
C ALA A 26 -12.56 -4.67 2.86
N SER A 27 -12.84 -3.67 3.69
CA SER A 27 -13.34 -3.90 5.05
C SER A 27 -14.72 -4.54 4.99
N LYS A 28 -15.61 -3.93 4.22
CA LYS A 28 -16.98 -4.45 4.08
C LYS A 28 -16.95 -5.91 3.67
N GLN A 29 -15.93 -6.28 2.91
CA GLN A 29 -15.76 -7.66 2.46
C GLN A 29 -15.02 -8.48 3.51
N ASN A 30 -13.94 -7.90 4.04
CA ASN A 30 -13.10 -8.54 5.05
C ASN A 30 -11.83 -9.07 4.42
N LYS A 31 -11.37 -8.37 3.39
CA LYS A 31 -10.16 -8.75 2.68
C LYS A 31 -8.93 -8.11 3.31
N LEU A 32 -9.10 -7.45 4.45
CA LEU A 32 -7.98 -6.80 5.13
C LEU A 32 -6.76 -7.72 5.17
N GLU A 33 -7.01 -9.02 5.18
CA GLU A 33 -5.92 -10.00 5.19
C GLU A 33 -5.32 -10.11 3.79
N GLN A 34 -6.16 -9.93 2.78
CA GLN A 34 -5.73 -9.99 1.39
C GLN A 34 -5.22 -8.64 0.91
N VAL A 35 -5.47 -7.59 1.70
CA VAL A 35 -5.03 -6.24 1.35
C VAL A 35 -3.89 -5.79 2.26
N GLU A 36 -3.91 -6.27 3.50
CA GLU A 36 -2.88 -5.92 4.48
C GLU A 36 -1.57 -6.61 4.12
N LYS A 37 -1.66 -7.91 3.87
CA LYS A 37 -0.50 -8.68 3.49
C LYS A 37 -0.04 -8.21 2.11
N GLU A 38 -1.01 -7.72 1.34
CA GLU A 38 -0.75 -7.21 0.02
C GLU A 38 -0.40 -5.71 0.07
N LEU A 39 -0.14 -5.21 1.27
CA LEU A 39 0.22 -3.82 1.46
C LEU A 39 1.67 -3.72 1.90
N LEU A 40 2.11 -4.72 2.67
CA LEU A 40 3.49 -4.77 3.14
C LEU A 40 4.42 -5.15 1.98
N ARG A 41 3.87 -5.88 1.01
CA ARG A 41 4.64 -6.31 -0.15
C ARG A 41 5.06 -5.09 -0.98
N VAL A 42 4.13 -4.16 -1.17
CA VAL A 42 4.41 -2.96 -1.94
C VAL A 42 5.55 -2.16 -1.31
N GLY A 43 5.76 -2.37 -0.01
CA GLY A 43 6.83 -1.67 0.69
C GLY A 43 8.17 -2.34 0.49
N GLN A 44 8.15 -3.68 0.42
CA GLN A 44 9.36 -4.45 0.23
C GLN A 44 9.86 -4.31 -1.21
N ILE A 45 8.91 -4.11 -2.13
CA ILE A 45 9.25 -3.94 -3.54
C ILE A 45 10.11 -2.70 -3.75
N LEU A 46 9.88 -1.68 -2.92
CA LEU A 46 10.64 -0.45 -3.01
C LEU A 46 11.97 -0.59 -2.27
N LYS A 47 11.95 -1.33 -1.17
CA LYS A 47 13.14 -1.56 -0.37
C LYS A 47 14.05 -2.60 -1.03
N GLU A 48 13.45 -3.49 -1.81
CA GLU A 48 14.21 -4.53 -2.50
C GLU A 48 15.31 -3.92 -3.39
N PRO A 49 16.58 -4.06 -3.00
CA PRO A 49 17.71 -3.52 -3.77
C PRO A 49 17.63 -3.90 -5.25
N LYS A 50 17.02 -5.05 -5.53
CA LYS A 50 16.86 -5.51 -6.90
C LYS A 50 15.50 -5.11 -7.44
N MET A 51 14.99 -3.99 -6.94
CA MET A 51 13.69 -3.48 -7.35
C MET A 51 13.58 -1.97 -7.14
N ALA A 52 14.23 -1.47 -6.08
CA ALA A 52 14.20 -0.05 -5.78
C ALA A 52 14.74 0.77 -6.94
N ALA A 53 15.92 0.38 -7.43
CA ALA A 53 16.54 1.08 -8.55
C ALA A 53 15.65 1.07 -9.79
N SER A 54 14.85 0.01 -9.91
CA SER A 54 13.95 -0.13 -11.04
C SER A 54 12.74 0.78 -10.90
N LEU A 55 12.11 0.76 -9.72
CA LEU A 55 10.94 1.60 -9.46
C LEU A 55 11.29 3.08 -9.63
N LEU A 56 12.54 3.43 -9.36
CA LEU A 56 12.99 4.81 -9.46
C LEU A 56 13.66 5.07 -10.82
N ASN A 57 14.02 3.99 -11.52
CA ASN A 57 14.66 4.12 -12.82
C ASN A 57 13.82 4.95 -13.79
N PRO A 58 14.43 5.93 -14.46
CA PRO A 58 13.71 6.79 -15.42
C PRO A 58 13.08 5.98 -16.56
N TYR A 59 13.51 4.74 -16.71
CA TYR A 59 13.01 3.87 -17.77
C TYR A 59 11.69 3.22 -17.36
N VAL A 60 11.42 3.19 -16.05
CA VAL A 60 10.20 2.58 -15.54
C VAL A 60 8.96 3.15 -16.24
N LYS A 61 9.01 4.44 -16.55
CA LYS A 61 7.90 5.11 -17.22
C LYS A 61 6.61 4.97 -16.41
N ARG A 62 5.51 5.46 -16.97
CA ARG A 62 4.21 5.39 -16.31
C ARG A 62 3.37 4.25 -16.88
N SER A 63 3.28 4.20 -18.21
CA SER A 63 2.51 3.16 -18.88
C SER A 63 3.18 1.80 -18.72
N VAL A 64 4.50 1.77 -18.91
CA VAL A 64 5.26 0.53 -18.79
C VAL A 64 5.10 -0.08 -17.40
N LYS A 65 5.17 0.77 -16.38
CA LYS A 65 5.03 0.32 -14.99
C LYS A 65 3.70 -0.40 -14.79
N VAL A 66 2.69 0.01 -15.56
CA VAL A 66 1.37 -0.60 -15.46
C VAL A 66 1.42 -2.08 -15.78
N LYS A 67 2.15 -2.43 -16.84
CA LYS A 67 2.29 -3.82 -17.24
C LYS A 67 3.04 -4.62 -16.18
N SER A 68 4.13 -4.05 -15.69
CA SER A 68 4.95 -4.70 -14.66
C SER A 68 4.15 -4.88 -13.37
N LEU A 69 3.17 -3.99 -13.16
CA LEU A 69 2.33 -4.04 -11.97
C LEU A 69 1.44 -5.28 -11.99
N SER A 70 1.10 -5.74 -13.20
CA SER A 70 0.26 -6.92 -13.35
C SER A 70 1.06 -8.21 -13.16
N ASP A 71 2.35 -8.14 -13.45
CA ASP A 71 3.23 -9.30 -13.31
C ASP A 71 3.85 -9.36 -11.91
N MET A 72 3.60 -8.34 -11.11
CA MET A 72 4.12 -8.29 -9.75
C MET A 72 3.00 -8.61 -8.77
N THR A 73 1.79 -8.25 -9.16
CA THR A 73 0.61 -8.50 -8.38
C THR A 73 0.27 -9.98 -8.41
N ALA A 74 0.59 -10.63 -9.53
CA ALA A 74 0.32 -12.05 -9.68
C ALA A 74 1.49 -12.90 -9.15
N LYS A 75 2.48 -12.24 -8.56
CA LYS A 75 3.64 -12.94 -8.02
C LYS A 75 3.83 -12.62 -6.54
N GLU A 76 3.63 -11.35 -6.18
CA GLU A 76 3.78 -10.93 -4.79
C GLU A 76 2.65 -11.48 -3.92
N LYS A 77 1.42 -11.17 -4.32
CA LYS A 77 0.24 -11.63 -3.59
C LYS A 77 -0.99 -10.88 -4.07
N PHE A 78 -0.79 -9.63 -4.50
CA PHE A 78 -1.87 -8.79 -5.00
C PHE A 78 -2.74 -9.51 -5.99
N SER A 79 -3.73 -8.78 -6.49
CA SER A 79 -4.67 -9.26 -7.49
C SER A 79 -6.11 -8.90 -7.14
N PRO A 80 -6.50 -8.97 -5.85
CA PRO A 80 -7.86 -8.70 -5.44
C PRO A 80 -8.08 -7.33 -4.83
N LEU A 81 -7.63 -7.12 -3.60
CA LEU A 81 -7.80 -5.83 -2.96
C LEU A 81 -6.58 -4.98 -3.16
N THR A 82 -5.63 -5.53 -3.91
CA THR A 82 -4.41 -4.85 -4.21
C THR A 82 -4.27 -4.66 -5.72
N SER A 83 -5.23 -5.17 -6.49
CA SER A 83 -5.18 -5.02 -7.93
C SER A 83 -5.91 -3.75 -8.35
N ASN A 84 -5.89 -2.78 -7.47
CA ASN A 84 -6.53 -1.49 -7.69
C ASN A 84 -5.64 -0.44 -7.06
N LEU A 85 -5.23 -0.75 -5.83
CA LEU A 85 -4.33 0.10 -5.10
C LEU A 85 -2.96 0.05 -5.78
N ILE A 86 -2.74 -0.99 -6.60
CA ILE A 86 -1.48 -1.14 -7.31
C ILE A 86 -1.34 -0.07 -8.39
N ASN A 87 -2.38 0.08 -9.20
CA ASN A 87 -2.38 1.07 -10.27
C ASN A 87 -2.36 2.49 -9.70
N LEU A 88 -3.07 2.67 -8.58
CA LEU A 88 -3.14 3.97 -7.92
C LEU A 88 -1.78 4.34 -7.32
N LEU A 89 -1.07 3.35 -6.82
CA LEU A 89 0.24 3.59 -6.22
C LEU A 89 1.26 3.96 -7.30
N ALA A 90 1.08 3.41 -8.49
CA ALA A 90 1.97 3.68 -9.61
C ALA A 90 1.31 4.60 -10.63
N GLU A 91 0.29 5.33 -10.19
CA GLU A 91 -0.42 6.26 -11.07
C GLU A 91 0.28 7.61 -11.12
N ASN A 92 0.78 8.05 -9.97
CA ASN A 92 1.47 9.33 -9.88
C ASN A 92 2.96 9.12 -9.62
N GLY A 93 3.30 8.02 -8.96
CA GLY A 93 4.69 7.74 -8.65
C GLY A 93 5.00 7.89 -7.18
N ARG A 94 4.09 7.43 -6.33
CA ARG A 94 4.27 7.52 -4.89
C ARG A 94 4.83 6.21 -4.33
N LEU A 95 5.73 5.59 -5.07
CA LEU A 95 6.34 4.33 -4.64
C LEU A 95 7.71 4.59 -4.00
N THR A 96 7.85 5.74 -3.38
CA THR A 96 9.10 6.11 -2.72
C THR A 96 8.88 6.11 -1.20
N ASN A 97 7.72 6.59 -0.79
CA ASN A 97 7.35 6.65 0.61
C ASN A 97 6.17 5.72 0.88
N THR A 98 6.09 4.64 0.09
CA THR A 98 5.01 3.68 0.24
C THR A 98 4.93 3.07 1.64
N PRO A 99 6.07 2.88 2.33
CA PRO A 99 6.06 2.31 3.68
C PRO A 99 5.21 3.10 4.66
N ALA A 100 4.93 4.36 4.30
CA ALA A 100 4.11 5.23 5.15
C ALA A 100 2.63 4.96 4.92
N VAL A 101 2.29 4.56 3.70
CA VAL A 101 0.89 4.27 3.36
C VAL A 101 0.46 2.91 3.90
N ILE A 102 1.44 2.07 4.24
CA ILE A 102 1.14 0.74 4.77
C ILE A 102 0.85 0.80 6.26
N SER A 103 1.42 1.79 6.94
CA SER A 103 1.22 1.94 8.38
C SER A 103 -0.20 2.39 8.69
N ALA A 104 -0.72 3.31 7.89
CA ALA A 104 -2.08 3.81 8.08
C ALA A 104 -3.10 2.67 8.04
N PHE A 105 -2.73 1.59 7.35
CA PHE A 105 -3.62 0.43 7.25
C PHE A 105 -3.77 -0.27 8.58
N SER A 106 -2.65 -0.65 9.18
CA SER A 106 -2.67 -1.34 10.47
C SER A 106 -3.38 -0.50 11.52
N THR A 107 -3.35 0.82 11.36
CA THR A 107 -3.99 1.71 12.30
C THR A 107 -5.50 1.73 12.08
N MET A 108 -5.92 2.01 10.85
CA MET A 108 -7.35 2.00 10.55
C MET A 108 -7.88 0.58 10.60
N MET A 109 -6.96 -0.38 10.49
CA MET A 109 -7.32 -1.78 10.54
C MET A 109 -7.91 -2.10 11.90
N SER A 110 -7.32 -1.53 12.95
CA SER A 110 -7.80 -1.75 14.31
C SER A 110 -9.26 -1.37 14.44
N VAL A 111 -9.73 -0.51 13.53
CA VAL A 111 -11.11 -0.06 13.54
C VAL A 111 -12.04 -1.14 12.97
N HIS A 112 -11.61 -1.78 11.88
CA HIS A 112 -12.40 -2.82 11.25
C HIS A 112 -12.39 -4.09 12.10
N ARG A 113 -11.27 -4.33 12.78
CA ARG A 113 -11.14 -5.51 13.62
C ARG A 113 -11.91 -5.34 14.92
N GLY A 114 -12.06 -4.09 15.36
CA GLY A 114 -12.79 -3.82 16.58
C GLY A 114 -14.20 -4.36 16.57
N GLU A 115 -15.15 -3.52 16.18
CA GLU A 115 -16.56 -3.92 16.14
C GLU A 115 -17.16 -3.57 14.77
N VAL A 116 -16.84 -4.37 13.77
CA VAL A 116 -17.36 -4.16 12.42
C VAL A 116 -17.82 -5.46 11.78
N PRO A 117 -19.03 -5.94 12.13
CA PRO A 117 -19.58 -7.18 11.59
C PRO A 117 -19.95 -7.06 10.12
N CYS A 118 -20.61 -8.09 9.59
CA CYS A 118 -21.02 -8.09 8.18
C CYS A 118 -22.10 -9.14 7.94
N THR A 119 -21.84 -10.37 8.37
CA THR A 119 -22.79 -11.46 8.20
C THR A 119 -22.37 -12.68 9.01
N VAL A 120 -21.09 -13.00 8.96
CA VAL A 120 -20.55 -14.14 9.70
C VAL A 120 -19.78 -13.70 10.94
N PHE A 1 13.34 27.23 19.45
CA PHE A 1 13.91 25.90 19.82
C PHE A 1 13.01 24.77 19.34
N ALA A 2 13.62 23.64 19.01
CA ALA A 2 12.89 22.48 18.54
C ALA A 2 13.32 21.22 19.28
N LYS A 3 12.80 21.04 20.49
CA LYS A 3 13.13 19.88 21.30
C LYS A 3 11.88 19.28 21.95
N LEU A 4 10.75 19.40 21.24
CA LEU A 4 9.48 18.87 21.74
C LEU A 4 9.42 17.36 21.58
N VAL A 5 8.29 16.78 21.96
CA VAL A 5 8.10 15.34 21.85
C VAL A 5 7.14 14.99 20.72
N ARG A 6 7.71 14.63 19.57
CA ARG A 6 6.91 14.28 18.41
C ARG A 6 7.34 12.93 17.84
N PRO A 7 6.40 12.18 17.24
CA PRO A 7 6.70 10.85 16.66
C PRO A 7 7.86 10.91 15.68
N PRO A 8 8.56 9.77 15.48
CA PRO A 8 9.70 9.70 14.56
C PRO A 8 9.27 9.74 13.09
N VAL A 9 8.23 8.98 12.77
CA VAL A 9 7.73 8.93 11.39
C VAL A 9 6.25 9.31 11.34
N GLN A 10 5.81 10.13 12.29
CA GLN A 10 4.42 10.58 12.35
C GLN A 10 3.46 9.43 12.05
N ILE A 11 2.22 9.76 11.69
CA ILE A 11 1.22 8.74 11.39
C ILE A 11 0.84 8.75 9.90
N TYR A 12 1.46 9.65 9.13
CA TYR A 12 1.20 9.73 7.69
C TYR A 12 -0.29 9.67 7.38
N GLY A 13 -0.94 10.84 7.38
CA GLY A 13 -2.35 10.90 7.11
C GLY A 13 -2.68 10.69 5.64
N ILE A 14 -2.13 11.55 4.78
CA ILE A 14 -2.36 11.46 3.34
C ILE A 14 -1.94 10.10 2.80
N GLU A 15 -0.73 9.66 3.19
CA GLU A 15 -0.21 8.37 2.74
C GLU A 15 -0.97 7.24 3.41
N GLY A 16 -1.37 7.46 4.66
CA GLY A 16 -2.10 6.45 5.39
C GLY A 16 -3.52 6.31 4.87
N ARG A 17 -4.06 7.39 4.32
CA ARG A 17 -5.41 7.38 3.77
C ARG A 17 -5.48 6.55 2.50
N TYR A 18 -4.35 6.41 1.81
CA TYR A 18 -4.29 5.63 0.58
C TYR A 18 -4.77 4.21 0.84
N ALA A 19 -4.22 3.59 1.87
CA ALA A 19 -4.58 2.23 2.22
C ALA A 19 -6.01 2.18 2.77
N THR A 20 -6.36 3.17 3.57
CA THR A 20 -7.69 3.24 4.15
C THR A 20 -8.72 3.58 3.08
N ALA A 21 -8.28 4.20 1.99
CA ALA A 21 -9.18 4.55 0.91
C ALA A 21 -9.26 3.43 -0.12
N LEU A 22 -8.52 2.36 0.11
CA LEU A 22 -8.53 1.20 -0.77
C LEU A 22 -9.09 0.03 -0.01
N TYR A 23 -8.65 -0.12 1.22
CA TYR A 23 -9.12 -1.16 2.07
C TYR A 23 -10.51 -0.78 2.60
N SER A 24 -10.86 0.51 2.53
CA SER A 24 -12.17 0.96 2.99
C SER A 24 -13.24 0.08 2.35
N ALA A 25 -12.98 -0.29 1.09
CA ALA A 25 -13.88 -1.18 0.36
C ALA A 25 -13.61 -2.61 0.78
N ALA A 26 -12.35 -2.89 1.09
CA ALA A 26 -11.94 -4.21 1.54
C ALA A 26 -12.48 -4.48 2.95
N SER A 27 -12.86 -3.42 3.65
CA SER A 27 -13.38 -3.54 5.01
C SER A 27 -14.79 -4.11 4.96
N LYS A 28 -15.63 -3.55 4.10
CA LYS A 28 -17.01 -4.01 3.95
C LYS A 28 -17.03 -5.51 3.68
N GLN A 29 -15.98 -5.99 3.02
CA GLN A 29 -15.86 -7.41 2.72
C GLN A 29 -15.10 -8.13 3.83
N ASN A 30 -13.95 -7.57 4.20
CA ASN A 30 -13.09 -8.12 5.26
C ASN A 30 -11.83 -8.71 4.64
N LYS A 31 -11.40 -8.11 3.53
CA LYS A 31 -10.21 -8.57 2.83
C LYS A 31 -8.96 -7.86 3.35
N LEU A 32 -9.10 -7.07 4.43
CA LEU A 32 -7.96 -6.37 5.00
C LEU A 32 -6.74 -7.28 5.07
N GLU A 33 -6.99 -8.58 5.23
CA GLU A 33 -5.90 -9.55 5.27
C GLU A 33 -5.24 -9.69 3.90
N GLN A 34 -6.07 -9.74 2.86
CA GLN A 34 -5.59 -9.84 1.49
C GLN A 34 -5.04 -8.51 1.00
N VAL A 35 -5.39 -7.44 1.69
CA VAL A 35 -4.93 -6.10 1.32
C VAL A 35 -3.80 -5.64 2.24
N GLU A 36 -3.71 -6.26 3.41
CA GLU A 36 -2.67 -5.92 4.38
C GLU A 36 -1.45 -6.79 4.14
N LYS A 37 -1.70 -8.06 3.84
CA LYS A 37 -0.63 -8.99 3.56
C LYS A 37 0.00 -8.67 2.22
N GLU A 38 -0.84 -8.22 1.28
CA GLU A 38 -0.34 -7.84 -0.02
C GLU A 38 0.46 -6.55 0.10
N LEU A 39 -0.13 -5.57 0.78
CA LEU A 39 0.52 -4.28 0.98
C LEU A 39 1.96 -4.46 1.48
N LEU A 40 2.15 -5.48 2.31
CA LEU A 40 3.48 -5.77 2.85
C LEU A 40 4.44 -6.16 1.73
N ARG A 41 3.88 -6.54 0.58
CA ARG A 41 4.69 -6.92 -0.56
C ARG A 41 5.26 -5.70 -1.27
N VAL A 42 4.41 -4.70 -1.50
CA VAL A 42 4.84 -3.48 -2.16
C VAL A 42 5.92 -2.78 -1.35
N GLY A 43 5.92 -3.01 -0.04
CA GLY A 43 6.91 -2.41 0.83
C GLY A 43 8.30 -2.95 0.58
N GLN A 44 8.42 -4.27 0.48
CA GLN A 44 9.69 -4.92 0.24
C GLN A 44 10.24 -4.54 -1.13
N ILE A 45 9.34 -4.48 -2.12
CA ILE A 45 9.72 -4.12 -3.48
C ILE A 45 10.26 -2.70 -3.54
N LEU A 46 9.87 -1.87 -2.58
CA LEU A 46 10.34 -0.51 -2.54
C LEU A 46 11.65 -0.43 -1.77
N LYS A 47 11.71 -1.16 -0.67
CA LYS A 47 12.90 -1.19 0.17
C LYS A 47 14.01 -2.02 -0.49
N GLU A 48 13.62 -2.92 -1.39
CA GLU A 48 14.58 -3.77 -2.07
C GLU A 48 15.56 -2.92 -2.88
N PRO A 49 16.85 -2.87 -2.48
CA PRO A 49 17.86 -2.08 -3.18
C PRO A 49 17.91 -2.37 -4.67
N LYS A 50 17.44 -3.55 -5.06
CA LYS A 50 17.41 -3.93 -6.47
C LYS A 50 16.08 -3.55 -7.11
N MET A 51 15.43 -2.54 -6.54
CA MET A 51 14.16 -2.07 -7.05
C MET A 51 14.09 -0.54 -7.03
N ALA A 52 14.64 0.06 -5.98
CA ALA A 52 14.63 1.51 -5.83
C ALA A 52 15.09 2.20 -7.11
N ALA A 53 15.94 1.52 -7.87
CA ALA A 53 16.46 2.07 -9.12
C ALA A 53 15.48 1.84 -10.27
N SER A 54 14.67 0.79 -10.16
CA SER A 54 13.69 0.47 -11.19
C SER A 54 12.35 1.13 -10.91
N LEU A 55 12.07 1.38 -9.64
CA LEU A 55 10.82 2.02 -9.24
C LEU A 55 10.81 3.49 -9.61
N LEU A 56 11.95 4.15 -9.49
CA LEU A 56 12.07 5.56 -9.82
C LEU A 56 12.87 5.78 -11.10
N ASN A 57 12.92 4.75 -11.93
CA ASN A 57 13.66 4.82 -13.19
C ASN A 57 12.80 5.44 -14.29
N PRO A 58 13.41 6.27 -15.17
CA PRO A 58 12.68 6.92 -16.26
C PRO A 58 12.36 5.95 -17.40
N TYR A 59 12.85 4.72 -17.30
CA TYR A 59 12.61 3.72 -18.33
C TYR A 59 11.30 2.96 -18.05
N VAL A 60 11.09 2.59 -16.81
CA VAL A 60 9.89 1.87 -16.41
C VAL A 60 8.64 2.69 -16.70
N LYS A 61 8.79 4.01 -16.72
CA LYS A 61 7.67 4.91 -16.99
C LYS A 61 6.57 4.73 -15.95
N ARG A 62 5.41 5.33 -16.21
CA ARG A 62 4.28 5.23 -15.30
C ARG A 62 3.26 4.22 -15.81
N SER A 63 2.70 4.48 -16.98
CA SER A 63 1.71 3.59 -17.58
C SER A 63 2.29 2.19 -17.81
N VAL A 64 3.50 2.15 -18.37
CA VAL A 64 4.17 0.88 -18.63
C VAL A 64 4.35 0.08 -17.35
N LYS A 65 4.76 0.77 -16.29
CA LYS A 65 4.97 0.12 -15.00
C LYS A 65 3.70 -0.57 -14.51
N VAL A 66 2.55 0.00 -14.88
CA VAL A 66 1.27 -0.56 -14.48
C VAL A 66 1.10 -1.98 -15.02
N LYS A 67 1.48 -2.18 -16.28
CA LYS A 67 1.37 -3.49 -16.90
C LYS A 67 2.35 -4.48 -16.28
N SER A 68 3.52 -3.97 -15.88
CA SER A 68 4.55 -4.81 -15.27
C SER A 68 4.12 -5.24 -13.86
N LEU A 69 3.35 -4.38 -13.20
CA LEU A 69 2.88 -4.67 -11.85
C LEU A 69 1.86 -5.79 -11.86
N SER A 70 0.99 -5.80 -12.88
CA SER A 70 -0.04 -6.83 -12.99
C SER A 70 0.57 -8.18 -13.34
N ASP A 71 1.71 -8.16 -14.02
CA ASP A 71 2.39 -9.38 -14.39
C ASP A 71 3.39 -9.76 -13.32
N MET A 72 3.96 -8.75 -12.68
CA MET A 72 4.92 -8.97 -11.61
C MET A 72 4.19 -9.30 -10.32
N THR A 73 2.98 -8.78 -10.18
CA THR A 73 2.19 -9.06 -8.99
C THR A 73 1.87 -10.54 -8.93
N ALA A 74 1.77 -11.18 -10.10
CA ALA A 74 1.50 -12.60 -10.16
C ALA A 74 2.45 -13.33 -9.22
N LYS A 75 3.65 -12.76 -9.04
CA LYS A 75 4.64 -13.34 -8.16
C LYS A 75 4.59 -12.68 -6.78
N GLU A 76 4.11 -11.45 -6.72
CA GLU A 76 4.01 -10.72 -5.46
C GLU A 76 2.90 -11.31 -4.59
N LYS A 77 1.65 -11.22 -5.08
CA LYS A 77 0.48 -11.74 -4.37
C LYS A 77 -0.79 -11.00 -4.77
N PHE A 78 -0.68 -9.70 -5.01
CA PHE A 78 -1.83 -8.88 -5.39
C PHE A 78 -2.72 -9.56 -6.39
N SER A 79 -3.90 -8.99 -6.54
CA SER A 79 -4.89 -9.48 -7.48
C SER A 79 -6.30 -9.06 -7.11
N PRO A 80 -6.67 -9.09 -5.82
CA PRO A 80 -8.00 -8.77 -5.38
C PRO A 80 -8.16 -7.37 -4.79
N LEU A 81 -7.69 -7.16 -3.56
CA LEU A 81 -7.82 -5.86 -2.93
C LEU A 81 -6.58 -5.04 -3.18
N THR A 82 -5.67 -5.62 -3.94
CA THR A 82 -4.43 -4.98 -4.28
C THR A 82 -4.31 -4.79 -5.78
N SER A 83 -5.28 -5.31 -6.53
CA SER A 83 -5.25 -5.15 -7.98
C SER A 83 -5.85 -3.82 -8.40
N ASN A 84 -5.79 -2.86 -7.48
CA ASN A 84 -6.29 -1.52 -7.71
C ASN A 84 -5.29 -0.57 -7.10
N LEU A 85 -4.89 -0.90 -5.88
CA LEU A 85 -3.88 -0.13 -5.19
C LEU A 85 -2.56 -0.32 -5.92
N ILE A 86 -2.49 -1.39 -6.73
CA ILE A 86 -1.28 -1.67 -7.50
C ILE A 86 -1.08 -0.60 -8.57
N ASN A 87 -2.09 -0.41 -9.40
CA ASN A 87 -2.01 0.58 -10.46
C ASN A 87 -2.06 1.99 -9.86
N LEU A 88 -2.59 2.10 -8.65
CA LEU A 88 -2.70 3.37 -7.96
C LEU A 88 -1.35 3.79 -7.38
N LEU A 89 -0.56 2.82 -6.93
CA LEU A 89 0.74 3.10 -6.35
C LEU A 89 1.77 3.35 -7.45
N ALA A 90 1.59 2.67 -8.58
CA ALA A 90 2.50 2.81 -9.71
C ALA A 90 2.08 3.95 -10.64
N GLU A 91 0.90 4.52 -10.38
CA GLU A 91 0.40 5.62 -11.20
C GLU A 91 0.56 6.96 -10.50
N ASN A 92 -0.12 7.10 -9.36
CA ASN A 92 -0.06 8.33 -8.58
C ASN A 92 1.39 8.70 -8.24
N GLY A 93 2.26 7.69 -8.23
CA GLY A 93 3.67 7.93 -7.91
C GLY A 93 3.94 7.87 -6.43
N ARG A 94 3.19 7.02 -5.72
CA ARG A 94 3.35 6.86 -4.28
C ARG A 94 4.22 5.66 -3.96
N LEU A 95 5.17 5.36 -4.84
CA LEU A 95 6.06 4.23 -4.64
C LEU A 95 7.39 4.69 -4.03
N THR A 96 7.34 5.78 -3.29
CA THR A 96 8.53 6.33 -2.64
C THR A 96 8.38 6.24 -1.13
N ASN A 97 7.16 6.49 -0.66
CA ASN A 97 6.85 6.44 0.76
C ASN A 97 5.70 5.48 1.01
N THR A 98 5.58 4.48 0.15
CA THR A 98 4.51 3.49 0.28
C THR A 98 4.60 2.69 1.59
N PRO A 99 5.80 2.45 2.12
CA PRO A 99 5.95 1.69 3.37
C PRO A 99 5.10 2.26 4.50
N ALA A 100 4.77 3.54 4.40
CA ALA A 100 3.96 4.21 5.39
C ALA A 100 2.49 3.84 5.23
N VAL A 101 2.09 3.54 4.00
CA VAL A 101 0.71 3.16 3.71
C VAL A 101 0.40 1.76 4.23
N ILE A 102 1.44 0.93 4.29
CA ILE A 102 1.27 -0.44 4.76
C ILE A 102 1.12 -0.49 6.28
N SER A 103 1.96 0.27 6.98
CA SER A 103 1.91 0.32 8.43
C SER A 103 0.60 0.91 8.93
N ALA A 104 0.23 2.07 8.40
CA ALA A 104 -1.01 2.72 8.78
C ALA A 104 -2.19 1.80 8.55
N PHE A 105 -2.04 0.87 7.61
CA PHE A 105 -3.09 -0.08 7.29
C PHE A 105 -3.43 -0.95 8.50
N SER A 106 -2.40 -1.38 9.21
CA SER A 106 -2.60 -2.22 10.39
C SER A 106 -3.42 -1.50 11.45
N THR A 107 -3.07 -0.25 11.72
CA THR A 107 -3.79 0.55 12.71
C THR A 107 -5.19 0.88 12.24
N MET A 108 -5.32 1.21 10.95
CA MET A 108 -6.62 1.53 10.39
C MET A 108 -7.47 0.27 10.29
N MET A 109 -6.79 -0.89 10.28
CA MET A 109 -7.46 -2.17 10.20
C MET A 109 -8.10 -2.54 11.54
N SER A 110 -7.77 -1.78 12.59
CA SER A 110 -8.32 -2.05 13.91
C SER A 110 -9.52 -1.16 14.19
N VAL A 111 -9.60 -0.04 13.48
CA VAL A 111 -10.70 0.89 13.65
C VAL A 111 -11.96 0.41 12.91
N HIS A 112 -11.77 -0.54 11.99
CA HIS A 112 -12.87 -1.08 11.23
C HIS A 112 -13.70 -2.04 12.08
N ARG A 113 -13.06 -2.65 13.07
CA ARG A 113 -13.74 -3.60 13.95
C ARG A 113 -14.79 -2.89 14.79
N GLY A 114 -14.47 -1.68 15.23
CA GLY A 114 -15.40 -0.91 16.05
C GLY A 114 -16.35 -0.08 15.22
N GLU A 115 -15.89 0.34 14.04
CA GLU A 115 -16.72 1.16 13.15
C GLU A 115 -17.81 0.32 12.50
N VAL A 116 -17.51 -0.96 12.27
CA VAL A 116 -18.48 -1.86 11.65
C VAL A 116 -18.90 -2.96 12.62
N PRO A 117 -19.94 -2.69 13.43
CA PRO A 117 -20.43 -3.67 14.42
C PRO A 117 -20.74 -5.02 13.78
N CYS A 118 -20.63 -6.08 14.57
CA CYS A 118 -20.89 -7.43 14.09
C CYS A 118 -21.75 -8.21 15.09
N THR A 119 -22.35 -9.29 14.62
CA THR A 119 -23.20 -10.12 15.46
C THR A 119 -22.96 -11.60 15.18
N VAL A 120 -23.05 -11.98 13.91
CA VAL A 120 -22.85 -13.36 13.51
C VAL A 120 -21.42 -13.60 13.03
N PHE A 1 0.05 30.41 26.13
CA PHE A 1 0.92 29.29 25.68
C PHE A 1 0.30 28.53 24.52
N ALA A 2 0.95 27.45 24.12
CA ALA A 2 0.45 26.63 23.01
C ALA A 2 0.47 25.15 23.37
N LYS A 3 0.03 24.31 22.45
CA LYS A 3 -0.02 22.87 22.67
C LYS A 3 -0.41 22.13 21.40
N LEU A 4 -1.39 22.68 20.68
CA LEU A 4 -1.86 22.07 19.44
C LEU A 4 -0.88 22.34 18.30
N VAL A 5 -0.10 21.32 17.93
CA VAL A 5 0.88 21.45 16.86
C VAL A 5 1.59 20.12 16.61
N ARG A 6 0.82 19.09 16.28
CA ARG A 6 1.38 17.77 16.02
C ARG A 6 2.37 17.83 14.85
N PRO A 7 3.38 16.94 14.86
CA PRO A 7 4.40 16.88 13.80
C PRO A 7 3.82 16.38 12.48
N PRO A 8 4.44 16.77 11.35
CA PRO A 8 3.99 16.36 10.02
C PRO A 8 4.25 14.88 9.75
N VAL A 9 5.43 14.40 10.16
CA VAL A 9 5.80 13.01 9.96
C VAL A 9 5.58 12.20 11.23
N GLN A 10 4.40 11.56 11.33
CA GLN A 10 4.07 10.76 12.51
C GLN A 10 3.08 9.66 12.14
N ILE A 11 1.94 10.05 11.57
CA ILE A 11 0.92 9.09 11.18
C ILE A 11 0.50 9.29 9.73
N TYR A 12 0.68 10.51 9.22
CA TYR A 12 0.36 10.83 7.83
C TYR A 12 -0.99 10.25 7.42
N GLY A 13 -2.04 11.04 7.63
CA GLY A 13 -3.38 10.60 7.31
C GLY A 13 -3.61 10.51 5.80
N ILE A 14 -2.97 11.40 5.05
CA ILE A 14 -3.13 11.42 3.59
C ILE A 14 -2.58 10.13 2.98
N GLU A 15 -1.38 9.74 3.38
CA GLU A 15 -0.77 8.53 2.87
C GLU A 15 -1.48 7.31 3.42
N GLY A 16 -1.90 7.40 4.68
CA GLY A 16 -2.60 6.30 5.30
C GLY A 16 -4.00 6.15 4.75
N ARG A 17 -4.60 7.28 4.36
CA ARG A 17 -5.94 7.28 3.79
C ARG A 17 -5.97 6.53 2.47
N TYR A 18 -4.84 6.55 1.75
CA TYR A 18 -4.74 5.86 0.47
C TYR A 18 -5.14 4.39 0.63
N ALA A 19 -4.56 3.74 1.62
CA ALA A 19 -4.85 2.35 1.89
C ALA A 19 -6.25 2.19 2.47
N THR A 20 -6.68 3.19 3.22
CA THR A 20 -8.02 3.17 3.82
C THR A 20 -9.08 3.37 2.75
N ALA A 21 -8.72 4.09 1.68
CA ALA A 21 -9.66 4.33 0.60
C ALA A 21 -9.65 3.18 -0.39
N LEU A 22 -8.86 2.15 -0.10
CA LEU A 22 -8.79 0.97 -0.95
C LEU A 22 -9.29 -0.22 -0.17
N TYR A 23 -8.88 -0.28 1.08
CA TYR A 23 -9.32 -1.33 1.96
C TYR A 23 -10.73 -1.00 2.44
N SER A 24 -11.13 0.27 2.33
CA SER A 24 -12.48 0.68 2.74
C SER A 24 -13.48 -0.27 2.11
N ALA A 25 -13.17 -0.71 0.89
CA ALA A 25 -14.01 -1.66 0.18
C ALA A 25 -13.71 -3.06 0.68
N ALA A 26 -12.44 -3.29 1.04
CA ALA A 26 -12.02 -4.57 1.56
C ALA A 26 -12.61 -4.81 2.95
N SER A 27 -12.93 -3.71 3.64
CA SER A 27 -13.51 -3.78 4.96
C SER A 27 -14.91 -4.37 4.90
N LYS A 28 -15.73 -3.84 4.00
CA LYS A 28 -17.09 -4.34 3.82
C LYS A 28 -17.08 -5.86 3.69
N GLN A 29 -15.99 -6.38 3.14
CA GLN A 29 -15.82 -7.81 2.95
C GLN A 29 -15.05 -8.40 4.14
N ASN A 30 -13.73 -8.18 4.13
CA ASN A 30 -12.83 -8.66 5.18
C ASN A 30 -11.49 -9.06 4.56
N LYS A 31 -11.16 -8.46 3.42
CA LYS A 31 -9.93 -8.76 2.74
C LYS A 31 -8.75 -7.98 3.32
N LEU A 32 -8.98 -7.22 4.39
CA LEU A 32 -7.90 -6.45 5.03
C LEU A 32 -6.64 -7.30 5.13
N GLU A 33 -6.81 -8.60 5.27
CA GLU A 33 -5.69 -9.52 5.36
C GLU A 33 -5.04 -9.68 3.99
N GLN A 34 -5.89 -9.79 2.96
CA GLN A 34 -5.42 -9.93 1.59
C GLN A 34 -4.93 -8.59 1.04
N VAL A 35 -5.20 -7.51 1.77
CA VAL A 35 -4.78 -6.17 1.37
C VAL A 35 -3.63 -5.69 2.24
N GLU A 36 -3.61 -6.15 3.49
CA GLU A 36 -2.57 -5.78 4.43
C GLU A 36 -1.29 -6.52 4.10
N LYS A 37 -1.39 -7.84 3.95
CA LYS A 37 -0.24 -8.65 3.60
C LYS A 37 0.22 -8.27 2.20
N GLU A 38 -0.73 -7.82 1.39
CA GLU A 38 -0.45 -7.39 0.03
C GLU A 38 -0.05 -5.91 0.00
N LEU A 39 0.19 -5.34 1.18
CA LEU A 39 0.60 -3.95 1.28
C LEU A 39 2.06 -3.87 1.70
N LEU A 40 2.46 -4.81 2.56
CA LEU A 40 3.84 -4.87 3.03
C LEU A 40 4.75 -5.36 1.91
N ARG A 41 4.17 -6.13 0.99
CA ARG A 41 4.94 -6.66 -0.13
C ARG A 41 5.38 -5.53 -1.05
N VAL A 42 4.49 -4.58 -1.28
CA VAL A 42 4.80 -3.44 -2.13
C VAL A 42 5.92 -2.59 -1.54
N GLY A 43 6.16 -2.74 -0.24
CA GLY A 43 7.20 -2.00 0.42
C GLY A 43 8.58 -2.60 0.18
N GLN A 44 8.64 -3.93 0.21
CA GLN A 44 9.90 -4.64 -0.01
C GLN A 44 10.33 -4.52 -1.46
N ILE A 45 9.35 -4.46 -2.36
CA ILE A 45 9.62 -4.34 -3.78
C ILE A 45 10.33 -3.02 -4.10
N LEU A 46 10.07 -2.01 -3.27
CA LEU A 46 10.69 -0.70 -3.47
C LEU A 46 12.13 -0.70 -2.96
N LYS A 47 12.34 -1.32 -1.81
CA LYS A 47 13.67 -1.39 -1.21
C LYS A 47 14.54 -2.40 -1.96
N GLU A 48 13.91 -3.32 -2.69
CA GLU A 48 14.62 -4.33 -3.44
C GLU A 48 15.61 -3.68 -4.42
N PRO A 49 16.90 -4.06 -4.36
CA PRO A 49 17.94 -3.51 -5.23
C PRO A 49 17.57 -3.64 -6.71
N LYS A 50 17.37 -4.86 -7.16
CA LYS A 50 17.01 -5.12 -8.55
C LYS A 50 15.74 -4.38 -8.94
N MET A 51 14.86 -4.19 -7.96
CA MET A 51 13.60 -3.49 -8.19
C MET A 51 13.81 -1.98 -8.28
N ALA A 52 14.71 -1.47 -7.43
CA ALA A 52 15.00 -0.04 -7.40
C ALA A 52 15.36 0.47 -8.79
N ALA A 53 15.92 -0.40 -9.61
CA ALA A 53 16.31 -0.04 -10.97
C ALA A 53 15.10 0.11 -11.88
N SER A 54 13.92 -0.29 -11.39
CA SER A 54 12.70 -0.20 -12.17
C SER A 54 11.68 0.72 -11.49
N LEU A 55 11.47 0.51 -10.20
CA LEU A 55 10.52 1.30 -9.43
C LEU A 55 11.05 2.71 -9.21
N LEU A 56 12.37 2.83 -9.05
CA LEU A 56 13.00 4.13 -8.83
C LEU A 56 13.39 4.78 -10.14
N ASN A 57 13.56 3.97 -11.18
CA ASN A 57 13.94 4.49 -12.49
C ASN A 57 12.78 5.27 -13.13
N PRO A 58 12.93 6.60 -13.29
CA PRO A 58 11.91 7.45 -13.89
C PRO A 58 11.76 7.23 -15.40
N TYR A 59 12.48 6.23 -15.92
CA TYR A 59 12.45 5.92 -17.34
C TYR A 59 11.28 5.01 -17.68
N VAL A 60 10.82 4.24 -16.69
CA VAL A 60 9.70 3.32 -16.89
C VAL A 60 8.48 4.05 -17.45
N LYS A 61 8.17 5.20 -16.85
CA LYS A 61 7.03 6.00 -17.28
C LYS A 61 5.71 5.38 -16.84
N ARG A 62 4.67 6.21 -16.72
CA ARG A 62 3.36 5.74 -16.31
C ARG A 62 2.86 4.62 -17.23
N SER A 63 1.95 3.80 -16.71
CA SER A 63 1.40 2.69 -17.48
C SER A 63 2.40 1.54 -17.56
N VAL A 64 3.60 1.83 -18.05
CA VAL A 64 4.64 0.82 -18.18
C VAL A 64 4.84 0.08 -16.86
N LYS A 65 5.22 0.81 -15.82
CA LYS A 65 5.44 0.22 -14.51
C LYS A 65 4.17 -0.46 -14.01
N VAL A 66 3.03 0.04 -14.46
CA VAL A 66 1.74 -0.52 -14.07
C VAL A 66 1.53 -1.91 -14.65
N LYS A 67 2.04 -2.11 -15.87
CA LYS A 67 1.92 -3.39 -16.55
C LYS A 67 2.90 -4.41 -15.98
N SER A 68 4.06 -3.91 -15.54
CA SER A 68 5.08 -4.77 -14.97
C SER A 68 4.73 -5.16 -13.52
N LEU A 69 4.01 -4.28 -12.85
CA LEU A 69 3.61 -4.54 -11.47
C LEU A 69 2.44 -5.51 -11.40
N SER A 70 1.60 -5.49 -12.44
CA SER A 70 0.44 -6.36 -12.50
C SER A 70 0.83 -7.79 -12.87
N ASP A 71 1.95 -7.92 -13.58
CA ASP A 71 2.43 -9.24 -13.98
C ASP A 71 3.36 -9.79 -12.92
N MET A 72 4.14 -8.90 -12.32
CA MET A 72 5.05 -9.29 -11.25
C MET A 72 4.28 -9.58 -9.98
N THR A 73 3.08 -9.01 -9.87
CA THR A 73 2.26 -9.25 -8.70
C THR A 73 1.89 -10.72 -8.62
N ALA A 74 1.76 -11.35 -9.78
CA ALA A 74 1.44 -12.77 -9.82
C ALA A 74 2.37 -13.54 -8.90
N LYS A 75 3.56 -13.00 -8.70
CA LYS A 75 4.56 -13.64 -7.84
C LYS A 75 4.62 -12.95 -6.47
N GLU A 76 4.11 -11.72 -6.39
CA GLU A 76 4.12 -10.98 -5.13
C GLU A 76 3.05 -11.50 -4.19
N LYS A 77 1.79 -11.36 -4.61
CA LYS A 77 0.64 -11.81 -3.81
C LYS A 77 -0.64 -11.08 -4.23
N PHE A 78 -0.49 -9.81 -4.59
CA PHE A 78 -1.63 -8.99 -4.99
C PHE A 78 -2.48 -9.66 -6.03
N SER A 79 -3.49 -8.90 -6.47
CA SER A 79 -4.43 -9.33 -7.49
C SER A 79 -5.86 -8.94 -7.13
N PRO A 80 -6.24 -9.03 -5.84
CA PRO A 80 -7.60 -8.73 -5.42
C PRO A 80 -7.79 -7.36 -4.80
N LEU A 81 -7.32 -7.17 -3.57
CA LEU A 81 -7.48 -5.89 -2.91
C LEU A 81 -6.25 -5.04 -3.12
N THR A 82 -5.31 -5.60 -3.88
CA THR A 82 -4.08 -4.93 -4.17
C THR A 82 -3.91 -4.76 -5.67
N SER A 83 -4.89 -5.25 -6.45
CA SER A 83 -4.83 -5.09 -7.89
C SER A 83 -5.47 -3.78 -8.32
N ASN A 84 -5.40 -2.81 -7.44
CA ASN A 84 -5.94 -1.49 -7.66
C ASN A 84 -5.01 -0.51 -7.00
N LEU A 85 -4.62 -0.85 -5.77
CA LEU A 85 -3.68 -0.05 -5.02
C LEU A 85 -2.31 -0.19 -5.69
N ILE A 86 -2.14 -1.25 -6.52
CA ILE A 86 -0.89 -1.46 -7.21
C ILE A 86 -0.69 -0.42 -8.31
N ASN A 87 -1.71 -0.28 -9.16
CA ASN A 87 -1.65 0.69 -10.25
C ASN A 87 -1.74 2.11 -9.70
N LEU A 88 -2.42 2.26 -8.57
CA LEU A 88 -2.57 3.57 -7.93
C LEU A 88 -1.28 4.01 -7.27
N LEU A 89 -0.52 3.04 -6.76
CA LEU A 89 0.75 3.34 -6.10
C LEU A 89 1.80 3.73 -7.12
N ALA A 90 1.68 3.20 -8.34
CA ALA A 90 2.62 3.50 -9.40
C ALA A 90 2.05 4.53 -10.38
N GLU A 91 0.96 5.20 -9.97
CA GLU A 91 0.34 6.20 -10.83
C GLU A 91 0.73 7.60 -10.39
N ASN A 92 0.32 7.97 -9.18
CA ASN A 92 0.63 9.29 -8.64
C ASN A 92 2.07 9.35 -8.13
N GLY A 93 2.58 8.21 -7.69
CA GLY A 93 3.94 8.16 -7.19
C GLY A 93 3.99 7.95 -5.68
N ARG A 94 2.96 7.31 -5.14
CA ARG A 94 2.89 7.05 -3.71
C ARG A 94 4.03 6.13 -3.26
N LEU A 95 4.60 5.38 -4.21
CA LEU A 95 5.70 4.47 -3.90
C LEU A 95 6.82 5.20 -3.17
N THR A 96 7.87 4.46 -2.81
CA THR A 96 9.01 5.02 -2.09
C THR A 96 8.71 5.06 -0.59
N ASN A 97 7.59 5.69 -0.25
CA ASN A 97 7.16 5.78 1.15
C ASN A 97 6.13 4.70 1.45
N THR A 98 6.15 3.64 0.63
CA THR A 98 5.22 2.52 0.79
C THR A 98 5.06 2.11 2.25
N PRO A 99 6.16 1.71 2.92
CA PRO A 99 6.13 1.29 4.32
C PRO A 99 5.30 2.23 5.20
N ALA A 100 5.22 3.49 4.80
CA ALA A 100 4.45 4.48 5.55
C ALA A 100 2.95 4.29 5.30
N VAL A 101 2.60 3.93 4.08
CA VAL A 101 1.21 3.73 3.71
C VAL A 101 0.66 2.44 4.33
N ILE A 102 1.56 1.48 4.56
CA ILE A 102 1.17 0.20 5.14
C ILE A 102 0.94 0.32 6.64
N SER A 103 1.78 1.11 7.30
CA SER A 103 1.66 1.32 8.74
C SER A 103 0.27 1.84 9.10
N ALA A 104 -0.24 2.75 8.28
CA ALA A 104 -1.56 3.32 8.51
C ALA A 104 -2.63 2.23 8.46
N PHE A 105 -2.41 1.25 7.58
CA PHE A 105 -3.35 0.14 7.43
C PHE A 105 -3.58 -0.56 8.76
N SER A 106 -2.53 -0.64 9.58
CA SER A 106 -2.63 -1.29 10.88
C SER A 106 -3.64 -0.58 11.77
N THR A 107 -3.51 0.74 11.86
CA THR A 107 -4.43 1.53 12.67
C THR A 107 -5.74 1.75 11.93
N MET A 108 -5.70 1.61 10.60
CA MET A 108 -6.88 1.77 9.79
C MET A 108 -7.68 0.48 9.77
N MET A 109 -6.99 -0.65 9.92
CA MET A 109 -7.64 -1.95 9.93
C MET A 109 -8.16 -2.30 11.33
N SER A 110 -7.97 -1.40 12.29
CA SER A 110 -8.44 -1.62 13.64
C SER A 110 -9.70 -0.80 13.91
N VAL A 111 -9.87 0.27 13.15
CA VAL A 111 -11.04 1.13 13.31
C VAL A 111 -12.25 0.51 12.62
N HIS A 112 -12.03 -0.53 11.83
CA HIS A 112 -13.11 -1.20 11.12
C HIS A 112 -13.85 -2.17 12.06
N ARG A 113 -13.15 -2.67 13.07
CA ARG A 113 -13.74 -3.59 14.01
C ARG A 113 -14.78 -2.89 14.87
N GLY A 114 -14.55 -1.61 15.16
CA GLY A 114 -15.48 -0.86 15.97
C GLY A 114 -16.53 -0.15 15.13
N GLU A 115 -16.18 0.16 13.89
CA GLU A 115 -17.11 0.85 12.99
C GLU A 115 -17.79 -0.14 12.04
N VAL A 116 -18.13 -1.31 12.57
CA VAL A 116 -18.78 -2.35 11.77
C VAL A 116 -20.28 -2.08 11.62
N PRO A 117 -20.97 -1.71 12.72
CA PRO A 117 -22.41 -1.44 12.69
C PRO A 117 -22.78 -0.42 11.62
N CYS A 118 -22.22 0.79 11.74
CA CYS A 118 -22.49 1.86 10.79
C CYS A 118 -21.51 3.02 10.99
N THR A 119 -21.81 4.14 10.34
CA THR A 119 -20.95 5.32 10.44
C THR A 119 -20.89 5.83 11.88
N VAL A 120 -20.00 5.24 12.67
CA VAL A 120 -19.85 5.64 14.06
C VAL A 120 -21.15 5.44 14.84
N PHE A 1 18.83 19.30 2.94
CA PHE A 1 18.77 19.65 4.38
C PHE A 1 20.17 19.70 5.00
N ALA A 2 20.35 20.61 5.95
CA ALA A 2 21.63 20.78 6.62
C ALA A 2 21.57 20.27 8.06
N LYS A 3 20.49 20.60 8.76
CA LYS A 3 20.31 20.17 10.13
C LYS A 3 19.26 19.07 10.23
N LEU A 4 19.22 18.21 9.23
CA LEU A 4 18.27 17.10 9.20
C LEU A 4 16.84 17.63 9.23
N VAL A 5 15.88 16.71 9.23
CA VAL A 5 14.46 17.08 9.25
C VAL A 5 13.60 15.93 9.76
N ARG A 6 13.99 15.38 10.91
CA ARG A 6 13.25 14.26 11.50
C ARG A 6 13.23 13.06 10.56
N PRO A 7 14.24 12.18 10.67
CA PRO A 7 14.33 10.99 9.83
C PRO A 7 13.10 10.09 9.94
N PRO A 8 12.62 9.83 11.17
CA PRO A 8 11.44 8.99 11.40
C PRO A 8 10.24 9.43 10.57
N VAL A 9 9.54 8.46 9.99
CA VAL A 9 8.38 8.75 9.17
C VAL A 9 7.44 7.55 9.11
N GLN A 10 6.20 7.75 9.54
CA GLN A 10 5.20 6.70 9.53
C GLN A 10 3.87 7.20 10.10
N ILE A 11 2.78 6.93 9.39
CA ILE A 11 1.46 7.37 9.84
C ILE A 11 1.38 8.89 9.85
N TYR A 12 0.40 9.44 9.14
CA TYR A 12 0.24 10.88 9.05
C TYR A 12 -1.22 11.27 8.82
N GLY A 13 -1.74 10.92 7.65
CA GLY A 13 -3.12 11.23 7.33
C GLY A 13 -3.43 11.03 5.86
N ILE A 14 -3.01 11.98 5.03
CA ILE A 14 -3.26 11.90 3.59
C ILE A 14 -2.74 10.59 3.02
N GLU A 15 -1.51 10.23 3.40
CA GLU A 15 -0.91 8.99 2.92
C GLU A 15 -1.58 7.78 3.57
N GLY A 16 -2.01 7.96 4.81
CA GLY A 16 -2.68 6.88 5.51
C GLY A 16 -4.09 6.66 5.02
N ARG A 17 -4.70 7.73 4.51
CA ARG A 17 -6.06 7.65 3.99
C ARG A 17 -6.08 6.89 2.67
N TYR A 18 -4.97 6.91 1.95
CA TYR A 18 -4.86 6.20 0.69
C TYR A 18 -5.25 4.73 0.86
N ALA A 19 -4.64 4.09 1.84
CA ALA A 19 -4.91 2.70 2.13
C ALA A 19 -6.32 2.53 2.66
N THR A 20 -6.74 3.45 3.53
CA THR A 20 -8.08 3.39 4.10
C THR A 20 -9.13 3.70 3.06
N ALA A 21 -8.73 4.40 1.99
CA ALA A 21 -9.67 4.73 0.93
C ALA A 21 -9.66 3.67 -0.16
N LEU A 22 -8.86 2.63 0.05
CA LEU A 22 -8.78 1.52 -0.90
C LEU A 22 -9.17 0.25 -0.18
N TYR A 23 -8.71 0.15 1.06
CA TYR A 23 -9.05 -0.98 1.88
C TYR A 23 -10.46 -0.79 2.44
N SER A 24 -10.94 0.47 2.43
CA SER A 24 -12.30 0.74 2.92
C SER A 24 -13.26 -0.22 2.26
N ALA A 25 -13.07 -0.44 0.97
CA ALA A 25 -13.90 -1.38 0.23
C ALA A 25 -13.54 -2.78 0.65
N ALA A 26 -12.24 -2.99 0.89
CA ALA A 26 -11.75 -4.29 1.33
C ALA A 26 -12.29 -4.63 2.72
N SER A 27 -12.55 -3.60 3.52
CA SER A 27 -13.07 -3.79 4.87
C SER A 27 -14.47 -4.37 4.82
N LYS A 28 -15.33 -3.78 4.00
CA LYS A 28 -16.70 -4.26 3.84
C LYS A 28 -16.71 -5.74 3.52
N GLN A 29 -15.69 -6.19 2.79
CA GLN A 29 -15.57 -7.58 2.42
C GLN A 29 -14.83 -8.36 3.52
N ASN A 30 -13.78 -7.74 4.06
CA ASN A 30 -12.97 -8.34 5.12
C ASN A 30 -11.73 -8.99 4.52
N LYS A 31 -11.25 -8.39 3.43
CA LYS A 31 -10.06 -8.88 2.75
C LYS A 31 -8.79 -8.24 3.30
N LEU A 32 -8.91 -7.53 4.43
CA LEU A 32 -7.76 -6.88 5.05
C LEU A 32 -6.57 -7.83 5.10
N GLU A 33 -6.84 -9.12 5.17
CA GLU A 33 -5.78 -10.12 5.20
C GLU A 33 -5.17 -10.28 3.81
N GLN A 34 -6.01 -10.10 2.79
CA GLN A 34 -5.57 -10.20 1.40
C GLN A 34 -5.06 -8.86 0.89
N VAL A 35 -5.29 -7.80 1.67
CA VAL A 35 -4.85 -6.46 1.28
C VAL A 35 -3.70 -6.01 2.16
N GLU A 36 -3.68 -6.48 3.41
CA GLU A 36 -2.63 -6.14 4.35
C GLU A 36 -1.36 -6.86 3.98
N LYS A 37 -1.49 -8.16 3.72
CA LYS A 37 -0.35 -8.96 3.30
C LYS A 37 0.08 -8.48 1.92
N GLU A 38 -0.89 -7.97 1.17
CA GLU A 38 -0.65 -7.44 -0.15
C GLU A 38 -0.27 -5.97 -0.09
N LEU A 39 0.00 -5.47 1.12
CA LEU A 39 0.38 -4.09 1.31
C LEU A 39 1.85 -4.02 1.73
N LEU A 40 2.27 -5.04 2.48
CA LEU A 40 3.65 -5.12 2.93
C LEU A 40 4.55 -5.45 1.76
N ARG A 41 3.99 -6.16 0.76
CA ARG A 41 4.75 -6.53 -0.42
C ARG A 41 5.21 -5.29 -1.18
N VAL A 42 4.29 -4.34 -1.37
CA VAL A 42 4.60 -3.11 -2.07
C VAL A 42 5.62 -2.28 -1.29
N GLY A 43 5.66 -2.50 0.02
CA GLY A 43 6.61 -1.78 0.86
C GLY A 43 7.95 -2.46 0.90
N GLN A 44 7.92 -3.79 0.84
CA GLN A 44 9.13 -4.58 0.86
C GLN A 44 9.83 -4.52 -0.49
N ILE A 45 9.04 -4.31 -1.55
CA ILE A 45 9.57 -4.22 -2.89
C ILE A 45 10.21 -2.85 -3.15
N LEU A 46 10.05 -1.95 -2.20
CA LEU A 46 10.63 -0.62 -2.33
C LEU A 46 11.86 -0.51 -1.44
N LYS A 47 11.92 -1.34 -0.41
CA LYS A 47 13.04 -1.35 0.51
C LYS A 47 14.22 -2.12 -0.09
N GLU A 48 13.93 -3.05 -1.00
CA GLU A 48 14.97 -3.84 -1.63
C GLU A 48 15.67 -3.03 -2.73
N PRO A 49 17.00 -3.20 -2.87
CA PRO A 49 17.78 -2.49 -3.88
C PRO A 49 17.64 -3.11 -5.27
N LYS A 50 17.34 -4.40 -5.31
CA LYS A 50 17.17 -5.11 -6.57
C LYS A 50 15.85 -4.74 -7.24
N MET A 51 14.87 -4.35 -6.42
CA MET A 51 13.56 -3.97 -6.93
C MET A 51 13.24 -2.52 -6.59
N ALA A 52 14.28 -1.72 -6.37
CA ALA A 52 14.10 -0.31 -6.05
C ALA A 52 14.42 0.57 -7.25
N ALA A 53 15.51 0.25 -7.93
CA ALA A 53 15.93 1.01 -9.11
C ALA A 53 15.00 0.73 -10.28
N SER A 54 14.41 -0.46 -10.30
CA SER A 54 13.50 -0.85 -11.37
C SER A 54 12.14 -0.16 -11.19
N LEU A 55 11.79 0.14 -9.95
CA LEU A 55 10.52 0.79 -9.66
C LEU A 55 10.61 2.29 -9.96
N LEU A 56 11.81 2.84 -9.85
CA LEU A 56 12.03 4.27 -10.13
C LEU A 56 13.00 4.47 -11.28
N ASN A 57 13.09 3.48 -12.16
CA ASN A 57 13.99 3.56 -13.30
C ASN A 57 13.41 4.45 -14.40
N PRO A 58 14.20 5.43 -14.89
CA PRO A 58 13.74 6.35 -15.94
C PRO A 58 13.32 5.61 -17.21
N TYR A 59 13.75 4.36 -17.33
CA TYR A 59 13.42 3.55 -18.50
C TYR A 59 12.03 2.92 -18.37
N VAL A 60 11.61 2.70 -17.13
CA VAL A 60 10.30 2.10 -16.87
C VAL A 60 9.37 3.11 -16.21
N LYS A 61 8.96 4.11 -16.98
CA LYS A 61 8.07 5.15 -16.47
C LYS A 61 6.78 4.55 -15.91
N ARG A 62 5.80 5.40 -15.62
CA ARG A 62 4.53 4.95 -15.07
C ARG A 62 3.88 3.91 -15.98
N SER A 63 3.81 4.22 -17.28
CA SER A 63 3.22 3.31 -18.25
C SER A 63 3.88 1.94 -18.21
N VAL A 64 5.16 1.90 -18.54
CA VAL A 64 5.92 0.64 -18.54
C VAL A 64 5.86 -0.02 -17.17
N LYS A 65 5.75 0.79 -16.13
CA LYS A 65 5.69 0.28 -14.76
C LYS A 65 4.37 -0.46 -14.53
N VAL A 66 3.33 -0.01 -15.22
CA VAL A 66 2.01 -0.62 -15.09
C VAL A 66 2.04 -2.08 -15.54
N LYS A 67 2.82 -2.36 -16.58
CA LYS A 67 2.93 -3.72 -17.11
C LYS A 67 3.57 -4.64 -16.07
N SER A 68 4.73 -4.24 -15.56
CA SER A 68 5.44 -5.03 -14.57
C SER A 68 4.57 -5.23 -13.33
N LEU A 69 3.70 -4.26 -13.06
CA LEU A 69 2.81 -4.34 -11.91
C LEU A 69 1.81 -5.47 -12.07
N SER A 70 1.23 -5.59 -13.26
CA SER A 70 0.26 -6.63 -13.53
C SER A 70 0.88 -8.02 -13.34
N ASP A 71 2.09 -8.19 -13.83
CA ASP A 71 2.79 -9.47 -13.69
C ASP A 71 3.50 -9.57 -12.35
N MET A 72 3.34 -8.54 -11.51
CA MET A 72 3.94 -8.53 -10.19
C MET A 72 2.85 -8.76 -9.15
N THR A 73 1.64 -8.32 -9.48
CA THR A 73 0.50 -8.47 -8.60
C THR A 73 0.04 -9.93 -8.61
N ALA A 74 0.22 -10.60 -9.75
CA ALA A 74 -0.17 -12.00 -9.88
C ALA A 74 0.97 -12.93 -9.45
N LYS A 75 2.05 -12.36 -8.93
CA LYS A 75 3.19 -13.17 -8.49
C LYS A 75 3.49 -12.92 -7.01
N GLU A 76 3.40 -11.67 -6.58
CA GLU A 76 3.67 -11.32 -5.19
C GLU A 76 2.56 -11.83 -4.27
N LYS A 77 1.33 -11.41 -4.56
CA LYS A 77 0.17 -11.81 -3.79
C LYS A 77 -1.06 -11.02 -4.23
N PHE A 78 -0.81 -9.78 -4.67
CA PHE A 78 -1.87 -8.90 -5.15
C PHE A 78 -2.78 -9.57 -6.14
N SER A 79 -3.70 -8.78 -6.67
CA SER A 79 -4.67 -9.23 -7.67
C SER A 79 -6.09 -8.83 -7.32
N PRO A 80 -6.50 -9.00 -6.05
CA PRO A 80 -7.85 -8.69 -5.63
C PRO A 80 -8.03 -7.35 -4.93
N LEU A 81 -7.52 -7.23 -3.70
CA LEU A 81 -7.66 -5.98 -2.98
C LEU A 81 -6.43 -5.13 -3.16
N THR A 82 -5.52 -5.63 -4.00
CA THR A 82 -4.29 -4.95 -4.28
C THR A 82 -4.16 -4.69 -5.79
N SER A 83 -5.13 -5.17 -6.57
CA SER A 83 -5.09 -4.95 -8.00
C SER A 83 -5.81 -3.64 -8.35
N ASN A 84 -5.76 -2.72 -7.42
CA ASN A 84 -6.36 -1.41 -7.56
C ASN A 84 -5.45 -0.42 -6.87
N LEU A 85 -5.02 -0.81 -5.68
CA LEU A 85 -4.09 -0.02 -4.92
C LEU A 85 -2.75 -0.03 -5.63
N ILE A 86 -2.56 -1.03 -6.50
CA ILE A 86 -1.32 -1.15 -7.25
C ILE A 86 -1.22 -0.03 -8.29
N ASN A 87 -2.24 0.07 -9.13
CA ASN A 87 -2.27 1.10 -10.17
C ASN A 87 -2.43 2.48 -9.55
N LEU A 88 -3.04 2.53 -8.37
CA LEU A 88 -3.25 3.79 -7.67
C LEU A 88 -1.98 4.26 -7.00
N LEU A 89 -1.18 3.32 -6.52
CA LEU A 89 0.08 3.64 -5.85
C LEU A 89 1.10 4.15 -6.87
N ALA A 90 0.97 3.70 -8.11
CA ALA A 90 1.88 4.13 -9.17
C ALA A 90 1.15 5.00 -10.19
N GLU A 91 0.06 5.63 -9.75
CA GLU A 91 -0.71 6.50 -10.62
C GLU A 91 -0.33 7.96 -10.42
N ASN A 92 -0.48 8.43 -9.18
CA ASN A 92 -0.14 9.81 -8.85
C ASN A 92 1.36 10.04 -8.87
N GLY A 93 2.11 8.98 -8.58
CA GLY A 93 3.56 9.09 -8.56
C GLY A 93 4.13 9.02 -7.16
N ARG A 94 3.41 8.37 -6.26
CA ARG A 94 3.86 8.23 -4.87
C ARG A 94 4.38 6.83 -4.60
N LEU A 95 5.20 6.33 -5.52
CA LEU A 95 5.78 4.99 -5.38
C LEU A 95 7.19 5.07 -4.80
N THR A 96 7.43 6.08 -3.98
CA THR A 96 8.74 6.28 -3.36
C THR A 96 8.63 6.13 -1.85
N ASN A 97 7.55 6.65 -1.30
CA ASN A 97 7.30 6.57 0.14
C ASN A 97 6.07 5.73 0.43
N THR A 98 5.70 4.87 -0.52
CA THR A 98 4.53 4.01 -0.38
C THR A 98 4.53 3.25 0.95
N PRO A 99 5.68 2.66 1.38
CA PRO A 99 5.76 1.92 2.63
C PRO A 99 5.08 2.65 3.79
N ALA A 100 5.02 3.97 3.70
CA ALA A 100 4.41 4.77 4.75
C ALA A 100 2.90 4.55 4.80
N VAL A 101 2.30 4.32 3.64
CA VAL A 101 0.86 4.09 3.55
C VAL A 101 0.47 2.78 4.21
N ILE A 102 1.42 1.85 4.28
CA ILE A 102 1.18 0.55 4.89
C ILE A 102 0.99 0.67 6.40
N SER A 103 1.72 1.58 7.01
CA SER A 103 1.64 1.80 8.45
C SER A 103 0.21 2.15 8.86
N ALA A 104 -0.43 3.02 8.09
CA ALA A 104 -1.79 3.44 8.38
C ALA A 104 -2.74 2.24 8.34
N PHE A 105 -2.42 1.27 7.48
CA PHE A 105 -3.24 0.07 7.34
C PHE A 105 -3.30 -0.70 8.67
N SER A 106 -2.22 -0.60 9.44
CA SER A 106 -2.15 -1.31 10.72
C SER A 106 -2.86 -0.54 11.83
N THR A 107 -3.05 0.76 11.63
CA THR A 107 -3.74 1.57 12.62
C THR A 107 -5.19 1.77 12.21
N MET A 108 -5.45 1.73 10.91
CA MET A 108 -6.79 1.88 10.41
C MET A 108 -7.51 0.53 10.46
N MET A 109 -6.73 -0.55 10.46
CA MET A 109 -7.30 -1.89 10.54
C MET A 109 -8.02 -2.07 11.87
N SER A 110 -7.45 -1.47 12.92
CA SER A 110 -8.03 -1.56 14.25
C SER A 110 -9.47 -1.04 14.24
N VAL A 111 -9.78 -0.21 13.25
CA VAL A 111 -11.11 0.37 13.12
C VAL A 111 -12.09 -0.65 12.54
N HIS A 112 -11.64 -1.40 11.53
CA HIS A 112 -12.49 -2.40 10.89
C HIS A 112 -12.62 -3.63 11.80
N ARG A 113 -11.58 -3.91 12.57
CA ARG A 113 -11.58 -5.05 13.47
C ARG A 113 -12.39 -4.75 14.73
N GLY A 114 -12.43 -3.47 15.11
CA GLY A 114 -13.17 -3.08 16.30
C GLY A 114 -14.65 -2.94 16.02
N GLU A 115 -15.00 -2.60 14.79
CA GLU A 115 -16.39 -2.43 14.40
C GLU A 115 -16.92 -3.68 13.69
N VAL A 116 -16.41 -4.84 14.10
CA VAL A 116 -16.82 -6.10 13.50
C VAL A 116 -18.22 -6.49 13.97
N PRO A 117 -18.97 -7.23 13.13
CA PRO A 117 -20.33 -7.67 13.47
C PRO A 117 -20.35 -8.73 14.55
N CYS A 118 -20.46 -8.29 15.80
CA CYS A 118 -20.48 -9.20 16.95
C CYS A 118 -21.92 -9.52 17.35
N THR A 119 -22.28 -10.78 17.26
CA THR A 119 -23.63 -11.21 17.62
C THR A 119 -23.77 -12.73 17.52
N VAL A 120 -23.30 -13.28 16.40
CA VAL A 120 -23.37 -14.72 16.18
C VAL A 120 -22.10 -15.23 15.50
N PHE A 1 19.15 22.50 24.10
CA PHE A 1 18.85 21.17 23.50
C PHE A 1 19.58 20.05 24.24
N ALA A 2 19.14 18.82 24.00
CA ALA A 2 19.74 17.66 24.65
C ALA A 2 19.60 16.41 23.79
N LYS A 3 18.36 15.98 23.59
CA LYS A 3 18.09 14.79 22.78
C LYS A 3 17.49 15.18 21.43
N LEU A 4 16.67 16.23 21.44
CA LEU A 4 16.03 16.70 20.22
C LEU A 4 15.15 15.61 19.62
N VAL A 5 14.00 15.37 20.23
CA VAL A 5 13.07 14.35 19.76
C VAL A 5 12.42 14.77 18.44
N ARG A 6 12.85 14.14 17.36
CA ARG A 6 12.31 14.45 16.04
C ARG A 6 11.06 13.62 15.76
N PRO A 7 10.08 14.21 15.03
CA PRO A 7 8.83 13.52 14.70
C PRO A 7 9.03 12.43 13.65
N PRO A 8 8.86 11.16 14.03
CA PRO A 8 9.02 10.03 13.10
C PRO A 8 8.17 10.19 11.85
N VAL A 9 8.53 9.46 10.80
CA VAL A 9 7.80 9.52 9.54
C VAL A 9 7.14 8.19 9.22
N GLN A 10 5.94 7.97 9.79
CA GLN A 10 5.21 6.73 9.56
C GLN A 10 3.74 7.02 9.25
N ILE A 11 3.15 7.94 10.00
CA ILE A 11 1.75 8.31 9.80
C ILE A 11 1.62 9.81 9.55
N TYR A 12 0.67 10.18 8.71
CA TYR A 12 0.47 11.57 8.34
C TYR A 12 -1.01 11.88 8.15
N GLY A 13 -1.60 11.31 7.10
CA GLY A 13 -3.00 11.54 6.82
C GLY A 13 -3.37 11.23 5.38
N ILE A 14 -2.86 12.03 4.45
CA ILE A 14 -3.14 11.84 3.03
C ILE A 14 -2.70 10.46 2.57
N GLU A 15 -1.48 10.08 2.94
CA GLU A 15 -0.96 8.78 2.55
C GLU A 15 -1.65 7.66 3.33
N GLY A 16 -2.11 7.99 4.53
CA GLY A 16 -2.80 7.01 5.35
C GLY A 16 -4.21 6.76 4.85
N ARG A 17 -4.84 7.80 4.31
CA ARG A 17 -6.20 7.66 3.79
C ARG A 17 -6.22 6.81 2.53
N TYR A 18 -5.09 6.75 1.84
CA TYR A 18 -4.99 5.95 0.62
C TYR A 18 -5.37 4.50 0.91
N ALA A 19 -4.78 3.94 1.94
CA ALA A 19 -5.06 2.57 2.33
C ALA A 19 -6.49 2.46 2.86
N THR A 20 -6.88 3.41 3.71
CA THR A 20 -8.21 3.40 4.27
C THR A 20 -9.27 3.71 3.21
N ALA A 21 -8.84 4.31 2.10
CA ALA A 21 -9.77 4.63 1.03
C ALA A 21 -9.76 3.55 -0.04
N LEU A 22 -8.97 2.52 0.19
CA LEU A 22 -8.90 1.39 -0.74
C LEU A 22 -9.31 0.15 0.00
N TYR A 23 -8.82 0.04 1.23
CA TYR A 23 -9.17 -1.06 2.08
C TYR A 23 -10.58 -0.84 2.62
N SER A 24 -11.06 0.42 2.59
CA SER A 24 -12.41 0.72 3.06
C SER A 24 -13.39 -0.26 2.44
N ALA A 25 -13.22 -0.49 1.13
CA ALA A 25 -14.06 -1.44 0.42
C ALA A 25 -13.70 -2.85 0.85
N ALA A 26 -12.40 -3.05 1.09
CA ALA A 26 -11.90 -4.34 1.53
C ALA A 26 -12.41 -4.68 2.93
N SER A 27 -12.69 -3.64 3.72
CA SER A 27 -13.19 -3.82 5.08
C SER A 27 -14.59 -4.41 5.06
N LYS A 28 -15.46 -3.84 4.23
CA LYS A 28 -16.83 -4.31 4.11
C LYS A 28 -16.85 -5.80 3.79
N GLN A 29 -15.84 -6.25 3.05
CA GLN A 29 -15.71 -7.64 2.67
C GLN A 29 -14.95 -8.41 3.75
N ASN A 30 -13.86 -7.80 4.25
CA ASN A 30 -13.01 -8.40 5.27
C ASN A 30 -11.75 -8.97 4.64
N LYS A 31 -11.31 -8.33 3.57
CA LYS A 31 -10.13 -8.75 2.86
C LYS A 31 -8.86 -8.12 3.44
N LEU A 32 -8.99 -7.45 4.60
CA LEU A 32 -7.85 -6.81 5.23
C LEU A 32 -6.65 -7.74 5.25
N GLU A 33 -6.91 -9.05 5.28
CA GLU A 33 -5.83 -10.03 5.27
C GLU A 33 -5.25 -10.16 3.87
N GLN A 34 -6.10 -9.98 2.88
CA GLN A 34 -5.70 -10.06 1.48
C GLN A 34 -5.21 -8.70 0.98
N VAL A 35 -5.42 -7.67 1.78
CA VAL A 35 -4.99 -6.31 1.41
C VAL A 35 -3.83 -5.86 2.29
N GLU A 36 -3.81 -6.32 3.53
CA GLU A 36 -2.74 -5.97 4.47
C GLU A 36 -1.49 -6.73 4.12
N LYS A 37 -1.65 -8.03 3.87
CA LYS A 37 -0.53 -8.87 3.49
C LYS A 37 -0.07 -8.46 2.09
N GLU A 38 -1.01 -7.91 1.33
CA GLU A 38 -0.74 -7.46 -0.01
C GLU A 38 -0.28 -6.00 0.00
N LEU A 39 0.06 -5.50 1.18
CA LEU A 39 0.53 -4.13 1.32
C LEU A 39 2.00 -4.13 1.72
N LEU A 40 2.39 -5.16 2.47
CA LEU A 40 3.79 -5.30 2.90
C LEU A 40 4.64 -5.75 1.71
N ARG A 41 4.02 -6.44 0.76
CA ARG A 41 4.72 -6.91 -0.42
C ARG A 41 5.19 -5.74 -1.27
N VAL A 42 4.32 -4.74 -1.43
CA VAL A 42 4.65 -3.56 -2.20
C VAL A 42 5.85 -2.84 -1.61
N GLY A 43 6.04 -2.99 -0.30
CA GLY A 43 7.16 -2.35 0.37
C GLY A 43 8.47 -3.04 0.05
N GLN A 44 8.45 -4.36 0.07
CA GLN A 44 9.66 -5.15 -0.22
C GLN A 44 10.10 -4.91 -1.67
N ILE A 45 9.14 -4.66 -2.54
CA ILE A 45 9.43 -4.41 -3.95
C ILE A 45 10.31 -3.17 -4.11
N LEU A 46 9.90 -2.08 -3.46
CA LEU A 46 10.66 -0.83 -3.54
C LEU A 46 11.99 -0.96 -2.80
N LYS A 47 12.00 -1.78 -1.76
CA LYS A 47 13.21 -1.99 -0.97
C LYS A 47 14.18 -2.90 -1.73
N GLU A 48 13.62 -3.74 -2.60
CA GLU A 48 14.43 -4.66 -3.39
C GLU A 48 15.36 -3.89 -4.33
N PRO A 49 16.68 -3.95 -4.11
CA PRO A 49 17.66 -3.25 -4.95
C PRO A 49 17.43 -3.49 -6.44
N LYS A 50 16.80 -4.61 -6.77
CA LYS A 50 16.53 -4.96 -8.16
C LYS A 50 15.29 -4.24 -8.67
N MET A 51 14.36 -3.94 -7.76
CA MET A 51 13.13 -3.25 -8.13
C MET A 51 13.22 -1.76 -7.84
N ALA A 52 14.04 -1.39 -6.85
CA ALA A 52 14.22 0.01 -6.49
C ALA A 52 14.69 0.84 -7.67
N ALA A 53 15.69 0.34 -8.39
CA ALA A 53 16.23 1.05 -9.54
C ALA A 53 15.20 1.11 -10.67
N SER A 54 14.31 0.13 -10.72
CA SER A 54 13.28 0.08 -11.75
C SER A 54 12.09 0.96 -11.37
N LEU A 55 11.85 1.12 -10.07
CA LEU A 55 10.74 1.93 -9.59
C LEU A 55 11.14 3.39 -9.44
N LEU A 56 12.44 3.68 -9.56
CA LEU A 56 12.94 5.04 -9.43
C LEU A 56 13.43 5.57 -10.77
N ASN A 57 13.79 4.67 -11.68
CA ASN A 57 14.28 5.07 -12.99
C ASN A 57 13.16 5.63 -13.87
N PRO A 58 13.31 6.86 -14.37
CA PRO A 58 12.30 7.50 -15.22
C PRO A 58 12.15 6.81 -16.57
N TYR A 59 13.03 5.84 -16.84
CA TYR A 59 13.00 5.11 -18.10
C TYR A 59 11.94 4.02 -18.09
N VAL A 60 11.49 3.63 -16.89
CA VAL A 60 10.47 2.60 -16.76
C VAL A 60 9.09 3.12 -17.16
N LYS A 61 8.99 4.42 -17.42
CA LYS A 61 7.73 5.03 -17.81
C LYS A 61 6.69 4.91 -16.70
N ARG A 62 5.47 5.35 -16.97
CA ARG A 62 4.39 5.29 -16.00
C ARG A 62 3.39 4.19 -16.34
N SER A 63 3.25 3.92 -17.63
CA SER A 63 2.32 2.89 -18.10
C SER A 63 3.04 1.58 -18.37
N VAL A 64 4.37 1.65 -18.50
CA VAL A 64 5.16 0.45 -18.76
C VAL A 64 5.57 -0.21 -17.45
N LYS A 65 5.86 0.61 -16.44
CA LYS A 65 6.24 0.11 -15.13
C LYS A 65 5.03 -0.41 -14.37
N VAL A 66 3.86 0.14 -14.69
CA VAL A 66 2.63 -0.27 -14.03
C VAL A 66 2.15 -1.62 -14.57
N LYS A 67 2.44 -1.89 -15.84
CA LYS A 67 2.03 -3.14 -16.45
C LYS A 67 2.83 -4.31 -15.89
N SER A 68 4.07 -4.03 -15.49
CA SER A 68 4.94 -5.06 -14.93
C SER A 68 4.46 -5.47 -13.54
N LEU A 69 3.85 -4.53 -12.83
CA LEU A 69 3.36 -4.79 -11.49
C LEU A 69 2.19 -5.77 -11.51
N SER A 70 1.38 -5.68 -12.56
CA SER A 70 0.23 -6.56 -12.71
C SER A 70 0.66 -8.00 -12.94
N ASP A 71 1.72 -8.18 -13.72
CA ASP A 71 2.25 -9.50 -14.00
C ASP A 71 3.20 -9.92 -12.88
N MET A 72 3.85 -8.94 -12.29
CA MET A 72 4.78 -9.19 -11.19
C MET A 72 4.01 -9.45 -9.91
N THR A 73 2.80 -8.90 -9.81
CA THR A 73 1.99 -9.12 -8.63
C THR A 73 1.65 -10.59 -8.51
N ALA A 74 1.52 -11.26 -9.65
CA ALA A 74 1.21 -12.69 -9.65
C ALA A 74 2.17 -13.42 -8.72
N LYS A 75 3.36 -12.87 -8.54
CA LYS A 75 4.36 -13.47 -7.68
C LYS A 75 4.42 -12.77 -6.32
N GLU A 76 3.89 -11.55 -6.24
CA GLU A 76 3.90 -10.80 -4.99
C GLU A 76 2.82 -11.31 -4.05
N LYS A 77 1.56 -11.18 -4.47
CA LYS A 77 0.41 -11.63 -3.68
C LYS A 77 -0.87 -10.90 -4.11
N PHE A 78 -0.73 -9.63 -4.48
CA PHE A 78 -1.86 -8.81 -4.89
C PHE A 78 -2.70 -9.50 -5.94
N SER A 79 -3.67 -8.74 -6.43
CA SER A 79 -4.60 -9.19 -7.46
C SER A 79 -6.02 -8.75 -7.18
N PRO A 80 -6.49 -8.86 -5.92
CA PRO A 80 -7.85 -8.52 -5.56
C PRO A 80 -8.02 -7.18 -4.86
N LEU A 81 -7.52 -7.04 -3.64
CA LEU A 81 -7.67 -5.79 -2.92
C LEU A 81 -6.43 -4.94 -3.09
N THR A 82 -5.53 -5.43 -3.91
CA THR A 82 -4.29 -4.74 -4.18
C THR A 82 -4.11 -4.52 -5.67
N SER A 83 -5.07 -4.99 -6.48
CA SER A 83 -4.99 -4.80 -7.91
C SER A 83 -5.56 -3.44 -8.30
N ASN A 84 -5.46 -2.51 -7.37
CA ASN A 84 -5.94 -1.16 -7.53
C ASN A 84 -4.96 -0.27 -6.82
N LEU A 85 -4.62 -0.69 -5.60
CA LEU A 85 -3.65 0.00 -4.79
C LEU A 85 -2.29 -0.13 -5.48
N ILE A 86 -2.17 -1.13 -6.38
CA ILE A 86 -0.92 -1.35 -7.10
C ILE A 86 -0.74 -0.28 -8.17
N ASN A 87 -1.75 -0.13 -9.04
CA ASN A 87 -1.70 0.85 -10.11
C ASN A 87 -1.76 2.26 -9.55
N LEU A 88 -2.45 2.41 -8.42
CA LEU A 88 -2.58 3.72 -7.78
C LEU A 88 -1.28 4.11 -7.08
N LEU A 89 -0.55 3.12 -6.59
CA LEU A 89 0.71 3.37 -5.91
C LEU A 89 1.79 3.76 -6.92
N ALA A 90 1.68 3.22 -8.12
CA ALA A 90 2.63 3.52 -9.18
C ALA A 90 1.98 4.35 -10.28
N GLU A 91 0.94 5.09 -9.92
CA GLU A 91 0.23 5.92 -10.88
C GLU A 91 0.86 7.31 -10.95
N ASN A 92 1.01 7.95 -9.80
CA ASN A 92 1.59 9.28 -9.74
C ASN A 92 2.91 9.27 -8.98
N GLY A 93 3.53 8.10 -8.88
CA GLY A 93 4.79 7.98 -8.19
C GLY A 93 4.61 7.87 -6.68
N ARG A 94 3.72 6.99 -6.26
CA ARG A 94 3.45 6.79 -4.84
C ARG A 94 4.25 5.62 -4.29
N LEU A 95 5.36 5.30 -4.93
CA LEU A 95 6.21 4.19 -4.49
C LEU A 95 7.45 4.73 -3.80
N THR A 96 7.23 5.59 -2.81
CA THR A 96 8.32 6.18 -2.04
C THR A 96 7.99 6.17 -0.56
N ASN A 97 6.76 6.54 -0.24
CA ASN A 97 6.28 6.55 1.13
C ASN A 97 5.29 5.41 1.37
N THR A 98 5.19 4.51 0.40
CA THR A 98 4.28 3.36 0.49
C THR A 98 4.37 2.68 1.85
N PRO A 99 5.56 2.22 2.26
CA PRO A 99 5.76 1.55 3.54
C PRO A 99 5.12 2.31 4.70
N ALA A 100 5.00 3.62 4.54
CA ALA A 100 4.39 4.46 5.57
C ALA A 100 2.87 4.33 5.55
N VAL A 101 2.32 4.07 4.37
CA VAL A 101 0.89 3.91 4.21
C VAL A 101 0.42 2.59 4.83
N ILE A 102 1.31 1.60 4.84
CA ILE A 102 0.98 0.30 5.40
C ILE A 102 0.77 0.40 6.91
N SER A 103 1.54 1.26 7.56
CA SER A 103 1.43 1.45 9.00
C SER A 103 0.02 1.88 9.38
N ALA A 104 -0.50 2.85 8.65
CA ALA A 104 -1.85 3.34 8.91
C ALA A 104 -2.87 2.22 8.75
N PHE A 105 -2.56 1.25 7.90
CA PHE A 105 -3.44 0.11 7.66
C PHE A 105 -3.62 -0.70 8.94
N SER A 106 -2.60 -0.68 9.80
CA SER A 106 -2.67 -1.42 11.05
C SER A 106 -3.42 -0.66 12.13
N THR A 107 -3.52 0.66 11.98
CA THR A 107 -4.23 1.47 12.95
C THR A 107 -5.66 1.73 12.47
N MET A 108 -5.85 1.70 11.16
CA MET A 108 -7.17 1.91 10.61
C MET A 108 -7.96 0.60 10.64
N MET A 109 -7.25 -0.52 10.73
CA MET A 109 -7.91 -1.80 10.79
C MET A 109 -8.71 -1.91 12.08
N SER A 110 -8.17 -1.33 13.15
CA SER A 110 -8.84 -1.35 14.44
C SER A 110 -10.25 -0.78 14.32
N VAL A 111 -10.46 0.05 13.30
CA VAL A 111 -11.74 0.67 13.06
C VAL A 111 -12.73 -0.31 12.43
N HIS A 112 -12.25 -1.09 11.46
CA HIS A 112 -13.10 -2.08 10.79
C HIS A 112 -13.34 -3.29 11.68
N ARG A 113 -12.38 -3.57 12.55
CA ARG A 113 -12.50 -4.70 13.47
C ARG A 113 -13.34 -4.33 14.69
N GLY A 114 -13.31 -3.06 15.05
CA GLY A 114 -14.08 -2.60 16.20
C GLY A 114 -15.44 -2.07 15.81
N GLU A 115 -15.54 -1.55 14.59
CA GLU A 115 -16.79 -1.00 14.09
C GLU A 115 -17.53 -2.02 13.24
N VAL A 116 -17.48 -3.28 13.65
CA VAL A 116 -18.14 -4.35 12.92
C VAL A 116 -19.08 -5.15 13.84
N PRO A 117 -20.13 -4.48 14.36
CA PRO A 117 -21.09 -5.12 15.26
C PRO A 117 -21.98 -6.12 14.52
N CYS A 118 -21.77 -7.40 14.78
CA CYS A 118 -22.54 -8.46 14.15
C CYS A 118 -24.02 -8.34 14.52
N THR A 119 -24.89 -8.70 13.59
CA THR A 119 -26.32 -8.63 13.81
C THR A 119 -26.76 -7.20 14.12
N VAL A 120 -27.34 -6.53 13.14
CA VAL A 120 -27.80 -5.16 13.30
C VAL A 120 -29.17 -5.12 13.98
N PHE A 1 19.69 14.12 13.87
CA PHE A 1 18.76 13.34 13.02
C PHE A 1 17.82 12.49 13.87
N ALA A 2 16.55 12.47 13.49
CA ALA A 2 15.55 11.70 14.22
C ALA A 2 15.26 10.37 13.52
N LYS A 3 16.29 9.82 12.87
CA LYS A 3 16.16 8.55 12.15
C LYS A 3 17.44 7.74 12.24
N LEU A 4 17.31 6.48 12.65
CA LEU A 4 18.47 5.60 12.78
C LEU A 4 18.23 4.29 12.04
N VAL A 5 17.09 3.67 12.28
CA VAL A 5 16.74 2.41 11.63
C VAL A 5 15.23 2.21 11.59
N ARG A 6 14.58 2.45 12.73
CA ARG A 6 13.14 2.29 12.83
C ARG A 6 12.41 3.43 12.12
N PRO A 7 11.20 3.16 11.59
CA PRO A 7 10.41 4.17 10.89
C PRO A 7 10.27 5.48 11.68
N PRO A 8 10.99 6.53 11.26
CA PRO A 8 10.95 7.82 11.95
C PRO A 8 9.52 8.35 12.12
N VAL A 9 8.73 8.25 11.05
CA VAL A 9 7.36 8.70 11.08
C VAL A 9 6.41 7.63 10.56
N GLN A 10 5.36 7.35 11.32
CA GLN A 10 4.38 6.34 10.92
C GLN A 10 2.97 6.88 11.04
N ILE A 11 2.17 6.69 9.99
CA ILE A 11 0.79 7.16 9.98
C ILE A 11 0.74 8.68 10.08
N TYR A 12 0.19 9.32 9.04
CA TYR A 12 0.11 10.77 9.00
C TYR A 12 -1.27 11.23 8.54
N GLY A 13 -1.57 11.07 7.25
CA GLY A 13 -2.86 11.47 6.73
C GLY A 13 -3.05 11.10 5.28
N ILE A 14 -2.62 11.98 4.37
CA ILE A 14 -2.75 11.74 2.94
C ILE A 14 -2.27 10.34 2.55
N GLU A 15 -1.10 9.97 3.05
CA GLU A 15 -0.54 8.66 2.75
C GLU A 15 -1.31 7.57 3.49
N GLY A 16 -1.83 7.91 4.66
CA GLY A 16 -2.60 6.95 5.43
C GLY A 16 -3.98 6.74 4.87
N ARG A 17 -4.51 7.78 4.21
CA ARG A 17 -5.84 7.69 3.62
C ARG A 17 -5.83 6.80 2.37
N TYR A 18 -4.66 6.68 1.74
CA TYR A 18 -4.53 5.83 0.56
C TYR A 18 -5.00 4.42 0.85
N ALA A 19 -4.48 3.86 1.94
CA ALA A 19 -4.84 2.51 2.34
C ALA A 19 -6.27 2.47 2.83
N THR A 20 -6.66 3.46 3.61
CA THR A 20 -8.02 3.52 4.14
C THR A 20 -9.02 3.89 3.06
N ALA A 21 -8.53 4.43 1.93
CA ALA A 21 -9.42 4.80 0.84
C ALA A 21 -9.47 3.69 -0.20
N LEU A 22 -8.68 2.64 0.01
CA LEU A 22 -8.67 1.50 -0.89
C LEU A 22 -9.16 0.28 -0.15
N TYR A 23 -8.76 0.18 1.10
CA TYR A 23 -9.19 -0.91 1.94
C TYR A 23 -10.58 -0.58 2.49
N SER A 24 -10.99 0.69 2.45
CA SER A 24 -12.31 1.08 2.93
C SER A 24 -13.36 0.16 2.31
N ALA A 25 -13.15 -0.16 1.04
CA ALA A 25 -14.05 -1.07 0.34
C ALA A 25 -13.71 -2.49 0.75
N ALA A 26 -12.42 -2.73 0.98
CA ALA A 26 -11.95 -4.04 1.40
C ALA A 26 -12.54 -4.40 2.75
N SER A 27 -12.70 -3.40 3.62
CA SER A 27 -13.25 -3.62 4.95
C SER A 27 -14.65 -4.22 4.87
N LYS A 28 -15.48 -3.63 4.01
CA LYS A 28 -16.84 -4.11 3.82
C LYS A 28 -16.86 -5.60 3.52
N GLN A 29 -15.81 -6.06 2.83
CA GLN A 29 -15.69 -7.47 2.48
C GLN A 29 -14.94 -8.23 3.58
N ASN A 30 -13.91 -7.59 4.12
CA ASN A 30 -13.08 -8.16 5.19
C ASN A 30 -11.78 -8.70 4.60
N LYS A 31 -11.32 -8.05 3.55
CA LYS A 31 -10.09 -8.45 2.89
C LYS A 31 -8.87 -7.78 3.53
N LEU A 32 -9.07 -7.10 4.65
CA LEU A 32 -7.97 -6.43 5.36
C LEU A 32 -6.74 -7.32 5.40
N GLU A 33 -6.97 -8.62 5.46
CA GLU A 33 -5.87 -9.59 5.50
C GLU A 33 -5.28 -9.77 4.11
N GLN A 34 -6.13 -9.67 3.09
CA GLN A 34 -5.71 -9.81 1.70
C GLN A 34 -5.20 -8.48 1.14
N VAL A 35 -5.48 -7.39 1.85
CA VAL A 35 -5.04 -6.07 1.41
C VAL A 35 -3.89 -5.56 2.27
N GLU A 36 -3.85 -6.01 3.52
CA GLU A 36 -2.80 -5.61 4.44
C GLU A 36 -1.57 -6.48 4.24
N LYS A 37 -1.81 -7.77 4.04
CA LYS A 37 -0.72 -8.70 3.81
C LYS A 37 -0.11 -8.41 2.46
N GLU A 38 -0.94 -8.03 1.51
CA GLU A 38 -0.45 -7.69 0.19
C GLU A 38 0.31 -6.37 0.27
N LEU A 39 -0.33 -5.35 0.84
CA LEU A 39 0.30 -4.05 0.99
C LEU A 39 1.71 -4.18 1.58
N LEU A 40 1.90 -5.18 2.43
CA LEU A 40 3.20 -5.42 3.05
C LEU A 40 4.21 -5.89 2.02
N ARG A 41 3.70 -6.48 0.93
CA ARG A 41 4.56 -6.98 -0.14
C ARG A 41 5.05 -5.84 -1.03
N VAL A 42 4.25 -4.77 -1.11
CA VAL A 42 4.63 -3.61 -1.92
C VAL A 42 5.78 -2.86 -1.28
N GLY A 43 5.89 -2.95 0.04
CA GLY A 43 6.95 -2.28 0.76
C GLY A 43 8.31 -2.88 0.47
N GLN A 44 8.39 -4.22 0.53
CA GLN A 44 9.64 -4.92 0.28
C GLN A 44 10.12 -4.62 -1.13
N ILE A 45 9.19 -4.42 -2.05
CA ILE A 45 9.52 -4.12 -3.44
C ILE A 45 10.30 -2.82 -3.55
N LEU A 46 10.22 -1.99 -2.51
CA LEU A 46 10.93 -0.71 -2.50
C LEU A 46 12.35 -0.90 -1.99
N LYS A 47 12.50 -1.76 -0.99
CA LYS A 47 13.81 -2.04 -0.42
C LYS A 47 14.64 -2.92 -1.35
N GLU A 48 13.96 -3.65 -2.23
CA GLU A 48 14.62 -4.53 -3.18
C GLU A 48 15.63 -3.75 -4.04
N PRO A 49 16.91 -4.17 -4.05
CA PRO A 49 17.95 -3.50 -4.84
C PRO A 49 17.57 -3.37 -6.31
N LYS A 50 17.24 -4.50 -6.93
CA LYS A 50 16.86 -4.52 -8.34
C LYS A 50 15.63 -3.63 -8.59
N MET A 51 14.74 -3.60 -7.60
CA MET A 51 13.52 -2.80 -7.71
C MET A 51 13.84 -1.31 -7.58
N ALA A 52 14.83 -1.00 -6.76
CA ALA A 52 15.23 0.39 -6.54
C ALA A 52 15.63 1.06 -7.85
N ALA A 53 16.16 0.26 -8.77
CA ALA A 53 16.58 0.78 -10.08
C ALA A 53 15.40 0.98 -11.02
N SER A 54 14.21 0.61 -10.56
CA SER A 54 13.00 0.75 -11.37
C SER A 54 11.97 1.63 -10.67
N LEU A 55 11.85 1.48 -9.36
CA LEU A 55 10.90 2.27 -8.58
C LEU A 55 11.27 3.75 -8.60
N LEU A 56 12.56 4.04 -8.62
CA LEU A 56 13.04 5.42 -8.63
C LEU A 56 13.56 5.82 -10.01
N ASN A 57 13.31 4.98 -11.01
CA ASN A 57 13.76 5.26 -12.36
C ASN A 57 12.71 6.06 -13.14
N PRO A 58 13.14 7.11 -13.86
CA PRO A 58 12.22 7.95 -14.65
C PRO A 58 11.80 7.29 -15.95
N TYR A 59 12.31 6.07 -16.20
CA TYR A 59 12.00 5.34 -17.41
C TYR A 59 10.69 4.56 -17.26
N VAL A 60 10.37 4.19 -16.02
CA VAL A 60 9.15 3.45 -15.73
C VAL A 60 7.96 4.40 -15.56
N LYS A 61 7.70 5.19 -16.58
CA LYS A 61 6.59 6.16 -16.56
C LYS A 61 5.29 5.46 -16.20
N ARG A 62 4.21 6.24 -16.13
CA ARG A 62 2.90 5.71 -15.80
C ARG A 62 2.48 4.63 -16.79
N SER A 63 1.63 3.70 -16.33
CA SER A 63 1.15 2.61 -17.17
C SER A 63 2.21 1.51 -17.32
N VAL A 64 3.39 1.90 -17.78
CA VAL A 64 4.49 0.96 -17.96
C VAL A 64 4.78 0.21 -16.66
N LYS A 65 5.05 0.96 -15.60
CA LYS A 65 5.34 0.36 -14.30
C LYS A 65 4.13 -0.43 -13.79
N VAL A 66 2.94 0.01 -14.19
CA VAL A 66 1.71 -0.66 -13.76
C VAL A 66 1.56 -2.01 -14.44
N LYS A 67 2.03 -2.11 -15.68
CA LYS A 67 1.95 -3.37 -16.42
C LYS A 67 2.92 -4.40 -15.86
N SER A 68 4.09 -3.93 -15.44
CA SER A 68 5.11 -4.81 -14.88
C SER A 68 4.75 -5.23 -13.46
N LEU A 69 4.03 -4.35 -12.76
CA LEU A 69 3.61 -4.64 -11.39
C LEU A 69 2.44 -5.61 -11.37
N SER A 70 1.61 -5.55 -12.41
CA SER A 70 0.45 -6.42 -12.51
C SER A 70 0.85 -7.85 -12.87
N ASP A 71 1.96 -7.99 -13.58
CA ASP A 71 2.45 -9.31 -13.97
C ASP A 71 3.34 -9.87 -12.88
N MET A 72 4.12 -9.00 -12.25
CA MET A 72 5.01 -9.40 -11.17
C MET A 72 4.20 -9.68 -9.92
N THR A 73 3.00 -9.09 -9.83
CA THR A 73 2.15 -9.32 -8.67
C THR A 73 1.74 -10.78 -8.61
N ALA A 74 1.61 -11.40 -9.79
CA ALA A 74 1.24 -12.80 -9.85
C ALA A 74 2.13 -13.61 -8.91
N LYS A 75 3.36 -13.11 -8.70
CA LYS A 75 4.31 -13.76 -7.81
C LYS A 75 4.39 -13.05 -6.47
N GLU A 76 3.95 -11.79 -6.43
CA GLU A 76 3.98 -11.01 -5.20
C GLU A 76 2.91 -11.49 -4.24
N LYS A 77 1.64 -11.33 -4.64
CA LYS A 77 0.50 -11.74 -3.81
C LYS A 77 -0.78 -11.02 -4.22
N PHE A 78 -0.64 -9.76 -4.62
CA PHE A 78 -1.79 -8.95 -5.03
C PHE A 78 -2.66 -9.67 -6.02
N SER A 79 -3.75 -9.00 -6.38
CA SER A 79 -4.70 -9.52 -7.36
C SER A 79 -6.12 -9.07 -7.06
N PRO A 80 -6.55 -9.12 -5.79
CA PRO A 80 -7.90 -8.77 -5.41
C PRO A 80 -8.07 -7.38 -4.81
N LEU A 81 -7.61 -7.17 -3.59
CA LEU A 81 -7.75 -5.87 -2.96
C LEU A 81 -6.50 -5.06 -3.17
N THR A 82 -5.60 -5.62 -3.95
CA THR A 82 -4.34 -4.98 -4.26
C THR A 82 -4.16 -4.83 -5.77
N SER A 83 -5.12 -5.32 -6.54
CA SER A 83 -5.03 -5.20 -7.99
C SER A 83 -5.60 -3.87 -8.45
N ASN A 84 -5.53 -2.89 -7.56
CA ASN A 84 -6.00 -1.54 -7.81
C ASN A 84 -5.04 -0.61 -7.13
N LEU A 85 -4.70 -0.98 -5.88
CA LEU A 85 -3.72 -0.24 -5.13
C LEU A 85 -2.38 -0.37 -5.85
N ILE A 86 -2.26 -1.43 -6.67
CA ILE A 86 -1.06 -1.66 -7.44
C ILE A 86 -0.91 -0.61 -8.53
N ASN A 87 -1.99 -0.44 -9.30
CA ASN A 87 -1.99 0.54 -10.38
C ASN A 87 -1.92 1.96 -9.83
N LEU A 88 -2.53 2.16 -8.67
CA LEU A 88 -2.55 3.47 -8.02
C LEU A 88 -1.18 3.82 -7.46
N LEU A 89 -0.49 2.82 -6.92
CA LEU A 89 0.83 3.05 -6.36
C LEU A 89 1.83 3.31 -7.46
N ALA A 90 1.65 2.63 -8.58
CA ALA A 90 2.52 2.80 -9.73
C ALA A 90 1.85 3.60 -10.83
N GLU A 91 0.86 4.42 -10.45
CA GLU A 91 0.14 5.25 -11.40
C GLU A 91 0.88 6.55 -11.66
N ASN A 92 1.21 7.25 -10.58
CA ASN A 92 1.93 8.52 -10.70
C ASN A 92 3.34 8.39 -10.14
N GLY A 93 3.51 7.50 -9.17
CA GLY A 93 4.82 7.30 -8.57
C GLY A 93 4.76 7.28 -7.06
N ARG A 94 3.94 6.38 -6.51
CA ARG A 94 3.80 6.26 -5.06
C ARG A 94 4.73 5.19 -4.50
N LEU A 95 5.76 4.83 -5.26
CA LEU A 95 6.71 3.82 -4.83
C LEU A 95 7.92 4.48 -4.17
N THR A 96 7.65 5.37 -3.24
CA THR A 96 8.69 6.08 -2.50
C THR A 96 8.37 6.07 -1.02
N ASN A 97 7.13 6.41 -0.69
CA ASN A 97 6.67 6.42 0.69
C ASN A 97 5.66 5.29 0.91
N THR A 98 5.65 4.33 -0.03
CA THR A 98 4.76 3.19 0.05
C THR A 98 4.68 2.60 1.46
N PRO A 99 5.84 2.23 2.05
CA PRO A 99 5.88 1.65 3.40
C PRO A 99 4.97 2.39 4.38
N ALA A 100 4.75 3.68 4.11
CA ALA A 100 3.90 4.50 4.96
C ALA A 100 2.44 4.08 4.84
N VAL A 101 2.02 3.75 3.63
CA VAL A 101 0.65 3.33 3.37
C VAL A 101 0.36 1.98 4.02
N ILE A 102 1.41 1.17 4.16
CA ILE A 102 1.25 -0.15 4.78
C ILE A 102 1.08 -0.05 6.28
N SER A 103 1.88 0.80 6.92
CA SER A 103 1.82 0.99 8.36
C SER A 103 0.45 1.54 8.77
N ALA A 104 0.06 2.66 8.17
CA ALA A 104 -1.21 3.29 8.49
C ALA A 104 -2.37 2.31 8.29
N PHE A 105 -2.18 1.33 7.41
CA PHE A 105 -3.20 0.34 7.14
C PHE A 105 -3.46 -0.53 8.36
N SER A 106 -2.38 -0.90 9.07
CA SER A 106 -2.49 -1.73 10.25
C SER A 106 -3.37 -1.06 11.32
N THR A 107 -3.12 0.22 11.56
CA THR A 107 -3.87 0.97 12.55
C THR A 107 -5.31 1.16 12.09
N MET A 108 -5.50 1.52 10.83
CA MET A 108 -6.83 1.71 10.30
C MET A 108 -7.53 0.37 10.19
N MET A 109 -6.74 -0.69 10.11
CA MET A 109 -7.28 -2.04 10.01
C MET A 109 -7.84 -2.49 11.37
N SER A 110 -7.56 -1.73 12.42
CA SER A 110 -8.05 -2.09 13.75
C SER A 110 -9.32 -1.31 14.10
N VAL A 111 -9.52 -0.19 13.42
CA VAL A 111 -10.71 0.63 13.65
C VAL A 111 -11.92 0.07 12.92
N HIS A 112 -11.68 -0.82 11.96
CA HIS A 112 -12.76 -1.43 11.21
C HIS A 112 -13.45 -2.52 12.02
N ARG A 113 -12.72 -3.11 12.97
CA ARG A 113 -13.26 -4.17 13.80
C ARG A 113 -14.33 -3.62 14.75
N GLY A 114 -14.12 -2.39 15.22
CA GLY A 114 -15.07 -1.77 16.12
C GLY A 114 -16.21 -1.07 15.38
N GLU A 115 -15.90 -0.56 14.19
CA GLU A 115 -16.90 0.14 13.39
C GLU A 115 -18.05 -0.79 13.04
N VAL A 116 -17.73 -1.98 12.55
CA VAL A 116 -18.74 -2.96 12.17
C VAL A 116 -18.88 -4.05 13.24
N PRO A 117 -20.12 -4.42 13.60
CA PRO A 117 -20.37 -5.45 14.62
C PRO A 117 -19.99 -6.85 14.13
N CYS A 118 -18.73 -7.21 14.33
CA CYS A 118 -18.24 -8.52 13.92
C CYS A 118 -18.51 -9.58 14.99
N THR A 119 -18.47 -9.15 16.25
CA THR A 119 -18.71 -10.05 17.37
C THR A 119 -20.10 -10.66 17.28
N VAL A 120 -21.05 -9.90 16.74
CA VAL A 120 -22.42 -10.36 16.61
C VAL A 120 -23.17 -9.56 15.53
N PHE A 1 22.78 19.45 1.76
CA PHE A 1 23.11 20.22 0.53
C PHE A 1 21.95 21.13 0.13
N ALA A 2 20.74 20.62 0.24
CA ALA A 2 19.54 21.40 -0.11
C ALA A 2 18.78 21.82 1.14
N LYS A 3 18.78 20.96 2.15
CA LYS A 3 18.09 21.25 3.40
C LYS A 3 16.60 21.45 3.16
N LEU A 4 15.87 20.34 3.04
CA LEU A 4 14.44 20.38 2.81
C LEU A 4 13.68 20.19 4.11
N VAL A 5 13.39 21.30 4.80
CA VAL A 5 12.67 21.25 6.06
C VAL A 5 11.23 20.78 5.84
N ARG A 6 11.01 19.48 6.00
CA ARG A 6 9.67 18.91 5.83
C ARG A 6 9.00 18.68 7.18
N PRO A 7 7.66 18.70 7.20
CA PRO A 7 6.89 18.50 8.44
C PRO A 7 6.96 17.06 8.94
N PRO A 8 6.81 16.86 10.26
CA PRO A 8 6.86 15.51 10.86
C PRO A 8 5.64 14.69 10.52
N VAL A 9 5.80 13.73 9.60
CA VAL A 9 4.71 12.87 9.19
C VAL A 9 4.16 12.06 10.36
N GLN A 10 5.07 11.53 11.17
CA GLN A 10 4.69 10.73 12.33
C GLN A 10 3.97 9.45 11.92
N ILE A 11 2.72 9.58 11.52
CA ILE A 11 1.93 8.44 11.09
C ILE A 11 1.43 8.59 9.66
N TYR A 12 1.74 9.73 9.04
CA TYR A 12 1.37 9.99 7.65
C TYR A 12 -0.09 9.65 7.40
N GLY A 13 -0.96 10.64 7.58
CA GLY A 13 -2.38 10.44 7.38
C GLY A 13 -2.77 10.47 5.91
N ILE A 14 -2.27 11.47 5.18
CA ILE A 14 -2.60 11.59 3.76
C ILE A 14 -2.18 10.34 2.99
N GLU A 15 -0.96 9.89 3.23
CA GLU A 15 -0.45 8.69 2.56
C GLU A 15 -1.16 7.46 3.08
N GLY A 16 -1.39 7.43 4.39
CA GLY A 16 -2.07 6.31 5.00
C GLY A 16 -3.52 6.26 4.56
N ARG A 17 -4.07 7.41 4.22
CA ARG A 17 -5.46 7.50 3.77
C ARG A 17 -5.66 6.74 2.46
N TYR A 18 -4.60 6.67 1.65
CA TYR A 18 -4.67 5.97 0.37
C TYR A 18 -5.13 4.54 0.58
N ALA A 19 -4.46 3.84 1.49
CA ALA A 19 -4.80 2.45 1.79
C ALA A 19 -6.14 2.36 2.48
N THR A 20 -6.44 3.34 3.33
CA THR A 20 -7.70 3.36 4.04
C THR A 20 -8.85 3.67 3.09
N ALA A 21 -8.56 4.37 2.01
CA ALA A 21 -9.58 4.69 1.03
C ALA A 21 -9.73 3.58 0.01
N LEU A 22 -8.96 2.51 0.19
CA LEU A 22 -9.03 1.36 -0.70
C LEU A 22 -9.45 0.16 0.10
N TYR A 23 -8.87 0.04 1.28
CA TYR A 23 -9.21 -1.04 2.17
C TYR A 23 -10.55 -0.71 2.85
N SER A 24 -10.96 0.57 2.80
CA SER A 24 -12.24 0.95 3.39
C SER A 24 -13.32 -0.01 2.89
N ALA A 25 -13.17 -0.42 1.63
CA ALA A 25 -14.08 -1.38 1.03
C ALA A 25 -13.69 -2.76 1.51
N ALA A 26 -12.38 -2.97 1.63
CA ALA A 26 -11.84 -4.23 2.10
C ALA A 26 -12.35 -4.55 3.51
N SER A 27 -12.40 -3.52 4.36
CA SER A 27 -12.86 -3.68 5.74
C SER A 27 -14.30 -4.21 5.74
N LYS A 28 -15.16 -3.57 4.97
CA LYS A 28 -16.56 -3.98 4.88
C LYS A 28 -16.66 -5.47 4.59
N GLN A 29 -15.71 -5.96 3.80
CA GLN A 29 -15.68 -7.38 3.45
C GLN A 29 -14.93 -8.16 4.53
N ASN A 30 -13.83 -7.57 5.01
CA ASN A 30 -12.98 -8.19 6.03
C ASN A 30 -11.84 -8.92 5.37
N LYS A 31 -11.36 -8.37 4.27
CA LYS A 31 -10.27 -8.96 3.52
C LYS A 31 -8.96 -8.25 3.81
N LEU A 32 -8.90 -7.52 4.93
CA LEU A 32 -7.68 -6.81 5.32
C LEU A 32 -6.46 -7.71 5.14
N GLU A 33 -6.67 -9.02 5.25
CA GLU A 33 -5.58 -9.98 5.08
C GLU A 33 -5.19 -10.09 3.61
N GLN A 34 -6.19 -10.04 2.74
CA GLN A 34 -5.95 -10.11 1.29
C GLN A 34 -5.58 -8.75 0.71
N VAL A 35 -5.60 -7.71 1.55
CA VAL A 35 -5.26 -6.37 1.10
C VAL A 35 -4.05 -5.82 1.85
N GLU A 36 -3.89 -6.27 3.09
CA GLU A 36 -2.76 -5.85 3.92
C GLU A 36 -1.56 -6.73 3.62
N LYS A 37 -1.83 -8.03 3.52
CA LYS A 37 -0.77 -8.98 3.21
C LYS A 37 -0.23 -8.68 1.83
N GLU A 38 -1.11 -8.26 0.92
CA GLU A 38 -0.68 -7.91 -0.41
C GLU A 38 0.13 -6.63 -0.36
N LEU A 39 -0.44 -5.60 0.27
CA LEU A 39 0.25 -4.31 0.40
C LEU A 39 1.68 -4.52 0.89
N LEU A 40 1.89 -5.55 1.70
CA LEU A 40 3.22 -5.84 2.22
C LEU A 40 4.19 -6.11 1.07
N ARG A 41 3.66 -6.55 -0.06
CA ARG A 41 4.48 -6.83 -1.23
C ARG A 41 5.04 -5.55 -1.82
N VAL A 42 4.18 -4.58 -2.09
CA VAL A 42 4.61 -3.30 -2.64
C VAL A 42 5.68 -2.66 -1.76
N GLY A 43 5.61 -2.93 -0.46
CA GLY A 43 6.58 -2.38 0.47
C GLY A 43 7.94 -3.03 0.30
N GLN A 44 7.96 -4.35 0.20
CA GLN A 44 9.20 -5.08 0.03
C GLN A 44 9.85 -4.75 -1.31
N ILE A 45 9.01 -4.46 -2.29
CA ILE A 45 9.49 -4.12 -3.63
C ILE A 45 10.25 -2.80 -3.60
N LEU A 46 9.65 -1.78 -2.98
CA LEU A 46 10.28 -0.47 -2.88
C LEU A 46 11.43 -0.51 -1.88
N LYS A 47 11.31 -1.38 -0.88
CA LYS A 47 12.35 -1.52 0.13
C LYS A 47 13.54 -2.28 -0.46
N GLU A 48 13.26 -3.12 -1.45
CA GLU A 48 14.31 -3.90 -2.10
C GLU A 48 15.35 -2.98 -2.74
N PRO A 49 16.57 -2.94 -2.19
CA PRO A 49 17.64 -2.09 -2.72
C PRO A 49 17.92 -2.36 -4.19
N LYS A 50 17.60 -3.57 -4.64
CA LYS A 50 17.82 -3.95 -6.03
C LYS A 50 16.60 -3.60 -6.88
N MET A 51 15.45 -3.44 -6.23
CA MET A 51 14.22 -3.11 -6.93
C MET A 51 13.87 -1.62 -6.77
N ALA A 52 14.50 -0.96 -5.80
CA ALA A 52 14.24 0.45 -5.56
C ALA A 52 14.82 1.30 -6.68
N ALA A 53 15.90 0.83 -7.29
CA ALA A 53 16.53 1.56 -8.39
C ALA A 53 15.70 1.46 -9.67
N SER A 54 15.10 0.30 -9.89
CA SER A 54 14.28 0.08 -11.08
C SER A 54 12.98 0.87 -10.99
N LEU A 55 12.47 1.03 -9.77
CA LEU A 55 11.22 1.76 -9.56
C LEU A 55 11.48 3.27 -9.50
N LEU A 56 12.73 3.66 -9.28
CA LEU A 56 13.08 5.07 -9.20
C LEU A 56 13.75 5.54 -10.48
N ASN A 57 14.46 4.62 -11.15
CA ASN A 57 15.15 4.94 -12.39
C ASN A 57 14.19 5.54 -13.42
N PRO A 58 14.74 6.03 -14.55
CA PRO A 58 13.93 6.64 -15.62
C PRO A 58 13.04 5.62 -16.34
N TYR A 59 13.19 4.34 -16.00
CA TYR A 59 12.41 3.29 -16.62
C TYR A 59 11.06 3.11 -15.92
N VAL A 60 10.92 3.70 -14.74
CA VAL A 60 9.68 3.61 -13.98
C VAL A 60 8.66 4.65 -14.45
N LYS A 61 8.34 4.62 -15.73
CA LYS A 61 7.39 5.55 -16.31
C LYS A 61 6.05 5.49 -15.58
N ARG A 62 5.07 6.22 -16.10
CA ARG A 62 3.74 6.25 -15.50
C ARG A 62 2.80 5.29 -16.23
N SER A 63 3.36 4.20 -16.75
CA SER A 63 2.57 3.21 -17.46
C SER A 63 3.35 1.91 -17.61
N VAL A 64 4.63 2.03 -17.96
CA VAL A 64 5.48 0.87 -18.15
C VAL A 64 5.59 0.07 -16.85
N LYS A 65 5.96 0.75 -15.76
CA LYS A 65 6.09 0.11 -14.47
C LYS A 65 4.77 -0.51 -14.03
N VAL A 66 3.66 0.09 -14.46
CA VAL A 66 2.34 -0.40 -14.11
C VAL A 66 2.06 -1.75 -14.77
N LYS A 67 2.49 -1.88 -16.02
CA LYS A 67 2.30 -3.13 -16.77
C LYS A 67 3.09 -4.27 -16.15
N SER A 68 4.34 -3.98 -15.78
CA SER A 68 5.21 -4.97 -15.18
C SER A 68 4.68 -5.42 -13.82
N LEU A 69 4.01 -4.50 -13.13
CA LEU A 69 3.45 -4.80 -11.82
C LEU A 69 2.31 -5.81 -11.93
N SER A 70 1.58 -5.75 -13.04
CA SER A 70 0.46 -6.66 -13.26
C SER A 70 0.95 -8.09 -13.44
N ASP A 71 2.00 -8.27 -14.23
CA ASP A 71 2.57 -9.60 -14.45
C ASP A 71 3.46 -9.98 -13.28
N MET A 72 4.06 -8.97 -12.65
CA MET A 72 4.92 -9.20 -11.51
C MET A 72 4.09 -9.47 -10.27
N THR A 73 2.89 -8.90 -10.21
CA THR A 73 2.03 -9.13 -9.07
C THR A 73 1.66 -10.59 -8.98
N ALA A 74 1.60 -11.26 -10.14
CA ALA A 74 1.29 -12.67 -10.16
C ALA A 74 2.16 -13.42 -9.16
N LYS A 75 3.37 -12.87 -8.93
CA LYS A 75 4.29 -13.46 -7.98
C LYS A 75 4.23 -12.75 -6.63
N GLU A 76 3.76 -11.50 -6.64
CA GLU A 76 3.65 -10.73 -5.41
C GLU A 76 2.51 -11.26 -4.55
N LYS A 77 1.28 -11.15 -5.07
CA LYS A 77 0.08 -11.61 -4.37
C LYS A 77 -1.18 -10.87 -4.84
N PHE A 78 -1.02 -9.59 -5.15
CA PHE A 78 -2.14 -8.76 -5.58
C PHE A 78 -3.03 -9.47 -6.58
N SER A 79 -4.24 -8.96 -6.70
CA SER A 79 -5.21 -9.48 -7.65
C SER A 79 -6.63 -9.09 -7.30
N PRO A 80 -7.02 -9.17 -6.01
CA PRO A 80 -8.37 -8.88 -5.59
C PRO A 80 -8.56 -7.50 -4.97
N LEU A 81 -8.07 -7.30 -3.76
CA LEU A 81 -8.22 -6.01 -3.11
C LEU A 81 -6.98 -5.17 -3.31
N THR A 82 -6.10 -5.69 -4.14
CA THR A 82 -4.87 -5.02 -4.47
C THR A 82 -4.73 -4.85 -5.97
N SER A 83 -5.66 -5.42 -6.74
CA SER A 83 -5.61 -5.29 -8.18
C SER A 83 -6.25 -3.97 -8.61
N ASN A 84 -6.20 -3.01 -7.71
CA ASN A 84 -6.74 -1.68 -7.92
C ASN A 84 -5.78 -0.71 -7.27
N LEU A 85 -5.39 -1.07 -6.06
CA LEU A 85 -4.42 -0.30 -5.31
C LEU A 85 -3.08 -0.39 -6.06
N ILE A 86 -2.94 -1.43 -6.89
CA ILE A 86 -1.74 -1.63 -7.65
C ILE A 86 -1.59 -0.52 -8.70
N ASN A 87 -2.58 -0.41 -9.57
CA ASN A 87 -2.57 0.62 -10.60
C ASN A 87 -2.62 2.00 -9.97
N LEU A 88 -3.28 2.09 -8.82
CA LEU A 88 -3.40 3.34 -8.09
C LEU A 88 -2.04 3.81 -7.61
N LEU A 89 -1.19 2.86 -7.20
CA LEU A 89 0.14 3.19 -6.72
C LEU A 89 1.09 3.43 -7.90
N ALA A 90 0.82 2.78 -9.01
CA ALA A 90 1.64 2.91 -10.21
C ALA A 90 1.10 4.01 -11.13
N GLU A 91 -0.05 4.57 -10.78
CA GLU A 91 -0.65 5.64 -11.58
C GLU A 91 -0.38 7.01 -10.98
N ASN A 92 -0.81 7.20 -9.74
CA ASN A 92 -0.61 8.46 -9.05
C ASN A 92 0.87 8.78 -8.91
N GLY A 93 1.70 7.74 -8.89
CA GLY A 93 3.13 7.93 -8.76
C GLY A 93 3.56 8.02 -7.32
N ARG A 94 2.92 7.26 -6.45
CA ARG A 94 3.24 7.25 -5.03
C ARG A 94 4.10 6.05 -4.67
N LEU A 95 4.91 5.59 -5.62
CA LEU A 95 5.79 4.44 -5.38
C LEU A 95 7.14 4.90 -4.87
N THR A 96 7.11 5.71 -3.82
CA THR A 96 8.32 6.23 -3.19
C THR A 96 8.19 6.17 -1.68
N ASN A 97 7.02 6.59 -1.19
CA ASN A 97 6.73 6.56 0.24
C ASN A 97 5.66 5.53 0.54
N THR A 98 5.41 4.65 -0.43
CA THR A 98 4.41 3.60 -0.29
C THR A 98 4.48 2.91 1.08
N PRO A 99 5.68 2.42 1.48
CA PRO A 99 5.85 1.75 2.76
C PRO A 99 5.15 2.48 3.91
N ALA A 100 5.01 3.79 3.77
CA ALA A 100 4.35 4.60 4.78
C ALA A 100 2.84 4.36 4.76
N VAL A 101 2.28 4.20 3.56
CA VAL A 101 0.85 3.96 3.40
C VAL A 101 0.47 2.59 3.95
N ILE A 102 1.39 1.64 3.86
CA ILE A 102 1.14 0.29 4.35
C ILE A 102 1.05 0.27 5.88
N SER A 103 1.92 1.03 6.52
CA SER A 103 1.93 1.11 7.98
C SER A 103 0.58 1.57 8.51
N ALA A 104 0.04 2.63 7.90
CA ALA A 104 -1.25 3.16 8.31
C ALA A 104 -2.33 2.09 8.20
N PHE A 105 -2.14 1.17 7.27
CA PHE A 105 -3.09 0.08 7.06
C PHE A 105 -3.26 -0.73 8.34
N SER A 106 -2.15 -1.00 9.01
CA SER A 106 -2.18 -1.77 10.25
C SER A 106 -2.96 -1.04 11.33
N THR A 107 -2.74 0.26 11.45
CA THR A 107 -3.43 1.07 12.44
C THR A 107 -4.88 1.28 12.05
N MET A 108 -5.12 1.52 10.77
CA MET A 108 -6.47 1.72 10.28
C MET A 108 -7.21 0.40 10.29
N MET A 109 -6.46 -0.69 10.11
CA MET A 109 -7.03 -2.03 10.10
C MET A 109 -7.58 -2.39 11.49
N SER A 110 -7.17 -1.65 12.51
CA SER A 110 -7.65 -1.90 13.87
C SER A 110 -8.88 -1.06 14.18
N VAL A 111 -9.06 0.02 13.43
CA VAL A 111 -10.21 0.89 13.62
C VAL A 111 -11.46 0.31 12.96
N HIS A 112 -11.26 -0.70 12.11
CA HIS A 112 -12.38 -1.33 11.43
C HIS A 112 -13.11 -2.29 12.36
N ARG A 113 -12.40 -2.82 13.35
CA ARG A 113 -12.99 -3.76 14.28
C ARG A 113 -14.01 -3.07 15.17
N GLY A 114 -13.78 -1.79 15.44
CA GLY A 114 -14.69 -1.03 16.28
C GLY A 114 -16.03 -0.80 15.62
N GLU A 115 -16.06 -0.81 14.29
CA GLU A 115 -17.29 -0.60 13.54
C GLU A 115 -17.96 -1.93 13.22
N VAL A 116 -17.16 -2.93 12.84
CA VAL A 116 -17.68 -4.25 12.50
C VAL A 116 -17.17 -5.30 13.48
N PRO A 117 -18.00 -6.33 13.76
CA PRO A 117 -17.63 -7.40 14.69
C PRO A 117 -16.55 -8.32 14.11
N CYS A 118 -16.33 -9.45 14.77
CA CYS A 118 -15.33 -10.42 14.31
C CYS A 118 -15.58 -11.79 14.93
N THR A 119 -16.54 -12.52 14.37
CA THR A 119 -16.88 -13.84 14.86
C THR A 119 -15.72 -14.82 14.66
N VAL A 120 -15.06 -14.70 13.51
CA VAL A 120 -13.92 -15.57 13.20
C VAL A 120 -12.79 -15.39 14.21
N PHE A 1 27.36 4.72 18.39
CA PHE A 1 26.36 5.81 18.35
C PHE A 1 26.83 7.03 19.15
N ALA A 2 26.29 8.20 18.82
CA ALA A 2 26.66 9.43 19.50
C ALA A 2 25.47 10.37 19.60
N LYS A 3 24.27 9.81 19.71
CA LYS A 3 23.06 10.61 19.80
C LYS A 3 22.87 11.47 18.57
N LEU A 4 21.92 11.09 17.71
CA LEU A 4 21.65 11.83 16.48
C LEU A 4 20.15 12.10 16.34
N VAL A 5 19.81 13.29 15.85
CA VAL A 5 18.43 13.67 15.66
C VAL A 5 17.77 12.81 14.59
N ARG A 6 16.61 12.24 14.92
CA ARG A 6 15.88 11.40 13.99
C ARG A 6 14.37 11.47 14.25
N PRO A 7 13.69 12.45 13.62
CA PRO A 7 12.25 12.62 13.79
C PRO A 7 11.44 11.51 13.13
N PRO A 8 10.80 10.64 13.94
CA PRO A 8 10.01 9.52 13.42
C PRO A 8 8.72 10.00 12.74
N VAL A 9 8.13 9.13 11.93
CA VAL A 9 6.90 9.45 11.22
C VAL A 9 5.92 8.29 11.25
N GLN A 10 6.16 7.29 10.40
CA GLN A 10 5.30 6.11 10.32
C GLN A 10 3.94 6.46 9.75
N ILE A 11 3.18 7.27 10.48
CA ILE A 11 1.85 7.68 10.05
C ILE A 11 1.79 9.18 9.81
N TYR A 12 0.83 9.62 9.01
CA TYR A 12 0.69 11.04 8.68
C TYR A 12 -0.77 11.40 8.42
N GLY A 13 -1.32 10.89 7.32
CA GLY A 13 -2.70 11.18 7.00
C GLY A 13 -3.02 10.93 5.53
N ILE A 14 -2.57 11.84 4.68
CA ILE A 14 -2.80 11.72 3.24
C ILE A 14 -2.33 10.38 2.70
N GLU A 15 -1.12 9.98 3.11
CA GLU A 15 -0.57 8.71 2.67
C GLU A 15 -1.29 7.55 3.34
N GLY A 16 -1.72 7.76 4.58
CA GLY A 16 -2.44 6.73 5.30
C GLY A 16 -3.85 6.56 4.78
N ARG A 17 -4.42 7.64 4.27
CA ARG A 17 -5.78 7.62 3.73
C ARG A 17 -5.82 6.82 2.43
N TYR A 18 -4.68 6.76 1.73
CA TYR A 18 -4.60 6.04 0.48
C TYR A 18 -5.05 4.59 0.68
N ALA A 19 -4.48 3.96 1.68
CA ALA A 19 -4.81 2.58 2.00
C ALA A 19 -6.24 2.49 2.52
N THR A 20 -6.63 3.43 3.37
CA THR A 20 -7.97 3.44 3.91
C THR A 20 -9.00 3.76 2.85
N ALA A 21 -8.57 4.43 1.78
CA ALA A 21 -9.48 4.76 0.70
C ALA A 21 -9.48 3.67 -0.36
N LEU A 22 -8.74 2.61 -0.10
CA LEU A 22 -8.67 1.47 -1.02
C LEU A 22 -9.13 0.25 -0.28
N TYR A 23 -8.71 0.14 0.97
CA TYR A 23 -9.11 -0.95 1.80
C TYR A 23 -10.51 -0.68 2.33
N SER A 24 -10.95 0.59 2.28
CA SER A 24 -12.30 0.94 2.73
C SER A 24 -13.30 -0.01 2.10
N ALA A 25 -13.08 -0.30 0.82
CA ALA A 25 -13.93 -1.24 0.10
C ALA A 25 -13.60 -2.65 0.53
N ALA A 26 -12.32 -2.88 0.80
CA ALA A 26 -11.85 -4.18 1.25
C ALA A 26 -12.42 -4.51 2.62
N SER A 27 -12.66 -3.48 3.42
CA SER A 27 -13.20 -3.65 4.77
C SER A 27 -14.61 -4.25 4.69
N LYS A 28 -15.44 -3.68 3.83
CA LYS A 28 -16.81 -4.16 3.66
C LYS A 28 -16.81 -5.66 3.35
N GLN A 29 -15.77 -6.10 2.65
CA GLN A 29 -15.63 -7.50 2.30
C GLN A 29 -14.92 -8.26 3.42
N ASN A 30 -13.91 -7.61 4.00
CA ASN A 30 -13.13 -8.20 5.09
C ASN A 30 -11.87 -8.87 4.53
N LYS A 31 -11.37 -8.31 3.45
CA LYS A 31 -10.17 -8.84 2.80
C LYS A 31 -8.91 -8.18 3.34
N LEU A 32 -9.04 -7.46 4.46
CA LEU A 32 -7.90 -6.79 5.07
C LEU A 32 -6.68 -7.71 5.13
N GLU A 33 -6.95 -9.02 5.21
CA GLU A 33 -5.87 -9.99 5.26
C GLU A 33 -5.24 -10.15 3.88
N GLN A 34 -6.06 -10.00 2.84
CA GLN A 34 -5.60 -10.10 1.46
C GLN A 34 -5.12 -8.74 0.96
N VAL A 35 -5.37 -7.69 1.72
CA VAL A 35 -4.95 -6.35 1.34
C VAL A 35 -3.83 -5.84 2.23
N GLU A 36 -3.78 -6.35 3.45
CA GLU A 36 -2.75 -5.96 4.40
C GLU A 36 -1.53 -6.84 4.21
N LYS A 37 -1.78 -8.12 3.95
CA LYS A 37 -0.70 -9.06 3.73
C LYS A 37 -0.01 -8.73 2.42
N GLU A 38 -0.79 -8.32 1.42
CA GLU A 38 -0.22 -7.95 0.15
C GLU A 38 0.51 -6.61 0.29
N LEU A 39 -0.12 -5.69 1.02
CA LEU A 39 0.47 -4.37 1.24
C LEU A 39 1.91 -4.52 1.73
N LEU A 40 2.15 -5.52 2.57
CA LEU A 40 3.50 -5.75 3.10
C LEU A 40 4.46 -6.07 1.96
N ARG A 41 3.90 -6.50 0.82
CA ARG A 41 4.71 -6.83 -0.34
C ARG A 41 5.25 -5.57 -1.01
N VAL A 42 4.37 -4.60 -1.25
CA VAL A 42 4.76 -3.35 -1.87
C VAL A 42 5.87 -2.67 -1.07
N GLY A 43 5.87 -2.89 0.24
CA GLY A 43 6.88 -2.29 1.09
C GLY A 43 8.24 -2.94 0.90
N GLN A 44 8.26 -4.27 0.81
CA GLN A 44 9.49 -5.01 0.61
C GLN A 44 10.10 -4.70 -0.75
N ILE A 45 9.24 -4.40 -1.72
CA ILE A 45 9.68 -4.09 -3.07
C ILE A 45 10.60 -2.85 -3.07
N LEU A 46 10.28 -1.88 -2.22
CA LEU A 46 11.08 -0.66 -2.14
C LEU A 46 12.38 -0.93 -1.40
N LYS A 47 12.35 -1.88 -0.46
CA LYS A 47 13.53 -2.23 0.31
C LYS A 47 14.50 -3.02 -0.57
N GLU A 48 13.97 -3.62 -1.64
CA GLU A 48 14.78 -4.40 -2.56
C GLU A 48 15.73 -3.50 -3.35
N PRO A 49 17.05 -3.62 -3.12
CA PRO A 49 18.04 -2.80 -3.84
C PRO A 49 17.87 -2.87 -5.35
N LYS A 50 17.64 -4.07 -5.86
CA LYS A 50 17.45 -4.27 -7.29
C LYS A 50 16.17 -3.59 -7.77
N MET A 51 15.18 -3.51 -6.88
CA MET A 51 13.91 -2.88 -7.21
C MET A 51 14.04 -1.37 -7.29
N ALA A 52 14.88 -0.81 -6.42
CA ALA A 52 15.10 0.63 -6.40
C ALA A 52 15.60 1.14 -7.75
N ALA A 53 16.34 0.29 -8.46
CA ALA A 53 16.88 0.64 -9.76
C ALA A 53 15.87 0.36 -10.88
N SER A 54 14.67 -0.06 -10.50
CA SER A 54 13.63 -0.37 -11.48
C SER A 54 12.36 0.43 -11.20
N LEU A 55 12.04 0.63 -9.93
CA LEU A 55 10.85 1.37 -9.53
C LEU A 55 11.02 2.86 -9.82
N LEU A 56 12.16 3.41 -9.40
CA LEU A 56 12.43 4.83 -9.60
C LEU A 56 13.03 5.09 -10.99
N ASN A 57 13.36 4.02 -11.70
CA ASN A 57 13.94 4.15 -13.03
C ASN A 57 13.01 4.95 -13.96
N PRO A 58 13.57 5.88 -14.75
CA PRO A 58 12.78 6.71 -15.67
C PRO A 58 12.15 5.90 -16.79
N TYR A 59 12.55 4.63 -16.90
CA TYR A 59 12.02 3.75 -17.94
C TYR A 59 10.69 3.14 -17.51
N VAL A 60 10.47 3.04 -16.20
CA VAL A 60 9.24 2.48 -15.68
C VAL A 60 8.18 3.56 -15.50
N LYS A 61 7.84 4.23 -16.60
CA LYS A 61 6.83 5.29 -16.58
C LYS A 61 5.54 4.81 -15.93
N ARG A 62 4.54 5.69 -15.87
CA ARG A 62 3.26 5.37 -15.27
C ARG A 62 2.62 4.17 -15.96
N SER A 63 2.47 4.27 -17.28
CA SER A 63 1.87 3.19 -18.06
C SER A 63 2.62 1.89 -17.87
N VAL A 64 3.92 1.91 -18.15
CA VAL A 64 4.76 0.73 -18.00
C VAL A 64 4.72 0.20 -16.57
N LYS A 65 4.54 1.10 -15.61
CA LYS A 65 4.47 0.73 -14.21
C LYS A 65 3.22 -0.09 -13.91
N VAL A 66 2.13 0.26 -14.58
CA VAL A 66 0.87 -0.45 -14.38
C VAL A 66 0.94 -1.86 -14.94
N LYS A 67 1.45 -1.99 -16.16
CA LYS A 67 1.57 -3.29 -16.80
C LYS A 67 2.67 -4.11 -16.13
N SER A 68 3.68 -3.43 -15.60
CA SER A 68 4.78 -4.10 -14.93
C SER A 68 4.37 -4.56 -13.54
N LEU A 69 3.44 -3.82 -12.93
CA LEU A 69 2.96 -4.17 -11.60
C LEU A 69 2.01 -5.36 -11.66
N SER A 70 1.16 -5.38 -12.68
CA SER A 70 0.19 -6.46 -12.86
C SER A 70 0.90 -7.75 -13.26
N ASP A 71 2.05 -7.63 -13.90
CA ASP A 71 2.81 -8.79 -14.32
C ASP A 71 3.80 -9.19 -13.23
N MET A 72 4.29 -8.18 -12.51
CA MET A 72 5.23 -8.42 -11.43
C MET A 72 4.46 -8.84 -10.19
N THR A 73 3.22 -8.37 -10.06
CA THR A 73 2.42 -8.75 -8.91
C THR A 73 2.12 -10.23 -8.96
N ALA A 74 2.04 -10.79 -10.17
CA ALA A 74 1.79 -12.21 -10.32
C ALA A 74 2.74 -12.99 -9.42
N LYS A 75 3.92 -12.41 -9.19
CA LYS A 75 4.92 -13.03 -8.34
C LYS A 75 4.87 -12.42 -6.94
N GLU A 76 4.36 -11.19 -6.84
CA GLU A 76 4.26 -10.51 -5.56
C GLU A 76 3.19 -11.16 -4.70
N LYS A 77 1.93 -11.07 -5.15
CA LYS A 77 0.78 -11.67 -4.44
C LYS A 77 -0.52 -10.95 -4.80
N PHE A 78 -0.45 -9.63 -5.02
CA PHE A 78 -1.64 -8.84 -5.34
C PHE A 78 -2.50 -9.52 -6.37
N SER A 79 -3.70 -8.98 -6.52
CA SER A 79 -4.66 -9.51 -7.48
C SER A 79 -6.09 -9.13 -7.13
N PRO A 80 -6.48 -9.24 -5.85
CA PRO A 80 -7.84 -8.97 -5.42
C PRO A 80 -8.05 -7.59 -4.82
N LEU A 81 -7.62 -7.39 -3.56
CA LEU A 81 -7.81 -6.10 -2.93
C LEU A 81 -6.59 -5.24 -3.12
N THR A 82 -5.65 -5.78 -3.88
CA THR A 82 -4.42 -5.09 -4.17
C THR A 82 -4.28 -4.86 -5.66
N SER A 83 -5.22 -5.39 -6.45
CA SER A 83 -5.16 -5.20 -7.88
C SER A 83 -5.81 -3.86 -8.26
N ASN A 84 -5.78 -2.93 -7.32
CA ASN A 84 -6.33 -1.60 -7.49
C ASN A 84 -5.37 -0.65 -6.83
N LEU A 85 -4.97 -1.01 -5.63
CA LEU A 85 -3.99 -0.25 -4.88
C LEU A 85 -2.67 -0.33 -5.63
N ILE A 86 -2.54 -1.37 -6.47
CA ILE A 86 -1.33 -1.56 -7.25
C ILE A 86 -1.17 -0.45 -8.29
N ASN A 87 -2.17 -0.32 -9.14
CA ASN A 87 -2.15 0.71 -10.18
C ASN A 87 -2.29 2.09 -9.57
N LEU A 88 -2.85 2.14 -8.36
CA LEU A 88 -3.04 3.41 -7.66
C LEU A 88 -1.74 3.88 -7.01
N LEU A 89 -0.94 2.94 -6.55
CA LEU A 89 0.33 3.29 -5.91
C LEU A 89 1.34 3.76 -6.95
N ALA A 90 1.24 3.20 -8.14
CA ALA A 90 2.14 3.56 -9.24
C ALA A 90 1.42 4.44 -10.26
N GLU A 91 0.33 5.08 -9.83
CA GLU A 91 -0.44 5.94 -10.71
C GLU A 91 0.13 7.35 -10.70
N ASN A 92 0.42 7.87 -9.51
CA ASN A 92 0.97 9.21 -9.38
C ASN A 92 2.37 9.18 -8.79
N GLY A 93 3.00 8.01 -8.81
CA GLY A 93 4.35 7.89 -8.27
C GLY A 93 4.35 7.70 -6.76
N ARG A 94 3.52 6.79 -6.28
CA ARG A 94 3.43 6.52 -4.85
C ARG A 94 4.27 5.32 -4.46
N LEU A 95 5.34 5.07 -5.22
CA LEU A 95 6.24 3.96 -4.94
C LEU A 95 7.50 4.43 -4.24
N THR A 96 7.36 5.49 -3.44
CA THR A 96 8.49 6.04 -2.71
C THR A 96 8.29 5.87 -1.21
N ASN A 97 7.05 6.03 -0.76
CA ASN A 97 6.71 5.89 0.65
C ASN A 97 5.67 4.78 0.86
N THR A 98 5.59 3.86 -0.11
CA THR A 98 4.62 2.76 -0.04
C THR A 98 4.56 2.15 1.37
N PRO A 99 5.73 1.77 1.96
CA PRO A 99 5.76 1.18 3.30
C PRO A 99 5.10 2.08 4.34
N ALA A 100 4.99 3.37 4.02
CA ALA A 100 4.37 4.32 4.94
C ALA A 100 2.85 4.20 4.91
N VAL A 101 2.31 3.87 3.74
CA VAL A 101 0.87 3.72 3.59
C VAL A 101 0.37 2.46 4.29
N ILE A 102 1.27 1.50 4.50
CA ILE A 102 0.91 0.25 5.17
C ILE A 102 0.70 0.47 6.66
N SER A 103 1.45 1.41 7.23
CA SER A 103 1.34 1.71 8.66
C SER A 103 -0.09 2.10 9.01
N ALA A 104 -0.65 3.04 8.25
CA ALA A 104 -2.01 3.49 8.49
C ALA A 104 -2.99 2.32 8.43
N PHE A 105 -2.66 1.32 7.61
CA PHE A 105 -3.49 0.15 7.45
C PHE A 105 -3.64 -0.59 8.78
N SER A 106 -2.62 -0.49 9.63
CA SER A 106 -2.65 -1.15 10.92
C SER A 106 -3.39 -0.33 11.98
N THR A 107 -3.56 0.96 11.72
CA THR A 107 -4.27 1.83 12.64
C THR A 107 -5.70 2.02 12.17
N MET A 108 -5.89 1.99 10.87
CA MET A 108 -7.22 2.13 10.30
C MET A 108 -7.96 0.80 10.38
N MET A 109 -7.19 -0.29 10.44
CA MET A 109 -7.80 -1.61 10.54
C MET A 109 -8.59 -1.71 11.84
N SER A 110 -8.08 -1.09 12.89
CA SER A 110 -8.75 -1.09 14.19
C SER A 110 -10.17 -0.55 14.06
N VAL A 111 -10.41 0.24 13.01
CA VAL A 111 -11.72 0.82 12.77
C VAL A 111 -12.68 -0.21 12.16
N HIS A 112 -12.16 -1.02 11.25
CA HIS A 112 -12.99 -2.04 10.61
C HIS A 112 -13.16 -3.25 11.54
N ARG A 113 -12.16 -3.50 12.37
CA ARG A 113 -12.20 -4.61 13.31
C ARG A 113 -12.95 -4.23 14.58
N GLY A 114 -12.92 -2.94 14.91
CA GLY A 114 -13.59 -2.47 16.11
C GLY A 114 -14.79 -1.59 15.80
N GLU A 115 -14.57 -0.56 14.99
CA GLU A 115 -15.64 0.35 14.61
C GLU A 115 -16.44 -0.20 13.43
N VAL A 116 -16.99 -1.39 13.60
CA VAL A 116 -17.78 -2.02 12.55
C VAL A 116 -19.09 -2.60 13.12
N PRO A 117 -20.21 -2.40 12.42
CA PRO A 117 -21.52 -2.90 12.86
C PRO A 117 -21.60 -4.43 12.78
N CYS A 118 -21.12 -4.98 11.69
CA CYS A 118 -21.15 -6.43 11.48
C CYS A 118 -20.11 -7.11 12.37
N THR A 119 -20.45 -7.27 13.65
CA THR A 119 -19.55 -7.92 14.61
C THR A 119 -19.65 -9.43 14.51
N VAL A 120 -18.92 -10.12 15.38
CA VAL A 120 -18.93 -11.58 15.39
C VAL A 120 -18.25 -12.12 16.65
N PHE A 1 3.61 14.38 14.88
CA PHE A 1 4.06 15.35 15.92
C PHE A 1 5.03 16.37 15.34
N ALA A 2 4.73 17.65 15.57
CA ALA A 2 5.58 18.73 15.07
C ALA A 2 6.53 19.23 16.15
N LYS A 3 6.00 19.39 17.36
CA LYS A 3 6.78 19.87 18.49
C LYS A 3 7.79 18.81 18.94
N LEU A 4 8.97 19.25 19.34
CA LEU A 4 10.02 18.34 19.80
C LEU A 4 10.42 17.38 18.68
N VAL A 5 11.67 16.91 18.74
CA VAL A 5 12.19 15.99 17.73
C VAL A 5 11.52 14.62 17.85
N ARG A 6 11.17 14.05 16.71
CA ARG A 6 10.53 12.74 16.67
C ARG A 6 10.30 12.27 15.24
N PRO A 7 11.31 11.61 14.64
CA PRO A 7 11.21 11.10 13.26
C PRO A 7 10.03 10.17 13.06
N PRO A 8 9.81 9.21 13.98
CA PRO A 8 8.69 8.27 13.89
C PRO A 8 7.36 8.97 13.67
N VAL A 9 6.37 8.21 13.19
CA VAL A 9 5.04 8.76 12.94
C VAL A 9 4.00 7.64 12.79
N GLN A 10 3.95 7.04 11.60
CA GLN A 10 3.00 5.97 11.33
C GLN A 10 1.55 6.47 11.37
N ILE A 11 1.38 7.79 11.40
CA ILE A 11 0.06 8.39 11.44
C ILE A 11 0.09 9.80 10.87
N TYR A 12 -0.66 10.02 9.79
CA TYR A 12 -0.70 11.31 9.12
C TYR A 12 -2.12 11.68 8.70
N GLY A 13 -2.61 11.04 7.64
CA GLY A 13 -3.94 11.31 7.16
C GLY A 13 -4.12 10.99 5.69
N ILE A 14 -3.61 11.87 4.83
CA ILE A 14 -3.72 11.68 3.39
C ILE A 14 -3.17 10.32 2.97
N GLU A 15 -1.99 9.99 3.48
CA GLU A 15 -1.35 8.72 3.15
C GLU A 15 -2.08 7.57 3.85
N GLY A 16 -2.66 7.86 5.01
CA GLY A 16 -3.39 6.83 5.74
C GLY A 16 -4.75 6.57 5.13
N ARG A 17 -5.33 7.61 4.52
CA ARG A 17 -6.64 7.47 3.88
C ARG A 17 -6.54 6.65 2.61
N TYR A 18 -5.37 6.64 1.99
CA TYR A 18 -5.15 5.87 0.77
C TYR A 18 -5.54 4.41 0.99
N ALA A 19 -5.07 3.85 2.09
CA ALA A 19 -5.38 2.47 2.43
C ALA A 19 -6.82 2.35 2.88
N THR A 20 -7.33 3.38 3.54
CA THR A 20 -8.70 3.39 4.01
C THR A 20 -9.67 3.53 2.85
N ALA A 21 -9.21 4.18 1.78
CA ALA A 21 -10.04 4.37 0.60
C ALA A 21 -9.86 3.22 -0.37
N LEU A 22 -9.10 2.21 0.03
CA LEU A 22 -8.89 1.03 -0.78
C LEU A 22 -9.46 -0.16 -0.05
N TYR A 23 -9.14 -0.23 1.23
CA TYR A 23 -9.66 -1.29 2.06
C TYR A 23 -11.14 -1.04 2.30
N SER A 24 -11.61 0.20 2.03
CA SER A 24 -13.03 0.51 2.21
C SER A 24 -13.86 -0.55 1.51
N ALA A 25 -13.35 -1.03 0.38
CA ALA A 25 -14.00 -2.09 -0.36
C ALA A 25 -13.60 -3.42 0.25
N ALA A 26 -12.37 -3.49 0.76
CA ALA A 26 -11.87 -4.69 1.40
C ALA A 26 -12.53 -4.89 2.76
N SER A 27 -13.20 -3.84 3.25
CA SER A 27 -13.89 -3.91 4.54
C SER A 27 -15.18 -4.70 4.41
N LYS A 28 -15.94 -4.39 3.36
CA LYS A 28 -17.20 -5.09 3.10
C LYS A 28 -16.94 -6.57 2.91
N GLN A 29 -15.74 -6.90 2.43
CA GLN A 29 -15.35 -8.28 2.20
C GLN A 29 -14.64 -8.84 3.42
N ASN A 30 -13.66 -8.07 3.94
CA ASN A 30 -12.88 -8.47 5.11
C ASN A 30 -11.52 -8.98 4.66
N LYS A 31 -11.01 -8.39 3.59
CA LYS A 31 -9.72 -8.78 3.05
C LYS A 31 -8.59 -7.97 3.67
N LEU A 32 -8.85 -7.31 4.81
CA LEU A 32 -7.83 -6.53 5.50
C LEU A 32 -6.51 -7.28 5.50
N GLU A 33 -6.59 -8.59 5.60
CA GLU A 33 -5.41 -9.44 5.58
C GLU A 33 -4.83 -9.53 4.17
N GLN A 34 -5.72 -9.67 3.20
CA GLN A 34 -5.33 -9.75 1.80
C GLN A 34 -4.86 -8.39 1.28
N VAL A 35 -5.13 -7.33 2.05
CA VAL A 35 -4.73 -5.98 1.66
C VAL A 35 -3.67 -5.44 2.62
N GLU A 36 -3.56 -6.06 3.78
CA GLU A 36 -2.58 -5.63 4.77
C GLU A 36 -1.32 -6.45 4.63
N LYS A 37 -1.51 -7.73 4.32
CA LYS A 37 -0.39 -8.64 4.11
C LYS A 37 0.24 -8.34 2.77
N GLU A 38 -0.59 -7.98 1.80
CA GLU A 38 -0.09 -7.64 0.49
C GLU A 38 0.70 -6.34 0.56
N LEU A 39 0.11 -5.32 1.18
CA LEU A 39 0.76 -4.03 1.33
C LEU A 39 2.19 -4.21 1.84
N LEU A 40 2.40 -5.20 2.69
CA LEU A 40 3.73 -5.48 3.23
C LEU A 40 4.70 -5.82 2.10
N ARG A 41 4.16 -6.39 1.03
CA ARG A 41 4.96 -6.76 -0.12
C ARG A 41 5.54 -5.52 -0.81
N VAL A 42 4.70 -4.50 -0.99
CA VAL A 42 5.12 -3.27 -1.61
C VAL A 42 6.35 -2.68 -0.90
N GLY A 43 6.49 -3.00 0.38
CA GLY A 43 7.62 -2.50 1.14
C GLY A 43 8.92 -3.19 0.76
N GLN A 44 8.86 -4.52 0.64
CA GLN A 44 10.05 -5.30 0.28
C GLN A 44 10.47 -5.00 -1.16
N ILE A 45 9.49 -4.64 -2.00
CA ILE A 45 9.75 -4.34 -3.39
C ILE A 45 10.58 -3.07 -3.53
N LEU A 46 10.26 -2.06 -2.73
CA LEU A 46 10.98 -0.80 -2.77
C LEU A 46 12.39 -0.96 -2.22
N LYS A 47 12.51 -1.65 -1.10
CA LYS A 47 13.80 -1.90 -0.49
C LYS A 47 14.63 -2.86 -1.32
N GLU A 48 13.96 -3.64 -2.17
CA GLU A 48 14.64 -4.60 -3.02
C GLU A 48 15.59 -3.89 -3.99
N PRO A 49 16.79 -4.47 -4.21
CA PRO A 49 17.79 -3.88 -5.11
C PRO A 49 17.41 -4.03 -6.58
N LYS A 50 16.97 -5.23 -6.96
CA LYS A 50 16.57 -5.52 -8.33
C LYS A 50 15.40 -4.63 -8.74
N MET A 51 14.54 -4.31 -7.78
CA MET A 51 13.38 -3.47 -8.05
C MET A 51 13.77 -2.00 -8.09
N ALA A 52 14.79 -1.64 -7.32
CA ALA A 52 15.26 -0.26 -7.26
C ALA A 52 15.58 0.27 -8.66
N ALA A 53 15.95 -0.64 -9.56
CA ALA A 53 16.26 -0.26 -10.93
C ALA A 53 15.01 -0.17 -11.80
N SER A 54 13.85 -0.40 -11.19
CA SER A 54 12.58 -0.35 -11.92
C SER A 54 11.59 0.58 -11.24
N LEU A 55 11.56 0.53 -9.90
CA LEU A 55 10.64 1.37 -9.13
C LEU A 55 11.06 2.83 -9.19
N LEU A 56 12.36 3.07 -9.31
CA LEU A 56 12.89 4.42 -9.38
C LEU A 56 13.58 4.68 -10.72
N ASN A 57 13.17 3.93 -11.74
CA ASN A 57 13.76 4.08 -13.07
C ASN A 57 12.84 4.87 -13.99
N PRO A 58 13.26 6.07 -14.42
CA PRO A 58 12.47 6.91 -15.33
C PRO A 58 12.17 6.23 -16.66
N TYR A 59 12.87 5.12 -16.91
CA TYR A 59 12.69 4.37 -18.14
C TYR A 59 11.43 3.53 -18.10
N VAL A 60 11.02 3.13 -16.90
CA VAL A 60 9.82 2.32 -16.73
C VAL A 60 8.58 3.04 -17.24
N LYS A 61 8.68 4.36 -17.39
CA LYS A 61 7.55 5.15 -17.88
C LYS A 61 6.35 5.04 -16.93
N ARG A 62 5.24 5.64 -17.34
CA ARG A 62 4.03 5.61 -16.53
C ARG A 62 3.09 4.50 -17.01
N SER A 63 2.69 4.58 -18.27
CA SER A 63 1.78 3.59 -18.85
C SER A 63 2.42 2.20 -18.83
N VAL A 64 3.64 2.10 -19.32
CA VAL A 64 4.36 0.83 -19.35
C VAL A 64 4.40 0.19 -17.97
N LYS A 65 4.76 1.00 -16.96
CA LYS A 65 4.84 0.52 -15.60
C LYS A 65 3.53 -0.13 -15.17
N VAL A 66 2.42 0.34 -15.74
CA VAL A 66 1.11 -0.21 -15.42
C VAL A 66 1.03 -1.69 -15.76
N LYS A 67 1.52 -2.06 -16.94
CA LYS A 67 1.50 -3.45 -17.37
C LYS A 67 2.40 -4.29 -16.48
N SER A 68 3.58 -3.78 -16.19
CA SER A 68 4.53 -4.50 -15.35
C SER A 68 3.98 -4.67 -13.94
N LEU A 69 3.10 -3.74 -13.54
CA LEU A 69 2.50 -3.79 -12.21
C LEU A 69 1.59 -5.00 -12.07
N SER A 70 0.98 -5.41 -13.18
CA SER A 70 0.09 -6.56 -13.17
C SER A 70 0.88 -7.85 -13.31
N ASP A 71 2.02 -7.77 -14.00
CA ASP A 71 2.88 -8.93 -14.20
C ASP A 71 3.87 -9.08 -13.06
N MET A 72 3.93 -8.08 -12.18
CA MET A 72 4.83 -8.14 -11.03
C MET A 72 4.04 -8.62 -9.82
N THR A 73 2.76 -8.26 -9.79
CA THR A 73 1.88 -8.66 -8.73
C THR A 73 1.71 -10.18 -8.73
N ALA A 74 1.66 -10.77 -9.93
CA ALA A 74 1.51 -12.21 -10.08
C ALA A 74 2.62 -12.95 -9.32
N LYS A 75 3.78 -12.31 -9.22
CA LYS A 75 4.91 -12.91 -8.53
C LYS A 75 5.05 -12.34 -7.12
N GLU A 76 4.61 -11.09 -6.95
CA GLU A 76 4.68 -10.44 -5.65
C GLU A 76 3.70 -11.08 -4.68
N LYS A 77 2.41 -11.00 -5.00
CA LYS A 77 1.35 -11.57 -4.16
C LYS A 77 0.01 -10.90 -4.47
N PHE A 78 0.05 -9.59 -4.71
CA PHE A 78 -1.15 -8.82 -5.01
C PHE A 78 -2.07 -9.53 -5.97
N SER A 79 -3.26 -8.97 -6.16
CA SER A 79 -4.23 -9.55 -7.08
C SER A 79 -5.65 -9.10 -6.79
N PRO A 80 -6.09 -9.14 -5.52
CA PRO A 80 -7.44 -8.80 -5.16
C PRO A 80 -7.63 -7.40 -4.60
N LEU A 81 -7.23 -7.18 -3.35
CA LEU A 81 -7.39 -5.86 -2.75
C LEU A 81 -6.15 -5.04 -2.96
N THR A 82 -5.22 -5.62 -3.71
CA THR A 82 -3.97 -4.98 -4.01
C THR A 82 -3.79 -4.82 -5.51
N SER A 83 -4.73 -5.34 -6.30
CA SER A 83 -4.64 -5.20 -7.74
C SER A 83 -5.30 -3.92 -8.22
N ASN A 84 -5.34 -2.94 -7.32
CA ASN A 84 -5.91 -1.64 -7.60
C ASN A 84 -5.01 -0.61 -6.97
N LEU A 85 -4.66 -0.87 -5.71
CA LEU A 85 -3.74 -0.02 -5.01
C LEU A 85 -2.36 -0.15 -5.65
N ILE A 86 -2.17 -1.25 -6.42
CA ILE A 86 -0.91 -1.47 -7.08
C ILE A 86 -0.67 -0.40 -8.15
N ASN A 87 -1.67 -0.20 -9.01
CA ASN A 87 -1.58 0.79 -10.06
C ASN A 87 -1.69 2.20 -9.49
N LEU A 88 -2.39 2.30 -8.36
CA LEU A 88 -2.57 3.59 -7.69
C LEU A 88 -1.30 4.00 -6.96
N LEU A 89 -0.54 3.01 -6.49
CA LEU A 89 0.71 3.30 -5.78
C LEU A 89 1.76 3.85 -6.74
N ALA A 90 1.79 3.29 -7.95
CA ALA A 90 2.74 3.74 -8.96
C ALA A 90 2.10 4.74 -9.92
N GLU A 91 0.99 5.33 -9.50
CA GLU A 91 0.29 6.32 -10.31
C GLU A 91 0.73 7.73 -9.97
N ASN A 92 0.63 8.09 -8.69
CA ASN A 92 1.02 9.40 -8.23
C ASN A 92 2.45 9.40 -7.70
N GLY A 93 2.87 8.26 -7.17
CA GLY A 93 4.22 8.14 -6.63
C GLY A 93 4.23 7.83 -5.15
N ARG A 94 3.24 7.06 -4.70
CA ARG A 94 3.14 6.69 -3.29
C ARG A 94 4.36 5.87 -2.85
N LEU A 95 5.02 5.23 -3.81
CA LEU A 95 6.19 4.42 -3.50
C LEU A 95 7.25 5.25 -2.78
N THR A 96 8.38 4.63 -2.47
CA THR A 96 9.48 5.28 -1.76
C THR A 96 9.17 5.31 -0.27
N ASN A 97 8.04 5.90 0.08
CA ASN A 97 7.61 5.97 1.47
C ASN A 97 6.59 4.87 1.76
N THR A 98 6.69 3.78 1.00
CA THR A 98 5.77 2.64 1.14
C THR A 98 5.50 2.29 2.61
N PRO A 99 6.54 2.18 3.45
CA PRO A 99 6.36 1.84 4.88
C PRO A 99 5.26 2.66 5.54
N ALA A 100 5.00 3.85 5.00
CA ALA A 100 3.97 4.73 5.55
C ALA A 100 2.58 4.28 5.11
N VAL A 101 2.50 3.75 3.89
CA VAL A 101 1.22 3.30 3.36
C VAL A 101 0.85 1.91 3.89
N ILE A 102 1.87 1.17 4.34
CA ILE A 102 1.66 -0.17 4.87
C ILE A 102 1.38 -0.12 6.37
N SER A 103 2.01 0.83 7.06
CA SER A 103 1.84 0.97 8.50
C SER A 103 0.57 1.76 8.82
N ALA A 104 0.19 2.65 7.92
CA ALA A 104 -1.01 3.48 8.12
C ALA A 104 -2.28 2.64 7.96
N PHE A 105 -2.19 1.58 7.17
CA PHE A 105 -3.32 0.70 6.94
C PHE A 105 -3.68 -0.09 8.19
N SER A 106 -2.65 -0.53 8.91
CA SER A 106 -2.85 -1.31 10.12
C SER A 106 -3.72 -0.55 11.13
N THR A 107 -3.70 0.77 11.04
CA THR A 107 -4.50 1.61 11.94
C THR A 107 -5.91 1.77 11.41
N MET A 108 -6.04 1.82 10.09
CA MET A 108 -7.34 1.96 9.47
C MET A 108 -8.07 0.62 9.42
N MET A 109 -7.29 -0.46 9.38
CA MET A 109 -7.84 -1.80 9.34
C MET A 109 -8.21 -2.29 10.75
N SER A 110 -7.81 -1.53 11.77
CA SER A 110 -8.12 -1.90 13.15
C SER A 110 -9.27 -1.07 13.69
N VAL A 111 -9.32 0.20 13.30
CA VAL A 111 -10.39 1.08 13.73
C VAL A 111 -11.74 0.61 13.19
N HIS A 112 -11.70 -0.30 12.22
CA HIS A 112 -12.91 -0.83 11.62
C HIS A 112 -13.63 -1.76 12.59
N ARG A 113 -12.86 -2.39 13.49
CA ARG A 113 -13.43 -3.30 14.47
C ARG A 113 -14.39 -2.57 15.40
N GLY A 114 -14.03 -1.36 15.79
CA GLY A 114 -14.87 -0.57 16.67
C GLY A 114 -16.14 -0.10 16.00
N GLU A 115 -16.04 0.25 14.72
CA GLU A 115 -17.20 0.71 13.96
C GLU A 115 -18.23 -0.39 13.82
N VAL A 116 -17.76 -1.63 13.75
CA VAL A 116 -18.66 -2.78 13.61
C VAL A 116 -18.74 -3.57 14.91
N PRO A 117 -19.60 -3.13 15.85
CA PRO A 117 -19.77 -3.80 17.13
C PRO A 117 -20.49 -5.15 17.00
N CYS A 118 -19.85 -6.07 16.29
CA CYS A 118 -20.43 -7.40 16.08
C CYS A 118 -21.78 -7.30 15.36
N THR A 119 -21.91 -6.29 14.51
CA THR A 119 -23.15 -6.08 13.77
C THR A 119 -22.95 -6.38 12.28
N VAL A 120 -22.97 -7.66 11.93
CA VAL A 120 -22.77 -8.06 10.54
C VAL A 120 -24.07 -7.97 9.76
N PHE A 1 -3.62 20.92 -5.90
CA PHE A 1 -4.93 20.73 -5.22
C PHE A 1 -4.96 19.39 -4.47
N ALA A 2 -4.23 18.41 -4.98
CA ALA A 2 -4.17 17.10 -4.36
C ALA A 2 -2.85 16.89 -3.64
N LYS A 3 -2.32 17.96 -3.05
CA LYS A 3 -1.05 17.89 -2.33
C LYS A 3 -1.20 18.49 -0.94
N LEU A 4 -0.67 17.80 0.07
CA LEU A 4 -0.73 18.27 1.44
C LEU A 4 0.53 17.90 2.20
N VAL A 5 1.26 18.92 2.66
CA VAL A 5 2.50 18.70 3.40
C VAL A 5 2.58 19.62 4.61
N ARG A 6 2.88 19.05 5.77
CA ARG A 6 3.00 19.82 7.00
C ARG A 6 4.28 19.49 7.75
N PRO A 7 4.86 20.47 8.46
CA PRO A 7 6.10 20.27 9.22
C PRO A 7 6.13 18.96 10.00
N PRO A 8 5.15 18.74 10.89
CA PRO A 8 5.08 17.51 11.70
C PRO A 8 4.86 16.25 10.84
N VAL A 9 3.59 15.95 10.54
CA VAL A 9 3.26 14.78 9.72
C VAL A 9 3.89 13.52 10.31
N GLN A 10 3.27 12.97 11.35
CA GLN A 10 3.78 11.77 12.00
C GLN A 10 3.04 10.53 11.50
N ILE A 11 1.77 10.71 11.14
CA ILE A 11 0.96 9.61 10.64
C ILE A 11 0.46 9.87 9.21
N TYR A 12 0.66 11.10 8.72
CA TYR A 12 0.28 11.47 7.37
C TYR A 12 -1.10 10.92 7.01
N GLY A 13 -2.14 11.67 7.37
CA GLY A 13 -3.50 11.23 7.08
C GLY A 13 -3.76 11.04 5.60
N ILE A 14 -3.17 11.90 4.77
CA ILE A 14 -3.35 11.81 3.33
C ILE A 14 -2.82 10.49 2.79
N GLU A 15 -1.60 10.13 3.19
CA GLU A 15 -0.99 8.89 2.74
C GLU A 15 -1.68 7.70 3.38
N GLY A 16 -2.08 7.86 4.64
CA GLY A 16 -2.77 6.80 5.34
C GLY A 16 -4.19 6.61 4.84
N ARG A 17 -4.78 7.69 4.35
CA ARG A 17 -6.14 7.65 3.82
C ARG A 17 -6.18 6.88 2.51
N TYR A 18 -5.06 6.85 1.80
CA TYR A 18 -4.97 6.14 0.54
C TYR A 18 -5.37 4.69 0.72
N ALA A 19 -4.76 4.04 1.71
CA ALA A 19 -5.06 2.65 2.00
C ALA A 19 -6.48 2.51 2.54
N THR A 20 -6.88 3.44 3.40
CA THR A 20 -8.21 3.41 3.96
C THR A 20 -9.26 3.70 2.90
N ALA A 21 -8.86 4.37 1.83
CA ALA A 21 -9.79 4.69 0.76
C ALA A 21 -9.80 3.59 -0.30
N LEU A 22 -9.02 2.55 -0.05
CA LEU A 22 -8.99 1.40 -0.96
C LEU A 22 -9.42 0.18 -0.20
N TYR A 23 -8.92 0.08 1.02
CA TYR A 23 -9.29 -1.01 1.88
C TYR A 23 -10.71 -0.77 2.41
N SER A 24 -11.17 0.49 2.39
CA SER A 24 -12.50 0.83 2.85
C SER A 24 -13.51 -0.13 2.24
N ALA A 25 -13.29 -0.43 0.95
CA ALA A 25 -14.14 -1.37 0.24
C ALA A 25 -13.79 -2.78 0.66
N ALA A 26 -12.49 -3.00 0.91
CA ALA A 26 -12.01 -4.29 1.35
C ALA A 26 -12.55 -4.63 2.73
N SER A 27 -12.81 -3.61 3.53
CA SER A 27 -13.33 -3.79 4.89
C SER A 27 -14.73 -4.37 4.84
N LYS A 28 -15.58 -3.79 4.01
CA LYS A 28 -16.95 -4.26 3.86
C LYS A 28 -16.98 -5.74 3.54
N GLN A 29 -15.95 -6.20 2.81
CA GLN A 29 -15.84 -7.59 2.44
C GLN A 29 -15.09 -8.37 3.52
N ASN A 30 -14.02 -7.76 4.05
CA ASN A 30 -13.19 -8.36 5.09
C ASN A 30 -11.92 -8.92 4.48
N LYS A 31 -11.46 -8.27 3.41
CA LYS A 31 -10.26 -8.68 2.72
C LYS A 31 -9.02 -8.05 3.34
N LEU A 32 -9.18 -7.36 4.48
CA LEU A 32 -8.05 -6.73 5.15
C LEU A 32 -6.85 -7.67 5.21
N GLU A 33 -7.13 -8.97 5.25
CA GLU A 33 -6.07 -9.97 5.29
C GLU A 33 -5.43 -10.12 3.90
N GLN A 34 -6.26 -9.95 2.88
CA GLN A 34 -5.81 -10.04 1.50
C GLN A 34 -5.30 -8.70 0.99
N VAL A 35 -5.57 -7.64 1.76
CA VAL A 35 -5.12 -6.30 1.38
C VAL A 35 -3.98 -5.84 2.28
N GLU A 36 -3.96 -6.32 3.51
CA GLU A 36 -2.93 -5.96 4.48
C GLU A 36 -1.64 -6.68 4.13
N LYS A 37 -1.76 -7.98 3.89
CA LYS A 37 -0.60 -8.78 3.51
C LYS A 37 -0.14 -8.35 2.14
N GLU A 38 -1.09 -7.85 1.35
CA GLU A 38 -0.80 -7.36 0.01
C GLU A 38 -0.41 -5.88 0.05
N LEU A 39 -0.17 -5.36 1.25
CA LEU A 39 0.23 -3.98 1.42
C LEU A 39 1.68 -3.92 1.85
N LEU A 40 2.10 -4.90 2.63
CA LEU A 40 3.47 -4.98 3.11
C LEU A 40 4.40 -5.43 1.97
N ARG A 41 3.83 -6.17 1.02
CA ARG A 41 4.60 -6.66 -0.12
C ARG A 41 5.00 -5.50 -1.03
N VAL A 42 4.12 -4.51 -1.15
CA VAL A 42 4.40 -3.34 -1.98
C VAL A 42 5.51 -2.50 -1.39
N GLY A 43 5.73 -2.63 -0.08
CA GLY A 43 6.77 -1.88 0.58
C GLY A 43 8.14 -2.49 0.37
N GLN A 44 8.20 -3.82 0.39
CA GLN A 44 9.44 -4.54 0.18
C GLN A 44 9.92 -4.38 -1.25
N ILE A 45 8.98 -4.15 -2.16
CA ILE A 45 9.32 -3.97 -3.57
C ILE A 45 10.14 -2.70 -3.77
N LEU A 46 10.00 -1.75 -2.86
CA LEU A 46 10.73 -0.49 -2.93
C LEU A 46 12.13 -0.66 -2.36
N LYS A 47 12.23 -1.38 -1.25
CA LYS A 47 13.51 -1.61 -0.59
C LYS A 47 14.32 -2.66 -1.35
N GLU A 48 13.63 -3.49 -2.14
CA GLU A 48 14.31 -4.53 -2.90
C GLU A 48 15.37 -3.94 -3.82
N PRO A 49 16.53 -4.61 -3.94
CA PRO A 49 17.63 -4.14 -4.79
C PRO A 49 17.31 -4.26 -6.28
N LYS A 50 16.80 -5.42 -6.67
CA LYS A 50 16.45 -5.65 -8.07
C LYS A 50 15.36 -4.69 -8.53
N MET A 51 14.49 -4.31 -7.59
CA MET A 51 13.40 -3.39 -7.89
C MET A 51 13.89 -1.95 -7.87
N ALA A 52 14.94 -1.68 -7.10
CA ALA A 52 15.51 -0.35 -7.00
C ALA A 52 15.89 0.19 -8.37
N ALA A 53 16.21 -0.71 -9.29
CA ALA A 53 16.60 -0.32 -10.65
C ALA A 53 15.37 -0.02 -11.51
N SER A 54 14.18 -0.20 -10.94
CA SER A 54 12.94 0.05 -11.67
C SER A 54 12.06 1.06 -10.95
N LEU A 55 11.97 0.92 -9.62
CA LEU A 55 11.15 1.82 -8.81
C LEU A 55 11.63 3.26 -8.96
N LEU A 56 12.94 3.43 -9.05
CA LEU A 56 13.53 4.76 -9.19
C LEU A 56 14.10 4.97 -10.60
N ASN A 57 13.52 4.28 -11.58
CA ASN A 57 13.98 4.39 -12.95
C ASN A 57 12.91 5.03 -13.83
N PRO A 58 13.09 6.31 -14.20
CA PRO A 58 12.14 7.03 -15.05
C PRO A 58 12.08 6.47 -16.47
N TYR A 59 12.90 5.45 -16.74
CA TYR A 59 12.96 4.82 -18.05
C TYR A 59 11.84 3.80 -18.24
N VAL A 60 11.10 3.52 -17.17
CA VAL A 60 10.01 2.56 -17.24
C VAL A 60 8.67 3.25 -17.48
N LYS A 61 8.73 4.45 -18.07
CA LYS A 61 7.52 5.22 -18.37
C LYS A 61 6.63 5.33 -17.13
N ARG A 62 5.41 5.82 -17.34
CA ARG A 62 4.45 5.98 -16.26
C ARG A 62 3.35 4.93 -16.33
N SER A 63 3.05 4.48 -17.55
CA SER A 63 2.02 3.47 -17.76
C SER A 63 2.64 2.11 -18.07
N VAL A 64 3.94 2.08 -18.31
CA VAL A 64 4.63 0.84 -18.63
C VAL A 64 5.02 0.10 -17.35
N LYS A 65 5.43 0.85 -16.34
CA LYS A 65 5.82 0.28 -15.06
C LYS A 65 4.63 -0.38 -14.38
N VAL A 66 3.44 0.18 -14.59
CA VAL A 66 2.23 -0.36 -13.99
C VAL A 66 1.92 -1.76 -14.54
N LYS A 67 2.35 -2.02 -15.76
CA LYS A 67 2.12 -3.31 -16.40
C LYS A 67 2.93 -4.41 -15.72
N SER A 68 4.21 -4.11 -15.46
CA SER A 68 5.09 -5.06 -14.82
C SER A 68 4.65 -5.35 -13.39
N LEU A 69 4.01 -4.36 -12.77
CA LEU A 69 3.53 -4.51 -11.39
C LEU A 69 2.37 -5.49 -11.33
N SER A 70 1.55 -5.50 -12.38
CA SER A 70 0.39 -6.38 -12.44
C SER A 70 0.81 -7.81 -12.78
N ASP A 71 1.94 -7.96 -13.45
CA ASP A 71 2.43 -9.29 -13.81
C ASP A 71 3.32 -9.83 -12.70
N MET A 72 4.09 -8.94 -12.10
CA MET A 72 4.96 -9.32 -11.00
C MET A 72 4.13 -9.61 -9.76
N THR A 73 2.96 -8.99 -9.67
CA THR A 73 2.09 -9.20 -8.53
C THR A 73 1.68 -10.66 -8.46
N ALA A 74 1.58 -11.30 -9.63
CA ALA A 74 1.22 -12.71 -9.67
C ALA A 74 2.11 -13.50 -8.73
N LYS A 75 3.32 -12.99 -8.50
CA LYS A 75 4.27 -13.64 -7.60
C LYS A 75 4.33 -12.94 -6.24
N GLU A 76 3.86 -11.69 -6.19
CA GLU A 76 3.89 -10.95 -4.94
C GLU A 76 2.79 -11.43 -3.99
N LYS A 77 1.53 -11.24 -4.42
CA LYS A 77 0.36 -11.67 -3.63
C LYS A 77 -0.90 -10.93 -4.09
N PHE A 78 -0.72 -9.66 -4.49
CA PHE A 78 -1.84 -8.83 -4.93
C PHE A 78 -2.67 -9.52 -5.99
N SER A 79 -3.63 -8.76 -6.49
CA SER A 79 -4.54 -9.19 -7.54
C SER A 79 -5.98 -8.77 -7.25
N PRO A 80 -6.45 -8.91 -6.00
CA PRO A 80 -7.81 -8.59 -5.64
C PRO A 80 -8.00 -7.23 -4.97
N LEU A 81 -7.53 -7.08 -3.73
CA LEU A 81 -7.69 -5.82 -3.03
C LEU A 81 -6.44 -4.99 -3.18
N THR A 82 -5.54 -5.48 -4.01
CA THR A 82 -4.30 -4.81 -4.27
C THR A 82 -4.07 -4.63 -5.76
N SER A 83 -5.01 -5.09 -6.58
CA SER A 83 -4.89 -4.93 -8.02
C SER A 83 -5.50 -3.61 -8.46
N ASN A 84 -5.43 -2.65 -7.55
CA ASN A 84 -5.94 -1.31 -7.77
C ASN A 84 -5.01 -0.37 -7.04
N LEU A 85 -4.69 -0.76 -5.81
CA LEU A 85 -3.76 -0.02 -4.99
C LEU A 85 -2.38 -0.11 -5.63
N ILE A 86 -2.19 -1.14 -6.47
CA ILE A 86 -0.92 -1.33 -7.15
C ILE A 86 -0.71 -0.25 -8.20
N ASN A 87 -1.68 -0.10 -9.10
CA ASN A 87 -1.61 0.90 -10.15
C ASN A 87 -1.68 2.29 -9.56
N LEU A 88 -2.46 2.43 -8.49
CA LEU A 88 -2.61 3.71 -7.81
C LEU A 88 -1.30 4.12 -7.14
N LEU A 89 -0.54 3.13 -6.68
CA LEU A 89 0.73 3.41 -6.02
C LEU A 89 1.82 3.72 -7.05
N ALA A 90 1.67 3.17 -8.25
CA ALA A 90 2.63 3.40 -9.32
C ALA A 90 2.10 4.42 -10.33
N GLU A 91 1.01 5.09 -9.99
CA GLU A 91 0.42 6.10 -10.87
C GLU A 91 0.65 7.50 -10.32
N ASN A 92 0.00 7.81 -9.20
CA ASN A 92 0.14 9.11 -8.57
C ASN A 92 1.60 9.39 -8.20
N GLY A 93 2.36 8.32 -7.95
CA GLY A 93 3.75 8.47 -7.60
C GLY A 93 3.99 8.32 -6.11
N ARG A 94 3.38 7.29 -5.53
CA ARG A 94 3.52 7.03 -4.10
C ARG A 94 4.42 5.81 -3.85
N LEU A 95 5.30 5.52 -4.80
CA LEU A 95 6.21 4.39 -4.68
C LEU A 95 7.56 4.85 -4.17
N THR A 96 7.55 5.48 -3.00
CA THR A 96 8.77 5.98 -2.37
C THR A 96 8.66 5.83 -0.86
N ASN A 97 7.49 6.17 -0.33
CA ASN A 97 7.23 6.06 1.09
C ASN A 97 6.11 5.04 1.34
N THR A 98 5.84 4.20 0.33
CA THR A 98 4.80 3.18 0.42
C THR A 98 4.79 2.48 1.78
N PRO A 99 5.93 1.89 2.20
CA PRO A 99 6.03 1.20 3.48
C PRO A 99 5.43 2.01 4.63
N ALA A 100 5.47 3.33 4.48
CA ALA A 100 4.91 4.22 5.51
C ALA A 100 3.39 4.22 5.44
N VAL A 101 2.87 4.13 4.23
CA VAL A 101 1.43 4.12 4.02
C VAL A 101 0.81 2.83 4.57
N ILE A 102 1.62 1.77 4.61
CA ILE A 102 1.15 0.48 5.12
C ILE A 102 0.85 0.56 6.62
N SER A 103 1.62 1.39 7.32
CA SER A 103 1.43 1.55 8.75
C SER A 103 0.01 2.04 9.06
N ALA A 104 -0.48 2.96 8.25
CA ALA A 104 -1.83 3.51 8.44
C ALA A 104 -2.88 2.40 8.36
N PHE A 105 -2.59 1.38 7.56
CA PHE A 105 -3.50 0.26 7.40
C PHE A 105 -3.75 -0.44 8.73
N SER A 106 -2.66 -0.71 9.45
CA SER A 106 -2.77 -1.38 10.75
C SER A 106 -3.54 -0.52 11.74
N THR A 107 -3.38 0.79 11.63
CA THR A 107 -4.06 1.72 12.52
C THR A 107 -5.53 1.86 12.13
N MET A 108 -5.79 2.02 10.84
CA MET A 108 -7.15 2.14 10.37
C MET A 108 -7.83 0.78 10.43
N MET A 109 -7.02 -0.27 10.47
CA MET A 109 -7.52 -1.63 10.55
C MET A 109 -8.25 -1.83 11.89
N SER A 110 -7.68 -1.25 12.94
CA SER A 110 -8.27 -1.36 14.27
C SER A 110 -9.72 -0.88 14.25
N VAL A 111 -10.04 -0.04 13.29
CA VAL A 111 -11.39 0.50 13.14
C VAL A 111 -12.35 -0.56 12.57
N HIS A 112 -11.87 -1.30 11.58
CA HIS A 112 -12.68 -2.34 10.95
C HIS A 112 -12.78 -3.57 11.86
N ARG A 113 -11.72 -3.80 12.64
CA ARG A 113 -11.69 -4.94 13.55
C ARG A 113 -12.51 -4.65 14.80
N GLY A 114 -12.63 -3.37 15.16
CA GLY A 114 -13.39 -3.00 16.33
C GLY A 114 -14.88 -2.91 16.05
N GLU A 115 -15.23 -2.62 14.81
CA GLU A 115 -16.63 -2.51 14.41
C GLU A 115 -17.11 -3.79 13.72
N VAL A 116 -16.53 -4.91 14.11
CA VAL A 116 -16.90 -6.20 13.53
C VAL A 116 -18.23 -6.70 14.09
N PRO A 117 -18.41 -6.68 15.42
CA PRO A 117 -19.65 -7.14 16.05
C PRO A 117 -20.77 -6.12 15.95
N CYS A 118 -21.85 -6.34 16.68
CA CYS A 118 -22.99 -5.43 16.67
C CYS A 118 -23.87 -5.65 17.90
N THR A 119 -24.51 -6.81 17.97
CA THR A 119 -25.38 -7.13 19.11
C THR A 119 -26.52 -6.12 19.22
N VAL A 120 -27.60 -6.36 18.49
CA VAL A 120 -28.75 -5.47 18.50
C VAL A 120 -30.04 -6.24 18.17
N PHE A 1 -6.25 25.86 15.74
CA PHE A 1 -6.88 26.86 16.63
C PHE A 1 -5.83 27.53 17.53
N ALA A 2 -5.65 28.83 17.35
CA ALA A 2 -4.69 29.59 18.13
C ALA A 2 -3.26 29.17 17.81
N LYS A 3 -2.89 27.96 18.23
CA LYS A 3 -1.55 27.44 17.98
C LYS A 3 -1.53 25.92 18.06
N LEU A 4 -1.62 25.39 19.27
CA LEU A 4 -1.61 23.94 19.49
C LEU A 4 -0.25 23.34 19.15
N VAL A 5 0.09 23.36 17.86
CA VAL A 5 1.37 22.82 17.41
C VAL A 5 1.50 21.33 17.76
N ARG A 6 1.21 20.48 16.78
CA ARG A 6 1.29 19.04 16.99
C ARG A 6 1.89 18.35 15.77
N PRO A 7 2.59 17.22 15.98
CA PRO A 7 3.22 16.46 14.90
C PRO A 7 2.19 15.77 14.00
N PRO A 8 2.64 15.26 12.84
CA PRO A 8 1.75 14.58 11.89
C PRO A 8 1.28 13.23 12.41
N VAL A 9 0.24 13.25 13.24
CA VAL A 9 -0.31 12.02 13.81
C VAL A 9 -1.55 11.58 13.06
N GLN A 10 -1.94 10.31 13.25
CA GLN A 10 -3.12 9.76 12.59
C GLN A 10 -2.96 9.81 11.07
N ILE A 11 -2.83 8.63 10.45
CA ILE A 11 -2.69 8.53 9.01
C ILE A 11 -1.29 8.98 8.56
N TYR A 12 -1.01 10.27 8.71
CA TYR A 12 0.30 10.82 8.33
C TYR A 12 0.72 10.34 6.94
N GLY A 13 0.33 11.10 5.91
CA GLY A 13 0.66 10.74 4.55
C GLY A 13 -0.57 10.52 3.70
N ILE A 14 -0.77 11.41 2.72
CA ILE A 14 -1.92 11.30 1.82
C ILE A 14 -1.97 9.94 1.15
N GLU A 15 -0.80 9.42 0.77
CA GLU A 15 -0.71 8.12 0.11
C GLU A 15 -1.31 7.04 0.99
N GLY A 16 -1.14 7.18 2.30
CA GLY A 16 -1.68 6.19 3.23
C GLY A 16 -3.18 6.04 3.09
N ARG A 17 -3.88 7.15 2.88
CA ARG A 17 -5.32 7.12 2.72
C ARG A 17 -5.71 6.31 1.49
N TYR A 18 -4.79 6.12 0.56
CA TYR A 18 -5.06 5.36 -0.64
C TYR A 18 -5.42 3.92 -0.27
N ALA A 19 -4.50 3.28 0.44
CA ALA A 19 -4.71 1.90 0.88
C ALA A 19 -5.88 1.82 1.84
N THR A 20 -6.02 2.81 2.69
CA THR A 20 -7.11 2.83 3.66
C THR A 20 -8.44 3.15 2.98
N ALA A 21 -8.38 3.96 1.92
CA ALA A 21 -9.59 4.32 1.18
C ALA A 21 -9.93 3.27 0.14
N LEU A 22 -9.08 2.25 0.03
CA LEU A 22 -9.30 1.16 -0.91
C LEU A 22 -9.70 -0.08 -0.14
N TYR A 23 -9.17 -0.19 1.06
CA TYR A 23 -9.48 -1.30 1.93
C TYR A 23 -10.89 -1.11 2.50
N SER A 24 -11.40 0.12 2.45
CA SER A 24 -12.75 0.40 2.95
C SER A 24 -13.71 -0.64 2.39
N ALA A 25 -13.54 -0.95 1.11
CA ALA A 25 -14.34 -1.97 0.47
C ALA A 25 -13.86 -3.33 0.90
N ALA A 26 -12.54 -3.43 1.09
CA ALA A 26 -11.92 -4.67 1.53
C ALA A 26 -12.43 -5.07 2.91
N SER A 27 -12.72 -4.07 3.75
CA SER A 27 -13.22 -4.31 5.10
C SER A 27 -14.55 -5.06 5.04
N LYS A 28 -15.48 -4.53 4.25
CA LYS A 28 -16.80 -5.15 4.10
C LYS A 28 -16.66 -6.62 3.74
N GLN A 29 -15.64 -6.93 2.95
CA GLN A 29 -15.38 -8.30 2.54
C GLN A 29 -14.56 -9.02 3.61
N ASN A 30 -13.64 -8.28 4.22
CA ASN A 30 -12.76 -8.82 5.26
C ASN A 30 -11.48 -9.32 4.65
N LYS A 31 -11.06 -8.66 3.57
CA LYS A 31 -9.85 -9.04 2.87
C LYS A 31 -8.63 -8.34 3.47
N LEU A 32 -8.81 -7.67 4.61
CA LEU A 32 -7.71 -6.97 5.28
C LEU A 32 -6.46 -7.83 5.31
N GLU A 33 -6.65 -9.15 5.33
CA GLU A 33 -5.53 -10.07 5.33
C GLU A 33 -4.93 -10.17 3.94
N GLN A 34 -5.80 -10.08 2.94
CA GLN A 34 -5.38 -10.12 1.54
C GLN A 34 -4.96 -8.74 1.05
N VAL A 35 -5.25 -7.71 1.84
CA VAL A 35 -4.90 -6.35 1.49
C VAL A 35 -3.73 -5.86 2.34
N GLU A 36 -3.71 -6.27 3.61
CA GLU A 36 -2.66 -5.89 4.53
C GLU A 36 -1.37 -6.58 4.16
N LYS A 37 -1.46 -7.89 3.93
CA LYS A 37 -0.31 -8.67 3.53
C LYS A 37 0.14 -8.21 2.16
N GLU A 38 -0.83 -7.69 1.40
CA GLU A 38 -0.57 -7.17 0.07
C GLU A 38 -0.19 -5.69 0.14
N LEU A 39 0.12 -5.21 1.33
CA LEU A 39 0.51 -3.82 1.53
C LEU A 39 1.97 -3.76 1.96
N LEU A 40 2.39 -4.77 2.72
CA LEU A 40 3.76 -4.85 3.17
C LEU A 40 4.67 -5.27 2.01
N ARG A 41 4.09 -6.00 1.05
CA ARG A 41 4.83 -6.45 -0.10
C ARG A 41 5.27 -5.26 -0.95
N VAL A 42 4.37 -4.30 -1.12
CA VAL A 42 4.66 -3.10 -1.90
C VAL A 42 5.85 -2.35 -1.31
N GLY A 43 6.06 -2.50 -0.01
CA GLY A 43 7.16 -1.85 0.65
C GLY A 43 8.46 -2.60 0.45
N GLN A 44 8.35 -3.93 0.41
CA GLN A 44 9.52 -4.78 0.21
C GLN A 44 10.03 -4.65 -1.22
N ILE A 45 9.12 -4.37 -2.14
CA ILE A 45 9.48 -4.22 -3.55
C ILE A 45 10.47 -3.08 -3.72
N LEU A 46 10.33 -2.04 -2.89
CA LEU A 46 11.23 -0.90 -2.95
C LEU A 46 12.52 -1.20 -2.20
N LYS A 47 12.44 -2.07 -1.21
CA LYS A 47 13.60 -2.45 -0.43
C LYS A 47 14.47 -3.41 -1.23
N GLU A 48 13.84 -4.16 -2.12
CA GLU A 48 14.56 -5.13 -2.95
C GLU A 48 15.61 -4.42 -3.81
N PRO A 49 16.91 -4.63 -3.53
CA PRO A 49 17.99 -3.99 -4.28
C PRO A 49 17.87 -4.24 -5.78
N LYS A 50 17.40 -5.43 -6.15
CA LYS A 50 17.23 -5.78 -7.55
C LYS A 50 15.88 -5.31 -8.07
N MET A 51 15.11 -4.65 -7.21
CA MET A 51 13.79 -4.15 -7.58
C MET A 51 13.74 -2.63 -7.49
N ALA A 52 14.53 -2.05 -6.60
CA ALA A 52 14.56 -0.61 -6.42
C ALA A 52 15.05 0.09 -7.70
N ALA A 53 16.21 -0.33 -8.18
CA ALA A 53 16.78 0.25 -9.40
C ALA A 53 15.82 0.12 -10.57
N SER A 54 14.90 -0.83 -10.49
CA SER A 54 13.92 -1.05 -11.55
C SER A 54 12.68 -0.19 -11.34
N LEU A 55 12.10 -0.28 -10.15
CA LEU A 55 10.90 0.48 -9.84
C LEU A 55 11.22 1.97 -9.74
N LEU A 56 12.44 2.29 -9.34
CA LEU A 56 12.88 3.68 -9.20
C LEU A 56 13.33 4.25 -10.54
N ASN A 57 13.64 3.37 -11.49
CA ASN A 57 14.08 3.80 -12.81
C ASN A 57 13.05 4.72 -13.47
N PRO A 58 13.50 5.76 -14.19
CA PRO A 58 12.61 6.70 -14.86
C PRO A 58 12.06 6.15 -16.17
N TYR A 59 12.43 4.92 -16.51
CA TYR A 59 11.98 4.29 -17.75
C TYR A 59 10.68 3.53 -17.52
N VAL A 60 10.47 3.05 -16.30
CA VAL A 60 9.27 2.31 -15.96
C VAL A 60 8.01 3.12 -16.27
N LYS A 61 8.13 4.44 -16.25
CA LYS A 61 7.01 5.32 -16.53
C LYS A 61 5.87 5.08 -15.55
N ARG A 62 4.76 5.78 -15.76
CA ARG A 62 3.59 5.64 -14.89
C ARG A 62 2.61 4.63 -15.46
N SER A 63 2.17 4.86 -16.70
CA SER A 63 1.22 3.97 -17.35
C SER A 63 1.82 2.58 -17.55
N VAL A 64 3.03 2.54 -18.11
CA VAL A 64 3.71 1.28 -18.35
C VAL A 64 3.91 0.50 -17.06
N LYS A 65 4.23 1.22 -15.99
CA LYS A 65 4.45 0.61 -14.68
C LYS A 65 3.19 -0.11 -14.22
N VAL A 66 2.04 0.41 -14.62
CA VAL A 66 0.75 -0.18 -14.24
C VAL A 66 0.64 -1.61 -14.78
N LYS A 67 0.95 -1.79 -16.06
CA LYS A 67 0.88 -3.10 -16.68
C LYS A 67 1.93 -4.04 -16.07
N SER A 68 3.11 -3.51 -15.81
CA SER A 68 4.19 -4.29 -15.22
C SER A 68 3.86 -4.67 -13.78
N LEU A 69 3.07 -3.84 -13.12
CA LEU A 69 2.67 -4.09 -11.73
C LEU A 69 1.72 -5.28 -11.65
N SER A 70 0.81 -5.36 -12.60
CA SER A 70 -0.17 -6.45 -12.64
C SER A 70 0.51 -7.78 -12.99
N ASP A 71 1.65 -7.71 -13.67
CA ASP A 71 2.38 -8.90 -14.04
C ASP A 71 3.40 -9.24 -12.98
N MET A 72 3.96 -8.21 -12.37
CA MET A 72 4.94 -8.38 -11.31
C MET A 72 4.24 -8.70 -10.00
N THR A 73 3.01 -8.22 -9.86
CA THR A 73 2.25 -8.50 -8.65
C THR A 73 1.96 -9.98 -8.57
N ALA A 74 1.85 -10.63 -9.73
CA ALA A 74 1.61 -12.06 -9.76
C ALA A 74 2.60 -12.78 -8.85
N LYS A 75 3.77 -12.17 -8.68
CA LYS A 75 4.80 -12.73 -7.82
C LYS A 75 4.82 -12.07 -6.45
N GLU A 76 4.25 -10.86 -6.36
CA GLU A 76 4.21 -10.14 -5.09
C GLU A 76 3.17 -10.75 -4.16
N LYS A 77 1.90 -10.69 -4.59
CA LYS A 77 0.78 -11.23 -3.81
C LYS A 77 -0.53 -10.56 -4.21
N PHE A 78 -0.46 -9.27 -4.53
CA PHE A 78 -1.62 -8.49 -4.91
C PHE A 78 -2.43 -9.16 -5.99
N SER A 79 -3.46 -8.44 -6.43
CA SER A 79 -4.36 -8.89 -7.49
C SER A 79 -5.81 -8.55 -7.16
N PRO A 80 -6.25 -8.76 -5.91
CA PRO A 80 -7.62 -8.52 -5.52
C PRO A 80 -7.87 -7.21 -4.78
N LEU A 81 -7.37 -7.10 -3.55
CA LEU A 81 -7.59 -5.88 -2.79
C LEU A 81 -6.39 -4.98 -2.92
N THR A 82 -5.49 -5.36 -3.81
CA THR A 82 -4.29 -4.61 -4.04
C THR A 82 -4.10 -4.36 -5.53
N SER A 83 -5.03 -4.82 -6.36
CA SER A 83 -4.94 -4.61 -7.80
C SER A 83 -5.66 -3.33 -8.18
N ASN A 84 -5.67 -2.40 -7.25
CA ASN A 84 -6.29 -1.09 -7.43
C ASN A 84 -5.44 -0.09 -6.66
N LEU A 85 -5.09 -0.51 -5.45
CA LEU A 85 -4.24 0.29 -4.61
C LEU A 85 -2.83 0.29 -5.21
N ILE A 86 -2.56 -0.69 -6.08
CA ILE A 86 -1.25 -0.77 -6.73
C ILE A 86 -1.06 0.40 -7.69
N ASN A 87 -2.07 0.66 -8.51
CA ASN A 87 -2.01 1.76 -9.47
C ASN A 87 -1.97 3.11 -8.75
N LEU A 88 -2.66 3.18 -7.62
CA LEU A 88 -2.70 4.41 -6.84
C LEU A 88 -1.33 4.74 -6.27
N LEU A 89 -0.60 3.72 -5.86
CA LEU A 89 0.74 3.91 -5.31
C LEU A 89 1.72 4.30 -6.41
N ALA A 90 1.45 3.81 -7.62
CA ALA A 90 2.30 4.10 -8.76
C ALA A 90 1.64 5.11 -9.68
N GLU A 91 0.66 5.85 -9.15
CA GLU A 91 -0.06 6.84 -9.93
C GLU A 91 0.65 8.20 -9.85
N ASN A 92 1.01 8.61 -8.65
CA ASN A 92 1.69 9.88 -8.44
C ASN A 92 3.15 9.68 -8.02
N GLY A 93 3.63 8.45 -8.14
CA GLY A 93 5.01 8.16 -7.77
C GLY A 93 5.18 8.01 -6.27
N ARG A 94 4.20 7.37 -5.63
CA ARG A 94 4.24 7.17 -4.19
C ARG A 94 5.20 6.04 -3.81
N LEU A 95 5.76 5.36 -4.81
CA LEU A 95 6.68 4.26 -4.57
C LEU A 95 8.00 4.79 -4.04
N THR A 96 7.95 5.31 -2.83
CA THR A 96 9.12 5.86 -2.16
C THR A 96 8.86 5.91 -0.67
N ASN A 97 7.63 6.31 -0.31
CA ASN A 97 7.21 6.38 1.07
C ASN A 97 6.15 5.29 1.34
N THR A 98 6.08 4.31 0.45
CA THR A 98 5.12 3.21 0.58
C THR A 98 4.95 2.75 2.03
N PRO A 99 6.06 2.46 2.73
CA PRO A 99 6.01 2.02 4.13
C PRO A 99 5.10 2.89 4.98
N ALA A 100 5.13 4.20 4.72
CA ALA A 100 4.29 5.13 5.45
C ALA A 100 2.82 4.89 5.15
N VAL A 101 2.55 4.36 3.96
CA VAL A 101 1.19 4.08 3.53
C VAL A 101 0.58 2.94 4.36
N ILE A 102 1.39 1.90 4.58
CA ILE A 102 0.93 0.75 5.36
C ILE A 102 0.60 1.15 6.79
N SER A 103 1.14 2.28 7.25
CA SER A 103 0.91 2.75 8.60
C SER A 103 -0.55 3.20 8.78
N ALA A 104 -1.15 3.68 7.70
CA ALA A 104 -2.54 4.12 7.75
C ALA A 104 -3.49 2.93 7.77
N PHE A 105 -3.03 1.83 7.18
CA PHE A 105 -3.83 0.61 7.11
C PHE A 105 -3.92 -0.06 8.47
N SER A 106 -2.81 -0.06 9.20
CA SER A 106 -2.77 -0.68 10.52
C SER A 106 -3.44 0.17 11.59
N THR A 107 -3.93 1.34 11.21
CA THR A 107 -4.62 2.20 12.16
C THR A 107 -6.10 2.20 11.88
N MET A 108 -6.46 2.21 10.60
CA MET A 108 -7.85 2.15 10.22
C MET A 108 -8.35 0.74 10.39
N MET A 109 -7.43 -0.22 10.44
CA MET A 109 -7.78 -1.61 10.64
C MET A 109 -8.54 -1.76 11.95
N SER A 110 -8.09 -1.02 12.96
CA SER A 110 -8.73 -1.07 14.27
C SER A 110 -10.21 -0.70 14.17
N VAL A 111 -10.55 0.01 13.10
CA VAL A 111 -11.93 0.44 12.88
C VAL A 111 -12.78 -0.71 12.32
N HIS A 112 -12.20 -1.47 11.39
CA HIS A 112 -12.91 -2.59 10.79
C HIS A 112 -12.97 -3.78 11.75
N ARG A 113 -11.96 -3.89 12.60
CA ARG A 113 -11.90 -4.97 13.57
C ARG A 113 -12.72 -4.63 14.82
N GLY A 114 -12.80 -3.35 15.13
CA GLY A 114 -13.56 -2.91 16.29
C GLY A 114 -15.03 -2.67 15.98
N GLU A 115 -15.31 -2.31 14.73
CA GLU A 115 -16.67 -2.05 14.30
C GLU A 115 -17.26 -3.27 13.59
N VAL A 116 -16.84 -4.46 14.00
CA VAL A 116 -17.32 -5.69 13.42
C VAL A 116 -18.78 -5.95 13.79
N PRO A 117 -19.53 -6.66 12.93
CA PRO A 117 -20.94 -6.97 13.18
C PRO A 117 -21.12 -7.98 14.32
N CYS A 118 -21.61 -7.50 15.45
CA CYS A 118 -21.83 -8.36 16.61
C CYS A 118 -23.32 -8.68 16.78
N THR A 119 -24.16 -7.66 16.61
CA THR A 119 -25.60 -7.83 16.75
C THR A 119 -26.33 -7.19 15.58
N VAL A 120 -26.98 -8.03 14.77
CA VAL A 120 -27.72 -7.55 13.61
C VAL A 120 -26.80 -6.81 12.64
N PHE A 1 15.81 11.67 12.88
CA PHE A 1 16.12 12.82 11.99
C PHE A 1 16.52 12.35 10.59
N ALA A 2 17.43 11.38 10.53
CA ALA A 2 17.89 10.85 9.25
C ALA A 2 18.81 9.66 9.46
N LYS A 3 19.72 9.77 10.43
CA LYS A 3 20.66 8.70 10.74
C LYS A 3 20.06 7.73 11.74
N LEU A 4 19.21 8.23 12.63
CA LEU A 4 18.58 7.40 13.64
C LEU A 4 17.60 6.41 13.00
N VAL A 5 17.41 5.26 13.64
CA VAL A 5 16.51 4.24 13.13
C VAL A 5 15.15 4.32 13.84
N ARG A 6 14.76 5.52 14.22
CA ARG A 6 13.48 5.73 14.90
C ARG A 6 12.61 6.74 14.14
N PRO A 7 11.79 6.25 13.20
CA PRO A 7 10.91 7.11 12.40
C PRO A 7 9.79 7.72 13.23
N PRO A 8 9.83 9.05 13.48
CA PRO A 8 8.81 9.74 14.27
C PRO A 8 7.47 9.83 13.53
N VAL A 9 7.54 10.17 12.25
CA VAL A 9 6.33 10.30 11.44
C VAL A 9 5.42 9.07 11.59
N GLN A 10 5.73 8.00 10.85
CA GLN A 10 4.95 6.77 10.92
C GLN A 10 3.56 6.97 10.30
N ILE A 11 2.76 7.81 10.93
CA ILE A 11 1.41 8.10 10.45
C ILE A 11 1.25 9.57 10.07
N TYR A 12 0.30 9.87 9.20
CA TYR A 12 0.07 11.23 8.74
C TYR A 12 -1.41 11.49 8.47
N GLY A 13 -1.94 10.86 7.44
CA GLY A 13 -3.34 11.05 7.10
C GLY A 13 -3.63 10.84 5.63
N ILE A 14 -3.11 11.75 4.80
CA ILE A 14 -3.33 11.67 3.36
C ILE A 14 -2.84 10.34 2.80
N GLU A 15 -1.63 9.95 3.20
CA GLU A 15 -1.06 8.69 2.74
C GLU A 15 -1.77 7.51 3.39
N GLY A 16 -2.18 7.71 4.64
CA GLY A 16 -2.88 6.67 5.37
C GLY A 16 -4.29 6.47 4.84
N ARG A 17 -4.88 7.55 4.34
CA ARG A 17 -6.23 7.49 3.80
C ARG A 17 -6.26 6.67 2.51
N TYR A 18 -5.13 6.56 1.84
CA TYR A 18 -5.05 5.79 0.60
C TYR A 18 -5.45 4.35 0.84
N ALA A 19 -4.83 3.73 1.84
CA ALA A 19 -5.14 2.35 2.17
C ALA A 19 -6.55 2.25 2.72
N THR A 20 -6.90 3.17 3.60
CA THR A 20 -8.24 3.19 4.20
C THR A 20 -9.30 3.50 3.15
N ALA A 21 -8.88 4.11 2.04
CA ALA A 21 -9.82 4.45 0.98
C ALA A 21 -9.88 3.34 -0.07
N LEU A 22 -9.10 2.29 0.14
CA LEU A 22 -9.07 1.15 -0.77
C LEU A 22 -9.53 -0.06 -0.01
N TYR A 23 -9.04 -0.18 1.21
CA TYR A 23 -9.42 -1.27 2.07
C TYR A 23 -10.81 -0.97 2.64
N SER A 24 -11.23 0.29 2.59
CA SER A 24 -12.57 0.65 3.09
C SER A 24 -13.60 -0.29 2.49
N ALA A 25 -13.39 -0.62 1.22
CA ALA A 25 -14.26 -1.55 0.53
C ALA A 25 -13.93 -2.97 0.96
N ALA A 26 -12.63 -3.21 1.17
CA ALA A 26 -12.16 -4.52 1.60
C ALA A 26 -12.67 -4.84 3.01
N SER A 27 -12.86 -3.78 3.81
CA SER A 27 -13.35 -3.94 5.17
C SER A 27 -14.77 -4.49 5.17
N LYS A 28 -15.64 -3.89 4.37
CA LYS A 28 -17.02 -4.34 4.27
C LYS A 28 -17.06 -5.85 4.04
N GLN A 29 -16.04 -6.35 3.36
CA GLN A 29 -15.94 -7.77 3.08
C GLN A 29 -15.16 -8.47 4.19
N ASN A 30 -13.84 -8.24 4.19
CA ASN A 30 -12.92 -8.81 5.18
C ASN A 30 -11.60 -9.17 4.51
N LYS A 31 -11.29 -8.48 3.42
CA LYS A 31 -10.08 -8.75 2.67
C LYS A 31 -8.86 -8.08 3.30
N LEU A 32 -9.04 -7.45 4.48
CA LEU A 32 -7.93 -6.80 5.17
C LEU A 32 -6.68 -7.65 5.11
N GLU A 33 -6.86 -8.97 5.10
CA GLU A 33 -5.75 -9.90 5.02
C GLU A 33 -5.22 -9.96 3.59
N GLN A 34 -6.14 -9.83 2.64
CA GLN A 34 -5.79 -9.84 1.22
C GLN A 34 -5.42 -8.45 0.72
N VAL A 35 -5.36 -7.47 1.64
CA VAL A 35 -5.01 -6.10 1.28
C VAL A 35 -3.88 -5.58 2.17
N GLU A 36 -3.88 -6.04 3.42
CA GLU A 36 -2.86 -5.63 4.38
C GLU A 36 -1.56 -6.35 4.10
N LYS A 37 -1.67 -7.59 3.63
CA LYS A 37 -0.51 -8.36 3.27
C LYS A 37 0.07 -7.80 2.00
N GLU A 38 -0.81 -7.26 1.16
CA GLU A 38 -0.42 -6.65 -0.09
C GLU A 38 0.46 -5.43 0.18
N LEU A 39 -0.11 -4.44 0.87
CA LEU A 39 0.62 -3.22 1.19
C LEU A 39 1.97 -3.54 1.81
N LEU A 40 2.05 -4.66 2.52
CA LEU A 40 3.30 -5.07 3.14
C LEU A 40 4.30 -5.58 2.09
N ARG A 41 3.77 -6.11 1.00
CA ARG A 41 4.61 -6.61 -0.08
C ARG A 41 5.17 -5.47 -0.90
N VAL A 42 4.41 -4.37 -1.00
CA VAL A 42 4.84 -3.21 -1.75
C VAL A 42 6.01 -2.51 -1.06
N GLY A 43 6.07 -2.65 0.27
CA GLY A 43 7.14 -2.03 1.03
C GLY A 43 8.47 -2.72 0.81
N GLN A 44 8.45 -4.05 0.81
CA GLN A 44 9.66 -4.83 0.61
C GLN A 44 10.24 -4.57 -0.79
N ILE A 45 9.35 -4.30 -1.74
CA ILE A 45 9.77 -4.03 -3.10
C ILE A 45 10.70 -2.82 -3.17
N LEU A 46 10.56 -1.91 -2.21
CA LEU A 46 11.40 -0.72 -2.17
C LEU A 46 12.75 -1.03 -1.56
N LYS A 47 12.79 -2.00 -0.65
CA LYS A 47 14.03 -2.41 -0.01
C LYS A 47 14.88 -3.24 -0.96
N GLU A 48 14.23 -3.90 -1.91
CA GLU A 48 14.92 -4.73 -2.89
C GLU A 48 15.85 -3.89 -3.75
N PRO A 49 17.18 -4.08 -3.60
CA PRO A 49 18.17 -3.33 -4.39
C PRO A 49 17.87 -3.37 -5.88
N LYS A 50 17.52 -4.54 -6.38
CA LYS A 50 17.21 -4.72 -7.79
C LYS A 50 15.95 -3.94 -8.17
N MET A 51 15.03 -3.81 -7.21
CA MET A 51 13.79 -3.09 -7.44
C MET A 51 14.02 -1.58 -7.46
N ALA A 52 14.89 -1.11 -6.57
CA ALA A 52 15.21 0.31 -6.48
C ALA A 52 15.68 0.85 -7.82
N ALA A 53 16.28 -0.02 -8.63
CA ALA A 53 16.77 0.37 -9.94
C ALA A 53 15.64 0.74 -10.89
N SER A 54 14.44 0.24 -10.60
CA SER A 54 13.27 0.52 -11.42
C SER A 54 12.34 1.53 -10.74
N LEU A 55 12.16 1.38 -9.44
CA LEU A 55 11.31 2.29 -8.68
C LEU A 55 11.75 3.74 -8.85
N LEU A 56 13.02 3.95 -9.16
CA LEU A 56 13.56 5.29 -9.34
C LEU A 56 14.19 5.44 -10.72
N ASN A 57 13.60 4.79 -11.72
CA ASN A 57 14.11 4.87 -13.08
C ASN A 57 13.06 5.42 -14.03
N PRO A 58 13.38 6.49 -14.78
CA PRO A 58 12.46 7.11 -15.73
C PRO A 58 12.28 6.26 -16.98
N TYR A 59 12.98 5.14 -17.04
CA TYR A 59 12.90 4.23 -18.18
C TYR A 59 11.68 3.32 -18.08
N VAL A 60 11.29 3.01 -16.85
CA VAL A 60 10.14 2.15 -16.61
C VAL A 60 8.88 2.72 -17.26
N LYS A 61 8.88 4.03 -17.49
CA LYS A 61 7.73 4.69 -18.10
C LYS A 61 6.49 4.56 -17.22
N ARG A 62 5.36 5.04 -17.71
CA ARG A 62 4.11 4.98 -16.97
C ARG A 62 3.23 3.85 -17.46
N SER A 63 3.20 3.65 -18.77
CA SER A 63 2.40 2.59 -19.37
C SER A 63 3.16 1.27 -19.38
N VAL A 64 4.49 1.34 -19.36
CA VAL A 64 5.31 0.14 -19.35
C VAL A 64 5.55 -0.33 -17.93
N LYS A 65 5.53 0.62 -16.99
CA LYS A 65 5.74 0.30 -15.59
C LYS A 65 4.45 -0.23 -14.96
N VAL A 66 3.31 0.17 -15.52
CA VAL A 66 2.02 -0.29 -15.03
C VAL A 66 1.78 -1.75 -15.40
N LYS A 67 2.33 -2.17 -16.53
CA LYS A 67 2.18 -3.54 -16.99
C LYS A 67 2.90 -4.50 -16.06
N SER A 68 4.10 -4.12 -15.65
CA SER A 68 4.88 -4.95 -14.74
C SER A 68 4.12 -5.21 -13.44
N LEU A 69 3.21 -4.30 -13.11
CA LEU A 69 2.42 -4.43 -11.89
C LEU A 69 1.49 -5.65 -11.97
N SER A 70 1.13 -6.03 -13.19
CA SER A 70 0.26 -7.18 -13.40
C SER A 70 1.00 -8.48 -13.14
N ASP A 71 2.30 -8.48 -13.42
CA ASP A 71 3.12 -9.67 -13.21
C ASP A 71 3.75 -9.67 -11.81
N MET A 72 3.48 -8.63 -11.04
CA MET A 72 3.98 -8.53 -9.68
C MET A 72 2.84 -8.77 -8.71
N THR A 73 1.64 -8.43 -9.15
CA THR A 73 0.44 -8.61 -8.37
C THR A 73 0.10 -10.10 -8.30
N ALA A 74 0.44 -10.83 -9.35
CA ALA A 74 0.19 -12.27 -9.41
C ALA A 74 1.36 -13.05 -8.82
N LYS A 75 2.32 -12.35 -8.23
CA LYS A 75 3.49 -13.00 -7.63
C LYS A 75 3.62 -12.63 -6.16
N GLU A 76 3.47 -11.35 -5.86
CA GLU A 76 3.58 -10.87 -4.49
C GLU A 76 2.41 -11.38 -3.65
N LYS A 77 1.19 -11.07 -4.09
CA LYS A 77 -0.03 -11.49 -3.41
C LYS A 77 -1.23 -10.72 -3.94
N PHE A 78 -0.98 -9.50 -4.43
CA PHE A 78 -2.03 -8.65 -4.99
C PHE A 78 -2.92 -9.41 -5.94
N SER A 79 -3.89 -8.68 -6.47
CA SER A 79 -4.84 -9.21 -7.44
C SER A 79 -6.25 -8.68 -7.20
N PRO A 80 -6.74 -8.75 -5.95
CA PRO A 80 -8.08 -8.32 -5.63
C PRO A 80 -8.19 -6.96 -4.96
N LEU A 81 -7.61 -6.78 -3.78
CA LEU A 81 -7.70 -5.51 -3.09
C LEU A 81 -6.44 -4.70 -3.31
N THR A 82 -5.63 -5.17 -4.25
CA THR A 82 -4.40 -4.51 -4.60
C THR A 82 -4.28 -4.32 -6.10
N SER A 83 -5.25 -4.84 -6.86
CA SER A 83 -5.22 -4.70 -8.30
C SER A 83 -5.86 -3.38 -8.72
N ASN A 84 -5.84 -2.43 -7.81
CA ASN A 84 -6.38 -1.10 -8.05
C ASN A 84 -5.44 -0.13 -7.38
N LEU A 85 -5.07 -0.46 -6.15
CA LEU A 85 -4.13 0.32 -5.40
C LEU A 85 -2.76 0.20 -6.07
N ILE A 86 -2.60 -0.85 -6.90
CA ILE A 86 -1.35 -1.06 -7.61
C ILE A 86 -1.11 0.05 -8.60
N ASN A 87 -2.12 0.33 -9.43
CA ASN A 87 -2.03 1.38 -10.43
C ASN A 87 -1.96 2.75 -9.76
N LEU A 88 -2.57 2.87 -8.60
CA LEU A 88 -2.58 4.12 -7.86
C LEU A 88 -1.22 4.40 -7.23
N LEU A 89 -0.57 3.34 -6.73
CA LEU A 89 0.73 3.48 -6.11
C LEU A 89 1.79 3.81 -7.17
N ALA A 90 1.57 3.34 -8.39
CA ALA A 90 2.50 3.60 -9.48
C ALA A 90 1.87 4.53 -10.51
N GLU A 91 0.90 5.34 -10.08
CA GLU A 91 0.23 6.27 -10.96
C GLU A 91 1.02 7.57 -11.08
N ASN A 92 1.46 8.09 -9.94
CA ASN A 92 2.22 9.33 -9.91
C ASN A 92 3.55 9.15 -9.17
N GLY A 93 3.98 7.91 -9.02
CA GLY A 93 5.23 7.63 -8.33
C GLY A 93 5.07 7.63 -6.82
N ARG A 94 4.14 6.83 -6.33
CA ARG A 94 3.88 6.75 -4.89
C ARG A 94 4.61 5.56 -4.28
N LEU A 95 5.73 5.17 -4.89
CA LEU A 95 6.52 4.04 -4.40
C LEU A 95 7.76 4.53 -3.68
N THR A 96 7.64 5.68 -3.02
CA THR A 96 8.76 6.26 -2.27
C THR A 96 8.42 6.31 -0.79
N ASN A 97 7.18 6.66 -0.48
CA ASN A 97 6.73 6.74 0.90
C ASN A 97 5.60 5.74 1.16
N THR A 98 5.53 4.70 0.33
CA THR A 98 4.49 3.69 0.46
C THR A 98 4.42 3.11 1.88
N PRO A 99 5.57 2.80 2.52
CA PRO A 99 5.59 2.25 3.89
C PRO A 99 4.62 2.97 4.83
N ALA A 100 4.39 4.25 4.55
CA ALA A 100 3.48 5.04 5.37
C ALA A 100 2.05 4.55 5.21
N VAL A 101 1.58 4.47 3.97
CA VAL A 101 0.23 4.01 3.69
C VAL A 101 0.05 2.56 4.14
N ILE A 102 1.15 1.81 4.17
CA ILE A 102 1.11 0.42 4.58
C ILE A 102 0.92 0.30 6.09
N SER A 103 1.62 1.14 6.85
CA SER A 103 1.51 1.12 8.31
C SER A 103 0.13 1.58 8.76
N ALA A 104 -0.34 2.68 8.19
CA ALA A 104 -1.65 3.22 8.54
C ALA A 104 -2.74 2.16 8.38
N PHE A 105 -2.52 1.24 7.44
CA PHE A 105 -3.48 0.16 7.19
C PHE A 105 -3.67 -0.70 8.43
N SER A 106 -2.56 -1.18 8.99
CA SER A 106 -2.61 -2.02 10.17
C SER A 106 -3.32 -1.31 11.32
N THR A 107 -3.13 0.01 11.39
CA THR A 107 -3.76 0.79 12.44
C THR A 107 -5.23 1.04 12.12
N MET A 108 -5.52 1.32 10.87
CA MET A 108 -6.90 1.56 10.45
C MET A 108 -7.67 0.25 10.44
N MET A 109 -6.94 -0.85 10.29
CA MET A 109 -7.55 -2.18 10.28
C MET A 109 -8.10 -2.50 11.66
N SER A 110 -7.27 -2.31 12.69
CA SER A 110 -7.70 -2.58 14.06
C SER A 110 -9.00 -1.87 14.38
N VAL A 111 -9.28 -0.78 13.66
CA VAL A 111 -10.49 -0.01 13.87
C VAL A 111 -11.69 -0.65 13.17
N HIS A 112 -11.42 -1.58 12.25
CA HIS A 112 -12.48 -2.25 11.53
C HIS A 112 -13.04 -3.42 12.33
N ARG A 113 -12.22 -3.97 13.21
CA ARG A 113 -12.64 -5.11 14.02
C ARG A 113 -13.58 -4.65 15.13
N GLY A 114 -13.39 -3.42 15.60
CA GLY A 114 -14.23 -2.88 16.65
C GLY A 114 -15.08 -1.72 16.17
N GLU A 115 -15.60 -1.83 14.95
CA GLU A 115 -16.44 -0.78 14.38
C GLU A 115 -17.32 -1.33 13.27
N VAL A 116 -17.71 -2.59 13.41
CA VAL A 116 -18.56 -3.24 12.42
C VAL A 116 -20.04 -3.03 12.74
N PRO A 117 -20.87 -2.76 11.72
CA PRO A 117 -22.31 -2.54 11.90
C PRO A 117 -22.97 -3.66 12.70
N CYS A 118 -24.24 -3.47 13.04
CA CYS A 118 -24.99 -4.47 13.80
C CYS A 118 -26.49 -4.28 13.61
N THR A 119 -26.88 -3.81 12.43
CA THR A 119 -28.29 -3.58 12.12
C THR A 119 -28.90 -2.58 13.09
N VAL A 120 -29.22 -1.39 12.58
CA VAL A 120 -29.81 -0.34 13.41
C VAL A 120 -30.65 0.61 12.55
N PHE A 1 9.91 16.45 -1.23
CA PHE A 1 11.20 16.22 -1.92
C PHE A 1 12.24 17.24 -1.49
N ALA A 2 12.13 17.72 -0.25
CA ALA A 2 13.06 18.70 0.28
C ALA A 2 13.96 18.09 1.35
N LYS A 3 15.19 18.57 1.44
CA LYS A 3 16.14 18.07 2.43
C LYS A 3 15.66 18.36 3.85
N LEU A 4 14.77 17.52 4.35
CA LEU A 4 14.23 17.68 5.69
C LEU A 4 14.11 16.34 6.40
N VAL A 5 14.23 16.35 7.72
CA VAL A 5 14.13 15.14 8.52
C VAL A 5 12.74 15.00 9.13
N ARG A 6 11.81 14.45 8.37
CA ARG A 6 10.45 14.25 8.84
C ARG A 6 10.33 12.95 9.64
N PRO A 7 9.38 12.90 10.58
CA PRO A 7 9.16 11.71 11.42
C PRO A 7 8.57 10.55 10.62
N PRO A 8 8.43 9.38 11.26
CA PRO A 8 7.88 8.18 10.62
C PRO A 8 6.54 8.46 9.94
N VAL A 9 6.34 7.86 8.77
CA VAL A 9 5.10 8.04 8.03
C VAL A 9 4.17 6.85 8.21
N GLN A 10 2.93 7.13 8.61
CA GLN A 10 1.94 6.08 8.83
C GLN A 10 0.51 6.64 8.71
N ILE A 11 -0.05 7.11 9.82
CA ILE A 11 -1.41 7.65 9.82
C ILE A 11 -1.40 9.18 9.78
N TYR A 12 -0.71 9.73 8.78
CA TYR A 12 -0.62 11.18 8.62
C TYR A 12 -0.09 11.50 7.23
N GLY A 13 -1.00 11.77 6.31
CA GLY A 13 -0.61 12.07 4.94
C GLY A 13 -1.47 11.34 3.94
N ILE A 14 -2.18 12.09 3.11
CA ILE A 14 -3.07 11.53 2.08
C ILE A 14 -2.57 10.17 1.56
N GLU A 15 -1.25 10.03 1.43
CA GLU A 15 -0.67 8.78 0.94
C GLU A 15 -1.10 7.60 1.80
N GLY A 16 -1.12 7.79 3.11
CA GLY A 16 -1.53 6.72 4.01
C GLY A 16 -3.01 6.40 3.87
N ARG A 17 -3.79 7.40 3.44
CA ARG A 17 -5.22 7.22 3.26
C ARG A 17 -5.50 6.31 2.07
N TYR A 18 -4.60 6.31 1.09
CA TYR A 18 -4.76 5.46 -0.09
C TYR A 18 -5.12 4.04 0.33
N ALA A 19 -4.58 3.64 1.48
CA ALA A 19 -4.84 2.31 2.01
C ALA A 19 -6.22 2.24 2.64
N THR A 20 -6.56 3.28 3.41
CA THR A 20 -7.87 3.34 4.06
C THR A 20 -8.97 3.57 3.03
N ALA A 21 -8.62 4.17 1.90
CA ALA A 21 -9.60 4.43 0.84
C ALA A 21 -9.63 3.28 -0.16
N LEU A 22 -8.82 2.27 0.08
CA LEU A 22 -8.78 1.10 -0.80
C LEU A 22 -9.23 -0.10 -0.01
N TYR A 23 -8.78 -0.16 1.22
CA TYR A 23 -9.18 -1.23 2.10
C TYR A 23 -10.57 -0.92 2.65
N SER A 24 -10.99 0.35 2.56
CA SER A 24 -12.31 0.74 3.03
C SER A 24 -13.33 -0.20 2.40
N ALA A 25 -13.04 -0.62 1.17
CA ALA A 25 -13.88 -1.56 0.46
C ALA A 25 -13.57 -2.96 0.94
N ALA A 26 -12.30 -3.19 1.27
CA ALA A 26 -11.86 -4.48 1.78
C ALA A 26 -12.39 -4.72 3.19
N SER A 27 -12.83 -3.64 3.84
CA SER A 27 -13.37 -3.72 5.20
C SER A 27 -14.77 -4.32 5.17
N LYS A 28 -15.61 -3.80 4.28
CA LYS A 28 -16.98 -4.29 4.15
C LYS A 28 -16.97 -5.79 3.90
N GLN A 29 -15.91 -6.26 3.25
CA GLN A 29 -15.75 -7.68 2.96
C GLN A 29 -14.98 -8.37 4.08
N ASN A 30 -13.85 -7.76 4.48
CA ASN A 30 -12.99 -8.28 5.54
C ASN A 30 -11.73 -8.89 4.94
N LYS A 31 -11.30 -8.31 3.82
CA LYS A 31 -10.12 -8.79 3.14
C LYS A 31 -8.86 -8.11 3.65
N LEU A 32 -8.99 -7.34 4.74
CA LEU A 32 -7.85 -6.65 5.34
C LEU A 32 -6.64 -7.58 5.38
N GLU A 33 -6.89 -8.86 5.55
CA GLU A 33 -5.83 -9.86 5.58
C GLU A 33 -5.18 -9.99 4.20
N GLN A 34 -6.03 -10.03 3.18
CA GLN A 34 -5.56 -10.14 1.80
C GLN A 34 -4.98 -8.81 1.32
N VAL A 35 -5.38 -7.73 1.98
CA VAL A 35 -4.90 -6.40 1.62
C VAL A 35 -3.79 -5.94 2.57
N GLU A 36 -3.57 -6.69 3.65
CA GLU A 36 -2.53 -6.35 4.62
C GLU A 36 -1.26 -7.12 4.31
N LYS A 37 -1.40 -8.24 3.61
CA LYS A 37 -0.25 -9.05 3.24
C LYS A 37 0.38 -8.46 1.99
N GLU A 38 -0.47 -7.98 1.09
CA GLU A 38 0.00 -7.37 -0.14
C GLU A 38 0.94 -6.22 0.15
N LEU A 39 0.52 -5.31 1.03
CA LEU A 39 1.32 -4.15 1.38
C LEU A 39 2.74 -4.56 1.76
N LEU A 40 2.88 -5.76 2.29
CA LEU A 40 4.20 -6.26 2.68
C LEU A 40 5.03 -6.58 1.44
N ARG A 41 4.35 -6.90 0.34
CA ARG A 41 5.02 -7.22 -0.91
C ARG A 41 5.55 -5.94 -1.56
N VAL A 42 4.67 -4.97 -1.78
CA VAL A 42 5.07 -3.71 -2.38
C VAL A 42 6.06 -2.97 -1.49
N GLY A 43 6.08 -3.33 -0.21
CA GLY A 43 7.00 -2.70 0.72
C GLY A 43 8.41 -3.23 0.60
N GLN A 44 8.53 -4.54 0.42
CA GLN A 44 9.83 -5.18 0.29
C GLN A 44 10.43 -4.90 -1.09
N ILE A 45 9.55 -4.78 -2.08
CA ILE A 45 9.97 -4.51 -3.45
C ILE A 45 10.51 -3.09 -3.58
N LEU A 46 9.91 -2.17 -2.83
CA LEU A 46 10.34 -0.77 -2.85
C LEU A 46 11.67 -0.59 -2.13
N LYS A 47 11.78 -1.20 -0.96
CA LYS A 47 13.01 -1.12 -0.17
C LYS A 47 14.12 -1.95 -0.80
N GLU A 48 13.74 -2.91 -1.63
CA GLU A 48 14.71 -3.77 -2.30
C GLU A 48 15.70 -2.95 -3.12
N PRO A 49 16.99 -3.31 -3.11
CA PRO A 49 18.03 -2.60 -3.85
C PRO A 49 17.92 -2.84 -5.36
N LYS A 50 17.76 -4.10 -5.74
CA LYS A 50 17.63 -4.45 -7.15
C LYS A 50 16.40 -3.81 -7.78
N MET A 51 15.37 -3.63 -6.96
CA MET A 51 14.13 -3.03 -7.42
C MET A 51 14.23 -1.50 -7.45
N ALA A 52 15.04 -0.97 -6.54
CA ALA A 52 15.24 0.48 -6.45
C ALA A 52 15.69 1.06 -7.78
N ALA A 53 16.62 0.36 -8.43
CA ALA A 53 17.14 0.80 -9.72
C ALA A 53 16.03 0.90 -10.76
N SER A 54 14.96 0.14 -10.55
CA SER A 54 13.82 0.14 -11.46
C SER A 54 12.73 1.10 -10.98
N LEU A 55 12.29 0.90 -9.74
CA LEU A 55 11.25 1.75 -9.16
C LEU A 55 11.69 3.21 -9.12
N LEU A 56 13.00 3.43 -9.01
CA LEU A 56 13.53 4.78 -8.96
C LEU A 56 13.84 5.30 -10.37
N ASN A 57 14.12 4.39 -11.28
CA ASN A 57 14.43 4.76 -12.66
C ASN A 57 13.27 5.51 -13.30
N PRO A 58 13.49 6.77 -13.73
CA PRO A 58 12.45 7.58 -14.37
C PRO A 58 12.00 7.03 -15.72
N TYR A 59 12.67 5.97 -16.17
CA TYR A 59 12.35 5.34 -17.45
C TYR A 59 11.18 4.36 -17.31
N VAL A 60 11.04 3.77 -16.13
CA VAL A 60 9.96 2.82 -15.88
C VAL A 60 8.60 3.45 -16.12
N LYS A 61 8.54 4.78 -16.07
CA LYS A 61 7.29 5.50 -16.29
C LYS A 61 6.26 5.14 -15.21
N ARG A 62 5.17 5.90 -15.18
CA ARG A 62 4.11 5.67 -14.20
C ARG A 62 3.06 4.71 -14.74
N SER A 63 2.87 4.71 -16.05
CA SER A 63 1.89 3.84 -16.69
C SER A 63 2.52 2.50 -17.06
N VAL A 64 3.68 2.55 -17.70
CA VAL A 64 4.37 1.33 -18.12
C VAL A 64 4.69 0.45 -16.91
N LYS A 65 5.07 1.07 -15.81
CA LYS A 65 5.40 0.34 -14.58
C LYS A 65 4.19 -0.44 -14.08
N VAL A 66 3.01 0.17 -14.20
CA VAL A 66 1.78 -0.46 -13.74
C VAL A 66 1.54 -1.78 -14.48
N LYS A 67 1.86 -1.81 -15.76
CA LYS A 67 1.69 -3.01 -16.57
C LYS A 67 2.51 -4.17 -16.01
N SER A 68 3.77 -3.89 -15.69
CA SER A 68 4.67 -4.91 -15.15
C SER A 68 4.18 -5.38 -13.77
N LEU A 69 3.55 -4.47 -13.04
CA LEU A 69 3.03 -4.79 -11.72
C LEU A 69 1.87 -5.77 -11.79
N SER A 70 1.06 -5.64 -12.84
CA SER A 70 -0.09 -6.51 -13.04
C SER A 70 0.35 -7.95 -13.29
N ASP A 71 1.39 -8.11 -14.11
CA ASP A 71 1.90 -9.43 -14.42
C ASP A 71 2.84 -9.90 -13.31
N MET A 72 3.50 -8.93 -12.67
CA MET A 72 4.41 -9.23 -11.58
C MET A 72 3.63 -9.53 -10.31
N THR A 73 2.42 -8.97 -10.20
CA THR A 73 1.61 -9.23 -9.04
C THR A 73 1.23 -10.69 -8.97
N ALA A 74 1.10 -11.31 -10.14
CA ALA A 74 0.77 -12.72 -10.19
C ALA A 74 1.71 -13.52 -9.30
N LYS A 75 2.91 -12.99 -9.10
CA LYS A 75 3.90 -13.65 -8.26
C LYS A 75 4.02 -12.98 -6.89
N GLU A 76 3.49 -11.77 -6.75
CA GLU A 76 3.55 -11.06 -5.48
C GLU A 76 2.48 -11.56 -4.53
N LYS A 77 1.21 -11.39 -4.92
CA LYS A 77 0.07 -11.82 -4.11
C LYS A 77 -1.20 -11.05 -4.48
N PHE A 78 -1.03 -9.79 -4.87
CA PHE A 78 -2.17 -8.94 -5.23
C PHE A 78 -3.09 -9.61 -6.23
N SER A 79 -4.08 -8.82 -6.63
CA SER A 79 -5.08 -9.24 -7.60
C SER A 79 -6.48 -8.85 -7.14
N PRO A 80 -6.79 -9.03 -5.85
CA PRO A 80 -8.10 -8.73 -5.32
C PRO A 80 -8.23 -7.39 -4.62
N LEU A 81 -7.64 -7.26 -3.42
CA LEU A 81 -7.74 -6.01 -2.70
C LEU A 81 -6.52 -5.16 -2.97
N THR A 82 -5.70 -5.61 -3.91
CA THR A 82 -4.51 -4.91 -4.28
C THR A 82 -4.44 -4.70 -5.79
N SER A 83 -5.46 -5.19 -6.52
CA SER A 83 -5.46 -5.01 -7.97
C SER A 83 -6.08 -3.66 -8.32
N ASN A 84 -5.92 -2.73 -7.39
CA ASN A 84 -6.42 -1.37 -7.54
C ASN A 84 -5.40 -0.47 -6.87
N LEU A 85 -4.98 -0.89 -5.68
CA LEU A 85 -3.95 -0.19 -4.94
C LEU A 85 -2.65 -0.29 -5.73
N ILE A 86 -2.57 -1.30 -6.62
CA ILE A 86 -1.39 -1.49 -7.44
C ILE A 86 -1.27 -0.37 -8.48
N ASN A 87 -2.33 -0.18 -9.27
CA ASN A 87 -2.33 0.85 -10.29
C ASN A 87 -2.36 2.23 -9.66
N LEU A 88 -2.91 2.32 -8.46
CA LEU A 88 -2.99 3.59 -7.74
C LEU A 88 -1.65 3.95 -7.13
N LEU A 89 -0.89 2.93 -6.73
CA LEU A 89 0.42 3.15 -6.14
C LEU A 89 1.42 3.63 -7.19
N ALA A 90 1.23 3.18 -8.42
CA ALA A 90 2.11 3.56 -9.51
C ALA A 90 1.39 4.48 -10.48
N GLU A 91 0.36 5.17 -10.00
CA GLU A 91 -0.41 6.08 -10.83
C GLU A 91 0.22 7.47 -10.85
N ASN A 92 0.45 8.02 -9.65
CA ASN A 92 1.05 9.35 -9.53
C ASN A 92 2.40 9.29 -8.80
N GLY A 93 3.02 8.11 -8.81
CA GLY A 93 4.30 7.95 -8.14
C GLY A 93 4.15 7.82 -6.64
N ARG A 94 3.02 7.30 -6.20
CA ARG A 94 2.76 7.13 -4.77
C ARG A 94 3.83 6.26 -4.12
N LEU A 95 4.46 5.40 -4.92
CA LEU A 95 5.51 4.52 -4.41
C LEU A 95 6.59 5.31 -3.71
N THR A 96 7.58 4.62 -3.16
CA THR A 96 8.68 5.25 -2.44
C THR A 96 8.29 5.46 -0.97
N ASN A 97 7.15 6.10 -0.78
CA ASN A 97 6.64 6.35 0.57
C ASN A 97 5.61 5.27 0.94
N THR A 98 5.67 4.15 0.24
CA THR A 98 4.76 3.03 0.46
C THR A 98 4.62 2.70 1.95
N PRO A 99 5.76 2.53 2.66
CA PRO A 99 5.77 2.18 4.08
C PRO A 99 4.68 2.91 4.89
N ALA A 100 4.34 4.12 4.46
CA ALA A 100 3.32 4.89 5.15
C ALA A 100 1.94 4.30 4.90
N VAL A 101 1.67 3.93 3.65
CA VAL A 101 0.39 3.34 3.29
C VAL A 101 0.25 1.93 3.86
N ILE A 102 1.38 1.35 4.28
CA ILE A 102 1.38 0.00 4.85
C ILE A 102 1.23 0.05 6.36
N SER A 103 2.01 0.91 7.01
CA SER A 103 1.96 1.04 8.46
C SER A 103 0.60 1.53 8.92
N ALA A 104 0.10 2.56 8.26
CA ALA A 104 -1.20 3.11 8.61
C ALA A 104 -2.31 2.07 8.43
N PHE A 105 -2.02 1.04 7.65
CA PHE A 105 -2.98 -0.03 7.40
C PHE A 105 -3.24 -0.85 8.65
N SER A 106 -2.17 -1.18 9.37
CA SER A 106 -2.29 -1.98 10.58
C SER A 106 -3.11 -1.26 11.65
N THR A 107 -3.03 0.06 11.67
CA THR A 107 -3.78 0.85 12.64
C THR A 107 -5.15 1.20 12.11
N MET A 108 -5.28 1.29 10.79
CA MET A 108 -6.55 1.59 10.19
C MET A 108 -7.36 0.31 10.00
N MET A 109 -6.65 -0.81 9.90
CA MET A 109 -7.29 -2.10 9.72
C MET A 109 -7.84 -2.62 11.05
N SER A 110 -7.44 -1.99 12.15
CA SER A 110 -7.92 -2.41 13.47
C SER A 110 -9.07 -1.53 13.93
N VAL A 111 -9.06 -0.27 13.50
CA VAL A 111 -10.12 0.65 13.85
C VAL A 111 -11.43 0.27 13.18
N HIS A 112 -11.35 -0.63 12.19
CA HIS A 112 -12.52 -1.09 11.47
C HIS A 112 -13.38 -2.00 12.35
N ARG A 113 -12.73 -2.69 13.29
CA ARG A 113 -13.44 -3.60 14.18
C ARG A 113 -14.42 -2.83 15.07
N GLY A 114 -14.09 -1.58 15.37
CA GLY A 114 -14.96 -0.77 16.22
C GLY A 114 -16.08 -0.12 15.44
N GLU A 115 -15.87 0.07 14.13
CA GLU A 115 -16.87 0.68 13.27
C GLU A 115 -17.68 -0.38 12.53
N VAL A 116 -17.84 -1.55 13.15
CA VAL A 116 -18.59 -2.65 12.54
C VAL A 116 -20.09 -2.50 12.79
N PRO A 117 -20.50 -2.17 14.02
CA PRO A 117 -21.91 -2.00 14.37
C PRO A 117 -22.64 -1.06 13.41
N CYS A 118 -23.92 -0.85 13.65
CA CYS A 118 -24.73 0.02 12.80
C CYS A 118 -25.94 0.56 13.56
N THR A 119 -25.90 1.84 13.91
CA THR A 119 -26.99 2.47 14.64
C THR A 119 -28.29 2.39 13.85
N VAL A 120 -29.24 1.61 14.36
CA VAL A 120 -30.53 1.44 13.69
C VAL A 120 -30.36 0.89 12.28
N PHE A 1 13.64 9.82 29.60
CA PHE A 1 14.25 8.53 30.04
C PHE A 1 14.44 7.59 28.86
N ALA A 2 15.64 7.58 28.29
CA ALA A 2 15.95 6.73 27.16
C ALA A 2 15.18 7.15 25.91
N LYS A 3 13.88 6.89 25.92
CA LYS A 3 13.02 7.24 24.79
C LYS A 3 12.53 8.68 24.91
N LEU A 4 13.20 9.59 24.20
CA LEU A 4 12.83 11.00 24.23
C LEU A 4 11.98 11.36 23.01
N VAL A 5 11.15 10.42 22.57
CA VAL A 5 10.29 10.64 21.42
C VAL A 5 9.31 11.77 21.68
N ARG A 6 8.46 12.05 20.70
CA ARG A 6 7.46 13.11 20.82
C ARG A 6 6.60 13.20 19.57
N PRO A 7 7.21 13.49 18.41
CA PRO A 7 6.49 13.60 17.13
C PRO A 7 6.02 12.24 16.61
N PRO A 8 4.70 11.97 16.64
CA PRO A 8 4.14 10.71 16.16
C PRO A 8 4.25 10.55 14.65
N VAL A 9 5.50 10.50 14.16
CA VAL A 9 5.74 10.36 12.73
C VAL A 9 5.49 8.92 12.27
N GLN A 10 4.23 8.51 12.28
CA GLN A 10 3.85 7.17 11.87
C GLN A 10 2.40 7.12 11.40
N ILE A 11 1.90 8.27 10.93
CA ILE A 11 0.51 8.36 10.45
C ILE A 11 0.42 9.28 9.24
N TYR A 12 0.83 10.53 9.42
CA TYR A 12 0.82 11.53 8.34
C TYR A 12 -0.60 11.89 7.93
N GLY A 13 -1.40 10.89 7.58
CA GLY A 13 -2.77 11.13 7.19
C GLY A 13 -2.99 10.94 5.70
N ILE A 14 -2.37 11.80 4.89
CA ILE A 14 -2.52 11.74 3.45
C ILE A 14 -2.04 10.39 2.90
N GLU A 15 -0.87 9.96 3.34
CA GLU A 15 -0.32 8.69 2.91
C GLU A 15 -1.05 7.53 3.56
N GLY A 16 -1.55 7.77 4.78
CA GLY A 16 -2.28 6.74 5.49
C GLY A 16 -3.69 6.59 4.96
N ARG A 17 -4.23 7.68 4.41
CA ARG A 17 -5.58 7.66 3.86
C ARG A 17 -5.61 6.88 2.55
N TYR A 18 -4.48 6.84 1.86
CA TYR A 18 -4.39 6.11 0.59
C TYR A 18 -4.83 4.67 0.79
N ALA A 19 -4.28 4.03 1.80
CA ALA A 19 -4.63 2.64 2.09
C ALA A 19 -6.06 2.55 2.59
N THR A 20 -6.47 3.49 3.43
CA THR A 20 -7.81 3.51 3.97
C THR A 20 -8.83 3.83 2.87
N ALA A 21 -8.37 4.51 1.82
CA ALA A 21 -9.26 4.86 0.73
C ALA A 21 -9.25 3.77 -0.34
N LEU A 22 -8.51 2.70 -0.07
CA LEU A 22 -8.44 1.57 -0.99
C LEU A 22 -8.91 0.34 -0.27
N TYR A 23 -8.53 0.24 0.99
CA TYR A 23 -8.94 -0.86 1.82
C TYR A 23 -10.37 -0.59 2.32
N SER A 24 -10.79 0.68 2.28
CA SER A 24 -12.14 1.02 2.73
C SER A 24 -13.15 0.09 2.07
N ALA A 25 -12.95 -0.15 0.78
CA ALA A 25 -13.79 -1.07 0.04
C ALA A 25 -13.48 -2.49 0.48
N ALA A 26 -12.21 -2.74 0.76
CA ALA A 26 -11.76 -4.05 1.22
C ALA A 26 -12.36 -4.37 2.58
N SER A 27 -12.58 -3.33 3.39
CA SER A 27 -13.15 -3.50 4.72
C SER A 27 -14.56 -4.06 4.62
N LYS A 28 -15.38 -3.46 3.76
CA LYS A 28 -16.75 -3.91 3.57
C LYS A 28 -16.78 -5.40 3.25
N GLN A 29 -15.75 -5.87 2.57
CA GLN A 29 -15.63 -7.28 2.21
C GLN A 29 -14.95 -8.05 3.33
N ASN A 30 -13.94 -7.43 3.93
CA ASN A 30 -13.17 -8.04 5.03
C ASN A 30 -11.94 -8.74 4.47
N LYS A 31 -11.40 -8.19 3.40
CA LYS A 31 -10.23 -8.75 2.76
C LYS A 31 -8.95 -8.12 3.32
N LEU A 32 -9.06 -7.40 4.43
CA LEU A 32 -7.91 -6.76 5.05
C LEU A 32 -6.73 -7.72 5.13
N GLU A 33 -7.02 -9.01 5.19
CA GLU A 33 -5.98 -10.03 5.24
C GLU A 33 -5.33 -10.18 3.86
N GLN A 34 -6.16 -10.02 2.83
CA GLN A 34 -5.70 -10.13 1.45
C GLN A 34 -5.17 -8.78 0.94
N VAL A 35 -5.39 -7.72 1.72
CA VAL A 35 -4.93 -6.39 1.37
C VAL A 35 -3.77 -5.96 2.26
N GLU A 36 -3.78 -6.42 3.49
CA GLU A 36 -2.72 -6.10 4.45
C GLU A 36 -1.45 -6.86 4.09
N LYS A 37 -1.61 -8.16 3.88
CA LYS A 37 -0.47 -8.99 3.49
C LYS A 37 -0.01 -8.58 2.12
N GLU A 38 -0.95 -8.04 1.34
CA GLU A 38 -0.67 -7.58 -0.01
C GLU A 38 -0.21 -6.11 0.02
N LEU A 39 0.15 -5.63 1.20
CA LEU A 39 0.62 -4.25 1.36
C LEU A 39 2.11 -4.27 1.72
N LEU A 40 2.51 -5.29 2.47
CA LEU A 40 3.89 -5.45 2.87
C LEU A 40 4.74 -5.87 1.67
N ARG A 41 4.11 -6.55 0.71
CA ARG A 41 4.80 -7.00 -0.50
C ARG A 41 5.27 -5.80 -1.30
N VAL A 42 4.42 -4.78 -1.41
CA VAL A 42 4.75 -3.57 -2.15
C VAL A 42 5.88 -2.80 -1.46
N GLY A 43 6.01 -3.00 -0.15
CA GLY A 43 7.05 -2.33 0.60
C GLY A 43 8.41 -2.96 0.35
N GLN A 44 8.45 -4.28 0.36
CA GLN A 44 9.70 -5.01 0.13
C GLN A 44 10.23 -4.71 -1.27
N ILE A 45 9.32 -4.39 -2.18
CA ILE A 45 9.69 -4.07 -3.56
C ILE A 45 10.41 -2.73 -3.63
N LEU A 46 10.39 -1.98 -2.55
CA LEU A 46 11.07 -0.70 -2.52
C LEU A 46 12.39 -0.82 -1.78
N LYS A 47 12.48 -1.81 -0.90
CA LYS A 47 13.69 -2.05 -0.14
C LYS A 47 14.72 -2.76 -1.01
N GLU A 48 14.24 -3.47 -2.04
CA GLU A 48 15.13 -4.19 -2.94
C GLU A 48 15.67 -3.26 -4.03
N PRO A 49 17.00 -3.23 -4.23
CA PRO A 49 17.63 -2.39 -5.24
C PRO A 49 17.37 -2.87 -6.66
N LYS A 50 16.91 -4.12 -6.78
CA LYS A 50 16.62 -4.70 -8.09
C LYS A 50 15.27 -4.23 -8.62
N MET A 51 14.38 -3.85 -7.71
CA MET A 51 13.05 -3.37 -8.09
C MET A 51 12.84 -1.92 -7.66
N ALA A 52 13.52 -1.50 -6.61
CA ALA A 52 13.39 -0.13 -6.11
C ALA A 52 13.80 0.88 -7.18
N ALA A 53 14.98 0.68 -7.74
CA ALA A 53 15.49 1.58 -8.78
C ALA A 53 14.61 1.52 -10.02
N SER A 54 14.11 0.33 -10.33
CA SER A 54 13.26 0.14 -11.50
C SER A 54 11.89 0.78 -11.27
N LEU A 55 11.43 0.76 -10.02
CA LEU A 55 10.14 1.34 -9.68
C LEU A 55 10.16 2.86 -9.82
N LEU A 56 11.32 3.46 -9.54
CA LEU A 56 11.46 4.90 -9.65
C LEU A 56 12.41 5.27 -10.79
N ASN A 57 12.48 4.41 -11.80
CA ASN A 57 13.35 4.66 -12.95
C ASN A 57 12.59 5.42 -14.04
N PRO A 58 13.28 6.33 -14.76
CA PRO A 58 12.66 7.12 -15.83
C PRO A 58 12.36 6.28 -17.07
N TYR A 59 12.88 5.07 -17.10
CA TYR A 59 12.67 4.17 -18.24
C TYR A 59 11.38 3.38 -18.07
N VAL A 60 11.16 2.87 -16.86
CA VAL A 60 9.97 2.09 -16.57
C VAL A 60 8.69 2.89 -16.83
N LYS A 61 8.83 4.22 -16.84
CA LYS A 61 7.69 5.10 -17.07
C LYS A 61 6.62 4.90 -16.01
N ARG A 62 5.45 5.48 -16.23
CA ARG A 62 4.34 5.36 -15.28
C ARG A 62 3.34 4.30 -15.73
N SER A 63 2.73 4.53 -16.89
CA SER A 63 1.74 3.60 -17.42
C SER A 63 2.37 2.23 -17.66
N VAL A 64 3.54 2.22 -18.29
CA VAL A 64 4.24 0.96 -18.58
C VAL A 64 4.52 0.19 -17.30
N LYS A 65 4.95 0.90 -16.26
CA LYS A 65 5.26 0.27 -14.98
C LYS A 65 4.03 -0.46 -14.44
N VAL A 66 2.85 0.06 -14.76
CA VAL A 66 1.60 -0.55 -14.30
C VAL A 66 1.48 -1.99 -14.80
N LYS A 67 1.85 -2.21 -16.05
CA LYS A 67 1.79 -3.54 -16.65
C LYS A 67 2.78 -4.47 -15.97
N SER A 68 3.89 -3.91 -15.50
CA SER A 68 4.92 -4.69 -14.83
C SER A 68 4.44 -5.17 -13.47
N LEU A 69 3.81 -4.28 -12.72
CA LEU A 69 3.29 -4.61 -11.40
C LEU A 69 2.21 -5.69 -11.49
N SER A 70 1.44 -5.65 -12.57
CA SER A 70 0.37 -6.62 -12.78
C SER A 70 0.94 -8.02 -13.00
N ASP A 71 2.01 -8.11 -13.78
CA ASP A 71 2.65 -9.39 -14.04
C ASP A 71 3.58 -9.75 -12.90
N MET A 72 4.13 -8.73 -12.25
CA MET A 72 5.03 -8.94 -11.14
C MET A 72 4.25 -9.27 -9.88
N THR A 73 3.00 -8.79 -9.81
CA THR A 73 2.17 -9.09 -8.66
C THR A 73 1.90 -10.58 -8.59
N ALA A 74 1.88 -11.24 -9.75
CA ALA A 74 1.66 -12.67 -9.80
C ALA A 74 2.60 -13.37 -8.83
N LYS A 75 3.75 -12.74 -8.59
CA LYS A 75 4.74 -13.29 -7.67
C LYS A 75 4.66 -12.62 -6.30
N GLU A 76 4.10 -11.41 -6.26
CA GLU A 76 3.95 -10.70 -5.00
C GLU A 76 2.87 -11.31 -4.13
N LYS A 77 1.63 -11.27 -4.64
CA LYS A 77 0.47 -11.83 -3.93
C LYS A 77 -0.81 -11.11 -4.33
N PHE A 78 -0.69 -9.82 -4.65
CA PHE A 78 -1.83 -9.00 -5.04
C PHE A 78 -2.67 -9.65 -6.09
N SER A 79 -3.71 -8.92 -6.48
CA SER A 79 -4.65 -9.34 -7.52
C SER A 79 -6.07 -8.94 -7.16
N PRO A 80 -6.47 -9.08 -5.88
CA PRO A 80 -7.82 -8.77 -5.47
C PRO A 80 -8.01 -7.40 -4.81
N LEU A 81 -7.54 -7.24 -3.58
CA LEU A 81 -7.70 -5.96 -2.90
C LEU A 81 -6.46 -5.12 -3.08
N THR A 82 -5.54 -5.65 -3.87
CA THR A 82 -4.30 -4.97 -4.14
C THR A 82 -4.14 -4.75 -5.64
N SER A 83 -5.11 -5.24 -6.44
CA SER A 83 -5.04 -5.03 -7.88
C SER A 83 -5.64 -3.69 -8.25
N ASN A 84 -5.54 -2.76 -7.31
CA ASN A 84 -6.03 -1.40 -7.47
C ASN A 84 -5.04 -0.50 -6.77
N LEU A 85 -4.68 -0.91 -5.56
CA LEU A 85 -3.68 -0.21 -4.79
C LEU A 85 -2.35 -0.32 -5.52
N ILE A 86 -2.23 -1.33 -6.39
CA ILE A 86 -1.02 -1.54 -7.16
C ILE A 86 -0.86 -0.44 -8.21
N ASN A 87 -1.85 -0.32 -9.08
CA ASN A 87 -1.82 0.69 -10.13
C ASN A 87 -1.91 2.08 -9.51
N LEU A 88 -2.55 2.17 -8.35
CA LEU A 88 -2.69 3.45 -7.65
C LEU A 88 -1.36 3.88 -7.05
N LEU A 89 -0.61 2.92 -6.51
CA LEU A 89 0.68 3.23 -5.90
C LEU A 89 1.70 3.59 -6.97
N ALA A 90 1.50 3.08 -8.18
CA ALA A 90 2.39 3.35 -9.29
C ALA A 90 1.67 4.15 -10.38
N GLU A 91 0.64 4.89 -9.99
CA GLU A 91 -0.12 5.70 -10.92
C GLU A 91 0.48 7.09 -11.06
N ASN A 92 0.70 7.75 -9.92
CA ASN A 92 1.27 9.08 -9.92
C ASN A 92 2.75 9.04 -9.50
N GLY A 93 3.10 8.05 -8.68
CA GLY A 93 4.47 7.92 -8.23
C GLY A 93 4.57 7.92 -6.72
N ARG A 94 3.72 7.13 -6.07
CA ARG A 94 3.73 7.04 -4.61
C ARG A 94 4.59 5.87 -4.13
N LEU A 95 5.44 5.36 -5.01
CA LEU A 95 6.32 4.25 -4.67
C LEU A 95 7.62 4.76 -4.05
N THR A 96 7.47 5.47 -2.94
CA THR A 96 8.60 6.03 -2.21
C THR A 96 8.35 5.95 -0.72
N ASN A 97 7.13 6.30 -0.32
CA ASN A 97 6.73 6.26 1.08
C ASN A 97 5.69 5.15 1.30
N THR A 98 5.57 4.26 0.32
CA THR A 98 4.63 3.15 0.39
C THR A 98 4.63 2.49 1.77
N PRO A 99 5.79 1.99 2.22
CA PRO A 99 5.91 1.34 3.53
C PRO A 99 5.27 2.15 4.65
N ALA A 100 5.22 3.47 4.45
CA ALA A 100 4.62 4.36 5.43
C ALA A 100 3.10 4.26 5.39
N VAL A 101 2.57 4.01 4.19
CA VAL A 101 1.13 3.89 4.01
C VAL A 101 0.60 2.63 4.67
N ILE A 102 1.46 1.61 4.77
CA ILE A 102 1.07 0.35 5.37
C ILE A 102 0.80 0.51 6.87
N SER A 103 1.55 1.43 7.49
CA SER A 103 1.39 1.69 8.93
C SER A 103 -0.04 2.09 9.24
N ALA A 104 -0.59 2.99 8.44
CA ALA A 104 -1.95 3.46 8.64
C ALA A 104 -2.94 2.29 8.55
N PHE A 105 -2.61 1.30 7.73
CA PHE A 105 -3.44 0.12 7.56
C PHE A 105 -3.62 -0.61 8.89
N SER A 106 -2.61 -0.53 9.74
CA SER A 106 -2.65 -1.20 11.03
C SER A 106 -3.41 -0.37 12.08
N THR A 107 -3.55 0.92 11.83
CA THR A 107 -4.28 1.78 12.76
C THR A 107 -5.69 1.99 12.26
N MET A 108 -5.87 1.96 10.95
CA MET A 108 -7.18 2.12 10.36
C MET A 108 -7.93 0.79 10.41
N MET A 109 -7.18 -0.31 10.47
CA MET A 109 -7.80 -1.62 10.54
C MET A 109 -8.61 -1.74 11.83
N SER A 110 -8.09 -1.12 12.90
CA SER A 110 -8.78 -1.15 14.19
C SER A 110 -10.20 -0.59 14.06
N VAL A 111 -10.41 0.22 13.02
CA VAL A 111 -11.71 0.82 12.78
C VAL A 111 -12.68 -0.18 12.15
N HIS A 112 -12.18 -0.96 11.20
CA HIS A 112 -13.01 -1.97 10.53
C HIS A 112 -13.24 -3.17 11.45
N ARG A 113 -12.26 -3.46 12.30
CA ARG A 113 -12.35 -4.58 13.22
C ARG A 113 -13.20 -4.21 14.43
N GLY A 114 -13.23 -2.92 14.76
CA GLY A 114 -13.99 -2.46 15.91
C GLY A 114 -15.46 -2.82 15.80
N GLU A 115 -16.19 -2.11 14.96
CA GLU A 115 -17.61 -2.35 14.76
C GLU A 115 -17.84 -3.41 13.69
N VAL A 116 -17.08 -3.32 12.61
CA VAL A 116 -17.19 -4.28 11.52
C VAL A 116 -18.56 -4.18 10.85
N PRO A 117 -18.62 -4.20 9.51
CA PRO A 117 -19.88 -4.11 8.76
C PRO A 117 -20.71 -5.39 8.90
N CYS A 118 -21.80 -5.29 9.66
CA CYS A 118 -22.68 -6.44 9.87
C CYS A 118 -23.38 -6.82 8.57
N THR A 119 -24.25 -7.83 8.64
CA THR A 119 -24.98 -8.30 7.48
C THR A 119 -26.44 -7.85 7.54
N VAL A 120 -27.20 -8.42 8.47
CA VAL A 120 -28.60 -8.08 8.64
C VAL A 120 -28.77 -6.60 8.96
N PHE A 1 -2.57 5.37 38.37
CA PHE A 1 -1.12 5.51 38.10
C PHE A 1 -0.82 5.41 36.62
N ALA A 2 0.01 6.32 36.11
CA ALA A 2 0.38 6.32 34.70
C ALA A 2 1.77 6.93 34.50
N LYS A 3 2.69 6.13 34.00
CA LYS A 3 4.05 6.60 33.76
C LYS A 3 4.31 6.77 32.27
N LEU A 4 3.83 5.82 31.47
CA LEU A 4 4.01 5.87 30.02
C LEU A 4 3.34 7.10 29.43
N VAL A 5 3.89 7.61 28.34
CA VAL A 5 3.35 8.79 27.68
C VAL A 5 3.20 8.55 26.18
N ARG A 6 2.08 7.95 25.78
CA ARG A 6 1.81 7.68 24.37
C ARG A 6 0.62 8.49 23.88
N PRO A 7 0.87 9.73 23.41
CA PRO A 7 -0.19 10.60 22.89
C PRO A 7 -1.05 9.92 21.84
N PRO A 8 -2.19 10.53 21.49
CA PRO A 8 -3.11 9.97 20.49
C PRO A 8 -2.53 10.03 19.07
N VAL A 9 -2.67 8.94 18.33
CA VAL A 9 -2.17 8.88 16.97
C VAL A 9 -2.74 7.68 16.22
N GLN A 10 -3.58 7.95 15.22
CA GLN A 10 -4.19 6.89 14.42
C GLN A 10 -3.62 6.86 13.02
N ILE A 11 -3.23 8.04 12.52
CA ILE A 11 -2.67 8.14 11.17
C ILE A 11 -1.69 9.30 11.09
N TYR A 12 -0.64 9.13 10.30
CA TYR A 12 0.42 10.13 10.17
C TYR A 12 0.97 10.18 8.76
N GLY A 13 0.30 10.91 7.88
CA GLY A 13 0.76 11.02 6.51
C GLY A 13 -0.31 10.65 5.52
N ILE A 14 -0.74 11.62 4.71
CA ILE A 14 -1.76 11.39 3.69
C ILE A 14 -1.52 10.09 2.93
N GLU A 15 -0.26 9.70 2.81
CA GLU A 15 0.11 8.48 2.11
C GLU A 15 -0.56 7.27 2.76
N GLY A 16 -0.76 7.35 4.07
CA GLY A 16 -1.40 6.26 4.79
C GLY A 16 -2.88 6.17 4.48
N ARG A 17 -3.48 7.31 4.18
CA ARG A 17 -4.91 7.37 3.87
C ARG A 17 -5.18 6.65 2.54
N TYR A 18 -4.17 6.62 1.67
CA TYR A 18 -4.31 5.95 0.38
C TYR A 18 -4.82 4.54 0.57
N ALA A 19 -4.21 3.83 1.50
CA ALA A 19 -4.59 2.45 1.80
C ALA A 19 -5.98 2.42 2.43
N THR A 20 -6.24 3.36 3.32
CA THR A 20 -7.54 3.41 3.98
C THR A 20 -8.63 3.80 2.99
N ALA A 21 -8.25 4.52 1.94
CA ALA A 21 -9.21 4.92 0.93
C ALA A 21 -9.32 3.87 -0.17
N LEU A 22 -8.63 2.75 0.03
CA LEU A 22 -8.68 1.64 -0.91
C LEU A 22 -9.16 0.41 -0.18
N TYR A 23 -8.70 0.27 1.04
CA TYR A 23 -9.12 -0.83 1.87
C TYR A 23 -10.48 -0.50 2.48
N SER A 24 -10.86 0.78 2.47
CA SER A 24 -12.17 1.18 3.00
C SER A 24 -13.24 0.30 2.40
N ALA A 25 -13.05 -0.04 1.12
CA ALA A 25 -13.95 -0.92 0.42
C ALA A 25 -13.66 -2.35 0.86
N ALA A 26 -12.37 -2.63 1.04
CA ALA A 26 -11.92 -3.94 1.49
C ALA A 26 -12.53 -4.28 2.84
N SER A 27 -12.58 -3.29 3.73
CA SER A 27 -13.13 -3.47 5.06
C SER A 27 -14.56 -4.02 4.97
N LYS A 28 -15.36 -3.41 4.11
CA LYS A 28 -16.75 -3.84 3.91
C LYS A 28 -16.78 -5.34 3.62
N GLN A 29 -15.76 -5.82 2.92
CA GLN A 29 -15.65 -7.23 2.58
C GLN A 29 -15.05 -7.98 3.76
N ASN A 30 -14.01 -7.40 4.36
CA ASN A 30 -13.32 -7.99 5.50
C ASN A 30 -12.15 -8.84 5.02
N LYS A 31 -11.57 -8.42 3.90
CA LYS A 31 -10.43 -9.13 3.33
C LYS A 31 -9.14 -8.40 3.63
N LEU A 32 -9.12 -7.63 4.73
CA LEU A 32 -7.92 -6.91 5.12
C LEU A 32 -6.69 -7.81 5.09
N GLU A 33 -6.91 -9.11 5.21
CA GLU A 33 -5.82 -10.07 5.18
C GLU A 33 -5.30 -10.21 3.74
N GLN A 34 -6.22 -10.06 2.78
CA GLN A 34 -5.87 -10.16 1.37
C GLN A 34 -5.33 -8.82 0.85
N VAL A 35 -5.60 -7.75 1.58
CA VAL A 35 -5.14 -6.42 1.19
C VAL A 35 -3.98 -5.96 2.06
N GLU A 36 -3.98 -6.37 3.31
CA GLU A 36 -2.92 -6.01 4.25
C GLU A 36 -1.68 -6.83 3.93
N LYS A 37 -1.85 -8.13 3.81
CA LYS A 37 -0.75 -9.01 3.46
C LYS A 37 -0.24 -8.60 2.09
N GLU A 38 -1.17 -8.09 1.28
CA GLU A 38 -0.85 -7.62 -0.04
C GLU A 38 -0.44 -6.15 0.00
N LEU A 39 -0.18 -5.64 1.20
CA LEU A 39 0.23 -4.26 1.38
C LEU A 39 1.70 -4.22 1.81
N LEU A 40 2.10 -5.24 2.57
CA LEU A 40 3.48 -5.35 3.03
C LEU A 40 4.39 -5.72 1.87
N ARG A 41 3.84 -6.44 0.89
CA ARG A 41 4.61 -6.85 -0.28
C ARG A 41 5.04 -5.64 -1.08
N VAL A 42 4.15 -4.65 -1.18
CA VAL A 42 4.44 -3.43 -1.91
C VAL A 42 5.53 -2.63 -1.21
N GLY A 43 5.63 -2.78 0.10
CA GLY A 43 6.64 -2.07 0.87
C GLY A 43 8.03 -2.61 0.60
N GLN A 44 8.16 -3.93 0.59
CA GLN A 44 9.46 -4.57 0.33
C GLN A 44 9.96 -4.20 -1.06
N ILE A 45 9.03 -4.01 -1.99
CA ILE A 45 9.37 -3.64 -3.36
C ILE A 45 10.05 -2.28 -3.40
N LEU A 46 9.61 -1.38 -2.54
CA LEU A 46 10.19 -0.04 -2.47
C LEU A 46 11.56 -0.08 -1.80
N LYS A 47 11.64 -0.80 -0.70
CA LYS A 47 12.89 -0.93 0.05
C LYS A 47 13.87 -1.83 -0.71
N GLU A 48 13.33 -2.69 -1.57
CA GLU A 48 14.16 -3.60 -2.34
C GLU A 48 15.16 -2.83 -3.21
N PRO A 49 16.46 -2.89 -2.88
CA PRO A 49 17.51 -2.20 -3.63
C PRO A 49 17.45 -2.50 -5.12
N LYS A 50 16.86 -3.64 -5.47
CA LYS A 50 16.74 -4.05 -6.86
C LYS A 50 15.61 -3.31 -7.56
N MET A 51 14.59 -2.94 -6.79
CA MET A 51 13.43 -2.23 -7.34
C MET A 51 13.59 -0.72 -7.17
N ALA A 52 14.36 -0.31 -6.17
CA ALA A 52 14.59 1.10 -5.90
C ALA A 52 15.15 1.82 -7.14
N ALA A 53 15.89 1.07 -7.96
CA ALA A 53 16.48 1.62 -9.17
C ALA A 53 15.42 1.79 -10.26
N SER A 54 14.40 0.94 -10.22
CA SER A 54 13.33 1.00 -11.22
C SER A 54 12.25 2.00 -10.80
N LEU A 55 11.91 1.99 -9.52
CA LEU A 55 10.90 2.90 -8.99
C LEU A 55 11.31 4.35 -9.20
N LEU A 56 12.63 4.59 -9.23
CA LEU A 56 13.15 5.92 -9.42
C LEU A 56 13.79 6.07 -10.80
N ASN A 57 13.34 5.24 -11.74
CA ASN A 57 13.88 5.29 -13.09
C ASN A 57 12.81 5.74 -14.09
N PRO A 58 13.04 6.85 -14.81
CA PRO A 58 12.09 7.37 -15.79
C PRO A 58 12.03 6.50 -17.05
N TYR A 59 12.84 5.43 -17.07
CA TYR A 59 12.89 4.52 -18.20
C TYR A 59 11.73 3.53 -18.14
N VAL A 60 11.33 3.17 -16.94
CA VAL A 60 10.24 2.22 -16.75
C VAL A 60 8.94 2.73 -17.38
N LYS A 61 8.87 4.04 -17.60
CA LYS A 61 7.68 4.64 -18.21
C LYS A 61 6.47 4.47 -17.31
N ARG A 62 5.41 5.21 -17.60
CA ARG A 62 4.18 5.15 -16.81
C ARG A 62 3.28 4.03 -17.31
N SER A 63 3.37 3.72 -18.60
CA SER A 63 2.55 2.68 -19.19
C SER A 63 3.25 1.33 -19.11
N VAL A 64 4.50 1.27 -19.57
CA VAL A 64 5.27 0.04 -19.55
C VAL A 64 5.41 -0.49 -18.13
N LYS A 65 5.53 0.42 -17.17
CA LYS A 65 5.66 0.03 -15.77
C LYS A 65 4.41 -0.69 -15.27
N VAL A 66 3.27 -0.32 -15.83
CA VAL A 66 1.99 -0.93 -15.45
C VAL A 66 1.98 -2.42 -15.79
N LYS A 67 2.69 -2.78 -16.85
CA LYS A 67 2.76 -4.17 -17.28
C LYS A 67 3.43 -5.05 -16.22
N SER A 68 4.58 -4.60 -15.73
CA SER A 68 5.31 -5.32 -14.71
C SER A 68 4.45 -5.53 -13.46
N LEU A 69 3.54 -4.59 -13.22
CA LEU A 69 2.65 -4.66 -12.07
C LEU A 69 1.73 -5.87 -12.17
N SER A 70 1.14 -6.07 -13.33
CA SER A 70 0.24 -7.18 -13.57
C SER A 70 0.92 -8.52 -13.27
N ASP A 71 2.17 -8.64 -13.73
CA ASP A 71 2.94 -9.86 -13.51
C ASP A 71 3.62 -9.84 -12.14
N MET A 72 3.37 -8.79 -11.37
CA MET A 72 3.93 -8.67 -10.03
C MET A 72 2.84 -8.90 -9.00
N THR A 73 1.61 -8.53 -9.38
CA THR A 73 0.45 -8.71 -8.52
C THR A 73 0.03 -10.18 -8.50
N ALA A 74 0.26 -10.86 -9.62
CA ALA A 74 -0.10 -12.27 -9.72
C ALA A 74 1.02 -13.18 -9.20
N LYS A 75 2.11 -12.57 -8.75
CA LYS A 75 3.24 -13.34 -8.23
C LYS A 75 3.41 -13.11 -6.72
N GLU A 76 3.39 -11.84 -6.32
CA GLU A 76 3.55 -11.49 -4.91
C GLU A 76 2.40 -12.04 -4.08
N LYS A 77 1.18 -11.63 -4.44
CA LYS A 77 -0.03 -12.07 -3.74
C LYS A 77 -1.23 -11.26 -4.23
N PHE A 78 -0.96 -10.00 -4.61
CA PHE A 78 -2.00 -9.12 -5.10
C PHE A 78 -2.90 -9.77 -6.12
N SER A 79 -3.85 -8.99 -6.60
CA SER A 79 -4.80 -9.41 -7.64
C SER A 79 -6.23 -9.00 -7.32
N PRO A 80 -6.67 -9.10 -6.05
CA PRO A 80 -8.03 -8.78 -5.68
C PRO A 80 -8.21 -7.42 -5.01
N LEU A 81 -7.73 -7.27 -3.78
CA LEU A 81 -7.89 -6.01 -3.10
C LEU A 81 -6.62 -5.19 -3.21
N THR A 82 -5.69 -5.74 -3.97
CA THR A 82 -4.42 -5.09 -4.21
C THR A 82 -4.23 -4.87 -5.71
N SER A 83 -5.19 -5.33 -6.51
CA SER A 83 -5.10 -5.13 -7.95
C SER A 83 -5.77 -3.82 -8.34
N ASN A 84 -5.71 -2.87 -7.41
CA ASN A 84 -6.26 -1.54 -7.58
C ASN A 84 -5.34 -0.59 -6.86
N LEU A 85 -4.98 -0.98 -5.64
CA LEU A 85 -4.05 -0.23 -4.85
C LEU A 85 -2.68 -0.28 -5.52
N ILE A 86 -2.49 -1.29 -6.38
CA ILE A 86 -1.22 -1.45 -7.08
C ILE A 86 -1.05 -0.36 -8.14
N ASN A 87 -2.06 -0.22 -9.00
CA ASN A 87 -2.04 0.79 -10.05
C ASN A 87 -2.07 2.18 -9.46
N LEU A 88 -2.71 2.33 -8.30
CA LEU A 88 -2.82 3.61 -7.64
C LEU A 88 -1.49 4.01 -6.99
N LEU A 89 -0.78 3.02 -6.47
CA LEU A 89 0.51 3.28 -5.83
C LEU A 89 1.56 3.67 -6.87
N ALA A 90 1.43 3.09 -8.06
CA ALA A 90 2.36 3.38 -9.15
C ALA A 90 1.68 4.23 -10.23
N GLU A 91 0.65 4.96 -9.82
CA GLU A 91 -0.08 5.81 -10.75
C GLU A 91 0.57 7.19 -10.87
N ASN A 92 0.81 7.81 -9.71
CA ASN A 92 1.44 9.13 -9.68
C ASN A 92 2.80 9.09 -8.99
N GLY A 93 3.42 7.92 -9.00
CA GLY A 93 4.72 7.77 -8.37
C GLY A 93 4.62 7.62 -6.87
N ARG A 94 3.49 7.10 -6.40
CA ARG A 94 3.27 6.90 -4.98
C ARG A 94 4.27 5.91 -4.40
N LEU A 95 4.90 5.12 -5.26
CA LEU A 95 5.89 4.14 -4.83
C LEU A 95 7.13 4.84 -4.30
N THR A 96 7.00 5.40 -3.10
CA THR A 96 8.10 6.09 -2.43
C THR A 96 7.89 6.06 -0.94
N ASN A 97 6.65 6.30 -0.52
CA ASN A 97 6.29 6.28 0.89
C ASN A 97 5.47 5.04 1.21
N THR A 98 5.44 4.09 0.26
CA THR A 98 4.70 2.84 0.44
C THR A 98 4.79 2.30 1.86
N PRO A 99 6.01 2.03 2.36
CA PRO A 99 6.23 1.50 3.71
C PRO A 99 5.38 2.23 4.75
N ALA A 100 5.45 3.56 4.74
CA ALA A 100 4.67 4.36 5.68
C ALA A 100 3.18 4.19 5.44
N VAL A 101 2.82 3.87 4.19
CA VAL A 101 1.42 3.68 3.82
C VAL A 101 0.89 2.36 4.37
N ILE A 102 1.78 1.38 4.50
CA ILE A 102 1.40 0.08 5.01
C ILE A 102 1.16 0.12 6.52
N SER A 103 1.98 0.89 7.22
CA SER A 103 1.85 1.02 8.66
C SER A 103 0.47 1.54 9.04
N ALA A 104 -0.06 2.45 8.22
CA ALA A 104 -1.37 3.01 8.45
C ALA A 104 -2.44 1.93 8.38
N PHE A 105 -2.26 0.98 7.45
CA PHE A 105 -3.20 -0.12 7.28
C PHE A 105 -3.38 -0.87 8.60
N SER A 106 -2.32 -0.90 9.40
CA SER A 106 -2.36 -1.59 10.68
C SER A 106 -3.01 -0.74 11.77
N THR A 107 -3.13 0.56 11.51
CA THR A 107 -3.74 1.46 12.48
C THR A 107 -5.18 1.73 12.08
N MET A 108 -5.44 1.77 10.79
CA MET A 108 -6.77 1.98 10.29
C MET A 108 -7.57 0.69 10.39
N MET A 109 -6.86 -0.44 10.40
CA MET A 109 -7.53 -1.73 10.52
C MET A 109 -8.28 -1.80 11.83
N SER A 110 -7.69 -1.21 12.88
CA SER A 110 -8.32 -1.20 14.19
C SER A 110 -9.71 -0.58 14.13
N VAL A 111 -9.94 0.23 13.09
CA VAL A 111 -11.23 0.88 12.91
C VAL A 111 -12.26 -0.08 12.34
N HIS A 112 -11.84 -0.91 11.37
CA HIS A 112 -12.75 -1.87 10.76
C HIS A 112 -13.01 -3.04 11.70
N ARG A 113 -12.01 -3.36 12.52
CA ARG A 113 -12.13 -4.45 13.49
C ARG A 113 -12.99 -4.04 14.67
N GLY A 114 -12.97 -2.75 15.00
CA GLY A 114 -13.74 -2.25 16.11
C GLY A 114 -15.23 -2.46 15.92
N GLU A 115 -15.66 -2.48 14.66
CA GLU A 115 -17.08 -2.67 14.34
C GLU A 115 -17.30 -4.01 13.63
N VAL A 116 -17.13 -5.10 14.38
CA VAL A 116 -17.30 -6.44 13.83
C VAL A 116 -18.02 -7.35 14.82
N PRO A 117 -19.37 -7.30 14.83
CA PRO A 117 -20.18 -8.13 15.75
C PRO A 117 -19.80 -9.61 15.66
N CYS A 118 -19.49 -10.19 16.81
CA CYS A 118 -19.12 -11.61 16.88
C CYS A 118 -19.74 -12.28 18.09
N THR A 119 -19.38 -11.82 19.28
CA THR A 119 -19.91 -12.38 20.52
C THR A 119 -21.29 -11.82 20.82
N VAL A 120 -21.35 -10.53 21.10
CA VAL A 120 -22.62 -9.86 21.40
C VAL A 120 -23.11 -9.05 20.23
N PHE A 1 -6.73 3.26 23.21
CA PHE A 1 -5.71 3.73 24.17
C PHE A 1 -6.02 5.14 24.66
N ALA A 2 -5.13 5.69 25.48
CA ALA A 2 -5.31 7.03 26.02
C ALA A 2 -4.05 7.88 25.80
N LYS A 3 -4.25 9.19 25.68
CA LYS A 3 -3.14 10.11 25.48
C LYS A 3 -2.40 9.79 24.18
N LEU A 4 -1.30 10.50 23.94
CA LEU A 4 -0.50 10.29 22.74
C LEU A 4 -1.32 10.55 21.48
N VAL A 5 -1.06 11.68 20.84
CA VAL A 5 -1.77 12.05 19.63
C VAL A 5 -1.01 11.63 18.38
N ARG A 6 0.31 11.76 18.44
CA ARG A 6 1.17 11.39 17.31
C ARG A 6 0.82 12.20 16.07
N PRO A 7 1.40 13.41 15.93
CA PRO A 7 1.14 14.29 14.79
C PRO A 7 1.36 13.57 13.46
N PRO A 8 0.93 14.19 12.35
CA PRO A 8 1.07 13.61 11.01
C PRO A 8 2.53 13.54 10.56
N VAL A 9 2.84 12.57 9.71
CA VAL A 9 4.20 12.39 9.21
C VAL A 9 4.19 11.74 7.83
N GLN A 10 3.80 10.47 7.77
CA GLN A 10 3.77 9.74 6.50
C GLN A 10 2.48 8.93 6.39
N ILE A 11 2.17 8.16 7.42
CA ILE A 11 0.97 7.33 7.43
C ILE A 11 -0.22 8.07 8.05
N TYR A 12 -0.30 9.37 7.79
CA TYR A 12 -1.37 10.18 8.37
C TYR A 12 -1.73 11.35 7.46
N GLY A 13 -1.61 11.15 6.15
CA GLY A 13 -1.94 12.21 5.21
C GLY A 13 -2.60 11.69 3.95
N ILE A 14 -1.91 11.89 2.83
CA ILE A 14 -2.41 11.43 1.55
C ILE A 14 -2.17 9.94 1.41
N GLU A 15 -1.05 9.49 1.95
CA GLU A 15 -0.69 8.08 1.93
C GLU A 15 -1.48 7.32 2.99
N GLY A 16 -1.89 8.03 4.04
CA GLY A 16 -2.65 7.40 5.09
C GLY A 16 -4.10 7.20 4.70
N ARG A 17 -4.64 8.14 3.93
CA ARG A 17 -6.03 8.06 3.48
C ARG A 17 -6.13 7.16 2.25
N TYR A 18 -5.03 7.05 1.50
CA TYR A 18 -5.00 6.20 0.32
C TYR A 18 -5.41 4.78 0.68
N ALA A 19 -4.75 4.24 1.69
CA ALA A 19 -5.04 2.89 2.16
C ALA A 19 -6.46 2.82 2.70
N THR A 20 -6.80 3.76 3.56
CA THR A 20 -8.14 3.81 4.16
C THR A 20 -9.21 4.11 3.11
N ALA A 21 -8.79 4.62 1.95
CA ALA A 21 -9.73 4.94 0.89
C ALA A 21 -9.78 3.84 -0.16
N LEU A 22 -8.96 2.81 0.04
CA LEU A 22 -8.92 1.68 -0.87
C LEU A 22 -9.29 0.44 -0.12
N TYR A 23 -8.87 0.39 1.13
CA TYR A 23 -9.18 -0.71 2.00
C TYR A 23 -10.54 -0.47 2.65
N SER A 24 -11.01 0.79 2.61
CA SER A 24 -12.32 1.11 3.19
C SER A 24 -13.35 0.14 2.62
N ALA A 25 -13.18 -0.19 1.35
CA ALA A 25 -14.05 -1.16 0.69
C ALA A 25 -13.64 -2.55 1.12
N ALA A 26 -12.33 -2.74 1.27
CA ALA A 26 -11.79 -4.02 1.70
C ALA A 26 -12.26 -4.36 3.11
N SER A 27 -12.49 -3.34 3.93
CA SER A 27 -12.96 -3.53 5.29
C SER A 27 -14.35 -4.13 5.30
N LYS A 28 -15.26 -3.50 4.55
CA LYS A 28 -16.63 -3.99 4.46
C LYS A 28 -16.65 -5.46 4.06
N GLN A 29 -15.67 -5.85 3.26
CA GLN A 29 -15.55 -7.24 2.81
C GLN A 29 -14.84 -8.07 3.88
N ASN A 30 -13.72 -7.53 4.39
CA ASN A 30 -12.92 -8.20 5.41
C ASN A 30 -11.69 -8.84 4.78
N LYS A 31 -11.23 -8.23 3.70
CA LYS A 31 -10.06 -8.72 2.98
C LYS A 31 -8.79 -8.07 3.51
N LEU A 32 -8.89 -7.32 4.61
CA LEU A 32 -7.74 -6.65 5.20
C LEU A 32 -6.54 -7.58 5.23
N GLU A 33 -6.79 -8.88 5.35
CA GLU A 33 -5.73 -9.87 5.36
C GLU A 33 -5.12 -10.00 3.98
N GLN A 34 -5.97 -10.00 2.95
CA GLN A 34 -5.53 -10.09 1.57
C GLN A 34 -4.95 -8.76 1.09
N VAL A 35 -5.27 -7.69 1.82
CA VAL A 35 -4.78 -6.36 1.46
C VAL A 35 -3.59 -5.95 2.34
N GLU A 36 -3.51 -6.56 3.51
CA GLU A 36 -2.42 -6.28 4.44
C GLU A 36 -1.22 -7.14 4.11
N LYS A 37 -1.49 -8.41 3.79
CA LYS A 37 -0.43 -9.34 3.43
C LYS A 37 0.15 -8.96 2.08
N GLU A 38 -0.72 -8.49 1.18
CA GLU A 38 -0.27 -8.08 -0.13
C GLU A 38 0.63 -6.86 0.00
N LEU A 39 0.15 -5.87 0.76
CA LEU A 39 0.91 -4.64 0.98
C LEU A 39 2.36 -4.94 1.33
N LEU A 40 2.57 -6.08 1.99
CA LEU A 40 3.92 -6.48 2.40
C LEU A 40 4.82 -6.67 1.17
N ARG A 41 4.20 -6.95 0.02
CA ARG A 41 4.94 -7.14 -1.22
C ARG A 41 5.55 -5.83 -1.70
N VAL A 42 4.71 -4.81 -1.84
CA VAL A 42 5.17 -3.50 -2.30
C VAL A 42 6.27 -2.95 -1.37
N GLY A 43 6.27 -3.40 -0.12
CA GLY A 43 7.25 -2.94 0.82
C GLY A 43 8.60 -3.59 0.61
N GLN A 44 8.61 -4.90 0.40
CA GLN A 44 9.84 -5.64 0.17
C GLN A 44 10.38 -5.38 -1.23
N ILE A 45 9.48 -5.03 -2.15
CA ILE A 45 9.87 -4.77 -3.53
C ILE A 45 10.42 -3.35 -3.68
N LEU A 46 9.79 -2.40 -2.99
CA LEU A 46 10.23 -1.02 -3.06
C LEU A 46 11.39 -0.77 -2.10
N LYS A 47 11.48 -1.60 -1.06
CA LYS A 47 12.57 -1.48 -0.10
C LYS A 47 13.79 -2.25 -0.58
N GLU A 48 13.56 -3.25 -1.42
CA GLU A 48 14.64 -4.06 -1.97
C GLU A 48 15.58 -3.21 -2.83
N PRO A 49 16.82 -2.98 -2.37
CA PRO A 49 17.79 -2.18 -3.12
C PRO A 49 18.01 -2.71 -4.53
N LYS A 50 17.74 -4.00 -4.73
CA LYS A 50 17.90 -4.62 -6.03
C LYS A 50 16.56 -4.65 -6.76
N MET A 51 15.72 -3.67 -6.47
CA MET A 51 14.40 -3.56 -7.09
C MET A 51 13.87 -2.13 -7.03
N ALA A 52 14.17 -1.43 -5.94
CA ALA A 52 13.73 -0.06 -5.77
C ALA A 52 14.29 0.84 -6.85
N ALA A 53 15.49 0.50 -7.34
CA ALA A 53 16.15 1.27 -8.38
C ALA A 53 15.36 1.23 -9.69
N SER A 54 14.64 0.12 -9.90
CA SER A 54 13.85 -0.05 -11.11
C SER A 54 12.64 0.88 -11.10
N LEU A 55 11.88 0.85 -10.02
CA LEU A 55 10.69 1.70 -9.89
C LEU A 55 11.07 3.16 -9.74
N LEU A 56 12.35 3.42 -9.45
CA LEU A 56 12.83 4.79 -9.30
C LEU A 56 13.54 5.28 -10.57
N ASN A 57 14.23 4.36 -11.23
CA ASN A 57 14.95 4.70 -12.45
C ASN A 57 14.00 5.26 -13.52
N PRO A 58 14.56 5.76 -14.63
CA PRO A 58 13.77 6.34 -15.72
C PRO A 58 12.90 5.32 -16.44
N TYR A 59 13.06 4.04 -16.09
CA TYR A 59 12.29 2.97 -16.70
C TYR A 59 10.94 2.79 -16.01
N VAL A 60 10.75 3.46 -14.88
CA VAL A 60 9.50 3.37 -14.13
C VAL A 60 8.46 4.34 -14.69
N LYS A 61 8.15 4.19 -15.98
CA LYS A 61 7.17 5.04 -16.64
C LYS A 61 5.83 5.01 -15.91
N ARG A 62 4.82 5.61 -16.52
CA ARG A 62 3.48 5.63 -15.92
C ARG A 62 2.67 4.40 -16.31
N SER A 63 2.35 4.28 -17.59
CA SER A 63 1.58 3.16 -18.08
C SER A 63 2.45 1.91 -18.27
N VAL A 64 3.75 2.06 -18.05
CA VAL A 64 4.68 0.95 -18.19
C VAL A 64 4.85 0.22 -16.86
N LYS A 65 4.91 0.99 -15.78
CA LYS A 65 5.08 0.42 -14.45
C LYS A 65 3.79 -0.27 -14.00
N VAL A 66 2.65 0.19 -14.53
CA VAL A 66 1.37 -0.38 -14.18
C VAL A 66 1.19 -1.76 -14.83
N LYS A 67 1.69 -1.91 -16.05
CA LYS A 67 1.58 -3.17 -16.76
C LYS A 67 2.53 -4.20 -16.18
N SER A 68 3.74 -3.76 -15.82
CA SER A 68 4.73 -4.65 -15.24
C SER A 68 4.32 -5.06 -13.83
N LEU A 69 3.56 -4.20 -13.16
CA LEU A 69 3.10 -4.48 -11.81
C LEU A 69 2.03 -5.56 -11.80
N SER A 70 1.14 -5.50 -12.79
CA SER A 70 0.06 -6.47 -12.90
C SER A 70 0.59 -7.85 -13.30
N ASP A 71 1.74 -7.86 -13.97
CA ASP A 71 2.34 -9.12 -14.39
C ASP A 71 3.32 -9.60 -13.34
N MET A 72 3.98 -8.65 -12.68
CA MET A 72 4.93 -8.98 -11.63
C MET A 72 4.17 -9.27 -10.34
N THR A 73 2.99 -8.68 -10.19
CA THR A 73 2.20 -8.93 -8.99
C THR A 73 1.77 -10.38 -8.97
N ALA A 74 1.62 -10.98 -10.15
CA ALA A 74 1.24 -12.38 -10.24
C ALA A 74 2.14 -13.21 -9.32
N LYS A 75 3.36 -12.72 -9.13
CA LYS A 75 4.32 -13.39 -8.26
C LYS A 75 4.32 -12.76 -6.86
N GLU A 76 3.90 -11.50 -6.78
CA GLU A 76 3.86 -10.81 -5.49
C GLU A 76 2.72 -11.35 -4.63
N LYS A 77 1.49 -11.16 -5.10
CA LYS A 77 0.30 -11.62 -4.39
C LYS A 77 -0.94 -10.81 -4.79
N PHE A 78 -0.76 -9.52 -5.00
CA PHE A 78 -1.87 -8.63 -5.37
C PHE A 78 -2.79 -9.27 -6.38
N SER A 79 -3.97 -8.68 -6.50
CA SER A 79 -4.97 -9.15 -7.44
C SER A 79 -6.38 -8.73 -7.04
N PRO A 80 -6.76 -8.92 -5.77
CA PRO A 80 -8.09 -8.61 -5.31
C PRO A 80 -8.24 -7.27 -4.60
N LEU A 81 -7.73 -7.16 -3.38
CA LEU A 81 -7.85 -5.91 -2.65
C LEU A 81 -6.61 -5.08 -2.85
N THR A 82 -5.75 -5.56 -3.73
CA THR A 82 -4.51 -4.89 -4.03
C THR A 82 -4.38 -4.65 -5.52
N SER A 83 -5.34 -5.12 -6.31
CA SER A 83 -5.29 -4.90 -7.75
C SER A 83 -5.93 -3.56 -8.11
N ASN A 84 -5.87 -2.64 -7.16
CA ASN A 84 -6.40 -1.30 -7.31
C ASN A 84 -5.45 -0.37 -6.61
N LEU A 85 -5.07 -0.78 -5.40
CA LEU A 85 -4.10 -0.06 -4.61
C LEU A 85 -2.77 -0.11 -5.35
N ILE A 86 -2.59 -1.16 -6.16
CA ILE A 86 -1.38 -1.31 -6.94
C ILE A 86 -1.23 -0.18 -7.94
N ASN A 87 -2.23 -0.04 -8.81
CA ASN A 87 -2.22 1.02 -9.82
C ASN A 87 -2.29 2.39 -9.16
N LEU A 88 -2.93 2.45 -8.00
CA LEU A 88 -3.08 3.69 -7.27
C LEU A 88 -1.74 4.11 -6.67
N LEU A 89 -0.93 3.13 -6.28
CA LEU A 89 0.37 3.41 -5.68
C LEU A 89 1.32 3.95 -6.73
N ALA A 90 1.19 3.44 -7.95
CA ALA A 90 2.05 3.87 -9.06
C ALA A 90 1.26 4.70 -10.06
N GLU A 91 0.19 5.34 -9.59
CA GLU A 91 -0.63 6.17 -10.46
C GLU A 91 -0.11 7.61 -10.50
N ASN A 92 0.15 8.16 -9.33
CA ASN A 92 0.65 9.53 -9.23
C ASN A 92 2.14 9.54 -8.86
N GLY A 93 2.60 8.45 -8.25
CA GLY A 93 3.99 8.36 -7.86
C GLY A 93 4.17 8.27 -6.36
N ARG A 94 3.17 7.73 -5.68
CA ARG A 94 3.22 7.58 -4.22
C ARG A 94 4.24 6.54 -3.81
N LEU A 95 4.69 5.72 -4.76
CA LEU A 95 5.66 4.67 -4.48
C LEU A 95 6.91 5.26 -3.81
N THR A 96 7.89 4.41 -3.54
CA THR A 96 9.12 4.83 -2.88
C THR A 96 8.89 4.92 -1.38
N ASN A 97 7.91 5.72 -0.98
CA ASN A 97 7.56 5.87 0.42
C ASN A 97 6.35 5.01 0.75
N THR A 98 6.20 3.90 0.01
CA THR A 98 5.08 2.99 0.21
C THR A 98 4.79 2.71 1.69
N PRO A 99 5.83 2.46 2.53
CA PRO A 99 5.64 2.19 3.96
C PRO A 99 4.60 3.11 4.60
N ALA A 100 4.47 4.32 4.08
CA ALA A 100 3.51 5.28 4.60
C ALA A 100 2.08 4.85 4.28
N VAL A 101 1.88 4.34 3.08
CA VAL A 101 0.56 3.88 2.66
C VAL A 101 0.28 2.45 3.12
N ILE A 102 1.24 1.87 3.83
CA ILE A 102 1.10 0.51 4.34
C ILE A 102 1.02 0.48 5.85
N SER A 103 1.72 1.40 6.51
CA SER A 103 1.72 1.47 7.97
C SER A 103 0.35 1.88 8.49
N ALA A 104 -0.17 2.98 7.95
CA ALA A 104 -1.48 3.47 8.35
C ALA A 104 -2.53 2.38 8.22
N PHE A 105 -2.26 1.42 7.34
CA PHE A 105 -3.18 0.30 7.11
C PHE A 105 -3.37 -0.51 8.37
N SER A 106 -2.27 -0.93 8.99
CA SER A 106 -2.34 -1.74 10.20
C SER A 106 -2.99 -0.98 11.35
N THR A 107 -2.91 0.35 11.31
CA THR A 107 -3.51 1.16 12.37
C THR A 107 -4.94 1.53 12.01
N MET A 108 -5.21 1.65 10.72
CA MET A 108 -6.55 1.98 10.26
C MET A 108 -7.39 0.72 10.18
N MET A 109 -6.74 -0.43 10.02
CA MET A 109 -7.45 -1.70 9.96
C MET A 109 -7.97 -2.06 11.33
N SER A 110 -7.16 -1.84 12.36
CA SER A 110 -7.58 -2.13 13.73
C SER A 110 -8.90 -1.46 14.06
N VAL A 111 -9.19 -0.35 13.36
CA VAL A 111 -10.42 0.38 13.57
C VAL A 111 -11.59 -0.29 12.86
N HIS A 112 -11.29 -1.25 11.99
CA HIS A 112 -12.32 -1.95 11.25
C HIS A 112 -12.90 -3.10 12.06
N ARG A 113 -12.11 -3.62 12.99
CA ARG A 113 -12.55 -4.73 13.82
C ARG A 113 -13.55 -4.26 14.87
N GLY A 114 -13.39 -3.02 15.31
CA GLY A 114 -14.29 -2.46 16.31
C GLY A 114 -15.68 -2.24 15.76
N GLU A 115 -15.77 -1.90 14.47
CA GLU A 115 -17.06 -1.65 13.84
C GLU A 115 -17.57 -2.91 13.15
N VAL A 116 -16.69 -3.55 12.38
CA VAL A 116 -17.06 -4.78 11.66
C VAL A 116 -18.43 -4.67 11.02
N PRO A 117 -18.67 -3.62 10.22
CA PRO A 117 -19.95 -3.40 9.54
C PRO A 117 -20.20 -4.42 8.43
N CYS A 118 -20.74 -5.58 8.81
CA CYS A 118 -21.03 -6.63 7.85
C CYS A 118 -22.54 -6.71 7.56
N THR A 119 -22.91 -7.65 6.69
CA THR A 119 -24.31 -7.83 6.34
C THR A 119 -24.56 -9.24 5.81
N VAL A 120 -25.19 -10.08 6.62
CA VAL A 120 -25.48 -11.45 6.24
C VAL A 120 -26.78 -11.53 5.43
N PHE A 1 13.46 -2.91 26.99
CA PHE A 1 12.90 -1.84 26.12
C PHE A 1 12.14 -0.80 26.93
N ALA A 2 11.73 0.26 26.28
CA ALA A 2 10.99 1.33 26.93
C ALA A 2 10.52 2.38 25.92
N LYS A 3 9.36 2.97 26.20
CA LYS A 3 8.80 4.00 25.32
C LYS A 3 9.49 5.33 25.54
N LEU A 4 9.31 6.25 24.59
CA LEU A 4 9.91 7.58 24.67
C LEU A 4 9.05 8.62 23.97
N VAL A 5 8.21 9.31 24.75
CA VAL A 5 7.33 10.35 24.22
C VAL A 5 6.67 9.91 22.91
N ARG A 6 5.59 9.16 23.01
CA ARG A 6 4.87 8.68 21.84
C ARG A 6 3.46 9.26 21.79
N PRO A 7 3.32 10.51 21.30
CA PRO A 7 2.02 11.17 21.21
C PRO A 7 0.98 10.33 20.47
N PRO A 8 -0.31 10.54 20.75
CA PRO A 8 -1.40 9.80 20.11
C PRO A 8 -1.59 10.20 18.65
N VAL A 9 -1.34 9.25 17.75
CA VAL A 9 -1.50 9.51 16.32
C VAL A 9 -1.67 8.21 15.55
N GLN A 10 -2.56 8.23 14.57
CA GLN A 10 -2.82 7.04 13.75
C GLN A 10 -2.88 7.39 12.26
N ILE A 11 -2.50 8.62 11.92
CA ILE A 11 -2.51 9.07 10.53
C ILE A 11 -1.44 10.13 10.29
N TYR A 12 -0.52 9.84 9.36
CA TYR A 12 0.58 10.76 9.06
C TYR A 12 1.04 10.59 7.62
N GLY A 13 0.40 11.32 6.71
CA GLY A 13 0.77 11.24 5.31
C GLY A 13 -0.38 10.78 4.45
N ILE A 14 -0.83 11.65 3.55
CA ILE A 14 -1.93 11.33 2.64
C ILE A 14 -1.78 9.92 2.05
N GLU A 15 -0.53 9.48 1.90
CA GLU A 15 -0.25 8.16 1.36
C GLU A 15 -0.93 7.07 2.18
N GLY A 16 -1.15 7.34 3.46
CA GLY A 16 -1.80 6.39 4.32
C GLY A 16 -3.28 6.26 4.00
N ARG A 17 -3.92 7.41 3.80
CA ARG A 17 -5.34 7.44 3.47
C ARG A 17 -5.62 6.66 2.18
N TYR A 18 -4.60 6.53 1.35
CA TYR A 18 -4.75 5.79 0.09
C TYR A 18 -5.16 4.36 0.38
N ALA A 19 -4.36 3.68 1.20
CA ALA A 19 -4.64 2.30 1.56
C ALA A 19 -5.91 2.22 2.38
N THR A 20 -6.11 3.18 3.27
CA THR A 20 -7.30 3.20 4.11
C THR A 20 -8.53 3.55 3.29
N ALA A 21 -8.33 4.27 2.20
CA ALA A 21 -9.44 4.65 1.32
C ALA A 21 -9.66 3.60 0.24
N LEU A 22 -8.87 2.53 0.30
CA LEU A 22 -9.00 1.44 -0.66
C LEU A 22 -9.45 0.20 0.08
N TYR A 23 -8.92 0.04 1.28
CA TYR A 23 -9.30 -1.06 2.12
C TYR A 23 -10.69 -0.81 2.70
N SER A 24 -11.12 0.45 2.70
CA SER A 24 -12.44 0.81 3.21
C SER A 24 -13.48 -0.14 2.64
N ALA A 25 -13.34 -0.43 1.35
CA ALA A 25 -14.23 -1.37 0.68
C ALA A 25 -13.84 -2.77 1.06
N ALA A 26 -12.53 -2.98 1.23
CA ALA A 26 -12.00 -4.28 1.62
C ALA A 26 -12.49 -4.67 3.02
N SER A 27 -12.71 -3.66 3.86
CA SER A 27 -13.17 -3.88 5.23
C SER A 27 -14.56 -4.51 5.23
N LYS A 28 -15.46 -3.92 4.44
CA LYS A 28 -16.83 -4.42 4.34
C LYS A 28 -16.82 -5.90 3.97
N GLN A 29 -15.83 -6.30 3.18
CA GLN A 29 -15.70 -7.69 2.76
C GLN A 29 -14.90 -8.48 3.78
N ASN A 30 -13.84 -7.85 4.32
CA ASN A 30 -12.97 -8.48 5.32
C ASN A 30 -11.72 -9.01 4.63
N LYS A 31 -11.30 -8.32 3.59
CA LYS A 31 -10.12 -8.72 2.84
C LYS A 31 -8.86 -8.08 3.42
N LEU A 32 -8.98 -7.44 4.59
CA LEU A 32 -7.84 -6.81 5.24
C LEU A 32 -6.62 -7.72 5.21
N GLU A 33 -6.86 -9.02 5.20
CA GLU A 33 -5.76 -9.99 5.14
C GLU A 33 -5.22 -10.08 3.72
N GLN A 34 -6.12 -9.93 2.76
CA GLN A 34 -5.76 -9.96 1.34
C GLN A 34 -5.32 -8.59 0.85
N VAL A 35 -5.49 -7.57 1.69
CA VAL A 35 -5.11 -6.21 1.33
C VAL A 35 -3.93 -5.74 2.19
N GLU A 36 -3.91 -6.18 3.45
CA GLU A 36 -2.82 -5.81 4.36
C GLU A 36 -1.57 -6.58 3.99
N LYS A 37 -1.74 -7.87 3.76
CA LYS A 37 -0.63 -8.72 3.36
C LYS A 37 -0.18 -8.29 1.98
N GLU A 38 -1.13 -7.75 1.22
CA GLU A 38 -0.86 -7.27 -0.12
C GLU A 38 -0.46 -5.79 -0.09
N LEU A 39 -0.18 -5.28 1.11
CA LEU A 39 0.23 -3.90 1.28
C LEU A 39 1.69 -3.85 1.72
N LEU A 40 2.08 -4.86 2.51
CA LEU A 40 3.46 -4.95 2.98
C LEU A 40 4.35 -5.41 1.84
N ARG A 41 3.78 -6.17 0.90
CA ARG A 41 4.54 -6.66 -0.25
C ARG A 41 5.00 -5.50 -1.12
N VAL A 42 4.12 -4.50 -1.27
CA VAL A 42 4.45 -3.33 -2.08
C VAL A 42 5.59 -2.55 -1.45
N GLY A 43 5.73 -2.65 -0.14
CA GLY A 43 6.80 -1.96 0.57
C GLY A 43 8.14 -2.62 0.33
N GLN A 44 8.16 -3.95 0.39
CA GLN A 44 9.39 -4.70 0.18
C GLN A 44 9.89 -4.49 -1.25
N ILE A 45 8.96 -4.31 -2.18
CA ILE A 45 9.30 -4.10 -3.58
C ILE A 45 10.05 -2.78 -3.75
N LEU A 46 9.73 -1.82 -2.90
CA LEU A 46 10.39 -0.52 -2.96
C LEU A 46 11.76 -0.58 -2.28
N LYS A 47 11.80 -1.27 -1.15
CA LYS A 47 13.05 -1.43 -0.40
C LYS A 47 13.98 -2.43 -1.09
N GLU A 48 13.40 -3.31 -1.91
CA GLU A 48 14.19 -4.32 -2.62
C GLU A 48 15.32 -3.66 -3.43
N PRO A 49 16.59 -3.96 -3.09
CA PRO A 49 17.74 -3.40 -3.79
C PRO A 49 17.63 -3.57 -5.31
N LYS A 50 17.35 -4.79 -5.74
CA LYS A 50 17.22 -5.09 -7.16
C LYS A 50 16.11 -4.26 -7.80
N MET A 51 15.09 -3.94 -7.01
CA MET A 51 13.96 -3.14 -7.48
C MET A 51 14.38 -1.69 -7.71
N ALA A 52 15.38 -1.24 -6.96
CA ALA A 52 15.87 0.13 -7.07
C ALA A 52 16.21 0.48 -8.51
N ALA A 53 16.53 -0.53 -9.31
CA ALA A 53 16.87 -0.34 -10.70
C ALA A 53 15.63 -0.06 -11.55
N SER A 54 14.46 -0.23 -10.96
CA SER A 54 13.20 0.00 -11.68
C SER A 54 12.30 0.96 -10.91
N LEU A 55 12.21 0.77 -9.60
CA LEU A 55 11.37 1.62 -8.76
C LEU A 55 11.77 3.09 -8.88
N LEU A 56 13.06 3.35 -8.98
CA LEU A 56 13.56 4.72 -9.09
C LEU A 56 13.89 5.07 -10.54
N ASN A 57 14.14 4.04 -11.36
CA ASN A 57 14.46 4.26 -12.77
C ASN A 57 13.33 5.01 -13.48
N PRO A 58 13.62 6.24 -13.97
CA PRO A 58 12.63 7.06 -14.67
C PRO A 58 12.23 6.45 -16.02
N TYR A 59 12.87 5.34 -16.38
CA TYR A 59 12.58 4.66 -17.64
C TYR A 59 11.36 3.75 -17.52
N VAL A 60 11.06 3.34 -16.30
CA VAL A 60 9.92 2.46 -16.05
C VAL A 60 8.63 3.06 -16.62
N LYS A 61 8.60 4.38 -16.76
CA LYS A 61 7.44 5.08 -17.28
C LYS A 61 6.23 4.88 -16.37
N ARG A 62 5.05 5.27 -16.85
CA ARG A 62 3.83 5.14 -16.08
C ARG A 62 3.02 3.93 -16.52
N SER A 63 2.54 3.96 -17.76
CA SER A 63 1.76 2.86 -18.31
C SER A 63 2.54 1.56 -18.27
N VAL A 64 3.80 1.61 -18.71
CA VAL A 64 4.66 0.43 -18.73
C VAL A 64 4.81 -0.16 -17.32
N LYS A 65 5.03 0.71 -16.34
CA LYS A 65 5.20 0.28 -14.96
C LYS A 65 3.96 -0.46 -14.48
N VAL A 66 2.80 -0.11 -15.03
CA VAL A 66 1.55 -0.75 -14.65
C VAL A 66 1.53 -2.21 -15.06
N LYS A 67 1.88 -2.48 -16.32
CA LYS A 67 1.90 -3.84 -16.84
C LYS A 67 2.91 -4.69 -16.08
N SER A 68 3.99 -4.07 -15.62
CA SER A 68 5.03 -4.77 -14.88
C SER A 68 4.52 -5.16 -13.49
N LEU A 69 3.85 -4.23 -12.83
CA LEU A 69 3.32 -4.46 -11.49
C LEU A 69 2.19 -5.49 -11.54
N SER A 70 1.41 -5.44 -12.61
CA SER A 70 0.30 -6.36 -12.78
C SER A 70 0.80 -7.79 -13.01
N ASP A 71 1.88 -7.91 -13.75
CA ASP A 71 2.47 -9.21 -14.02
C ASP A 71 3.39 -9.61 -12.88
N MET A 72 3.99 -8.61 -12.25
CA MET A 72 4.88 -8.86 -11.12
C MET A 72 4.08 -9.15 -9.88
N THR A 73 2.85 -8.62 -9.82
CA THR A 73 2.01 -8.87 -8.67
C THR A 73 1.69 -10.36 -8.58
N ALA A 74 1.65 -11.02 -9.73
CA ALA A 74 1.39 -12.45 -9.76
C ALA A 74 2.31 -13.18 -8.78
N LYS A 75 3.48 -12.58 -8.54
CA LYS A 75 4.44 -13.15 -7.61
C LYS A 75 4.38 -12.47 -6.26
N GLU A 76 3.85 -11.24 -6.23
CA GLU A 76 3.75 -10.50 -4.98
C GLU A 76 2.64 -11.08 -4.10
N LYS A 77 1.41 -10.99 -4.59
CA LYS A 77 0.23 -11.51 -3.87
C LYS A 77 -1.03 -10.77 -4.31
N PHE A 78 -0.88 -9.50 -4.65
CA PHE A 78 -2.00 -8.66 -5.06
C PHE A 78 -2.85 -9.33 -6.11
N SER A 79 -3.89 -8.61 -6.51
CA SER A 79 -4.82 -9.04 -7.54
C SER A 79 -6.25 -8.60 -7.23
N PRO A 80 -6.70 -8.73 -5.96
CA PRO A 80 -8.06 -8.40 -5.59
C PRO A 80 -8.21 -7.04 -4.90
N LEU A 81 -7.70 -6.91 -3.68
CA LEU A 81 -7.83 -5.65 -2.97
C LEU A 81 -6.57 -4.83 -3.15
N THR A 82 -5.70 -5.30 -4.01
CA THR A 82 -4.46 -4.64 -4.30
C THR A 82 -4.28 -4.45 -5.80
N SER A 83 -5.24 -4.93 -6.60
CA SER A 83 -5.14 -4.77 -8.04
C SER A 83 -5.76 -3.45 -8.47
N ASN A 84 -5.70 -2.49 -7.57
CA ASN A 84 -6.23 -1.15 -7.79
C ASN A 84 -5.30 -0.20 -7.07
N LEU A 85 -4.96 -0.59 -5.85
CA LEU A 85 -4.01 0.17 -5.04
C LEU A 85 -2.63 0.05 -5.68
N ILE A 86 -2.46 -0.99 -6.53
CA ILE A 86 -1.19 -1.19 -7.20
C ILE A 86 -0.97 -0.11 -8.27
N ASN A 87 -1.95 0.05 -9.15
CA ASN A 87 -1.86 1.04 -10.20
C ASN A 87 -1.96 2.45 -9.62
N LEU A 88 -2.62 2.58 -8.48
CA LEU A 88 -2.77 3.86 -7.82
C LEU A 88 -1.50 4.27 -7.10
N LEU A 89 -0.77 3.28 -6.58
CA LEU A 89 0.47 3.54 -5.87
C LEU A 89 1.57 3.96 -6.84
N ALA A 90 1.47 3.48 -8.08
CA ALA A 90 2.44 3.81 -9.10
C ALA A 90 1.81 4.68 -10.19
N GLU A 91 0.75 5.39 -9.83
CA GLU A 91 0.06 6.26 -10.78
C GLU A 91 0.63 7.67 -10.74
N ASN A 92 0.60 8.29 -9.56
CA ASN A 92 1.11 9.64 -9.39
C ASN A 92 2.45 9.64 -8.65
N GLY A 93 3.12 8.49 -8.67
CA GLY A 93 4.41 8.38 -8.00
C GLY A 93 4.26 8.21 -6.49
N ARG A 94 3.15 7.64 -6.08
CA ARG A 94 2.88 7.41 -4.66
C ARG A 94 3.91 6.46 -4.06
N LEU A 95 4.51 5.62 -4.91
CA LEU A 95 5.52 4.67 -4.44
C LEU A 95 6.63 5.39 -3.70
N THR A 96 7.62 4.63 -3.26
CA THR A 96 8.76 5.18 -2.50
C THR A 96 8.39 5.33 -1.04
N ASN A 97 7.26 5.99 -0.78
CA ASN A 97 6.78 6.17 0.59
C ASN A 97 5.74 5.10 0.92
N THR A 98 5.77 4.00 0.16
CA THR A 98 4.83 2.91 0.35
C THR A 98 4.67 2.53 1.83
N PRO A 99 5.79 2.34 2.55
CA PRO A 99 5.77 1.98 3.97
C PRO A 99 4.73 2.78 4.77
N ALA A 100 4.78 4.10 4.64
CA ALA A 100 3.84 4.97 5.35
C ALA A 100 2.40 4.65 4.96
N VAL A 101 2.22 4.16 3.73
CA VAL A 101 0.89 3.83 3.24
C VAL A 101 0.37 2.56 3.92
N ILE A 102 1.28 1.71 4.38
CA ILE A 102 0.91 0.47 5.05
C ILE A 102 0.68 0.69 6.55
N SER A 103 1.42 1.65 7.11
CA SER A 103 1.30 1.97 8.53
C SER A 103 -0.13 2.37 8.89
N ALA A 104 -0.69 3.31 8.13
CA ALA A 104 -2.05 3.77 8.36
C ALA A 104 -3.05 2.63 8.26
N PHE A 105 -2.65 1.55 7.59
CA PHE A 105 -3.50 0.38 7.43
C PHE A 105 -3.65 -0.38 8.74
N SER A 106 -2.55 -0.58 9.44
CA SER A 106 -2.55 -1.31 10.70
C SER A 106 -3.18 -0.49 11.82
N THR A 107 -3.47 0.78 11.55
CA THR A 107 -4.07 1.64 12.56
C THR A 107 -5.56 1.76 12.30
N MET A 108 -5.92 1.95 11.03
CA MET A 108 -7.32 2.04 10.67
C MET A 108 -7.95 0.65 10.75
N MET A 109 -7.10 -0.37 10.72
CA MET A 109 -7.57 -1.74 10.80
C MET A 109 -8.32 -1.93 12.12
N SER A 110 -7.80 -1.30 13.18
CA SER A 110 -8.43 -1.40 14.49
C SER A 110 -9.88 -0.92 14.44
N VAL A 111 -10.19 -0.10 13.43
CA VAL A 111 -11.54 0.42 13.27
C VAL A 111 -12.48 -0.61 12.66
N HIS A 112 -11.97 -1.36 11.67
CA HIS A 112 -12.77 -2.38 11.01
C HIS A 112 -12.92 -3.61 11.91
N ARG A 113 -11.91 -3.85 12.74
CA ARG A 113 -11.93 -4.99 13.65
C ARG A 113 -12.81 -4.70 14.86
N GLY A 114 -12.92 -3.44 15.23
CA GLY A 114 -13.74 -3.05 16.37
C GLY A 114 -15.21 -3.19 16.09
N GLU A 115 -15.59 -3.10 14.82
CA GLU A 115 -16.99 -3.22 14.42
C GLU A 115 -17.25 -4.54 13.72
N VAL A 116 -17.12 -5.64 14.45
CA VAL A 116 -17.34 -6.97 13.89
C VAL A 116 -17.67 -7.98 15.00
N PRO A 117 -16.71 -8.25 15.91
CA PRO A 117 -16.93 -9.20 17.00
C PRO A 117 -18.08 -8.80 17.91
N CYS A 118 -19.26 -9.34 17.63
CA CYS A 118 -20.45 -9.03 18.42
C CYS A 118 -21.33 -10.27 18.57
N THR A 119 -21.79 -10.81 17.44
CA THR A 119 -22.65 -11.99 17.45
C THR A 119 -23.94 -11.72 18.21
N VAL A 120 -25.04 -11.66 17.47
CA VAL A 120 -26.35 -11.40 18.07
C VAL A 120 -27.07 -12.72 18.38
N PHE A 1 29.53 -1.41 7.95
CA PHE A 1 28.64 -0.73 6.98
C PHE A 1 28.13 0.59 7.53
N ALA A 2 27.69 1.48 6.63
CA ALA A 2 27.18 2.78 7.03
C ALA A 2 25.93 2.65 7.89
N LYS A 3 25.43 3.78 8.39
CA LYS A 3 24.24 3.79 9.22
C LYS A 3 23.02 4.26 8.43
N LEU A 4 22.02 3.41 8.34
CA LEU A 4 20.80 3.75 7.61
C LEU A 4 19.61 3.86 8.55
N VAL A 5 18.85 4.95 8.42
CA VAL A 5 17.69 5.18 9.26
C VAL A 5 16.70 6.14 8.60
N ARG A 6 15.42 5.80 8.66
CA ARG A 6 14.38 6.63 8.07
C ARG A 6 13.59 7.38 9.15
N PRO A 7 13.11 8.59 8.83
CA PRO A 7 12.33 9.40 9.77
C PRO A 7 11.17 8.62 10.39
N PRO A 8 11.30 8.22 11.67
CA PRO A 8 10.25 7.47 12.37
C PRO A 8 8.89 8.16 12.29
N VAL A 9 8.07 7.74 11.33
CA VAL A 9 6.75 8.32 11.14
C VAL A 9 5.80 7.33 10.48
N GLN A 10 4.77 6.91 11.20
CA GLN A 10 3.80 5.96 10.67
C GLN A 10 2.39 6.55 10.73
N ILE A 11 2.29 7.87 10.74
CA ILE A 11 1.00 8.55 10.80
C ILE A 11 1.08 9.92 10.13
N TYR A 12 0.30 10.10 9.07
CA TYR A 12 0.29 11.36 8.32
C TYR A 12 -1.13 11.78 7.96
N GLY A 13 -1.72 11.09 6.99
CA GLY A 13 -3.07 11.41 6.57
C GLY A 13 -3.34 11.08 5.12
N ILE A 14 -2.88 11.93 4.21
CA ILE A 14 -3.08 11.72 2.79
C ILE A 14 -2.56 10.36 2.35
N GLU A 15 -1.36 10.01 2.80
CA GLU A 15 -0.76 8.73 2.45
C GLU A 15 -1.44 7.60 3.21
N GLY A 16 -1.94 7.90 4.40
CA GLY A 16 -2.63 6.90 5.20
C GLY A 16 -4.03 6.66 4.70
N ARG A 17 -4.64 7.69 4.11
CA ARG A 17 -5.99 7.57 3.58
C ARG A 17 -6.00 6.74 2.31
N TYR A 18 -4.87 6.68 1.62
CA TYR A 18 -4.75 5.91 0.40
C TYR A 18 -5.15 4.46 0.66
N ALA A 19 -4.55 3.88 1.69
CA ALA A 19 -4.83 2.51 2.05
C ALA A 19 -6.25 2.37 2.59
N THR A 20 -6.65 3.34 3.41
CA THR A 20 -7.99 3.31 3.98
C THR A 20 -9.04 3.60 2.92
N ALA A 21 -8.64 4.22 1.82
CA ALA A 21 -9.56 4.52 0.74
C ALA A 21 -9.55 3.41 -0.31
N LEU A 22 -8.76 2.38 -0.05
CA LEU A 22 -8.67 1.24 -0.96
C LEU A 22 -9.06 0.00 -0.20
N TYR A 23 -8.62 -0.06 1.05
CA TYR A 23 -8.95 -1.15 1.91
C TYR A 23 -10.36 -0.95 2.47
N SER A 24 -10.85 0.30 2.44
CA SER A 24 -12.20 0.60 2.93
C SER A 24 -13.18 -0.38 2.29
N ALA A 25 -13.01 -0.62 1.00
CA ALA A 25 -13.84 -1.57 0.28
C ALA A 25 -13.50 -2.97 0.73
N ALA A 26 -12.21 -3.19 0.98
CA ALA A 26 -11.73 -4.49 1.44
C ALA A 26 -12.21 -4.76 2.86
N SER A 27 -12.47 -3.69 3.62
CA SER A 27 -12.93 -3.81 4.99
C SER A 27 -14.36 -4.34 5.03
N LYS A 28 -15.22 -3.76 4.19
CA LYS A 28 -16.61 -4.19 4.12
C LYS A 28 -16.69 -5.68 3.85
N GLN A 29 -15.71 -6.20 3.11
CA GLN A 29 -15.64 -7.61 2.80
C GLN A 29 -14.88 -8.36 3.89
N ASN A 30 -13.78 -7.76 4.35
CA ASN A 30 -12.93 -8.33 5.39
C ASN A 30 -11.70 -8.98 4.77
N LYS A 31 -11.26 -8.40 3.66
CA LYS A 31 -10.10 -8.91 2.95
C LYS A 31 -8.81 -8.28 3.48
N LEU A 32 -8.90 -7.56 4.60
CA LEU A 32 -7.72 -6.92 5.19
C LEU A 32 -6.54 -7.88 5.21
N GLU A 33 -6.83 -9.18 5.29
CA GLU A 33 -5.78 -10.19 5.29
C GLU A 33 -5.26 -10.37 3.87
N GLN A 34 -6.16 -10.23 2.90
CA GLN A 34 -5.82 -10.36 1.48
C GLN A 34 -5.43 -9.00 0.89
N VAL A 35 -5.27 -8.00 1.76
CA VAL A 35 -4.88 -6.65 1.32
C VAL A 35 -3.73 -6.13 2.16
N GLU A 36 -3.68 -6.52 3.43
CA GLU A 36 -2.63 -6.08 4.34
C GLU A 36 -1.29 -6.66 3.91
N LYS A 37 -1.32 -7.89 3.42
CA LYS A 37 -0.12 -8.54 2.95
C LYS A 37 0.26 -7.98 1.59
N GLU A 38 -0.76 -7.57 0.84
CA GLU A 38 -0.56 -6.98 -0.46
C GLU A 38 0.18 -5.66 -0.35
N LEU A 39 -0.38 -4.74 0.42
CA LEU A 39 0.25 -3.43 0.61
C LEU A 39 1.64 -3.57 1.21
N LEU A 40 1.79 -4.55 2.09
CA LEU A 40 3.08 -4.79 2.74
C LEU A 40 4.08 -5.39 1.74
N ARG A 41 3.56 -6.05 0.72
CA ARG A 41 4.41 -6.67 -0.30
C ARG A 41 5.03 -5.61 -1.20
N VAL A 42 4.23 -4.62 -1.59
CA VAL A 42 4.71 -3.55 -2.46
C VAL A 42 5.81 -2.74 -1.77
N GLY A 43 5.75 -2.69 -0.44
CA GLY A 43 6.75 -1.96 0.30
C GLY A 43 8.10 -2.63 0.27
N GLN A 44 8.12 -3.94 0.49
CA GLN A 44 9.36 -4.71 0.47
C GLN A 44 10.02 -4.61 -0.90
N ILE A 45 9.20 -4.51 -1.94
CA ILE A 45 9.70 -4.40 -3.30
C ILE A 45 10.53 -3.14 -3.47
N LEU A 46 9.94 -1.99 -3.13
CA LEU A 46 10.63 -0.71 -3.25
C LEU A 46 11.84 -0.67 -2.33
N LYS A 47 11.67 -1.20 -1.12
CA LYS A 47 12.76 -1.24 -0.15
C LYS A 47 13.81 -2.26 -0.55
N GLU A 48 13.40 -3.22 -1.38
CA GLU A 48 14.29 -4.27 -1.85
C GLU A 48 15.34 -3.69 -2.79
N PRO A 49 16.65 -3.84 -2.46
CA PRO A 49 17.74 -3.33 -3.29
C PRO A 49 17.66 -3.84 -4.73
N LYS A 50 16.97 -4.95 -4.92
CA LYS A 50 16.82 -5.54 -6.25
C LYS A 50 15.52 -5.07 -6.90
N MET A 51 15.07 -3.88 -6.52
CA MET A 51 13.84 -3.31 -7.05
C MET A 51 13.83 -1.78 -6.92
N ALA A 52 14.37 -1.28 -5.80
CA ALA A 52 14.42 0.15 -5.56
C ALA A 52 15.13 0.88 -6.69
N ALA A 53 16.27 0.34 -7.11
CA ALA A 53 17.05 0.94 -8.18
C ALA A 53 16.31 0.81 -9.51
N SER A 54 15.46 -0.20 -9.62
CA SER A 54 14.69 -0.44 -10.84
C SER A 54 13.48 0.49 -10.91
N LEU A 55 12.80 0.64 -9.78
CA LEU A 55 11.62 1.50 -9.71
C LEU A 55 12.00 2.97 -9.77
N LEU A 56 13.21 3.28 -9.32
CA LEU A 56 13.69 4.66 -9.32
C LEU A 56 14.17 5.06 -10.71
N ASN A 57 14.62 4.09 -11.49
CA ASN A 57 15.10 4.34 -12.85
C ASN A 57 14.05 5.10 -13.67
N PRO A 58 14.48 6.09 -14.48
CA PRO A 58 13.57 6.88 -15.32
C PRO A 58 12.93 6.06 -16.44
N TYR A 59 13.42 4.83 -16.61
CA TYR A 59 12.90 3.95 -17.66
C TYR A 59 11.63 3.25 -17.20
N VAL A 60 11.43 3.15 -15.88
CA VAL A 60 10.26 2.50 -15.34
C VAL A 60 9.12 3.49 -15.13
N LYS A 61 8.68 4.11 -16.22
CA LYS A 61 7.60 5.09 -16.17
C LYS A 61 6.42 4.57 -15.36
N ARG A 62 5.65 5.49 -14.78
CA ARG A 62 4.48 5.12 -13.98
C ARG A 62 3.52 4.27 -14.78
N SER A 63 3.26 4.66 -16.02
CA SER A 63 2.35 3.93 -16.89
C SER A 63 2.82 2.50 -17.09
N VAL A 64 4.05 2.34 -17.54
CA VAL A 64 4.63 1.02 -17.77
C VAL A 64 4.66 0.21 -16.48
N LYS A 65 4.86 0.90 -15.36
CA LYS A 65 4.90 0.23 -14.06
C LYS A 65 3.53 -0.34 -13.71
N VAL A 66 2.48 0.29 -14.20
CA VAL A 66 1.12 -0.16 -13.94
C VAL A 66 0.86 -1.51 -14.58
N LYS A 67 1.22 -1.64 -15.85
CA LYS A 67 1.02 -2.89 -16.58
C LYS A 67 1.96 -3.97 -16.05
N SER A 68 3.14 -3.55 -15.61
CA SER A 68 4.12 -4.48 -15.08
C SER A 68 3.72 -4.97 -13.69
N LEU A 69 2.98 -4.14 -12.97
CA LEU A 69 2.52 -4.49 -11.63
C LEU A 69 1.45 -5.58 -11.68
N SER A 70 0.61 -5.53 -12.72
CA SER A 70 -0.45 -6.51 -12.88
C SER A 70 0.12 -7.89 -13.15
N ASP A 71 1.18 -7.94 -13.95
CA ASP A 71 1.83 -9.21 -14.26
C ASP A 71 2.81 -9.58 -13.16
N MET A 72 3.37 -8.55 -12.53
CA MET A 72 4.31 -8.76 -11.43
C MET A 72 3.56 -9.15 -10.17
N THR A 73 2.31 -8.71 -10.05
CA THR A 73 1.52 -9.05 -8.89
C THR A 73 1.31 -10.56 -8.82
N ALA A 74 1.26 -11.19 -9.99
CA ALA A 74 1.11 -12.64 -10.06
C ALA A 74 2.14 -13.32 -9.17
N LYS A 75 3.26 -12.64 -8.97
CA LYS A 75 4.33 -13.17 -8.13
C LYS A 75 4.32 -12.53 -6.74
N GLU A 76 3.70 -11.36 -6.62
CA GLU A 76 3.63 -10.67 -5.34
C GLU A 76 2.61 -11.34 -4.42
N LYS A 77 1.35 -11.32 -4.85
CA LYS A 77 0.24 -11.92 -4.09
C LYS A 77 -1.07 -11.23 -4.43
N PHE A 78 -0.99 -9.94 -4.74
CA PHE A 78 -2.17 -9.14 -5.06
C PHE A 78 -3.00 -9.77 -6.15
N SER A 79 -3.92 -8.96 -6.67
CA SER A 79 -4.84 -9.34 -7.73
C SER A 79 -6.27 -8.91 -7.41
N PRO A 80 -6.71 -9.08 -6.14
CA PRO A 80 -8.06 -8.75 -5.74
C PRO A 80 -8.21 -7.43 -5.00
N LEU A 81 -7.58 -7.29 -3.83
CA LEU A 81 -7.72 -6.05 -3.07
C LEU A 81 -6.51 -5.16 -3.28
N THR A 82 -5.69 -5.56 -4.23
CA THR A 82 -4.50 -4.81 -4.57
C THR A 82 -4.41 -4.58 -6.07
N SER A 83 -5.40 -5.09 -6.82
CA SER A 83 -5.41 -4.89 -8.27
C SER A 83 -6.02 -3.53 -8.60
N ASN A 84 -5.89 -2.61 -7.66
CA ASN A 84 -6.39 -1.25 -7.78
C ASN A 84 -5.38 -0.37 -7.09
N LEU A 85 -4.97 -0.83 -5.90
CA LEU A 85 -3.96 -0.15 -5.13
C LEU A 85 -2.65 -0.25 -5.90
N ILE A 86 -2.56 -1.24 -6.80
CA ILE A 86 -1.36 -1.43 -7.60
C ILE A 86 -1.24 -0.32 -8.64
N ASN A 87 -2.24 -0.22 -9.50
CA ASN A 87 -2.26 0.80 -10.55
C ASN A 87 -2.34 2.19 -9.94
N LEU A 88 -2.90 2.28 -8.74
CA LEU A 88 -3.04 3.55 -8.04
C LEU A 88 -1.70 4.00 -7.47
N LEU A 89 -0.92 3.06 -6.95
CA LEU A 89 0.38 3.38 -6.38
C LEU A 89 1.36 3.78 -7.48
N ALA A 90 1.20 3.16 -8.64
CA ALA A 90 2.05 3.45 -9.78
C ALA A 90 1.33 4.33 -10.79
N GLU A 91 0.29 5.03 -10.34
CA GLU A 91 -0.48 5.91 -11.20
C GLU A 91 0.11 7.32 -11.21
N ASN A 92 0.21 7.91 -10.02
CA ASN A 92 0.75 9.25 -9.88
C ASN A 92 2.18 9.22 -9.34
N GLY A 93 2.81 8.05 -9.39
CA GLY A 93 4.16 7.91 -8.90
C GLY A 93 4.23 7.83 -7.39
N ARG A 94 3.23 7.21 -6.78
CA ARG A 94 3.18 7.07 -5.33
C ARG A 94 4.26 6.12 -4.83
N LEU A 95 4.84 5.34 -5.75
CA LEU A 95 5.88 4.39 -5.38
C LEU A 95 7.13 5.11 -4.90
N THR A 96 7.08 5.55 -3.66
CA THR A 96 8.19 6.26 -3.02
C THR A 96 8.01 6.22 -1.52
N ASN A 97 6.79 6.53 -1.08
CA ASN A 97 6.44 6.51 0.33
C ASN A 97 5.54 5.32 0.62
N THR A 98 5.49 4.37 -0.32
CA THR A 98 4.68 3.17 -0.20
C THR A 98 4.68 2.61 1.23
N PRO A 99 5.87 2.27 1.76
CA PRO A 99 6.00 1.72 3.12
C PRO A 99 5.25 2.58 4.14
N ALA A 100 5.09 3.86 3.83
CA ALA A 100 4.40 4.78 4.73
C ALA A 100 2.89 4.58 4.65
N VAL A 101 2.41 4.15 3.48
CA VAL A 101 0.99 3.92 3.28
C VAL A 101 0.54 2.66 3.99
N ILE A 102 1.44 1.68 4.09
CA ILE A 102 1.13 0.42 4.75
C ILE A 102 0.97 0.61 6.26
N SER A 103 1.72 1.56 6.81
CA SER A 103 1.66 1.85 8.24
C SER A 103 0.25 2.20 8.67
N ALA A 104 -0.40 3.08 7.89
CA ALA A 104 -1.76 3.50 8.19
C ALA A 104 -2.70 2.30 8.20
N PHE A 105 -2.39 1.30 7.38
CA PHE A 105 -3.19 0.09 7.30
C PHE A 105 -3.25 -0.62 8.64
N SER A 106 -2.17 -0.50 9.42
CA SER A 106 -2.10 -1.14 10.72
C SER A 106 -2.84 -0.34 11.79
N THR A 107 -2.97 0.95 11.59
CA THR A 107 -3.69 1.79 12.54
C THR A 107 -5.13 1.97 12.12
N MET A 108 -5.39 1.87 10.82
CA MET A 108 -6.73 1.99 10.31
C MET A 108 -7.45 0.65 10.41
N MET A 109 -6.67 -0.43 10.45
CA MET A 109 -7.26 -1.76 10.58
C MET A 109 -7.97 -1.88 11.93
N SER A 110 -7.39 -1.25 12.95
CA SER A 110 -7.99 -1.28 14.29
C SER A 110 -9.42 -0.75 14.25
N VAL A 111 -9.71 0.05 13.24
CA VAL A 111 -11.04 0.64 13.07
C VAL A 111 -12.03 -0.39 12.52
N HIS A 112 -11.60 -1.17 11.54
CA HIS A 112 -12.46 -2.18 10.94
C HIS A 112 -12.60 -3.38 11.87
N ARG A 113 -11.57 -3.65 12.65
CA ARG A 113 -11.58 -4.76 13.59
C ARG A 113 -12.34 -4.40 14.86
N GLY A 114 -12.33 -3.11 15.20
CA GLY A 114 -13.02 -2.66 16.39
C GLY A 114 -14.53 -2.81 16.28
N GLU A 115 -15.11 -2.13 15.30
CA GLU A 115 -16.55 -2.19 15.09
C GLU A 115 -16.99 -3.59 14.69
N VAL A 116 -16.74 -3.97 13.44
CA VAL A 116 -17.10 -5.28 12.94
C VAL A 116 -18.60 -5.52 13.06
N PRO A 117 -19.38 -5.13 12.03
CA PRO A 117 -20.84 -5.31 12.03
C PRO A 117 -21.24 -6.76 11.91
N CYS A 118 -21.75 -7.32 13.00
CA CYS A 118 -22.18 -8.72 13.03
C CYS A 118 -23.66 -8.83 12.68
N THR A 119 -24.14 -10.07 12.56
CA THR A 119 -25.54 -10.32 12.22
C THR A 119 -26.26 -10.96 13.40
N VAL A 120 -27.23 -10.24 13.96
CA VAL A 120 -28.00 -10.75 15.09
C VAL A 120 -29.30 -11.40 14.62
N PHE A 1 3.54 25.93 6.26
CA PHE A 1 3.47 25.93 7.75
C PHE A 1 4.73 26.53 8.36
N ALA A 2 4.54 27.27 9.45
CA ALA A 2 5.66 27.91 10.13
C ALA A 2 5.48 27.86 11.65
N LYS A 3 6.56 27.56 12.36
CA LYS A 3 6.52 27.48 13.81
C LYS A 3 5.57 26.40 14.27
N LEU A 4 6.11 25.32 14.83
CA LEU A 4 5.29 24.21 15.31
C LEU A 4 6.14 23.21 16.09
N VAL A 5 7.30 22.87 15.54
CA VAL A 5 8.21 21.93 16.18
C VAL A 5 7.53 20.56 16.37
N ARG A 6 7.53 19.77 15.31
CA ARG A 6 6.92 18.44 15.37
C ARG A 6 7.12 17.69 14.05
N PRO A 7 7.14 16.35 14.10
CA PRO A 7 7.34 15.52 12.89
C PRO A 7 6.38 15.92 11.77
N PRO A 8 6.89 16.59 10.72
CA PRO A 8 6.07 17.02 9.58
C PRO A 8 5.27 15.86 8.98
N VAL A 9 5.96 14.76 8.68
CA VAL A 9 5.33 13.59 8.10
C VAL A 9 5.76 12.32 8.81
N GLN A 10 4.89 11.80 9.67
CA GLN A 10 5.18 10.59 10.41
C GLN A 10 4.13 9.51 10.13
N ILE A 11 2.87 9.91 10.11
CA ILE A 11 1.78 8.98 9.84
C ILE A 11 1.08 9.29 8.51
N TYR A 12 1.49 10.39 7.87
CA TYR A 12 0.94 10.77 6.56
C TYR A 12 -0.56 10.48 6.46
N GLY A 13 -1.35 11.41 6.98
CA GLY A 13 -2.80 11.24 6.94
C GLY A 13 -3.34 11.08 5.54
N ILE A 14 -2.88 11.93 4.62
CA ILE A 14 -3.33 11.87 3.24
C ILE A 14 -2.92 10.54 2.59
N GLU A 15 -1.67 10.16 2.77
CA GLU A 15 -1.17 8.91 2.20
C GLU A 15 -1.79 7.72 2.90
N GLY A 16 -2.02 7.87 4.20
CA GLY A 16 -2.63 6.80 4.97
C GLY A 16 -4.08 6.59 4.59
N ARG A 17 -4.74 7.65 4.13
CA ARG A 17 -6.14 7.58 3.73
C ARG A 17 -6.30 6.74 2.47
N TYR A 18 -5.24 6.67 1.66
CA TYR A 18 -5.29 5.89 0.43
C TYR A 18 -5.65 4.44 0.72
N ALA A 19 -4.93 3.84 1.66
CA ALA A 19 -5.20 2.46 2.04
C ALA A 19 -6.55 2.34 2.73
N THR A 20 -6.82 3.28 3.63
CA THR A 20 -8.09 3.28 4.35
C THR A 20 -9.25 3.63 3.42
N ALA A 21 -8.94 4.21 2.26
CA ALA A 21 -9.97 4.56 1.30
C ALA A 21 -10.15 3.46 0.27
N LEU A 22 -9.34 2.41 0.38
CA LEU A 22 -9.44 1.27 -0.52
C LEU A 22 -9.81 0.06 0.29
N TYR A 23 -9.19 -0.05 1.45
CA TYR A 23 -9.49 -1.14 2.35
C TYR A 23 -10.80 -0.83 3.07
N SER A 24 -11.23 0.44 3.05
CA SER A 24 -12.49 0.82 3.68
C SER A 24 -13.58 -0.13 3.23
N ALA A 25 -13.58 -0.42 1.92
CA ALA A 25 -14.53 -1.37 1.37
C ALA A 25 -14.15 -2.76 1.84
N ALA A 26 -12.84 -3.00 1.91
CA ALA A 26 -12.32 -4.28 2.38
C ALA A 26 -12.81 -4.58 3.79
N SER A 27 -12.67 -3.60 4.68
CA SER A 27 -13.09 -3.76 6.08
C SER A 27 -14.56 -4.20 6.13
N LYS A 28 -15.40 -3.53 5.34
CA LYS A 28 -16.82 -3.85 5.29
C LYS A 28 -16.99 -5.35 5.07
N GLN A 29 -16.04 -5.95 4.36
CA GLN A 29 -16.07 -7.38 4.09
C GLN A 29 -15.20 -8.13 5.07
N ASN A 30 -13.88 -8.02 4.86
CA ASN A 30 -12.87 -8.66 5.72
C ASN A 30 -11.66 -9.04 4.88
N LYS A 31 -11.45 -8.31 3.78
CA LYS A 31 -10.34 -8.58 2.89
C LYS A 31 -9.04 -7.95 3.39
N LEU A 32 -9.06 -7.36 4.59
CA LEU A 32 -7.87 -6.76 5.17
C LEU A 32 -6.65 -7.66 4.94
N GLU A 33 -6.90 -8.96 4.90
CA GLU A 33 -5.83 -9.92 4.67
C GLU A 33 -5.45 -9.94 3.19
N GLN A 34 -6.45 -9.78 2.32
CA GLN A 34 -6.22 -9.76 0.88
C GLN A 34 -5.82 -8.37 0.41
N VAL A 35 -5.73 -7.41 1.33
CA VAL A 35 -5.35 -6.04 0.97
C VAL A 35 -4.18 -5.54 1.80
N GLU A 36 -4.06 -6.04 3.02
CA GLU A 36 -2.97 -5.64 3.91
C GLU A 36 -1.76 -6.51 3.64
N LYS A 37 -2.01 -7.79 3.42
CA LYS A 37 -0.94 -8.73 3.13
C LYS A 37 -0.37 -8.42 1.76
N GLU A 38 -1.23 -7.98 0.86
CA GLU A 38 -0.78 -7.62 -0.47
C GLU A 38 0.05 -6.36 -0.40
N LEU A 39 -0.50 -5.32 0.22
CA LEU A 39 0.20 -4.04 0.38
C LEU A 39 1.63 -4.27 0.87
N LEU A 40 1.82 -5.31 1.67
CA LEU A 40 3.13 -5.64 2.20
C LEU A 40 4.12 -5.92 1.07
N ARG A 41 3.59 -6.31 -0.09
CA ARG A 41 4.42 -6.61 -1.25
C ARG A 41 5.07 -5.34 -1.80
N VAL A 42 4.24 -4.34 -2.09
CA VAL A 42 4.73 -3.08 -2.62
C VAL A 42 5.75 -2.44 -1.67
N GLY A 43 5.63 -2.74 -0.39
CA GLY A 43 6.54 -2.19 0.59
C GLY A 43 7.89 -2.89 0.57
N GLN A 44 7.86 -4.21 0.43
CA GLN A 44 9.09 -5.00 0.38
C GLN A 44 9.78 -4.82 -0.96
N ILE A 45 8.99 -4.65 -2.02
CA ILE A 45 9.53 -4.46 -3.35
C ILE A 45 10.23 -3.11 -3.46
N LEU A 46 9.61 -2.09 -2.87
CA LEU A 46 10.17 -0.75 -2.90
C LEU A 46 11.42 -0.68 -2.03
N LYS A 47 11.33 -1.25 -0.83
CA LYS A 47 12.45 -1.25 0.10
C LYS A 47 13.54 -2.22 -0.36
N GLU A 48 13.15 -3.17 -1.21
CA GLU A 48 14.10 -4.16 -1.73
C GLU A 48 15.27 -3.46 -2.43
N PRO A 49 16.50 -3.96 -2.21
CA PRO A 49 17.70 -3.38 -2.82
C PRO A 49 17.83 -3.75 -4.30
N LYS A 50 17.26 -4.89 -4.67
CA LYS A 50 17.30 -5.34 -6.05
C LYS A 50 16.23 -4.65 -6.89
N MET A 51 15.11 -4.30 -6.25
CA MET A 51 14.02 -3.63 -6.94
C MET A 51 14.10 -2.12 -6.78
N ALA A 52 14.75 -1.68 -5.70
CA ALA A 52 14.90 -0.25 -5.43
C ALA A 52 15.53 0.48 -6.61
N ALA A 53 16.37 -0.24 -7.37
CA ALA A 53 17.04 0.34 -8.52
C ALA A 53 16.14 0.29 -9.75
N SER A 54 15.23 -0.67 -9.79
CA SER A 54 14.31 -0.82 -10.91
C SER A 54 13.03 -0.03 -10.69
N LEU A 55 12.72 0.26 -9.43
CA LEU A 55 11.52 1.00 -9.09
C LEU A 55 11.85 2.48 -8.86
N LEU A 56 12.88 2.96 -9.56
CA LEU A 56 13.30 4.35 -9.43
C LEU A 56 14.00 4.85 -10.70
N ASN A 57 14.59 3.93 -11.47
CA ASN A 57 15.29 4.31 -12.69
C ASN A 57 14.42 5.22 -13.58
N PRO A 58 15.02 6.23 -14.23
CA PRO A 58 14.29 7.15 -15.11
C PRO A 58 13.71 6.47 -16.34
N TYR A 59 14.10 5.23 -16.58
CA TYR A 59 13.62 4.48 -17.74
C TYR A 59 12.26 3.83 -17.46
N VAL A 60 11.94 3.65 -16.18
CA VAL A 60 10.68 3.04 -15.79
C VAL A 60 9.59 4.10 -15.64
N LYS A 61 9.33 4.84 -16.72
CA LYS A 61 8.32 5.88 -16.70
C LYS A 61 6.94 5.30 -16.41
N ARG A 62 5.92 6.16 -16.45
CA ARG A 62 4.54 5.73 -16.19
C ARG A 62 4.14 4.61 -17.14
N SER A 63 3.12 3.83 -16.74
CA SER A 63 2.63 2.72 -17.55
C SER A 63 3.55 1.51 -17.43
N VAL A 64 4.84 1.71 -17.72
CA VAL A 64 5.83 0.64 -17.65
C VAL A 64 5.74 -0.10 -16.32
N LYS A 65 5.92 0.64 -15.22
CA LYS A 65 5.86 0.04 -13.89
C LYS A 65 4.51 -0.61 -13.66
N VAL A 66 3.47 -0.05 -14.27
CA VAL A 66 2.11 -0.58 -14.12
C VAL A 66 1.98 -1.92 -14.83
N LYS A 67 2.55 -2.01 -16.03
CA LYS A 67 2.49 -3.24 -16.81
C LYS A 67 3.35 -4.32 -16.17
N SER A 68 4.52 -3.93 -15.68
CA SER A 68 5.42 -4.86 -15.03
C SER A 68 4.88 -5.30 -13.68
N LEU A 69 4.16 -4.40 -13.03
CA LEU A 69 3.56 -4.69 -11.73
C LEU A 69 2.45 -5.71 -11.86
N SER A 70 1.76 -5.69 -12.99
CA SER A 70 0.66 -6.61 -13.24
C SER A 70 1.17 -8.04 -13.38
N ASP A 71 2.24 -8.22 -14.14
CA ASP A 71 2.82 -9.54 -14.32
C ASP A 71 3.69 -9.90 -13.12
N MET A 72 4.26 -8.88 -12.50
CA MET A 72 5.10 -9.08 -11.32
C MET A 72 4.23 -9.35 -10.10
N THR A 73 3.03 -8.76 -10.08
CA THR A 73 2.14 -8.97 -8.96
C THR A 73 1.76 -10.44 -8.85
N ALA A 74 1.74 -11.12 -10.00
CA ALA A 74 1.42 -12.54 -10.01
C ALA A 74 2.27 -13.27 -8.99
N LYS A 75 3.46 -12.72 -8.73
CA LYS A 75 4.37 -13.29 -7.75
C LYS A 75 4.28 -12.56 -6.42
N GLU A 76 3.82 -11.31 -6.45
CA GLU A 76 3.68 -10.53 -5.24
C GLU A 76 2.52 -11.05 -4.39
N LYS A 77 1.30 -10.92 -4.94
CA LYS A 77 0.09 -11.37 -4.25
C LYS A 77 -1.15 -10.64 -4.76
N PHE A 78 -0.99 -9.36 -5.10
CA PHE A 78 -2.11 -8.54 -5.57
C PHE A 78 -2.98 -9.29 -6.55
N SER A 79 -4.19 -8.78 -6.72
CA SER A 79 -5.14 -9.36 -7.64
C SER A 79 -6.57 -8.92 -7.36
N PRO A 80 -7.00 -8.95 -6.08
CA PRO A 80 -8.35 -8.61 -5.72
C PRO A 80 -8.54 -7.19 -5.20
N LEU A 81 -8.11 -6.93 -3.97
CA LEU A 81 -8.28 -5.60 -3.41
C LEU A 81 -7.00 -4.81 -3.57
N THR A 82 -6.13 -5.34 -4.42
CA THR A 82 -4.87 -4.72 -4.72
C THR A 82 -4.66 -4.64 -6.21
N SER A 83 -5.58 -5.23 -6.99
CA SER A 83 -5.46 -5.17 -8.44
C SER A 83 -6.10 -3.91 -9.00
N ASN A 84 -6.15 -2.89 -8.16
CA ASN A 84 -6.71 -1.60 -8.51
C ASN A 84 -5.83 -0.55 -7.86
N LEU A 85 -5.51 -0.80 -6.59
CA LEU A 85 -4.63 0.06 -5.85
C LEU A 85 -3.23 -0.07 -6.44
N ILE A 86 -3.01 -1.17 -7.18
CA ILE A 86 -1.71 -1.39 -7.81
C ILE A 86 -1.45 -0.34 -8.87
N ASN A 87 -2.41 -0.15 -9.76
CA ASN A 87 -2.29 0.85 -10.82
C ASN A 87 -2.40 2.26 -10.26
N LEU A 88 -3.13 2.38 -9.14
CA LEU A 88 -3.32 3.68 -8.50
C LEU A 88 -2.08 4.07 -7.70
N LEU A 89 -1.36 3.08 -7.19
CA LEU A 89 -0.16 3.34 -6.41
C LEU A 89 0.99 3.77 -7.31
N ALA A 90 0.98 3.28 -8.55
CA ALA A 90 2.02 3.62 -9.50
C ALA A 90 1.52 4.63 -10.53
N GLU A 91 0.42 5.29 -10.22
CA GLU A 91 -0.15 6.29 -11.12
C GLU A 91 -0.31 7.63 -10.42
N ASN A 92 -1.07 7.64 -9.32
CA ASN A 92 -1.30 8.86 -8.56
C ASN A 92 0.02 9.46 -8.09
N GLY A 93 1.02 8.61 -7.86
CA GLY A 93 2.30 9.09 -7.41
C GLY A 93 2.55 8.81 -5.95
N ARG A 94 1.92 7.75 -5.44
CA ARG A 94 2.07 7.37 -4.03
C ARG A 94 3.31 6.51 -3.82
N LEU A 95 3.76 5.85 -4.89
CA LEU A 95 4.94 4.99 -4.82
C LEU A 95 6.12 5.74 -4.21
N THR A 96 7.18 4.99 -3.91
CA THR A 96 8.39 5.55 -3.30
C THR A 96 8.21 5.64 -1.79
N ASN A 97 7.18 6.35 -1.36
CA ASN A 97 6.87 6.49 0.05
C ASN A 97 5.75 5.53 0.43
N THR A 98 5.65 4.44 -0.33
CA THR A 98 4.61 3.43 -0.10
C THR A 98 4.51 3.04 1.38
N PRO A 99 5.66 2.72 2.02
CA PRO A 99 5.69 2.32 3.43
C PRO A 99 4.79 3.19 4.30
N ALA A 100 4.62 4.45 3.91
CA ALA A 100 3.78 5.37 4.65
C ALA A 100 2.31 5.07 4.42
N VAL A 101 1.96 4.76 3.17
CA VAL A 101 0.58 4.43 2.82
C VAL A 101 0.23 3.02 3.29
N ILE A 102 1.23 2.15 3.35
CA ILE A 102 1.02 0.77 3.78
C ILE A 102 1.04 0.67 5.30
N SER A 103 1.86 1.50 5.94
CA SER A 103 1.96 1.50 7.40
C SER A 103 0.62 1.84 8.05
N ALA A 104 -0.04 2.86 7.51
CA ALA A 104 -1.33 3.28 8.03
C ALA A 104 -2.33 2.14 8.00
N PHE A 105 -2.22 1.28 6.99
CA PHE A 105 -3.11 0.14 6.83
C PHE A 105 -3.04 -0.77 8.05
N SER A 106 -1.85 -0.95 8.60
CA SER A 106 -1.66 -1.79 9.77
C SER A 106 -2.35 -1.22 11.00
N THR A 107 -2.30 0.09 11.14
CA THR A 107 -2.94 0.75 12.28
C THR A 107 -4.41 1.01 11.98
N MET A 108 -4.75 1.12 10.70
CA MET A 108 -6.13 1.34 10.32
C MET A 108 -6.87 0.03 10.28
N MET A 109 -6.14 -1.07 10.07
CA MET A 109 -6.75 -2.39 10.02
C MET A 109 -7.13 -2.86 11.42
N SER A 110 -6.64 -2.16 12.45
CA SER A 110 -6.95 -2.52 13.83
C SER A 110 -8.16 -1.76 14.34
N VAL A 111 -8.47 -0.64 13.69
CA VAL A 111 -9.61 0.17 14.07
C VAL A 111 -10.92 -0.41 13.50
N HIS A 112 -10.79 -1.29 12.51
CA HIS A 112 -11.95 -1.90 11.90
C HIS A 112 -12.53 -2.99 12.80
N ARG A 113 -11.69 -3.57 13.65
CA ARG A 113 -12.13 -4.62 14.56
C ARG A 113 -13.10 -4.07 15.60
N GLY A 114 -12.86 -2.84 16.04
CA GLY A 114 -13.72 -2.21 17.02
C GLY A 114 -15.12 -1.97 16.50
N GLU A 115 -15.24 -1.78 15.19
CA GLU A 115 -16.53 -1.54 14.57
C GLU A 115 -17.28 -2.85 14.34
N VAL A 116 -16.55 -3.86 13.87
CA VAL A 116 -17.14 -5.17 13.61
C VAL A 116 -16.75 -6.18 14.68
N PRO A 117 -17.52 -6.26 15.78
CA PRO A 117 -17.25 -7.18 16.88
C PRO A 117 -17.51 -8.64 16.49
N CYS A 118 -18.56 -8.86 15.70
CA CYS A 118 -18.91 -10.21 15.26
C CYS A 118 -18.54 -10.40 13.80
N THR A 119 -17.71 -11.40 13.54
CA THR A 119 -17.27 -11.70 12.18
C THR A 119 -17.09 -13.21 11.99
N VAL A 120 -16.97 -13.62 10.72
CA VAL A 120 -16.79 -15.03 10.41
C VAL A 120 -15.32 -15.40 10.34
N PHE A 1 2.34 30.09 12.09
CA PHE A 1 1.63 28.92 12.67
C PHE A 1 0.14 29.20 12.82
N ALA A 2 -0.63 28.83 11.80
CA ALA A 2 -2.08 29.04 11.82
C ALA A 2 -2.78 27.90 12.55
N LYS A 3 -3.19 28.16 13.79
CA LYS A 3 -3.89 27.17 14.60
C LYS A 3 -2.99 25.95 14.87
N LEU A 4 -2.89 25.06 13.88
CA LEU A 4 -2.07 23.87 14.01
C LEU A 4 -1.16 23.70 12.79
N VAL A 5 -0.13 22.87 12.94
CA VAL A 5 0.81 22.62 11.86
C VAL A 5 0.56 21.27 11.22
N ARG A 6 0.26 20.28 12.05
CA ARG A 6 0.00 18.92 11.55
C ARG A 6 1.21 18.36 10.81
N PRO A 7 2.17 17.78 11.55
CA PRO A 7 3.39 17.21 10.94
C PRO A 7 3.09 15.93 10.15
N PRO A 8 3.20 15.99 8.82
CA PRO A 8 2.96 14.84 7.94
C PRO A 8 4.02 13.76 8.09
N VAL A 9 3.70 12.70 8.84
CA VAL A 9 4.63 11.61 9.06
C VAL A 9 3.90 10.34 9.49
N GLN A 10 4.43 9.19 9.09
CA GLN A 10 3.84 7.90 9.43
C GLN A 10 2.53 7.69 8.68
N ILE A 11 1.54 8.54 8.96
CA ILE A 11 0.23 8.43 8.32
C ILE A 11 -0.07 9.68 7.48
N TYR A 12 0.60 10.78 7.80
CA TYR A 12 0.44 12.03 7.06
C TYR A 12 -1.01 12.40 6.79
N GLY A 13 -1.95 11.75 7.48
CA GLY A 13 -3.35 12.03 7.31
C GLY A 13 -3.89 11.63 5.94
N ILE A 14 -3.27 12.15 4.90
CA ILE A 14 -3.69 11.85 3.53
C ILE A 14 -3.43 10.39 3.19
N GLU A 15 -2.25 9.91 3.53
CA GLU A 15 -1.88 8.53 3.25
C GLU A 15 -2.70 7.57 4.11
N GLY A 16 -3.20 8.07 5.24
CA GLY A 16 -4.01 7.24 6.11
C GLY A 16 -5.39 7.00 5.54
N ARG A 17 -5.88 7.94 4.75
CA ARG A 17 -7.20 7.83 4.14
C ARG A 17 -7.14 6.92 2.91
N TYR A 18 -5.98 6.85 2.27
CA TYR A 18 -5.82 5.99 1.10
C TYR A 18 -6.22 4.57 1.41
N ALA A 19 -5.78 4.09 2.58
CA ALA A 19 -6.10 2.75 3.01
C ALA A 19 -7.56 2.65 3.44
N THR A 20 -8.04 3.67 4.12
CA THR A 20 -9.42 3.69 4.58
C THR A 20 -10.38 3.91 3.41
N ALA A 21 -9.90 4.55 2.35
CA ALA A 21 -10.73 4.79 1.19
C ALA A 21 -10.47 3.74 0.11
N LEU A 22 -9.67 2.75 0.47
CA LEU A 22 -9.36 1.65 -0.44
C LEU A 22 -9.78 0.36 0.21
N TYR A 23 -9.50 0.25 1.50
CA TYR A 23 -9.90 -0.91 2.24
C TYR A 23 -11.39 -0.78 2.58
N SER A 24 -11.95 0.42 2.41
CA SER A 24 -13.38 0.62 2.67
C SER A 24 -14.16 -0.43 1.90
N ALA A 25 -13.63 -0.77 0.73
CA ALA A 25 -14.22 -1.80 -0.10
C ALA A 25 -13.75 -3.16 0.39
N ALA A 26 -12.51 -3.21 0.86
CA ALA A 26 -11.94 -4.43 1.39
C ALA A 26 -12.62 -4.82 2.71
N SER A 27 -13.24 -3.84 3.36
CA SER A 27 -13.92 -4.07 4.62
C SER A 27 -15.20 -4.86 4.38
N LYS A 28 -15.97 -4.45 3.38
CA LYS A 28 -17.21 -5.12 3.04
C LYS A 28 -16.96 -6.62 2.86
N GLN A 29 -15.75 -6.94 2.40
CA GLN A 29 -15.37 -8.33 2.20
C GLN A 29 -14.65 -8.86 3.44
N ASN A 30 -13.79 -8.01 4.03
CA ASN A 30 -13.02 -8.37 5.22
C ASN A 30 -11.69 -8.97 4.80
N LYS A 31 -11.15 -8.45 3.72
CA LYS A 31 -9.87 -8.93 3.19
C LYS A 31 -8.71 -8.06 3.67
N LEU A 32 -8.94 -7.31 4.76
CA LEU A 32 -7.89 -6.45 5.33
C LEU A 32 -6.55 -7.17 5.32
N GLU A 33 -6.60 -8.48 5.53
CA GLU A 33 -5.39 -9.29 5.53
C GLU A 33 -4.85 -9.46 4.13
N GLN A 34 -5.75 -9.76 3.19
CA GLN A 34 -5.36 -9.94 1.79
C GLN A 34 -4.92 -8.62 1.18
N VAL A 35 -5.38 -7.51 1.75
CA VAL A 35 -5.00 -6.19 1.27
C VAL A 35 -3.87 -5.60 2.09
N GLU A 36 -3.73 -6.08 3.31
CA GLU A 36 -2.68 -5.61 4.21
C GLU A 36 -1.41 -6.42 3.99
N LYS A 37 -1.60 -7.73 3.81
CA LYS A 37 -0.48 -8.62 3.57
C LYS A 37 0.10 -8.36 2.19
N GLU A 38 -0.78 -8.05 1.23
CA GLU A 38 -0.32 -7.75 -0.11
C GLU A 38 0.51 -6.48 -0.10
N LEU A 39 -0.05 -5.43 0.50
CA LEU A 39 0.64 -4.15 0.58
C LEU A 39 2.09 -4.34 1.04
N LEU A 40 2.32 -5.38 1.84
CA LEU A 40 3.66 -5.67 2.32
C LEU A 40 4.60 -5.97 1.15
N ARG A 41 4.03 -6.49 0.07
CA ARG A 41 4.80 -6.82 -1.12
C ARG A 41 5.41 -5.56 -1.74
N VAL A 42 4.57 -4.58 -2.01
CA VAL A 42 5.03 -3.33 -2.61
C VAL A 42 6.15 -2.71 -1.78
N GLY A 43 6.18 -3.03 -0.49
CA GLY A 43 7.21 -2.51 0.38
C GLY A 43 8.53 -3.23 0.20
N GLN A 44 8.46 -4.55 0.06
CA GLN A 44 9.66 -5.36 -0.13
C GLN A 44 10.24 -5.13 -1.52
N ILE A 45 9.36 -4.84 -2.48
CA ILE A 45 9.79 -4.59 -3.85
C ILE A 45 10.60 -3.31 -3.93
N LEU A 46 10.12 -2.25 -3.28
CA LEU A 46 10.80 -0.97 -3.29
C LEU A 46 12.11 -1.06 -2.52
N LYS A 47 12.07 -1.70 -1.36
CA LYS A 47 13.26 -1.86 -0.53
C LYS A 47 14.22 -2.84 -1.16
N GLU A 48 13.70 -3.72 -2.01
CA GLU A 48 14.53 -4.72 -2.68
C GLU A 48 15.62 -4.04 -3.52
N PRO A 49 16.89 -4.16 -3.10
CA PRO A 49 18.02 -3.56 -3.83
C PRO A 49 18.01 -3.90 -5.31
N LYS A 50 17.38 -5.03 -5.65
CA LYS A 50 17.31 -5.47 -7.04
C LYS A 50 16.20 -4.74 -7.80
N MET A 51 15.16 -4.34 -7.06
CA MET A 51 14.03 -3.63 -7.67
C MET A 51 14.17 -2.12 -7.50
N ALA A 52 14.87 -1.71 -6.45
CA ALA A 52 15.07 -0.29 -6.18
C ALA A 52 15.73 0.40 -7.37
N ALA A 53 16.83 -0.19 -7.84
CA ALA A 53 17.57 0.37 -8.98
C ALA A 53 16.70 0.36 -10.24
N SER A 54 15.66 -0.45 -10.22
CA SER A 54 14.75 -0.55 -11.36
C SER A 54 13.61 0.45 -11.26
N LEU A 55 12.93 0.45 -10.11
CA LEU A 55 11.82 1.36 -9.88
C LEU A 55 12.28 2.81 -9.86
N LEU A 56 13.54 3.03 -9.50
CA LEU A 56 14.11 4.37 -9.43
C LEU A 56 14.45 4.88 -10.82
N ASN A 57 14.69 3.96 -11.76
CA ASN A 57 15.02 4.33 -13.13
C ASN A 57 13.91 5.17 -13.75
N PRO A 58 14.26 6.34 -14.32
CA PRO A 58 13.28 7.23 -14.96
C PRO A 58 12.65 6.62 -16.21
N TYR A 59 13.16 5.46 -16.63
CA TYR A 59 12.65 4.78 -17.81
C TYR A 59 11.39 3.98 -17.49
N VAL A 60 11.26 3.55 -16.24
CA VAL A 60 10.10 2.78 -15.81
C VAL A 60 8.81 3.55 -16.05
N LYS A 61 8.90 4.88 -16.02
CA LYS A 61 7.72 5.72 -16.23
C LYS A 61 6.67 5.49 -15.16
N ARG A 62 5.55 6.17 -15.28
CA ARG A 62 4.46 6.03 -14.31
C ARG A 62 3.37 5.10 -14.84
N SER A 63 3.20 5.08 -16.15
CA SER A 63 2.20 4.23 -16.79
C SER A 63 2.79 2.86 -17.14
N VAL A 64 3.97 2.88 -17.73
CA VAL A 64 4.64 1.64 -18.13
C VAL A 64 4.91 0.76 -16.92
N LYS A 65 5.30 1.38 -15.81
CA LYS A 65 5.59 0.64 -14.59
C LYS A 65 4.35 -0.10 -14.10
N VAL A 66 3.19 0.50 -14.30
CA VAL A 66 1.93 -0.10 -13.88
C VAL A 66 1.71 -1.45 -14.56
N LYS A 67 2.18 -1.57 -15.80
CA LYS A 67 2.04 -2.81 -16.56
C LYS A 67 2.94 -3.89 -15.99
N SER A 68 4.15 -3.53 -15.61
CA SER A 68 5.10 -4.47 -15.05
C SER A 68 4.63 -4.98 -13.69
N LEU A 69 3.90 -4.14 -12.97
CA LEU A 69 3.39 -4.50 -11.65
C LEU A 69 2.33 -5.59 -11.77
N SER A 70 1.59 -5.57 -12.88
CA SER A 70 0.53 -6.55 -13.12
C SER A 70 1.12 -7.95 -13.30
N ASP A 71 2.16 -8.05 -14.12
CA ASP A 71 2.81 -9.33 -14.36
C ASP A 71 3.75 -9.67 -13.21
N MET A 72 4.28 -8.63 -12.57
CA MET A 72 5.18 -8.80 -11.45
C MET A 72 4.39 -9.14 -10.19
N THR A 73 3.16 -8.64 -10.11
CA THR A 73 2.33 -8.94 -8.95
C THR A 73 2.07 -10.42 -8.87
N ALA A 74 2.04 -11.08 -10.03
CA ALA A 74 1.81 -12.52 -10.06
C ALA A 74 2.76 -13.20 -9.08
N LYS A 75 3.92 -12.58 -8.87
CA LYS A 75 4.90 -13.11 -7.94
C LYS A 75 4.82 -12.43 -6.58
N GLU A 76 4.26 -11.22 -6.56
CA GLU A 76 4.12 -10.48 -5.31
C GLU A 76 3.02 -11.09 -4.45
N LYS A 77 1.78 -11.05 -4.95
CA LYS A 77 0.62 -11.60 -4.24
C LYS A 77 -0.68 -10.93 -4.70
N PHE A 78 -0.61 -9.63 -4.98
CA PHE A 78 -1.80 -8.88 -5.40
C PHE A 78 -2.64 -9.63 -6.39
N SER A 79 -3.86 -9.16 -6.53
CA SER A 79 -4.81 -9.75 -7.46
C SER A 79 -6.25 -9.41 -7.10
N PRO A 80 -6.63 -9.46 -5.81
CA PRO A 80 -7.98 -9.21 -5.39
C PRO A 80 -8.23 -7.84 -4.79
N LEU A 81 -7.73 -7.60 -3.57
CA LEU A 81 -7.95 -6.32 -2.92
C LEU A 81 -6.77 -5.41 -3.20
N THR A 82 -5.84 -5.91 -3.99
CA THR A 82 -4.66 -5.17 -4.35
C THR A 82 -4.55 -5.01 -5.85
N SER A 83 -5.48 -5.60 -6.60
CA SER A 83 -5.44 -5.48 -8.05
C SER A 83 -6.14 -4.19 -8.50
N ASN A 84 -6.15 -3.22 -7.60
CA ASN A 84 -6.75 -1.92 -7.84
C ASN A 84 -5.84 -0.90 -7.21
N LEU A 85 -5.45 -1.20 -5.98
CA LEU A 85 -4.52 -0.36 -5.26
C LEU A 85 -3.18 -0.42 -5.95
N ILE A 86 -2.97 -1.50 -6.74
CA ILE A 86 -1.72 -1.66 -7.46
C ILE A 86 -1.54 -0.53 -8.48
N ASN A 87 -2.59 -0.27 -9.25
CA ASN A 87 -2.55 0.79 -10.25
C ASN A 87 -2.60 2.16 -9.57
N LEU A 88 -3.24 2.21 -8.41
CA LEU A 88 -3.36 3.45 -7.66
C LEU A 88 -2.05 3.80 -6.97
N LEU A 89 -1.34 2.80 -6.47
CA LEU A 89 -0.07 3.02 -5.81
C LEU A 89 0.99 3.48 -6.81
N ALA A 90 0.85 3.02 -8.05
CA ALA A 90 1.79 3.37 -9.10
C ALA A 90 1.25 4.52 -9.96
N GLU A 91 0.20 5.19 -9.47
CA GLU A 91 -0.39 6.31 -10.19
C GLU A 91 -0.15 7.62 -9.46
N ASN A 92 -0.81 7.80 -8.32
CA ASN A 92 -0.66 9.02 -7.53
C ASN A 92 0.79 9.25 -7.15
N GLY A 93 1.56 8.17 -7.06
CA GLY A 93 2.96 8.27 -6.71
C GLY A 93 3.25 7.77 -5.31
N ARG A 94 2.41 6.85 -4.83
CA ARG A 94 2.58 6.28 -3.51
C ARG A 94 3.84 5.42 -3.42
N LEU A 95 4.29 4.92 -4.57
CA LEU A 95 5.49 4.10 -4.63
C LEU A 95 6.68 4.82 -3.97
N THR A 96 7.75 4.08 -3.74
CA THR A 96 8.95 4.63 -3.11
C THR A 96 8.77 4.69 -1.60
N ASN A 97 7.71 5.36 -1.16
CA ASN A 97 7.39 5.48 0.25
C ASN A 97 6.36 4.42 0.64
N THR A 98 6.29 3.34 -0.16
CA THR A 98 5.34 2.25 0.08
C THR A 98 5.23 1.89 1.56
N PRO A 99 6.35 1.67 2.27
CA PRO A 99 6.33 1.31 3.69
C PRO A 99 5.41 2.22 4.50
N ALA A 100 5.23 3.44 4.02
CA ALA A 100 4.36 4.40 4.70
C ALA A 100 2.90 4.10 4.42
N VAL A 101 2.62 3.66 3.20
CA VAL A 101 1.26 3.33 2.80
C VAL A 101 0.83 2.00 3.40
N ILE A 102 1.79 1.11 3.59
CA ILE A 102 1.52 -0.21 4.16
C ILE A 102 1.30 -0.10 5.67
N SER A 103 2.02 0.81 6.31
CA SER A 103 1.90 1.01 7.74
C SER A 103 0.65 1.81 8.08
N ALA A 104 0.25 2.67 7.15
CA ALA A 104 -0.93 3.51 7.34
C ALA A 104 -2.22 2.69 7.26
N PHE A 105 -2.16 1.58 6.53
CA PHE A 105 -3.32 0.70 6.38
C PHE A 105 -3.59 -0.09 7.65
N SER A 106 -2.52 -0.60 8.26
CA SER A 106 -2.65 -1.38 9.49
C SER A 106 -3.39 -0.59 10.57
N THR A 107 -3.21 0.73 10.56
CA THR A 107 -3.86 1.59 11.53
C THR A 107 -5.36 1.63 11.28
N MET A 108 -5.76 2.06 10.09
CA MET A 108 -7.17 2.11 9.72
C MET A 108 -7.75 0.70 9.68
N MET A 109 -6.89 -0.27 9.42
CA MET A 109 -7.29 -1.67 9.35
C MET A 109 -7.53 -2.23 10.75
N SER A 110 -7.03 -1.55 11.77
CA SER A 110 -7.21 -2.00 13.15
C SER A 110 -8.28 -1.18 13.85
N VAL A 111 -8.38 0.08 13.47
CA VAL A 111 -9.38 0.97 14.05
C VAL A 111 -10.80 0.55 13.65
N HIS A 112 -10.88 -0.34 12.65
CA HIS A 112 -12.16 -0.83 12.17
C HIS A 112 -12.77 -1.80 13.16
N ARG A 113 -11.92 -2.49 13.92
CA ARG A 113 -12.39 -3.47 14.90
C ARG A 113 -13.16 -2.77 16.02
N GLY A 114 -12.82 -1.52 16.30
CA GLY A 114 -13.50 -0.78 17.35
C GLY A 114 -14.35 0.34 16.78
N GLU A 115 -14.99 0.09 15.66
CA GLU A 115 -15.85 1.09 15.02
C GLU A 115 -17.10 0.46 14.42
N VAL A 116 -16.89 -0.59 13.61
CA VAL A 116 -18.01 -1.28 12.97
C VAL A 116 -18.58 -2.38 13.87
N PRO A 117 -17.71 -3.25 14.43
CA PRO A 117 -18.14 -4.34 15.30
C PRO A 117 -18.80 -3.83 16.57
N CYS A 118 -20.09 -4.14 16.73
CA CYS A 118 -20.84 -3.72 17.92
C CYS A 118 -21.86 -4.77 18.32
N THR A 119 -22.61 -5.26 17.35
CA THR A 119 -23.63 -6.27 17.60
C THR A 119 -23.19 -7.64 17.07
N VAL A 120 -22.63 -7.64 15.85
CA VAL A 120 -22.15 -8.88 15.22
C VAL A 120 -23.13 -10.03 15.42
N PHE A 1 31.24 15.44 15.07
CA PHE A 1 29.88 15.98 15.30
C PHE A 1 28.83 14.89 15.09
N ALA A 2 27.56 15.26 15.29
CA ALA A 2 26.46 14.31 15.13
C ALA A 2 25.36 14.92 14.26
N LYS A 3 24.59 14.04 13.60
CA LYS A 3 23.51 14.49 12.74
C LYS A 3 22.47 15.29 13.53
N LEU A 4 21.76 16.17 12.84
CA LEU A 4 20.74 17.00 13.47
C LEU A 4 19.38 16.32 13.42
N VAL A 5 18.85 16.15 12.21
CA VAL A 5 17.55 15.51 12.03
C VAL A 5 16.45 16.29 12.75
N ARG A 6 15.22 16.08 12.32
CA ARG A 6 14.07 16.76 12.93
C ARG A 6 12.77 16.40 12.21
N PRO A 7 12.73 16.58 10.87
CA PRO A 7 11.54 16.27 10.07
C PRO A 7 11.03 14.86 10.33
N PRO A 8 9.89 14.73 11.05
CA PRO A 8 9.31 13.42 11.37
C PRO A 8 8.59 12.81 10.17
N VAL A 9 8.65 11.49 10.07
CA VAL A 9 8.01 10.78 8.97
C VAL A 9 7.14 9.63 9.49
N GLN A 10 6.79 8.69 8.62
CA GLN A 10 5.96 7.56 9.01
C GLN A 10 4.55 8.01 9.34
N ILE A 11 3.57 7.51 8.57
CA ILE A 11 2.17 7.87 8.76
C ILE A 11 1.97 9.37 8.75
N TYR A 12 0.93 9.82 8.05
CA TYR A 12 0.66 11.25 7.92
C TYR A 12 -0.84 11.50 7.72
N GLY A 13 -1.38 10.93 6.64
CA GLY A 13 -2.79 11.11 6.35
C GLY A 13 -3.14 10.86 4.90
N ILE A 14 -2.56 11.66 4.01
CA ILE A 14 -2.82 11.51 2.58
C ILE A 14 -2.35 10.15 2.08
N GLU A 15 -1.14 9.76 2.50
CA GLU A 15 -0.59 8.47 2.09
C GLU A 15 -1.29 7.33 2.82
N GLY A 16 -1.70 7.60 4.07
CA GLY A 16 -2.39 6.59 4.84
C GLY A 16 -3.83 6.43 4.39
N ARG A 17 -4.41 7.51 3.88
CA ARG A 17 -5.79 7.48 3.40
C ARG A 17 -5.88 6.68 2.12
N TYR A 18 -4.77 6.60 1.37
CA TYR A 18 -4.73 5.85 0.13
C TYR A 18 -5.18 4.41 0.37
N ALA A 19 -4.58 3.78 1.37
CA ALA A 19 -4.91 2.41 1.71
C ALA A 19 -6.32 2.34 2.29
N THR A 20 -6.66 3.31 3.14
CA THR A 20 -7.97 3.34 3.75
C THR A 20 -9.04 3.63 2.71
N ALA A 21 -8.64 4.26 1.61
CA ALA A 21 -9.59 4.57 0.55
C ALA A 21 -9.67 3.44 -0.46
N LEU A 22 -8.94 2.35 -0.19
CA LEU A 22 -8.96 1.19 -1.05
C LEU A 22 -9.42 0.01 -0.24
N TYR A 23 -8.92 -0.06 0.98
CA TYR A 23 -9.30 -1.11 1.88
C TYR A 23 -10.68 -0.78 2.45
N SER A 24 -11.09 0.50 2.39
CA SER A 24 -12.40 0.88 2.89
C SER A 24 -13.46 -0.05 2.32
N ALA A 25 -13.31 -0.38 1.04
CA ALA A 25 -14.20 -1.31 0.38
C ALA A 25 -13.92 -2.71 0.88
N ALA A 26 -12.63 -2.98 1.11
CA ALA A 26 -12.22 -4.29 1.62
C ALA A 26 -12.80 -4.53 3.01
N SER A 27 -12.79 -3.49 3.84
CA SER A 27 -13.33 -3.59 5.20
C SER A 27 -14.79 -4.03 5.16
N LYS A 28 -15.57 -3.38 4.29
CA LYS A 28 -16.98 -3.71 4.15
C LYS A 28 -17.15 -5.22 3.97
N GLN A 29 -16.14 -5.84 3.36
CA GLN A 29 -16.15 -7.28 3.14
C GLN A 29 -15.42 -7.98 4.27
N ASN A 30 -14.08 -7.89 4.23
CA ASN A 30 -13.20 -8.50 5.23
C ASN A 30 -11.91 -8.97 4.58
N LYS A 31 -11.57 -8.33 3.46
CA LYS A 31 -10.37 -8.70 2.72
C LYS A 31 -9.11 -8.09 3.34
N LEU A 32 -9.26 -7.39 4.47
CA LEU A 32 -8.12 -6.78 5.15
C LEU A 32 -6.94 -7.75 5.20
N GLU A 33 -7.24 -9.04 5.24
CA GLU A 33 -6.20 -10.06 5.27
C GLU A 33 -5.56 -10.20 3.89
N GLN A 34 -6.38 -10.05 2.86
CA GLN A 34 -5.90 -10.14 1.48
C GLN A 34 -5.34 -8.79 1.00
N VAL A 35 -5.53 -7.75 1.81
CA VAL A 35 -5.04 -6.42 1.47
C VAL A 35 -3.89 -6.01 2.39
N GLU A 36 -3.89 -6.56 3.60
CA GLU A 36 -2.84 -6.25 4.58
C GLU A 36 -1.55 -6.96 4.21
N LYS A 37 -1.66 -8.24 3.88
CA LYS A 37 -0.51 -9.01 3.47
C LYS A 37 -0.07 -8.56 2.09
N GLU A 38 -1.04 -8.05 1.33
CA GLU A 38 -0.79 -7.56 -0.01
C GLU A 38 -0.38 -6.08 0.02
N LEU A 39 -0.09 -5.57 1.22
CA LEU A 39 0.34 -4.19 1.37
C LEU A 39 1.80 -4.15 1.76
N LEU A 40 2.22 -5.15 2.53
CA LEU A 40 3.60 -5.26 2.98
C LEU A 40 4.50 -5.68 1.82
N ARG A 41 3.91 -6.37 0.84
CA ARG A 41 4.67 -6.83 -0.32
C ARG A 41 5.08 -5.64 -1.18
N VAL A 42 4.17 -4.67 -1.33
CA VAL A 42 4.45 -3.48 -2.12
C VAL A 42 5.56 -2.66 -1.50
N GLY A 43 5.78 -2.85 -0.19
CA GLY A 43 6.82 -2.12 0.50
C GLY A 43 8.19 -2.70 0.25
N GLN A 44 8.27 -4.03 0.22
CA GLN A 44 9.53 -4.71 -0.03
C GLN A 44 10.01 -4.45 -1.45
N ILE A 45 9.04 -4.30 -2.37
CA ILE A 45 9.36 -4.05 -3.77
C ILE A 45 10.14 -2.75 -3.91
N LEU A 46 9.92 -1.82 -2.99
CA LEU A 46 10.62 -0.55 -3.02
C LEU A 46 11.97 -0.67 -2.31
N LYS A 47 12.00 -1.53 -1.28
CA LYS A 47 13.22 -1.76 -0.52
C LYS A 47 14.18 -2.66 -1.29
N GLU A 48 13.63 -3.48 -2.18
CA GLU A 48 14.44 -4.39 -2.98
C GLU A 48 15.55 -3.63 -3.71
N PRO A 49 16.83 -3.92 -3.39
CA PRO A 49 17.96 -3.26 -4.02
C PRO A 49 17.90 -3.31 -5.55
N LYS A 50 17.47 -4.44 -6.08
CA LYS A 50 17.36 -4.62 -7.52
C LYS A 50 16.02 -4.09 -8.02
N MET A 51 15.21 -3.55 -7.12
CA MET A 51 13.90 -3.02 -7.47
C MET A 51 13.82 -1.52 -7.19
N ALA A 52 14.69 -1.03 -6.30
CA ALA A 52 14.70 0.39 -5.96
C ALA A 52 15.17 1.23 -7.15
N ALA A 53 16.03 0.65 -7.96
CA ALA A 53 16.55 1.36 -9.13
C ALA A 53 15.62 1.23 -10.33
N SER A 54 14.47 0.57 -10.12
CA SER A 54 13.50 0.38 -11.19
C SER A 54 12.19 1.10 -10.87
N LEU A 55 11.80 1.07 -9.60
CA LEU A 55 10.58 1.72 -9.15
C LEU A 55 10.74 3.23 -9.08
N LEU A 56 11.97 3.67 -8.82
CA LEU A 56 12.25 5.10 -8.72
C LEU A 56 12.82 5.64 -10.03
N ASN A 57 13.40 4.75 -10.84
CA ASN A 57 13.97 5.15 -12.11
C ASN A 57 12.92 5.79 -13.02
N PRO A 58 13.26 6.90 -13.69
CA PRO A 58 12.33 7.60 -14.59
C PRO A 58 12.25 6.95 -15.96
N TYR A 59 12.95 5.82 -16.12
CA TYR A 59 12.96 5.10 -17.39
C TYR A 59 11.80 4.10 -17.46
N VAL A 60 11.34 3.66 -16.29
CA VAL A 60 10.23 2.72 -16.23
C VAL A 60 8.88 3.40 -16.41
N LYS A 61 8.90 4.72 -16.59
CA LYS A 61 7.67 5.49 -16.78
C LYS A 61 6.72 5.29 -15.61
N ARG A 62 5.54 5.91 -15.70
CA ARG A 62 4.53 5.80 -14.66
C ARG A 62 3.44 4.83 -15.06
N SER A 63 3.16 4.74 -16.35
CA SER A 63 2.14 3.84 -16.86
C SER A 63 2.71 2.46 -17.15
N VAL A 64 3.91 2.43 -17.72
CA VAL A 64 4.57 1.16 -18.05
C VAL A 64 4.78 0.33 -16.79
N LYS A 65 5.29 0.96 -15.74
CA LYS A 65 5.53 0.27 -14.47
C LYS A 65 4.26 -0.40 -13.96
N VAL A 66 3.12 0.21 -14.26
CA VAL A 66 1.83 -0.33 -13.83
C VAL A 66 1.59 -1.72 -14.43
N LYS A 67 1.84 -1.84 -15.73
CA LYS A 67 1.65 -3.09 -16.43
C LYS A 67 2.54 -4.19 -15.86
N SER A 68 3.75 -3.81 -15.47
CA SER A 68 4.70 -4.76 -14.91
C SER A 68 4.24 -5.24 -13.53
N LEU A 69 3.62 -4.35 -12.78
CA LEU A 69 3.13 -4.68 -11.45
C LEU A 69 1.98 -5.69 -11.52
N SER A 70 1.16 -5.57 -12.56
CA SER A 70 0.03 -6.48 -12.76
C SER A 70 0.52 -7.90 -13.04
N ASP A 71 1.55 -8.01 -13.87
CA ASP A 71 2.10 -9.32 -14.21
C ASP A 71 3.07 -9.76 -13.12
N MET A 72 3.70 -8.79 -12.48
CA MET A 72 4.64 -9.09 -11.41
C MET A 72 3.89 -9.43 -10.13
N THR A 73 2.68 -8.90 -10.00
CA THR A 73 1.89 -9.20 -8.82
C THR A 73 1.56 -10.67 -8.78
N ALA A 74 1.44 -11.28 -9.96
CA ALA A 74 1.15 -12.71 -10.04
C ALA A 74 2.11 -13.47 -9.15
N LYS A 75 3.30 -12.91 -8.95
CA LYS A 75 4.31 -13.54 -8.10
C LYS A 75 4.35 -12.89 -6.73
N GLU A 76 3.85 -11.65 -6.64
CA GLU A 76 3.84 -10.94 -5.37
C GLU A 76 2.79 -11.53 -4.44
N LYS A 77 1.52 -11.41 -4.83
CA LYS A 77 0.40 -11.93 -4.05
C LYS A 77 -0.90 -11.20 -4.38
N PHE A 78 -0.79 -9.91 -4.70
CA PHE A 78 -1.94 -9.08 -5.02
C PHE A 78 -2.83 -9.72 -6.05
N SER A 79 -3.85 -8.97 -6.45
CA SER A 79 -4.81 -9.38 -7.47
C SER A 79 -6.22 -8.94 -7.10
N PRO A 80 -6.62 -9.06 -5.83
CA PRO A 80 -7.96 -8.72 -5.41
C PRO A 80 -8.12 -7.35 -4.77
N LEU A 81 -7.65 -7.18 -3.54
CA LEU A 81 -7.77 -5.89 -2.87
C LEU A 81 -6.51 -5.08 -3.08
N THR A 82 -5.63 -5.62 -3.90
CA THR A 82 -4.39 -4.98 -4.21
C THR A 82 -4.22 -4.80 -5.70
N SER A 83 -5.20 -5.28 -6.48
CA SER A 83 -5.13 -5.12 -7.93
C SER A 83 -5.75 -3.80 -8.35
N ASN A 84 -5.65 -2.83 -7.47
CA ASN A 84 -6.15 -1.48 -7.68
C ASN A 84 -5.20 -0.54 -7.00
N LEU A 85 -4.83 -0.91 -5.78
CA LEU A 85 -3.87 -0.15 -5.02
C LEU A 85 -2.50 -0.29 -5.68
N ILE A 86 -2.36 -1.34 -6.51
CA ILE A 86 -1.10 -1.58 -7.20
C ILE A 86 -0.87 -0.52 -8.28
N ASN A 87 -1.87 -0.34 -9.14
CA ASN A 87 -1.79 0.64 -10.21
C ASN A 87 -1.75 2.05 -9.63
N LEU A 88 -2.43 2.24 -8.50
CA LEU A 88 -2.47 3.54 -7.84
C LEU A 88 -1.10 3.92 -7.30
N LEU A 89 -0.35 2.92 -6.84
CA LEU A 89 0.99 3.17 -6.30
C LEU A 89 1.99 3.37 -7.42
N ALA A 90 1.79 2.64 -8.51
CA ALA A 90 2.67 2.73 -9.67
C ALA A 90 2.22 3.82 -10.63
N GLU A 91 1.09 4.46 -10.34
CA GLU A 91 0.58 5.53 -11.20
C GLU A 91 0.70 6.88 -10.52
N ASN A 92 -0.07 7.10 -9.46
CA ASN A 92 -0.05 8.35 -8.73
C ASN A 92 1.36 8.70 -8.28
N GLY A 93 2.21 7.68 -8.13
CA GLY A 93 3.58 7.91 -7.71
C GLY A 93 3.78 7.65 -6.23
N ARG A 94 3.06 6.67 -5.70
CA ARG A 94 3.16 6.32 -4.29
C ARG A 94 4.12 5.15 -4.08
N LEU A 95 5.04 4.97 -5.02
CA LEU A 95 6.02 3.88 -4.92
C LEU A 95 7.35 4.39 -4.38
N THR A 96 7.30 5.49 -3.64
CA THR A 96 8.49 6.07 -3.05
C THR A 96 8.44 5.95 -1.53
N ASN A 97 7.26 6.12 -0.97
CA ASN A 97 7.06 6.02 0.47
C ASN A 97 5.98 4.98 0.78
N THR A 98 5.82 4.02 -0.12
CA THR A 98 4.83 2.95 0.06
C THR A 98 4.87 2.36 1.47
N PRO A 99 6.05 2.02 2.01
CA PRO A 99 6.16 1.45 3.35
C PRO A 99 5.44 2.28 4.39
N ALA A 100 5.31 3.58 4.13
CA ALA A 100 4.63 4.48 5.04
C ALA A 100 3.11 4.31 4.94
N VAL A 101 2.64 3.94 3.76
CA VAL A 101 1.22 3.74 3.53
C VAL A 101 0.73 2.47 4.21
N ILE A 102 1.62 1.49 4.34
CA ILE A 102 1.27 0.22 4.99
C ILE A 102 1.04 0.42 6.49
N SER A 103 1.80 1.32 7.09
CA SER A 103 1.66 1.61 8.52
C SER A 103 0.26 2.11 8.83
N ALA A 104 -0.30 2.88 7.91
CA ALA A 104 -1.65 3.42 8.09
C ALA A 104 -2.67 2.30 8.11
N PHE A 105 -2.43 1.27 7.32
CA PHE A 105 -3.32 0.13 7.25
C PHE A 105 -3.44 -0.55 8.60
N SER A 106 -2.41 -0.41 9.42
CA SER A 106 -2.41 -1.02 10.75
C SER A 106 -3.14 -0.15 11.77
N THR A 107 -3.25 1.13 11.49
CA THR A 107 -3.96 2.02 12.40
C THR A 107 -5.40 2.21 11.96
N MET A 108 -5.63 2.10 10.65
CA MET A 108 -6.96 2.22 10.11
C MET A 108 -7.71 0.91 10.26
N MET A 109 -6.97 -0.19 10.38
CA MET A 109 -7.60 -1.49 10.56
C MET A 109 -8.33 -1.54 11.89
N SER A 110 -7.76 -0.87 12.90
CA SER A 110 -8.38 -0.82 14.23
C SER A 110 -9.80 -0.30 14.13
N VAL A 111 -10.09 0.44 13.06
CA VAL A 111 -11.42 1.00 12.84
C VAL A 111 -12.38 -0.07 12.32
N HIS A 112 -11.91 -0.90 11.40
CA HIS A 112 -12.75 -1.96 10.83
C HIS A 112 -12.85 -3.14 11.80
N ARG A 113 -11.82 -3.31 12.62
CA ARG A 113 -11.79 -4.40 13.59
C ARG A 113 -12.50 -4.00 14.88
N GLY A 114 -12.58 -2.69 15.14
CA GLY A 114 -13.24 -2.21 16.34
C GLY A 114 -14.75 -2.29 16.25
N GLU A 115 -15.29 -1.97 15.08
CA GLU A 115 -16.73 -2.00 14.86
C GLU A 115 -17.11 -3.08 13.86
N VAL A 116 -16.91 -4.35 14.24
CA VAL A 116 -17.24 -5.47 13.38
C VAL A 116 -17.36 -6.76 14.19
N PRO A 117 -16.26 -7.23 14.80
CA PRO A 117 -16.28 -8.46 15.61
C PRO A 117 -17.16 -8.33 16.85
N CYS A 118 -18.34 -8.94 16.78
CA CYS A 118 -19.28 -8.90 17.90
C CYS A 118 -19.92 -10.27 18.13
N THR A 119 -19.66 -10.84 19.31
CA THR A 119 -20.21 -12.14 19.66
C THR A 119 -21.19 -12.03 20.82
N VAL A 120 -20.90 -11.13 21.76
CA VAL A 120 -21.77 -10.92 22.90
C VAL A 120 -23.06 -10.24 22.50
N PHE A 1 29.49 1.87 18.19
CA PHE A 1 28.72 3.12 17.95
C PHE A 1 27.59 2.87 16.95
N ALA A 2 27.90 2.13 15.89
CA ALA A 2 26.92 1.82 14.86
C ALA A 2 26.39 3.09 14.21
N LYS A 3 26.90 3.42 13.03
CA LYS A 3 26.47 4.62 12.32
C LYS A 3 25.25 4.32 11.45
N LEU A 4 24.08 4.30 12.07
CA LEU A 4 22.84 4.03 11.36
C LEU A 4 22.09 5.32 11.05
N VAL A 5 20.93 5.19 10.43
CA VAL A 5 20.11 6.36 10.09
C VAL A 5 18.80 5.93 9.42
N ARG A 6 17.70 6.17 10.12
CA ARG A 6 16.38 5.81 9.60
C ARG A 6 15.60 7.06 9.20
N PRO A 7 14.78 6.96 8.13
CA PRO A 7 13.98 8.09 7.65
C PRO A 7 12.80 8.40 8.59
N PRO A 8 12.86 9.55 9.29
CA PRO A 8 11.80 9.96 10.21
C PRO A 8 10.51 10.33 9.48
N VAL A 9 9.75 9.32 9.06
CA VAL A 9 8.51 9.54 8.36
C VAL A 9 7.59 8.33 8.45
N GLN A 10 6.42 8.52 9.05
CA GLN A 10 5.45 7.45 9.21
C GLN A 10 4.19 7.96 9.88
N ILE A 11 3.03 7.51 9.40
CA ILE A 11 1.76 7.93 9.97
C ILE A 11 1.55 9.43 9.77
N TYR A 12 0.47 9.80 9.09
CA TYR A 12 0.18 11.20 8.81
C TYR A 12 -1.31 11.43 8.61
N GLY A 13 -1.86 10.88 7.53
CA GLY A 13 -3.28 11.02 7.26
C GLY A 13 -3.61 10.84 5.79
N ILE A 14 -3.16 11.77 4.96
CA ILE A 14 -3.41 11.70 3.52
C ILE A 14 -2.89 10.39 2.93
N GLU A 15 -1.66 10.03 3.30
CA GLU A 15 -1.05 8.81 2.81
C GLU A 15 -1.73 7.59 3.44
N GLY A 16 -2.13 7.74 4.69
CA GLY A 16 -2.80 6.65 5.38
C GLY A 16 -4.20 6.42 4.85
N ARG A 17 -4.81 7.49 4.34
CA ARG A 17 -6.16 7.41 3.78
C ARG A 17 -6.16 6.60 2.49
N TYR A 18 -5.02 6.55 1.81
CA TYR A 18 -4.91 5.81 0.56
C TYR A 18 -5.29 4.35 0.77
N ALA A 19 -4.70 3.73 1.78
CA ALA A 19 -4.98 2.35 2.10
C ALA A 19 -6.40 2.20 2.64
N THR A 20 -6.81 3.16 3.46
CA THR A 20 -8.14 3.13 4.04
C THR A 20 -9.20 3.43 2.97
N ALA A 21 -8.78 4.05 1.88
CA ALA A 21 -9.70 4.35 0.79
C ALA A 21 -9.74 3.22 -0.23
N LEU A 22 -8.95 2.18 0.04
CA LEU A 22 -8.92 1.01 -0.83
C LEU A 22 -9.38 -0.19 -0.05
N TYR A 23 -8.96 -0.24 1.20
CA TYR A 23 -9.36 -1.31 2.07
C TYR A 23 -10.75 -1.01 2.63
N SER A 24 -11.19 0.26 2.54
CA SER A 24 -12.53 0.62 3.01
C SER A 24 -13.53 -0.37 2.43
N ALA A 25 -13.28 -0.76 1.18
CA ALA A 25 -14.12 -1.74 0.51
C ALA A 25 -13.76 -3.12 1.04
N ALA A 26 -12.46 -3.32 1.26
CA ALA A 26 -11.95 -4.57 1.78
C ALA A 26 -12.48 -4.83 3.19
N SER A 27 -12.82 -3.76 3.89
CA SER A 27 -13.35 -3.87 5.25
C SER A 27 -14.75 -4.46 5.23
N LYS A 28 -15.62 -3.88 4.41
CA LYS A 28 -17.00 -4.36 4.28
C LYS A 28 -17.00 -5.84 3.94
N GLN A 29 -16.01 -6.27 3.17
CA GLN A 29 -15.89 -7.66 2.77
C GLN A 29 -15.15 -8.44 3.85
N ASN A 30 -14.05 -7.86 4.35
CA ASN A 30 -13.21 -8.47 5.38
C ASN A 30 -11.97 -9.05 4.76
N LYS A 31 -11.49 -8.37 3.71
CA LYS A 31 -10.31 -8.81 2.99
C LYS A 31 -9.06 -8.11 3.52
N LEU A 32 -9.16 -7.47 4.68
CA LEU A 32 -8.02 -6.79 5.29
C LEU A 32 -6.77 -7.66 5.20
N GLU A 33 -6.96 -8.98 5.20
CA GLU A 33 -5.86 -9.92 5.10
C GLU A 33 -5.36 -9.99 3.65
N GLN A 34 -6.30 -9.90 2.72
CA GLN A 34 -5.98 -9.95 1.28
C GLN A 34 -5.59 -8.58 0.75
N VAL A 35 -5.59 -7.58 1.64
CA VAL A 35 -5.24 -6.22 1.24
C VAL A 35 -4.14 -5.64 2.13
N GLU A 36 -4.14 -6.03 3.41
CA GLU A 36 -3.11 -5.55 4.35
C GLU A 36 -1.80 -6.25 4.06
N LYS A 37 -1.89 -7.56 3.82
CA LYS A 37 -0.72 -8.34 3.49
C LYS A 37 -0.27 -7.99 2.08
N GLU A 38 -1.25 -7.60 1.26
CA GLU A 38 -0.98 -7.20 -0.10
C GLU A 38 -0.55 -5.73 -0.17
N LEU A 39 -0.40 -5.11 1.00
CA LEU A 39 0.02 -3.72 1.06
C LEU A 39 1.47 -3.65 1.52
N LEU A 40 1.85 -4.58 2.39
CA LEU A 40 3.21 -4.64 2.89
C LEU A 40 4.13 -5.22 1.83
N ARG A 41 3.57 -6.05 0.95
CA ARG A 41 4.34 -6.65 -0.14
C ARG A 41 4.80 -5.58 -1.11
N VAL A 42 3.97 -4.55 -1.29
CA VAL A 42 4.30 -3.45 -2.18
C VAL A 42 5.48 -2.64 -1.66
N GLY A 43 5.61 -2.57 -0.34
CA GLY A 43 6.69 -1.85 0.26
C GLY A 43 8.03 -2.50 0.04
N GLN A 44 8.07 -3.82 0.23
CA GLN A 44 9.30 -4.59 0.04
C GLN A 44 9.77 -4.48 -1.41
N ILE A 45 8.82 -4.31 -2.32
CA ILE A 45 9.15 -4.19 -3.74
C ILE A 45 9.94 -2.93 -4.01
N LEU A 46 9.60 -1.85 -3.30
CA LEU A 46 10.30 -0.58 -3.47
C LEU A 46 11.62 -0.58 -2.70
N LYS A 47 11.70 -1.42 -1.67
CA LYS A 47 12.91 -1.51 -0.86
C LYS A 47 13.92 -2.47 -1.50
N GLU A 48 13.41 -3.41 -2.31
CA GLU A 48 14.27 -4.38 -2.97
C GLU A 48 15.32 -3.68 -3.82
N PRO A 49 16.59 -4.10 -3.73
CA PRO A 49 17.69 -3.51 -4.51
C PRO A 49 17.41 -3.54 -6.00
N LYS A 50 17.29 -4.74 -6.56
CA LYS A 50 17.03 -4.90 -7.99
C LYS A 50 15.76 -4.15 -8.40
N MET A 51 14.82 -4.05 -7.47
CA MET A 51 13.57 -3.35 -7.73
C MET A 51 13.76 -1.84 -7.69
N ALA A 52 14.56 -1.38 -6.74
CA ALA A 52 14.83 0.04 -6.58
C ALA A 52 15.34 0.65 -7.88
N ALA A 53 16.01 -0.17 -8.69
CA ALA A 53 16.55 0.29 -9.96
C ALA A 53 15.49 0.27 -11.07
N SER A 54 14.26 -0.13 -10.71
CA SER A 54 13.18 -0.20 -11.68
C SER A 54 12.01 0.70 -11.26
N LEU A 55 11.70 0.67 -9.96
CA LEU A 55 10.61 1.48 -9.43
C LEU A 55 11.03 2.93 -9.27
N LEU A 56 12.32 3.16 -9.05
CA LEU A 56 12.84 4.50 -8.88
C LEU A 56 13.34 5.08 -10.21
N ASN A 57 13.65 4.20 -11.15
CA ASN A 57 14.14 4.62 -12.46
C ASN A 57 13.02 5.24 -13.29
N PRO A 58 13.26 6.44 -13.87
CA PRO A 58 12.26 7.12 -14.69
C PRO A 58 12.18 6.56 -16.11
N TYR A 59 12.94 5.50 -16.37
CA TYR A 59 12.96 4.86 -17.68
C TYR A 59 11.85 3.82 -17.81
N VAL A 60 11.39 3.30 -16.67
CA VAL A 60 10.33 2.30 -16.65
C VAL A 60 8.96 2.93 -16.94
N LYS A 61 8.92 4.25 -17.04
CA LYS A 61 7.68 4.96 -17.31
C LYS A 61 6.62 4.64 -16.25
N ARG A 62 5.43 5.20 -16.44
CA ARG A 62 4.33 4.96 -15.51
C ARG A 62 3.33 3.96 -16.09
N SER A 63 3.22 3.93 -17.42
CA SER A 63 2.31 3.02 -18.09
C SER A 63 2.99 1.69 -18.39
N VAL A 64 4.31 1.70 -18.43
CA VAL A 64 5.06 0.48 -18.69
C VAL A 64 5.40 -0.20 -17.38
N LYS A 65 5.65 0.60 -16.35
CA LYS A 65 5.98 0.07 -15.03
C LYS A 65 4.71 -0.44 -14.35
N VAL A 66 3.57 0.14 -14.69
CA VAL A 66 2.31 -0.28 -14.11
C VAL A 66 1.89 -1.65 -14.61
N LYS A 67 2.28 -1.96 -15.85
CA LYS A 67 1.95 -3.26 -16.43
C LYS A 67 2.72 -4.37 -15.73
N SER A 68 4.02 -4.17 -15.55
CA SER A 68 4.86 -5.15 -14.89
C SER A 68 4.40 -5.37 -13.45
N LEU A 69 3.76 -4.35 -12.88
CA LEU A 69 3.26 -4.43 -11.52
C LEU A 69 2.16 -5.48 -11.39
N SER A 70 1.27 -5.51 -12.38
CA SER A 70 0.16 -6.45 -12.39
C SER A 70 0.63 -7.86 -12.71
N ASP A 71 1.78 -7.97 -13.36
CA ASP A 71 2.34 -9.28 -13.70
C ASP A 71 3.25 -9.76 -12.58
N MET A 72 3.99 -8.83 -12.00
CA MET A 72 4.87 -9.15 -10.89
C MET A 72 4.06 -9.46 -9.66
N THR A 73 2.86 -8.87 -9.57
CA THR A 73 2.00 -9.12 -8.43
C THR A 73 1.68 -10.60 -8.32
N ALA A 74 1.61 -11.27 -9.47
CA ALA A 74 1.34 -12.70 -9.48
C ALA A 74 2.30 -13.42 -8.54
N LYS A 75 3.47 -12.83 -8.33
CA LYS A 75 4.48 -13.39 -7.45
C LYS A 75 4.51 -12.68 -6.10
N GLU A 76 3.98 -11.45 -6.06
CA GLU A 76 3.96 -10.69 -4.82
C GLU A 76 2.89 -11.21 -3.88
N LYS A 77 1.63 -11.13 -4.32
CA LYS A 77 0.48 -11.60 -3.54
C LYS A 77 -0.81 -10.93 -4.00
N PHE A 78 -0.70 -9.65 -4.37
CA PHE A 78 -1.84 -8.88 -4.83
C PHE A 78 -2.60 -9.57 -5.95
N SER A 79 -3.51 -8.81 -6.53
CA SER A 79 -4.34 -9.27 -7.64
C SER A 79 -5.79 -8.82 -7.46
N PRO A 80 -6.34 -8.91 -6.23
CA PRO A 80 -7.71 -8.57 -5.97
C PRO A 80 -7.94 -7.21 -5.31
N LEU A 81 -7.47 -7.03 -4.08
CA LEU A 81 -7.67 -5.76 -3.39
C LEU A 81 -6.42 -4.90 -3.48
N THR A 82 -5.52 -5.33 -4.34
CA THR A 82 -4.28 -4.63 -4.56
C THR A 82 -4.05 -4.43 -6.05
N SER A 83 -4.94 -4.97 -6.88
CA SER A 83 -4.80 -4.82 -8.32
C SER A 83 -5.39 -3.49 -8.79
N ASN A 84 -5.41 -2.54 -7.87
CA ASN A 84 -5.90 -1.20 -8.11
C ASN A 84 -5.01 -0.26 -7.35
N LEU A 85 -4.73 -0.64 -6.11
CA LEU A 85 -3.82 0.09 -5.27
C LEU A 85 -2.42 -0.05 -5.83
N ILE A 86 -2.21 -1.07 -6.67
CA ILE A 86 -0.91 -1.30 -7.29
C ILE A 86 -0.62 -0.22 -8.33
N ASN A 87 -1.54 -0.05 -9.27
CA ASN A 87 -1.38 0.94 -10.32
C ASN A 87 -1.45 2.34 -9.74
N LEU A 88 -2.25 2.52 -8.71
CA LEU A 88 -2.40 3.81 -8.05
C LEU A 88 -1.14 4.18 -7.29
N LEU A 89 -0.45 3.15 -6.77
CA LEU A 89 0.78 3.38 -6.01
C LEU A 89 1.94 3.67 -6.95
N ALA A 90 1.84 3.21 -8.20
CA ALA A 90 2.89 3.43 -9.18
C ALA A 90 2.44 4.41 -10.27
N GLU A 91 1.36 5.14 -10.00
CA GLU A 91 0.84 6.11 -10.95
C GLU A 91 0.79 7.50 -10.35
N ASN A 92 0.15 7.62 -9.18
CA ASN A 92 0.04 8.89 -8.50
C ASN A 92 1.41 9.47 -8.18
N GLY A 93 2.38 8.58 -7.98
CA GLY A 93 3.73 9.03 -7.66
C GLY A 93 4.08 8.82 -6.20
N ARG A 94 3.47 7.82 -5.59
CA ARG A 94 3.72 7.51 -4.17
C ARG A 94 4.45 6.18 -4.03
N LEU A 95 5.27 5.84 -5.01
CA LEU A 95 6.02 4.59 -4.98
C LEU A 95 7.46 4.83 -4.53
N THR A 96 7.63 5.80 -3.64
CA THR A 96 8.93 6.12 -3.10
C THR A 96 8.94 5.92 -1.60
N ASN A 97 7.84 6.28 -0.95
CA ASN A 97 7.70 6.14 0.49
C ASN A 97 6.44 5.35 0.83
N THR A 98 6.06 4.44 -0.08
CA THR A 98 4.87 3.62 0.12
C THR A 98 4.82 2.99 1.53
N PRO A 99 5.95 2.45 2.04
CA PRO A 99 5.99 1.83 3.37
C PRO A 99 5.23 2.64 4.42
N ALA A 100 5.18 3.95 4.23
CA ALA A 100 4.48 4.82 5.17
C ALA A 100 2.96 4.64 5.06
N VAL A 101 2.48 4.42 3.84
CA VAL A 101 1.06 4.24 3.60
C VAL A 101 0.57 2.91 4.16
N ILE A 102 1.46 1.93 4.20
CA ILE A 102 1.13 0.61 4.72
C ILE A 102 0.92 0.65 6.24
N SER A 103 1.67 1.53 6.91
CA SER A 103 1.57 1.66 8.36
C SER A 103 0.15 2.02 8.79
N ALA A 104 -0.46 2.96 8.06
CA ALA A 104 -1.82 3.40 8.37
C ALA A 104 -2.80 2.22 8.32
N PHE A 105 -2.57 1.31 7.38
CA PHE A 105 -3.43 0.14 7.23
C PHE A 105 -3.46 -0.68 8.51
N SER A 106 -2.32 -0.78 9.17
CA SER A 106 -2.22 -1.55 10.40
C SER A 106 -3.01 -0.90 11.54
N THR A 107 -3.12 0.41 11.50
CA THR A 107 -3.87 1.14 12.52
C THR A 107 -5.32 1.30 12.10
N MET A 108 -5.54 1.34 10.79
CA MET A 108 -6.89 1.46 10.26
C MET A 108 -7.55 0.10 10.18
N MET A 109 -6.73 -0.95 10.12
CA MET A 109 -7.25 -2.31 10.05
C MET A 109 -7.70 -2.77 11.43
N SER A 110 -7.33 -2.04 12.47
CA SER A 110 -7.73 -2.39 13.83
C SER A 110 -8.98 -1.62 14.25
N VAL A 111 -9.27 -0.54 13.53
CA VAL A 111 -10.43 0.28 13.82
C VAL A 111 -11.69 -0.32 13.15
N HIS A 112 -11.48 -1.22 12.20
CA HIS A 112 -12.58 -1.85 11.50
C HIS A 112 -13.21 -2.94 12.36
N ARG A 113 -12.43 -3.52 13.26
CA ARG A 113 -12.92 -4.57 14.14
C ARG A 113 -13.94 -4.02 15.13
N GLY A 114 -13.73 -2.80 15.57
CA GLY A 114 -14.63 -2.17 16.52
C GLY A 114 -15.51 -1.11 15.88
N GLU A 115 -15.75 -1.25 14.57
CA GLU A 115 -16.58 -0.30 13.84
C GLU A 115 -17.88 -0.94 13.38
N VAL A 116 -17.80 -2.22 13.03
CA VAL A 116 -18.98 -2.96 12.56
C VAL A 116 -20.08 -2.98 13.63
N PRO A 117 -19.74 -3.31 14.88
CA PRO A 117 -20.72 -3.36 15.98
C PRO A 117 -21.08 -1.97 16.49
N CYS A 118 -21.93 -1.27 15.73
CA CYS A 118 -22.36 0.07 16.11
C CYS A 118 -23.87 0.12 16.36
N THR A 119 -24.26 -0.06 17.62
CA THR A 119 -25.67 -0.05 17.99
C THR A 119 -25.83 0.12 19.49
N VAL A 120 -25.17 -0.75 20.26
CA VAL A 120 -25.24 -0.70 21.72
C VAL A 120 -24.01 -1.33 22.35
N PHE A 1 21.75 20.33 8.22
CA PHE A 1 20.50 21.13 8.31
C PHE A 1 20.42 21.91 9.61
N ALA A 2 20.07 23.19 9.51
CA ALA A 2 19.96 24.05 10.68
C ALA A 2 18.73 24.94 10.60
N LYS A 3 17.68 24.43 9.95
CA LYS A 3 16.44 25.19 9.80
C LYS A 3 15.34 24.61 10.69
N LEU A 4 15.09 23.31 10.55
CA LEU A 4 14.07 22.65 11.34
C LEU A 4 14.64 21.44 12.07
N VAL A 5 13.80 20.74 12.82
CA VAL A 5 14.23 19.57 13.57
C VAL A 5 13.05 18.66 13.89
N ARG A 6 12.05 18.66 13.01
CA ARG A 6 10.87 17.83 13.20
C ARG A 6 10.39 17.24 11.87
N PRO A 7 9.79 16.04 11.90
CA PRO A 7 9.30 15.37 10.70
C PRO A 7 8.06 16.04 10.13
N PRO A 8 7.84 15.92 8.81
CA PRO A 8 6.68 16.53 8.15
C PRO A 8 5.37 15.82 8.50
N VAL A 9 5.41 14.50 8.52
CA VAL A 9 4.23 13.71 8.85
C VAL A 9 4.58 12.58 9.81
N GLN A 10 4.05 12.68 11.03
CA GLN A 10 4.31 11.67 12.05
C GLN A 10 3.66 10.35 11.69
N ILE A 11 2.39 10.40 11.31
CA ILE A 11 1.65 9.20 10.92
C ILE A 11 1.15 9.27 9.48
N TYR A 12 1.43 10.41 8.82
CA TYR A 12 1.05 10.59 7.42
C TYR A 12 -0.39 10.16 7.17
N GLY A 13 -1.32 11.11 7.35
CA GLY A 13 -2.73 10.82 7.16
C GLY A 13 -3.11 10.73 5.69
N ILE A 14 -2.54 11.62 4.88
CA ILE A 14 -2.83 11.62 3.45
C ILE A 14 -2.38 10.33 2.77
N GLU A 15 -1.16 9.91 3.06
CA GLU A 15 -0.63 8.68 2.49
C GLU A 15 -1.31 7.48 3.11
N GLY A 16 -1.65 7.58 4.39
CA GLY A 16 -2.33 6.50 5.07
C GLY A 16 -3.77 6.39 4.62
N ARG A 17 -4.38 7.54 4.33
CA ARG A 17 -5.76 7.57 3.87
C ARG A 17 -5.90 6.84 2.54
N TYR A 18 -4.82 6.78 1.78
CA TYR A 18 -4.84 6.09 0.48
C TYR A 18 -5.26 4.65 0.68
N ALA A 19 -4.55 3.95 1.55
CA ALA A 19 -4.85 2.55 1.83
C ALA A 19 -6.19 2.43 2.53
N THR A 20 -6.45 3.33 3.47
CA THR A 20 -7.69 3.32 4.21
C THR A 20 -8.86 3.69 3.31
N ALA A 21 -8.57 4.40 2.22
CA ALA A 21 -9.62 4.79 1.28
C ALA A 21 -9.78 3.75 0.19
N LEU A 22 -9.02 2.65 0.32
CA LEU A 22 -9.12 1.56 -0.64
C LEU A 22 -9.51 0.31 0.11
N TYR A 23 -8.94 0.16 1.29
CA TYR A 23 -9.26 -0.95 2.13
C TYR A 23 -10.62 -0.70 2.79
N SER A 24 -11.05 0.57 2.82
CA SER A 24 -12.35 0.92 3.39
C SER A 24 -13.41 -0.01 2.82
N ALA A 25 -13.28 -0.31 1.54
CA ALA A 25 -14.19 -1.22 0.87
C ALA A 25 -13.81 -2.64 1.24
N ALA A 26 -12.50 -2.87 1.36
CA ALA A 26 -12.00 -4.19 1.74
C ALA A 26 -12.47 -4.56 3.14
N SER A 27 -12.72 -3.54 3.97
CA SER A 27 -13.19 -3.75 5.33
C SER A 27 -14.53 -4.46 5.33
N LYS A 28 -15.48 -3.93 4.55
CA LYS A 28 -16.81 -4.51 4.45
C LYS A 28 -16.72 -5.99 4.07
N GLN A 29 -15.82 -6.29 3.15
CA GLN A 29 -15.63 -7.66 2.71
C GLN A 29 -14.83 -8.45 3.74
N ASN A 30 -13.81 -7.80 4.30
CA ASN A 30 -12.93 -8.40 5.30
C ASN A 30 -11.70 -8.99 4.64
N LYS A 31 -11.27 -8.35 3.56
CA LYS A 31 -10.10 -8.78 2.83
C LYS A 31 -8.83 -8.14 3.37
N LEU A 32 -8.92 -7.49 4.53
CA LEU A 32 -7.76 -6.85 5.14
C LEU A 32 -6.54 -7.77 5.10
N GLU A 33 -6.79 -9.08 5.14
CA GLU A 33 -5.72 -10.06 5.08
C GLU A 33 -5.18 -10.17 3.65
N GLN A 34 -6.08 -9.95 2.69
CA GLN A 34 -5.72 -10.01 1.28
C GLN A 34 -5.25 -8.65 0.78
N VAL A 35 -5.49 -7.60 1.58
CA VAL A 35 -5.08 -6.25 1.21
C VAL A 35 -3.89 -5.79 2.05
N GLU A 36 -3.78 -6.33 3.26
CA GLU A 36 -2.69 -5.98 4.15
C GLU A 36 -1.48 -6.85 3.84
N LYS A 37 -1.73 -8.12 3.58
CA LYS A 37 -0.66 -9.04 3.23
C LYS A 37 -0.11 -8.66 1.86
N GLU A 38 -1.00 -8.22 0.98
CA GLU A 38 -0.59 -7.79 -0.33
C GLU A 38 0.17 -6.47 -0.21
N LEU A 39 -0.45 -5.50 0.45
CA LEU A 39 0.17 -4.20 0.65
C LEU A 39 1.60 -4.34 1.16
N LEU A 40 1.86 -5.43 1.89
CA LEU A 40 3.19 -5.68 2.42
C LEU A 40 4.19 -5.95 1.30
N ARG A 41 3.69 -6.43 0.17
CA ARG A 41 4.54 -6.72 -0.98
C ARG A 41 5.07 -5.43 -1.60
N VAL A 42 4.17 -4.51 -1.94
CA VAL A 42 4.56 -3.24 -2.52
C VAL A 42 5.56 -2.52 -1.63
N GLY A 43 5.44 -2.72 -0.32
CA GLY A 43 6.35 -2.08 0.61
C GLY A 43 7.69 -2.77 0.65
N GLN A 44 7.67 -4.10 0.57
CA GLN A 44 8.90 -4.88 0.60
C GLN A 44 9.66 -4.72 -0.72
N ILE A 45 8.91 -4.47 -1.80
CA ILE A 45 9.51 -4.28 -3.11
C ILE A 45 10.20 -2.92 -3.21
N LEU A 46 9.47 -1.87 -2.83
CA LEU A 46 10.01 -0.52 -2.88
C LEU A 46 11.03 -0.31 -1.77
N LYS A 47 10.93 -1.09 -0.70
CA LYS A 47 11.85 -1.00 0.42
C LYS A 47 13.14 -1.77 0.13
N GLU A 48 13.03 -2.78 -0.74
CA GLU A 48 14.17 -3.60 -1.10
C GLU A 48 15.28 -2.74 -1.71
N PRO A 49 16.55 -3.13 -1.52
CA PRO A 49 17.70 -2.40 -2.05
C PRO A 49 17.84 -2.57 -3.56
N LYS A 50 17.68 -3.80 -4.04
CA LYS A 50 17.79 -4.10 -5.46
C LYS A 50 16.63 -3.49 -6.23
N MET A 51 15.46 -3.44 -5.60
CA MET A 51 14.27 -2.89 -6.22
C MET A 51 14.23 -1.37 -6.07
N ALA A 52 14.80 -0.88 -4.97
CA ALA A 52 14.83 0.56 -4.71
C ALA A 52 15.45 1.33 -5.86
N ALA A 53 16.57 0.81 -6.37
CA ALA A 53 17.27 1.45 -7.48
C ALA A 53 16.61 1.11 -8.82
N SER A 54 15.56 0.30 -8.78
CA SER A 54 14.85 -0.09 -10.00
C SER A 54 13.46 0.52 -10.04
N LEU A 55 12.96 0.97 -8.89
CA LEU A 55 11.63 1.57 -8.82
C LEU A 55 11.65 3.04 -9.23
N LEU A 56 12.83 3.53 -9.65
CA LEU A 56 12.96 4.93 -10.06
C LEU A 56 13.75 5.05 -11.36
N ASN A 57 13.92 3.93 -12.07
CA ASN A 57 14.66 3.94 -13.32
C ASN A 57 13.86 4.66 -14.42
N PRO A 58 14.55 5.42 -15.29
CA PRO A 58 13.89 6.16 -16.37
C PRO A 58 13.33 5.23 -17.46
N TYR A 59 13.67 3.95 -17.38
CA TYR A 59 13.20 2.97 -18.36
C TYR A 59 11.84 2.41 -17.94
N VAL A 60 11.56 2.43 -16.64
CA VAL A 60 10.30 1.92 -16.12
C VAL A 60 9.24 3.00 -16.11
N LYS A 61 8.94 3.54 -17.29
CA LYS A 61 7.95 4.60 -17.43
C LYS A 61 6.67 4.25 -16.67
N ARG A 62 5.89 5.29 -16.34
CA ARG A 62 4.65 5.09 -15.60
C ARG A 62 3.68 4.18 -16.37
N SER A 63 3.82 4.17 -17.70
CA SER A 63 2.96 3.35 -18.54
C SER A 63 3.49 1.91 -18.63
N VAL A 64 4.77 1.78 -18.94
CA VAL A 64 5.39 0.46 -19.05
C VAL A 64 5.54 -0.18 -17.68
N LYS A 65 5.61 0.64 -16.65
CA LYS A 65 5.75 0.15 -15.28
C LYS A 65 4.40 -0.31 -14.73
N VAL A 66 3.32 0.24 -15.27
CA VAL A 66 1.98 -0.12 -14.82
C VAL A 66 1.54 -1.47 -15.40
N LYS A 67 2.14 -1.86 -16.52
CA LYS A 67 1.81 -3.13 -17.15
C LYS A 67 2.65 -4.26 -16.55
N SER A 68 3.82 -3.90 -16.01
CA SER A 68 4.70 -4.88 -15.40
C SER A 68 4.26 -5.17 -13.97
N LEU A 69 3.58 -4.21 -13.35
CA LEU A 69 3.12 -4.38 -11.97
C LEU A 69 1.90 -5.31 -11.93
N SER A 70 1.15 -5.36 -13.03
CA SER A 70 -0.04 -6.19 -13.11
C SER A 70 0.34 -7.64 -13.46
N ASP A 71 1.42 -7.80 -14.19
CA ASP A 71 1.88 -9.13 -14.58
C ASP A 71 2.78 -9.70 -13.50
N MET A 72 3.55 -8.83 -12.86
CA MET A 72 4.44 -9.25 -11.79
C MET A 72 3.63 -9.53 -10.53
N THR A 73 2.45 -8.89 -10.43
CA THR A 73 1.61 -9.11 -9.26
C THR A 73 1.15 -10.56 -9.22
N ALA A 74 0.98 -11.17 -10.40
CA ALA A 74 0.56 -12.56 -10.46
C ALA A 74 1.47 -13.40 -9.56
N LYS A 75 2.71 -12.92 -9.39
CA LYS A 75 3.67 -13.61 -8.54
C LYS A 75 3.82 -12.89 -7.20
N GLU A 76 3.42 -11.62 -7.16
CA GLU A 76 3.51 -10.84 -5.93
C GLU A 76 2.48 -11.32 -4.92
N LYS A 77 1.20 -11.14 -5.26
CA LYS A 77 0.09 -11.55 -4.39
C LYS A 77 -1.19 -10.80 -4.75
N PHE A 78 -1.05 -9.54 -5.14
CA PHE A 78 -2.20 -8.70 -5.49
C PHE A 78 -3.13 -9.40 -6.44
N SER A 79 -4.29 -8.79 -6.63
CA SER A 79 -5.28 -9.31 -7.54
C SER A 79 -6.69 -8.84 -7.19
N PRO A 80 -7.09 -8.94 -5.91
CA PRO A 80 -8.42 -8.58 -5.48
C PRO A 80 -8.55 -7.22 -4.81
N LEU A 81 -7.99 -7.07 -3.61
CA LEU A 81 -8.09 -5.79 -2.92
C LEU A 81 -6.85 -4.97 -3.16
N THR A 82 -5.98 -5.51 -3.99
CA THR A 82 -4.75 -4.85 -4.34
C THR A 82 -4.65 -4.64 -5.84
N SER A 83 -5.64 -5.12 -6.60
CA SER A 83 -5.62 -4.95 -8.03
C SER A 83 -6.25 -3.60 -8.41
N ASN A 84 -6.20 -2.67 -7.47
CA ASN A 84 -6.72 -1.32 -7.65
C ASN A 84 -5.72 -0.39 -7.02
N LEU A 85 -5.31 -0.75 -5.81
CA LEU A 85 -4.30 0.00 -5.10
C LEU A 85 -2.99 -0.14 -5.85
N ILE A 86 -2.90 -1.17 -6.72
CA ILE A 86 -1.71 -1.40 -7.49
C ILE A 86 -1.53 -0.31 -8.55
N ASN A 87 -2.55 -0.13 -9.38
CA ASN A 87 -2.52 0.88 -10.44
C ASN A 87 -2.54 2.28 -9.83
N LEU A 88 -3.18 2.41 -8.67
CA LEU A 88 -3.28 3.68 -7.99
C LEU A 88 -1.93 4.07 -7.38
N LEU A 89 -1.14 3.08 -7.00
CA LEU A 89 0.18 3.34 -6.42
C LEU A 89 1.20 3.66 -7.50
N ALA A 90 0.99 3.10 -8.69
CA ALA A 90 1.90 3.33 -9.81
C ALA A 90 1.34 4.40 -10.76
N GLU A 91 0.26 5.04 -10.36
CA GLU A 91 -0.36 6.08 -11.20
C GLU A 91 -0.17 7.46 -10.57
N ASN A 92 -0.68 7.62 -9.35
CA ASN A 92 -0.56 8.90 -8.65
C ASN A 92 0.90 9.28 -8.45
N GLY A 93 1.65 8.39 -7.82
CA GLY A 93 3.06 8.65 -7.57
C GLY A 93 3.45 8.40 -6.12
N ARG A 94 3.01 7.27 -5.57
CA ARG A 94 3.31 6.92 -4.19
C ARG A 94 4.18 5.67 -4.13
N LEU A 95 4.98 5.45 -5.17
CA LEU A 95 5.87 4.29 -5.22
C LEU A 95 7.25 4.63 -4.67
N THR A 96 7.34 5.76 -3.99
CA THR A 96 8.60 6.21 -3.38
C THR A 96 8.47 6.17 -1.86
N ASN A 97 7.27 6.44 -1.38
CA ASN A 97 6.98 6.44 0.04
C ASN A 97 5.84 5.46 0.34
N THR A 98 5.70 4.44 -0.50
CA THR A 98 4.66 3.44 -0.32
C THR A 98 4.66 2.81 1.07
N PRO A 99 5.84 2.62 1.70
CA PRO A 99 5.93 2.02 3.04
C PRO A 99 5.17 2.83 4.09
N ALA A 100 4.94 4.11 3.79
CA ALA A 100 4.23 4.98 4.71
C ALA A 100 2.72 4.74 4.64
N VAL A 101 2.25 4.31 3.48
CA VAL A 101 0.83 4.04 3.28
C VAL A 101 0.42 2.74 3.96
N ILE A 102 1.35 1.80 4.07
CA ILE A 102 1.08 0.52 4.69
C ILE A 102 0.97 0.65 6.22
N SER A 103 1.73 1.59 6.78
CA SER A 103 1.70 1.82 8.22
C SER A 103 0.30 2.17 8.69
N ALA A 104 -0.36 3.06 7.95
CA ALA A 104 -1.71 3.47 8.29
C ALA A 104 -2.65 2.26 8.29
N PHE A 105 -2.39 1.31 7.40
CA PHE A 105 -3.21 0.11 7.32
C PHE A 105 -3.20 -0.64 8.64
N SER A 106 -2.12 -0.50 9.40
CA SER A 106 -2.00 -1.18 10.68
C SER A 106 -2.69 -0.41 11.79
N THR A 107 -2.89 0.89 11.59
CA THR A 107 -3.56 1.70 12.60
C THR A 107 -5.03 1.87 12.26
N MET A 108 -5.33 1.82 10.97
CA MET A 108 -6.71 1.93 10.51
C MET A 108 -7.40 0.58 10.60
N MET A 109 -6.61 -0.50 10.59
CA MET A 109 -7.17 -1.83 10.70
C MET A 109 -7.82 -2.00 12.06
N SER A 110 -7.22 -1.39 13.09
CA SER A 110 -7.74 -1.47 14.43
C SER A 110 -9.19 -0.99 14.47
N VAL A 111 -9.56 -0.17 13.49
CA VAL A 111 -10.91 0.36 13.40
C VAL A 111 -11.89 -0.67 12.85
N HIS A 112 -11.47 -1.40 11.82
CA HIS A 112 -12.32 -2.42 11.22
C HIS A 112 -12.39 -3.66 12.12
N ARG A 113 -11.35 -3.87 12.92
CA ARG A 113 -11.30 -5.01 13.82
C ARG A 113 -12.12 -4.74 15.07
N GLY A 114 -12.21 -3.47 15.45
CA GLY A 114 -12.98 -3.11 16.64
C GLY A 114 -14.44 -2.88 16.34
N GLU A 115 -14.73 -2.39 15.14
CA GLU A 115 -16.10 -2.12 14.73
C GLU A 115 -16.69 -3.32 13.97
N VAL A 116 -16.63 -4.48 14.61
CA VAL A 116 -17.16 -5.70 14.01
C VAL A 116 -17.73 -6.64 15.07
N PRO A 117 -19.02 -6.48 15.41
CA PRO A 117 -19.67 -7.31 16.42
C PRO A 117 -19.51 -8.80 16.13
N CYS A 118 -18.68 -9.46 16.94
CA CYS A 118 -18.44 -10.89 16.77
C CYS A 118 -19.67 -11.70 17.17
N THR A 119 -19.72 -12.96 16.73
CA THR A 119 -20.83 -13.84 17.04
C THR A 119 -20.33 -15.21 17.47
N VAL A 120 -21.20 -15.98 18.14
CA VAL A 120 -20.85 -17.31 18.61
C VAL A 120 -19.72 -17.25 19.63
N PHE A 1 20.38 12.93 21.08
CA PHE A 1 20.22 11.48 20.76
C PHE A 1 18.95 10.92 21.37
N ALA A 2 18.35 9.95 20.69
CA ALA A 2 17.11 9.33 21.17
C ALA A 2 17.08 7.85 20.82
N LYS A 3 15.92 7.22 21.01
CA LYS A 3 15.75 5.81 20.71
C LYS A 3 14.54 5.59 19.81
N LEU A 4 14.30 6.53 18.90
CA LEU A 4 13.18 6.43 17.98
C LEU A 4 11.86 6.38 18.73
N VAL A 5 11.19 7.52 18.82
CA VAL A 5 9.91 7.60 19.53
C VAL A 5 8.84 8.23 18.64
N ARG A 6 7.61 7.72 18.74
CA ARG A 6 6.50 8.23 17.95
C ARG A 6 5.20 8.19 18.75
N PRO A 7 4.91 9.25 19.53
CA PRO A 7 3.69 9.32 20.34
C PRO A 7 2.44 9.04 19.52
N PRO A 8 1.34 8.65 20.18
CA PRO A 8 0.07 8.35 19.52
C PRO A 8 -0.40 9.50 18.63
N VAL A 9 -0.65 9.19 17.36
CA VAL A 9 -1.10 10.20 16.40
C VAL A 9 -2.18 9.64 15.48
N GLN A 10 -1.94 8.45 14.95
CA GLN A 10 -2.90 7.80 14.06
C GLN A 10 -3.10 8.63 12.79
N ILE A 11 -2.77 8.04 11.64
CA ILE A 11 -2.92 8.72 10.37
C ILE A 11 -2.04 9.96 10.31
N TYR A 12 -1.12 9.98 9.33
CA TYR A 12 -0.18 11.09 9.17
C TYR A 12 0.28 11.20 7.72
N GLY A 13 -0.47 11.94 6.92
CA GLY A 13 -0.12 12.10 5.53
C GLY A 13 -1.15 11.44 4.61
N ILE A 14 -1.79 12.25 3.78
CA ILE A 14 -2.80 11.77 2.84
C ILE A 14 -2.41 10.41 2.25
N GLU A 15 -1.11 10.17 2.08
CA GLU A 15 -0.63 8.91 1.52
C GLU A 15 -1.13 7.73 2.35
N GLY A 16 -1.23 7.92 3.66
CA GLY A 16 -1.71 6.86 4.53
C GLY A 16 -3.19 6.57 4.34
N ARG A 17 -3.95 7.63 4.10
CA ARG A 17 -5.38 7.49 3.89
C ARG A 17 -5.67 6.72 2.60
N TYR A 18 -4.77 6.86 1.62
CA TYR A 18 -4.92 6.17 0.35
C TYR A 18 -5.28 4.71 0.58
N ALA A 19 -4.69 4.14 1.61
CA ALA A 19 -4.94 2.75 1.96
C ALA A 19 -6.32 2.61 2.60
N THR A 20 -6.65 3.52 3.49
CA THR A 20 -7.95 3.49 4.15
C THR A 20 -9.06 3.83 3.18
N ALA A 21 -8.74 4.59 2.14
CA ALA A 21 -9.72 4.96 1.14
C ALA A 21 -9.77 3.92 0.01
N LEU A 22 -8.98 2.87 0.17
CA LEU A 22 -8.95 1.78 -0.81
C LEU A 22 -9.36 0.51 -0.12
N TYR A 23 -8.90 0.35 1.10
CA TYR A 23 -9.25 -0.79 1.89
C TYR A 23 -10.63 -0.55 2.51
N SER A 24 -11.07 0.72 2.55
CA SER A 24 -12.39 1.03 3.09
C SER A 24 -13.41 0.11 2.44
N ALA A 25 -13.20 -0.18 1.16
CA ALA A 25 -14.07 -1.09 0.44
C ALA A 25 -13.71 -2.51 0.84
N ALA A 26 -12.41 -2.74 1.00
CA ALA A 26 -11.90 -4.04 1.41
C ALA A 26 -12.48 -4.43 2.77
N SER A 27 -12.56 -3.46 3.68
CA SER A 27 -13.10 -3.68 5.01
C SER A 27 -14.50 -4.27 4.93
N LYS A 28 -15.34 -3.67 4.09
CA LYS A 28 -16.71 -4.14 3.90
C LYS A 28 -16.71 -5.63 3.61
N GLN A 29 -15.70 -6.07 2.87
CA GLN A 29 -15.55 -7.48 2.52
C GLN A 29 -14.89 -8.22 3.68
N ASN A 30 -13.91 -7.57 4.30
CA ASN A 30 -13.17 -8.13 5.43
C ASN A 30 -11.97 -8.93 4.94
N LYS A 31 -11.40 -8.47 3.83
CA LYS A 31 -10.25 -9.13 3.25
C LYS A 31 -8.97 -8.37 3.56
N LEU A 32 -8.98 -7.61 4.65
CA LEU A 32 -7.81 -6.86 5.06
C LEU A 32 -6.55 -7.72 5.03
N GLU A 33 -6.73 -9.03 5.14
CA GLU A 33 -5.60 -9.95 5.08
C GLU A 33 -5.10 -10.09 3.66
N GLN A 34 -6.02 -9.99 2.70
CA GLN A 34 -5.69 -10.08 1.28
C GLN A 34 -5.29 -8.72 0.73
N VAL A 35 -5.50 -7.67 1.52
CA VAL A 35 -5.15 -6.31 1.11
C VAL A 35 -4.00 -5.75 1.94
N GLU A 36 -3.96 -6.14 3.22
CA GLU A 36 -2.89 -5.69 4.11
C GLU A 36 -1.62 -6.43 3.80
N LYS A 37 -1.71 -7.76 3.74
CA LYS A 37 -0.56 -8.58 3.42
C LYS A 37 -0.09 -8.21 2.02
N GLU A 38 -1.04 -7.77 1.20
CA GLU A 38 -0.75 -7.35 -0.14
C GLU A 38 -0.47 -5.84 -0.18
N LEU A 39 -0.19 -5.28 1.00
CA LEU A 39 0.12 -3.86 1.11
C LEU A 39 1.56 -3.71 1.56
N LEU A 40 2.00 -4.61 2.43
CA LEU A 40 3.36 -4.62 2.92
C LEU A 40 4.32 -5.09 1.84
N ARG A 41 3.80 -5.87 0.89
CA ARG A 41 4.62 -6.38 -0.20
C ARG A 41 4.97 -5.26 -1.18
N VAL A 42 4.05 -4.32 -1.35
CA VAL A 42 4.28 -3.19 -2.24
C VAL A 42 5.44 -2.34 -1.76
N GLY A 43 5.48 -2.09 -0.45
CA GLY A 43 6.55 -1.29 0.11
C GLY A 43 7.89 -1.99 0.03
N GLN A 44 7.88 -3.29 0.23
CA GLN A 44 9.10 -4.08 0.16
C GLN A 44 9.68 -4.04 -1.25
N ILE A 45 8.78 -4.01 -2.24
CA ILE A 45 9.19 -3.96 -3.64
C ILE A 45 10.16 -2.81 -3.90
N LEU A 46 9.95 -1.69 -3.22
CA LEU A 46 10.82 -0.54 -3.40
C LEU A 46 12.17 -0.75 -2.72
N LYS A 47 12.15 -1.32 -1.53
CA LYS A 47 13.38 -1.58 -0.78
C LYS A 47 14.10 -2.82 -1.33
N GLU A 48 13.34 -3.70 -1.98
CA GLU A 48 13.91 -4.92 -2.55
C GLU A 48 14.90 -4.58 -3.67
N PRO A 49 16.17 -5.03 -3.54
CA PRO A 49 17.19 -4.76 -4.55
C PRO A 49 16.77 -5.17 -5.96
N LYS A 50 15.81 -6.09 -6.03
CA LYS A 50 15.31 -6.57 -7.32
C LYS A 50 14.46 -5.52 -8.01
N MET A 51 13.84 -4.63 -7.23
CA MET A 51 12.99 -3.59 -7.80
C MET A 51 13.52 -2.19 -7.49
N ALA A 52 14.32 -2.08 -6.43
CA ALA A 52 14.87 -0.78 -6.04
C ALA A 52 15.61 -0.12 -7.19
N ALA A 53 16.33 -0.93 -7.97
CA ALA A 53 17.08 -0.41 -9.11
C ALA A 53 16.20 -0.32 -10.36
N SER A 54 14.92 -0.62 -10.20
CA SER A 54 13.98 -0.57 -11.32
C SER A 54 12.86 0.44 -11.06
N LEU A 55 12.55 0.67 -9.79
CA LEU A 55 11.49 1.61 -9.43
C LEU A 55 12.02 3.04 -9.40
N LEU A 56 13.32 3.18 -9.12
CA LEU A 56 13.94 4.50 -9.06
C LEU A 56 14.36 4.96 -10.45
N ASN A 57 14.61 4.02 -11.35
CA ASN A 57 15.02 4.35 -12.71
C ASN A 57 13.95 5.17 -13.41
N PRO A 58 14.31 6.35 -13.95
CA PRO A 58 13.37 7.23 -14.67
C PRO A 58 12.79 6.56 -15.92
N TYR A 59 13.37 5.43 -16.30
CA TYR A 59 12.92 4.69 -17.48
C TYR A 59 11.68 3.85 -17.19
N VAL A 60 11.23 3.86 -15.94
CA VAL A 60 10.05 3.08 -15.55
C VAL A 60 8.86 3.99 -15.28
N LYS A 61 8.36 4.62 -16.33
CA LYS A 61 7.22 5.53 -16.21
C LYS A 61 6.07 4.87 -15.45
N ARG A 62 5.11 5.68 -15.02
CA ARG A 62 3.96 5.18 -14.28
C ARG A 62 3.19 4.14 -15.10
N SER A 63 2.94 4.46 -16.36
CA SER A 63 2.22 3.55 -17.24
C SER A 63 2.94 2.21 -17.36
N VAL A 64 4.19 2.24 -17.78
CA VAL A 64 4.99 1.02 -17.91
C VAL A 64 5.09 0.27 -16.59
N LYS A 65 5.09 1.02 -15.49
CA LYS A 65 5.19 0.44 -14.17
C LYS A 65 3.93 -0.35 -13.83
N VAL A 66 2.79 0.08 -14.40
CA VAL A 66 1.52 -0.58 -14.16
C VAL A 66 1.50 -1.97 -14.76
N LYS A 67 1.97 -2.08 -16.00
CA LYS A 67 2.01 -3.36 -16.70
C LYS A 67 2.98 -4.33 -16.02
N SER A 68 4.12 -3.80 -15.59
CA SER A 68 5.12 -4.62 -14.92
C SER A 68 4.64 -5.05 -13.54
N LEU A 69 3.86 -4.19 -12.89
CA LEU A 69 3.33 -4.49 -11.56
C LEU A 69 2.29 -5.59 -11.63
N SER A 70 1.51 -5.60 -12.71
CA SER A 70 0.46 -6.61 -12.90
C SER A 70 1.07 -7.99 -13.09
N ASP A 71 2.16 -8.05 -13.84
CA ASP A 71 2.82 -9.33 -14.09
C ASP A 71 3.76 -9.66 -12.93
N MET A 72 4.29 -8.61 -12.30
CA MET A 72 5.18 -8.80 -11.17
C MET A 72 4.39 -9.12 -9.92
N THR A 73 3.12 -8.68 -9.89
CA THR A 73 2.28 -8.97 -8.74
C THR A 73 2.06 -10.47 -8.64
N ALA A 74 2.03 -11.15 -9.78
CA ALA A 74 1.84 -12.59 -9.79
C ALA A 74 2.81 -13.24 -8.83
N LYS A 75 3.95 -12.60 -8.61
CA LYS A 75 4.96 -13.11 -7.69
C LYS A 75 4.91 -12.39 -6.35
N GLU A 76 4.30 -11.20 -6.33
CA GLU A 76 4.19 -10.44 -5.09
C GLU A 76 3.14 -11.03 -4.19
N LYS A 77 1.88 -11.02 -4.65
CA LYS A 77 0.75 -11.56 -3.89
C LYS A 77 -0.57 -10.93 -4.34
N PHE A 78 -0.52 -9.65 -4.70
CA PHE A 78 -1.71 -8.91 -5.13
C PHE A 78 -2.50 -9.67 -6.16
N SER A 79 -3.60 -9.05 -6.56
CA SER A 79 -4.49 -9.59 -7.57
C SER A 79 -5.95 -9.25 -7.27
N PRO A 80 -6.39 -9.35 -6.01
CA PRO A 80 -7.76 -9.09 -5.65
C PRO A 80 -8.03 -7.71 -5.06
N LEU A 81 -7.60 -7.46 -3.84
CA LEU A 81 -7.85 -6.16 -3.23
C LEU A 81 -6.63 -5.28 -3.37
N THR A 82 -5.70 -5.76 -4.18
CA THR A 82 -4.48 -5.06 -4.46
C THR A 82 -4.28 -4.92 -5.96
N SER A 83 -5.19 -5.49 -6.76
CA SER A 83 -5.09 -5.39 -8.20
C SER A 83 -5.80 -4.13 -8.69
N ASN A 84 -5.84 -3.14 -7.82
CA ASN A 84 -6.45 -1.85 -8.11
C ASN A 84 -5.60 -0.81 -7.42
N LEU A 85 -5.24 -1.11 -6.17
CA LEU A 85 -4.37 -0.25 -5.41
C LEU A 85 -2.99 -0.29 -6.04
N ILE A 86 -2.72 -1.34 -6.84
CA ILE A 86 -1.44 -1.48 -7.50
C ILE A 86 -1.26 -0.41 -8.57
N ASN A 87 -2.24 -0.33 -9.47
CA ASN A 87 -2.20 0.65 -10.55
C ASN A 87 -2.33 2.07 -10.00
N LEU A 88 -3.06 2.20 -8.89
CA LEU A 88 -3.26 3.50 -8.26
C LEU A 88 -2.00 3.96 -7.54
N LEU A 89 -1.27 3.00 -6.99
CA LEU A 89 -0.03 3.32 -6.27
C LEU A 89 1.06 3.75 -7.23
N ALA A 90 1.05 3.17 -8.43
CA ALA A 90 2.03 3.49 -9.45
C ALA A 90 1.50 4.56 -10.40
N GLU A 91 0.39 5.19 -10.03
CA GLU A 91 -0.21 6.22 -10.87
C GLU A 91 -0.06 7.59 -10.21
N ASN A 92 -0.76 7.81 -9.11
CA ASN A 92 -0.71 9.08 -8.41
C ASN A 92 0.72 9.39 -7.95
N GLY A 93 1.51 8.34 -7.73
CA GLY A 93 2.88 8.52 -7.29
C GLY A 93 3.08 8.13 -5.83
N ARG A 94 2.26 7.21 -5.36
CA ARG A 94 2.34 6.75 -3.98
C ARG A 94 3.61 5.95 -3.75
N LEU A 95 4.12 5.32 -4.80
CA LEU A 95 5.34 4.52 -4.71
C LEU A 95 6.46 5.31 -4.03
N THR A 96 7.44 4.60 -3.50
CA THR A 96 8.57 5.21 -2.80
C THR A 96 8.22 5.43 -1.34
N ASN A 97 7.09 6.09 -1.11
CA ASN A 97 6.61 6.33 0.25
C ASN A 97 5.62 5.25 0.66
N THR A 98 5.64 4.14 -0.08
CA THR A 98 4.75 3.01 0.19
C THR A 98 4.68 2.66 1.68
N PRO A 99 5.84 2.38 2.31
CA PRO A 99 5.91 2.02 3.73
C PRO A 99 5.05 2.93 4.60
N ALA A 100 5.03 4.21 4.27
CA ALA A 100 4.25 5.19 5.02
C ALA A 100 2.76 5.01 4.75
N VAL A 101 2.44 4.57 3.53
CA VAL A 101 1.06 4.35 3.13
C VAL A 101 0.52 3.05 3.71
N ILE A 102 1.40 2.07 3.88
CA ILE A 102 1.01 0.77 4.41
C ILE A 102 0.89 0.82 5.94
N SER A 103 1.68 1.69 6.56
CA SER A 103 1.67 1.84 8.02
C SER A 103 0.26 2.20 8.50
N ALA A 104 -0.41 3.08 7.78
CA ALA A 104 -1.75 3.50 8.14
C ALA A 104 -2.72 2.32 8.12
N PHE A 105 -2.44 1.34 7.27
CA PHE A 105 -3.28 0.15 7.16
C PHE A 105 -3.30 -0.61 8.48
N SER A 106 -2.15 -0.67 9.14
CA SER A 106 -2.03 -1.38 10.40
C SER A 106 -2.69 -0.61 11.55
N THR A 107 -2.88 0.69 11.36
CA THR A 107 -3.51 1.51 12.39
C THR A 107 -4.98 1.69 12.08
N MET A 108 -5.32 1.72 10.80
CA MET A 108 -6.69 1.86 10.37
C MET A 108 -7.39 0.51 10.43
N MET A 109 -6.60 -0.56 10.38
CA MET A 109 -7.16 -1.91 10.44
C MET A 109 -7.80 -2.12 11.81
N SER A 110 -7.17 -1.55 12.84
CA SER A 110 -7.69 -1.67 14.20
C SER A 110 -9.13 -1.15 14.28
N VAL A 111 -9.48 -0.29 13.33
CA VAL A 111 -10.82 0.29 13.28
C VAL A 111 -11.84 -0.73 12.74
N HIS A 112 -11.45 -1.45 11.69
CA HIS A 112 -12.33 -2.45 11.10
C HIS A 112 -12.45 -3.67 12.02
N ARG A 113 -11.38 -3.96 12.74
CA ARG A 113 -11.36 -5.09 13.66
C ARG A 113 -12.23 -4.81 14.88
N GLY A 114 -12.31 -3.54 15.27
CA GLY A 114 -13.11 -3.16 16.41
C GLY A 114 -14.50 -2.68 16.02
N GLU A 115 -14.55 -1.65 15.19
CA GLU A 115 -15.83 -1.10 14.74
C GLU A 115 -16.65 -2.16 14.00
N VAL A 116 -16.12 -2.61 12.86
CA VAL A 116 -16.80 -3.63 12.05
C VAL A 116 -18.30 -3.35 11.93
N PRO A 117 -18.66 -2.19 11.36
CA PRO A 117 -20.08 -1.80 11.20
C PRO A 117 -20.90 -2.91 10.52
N CYS A 118 -22.04 -3.24 11.13
CA CYS A 118 -22.90 -4.28 10.59
C CYS A 118 -24.38 -3.85 10.69
N THR A 119 -24.76 -3.36 11.87
CA THR A 119 -26.14 -2.92 12.09
C THR A 119 -26.28 -1.42 11.81
N VAL A 120 -27.41 -1.05 11.24
CA VAL A 120 -27.68 0.36 10.93
C VAL A 120 -29.07 0.54 10.33
N PHE A 1 12.70 19.57 34.47
CA PHE A 1 11.88 18.58 33.72
C PHE A 1 11.79 17.25 34.46
N ALA A 2 10.57 16.75 34.63
CA ALA A 2 10.35 15.48 35.31
C ALA A 2 8.97 14.92 35.01
N LYS A 3 8.46 15.22 33.81
CA LYS A 3 7.15 14.74 33.40
C LYS A 3 7.02 14.79 31.87
N LEU A 4 7.59 13.80 31.20
CA LEU A 4 7.53 13.72 29.75
C LEU A 4 6.21 13.11 29.29
N VAL A 5 5.52 13.82 28.40
CA VAL A 5 4.24 13.34 27.88
C VAL A 5 4.40 12.77 26.48
N ARG A 6 3.66 11.71 26.19
CA ARG A 6 3.71 11.06 24.88
C ARG A 6 2.38 11.20 24.16
N PRO A 7 2.19 12.32 23.41
CA PRO A 7 0.95 12.57 22.67
C PRO A 7 0.58 11.40 21.76
N PRO A 8 -0.72 11.29 21.40
CA PRO A 8 -1.20 10.21 20.54
C PRO A 8 -0.71 10.35 19.10
N VAL A 9 -0.82 9.28 18.33
CA VAL A 9 -0.39 9.28 16.94
C VAL A 9 -1.23 8.32 16.09
N GLN A 10 -2.13 8.88 15.30
CA GLN A 10 -3.00 8.08 14.44
C GLN A 10 -3.27 8.79 13.13
N ILE A 11 -2.92 8.13 12.02
CA ILE A 11 -3.14 8.71 10.70
C ILE A 11 -2.32 9.98 10.51
N TYR A 12 -1.38 9.94 9.56
CA TYR A 12 -0.51 11.09 9.30
C TYR A 12 0.01 11.04 7.86
N GLY A 13 -0.73 11.63 6.94
CA GLY A 13 -0.32 11.64 5.55
C GLY A 13 -1.35 11.02 4.65
N ILE A 14 -1.88 11.83 3.73
CA ILE A 14 -2.90 11.36 2.78
C ILE A 14 -2.58 9.96 2.26
N GLU A 15 -1.29 9.64 2.18
CA GLU A 15 -0.85 8.34 1.71
C GLU A 15 -1.51 7.22 2.52
N GLY A 16 -1.70 7.46 3.81
CA GLY A 16 -2.34 6.46 4.66
C GLY A 16 -3.81 6.28 4.32
N ARG A 17 -4.44 7.34 3.87
CA ARG A 17 -5.86 7.30 3.51
C ARG A 17 -6.06 6.47 2.24
N TYR A 18 -5.01 6.35 1.44
CA TYR A 18 -5.09 5.56 0.21
C TYR A 18 -5.49 4.13 0.54
N ALA A 19 -4.73 3.53 1.45
CA ALA A 19 -5.00 2.16 1.87
C ALA A 19 -6.33 2.07 2.59
N THR A 20 -6.61 3.07 3.43
CA THR A 20 -7.86 3.10 4.18
C THR A 20 -9.03 3.36 3.25
N ALA A 21 -8.77 4.03 2.13
CA ALA A 21 -9.82 4.32 1.17
C ALA A 21 -9.94 3.21 0.14
N LEU A 22 -9.13 2.16 0.32
CA LEU A 22 -9.18 1.01 -0.58
C LEU A 22 -9.62 -0.19 0.21
N TYR A 23 -9.08 -0.31 1.41
CA TYR A 23 -9.45 -1.37 2.30
C TYR A 23 -10.85 -1.08 2.86
N SER A 24 -11.27 0.19 2.79
CA SER A 24 -12.60 0.57 3.26
C SER A 24 -13.62 -0.38 2.66
N ALA A 25 -13.37 -0.80 1.42
CA ALA A 25 -14.22 -1.75 0.74
C ALA A 25 -13.88 -3.15 1.21
N ALA A 26 -12.60 -3.36 1.50
CA ALA A 26 -12.13 -4.65 1.99
C ALA A 26 -12.68 -4.92 3.39
N SER A 27 -12.96 -3.84 4.13
CA SER A 27 -13.49 -3.96 5.48
C SER A 27 -14.88 -4.57 5.44
N LYS A 28 -15.74 -4.03 4.58
CA LYS A 28 -17.11 -4.55 4.44
C LYS A 28 -17.07 -6.06 4.26
N GLN A 29 -15.99 -6.54 3.67
CA GLN A 29 -15.81 -7.97 3.46
C GLN A 29 -14.98 -8.57 4.58
N ASN A 30 -13.67 -8.35 4.52
CA ASN A 30 -12.71 -8.84 5.53
C ASN A 30 -11.39 -9.20 4.86
N LYS A 31 -11.12 -8.57 3.72
CA LYS A 31 -9.91 -8.83 2.97
C LYS A 31 -8.72 -8.05 3.54
N LEU A 32 -8.93 -7.30 4.62
CA LEU A 32 -7.85 -6.53 5.24
C LEU A 32 -6.58 -7.37 5.31
N GLU A 33 -6.74 -8.68 5.46
CA GLU A 33 -5.61 -9.60 5.52
C GLU A 33 -4.94 -9.68 4.15
N GLN A 34 -5.77 -9.78 3.11
CA GLN A 34 -5.28 -9.86 1.75
C GLN A 34 -4.76 -8.50 1.28
N VAL A 35 -5.26 -7.44 1.91
CA VAL A 35 -4.84 -6.08 1.57
C VAL A 35 -3.75 -5.59 2.52
N GLU A 36 -3.57 -6.28 3.63
CA GLU A 36 -2.55 -5.91 4.61
C GLU A 36 -1.27 -6.69 4.34
N LYS A 37 -1.40 -7.83 3.69
CA LYS A 37 -0.24 -8.65 3.35
C LYS A 37 0.40 -8.10 2.09
N GLU A 38 -0.44 -7.68 1.15
CA GLU A 38 0.04 -7.11 -0.10
C GLU A 38 0.96 -5.93 0.16
N LEU A 39 0.51 -5.02 1.02
CA LEU A 39 1.29 -3.82 1.33
C LEU A 39 2.71 -4.19 1.74
N LEU A 40 2.88 -5.34 2.37
CA LEU A 40 4.18 -5.81 2.80
C LEU A 40 5.01 -6.26 1.59
N ARG A 41 4.31 -6.61 0.51
CA ARG A 41 4.97 -7.06 -0.70
C ARG A 41 5.54 -5.86 -1.47
N VAL A 42 4.70 -4.87 -1.71
CA VAL A 42 5.13 -3.67 -2.43
C VAL A 42 6.23 -2.94 -1.65
N GLY A 43 6.24 -3.14 -0.33
CA GLY A 43 7.25 -2.50 0.50
C GLY A 43 8.62 -3.13 0.32
N GLN A 44 8.66 -4.46 0.30
CA GLN A 44 9.92 -5.18 0.12
C GLN A 44 10.51 -4.90 -1.26
N ILE A 45 9.63 -4.69 -2.23
CA ILE A 45 10.07 -4.40 -3.60
C ILE A 45 10.88 -3.11 -3.65
N LEU A 46 10.53 -2.15 -2.79
CA LEU A 46 11.22 -0.88 -2.77
C LEU A 46 12.56 -1.00 -2.04
N LYS A 47 12.61 -1.92 -1.08
CA LYS A 47 13.83 -2.15 -0.32
C LYS A 47 14.85 -2.93 -1.14
N GLU A 48 14.36 -3.72 -2.09
CA GLU A 48 15.22 -4.51 -2.96
C GLU A 48 16.16 -3.61 -3.76
N PRO A 49 17.48 -3.73 -3.55
CA PRO A 49 18.47 -2.93 -4.26
C PRO A 49 18.28 -2.98 -5.78
N LYS A 50 18.11 -4.19 -6.29
CA LYS A 50 17.93 -4.38 -7.73
C LYS A 50 16.62 -3.74 -8.19
N MET A 51 15.64 -3.72 -7.31
CA MET A 51 14.33 -3.14 -7.63
C MET A 51 14.40 -1.61 -7.63
N ALA A 52 15.24 -1.06 -6.75
CA ALA A 52 15.40 0.38 -6.65
C ALA A 52 15.82 0.98 -7.98
N ALA A 53 16.60 0.22 -8.75
CA ALA A 53 17.07 0.68 -10.05
C ALA A 53 16.03 0.43 -11.15
N SER A 54 14.88 -0.10 -10.77
CA SER A 54 13.82 -0.38 -11.72
C SER A 54 12.54 0.37 -11.36
N LEU A 55 12.25 0.47 -10.07
CA LEU A 55 11.06 1.16 -9.60
C LEU A 55 11.17 2.67 -9.85
N LEU A 56 12.25 3.27 -9.37
CA LEU A 56 12.47 4.70 -9.54
C LEU A 56 13.15 5.00 -10.88
N ASN A 57 13.54 3.95 -11.60
CA ASN A 57 14.20 4.12 -12.89
C ASN A 57 13.35 4.98 -13.84
N PRO A 58 13.91 6.08 -14.36
CA PRO A 58 13.19 6.97 -15.29
C PRO A 58 12.79 6.26 -16.59
N TYR A 59 13.34 5.06 -16.80
CA TYR A 59 13.04 4.29 -17.99
C TYR A 59 11.74 3.52 -17.85
N VAL A 60 11.55 2.88 -16.70
CA VAL A 60 10.35 2.10 -16.44
C VAL A 60 9.09 2.96 -16.56
N LYS A 61 9.27 4.27 -16.43
CA LYS A 61 8.14 5.20 -16.53
C LYS A 61 7.18 5.01 -15.35
N ARG A 62 6.16 5.86 -15.28
CA ARG A 62 5.18 5.78 -14.22
C ARG A 62 3.95 5.02 -14.67
N SER A 63 3.64 5.10 -15.96
CA SER A 63 2.48 4.41 -16.52
C SER A 63 2.85 3.01 -16.98
N VAL A 64 3.95 2.90 -17.70
CA VAL A 64 4.41 1.60 -18.20
C VAL A 64 4.64 0.62 -17.06
N LYS A 65 5.25 1.11 -15.98
CA LYS A 65 5.53 0.28 -14.81
C LYS A 65 4.24 -0.31 -14.25
N VAL A 66 3.14 0.42 -14.40
CA VAL A 66 1.85 -0.04 -13.92
C VAL A 66 1.45 -1.36 -14.56
N LYS A 67 1.69 -1.47 -15.87
CA LYS A 67 1.36 -2.68 -16.60
C LYS A 67 2.22 -3.85 -16.13
N SER A 68 3.45 -3.55 -15.72
CA SER A 68 4.37 -4.56 -15.25
C SER A 68 3.96 -5.08 -13.87
N LEU A 69 3.32 -4.20 -13.08
CA LEU A 69 2.88 -4.56 -11.75
C LEU A 69 1.72 -5.56 -11.81
N SER A 70 0.88 -5.42 -12.83
CA SER A 70 -0.26 -6.30 -13.00
C SER A 70 0.18 -7.72 -13.29
N ASP A 71 1.20 -7.86 -14.14
CA ASP A 71 1.73 -9.17 -14.48
C ASP A 71 2.71 -9.62 -13.42
N MET A 72 3.38 -8.67 -12.79
CA MET A 72 4.33 -8.95 -11.74
C MET A 72 3.60 -9.29 -10.44
N THR A 73 2.39 -8.75 -10.29
CA THR A 73 1.62 -9.04 -9.09
C THR A 73 1.28 -10.52 -9.03
N ALA A 74 1.12 -11.13 -10.20
CA ALA A 74 0.82 -12.55 -10.25
C ALA A 74 1.81 -13.32 -9.39
N LYS A 75 3.01 -12.76 -9.24
CA LYS A 75 4.05 -13.38 -8.43
C LYS A 75 4.17 -12.69 -7.07
N GLU A 76 3.64 -11.46 -6.97
CA GLU A 76 3.71 -10.72 -5.72
C GLU A 76 2.71 -11.27 -4.71
N LYS A 77 1.42 -11.18 -5.05
CA LYS A 77 0.34 -11.67 -4.18
C LYS A 77 -0.98 -10.98 -4.51
N PHE A 78 -0.89 -9.70 -4.87
CA PHE A 78 -2.07 -8.90 -5.19
C PHE A 78 -2.98 -9.59 -6.19
N SER A 79 -4.03 -8.87 -6.53
CA SER A 79 -5.03 -9.32 -7.49
C SER A 79 -6.43 -8.90 -7.08
N PRO A 80 -6.76 -9.02 -5.78
CA PRO A 80 -8.08 -8.69 -5.28
C PRO A 80 -8.21 -7.33 -4.61
N LEU A 81 -7.62 -7.17 -3.42
CA LEU A 81 -7.73 -5.90 -2.72
C LEU A 81 -6.52 -5.04 -3.01
N THR A 82 -5.70 -5.52 -3.93
CA THR A 82 -4.51 -4.81 -4.32
C THR A 82 -4.46 -4.62 -5.82
N SER A 83 -5.47 -5.11 -6.54
CA SER A 83 -5.50 -4.95 -7.98
C SER A 83 -6.12 -3.60 -8.34
N ASN A 84 -5.98 -2.66 -7.42
CA ASN A 84 -6.48 -1.32 -7.58
C ASN A 84 -5.46 -0.39 -6.94
N LEU A 85 -5.03 -0.79 -5.75
CA LEU A 85 -4.00 -0.07 -5.04
C LEU A 85 -2.71 -0.19 -5.82
N ILE A 86 -2.63 -1.20 -6.70
CA ILE A 86 -1.44 -1.42 -7.51
C ILE A 86 -1.29 -0.30 -8.54
N ASN A 87 -2.33 -0.08 -9.33
CA ASN A 87 -2.31 0.95 -10.36
C ASN A 87 -2.25 2.34 -9.72
N LEU A 88 -2.79 2.46 -8.52
CA LEU A 88 -2.80 3.73 -7.81
C LEU A 88 -1.42 4.04 -7.23
N LEU A 89 -0.72 3.00 -6.78
CA LEU A 89 0.61 3.18 -6.21
C LEU A 89 1.61 3.55 -7.30
N ALA A 90 1.38 3.04 -8.50
CA ALA A 90 2.25 3.32 -9.63
C ALA A 90 1.57 4.25 -10.62
N GLU A 91 0.60 5.03 -10.13
CA GLU A 91 -0.12 5.97 -10.97
C GLU A 91 0.65 7.27 -11.13
N ASN A 92 1.22 7.76 -10.03
CA ASN A 92 1.99 8.99 -10.05
C ASN A 92 3.31 8.84 -9.31
N GLY A 93 3.84 7.62 -9.29
CA GLY A 93 5.09 7.37 -8.60
C GLY A 93 4.93 7.32 -7.10
N ARG A 94 3.82 6.73 -6.65
CA ARG A 94 3.54 6.63 -5.22
C ARG A 94 4.57 5.75 -4.51
N LEU A 95 5.33 4.98 -5.29
CA LEU A 95 6.35 4.09 -4.73
C LEU A 95 7.52 4.91 -4.19
N THR A 96 7.25 5.67 -3.14
CA THR A 96 8.26 6.50 -2.50
C THR A 96 7.98 6.59 -1.00
N ASN A 97 6.69 6.78 -0.68
CA ASN A 97 6.25 6.86 0.71
C ASN A 97 5.34 5.68 1.05
N THR A 98 5.41 4.63 0.22
CA THR A 98 4.60 3.44 0.41
C THR A 98 4.50 3.02 1.88
N PRO A 99 5.65 2.80 2.56
CA PRO A 99 5.67 2.40 3.95
C PRO A 99 4.68 3.17 4.82
N ALA A 100 4.37 4.40 4.41
CA ALA A 100 3.42 5.22 5.15
C ALA A 100 2.00 4.76 4.91
N VAL A 101 1.70 4.34 3.68
CA VAL A 101 0.38 3.85 3.33
C VAL A 101 0.10 2.49 3.96
N ILE A 102 1.17 1.81 4.37
CA ILE A 102 1.04 0.48 4.99
C ILE A 102 0.80 0.60 6.50
N SER A 103 1.60 1.43 7.15
CA SER A 103 1.48 1.63 8.60
C SER A 103 0.07 2.06 8.99
N ALA A 104 -0.49 2.99 8.23
CA ALA A 104 -1.83 3.48 8.49
C ALA A 104 -2.86 2.37 8.38
N PHE A 105 -2.49 1.28 7.70
CA PHE A 105 -3.39 0.14 7.52
C PHE A 105 -3.56 -0.64 8.81
N SER A 106 -2.46 -0.86 9.52
CA SER A 106 -2.50 -1.62 10.77
C SER A 106 -3.32 -0.90 11.83
N THR A 107 -3.32 0.42 11.80
CA THR A 107 -4.07 1.19 12.77
C THR A 107 -5.49 1.44 12.28
N MET A 108 -5.64 1.51 10.96
CA MET A 108 -6.95 1.72 10.37
C MET A 108 -7.69 0.38 10.28
N MET A 109 -6.93 -0.71 10.21
CA MET A 109 -7.53 -2.04 10.14
C MET A 109 -8.01 -2.50 11.50
N SER A 110 -7.66 -1.75 12.56
CA SER A 110 -8.10 -2.10 13.91
C SER A 110 -9.34 -1.30 14.28
N VAL A 111 -9.52 -0.15 13.64
CA VAL A 111 -10.68 0.69 13.91
C VAL A 111 -11.92 0.13 13.23
N HIS A 112 -11.74 -0.84 12.33
CA HIS A 112 -12.85 -1.46 11.62
C HIS A 112 -13.57 -2.45 12.53
N ARG A 113 -12.85 -3.00 13.49
CA ARG A 113 -13.43 -3.98 14.41
C ARG A 113 -14.49 -3.32 15.30
N GLY A 114 -14.24 -2.06 15.67
CA GLY A 114 -15.18 -1.34 16.51
C GLY A 114 -16.42 -0.91 15.75
N GLU A 115 -16.28 -0.72 14.44
CA GLU A 115 -17.40 -0.29 13.61
C GLU A 115 -18.07 -1.50 12.96
N VAL A 116 -18.28 -2.55 13.74
CA VAL A 116 -18.91 -3.76 13.23
C VAL A 116 -19.24 -4.73 14.38
N PRO A 117 -20.12 -4.31 15.30
CA PRO A 117 -20.52 -5.15 16.44
C PRO A 117 -21.37 -6.34 16.01
N CYS A 118 -21.10 -7.50 16.62
CA CYS A 118 -21.84 -8.71 16.30
C CYS A 118 -23.16 -8.75 17.07
N THR A 119 -23.82 -9.90 17.02
CA THR A 119 -25.09 -10.07 17.71
C THR A 119 -24.94 -9.87 19.22
N VAL A 120 -23.92 -10.50 19.78
CA VAL A 120 -23.65 -10.39 21.22
C VAL A 120 -24.83 -10.92 22.04
N PHE A 1 15.37 23.77 0.60
CA PHE A 1 16.13 22.49 0.55
C PHE A 1 17.28 22.50 1.54
N ALA A 2 17.47 21.39 2.24
CA ALA A 2 18.55 21.26 3.22
C ALA A 2 18.63 19.85 3.77
N LYS A 3 17.62 19.47 4.55
CA LYS A 3 17.57 18.14 5.14
C LYS A 3 16.27 17.93 5.91
N LEU A 4 15.67 16.75 5.74
CA LEU A 4 14.42 16.43 6.42
C LEU A 4 14.40 14.97 6.85
N VAL A 5 13.45 14.62 7.71
CA VAL A 5 13.33 13.25 8.22
C VAL A 5 11.90 12.97 8.67
N ARG A 6 11.62 11.70 8.98
CA ARG A 6 10.30 11.29 9.43
C ARG A 6 10.40 10.08 10.36
N PRO A 7 10.61 10.31 11.66
CA PRO A 7 10.72 9.24 12.64
C PRO A 7 9.54 8.27 12.59
N PRO A 8 9.57 7.19 13.39
CA PRO A 8 8.49 6.19 13.42
C PRO A 8 7.13 6.83 13.64
N VAL A 9 6.23 6.63 12.67
CA VAL A 9 4.88 7.19 12.76
C VAL A 9 3.83 6.13 12.45
N GLN A 10 3.79 5.69 11.20
CA GLN A 10 2.84 4.67 10.77
C GLN A 10 1.40 5.20 10.77
N ILE A 11 1.25 6.50 11.05
CA ILE A 11 -0.07 7.13 11.08
C ILE A 11 0.05 8.62 10.78
N TYR A 12 -0.59 9.06 9.70
CA TYR A 12 -0.52 10.45 9.28
C TYR A 12 -1.89 10.97 8.84
N GLY A 13 -2.32 10.57 7.65
CA GLY A 13 -3.61 11.00 7.15
C GLY A 13 -3.80 10.74 5.66
N ILE A 14 -3.45 11.72 4.84
CA ILE A 14 -3.59 11.58 3.39
C ILE A 14 -3.03 10.25 2.89
N GLU A 15 -1.84 9.89 3.35
CA GLU A 15 -1.22 8.64 2.95
C GLU A 15 -1.94 7.46 3.58
N GLY A 16 -2.48 7.67 4.78
CA GLY A 16 -3.21 6.62 5.46
C GLY A 16 -4.56 6.38 4.83
N ARG A 17 -5.18 7.45 4.32
CA ARG A 17 -6.48 7.35 3.68
C ARG A 17 -6.38 6.53 2.39
N TYR A 18 -5.20 6.50 1.78
CA TYR A 18 -5.01 5.74 0.55
C TYR A 18 -5.39 4.29 0.76
N ALA A 19 -4.84 3.69 1.82
CA ALA A 19 -5.13 2.30 2.14
C ALA A 19 -6.53 2.16 2.70
N THR A 20 -7.01 3.21 3.36
CA THR A 20 -8.35 3.20 3.93
C THR A 20 -9.39 3.39 2.84
N ALA A 21 -9.00 4.05 1.75
CA ALA A 21 -9.90 4.28 0.64
C ALA A 21 -9.84 3.12 -0.36
N LEU A 22 -9.05 2.10 -0.03
CA LEU A 22 -8.92 0.92 -0.86
C LEU A 22 -9.50 -0.25 -0.13
N TYR A 23 -9.14 -0.34 1.14
CA TYR A 23 -9.66 -1.38 1.97
C TYR A 23 -11.14 -1.12 2.24
N SER A 24 -11.59 0.11 1.98
CA SER A 24 -13.00 0.45 2.18
C SER A 24 -13.86 -0.61 1.50
N ALA A 25 -13.38 -1.09 0.37
CA ALA A 25 -14.05 -2.14 -0.37
C ALA A 25 -13.68 -3.48 0.24
N ALA A 26 -12.44 -3.57 0.74
CA ALA A 26 -11.96 -4.78 1.39
C ALA A 26 -12.61 -4.95 2.76
N SER A 27 -13.25 -3.88 3.26
CA SER A 27 -13.92 -3.92 4.54
C SER A 27 -15.22 -4.68 4.44
N LYS A 28 -15.99 -4.38 3.39
CA LYS A 28 -17.26 -5.06 3.16
C LYS A 28 -17.05 -6.56 3.06
N GLN A 29 -15.86 -6.94 2.58
CA GLN A 29 -15.50 -8.34 2.44
C GLN A 29 -14.78 -8.84 3.68
N ASN A 30 -13.80 -8.06 4.15
CA ASN A 30 -13.01 -8.39 5.33
C ASN A 30 -11.68 -8.99 4.91
N LYS A 31 -11.16 -8.49 3.80
CA LYS A 31 -9.90 -8.96 3.26
C LYS A 31 -8.72 -8.14 3.78
N LEU A 32 -8.94 -7.42 4.90
CA LEU A 32 -7.89 -6.61 5.50
C LEU A 32 -6.56 -7.35 5.46
N GLU A 33 -6.64 -8.68 5.60
CA GLU A 33 -5.45 -9.52 5.58
C GLU A 33 -4.87 -9.55 4.17
N GLN A 34 -5.71 -9.86 3.19
CA GLN A 34 -5.29 -9.91 1.79
C GLN A 34 -4.78 -8.55 1.34
N VAL A 35 -5.26 -7.50 1.98
CA VAL A 35 -4.85 -6.14 1.64
C VAL A 35 -3.78 -5.64 2.61
N GLU A 36 -3.58 -6.35 3.71
CA GLU A 36 -2.58 -5.97 4.70
C GLU A 36 -1.26 -6.68 4.44
N LYS A 37 -1.35 -7.81 3.73
CA LYS A 37 -0.16 -8.58 3.40
C LYS A 37 0.46 -8.04 2.12
N GLU A 38 -0.40 -7.61 1.20
CA GLU A 38 0.06 -7.05 -0.06
C GLU A 38 0.98 -5.86 0.17
N LEU A 39 0.56 -4.94 1.02
CA LEU A 39 1.35 -3.75 1.31
C LEU A 39 2.78 -4.12 1.67
N LEU A 40 2.93 -5.21 2.42
CA LEU A 40 4.25 -5.67 2.82
C LEU A 40 5.05 -6.14 1.60
N ARG A 41 4.34 -6.51 0.54
CA ARG A 41 4.98 -6.97 -0.69
C ARG A 41 5.59 -5.79 -1.45
N VAL A 42 4.77 -4.78 -1.74
CA VAL A 42 5.25 -3.61 -2.46
C VAL A 42 6.32 -2.88 -1.65
N GLY A 43 6.33 -3.11 -0.34
CA GLY A 43 7.33 -2.47 0.50
C GLY A 43 8.68 -3.14 0.41
N GLN A 44 8.67 -4.47 0.41
CA GLN A 44 9.91 -5.24 0.31
C GLN A 44 10.54 -5.06 -1.07
N ILE A 45 9.70 -4.86 -2.08
CA ILE A 45 10.18 -4.66 -3.43
C ILE A 45 10.99 -3.38 -3.57
N LEU A 46 10.78 -2.46 -2.64
CA LEU A 46 11.52 -1.20 -2.67
C LEU A 46 12.76 -1.29 -1.80
N LYS A 47 12.93 -2.41 -1.11
CA LYS A 47 14.09 -2.63 -0.26
C LYS A 47 15.18 -3.34 -1.05
N GLU A 48 14.76 -4.05 -2.10
CA GLU A 48 15.69 -4.78 -2.96
C GLU A 48 16.29 -3.86 -4.03
N PRO A 49 17.62 -3.70 -4.03
CA PRO A 49 18.31 -2.84 -5.00
C PRO A 49 18.03 -3.25 -6.45
N LYS A 50 17.55 -4.47 -6.64
CA LYS A 50 17.24 -4.98 -7.98
C LYS A 50 15.85 -4.55 -8.42
N MET A 51 14.95 -4.37 -7.46
CA MET A 51 13.58 -3.96 -7.76
C MET A 51 13.20 -2.70 -7.00
N ALA A 52 14.20 -1.93 -6.59
CA ALA A 52 13.97 -0.70 -5.86
C ALA A 52 14.30 0.51 -6.74
N ALA A 53 15.32 0.35 -7.56
CA ALA A 53 15.74 1.42 -8.47
C ALA A 53 14.79 1.53 -9.65
N SER A 54 14.19 0.41 -10.03
CA SER A 54 13.26 0.37 -11.14
C SER A 54 11.93 1.02 -10.75
N LEU A 55 11.60 0.95 -9.47
CA LEU A 55 10.36 1.54 -8.97
C LEU A 55 10.59 2.97 -8.48
N LEU A 56 11.61 3.61 -9.05
CA LEU A 56 11.95 4.98 -8.69
C LEU A 56 12.70 5.68 -9.82
N ASN A 57 13.51 4.91 -10.56
CA ASN A 57 14.27 5.47 -11.67
C ASN A 57 13.35 6.13 -12.70
N PRO A 58 13.89 7.08 -13.49
CA PRO A 58 13.11 7.79 -14.51
C PRO A 58 12.45 6.86 -15.53
N TYR A 59 12.96 5.63 -15.61
CA TYR A 59 12.41 4.64 -16.54
C TYR A 59 11.20 3.93 -15.95
N VAL A 60 10.99 4.08 -14.64
CA VAL A 60 9.86 3.45 -13.97
C VAL A 60 8.55 3.73 -14.69
N LYS A 61 8.40 4.97 -15.17
CA LYS A 61 7.19 5.36 -15.88
C LYS A 61 5.97 5.26 -14.98
N ARG A 62 4.99 6.14 -15.20
CA ARG A 62 3.77 6.13 -14.41
C ARG A 62 2.65 5.38 -15.13
N SER A 63 3.04 4.48 -16.02
CA SER A 63 2.07 3.69 -16.78
C SER A 63 2.65 2.32 -17.13
N VAL A 64 3.88 2.31 -17.62
CA VAL A 64 4.55 1.07 -17.99
C VAL A 64 4.69 0.15 -16.79
N LYS A 65 5.16 0.69 -15.68
CA LYS A 65 5.32 -0.09 -14.46
C LYS A 65 3.99 -0.68 -14.01
N VAL A 66 2.90 0.01 -14.34
CA VAL A 66 1.57 -0.47 -13.97
C VAL A 66 1.27 -1.81 -14.63
N LYS A 67 1.65 -1.95 -15.89
CA LYS A 67 1.43 -3.19 -16.63
C LYS A 67 2.23 -4.32 -16.02
N SER A 68 3.53 -4.11 -15.86
CA SER A 68 4.40 -5.11 -15.27
C SER A 68 3.99 -5.41 -13.84
N LEU A 69 3.34 -4.43 -13.20
CA LEU A 69 2.89 -4.59 -11.83
C LEU A 69 1.76 -5.62 -11.73
N SER A 70 0.88 -5.62 -12.73
CA SER A 70 -0.24 -6.54 -12.76
C SER A 70 0.23 -7.96 -13.07
N ASP A 71 1.32 -8.08 -13.81
CA ASP A 71 1.86 -9.39 -14.15
C ASP A 71 2.84 -9.84 -13.09
N MET A 72 3.58 -8.89 -12.54
CA MET A 72 4.54 -9.20 -11.48
C MET A 72 3.79 -9.45 -10.18
N THR A 73 2.58 -8.91 -10.06
CA THR A 73 1.80 -9.13 -8.87
C THR A 73 1.49 -10.61 -8.71
N ALA A 74 1.37 -11.30 -9.85
CA ALA A 74 1.11 -12.73 -9.83
C ALA A 74 2.08 -13.43 -8.89
N LYS A 75 3.25 -12.83 -8.71
CA LYS A 75 4.26 -13.40 -7.84
C LYS A 75 4.28 -12.71 -6.46
N GLU A 76 3.73 -11.50 -6.38
CA GLU A 76 3.70 -10.78 -5.12
C GLU A 76 2.61 -11.32 -4.21
N LYS A 77 1.36 -11.23 -4.66
CA LYS A 77 0.20 -11.70 -3.90
C LYS A 77 -1.08 -10.97 -4.32
N PHE A 78 -0.94 -9.70 -4.68
CA PHE A 78 -2.07 -8.88 -5.09
C PHE A 78 -2.97 -9.57 -6.08
N SER A 79 -3.98 -8.81 -6.50
CA SER A 79 -4.96 -9.26 -7.49
C SER A 79 -6.36 -8.86 -7.07
N PRO A 80 -6.71 -9.00 -5.78
CA PRO A 80 -8.04 -8.68 -5.30
C PRO A 80 -8.17 -7.34 -4.59
N LEU A 81 -7.50 -7.18 -3.45
CA LEU A 81 -7.60 -5.93 -2.72
C LEU A 81 -6.40 -5.04 -3.02
N THR A 82 -5.58 -5.51 -3.95
CA THR A 82 -4.41 -4.77 -4.35
C THR A 82 -4.36 -4.60 -5.86
N SER A 83 -5.34 -5.15 -6.57
CA SER A 83 -5.37 -5.02 -8.03
C SER A 83 -6.01 -3.69 -8.43
N ASN A 84 -5.89 -2.73 -7.53
CA ASN A 84 -6.42 -1.39 -7.71
C ASN A 84 -5.43 -0.44 -7.09
N LEU A 85 -5.00 -0.81 -5.88
CA LEU A 85 -4.00 -0.07 -5.17
C LEU A 85 -2.68 -0.19 -5.92
N ILE A 86 -2.58 -1.22 -6.78
CA ILE A 86 -1.37 -1.45 -7.55
C ILE A 86 -1.21 -0.34 -8.61
N ASN A 87 -2.25 -0.16 -9.42
CA ASN A 87 -2.23 0.86 -10.46
C ASN A 87 -2.21 2.25 -9.85
N LEU A 88 -2.79 2.38 -8.66
CA LEU A 88 -2.85 3.66 -7.97
C LEU A 88 -1.49 4.03 -7.41
N LEU A 89 -0.73 3.02 -6.97
CA LEU A 89 0.59 3.25 -6.41
C LEU A 89 1.56 3.66 -7.50
N ALA A 90 1.36 3.13 -8.69
CA ALA A 90 2.22 3.44 -9.83
C ALA A 90 1.47 4.30 -10.86
N GLU A 91 0.48 5.04 -10.39
CA GLU A 91 -0.31 5.89 -11.27
C GLU A 91 0.30 7.28 -11.37
N ASN A 92 0.61 7.87 -10.22
CA ASN A 92 1.21 9.20 -10.17
C ASN A 92 2.70 9.11 -9.83
N GLY A 93 3.08 8.06 -9.11
CA GLY A 93 4.46 7.88 -8.72
C GLY A 93 4.65 7.89 -7.22
N ARG A 94 3.81 7.12 -6.52
CA ARG A 94 3.88 7.04 -5.07
C ARG A 94 4.66 5.81 -4.63
N LEU A 95 5.61 5.38 -5.46
CA LEU A 95 6.43 4.20 -5.15
C LEU A 95 7.78 4.62 -4.58
N THR A 96 7.80 5.76 -3.90
CA THR A 96 9.02 6.28 -3.30
C THR A 96 8.89 6.25 -1.78
N ASN A 97 7.70 6.62 -1.30
CA ASN A 97 7.41 6.64 0.12
C ASN A 97 6.20 5.77 0.42
N THR A 98 6.03 4.71 -0.38
CA THR A 98 4.91 3.80 -0.22
C THR A 98 5.00 3.00 1.08
N PRO A 99 6.21 2.68 1.58
CA PRO A 99 6.37 1.91 2.82
C PRO A 99 5.51 2.47 3.95
N ALA A 100 5.23 3.77 3.89
CA ALA A 100 4.40 4.42 4.90
C ALA A 100 2.95 3.97 4.78
N VAL A 101 2.48 3.84 3.54
CA VAL A 101 1.12 3.41 3.29
C VAL A 101 0.88 2.00 3.85
N ILE A 102 1.95 1.23 3.97
CA ILE A 102 1.87 -0.13 4.49
C ILE A 102 1.53 -0.11 5.98
N SER A 103 2.34 0.61 6.75
CA SER A 103 2.11 0.71 8.19
C SER A 103 0.87 1.52 8.50
N ALA A 104 0.49 2.40 7.57
CA ALA A 104 -0.68 3.23 7.74
C ALA A 104 -1.96 2.40 7.69
N PHE A 105 -1.98 1.40 6.81
CA PHE A 105 -3.14 0.53 6.66
C PHE A 105 -3.43 -0.22 7.95
N SER A 106 -2.37 -0.67 8.62
CA SER A 106 -2.52 -1.41 9.87
C SER A 106 -3.32 -0.62 10.90
N THR A 107 -3.34 0.70 10.75
CA THR A 107 -4.08 1.56 11.67
C THR A 107 -5.52 1.76 11.20
N MET A 108 -5.72 1.69 9.89
CA MET A 108 -7.05 1.85 9.33
C MET A 108 -7.77 0.52 9.30
N MET A 109 -6.99 -0.56 9.22
CA MET A 109 -7.54 -1.90 9.21
C MET A 109 -7.89 -2.37 10.62
N SER A 110 -7.38 -1.67 11.62
CA SER A 110 -7.66 -2.02 13.02
C SER A 110 -8.72 -1.09 13.60
N VAL A 111 -8.72 0.15 13.14
CA VAL A 111 -9.70 1.12 13.61
C VAL A 111 -11.10 0.74 13.15
N HIS A 112 -11.18 -0.18 12.20
CA HIS A 112 -12.46 -0.63 11.68
C HIS A 112 -13.19 -1.52 12.69
N ARG A 113 -12.42 -2.19 13.54
CA ARG A 113 -12.99 -3.08 14.54
C ARG A 113 -13.81 -2.29 15.56
N GLY A 114 -13.33 -1.10 15.90
CA GLY A 114 -14.02 -0.26 16.86
C GLY A 114 -15.15 0.53 16.23
N GLU A 115 -14.94 0.97 14.99
CA GLU A 115 -15.95 1.75 14.26
C GLU A 115 -17.03 0.83 13.71
N VAL A 116 -16.62 -0.20 12.98
CA VAL A 116 -17.55 -1.15 12.39
C VAL A 116 -17.97 -2.21 13.41
N PRO A 117 -19.28 -2.54 13.47
CA PRO A 117 -19.79 -3.55 14.40
C PRO A 117 -19.35 -4.95 14.03
N CYS A 118 -19.79 -5.93 14.82
CA CYS A 118 -19.44 -7.33 14.58
C CYS A 118 -20.40 -8.26 15.31
N THR A 119 -20.35 -8.23 16.64
CA THR A 119 -21.21 -9.07 17.47
C THR A 119 -22.38 -8.27 18.02
N VAL A 120 -23.52 -8.94 18.19
CA VAL A 120 -24.72 -8.29 18.72
C VAL A 120 -24.88 -8.59 20.21
N PHE A 1 1.36 25.78 21.17
CA PHE A 1 1.61 24.38 21.61
C PHE A 1 2.32 23.58 20.53
N ALA A 2 3.49 23.04 20.87
CA ALA A 2 4.27 22.26 19.93
C ALA A 2 5.02 21.12 20.63
N LYS A 3 4.38 20.54 21.64
CA LYS A 3 4.98 19.45 22.40
C LYS A 3 3.96 18.36 22.68
N LEU A 4 3.80 17.44 21.74
CA LEU A 4 2.85 16.34 21.90
C LEU A 4 3.41 15.04 21.31
N VAL A 5 2.81 13.93 21.68
CA VAL A 5 3.25 12.62 21.20
C VAL A 5 2.71 12.34 19.80
N ARG A 6 3.55 11.75 18.95
CA ARG A 6 3.15 11.43 17.59
C ARG A 6 4.28 10.70 16.85
N PRO A 7 3.94 9.94 15.80
CA PRO A 7 4.92 9.19 15.01
C PRO A 7 5.84 10.10 14.21
N PRO A 8 7.07 9.63 13.91
CA PRO A 8 8.05 10.41 13.15
C PRO A 8 7.57 10.71 11.73
N VAL A 9 7.23 9.67 10.98
CA VAL A 9 6.75 9.83 9.62
C VAL A 9 5.99 8.60 9.15
N GLN A 10 4.66 8.72 9.11
CA GLN A 10 3.82 7.61 8.67
C GLN A 10 2.35 8.03 8.62
N ILE A 11 1.61 7.48 7.67
CA ILE A 11 0.19 7.79 7.51
C ILE A 11 -0.06 9.20 6.98
N TYR A 12 0.38 10.20 7.75
CA TYR A 12 0.23 11.61 7.35
C TYR A 12 -1.18 11.92 6.86
N GLY A 13 -2.14 11.07 7.22
CA GLY A 13 -3.52 11.29 6.81
C GLY A 13 -3.75 11.08 5.34
N ILE A 14 -2.99 11.79 4.51
CA ILE A 14 -3.13 11.69 3.07
C ILE A 14 -2.64 10.33 2.58
N GLU A 15 -1.46 9.93 3.03
CA GLU A 15 -0.89 8.65 2.64
C GLU A 15 -1.61 7.51 3.35
N GLY A 16 -2.18 7.81 4.52
CA GLY A 16 -2.91 6.81 5.26
C GLY A 16 -4.30 6.60 4.70
N ARG A 17 -4.89 7.67 4.19
CA ARG A 17 -6.23 7.61 3.62
C ARG A 17 -6.22 6.80 2.33
N TYR A 18 -5.07 6.74 1.67
CA TYR A 18 -4.93 5.99 0.43
C TYR A 18 -5.33 4.54 0.65
N ALA A 19 -4.73 3.92 1.65
CA ALA A 19 -5.03 2.54 1.98
C ALA A 19 -6.45 2.41 2.50
N THR A 20 -6.85 3.35 3.34
CA THR A 20 -8.20 3.33 3.90
C THR A 20 -9.24 3.62 2.83
N ALA A 21 -8.81 4.21 1.72
CA ALA A 21 -9.74 4.51 0.64
C ALA A 21 -9.76 3.37 -0.37
N LEU A 22 -8.99 2.33 -0.11
CA LEU A 22 -8.96 1.16 -0.98
C LEU A 22 -9.39 -0.04 -0.17
N TYR A 23 -8.88 -0.09 1.05
CA TYR A 23 -9.25 -1.16 1.94
C TYR A 23 -10.63 -0.88 2.52
N SER A 24 -11.10 0.38 2.44
CA SER A 24 -12.43 0.72 2.94
C SER A 24 -13.44 -0.27 2.38
N ALA A 25 -13.29 -0.59 1.11
CA ALA A 25 -14.15 -1.56 0.46
C ALA A 25 -13.78 -2.96 0.91
N ALA A 26 -12.47 -3.14 1.11
CA ALA A 26 -11.96 -4.43 1.57
C ALA A 26 -12.43 -4.73 3.00
N SER A 27 -12.69 -3.68 3.76
CA SER A 27 -13.16 -3.82 5.13
C SER A 27 -14.55 -4.42 5.16
N LYS A 28 -15.46 -3.85 4.36
CA LYS A 28 -16.83 -4.33 4.28
C LYS A 28 -16.85 -5.82 3.98
N GLN A 29 -15.85 -6.27 3.20
CA GLN A 29 -15.75 -7.67 2.84
C GLN A 29 -14.97 -8.43 3.90
N ASN A 30 -13.87 -7.83 4.37
CA ASN A 30 -13.00 -8.42 5.39
C ASN A 30 -11.75 -9.01 4.73
N LYS A 31 -11.32 -8.37 3.65
CA LYS A 31 -10.15 -8.82 2.92
C LYS A 31 -8.88 -8.17 3.46
N LEU A 32 -9.00 -7.48 4.60
CA LEU A 32 -7.83 -6.84 5.22
C LEU A 32 -6.63 -7.76 5.23
N GLU A 33 -6.89 -9.06 5.28
CA GLU A 33 -5.82 -10.04 5.28
C GLU A 33 -5.24 -10.19 3.86
N GLN A 34 -6.11 -10.03 2.87
CA GLN A 34 -5.71 -10.12 1.47
C GLN A 34 -5.25 -8.76 0.95
N VAL A 35 -5.45 -7.71 1.75
CA VAL A 35 -5.04 -6.37 1.35
C VAL A 35 -3.87 -5.89 2.21
N GLU A 36 -3.83 -6.35 3.46
CA GLU A 36 -2.75 -5.97 4.38
C GLU A 36 -1.50 -6.75 4.04
N LYS A 37 -1.67 -8.05 3.79
CA LYS A 37 -0.55 -8.89 3.42
C LYS A 37 -0.10 -8.50 2.03
N GLU A 38 -1.05 -7.97 1.25
CA GLU A 38 -0.76 -7.53 -0.10
C GLU A 38 -0.34 -6.06 -0.10
N LEU A 39 0.00 -5.54 1.07
CA LEU A 39 0.45 -4.16 1.21
C LEU A 39 1.91 -4.15 1.62
N LEU A 40 2.31 -5.15 2.40
CA LEU A 40 3.68 -5.27 2.85
C LEU A 40 4.56 -5.74 1.71
N ARG A 41 3.96 -6.46 0.75
CA ARG A 41 4.70 -6.96 -0.41
C ARG A 41 5.18 -5.80 -1.26
N VAL A 42 4.34 -4.77 -1.38
CA VAL A 42 4.69 -3.60 -2.17
C VAL A 42 5.81 -2.81 -1.51
N GLY A 43 5.88 -2.90 -0.19
CA GLY A 43 6.92 -2.20 0.55
C GLY A 43 8.27 -2.87 0.39
N GLN A 44 8.28 -4.19 0.43
CA GLN A 44 9.51 -4.96 0.29
C GLN A 44 10.09 -4.74 -1.10
N ILE A 45 9.22 -4.53 -2.08
CA ILE A 45 9.65 -4.29 -3.45
C ILE A 45 10.49 -3.03 -3.56
N LEU A 46 10.39 -2.16 -2.56
CA LEU A 46 11.16 -0.92 -2.55
C LEU A 46 12.53 -1.14 -1.92
N LYS A 47 12.58 -2.02 -0.92
CA LYS A 47 13.83 -2.32 -0.24
C LYS A 47 14.70 -3.20 -1.12
N GLU A 48 14.07 -3.94 -2.03
CA GLU A 48 14.79 -4.82 -2.94
C GLU A 48 15.79 -4.04 -3.79
N PRO A 49 17.10 -4.24 -3.55
CA PRO A 49 18.15 -3.53 -4.30
C PRO A 49 17.94 -3.61 -5.80
N LYS A 50 17.50 -4.78 -6.27
CA LYS A 50 17.26 -4.99 -7.69
C LYS A 50 16.03 -4.22 -8.15
N MET A 51 15.08 -4.02 -7.24
CA MET A 51 13.85 -3.29 -7.56
C MET A 51 14.10 -1.79 -7.53
N ALA A 52 14.97 -1.34 -6.65
CA ALA A 52 15.29 0.08 -6.53
C ALA A 52 15.77 0.66 -7.86
N ALA A 53 16.25 -0.21 -8.73
CA ALA A 53 16.75 0.23 -10.05
C ALA A 53 15.64 0.24 -11.10
N SER A 54 14.49 -0.34 -10.75
CA SER A 54 13.36 -0.38 -11.68
C SER A 54 12.16 0.39 -11.13
N LEU A 55 12.04 0.45 -9.82
CA LEU A 55 10.94 1.15 -9.18
C LEU A 55 11.36 2.58 -8.80
N LEU A 56 12.28 3.13 -9.57
CA LEU A 56 12.78 4.48 -9.33
C LEU A 56 13.31 5.10 -10.61
N ASN A 57 13.86 4.26 -11.50
CA ASN A 57 14.41 4.75 -12.77
C ASN A 57 13.37 5.54 -13.55
N PRO A 58 13.79 6.60 -14.25
CA PRO A 58 12.90 7.45 -15.04
C PRO A 58 12.55 6.82 -16.39
N TYR A 59 13.09 5.64 -16.66
CA TYR A 59 12.82 4.95 -17.92
C TYR A 59 11.59 4.05 -17.81
N VAL A 60 11.26 3.64 -16.59
CA VAL A 60 10.11 2.78 -16.35
C VAL A 60 8.81 3.52 -16.67
N LYS A 61 8.87 4.84 -16.80
CA LYS A 61 7.70 5.64 -17.09
C LYS A 61 6.69 5.59 -15.94
N ARG A 62 5.88 6.64 -15.82
CA ARG A 62 4.88 6.72 -14.76
C ARG A 62 3.56 6.13 -15.23
N SER A 63 3.62 4.92 -15.77
CA SER A 63 2.42 4.24 -16.25
C SER A 63 2.78 2.86 -16.79
N VAL A 64 3.90 2.77 -17.50
CA VAL A 64 4.36 1.51 -18.06
C VAL A 64 4.71 0.52 -16.96
N LYS A 65 5.32 1.02 -15.89
CA LYS A 65 5.70 0.17 -14.77
C LYS A 65 4.47 -0.47 -14.14
N VAL A 66 3.34 0.23 -14.21
CA VAL A 66 2.10 -0.27 -13.65
C VAL A 66 1.70 -1.60 -14.31
N LYS A 67 1.96 -1.71 -15.60
CA LYS A 67 1.63 -2.94 -16.34
C LYS A 67 2.44 -4.12 -15.82
N SER A 68 3.74 -3.90 -15.61
CA SER A 68 4.61 -4.96 -15.12
C SER A 68 4.18 -5.40 -13.72
N LEU A 69 3.59 -4.49 -12.97
CA LEU A 69 3.12 -4.79 -11.61
C LEU A 69 2.00 -5.82 -11.64
N SER A 70 1.17 -5.75 -12.68
CA SER A 70 0.06 -6.67 -12.83
C SER A 70 0.55 -8.10 -13.07
N ASP A 71 1.61 -8.23 -13.86
CA ASP A 71 2.17 -9.54 -14.15
C ASP A 71 3.15 -9.92 -13.05
N MET A 72 3.77 -8.92 -12.45
CA MET A 72 4.72 -9.14 -11.37
C MET A 72 3.97 -9.44 -10.07
N THR A 73 2.75 -8.93 -9.96
CA THR A 73 1.96 -9.17 -8.78
C THR A 73 1.66 -10.66 -8.67
N ALA A 74 1.58 -11.34 -9.81
CA ALA A 74 1.33 -12.76 -9.83
C ALA A 74 2.29 -13.46 -8.88
N LYS A 75 3.46 -12.87 -8.70
CA LYS A 75 4.48 -13.42 -7.82
C LYS A 75 4.46 -12.72 -6.45
N GLU A 76 3.93 -11.51 -6.41
CA GLU A 76 3.86 -10.76 -5.16
C GLU A 76 2.79 -11.35 -4.24
N LYS A 77 1.53 -11.28 -4.68
CA LYS A 77 0.40 -11.81 -3.92
C LYS A 77 -0.89 -11.10 -4.32
N PHE A 78 -0.79 -9.81 -4.66
CA PHE A 78 -1.94 -9.01 -5.05
C PHE A 78 -2.80 -9.69 -6.08
N SER A 79 -3.81 -8.95 -6.51
CA SER A 79 -4.76 -9.39 -7.53
C SER A 79 -6.17 -8.94 -7.21
N PRO A 80 -6.61 -9.03 -5.94
CA PRO A 80 -7.95 -8.69 -5.56
C PRO A 80 -8.11 -7.32 -4.88
N LEU A 81 -7.62 -7.19 -3.66
CA LEU A 81 -7.76 -5.91 -2.95
C LEU A 81 -6.52 -5.08 -3.14
N THR A 82 -5.63 -5.57 -4.00
CA THR A 82 -4.40 -4.89 -4.28
C THR A 82 -4.23 -4.70 -5.78
N SER A 83 -5.20 -5.16 -6.57
CA SER A 83 -5.13 -5.00 -8.01
C SER A 83 -5.72 -3.65 -8.42
N ASN A 84 -5.64 -2.71 -7.50
CA ASN A 84 -6.12 -1.36 -7.70
C ASN A 84 -5.15 -0.44 -7.00
N LEU A 85 -4.80 -0.84 -5.78
CA LEU A 85 -3.83 -0.12 -5.00
C LEU A 85 -2.47 -0.26 -5.67
N ILE A 86 -2.33 -1.29 -6.52
CA ILE A 86 -1.08 -1.52 -7.22
C ILE A 86 -0.87 -0.44 -8.28
N ASN A 87 -1.85 -0.28 -9.16
CA ASN A 87 -1.79 0.72 -10.21
C ASN A 87 -1.88 2.13 -9.61
N LEU A 88 -2.55 2.23 -8.47
CA LEU A 88 -2.70 3.51 -7.78
C LEU A 88 -1.40 3.93 -7.12
N LEU A 89 -0.66 2.96 -6.59
CA LEU A 89 0.61 3.26 -5.94
C LEU A 89 1.66 3.68 -6.98
N ALA A 90 1.48 3.22 -8.21
CA ALA A 90 2.41 3.56 -9.28
C ALA A 90 1.83 4.62 -10.21
N GLU A 91 0.77 5.29 -9.75
CA GLU A 91 0.12 6.33 -10.54
C GLU A 91 0.38 7.70 -9.95
N ASN A 92 -0.22 7.97 -8.80
CA ASN A 92 -0.06 9.26 -8.12
C ASN A 92 1.41 9.51 -7.79
N GLY A 93 2.16 8.44 -7.55
CA GLY A 93 3.57 8.57 -7.23
C GLY A 93 3.87 8.18 -5.79
N ARG A 94 3.07 7.28 -5.24
CA ARG A 94 3.25 6.82 -3.87
C ARG A 94 4.06 5.53 -3.83
N LEU A 95 4.81 5.25 -4.90
CA LEU A 95 5.63 4.06 -4.98
C LEU A 95 7.05 4.32 -4.46
N THR A 96 7.24 5.47 -3.83
CA THR A 96 8.53 5.84 -3.26
C THR A 96 8.44 5.81 -1.75
N ASN A 97 7.28 6.18 -1.23
CA ASN A 97 7.01 6.19 0.19
C ASN A 97 5.84 5.26 0.51
N THR A 98 5.68 4.24 -0.33
CA THR A 98 4.59 3.28 -0.15
C THR A 98 4.64 2.57 1.21
N PRO A 99 5.84 2.33 1.78
CA PRO A 99 5.96 1.65 3.08
C PRO A 99 5.25 2.41 4.19
N ALA A 100 5.10 3.72 4.01
CA ALA A 100 4.43 4.56 5.00
C ALA A 100 2.92 4.34 4.96
N VAL A 101 2.42 3.97 3.79
CA VAL A 101 0.99 3.75 3.61
C VAL A 101 0.55 2.46 4.31
N ILE A 102 1.47 1.50 4.38
CA ILE A 102 1.18 0.21 5.01
C ILE A 102 0.97 0.39 6.52
N SER A 103 1.73 1.31 7.11
CA SER A 103 1.62 1.57 8.55
C SER A 103 0.22 2.04 8.90
N ALA A 104 -0.33 2.94 8.08
CA ALA A 104 -1.66 3.47 8.31
C ALA A 104 -2.70 2.35 8.27
N PHE A 105 -2.43 1.32 7.47
CA PHE A 105 -3.33 0.18 7.34
C PHE A 105 -3.49 -0.53 8.67
N SER A 106 -2.44 -0.50 9.50
CA SER A 106 -2.47 -1.14 10.80
C SER A 106 -3.16 -0.29 11.84
N THR A 107 -3.36 0.99 11.54
CA THR A 107 -4.03 1.89 12.48
C THR A 107 -5.48 2.06 12.07
N MET A 108 -5.73 2.05 10.77
CA MET A 108 -7.08 2.16 10.26
C MET A 108 -7.80 0.84 10.41
N MET A 109 -7.02 -0.25 10.50
CA MET A 109 -7.60 -1.57 10.66
C MET A 109 -8.39 -1.63 11.97
N SER A 110 -7.85 -0.97 12.99
CA SER A 110 -8.51 -0.94 14.30
C SER A 110 -9.94 -0.43 14.17
N VAL A 111 -10.19 0.34 13.11
CA VAL A 111 -11.52 0.89 12.88
C VAL A 111 -12.47 -0.17 12.32
N HIS A 112 -11.96 -1.00 11.41
CA HIS A 112 -12.78 -2.06 10.81
C HIS A 112 -12.92 -3.24 11.78
N ARG A 113 -11.91 -3.42 12.62
CA ARG A 113 -11.93 -4.50 13.60
C ARG A 113 -12.70 -4.10 14.85
N GLY A 114 -12.72 -2.80 15.14
CA GLY A 114 -13.44 -2.32 16.31
C GLY A 114 -14.84 -1.86 15.97
N GLU A 115 -14.94 -0.88 15.08
CA GLU A 115 -16.24 -0.35 14.68
C GLU A 115 -17.08 -1.42 13.99
N VAL A 116 -16.52 -2.03 12.94
CA VAL A 116 -17.21 -3.08 12.19
C VAL A 116 -18.68 -2.73 11.95
N PRO A 117 -18.95 -1.53 11.39
CA PRO A 117 -20.31 -1.08 11.11
C PRO A 117 -20.96 -1.85 9.96
N CYS A 118 -22.09 -1.35 9.48
CA CYS A 118 -22.80 -2.00 8.38
C CYS A 118 -23.22 -3.41 8.76
N THR A 119 -24.53 -3.62 8.90
CA THR A 119 -25.06 -4.93 9.26
C THR A 119 -24.82 -5.95 8.16
N VAL A 120 -25.32 -7.16 8.35
CA VAL A 120 -25.15 -8.22 7.36
C VAL A 120 -26.43 -9.02 7.19
N PHE A 1 16.59 32.44 14.60
CA PHE A 1 15.22 31.99 14.95
C PHE A 1 15.07 30.48 14.76
N ALA A 2 14.96 29.76 15.87
CA ALA A 2 14.82 28.30 15.82
C ALA A 2 13.54 27.90 15.09
N LYS A 3 13.70 27.23 13.95
CA LYS A 3 12.57 26.79 13.16
C LYS A 3 11.91 25.57 13.79
N LEU A 4 10.76 25.78 14.43
CA LEU A 4 10.03 24.70 15.07
C LEU A 4 8.86 24.24 14.21
N VAL A 5 8.14 25.20 13.65
CA VAL A 5 6.99 24.91 12.79
C VAL A 5 7.43 24.17 11.52
N ARG A 6 7.42 22.85 11.59
CA ARG A 6 7.80 22.03 10.45
C ARG A 6 6.76 20.95 10.16
N PRO A 7 6.61 20.55 8.89
CA PRO A 7 5.65 19.52 8.49
C PRO A 7 5.76 18.25 9.34
N PRO A 8 4.80 18.03 10.26
CA PRO A 8 4.82 16.85 11.13
C PRO A 8 4.51 15.56 10.36
N VAL A 9 5.57 14.92 9.87
CA VAL A 9 5.42 13.67 9.12
C VAL A 9 5.77 12.46 9.97
N GLN A 10 4.87 11.49 10.01
CA GLN A 10 5.09 10.27 10.78
C GLN A 10 4.01 9.24 10.48
N ILE A 11 2.76 9.68 10.44
CA ILE A 11 1.64 8.79 10.17
C ILE A 11 0.96 9.13 8.85
N TYR A 12 1.41 10.23 8.22
CA TYR A 12 0.88 10.64 6.91
C TYR A 12 -0.62 10.42 6.80
N GLY A 13 -1.40 11.37 7.32
CA GLY A 13 -2.84 11.27 7.28
C GLY A 13 -3.37 11.09 5.87
N ILE A 14 -3.00 11.98 4.96
CA ILE A 14 -3.45 11.91 3.58
C ILE A 14 -3.04 10.59 2.93
N GLU A 15 -1.78 10.21 3.13
CA GLU A 15 -1.27 8.96 2.57
C GLU A 15 -1.92 7.76 3.24
N GLY A 16 -2.24 7.91 4.52
CA GLY A 16 -2.87 6.84 5.26
C GLY A 16 -4.30 6.60 4.81
N ARG A 17 -4.94 7.66 4.30
CA ARG A 17 -6.32 7.55 3.83
C ARG A 17 -6.39 6.73 2.55
N TYR A 18 -5.29 6.67 1.81
CA TYR A 18 -5.25 5.90 0.57
C TYR A 18 -5.62 4.44 0.84
N ALA A 19 -4.97 3.85 1.83
CA ALA A 19 -5.22 2.47 2.20
C ALA A 19 -6.61 2.33 2.82
N THR A 20 -6.96 3.29 3.67
CA THR A 20 -8.27 3.27 4.32
C THR A 20 -9.37 3.56 3.32
N ALA A 21 -9.03 4.23 2.23
CA ALA A 21 -10.01 4.54 1.20
C ALA A 21 -10.07 3.44 0.15
N LEU A 22 -9.26 2.40 0.35
CA LEU A 22 -9.22 1.27 -0.57
C LEU A 22 -9.62 0.03 0.19
N TYR A 23 -9.19 -0.04 1.44
CA TYR A 23 -9.55 -1.15 2.28
C TYR A 23 -10.91 -0.89 2.92
N SER A 24 -11.35 0.38 2.93
CA SER A 24 -12.66 0.71 3.49
C SER A 24 -13.71 -0.24 2.95
N ALA A 25 -13.62 -0.49 1.63
CA ALA A 25 -14.53 -1.42 0.98
C ALA A 25 -14.14 -2.84 1.35
N ALA A 26 -12.84 -3.07 1.44
CA ALA A 26 -12.31 -4.38 1.80
C ALA A 26 -12.71 -4.74 3.24
N SER A 27 -12.92 -3.71 4.06
CA SER A 27 -13.31 -3.90 5.45
C SER A 27 -14.71 -4.50 5.53
N LYS A 28 -15.66 -3.87 4.84
CA LYS A 28 -17.03 -4.35 4.82
C LYS A 28 -17.07 -5.83 4.45
N GLN A 29 -16.14 -6.24 3.61
CA GLN A 29 -16.05 -7.63 3.18
C GLN A 29 -15.23 -8.43 4.20
N ASN A 30 -14.10 -7.86 4.61
CA ASN A 30 -13.19 -8.49 5.57
C ASN A 30 -11.96 -9.02 4.84
N LYS A 31 -11.59 -8.32 3.79
CA LYS A 31 -10.44 -8.72 2.99
C LYS A 31 -9.16 -8.07 3.50
N LEU A 32 -9.21 -7.45 4.68
CA LEU A 32 -8.04 -6.81 5.27
C LEU A 32 -6.82 -7.72 5.12
N GLU A 33 -7.04 -9.02 5.07
CA GLU A 33 -5.95 -9.97 4.90
C GLU A 33 -5.51 -10.01 3.44
N GLN A 34 -6.48 -9.92 2.53
CA GLN A 34 -6.20 -9.93 1.09
C GLN A 34 -5.83 -8.53 0.60
N VAL A 35 -5.80 -7.57 1.51
CA VAL A 35 -5.47 -6.19 1.15
C VAL A 35 -4.31 -5.67 2.01
N GLU A 36 -4.28 -6.06 3.29
CA GLU A 36 -3.22 -5.64 4.19
C GLU A 36 -1.96 -6.46 3.91
N LYS A 37 -2.14 -7.77 3.81
CA LYS A 37 -1.03 -8.65 3.51
C LYS A 37 -0.52 -8.33 2.12
N GLU A 38 -1.44 -7.83 1.29
CA GLU A 38 -1.12 -7.43 -0.06
C GLU A 38 -0.72 -5.97 -0.09
N LEU A 39 -0.43 -5.41 1.09
CA LEU A 39 -0.03 -4.02 1.20
C LEU A 39 1.43 -3.96 1.65
N LEU A 40 1.82 -4.93 2.46
CA LEU A 40 3.20 -5.01 2.94
C LEU A 40 4.12 -5.47 1.82
N ARG A 41 3.57 -6.23 0.88
CA ARG A 41 4.34 -6.73 -0.25
C ARG A 41 4.80 -5.57 -1.14
N VAL A 42 3.93 -4.57 -1.28
CA VAL A 42 4.24 -3.41 -2.10
C VAL A 42 5.41 -2.62 -1.49
N GLY A 43 5.54 -2.70 -0.18
CA GLY A 43 6.61 -2.00 0.51
C GLY A 43 7.96 -2.65 0.25
N GLN A 44 8.01 -3.97 0.34
CA GLN A 44 9.24 -4.72 0.11
C GLN A 44 9.72 -4.50 -1.32
N ILE A 45 8.77 -4.27 -2.23
CA ILE A 45 9.10 -4.04 -3.64
C ILE A 45 9.82 -2.72 -3.83
N LEU A 46 9.80 -1.87 -2.79
CA LEU A 46 10.48 -0.59 -2.88
C LEU A 46 11.88 -0.68 -2.30
N LYS A 47 12.04 -1.54 -1.29
CA LYS A 47 13.33 -1.75 -0.65
C LYS A 47 14.22 -2.66 -1.50
N GLU A 48 13.57 -3.45 -2.37
CA GLU A 48 14.30 -4.37 -3.23
C GLU A 48 15.34 -3.63 -4.07
N PRO A 49 16.62 -4.04 -4.00
CA PRO A 49 17.70 -3.40 -4.76
C PRO A 49 17.38 -3.32 -6.25
N LYS A 50 17.01 -4.46 -6.83
CA LYS A 50 16.68 -4.53 -8.24
C LYS A 50 15.48 -3.63 -8.56
N MET A 51 14.60 -3.47 -7.58
CA MET A 51 13.42 -2.64 -7.75
C MET A 51 13.79 -1.15 -7.79
N ALA A 52 14.77 -0.77 -6.97
CA ALA A 52 15.22 0.62 -6.91
C ALA A 52 15.61 1.12 -8.30
N ALA A 53 16.07 0.22 -9.15
CA ALA A 53 16.47 0.57 -10.50
C ALA A 53 15.29 0.54 -11.47
N SER A 54 14.09 0.31 -10.93
CA SER A 54 12.89 0.26 -11.75
C SER A 54 11.81 1.19 -11.21
N LEU A 55 11.71 1.28 -9.89
CA LEU A 55 10.72 2.14 -9.25
C LEU A 55 11.19 3.58 -9.18
N LEU A 56 12.51 3.77 -9.22
CA LEU A 56 13.08 5.11 -9.16
C LEU A 56 13.68 5.52 -10.51
N ASN A 57 13.94 4.54 -11.36
CA ASN A 57 14.51 4.82 -12.68
C ASN A 57 13.48 5.47 -13.59
N PRO A 58 13.69 6.75 -13.97
CA PRO A 58 12.77 7.47 -14.85
C PRO A 58 12.62 6.81 -16.22
N TYR A 59 13.49 5.83 -16.49
CA TYR A 59 13.47 5.12 -17.76
C TYR A 59 12.46 3.98 -17.75
N VAL A 60 11.68 3.87 -16.67
CA VAL A 60 10.68 2.82 -16.55
C VAL A 60 9.32 3.28 -17.06
N LYS A 61 9.30 4.42 -17.76
CA LYS A 61 8.06 4.97 -18.29
C LYS A 61 7.04 5.21 -17.17
N ARG A 62 5.98 5.94 -17.49
CA ARG A 62 4.94 6.23 -16.52
C ARG A 62 3.70 5.39 -16.78
N SER A 63 3.92 4.12 -17.10
CA SER A 63 2.82 3.19 -17.37
C SER A 63 3.34 1.79 -17.62
N VAL A 64 4.45 1.70 -18.36
CA VAL A 64 5.05 0.41 -18.68
C VAL A 64 5.47 -0.33 -17.41
N LYS A 65 6.03 0.40 -16.46
CA LYS A 65 6.47 -0.19 -15.20
C LYS A 65 5.28 -0.80 -14.45
N VAL A 66 4.16 -0.10 -14.46
CA VAL A 66 2.96 -0.56 -13.78
C VAL A 66 2.49 -1.90 -14.35
N LYS A 67 2.60 -2.06 -15.66
CA LYS A 67 2.19 -3.29 -16.32
C LYS A 67 2.99 -4.48 -15.80
N SER A 68 4.24 -4.21 -15.41
CA SER A 68 5.11 -5.26 -14.89
C SER A 68 4.65 -5.71 -13.50
N LEU A 69 4.06 -4.79 -12.76
CA LEU A 69 3.57 -5.10 -11.42
C LEU A 69 2.40 -6.06 -11.47
N SER A 70 1.61 -5.99 -12.54
CA SER A 70 0.46 -6.85 -12.72
C SER A 70 0.88 -8.30 -12.89
N ASP A 71 1.96 -8.52 -13.63
CA ASP A 71 2.48 -9.86 -13.85
C ASP A 71 3.38 -10.26 -12.70
N MET A 72 4.03 -9.27 -12.10
CA MET A 72 4.91 -9.52 -10.97
C MET A 72 4.08 -9.73 -9.71
N THR A 73 2.88 -9.16 -9.67
CA THR A 73 2.02 -9.34 -8.51
C THR A 73 1.64 -10.79 -8.38
N ALA A 74 1.54 -11.50 -9.51
CA ALA A 74 1.20 -12.91 -9.49
C ALA A 74 2.10 -13.65 -8.50
N LYS A 75 3.30 -13.11 -8.31
CA LYS A 75 4.26 -13.72 -7.38
C LYS A 75 4.29 -12.96 -6.05
N GLU A 76 3.81 -11.72 -6.05
CA GLU A 76 3.80 -10.92 -4.83
C GLU A 76 2.68 -11.38 -3.89
N LYS A 77 1.44 -11.24 -4.35
CA LYS A 77 0.26 -11.64 -3.57
C LYS A 77 -0.99 -10.92 -4.06
N PHE A 78 -0.83 -9.67 -4.47
CA PHE A 78 -1.95 -8.86 -4.95
C PHE A 78 -2.76 -9.57 -5.99
N SER A 79 -3.72 -8.83 -6.54
CA SER A 79 -4.60 -9.32 -7.60
C SER A 79 -6.04 -8.86 -7.38
N PRO A 80 -6.54 -8.94 -6.13
CA PRO A 80 -7.91 -8.58 -5.84
C PRO A 80 -8.11 -7.19 -5.26
N LEU A 81 -7.71 -6.97 -4.00
CA LEU A 81 -7.88 -5.67 -3.41
C LEU A 81 -6.59 -4.88 -3.47
N THR A 82 -5.71 -5.39 -4.32
CA THR A 82 -4.43 -4.78 -4.53
C THR A 82 -4.14 -4.66 -6.02
N SER A 83 -5.06 -5.16 -6.85
CA SER A 83 -4.87 -5.07 -8.29
C SER A 83 -5.49 -3.78 -8.83
N ASN A 84 -5.49 -2.78 -7.97
CA ASN A 84 -6.01 -1.46 -8.28
C ASN A 84 -5.14 -0.46 -7.54
N LEU A 85 -4.87 -0.79 -6.28
CA LEU A 85 -4.00 0.01 -5.46
C LEU A 85 -2.58 -0.11 -6.00
N ILE A 86 -2.33 -1.17 -6.77
CA ILE A 86 -1.00 -1.38 -7.35
C ILE A 86 -0.72 -0.33 -8.42
N ASN A 87 -1.65 -0.18 -9.35
CA ASN A 87 -1.51 0.80 -10.42
C ASN A 87 -1.57 2.21 -9.87
N LEU A 88 -2.34 2.38 -8.80
CA LEU A 88 -2.48 3.68 -8.16
C LEU A 88 -1.18 4.09 -7.48
N LEU A 89 -0.51 3.12 -6.87
CA LEU A 89 0.75 3.40 -6.20
C LEU A 89 1.85 3.73 -7.20
N ALA A 90 1.71 3.22 -8.42
CA ALA A 90 2.68 3.47 -9.48
C ALA A 90 2.14 4.46 -10.51
N GLU A 91 1.09 5.19 -10.14
CA GLU A 91 0.50 6.16 -11.05
C GLU A 91 0.87 7.58 -10.65
N ASN A 92 0.37 8.01 -9.49
CA ASN A 92 0.65 9.35 -9.00
C ASN A 92 2.11 9.47 -8.58
N GLY A 93 2.71 8.36 -8.21
CA GLY A 93 4.10 8.37 -7.79
C GLY A 93 4.27 8.19 -6.30
N ARG A 94 3.43 7.33 -5.71
CA ARG A 94 3.49 7.06 -4.28
C ARG A 94 4.29 5.80 -3.98
N LEU A 95 5.23 5.48 -4.86
CA LEU A 95 6.07 4.31 -4.68
C LEU A 95 7.43 4.68 -4.08
N THR A 96 7.44 5.76 -3.31
CA THR A 96 8.66 6.23 -2.67
C THR A 96 8.59 6.05 -1.16
N ASN A 97 7.39 6.29 -0.61
CA ASN A 97 7.16 6.16 0.82
C ASN A 97 6.02 5.18 1.09
N THR A 98 5.80 4.26 0.16
CA THR A 98 4.73 3.27 0.29
C THR A 98 4.74 2.60 1.67
N PRO A 99 5.90 2.15 2.19
CA PRO A 99 5.97 1.52 3.50
C PRO A 99 5.30 2.34 4.59
N ALA A 100 5.28 3.66 4.40
CA ALA A 100 4.66 4.56 5.36
C ALA A 100 3.14 4.54 5.21
N VAL A 101 2.67 4.33 3.98
CA VAL A 101 1.25 4.29 3.71
C VAL A 101 0.64 2.97 4.16
N ILE A 102 1.46 1.92 4.17
CA ILE A 102 1.01 0.60 4.58
C ILE A 102 0.88 0.52 6.10
N SER A 103 1.74 1.23 6.82
CA SER A 103 1.72 1.23 8.27
C SER A 103 0.35 1.65 8.80
N ALA A 104 -0.23 2.67 8.17
CA ALA A 104 -1.54 3.16 8.58
C ALA A 104 -2.60 2.06 8.46
N PHE A 105 -2.44 1.20 7.46
CA PHE A 105 -3.37 0.10 7.24
C PHE A 105 -3.44 -0.81 8.45
N SER A 106 -2.30 -1.00 9.11
CA SER A 106 -2.23 -1.85 10.28
C SER A 106 -2.96 -1.24 11.46
N THR A 107 -2.95 0.09 11.55
CA THR A 107 -3.64 0.78 12.62
C THR A 107 -5.08 1.07 12.24
N MET A 108 -5.33 1.16 10.94
CA MET A 108 -6.67 1.41 10.45
C MET A 108 -7.44 0.10 10.37
N MET A 109 -6.71 -1.00 10.22
CA MET A 109 -7.34 -2.32 10.15
C MET A 109 -7.80 -2.77 11.53
N SER A 110 -7.37 -2.08 12.57
CA SER A 110 -7.76 -2.43 13.93
C SER A 110 -9.00 -1.65 14.35
N VAL A 111 -9.25 -0.52 13.69
CA VAL A 111 -10.40 0.30 14.00
C VAL A 111 -11.67 -0.27 13.34
N HIS A 112 -11.50 -1.18 12.40
CA HIS A 112 -12.61 -1.80 11.72
C HIS A 112 -13.29 -2.85 12.60
N ARG A 113 -12.51 -3.44 13.50
CA ARG A 113 -13.04 -4.47 14.40
C ARG A 113 -14.04 -3.86 15.38
N GLY A 114 -13.81 -2.62 15.77
CA GLY A 114 -14.70 -1.95 16.71
C GLY A 114 -15.74 -1.11 16.01
N GLU A 115 -16.10 -1.50 14.78
CA GLU A 115 -17.10 -0.77 14.02
C GLU A 115 -17.58 -1.60 12.83
N VAL A 116 -18.70 -2.30 13.02
CA VAL A 116 -19.28 -3.14 11.97
C VAL A 116 -20.47 -3.96 12.47
N PRO A 117 -20.47 -4.45 13.73
CA PRO A 117 -21.58 -5.24 14.27
C PRO A 117 -22.81 -4.40 14.55
N CYS A 118 -23.92 -5.06 14.88
CA CYS A 118 -25.16 -4.36 15.18
C CYS A 118 -26.11 -5.27 15.97
N THR A 119 -25.55 -6.07 16.86
CA THR A 119 -26.34 -6.97 17.69
C THR A 119 -25.96 -6.84 19.16
N VAL A 120 -25.65 -5.61 19.58
CA VAL A 120 -25.27 -5.34 20.96
C VAL A 120 -25.56 -3.90 21.34
N PHE A 1 20.70 11.90 21.69
CA PHE A 1 20.34 12.42 20.35
C PHE A 1 20.43 11.32 19.29
N ALA A 2 19.72 11.51 18.18
CA ALA A 2 19.72 10.52 17.10
C ALA A 2 21.08 10.45 16.44
N LYS A 3 21.72 9.29 16.55
CA LYS A 3 23.05 9.08 15.96
C LYS A 3 22.96 8.13 14.77
N LEU A 4 22.02 7.19 14.84
CA LEU A 4 21.85 6.21 13.77
C LEU A 4 20.84 6.71 12.74
N VAL A 5 20.71 5.96 11.63
CA VAL A 5 19.78 6.34 10.57
C VAL A 5 18.36 5.89 10.90
N ARG A 6 17.38 6.73 10.57
CA ARG A 6 15.99 6.42 10.83
C ARG A 6 15.08 7.52 10.28
N PRO A 7 14.66 7.39 9.00
CA PRO A 7 13.79 8.38 8.36
C PRO A 7 12.55 8.70 9.21
N PRO A 8 12.53 9.88 9.85
CA PRO A 8 11.41 10.30 10.68
C PRO A 8 10.16 10.64 9.86
N VAL A 9 9.60 9.63 9.22
CA VAL A 9 8.41 9.82 8.39
C VAL A 9 7.48 8.60 8.48
N GLN A 10 6.27 8.81 8.98
CA GLN A 10 5.30 7.74 9.10
C GLN A 10 4.00 8.27 9.71
N ILE A 11 2.87 7.85 9.14
CA ILE A 11 1.57 8.30 9.64
C ILE A 11 1.42 9.80 9.45
N TYR A 12 0.38 10.21 8.72
CA TYR A 12 0.14 11.62 8.44
C TYR A 12 -1.34 11.90 8.24
N GLY A 13 -1.89 11.37 7.14
CA GLY A 13 -3.30 11.57 6.86
C GLY A 13 -3.65 11.24 5.42
N ILE A 14 -3.21 12.10 4.49
CA ILE A 14 -3.49 11.89 3.08
C ILE A 14 -2.99 10.53 2.61
N GLU A 15 -1.77 10.17 3.01
CA GLU A 15 -1.20 8.89 2.63
C GLU A 15 -1.90 7.75 3.35
N GLY A 16 -2.35 8.02 4.57
CA GLY A 16 -3.06 7.00 5.34
C GLY A 16 -4.44 6.74 4.79
N ARG A 17 -5.03 7.77 4.18
CA ARG A 17 -6.37 7.64 3.60
C ARG A 17 -6.34 6.75 2.35
N TYR A 18 -5.17 6.63 1.73
CA TYR A 18 -5.02 5.81 0.54
C TYR A 18 -5.43 4.37 0.85
N ALA A 19 -4.82 3.81 1.89
CA ALA A 19 -5.11 2.45 2.30
C ALA A 19 -6.54 2.34 2.81
N THR A 20 -6.95 3.30 3.61
CA THR A 20 -8.30 3.31 4.16
C THR A 20 -9.34 3.64 3.10
N ALA A 21 -8.90 4.20 1.98
CA ALA A 21 -9.81 4.53 0.90
C ALA A 21 -9.83 3.42 -0.15
N LEU A 22 -8.99 2.41 0.04
CA LEU A 22 -8.93 1.28 -0.87
C LEU A 22 -9.36 0.04 -0.11
N TYR A 23 -8.92 -0.04 1.13
CA TYR A 23 -9.29 -1.13 1.98
C TYR A 23 -10.69 -0.88 2.54
N SER A 24 -11.15 0.38 2.46
CA SER A 24 -12.49 0.71 2.95
C SER A 24 -13.49 -0.28 2.36
N ALA A 25 -13.26 -0.62 1.10
CA ALA A 25 -14.09 -1.61 0.42
C ALA A 25 -13.71 -2.98 0.93
N ALA A 26 -12.41 -3.15 1.15
CA ALA A 26 -11.88 -4.40 1.67
C ALA A 26 -12.51 -4.74 3.03
N SER A 27 -12.54 -3.75 3.92
CA SER A 27 -13.12 -3.93 5.25
C SER A 27 -14.54 -4.49 5.14
N LYS A 28 -15.33 -3.92 4.24
CA LYS A 28 -16.70 -4.37 4.03
C LYS A 28 -16.74 -5.88 3.84
N GLN A 29 -15.69 -6.41 3.22
CA GLN A 29 -15.60 -7.85 2.98
C GLN A 29 -14.81 -8.51 4.10
N ASN A 30 -13.81 -7.78 4.63
CA ASN A 30 -12.95 -8.28 5.71
C ASN A 30 -11.72 -8.93 5.11
N LYS A 31 -11.29 -8.39 3.98
CA LYS A 31 -10.14 -8.91 3.27
C LYS A 31 -8.87 -8.15 3.67
N LEU A 32 -8.93 -7.42 4.79
CA LEU A 32 -7.78 -6.68 5.28
C LEU A 32 -6.51 -7.50 5.19
N GLU A 33 -6.66 -8.82 5.29
CA GLU A 33 -5.52 -9.72 5.19
C GLU A 33 -5.06 -9.86 3.75
N GLN A 34 -6.02 -9.87 2.84
CA GLN A 34 -5.74 -9.98 1.41
C GLN A 34 -5.37 -8.64 0.81
N VAL A 35 -5.53 -7.57 1.58
CA VAL A 35 -5.22 -6.22 1.12
C VAL A 35 -4.06 -5.62 1.92
N GLU A 36 -3.99 -5.95 3.20
CA GLU A 36 -2.93 -5.45 4.06
C GLU A 36 -1.64 -6.19 3.74
N LYS A 37 -1.73 -7.52 3.70
CA LYS A 37 -0.57 -8.33 3.37
C LYS A 37 -0.13 -7.98 1.96
N GLU A 38 -1.10 -7.56 1.15
CA GLU A 38 -0.83 -7.14 -0.21
C GLU A 38 -0.51 -5.64 -0.26
N LEU A 39 -0.27 -5.05 0.91
CA LEU A 39 0.07 -3.64 0.99
C LEU A 39 1.52 -3.50 1.45
N LEU A 40 1.95 -4.42 2.30
CA LEU A 40 3.32 -4.41 2.79
C LEU A 40 4.26 -4.88 1.68
N ARG A 41 3.73 -5.69 0.77
CA ARG A 41 4.53 -6.20 -0.34
C ARG A 41 4.95 -5.07 -1.26
N VAL A 42 4.03 -4.14 -1.51
CA VAL A 42 4.31 -2.99 -2.37
C VAL A 42 5.43 -2.14 -1.79
N GLY A 43 5.63 -2.25 -0.47
CA GLY A 43 6.68 -1.49 0.18
C GLY A 43 8.01 -2.20 0.08
N GLN A 44 7.97 -3.53 0.10
CA GLN A 44 9.18 -4.34 0.00
C GLN A 44 9.74 -4.28 -1.43
N ILE A 45 8.85 -4.10 -2.39
CA ILE A 45 9.25 -4.01 -3.79
C ILE A 45 10.19 -2.84 -4.00
N LEU A 46 9.97 -1.76 -3.27
CA LEU A 46 10.81 -0.57 -3.36
C LEU A 46 12.07 -0.75 -2.53
N LYS A 47 11.98 -1.58 -1.49
CA LYS A 47 13.12 -1.84 -0.63
C LYS A 47 14.08 -2.83 -1.29
N GLU A 48 13.53 -3.70 -2.14
CA GLU A 48 14.34 -4.69 -2.84
C GLU A 48 15.41 -4.00 -3.70
N PRO A 49 16.69 -4.11 -3.31
CA PRO A 49 17.78 -3.50 -4.06
C PRO A 49 17.74 -3.82 -5.54
N LYS A 50 17.32 -5.04 -5.87
CA LYS A 50 17.22 -5.47 -7.27
C LYS A 50 15.88 -5.06 -7.87
N MET A 51 15.07 -4.36 -7.09
CA MET A 51 13.76 -3.92 -7.55
C MET A 51 13.64 -2.40 -7.50
N ALA A 52 14.36 -1.76 -6.57
CA ALA A 52 14.33 -0.32 -6.42
C ALA A 52 14.94 0.36 -7.64
N ALA A 53 16.07 -0.15 -8.08
CA ALA A 53 16.76 0.41 -9.24
C ALA A 53 15.87 0.39 -10.49
N SER A 54 14.92 -0.54 -10.50
CA SER A 54 14.01 -0.67 -11.63
C SER A 54 12.85 0.31 -11.51
N LEU A 55 12.14 0.24 -10.38
CA LEU A 55 10.99 1.12 -10.14
C LEU A 55 11.43 2.58 -10.09
N LEU A 56 12.67 2.81 -9.66
CA LEU A 56 13.20 4.17 -9.55
C LEU A 56 13.81 4.62 -10.88
N ASN A 57 14.26 3.66 -11.69
CA ASN A 57 14.86 3.96 -12.97
C ASN A 57 13.90 4.74 -13.87
N PRO A 58 14.41 5.71 -14.65
CA PRO A 58 13.59 6.51 -15.56
C PRO A 58 13.23 5.78 -16.84
N TYR A 59 13.71 4.54 -16.96
CA TYR A 59 13.45 3.72 -18.14
C TYR A 59 12.11 2.99 -18.01
N VAL A 60 11.68 2.78 -16.77
CA VAL A 60 10.42 2.09 -16.52
C VAL A 60 9.31 3.08 -16.19
N LYS A 61 8.96 3.91 -17.16
CA LYS A 61 7.92 4.93 -17.00
C LYS A 61 6.68 4.34 -16.32
N ARG A 62 5.78 5.21 -15.90
CA ARG A 62 4.55 4.80 -15.23
C ARG A 62 3.76 3.82 -16.09
N SER A 63 3.54 4.19 -17.34
CA SER A 63 2.79 3.35 -18.27
C SER A 63 3.36 1.94 -18.30
N VAL A 64 4.65 1.83 -18.61
CA VAL A 64 5.32 0.54 -18.67
C VAL A 64 5.28 -0.15 -17.32
N LYS A 65 5.34 0.64 -16.25
CA LYS A 65 5.31 0.12 -14.89
C LYS A 65 3.93 -0.46 -14.57
N VAL A 66 2.91 0.05 -15.24
CA VAL A 66 1.55 -0.42 -15.02
C VAL A 66 1.36 -1.85 -15.52
N LYS A 67 2.12 -2.21 -16.55
CA LYS A 67 2.04 -3.55 -17.11
C LYS A 67 2.98 -4.49 -16.35
N SER A 68 4.03 -3.90 -15.76
CA SER A 68 5.00 -4.68 -14.99
C SER A 68 4.49 -4.92 -13.58
N LEU A 69 3.62 -4.03 -13.09
CA LEU A 69 3.06 -4.17 -11.76
C LEU A 69 2.01 -5.26 -11.71
N SER A 70 1.35 -5.50 -12.84
CA SER A 70 0.31 -6.53 -12.93
C SER A 70 0.92 -7.90 -13.13
N ASP A 71 2.08 -7.95 -13.78
CA ASP A 71 2.75 -9.22 -14.03
C ASP A 71 3.64 -9.57 -12.86
N MET A 72 4.21 -8.55 -12.22
CA MET A 72 5.06 -8.77 -11.06
C MET A 72 4.21 -9.08 -9.84
N THR A 73 2.97 -8.60 -9.84
CA THR A 73 2.08 -8.87 -8.73
C THR A 73 1.79 -10.35 -8.63
N ALA A 74 1.76 -11.01 -9.78
CA ALA A 74 1.50 -12.45 -9.82
C ALA A 74 2.45 -13.16 -8.86
N LYS A 75 3.62 -12.56 -8.63
CA LYS A 75 4.61 -13.13 -7.72
C LYS A 75 4.63 -12.41 -6.38
N GLU A 76 4.07 -11.19 -6.34
CA GLU A 76 4.03 -10.43 -5.10
C GLU A 76 2.96 -10.96 -4.16
N LYS A 77 1.70 -10.88 -4.61
CA LYS A 77 0.55 -11.35 -3.83
C LYS A 77 -0.74 -10.69 -4.29
N PHE A 78 -0.65 -9.43 -4.69
CA PHE A 78 -1.80 -8.67 -5.15
C PHE A 78 -2.59 -9.41 -6.20
N SER A 79 -3.59 -8.71 -6.73
CA SER A 79 -4.46 -9.22 -7.77
C SER A 79 -5.92 -8.92 -7.46
N PRO A 80 -6.36 -9.08 -6.20
CA PRO A 80 -7.73 -8.88 -5.83
C PRO A 80 -8.04 -7.54 -5.18
N LEU A 81 -7.61 -7.33 -3.94
CA LEU A 81 -7.88 -6.07 -3.28
C LEU A 81 -6.69 -5.14 -3.39
N THR A 82 -5.75 -5.57 -4.21
CA THR A 82 -4.54 -4.83 -4.45
C THR A 82 -4.33 -4.63 -5.94
N SER A 83 -5.22 -5.20 -6.77
CA SER A 83 -5.09 -5.03 -8.21
C SER A 83 -5.77 -3.74 -8.65
N ASN A 84 -5.74 -2.78 -7.75
CA ASN A 84 -6.31 -1.46 -7.97
C ASN A 84 -5.46 -0.48 -7.20
N LEU A 85 -5.14 -0.88 -5.97
CA LEU A 85 -4.27 -0.10 -5.13
C LEU A 85 -2.87 -0.11 -5.73
N ILE A 86 -2.58 -1.16 -6.51
CA ILE A 86 -1.27 -1.28 -7.14
C ILE A 86 -1.10 -0.19 -8.20
N ASN A 87 -2.05 -0.12 -9.13
CA ASN A 87 -2.01 0.87 -10.19
C ASN A 87 -2.30 2.26 -9.64
N LEU A 88 -2.96 2.31 -8.48
CA LEU A 88 -3.29 3.58 -7.85
C LEU A 88 -2.10 4.14 -7.08
N LEU A 89 -1.26 3.25 -6.56
CA LEU A 89 -0.08 3.68 -5.81
C LEU A 89 1.00 4.20 -6.75
N ALA A 90 1.04 3.66 -7.96
CA ALA A 90 2.03 4.08 -8.94
C ALA A 90 1.58 5.33 -9.69
N GLU A 91 0.30 5.66 -9.56
CA GLU A 91 -0.25 6.84 -10.22
C GLU A 91 0.03 8.11 -9.42
N ASN A 92 -0.25 8.06 -8.12
CA ASN A 92 -0.03 9.20 -7.25
C ASN A 92 -0.02 8.76 -5.78
N GLY A 93 0.43 7.54 -5.53
CA GLY A 93 0.48 7.03 -4.18
C GLY A 93 1.86 7.15 -3.56
N ARG A 94 2.79 7.76 -4.28
CA ARG A 94 4.15 7.93 -3.79
C ARG A 94 4.88 6.59 -3.69
N LEU A 95 5.17 6.00 -4.85
CA LEU A 95 5.87 4.72 -4.88
C LEU A 95 7.34 4.90 -4.51
N THR A 96 7.55 5.26 -3.25
CA THR A 96 8.87 5.49 -2.71
C THR A 96 8.78 5.50 -1.19
N ASN A 97 7.73 6.15 -0.70
CA ASN A 97 7.47 6.22 0.73
C ASN A 97 6.37 5.22 1.11
N THR A 98 6.01 4.35 0.16
CA THR A 98 4.97 3.34 0.36
C THR A 98 4.94 2.81 1.81
N PRO A 99 6.09 2.30 2.31
CA PRO A 99 6.17 1.76 3.67
C PRO A 99 5.46 2.64 4.69
N ALA A 100 5.42 3.94 4.43
CA ALA A 100 4.75 4.88 5.33
C ALA A 100 3.25 4.82 5.15
N VAL A 101 2.81 4.63 3.91
CA VAL A 101 1.39 4.55 3.59
C VAL A 101 0.82 3.21 4.04
N ILE A 102 1.67 2.19 4.08
CA ILE A 102 1.25 0.86 4.48
C ILE A 102 1.02 0.80 6.00
N SER A 103 1.78 1.60 6.74
CA SER A 103 1.65 1.63 8.20
C SER A 103 0.25 2.03 8.61
N ALA A 104 -0.31 3.01 7.91
CA ALA A 104 -1.66 3.49 8.22
C ALA A 104 -2.67 2.36 8.12
N PHE A 105 -2.50 1.50 7.12
CA PHE A 105 -3.40 0.38 6.91
C PHE A 105 -3.48 -0.50 8.15
N SER A 106 -2.33 -0.75 8.77
CA SER A 106 -2.28 -1.59 9.96
C SER A 106 -3.11 -0.98 11.09
N THR A 107 -2.97 0.32 11.29
CA THR A 107 -3.70 1.00 12.34
C THR A 107 -5.18 1.09 11.99
N MET A 108 -5.47 1.43 10.75
CA MET A 108 -6.86 1.53 10.31
C MET A 108 -7.46 0.14 10.20
N MET A 109 -6.59 -0.86 10.08
CA MET A 109 -7.02 -2.26 9.97
C MET A 109 -7.52 -2.75 11.33
N SER A 110 -7.18 -2.04 12.40
CA SER A 110 -7.61 -2.43 13.73
C SER A 110 -8.87 -1.68 14.14
N VAL A 111 -9.12 -0.55 13.49
CA VAL A 111 -10.30 0.26 13.79
C VAL A 111 -11.53 -0.30 13.09
N HIS A 112 -11.32 -1.20 12.14
CA HIS A 112 -12.43 -1.81 11.41
C HIS A 112 -13.08 -2.91 12.24
N ARG A 113 -12.30 -3.51 13.13
CA ARG A 113 -12.82 -4.59 13.97
C ARG A 113 -13.83 -4.06 14.98
N GLY A 114 -13.60 -2.84 15.46
CA GLY A 114 -14.50 -2.23 16.41
C GLY A 114 -15.83 -1.84 15.80
N GLU A 115 -15.80 -1.49 14.52
CA GLU A 115 -17.01 -1.08 13.81
C GLU A 115 -18.04 -2.20 13.81
N VAL A 116 -17.67 -3.34 13.22
CA VAL A 116 -18.56 -4.49 13.14
C VAL A 116 -18.81 -5.08 14.54
N PRO A 117 -20.08 -5.42 14.84
CA PRO A 117 -20.44 -5.99 16.14
C PRO A 117 -19.91 -7.40 16.32
N CYS A 118 -19.01 -7.58 17.28
CA CYS A 118 -18.42 -8.89 17.55
C CYS A 118 -19.44 -9.82 18.20
N THR A 119 -19.49 -11.07 17.74
CA THR A 119 -20.42 -12.05 18.27
C THR A 119 -19.69 -13.06 19.15
N VAL A 120 -20.46 -13.97 19.75
CA VAL A 120 -19.89 -15.00 20.62
C VAL A 120 -19.62 -16.29 19.85
N PHE A 1 3.49 11.89 36.76
CA PHE A 1 3.79 13.35 36.81
C PHE A 1 3.74 13.96 35.41
N ALA A 2 4.42 13.32 34.47
CA ALA A 2 4.45 13.81 33.09
C ALA A 2 3.29 13.24 32.29
N LYS A 3 3.09 13.78 31.09
CA LYS A 3 2.01 13.34 30.22
C LYS A 3 2.15 13.91 28.81
N LEU A 4 3.40 14.05 28.36
CA LEU A 4 3.68 14.59 27.04
C LEU A 4 3.54 13.51 25.97
N VAL A 5 2.93 13.87 24.84
CA VAL A 5 2.73 12.94 23.74
C VAL A 5 3.64 13.28 22.56
N ARG A 6 4.25 12.27 21.97
CA ARG A 6 5.14 12.46 20.83
C ARG A 6 4.83 11.46 19.73
N PRO A 7 3.81 11.74 18.90
CA PRO A 7 3.42 10.86 17.79
C PRO A 7 4.60 10.49 16.90
N PRO A 8 4.53 9.33 16.23
CA PRO A 8 5.59 8.87 15.34
C PRO A 8 5.58 9.60 14.00
N VAL A 9 6.35 9.09 13.04
CA VAL A 9 6.43 9.70 11.71
C VAL A 9 5.89 8.76 10.64
N GLN A 10 5.87 7.46 10.94
CA GLN A 10 5.36 6.48 9.99
C GLN A 10 3.94 6.80 9.54
N ILE A 11 3.23 7.58 10.36
CA ILE A 11 1.86 7.96 10.04
C ILE A 11 1.72 9.47 9.94
N TYR A 12 0.76 9.93 9.15
CA TYR A 12 0.56 11.36 8.93
C TYR A 12 -0.91 11.68 8.72
N GLY A 13 -1.46 11.24 7.59
CA GLY A 13 -2.86 11.51 7.31
C GLY A 13 -3.21 11.27 5.84
N ILE A 14 -2.82 12.21 4.98
CA ILE A 14 -3.11 12.09 3.56
C ILE A 14 -2.57 10.79 2.99
N GLU A 15 -1.33 10.45 3.33
CA GLU A 15 -0.71 9.22 2.86
C GLU A 15 -1.31 8.02 3.57
N GLY A 16 -1.71 8.22 4.82
CA GLY A 16 -2.30 7.15 5.59
C GLY A 16 -3.75 6.89 5.19
N ARG A 17 -4.38 7.91 4.62
CA ARG A 17 -5.77 7.80 4.19
C ARG A 17 -5.87 7.02 2.89
N TYR A 18 -4.83 7.11 2.06
CA TYR A 18 -4.81 6.38 0.79
C TYR A 18 -5.19 4.92 1.00
N ALA A 19 -4.62 4.34 2.04
CA ALA A 19 -4.90 2.95 2.36
C ALA A 19 -6.30 2.80 2.92
N THR A 20 -6.67 3.69 3.84
CA THR A 20 -7.99 3.63 4.44
C THR A 20 -9.07 4.09 3.46
N ALA A 21 -8.65 4.74 2.37
CA ALA A 21 -9.61 5.20 1.38
C ALA A 21 -9.68 4.22 0.21
N LEU A 22 -8.86 3.17 0.27
CA LEU A 22 -8.87 2.14 -0.75
C LEU A 22 -9.27 0.84 -0.11
N TYR A 23 -8.73 0.60 1.07
CA TYR A 23 -9.07 -0.58 1.81
C TYR A 23 -10.45 -0.38 2.45
N SER A 24 -10.90 0.88 2.55
CA SER A 24 -12.22 1.14 3.12
C SER A 24 -13.25 0.29 2.40
N ALA A 25 -13.06 0.14 1.09
CA ALA A 25 -13.92 -0.69 0.28
C ALA A 25 -13.62 -2.14 0.59
N ALA A 26 -12.35 -2.43 0.79
CA ALA A 26 -11.91 -3.78 1.14
C ALA A 26 -12.40 -4.16 2.52
N SER A 27 -12.62 -3.16 3.37
CA SER A 27 -13.10 -3.38 4.73
C SER A 27 -14.55 -3.85 4.70
N LYS A 28 -15.39 -3.11 3.98
CA LYS A 28 -16.80 -3.47 3.86
C LYS A 28 -16.93 -4.91 3.39
N GLN A 29 -15.94 -5.36 2.64
CA GLN A 29 -15.91 -6.73 2.14
C GLN A 29 -15.24 -7.64 3.16
N ASN A 30 -14.15 -7.15 3.77
CA ASN A 30 -13.40 -7.91 4.76
C ASN A 30 -12.25 -8.63 4.09
N LYS A 31 -11.72 -8.03 3.04
CA LYS A 31 -10.62 -8.60 2.31
C LYS A 31 -9.28 -8.13 2.86
N LEU A 32 -9.31 -7.51 4.05
CA LEU A 32 -8.09 -7.02 4.67
C LEU A 32 -7.04 -8.13 4.74
N GLU A 33 -7.49 -9.38 4.76
CA GLU A 33 -6.56 -10.49 4.78
C GLU A 33 -5.91 -10.62 3.40
N GLN A 34 -6.68 -10.25 2.38
CA GLN A 34 -6.20 -10.28 1.01
C GLN A 34 -5.82 -8.87 0.55
N VAL A 35 -5.75 -7.94 1.51
CA VAL A 35 -5.40 -6.57 1.19
C VAL A 35 -4.54 -5.91 2.28
N GLU A 36 -4.33 -6.61 3.39
CA GLU A 36 -3.49 -6.09 4.47
C GLU A 36 -2.12 -6.73 4.40
N LYS A 37 -2.09 -7.98 3.94
CA LYS A 37 -0.85 -8.71 3.80
C LYS A 37 -0.18 -8.31 2.49
N GLU A 38 -0.99 -8.03 1.48
CA GLU A 38 -0.46 -7.63 0.20
C GLU A 38 0.29 -6.30 0.33
N LEU A 39 -0.31 -5.35 1.03
CA LEU A 39 0.31 -4.04 1.24
C LEU A 39 1.75 -4.21 1.70
N LEU A 40 2.01 -5.23 2.51
CA LEU A 40 3.36 -5.49 2.99
C LEU A 40 4.31 -5.73 1.83
N ARG A 41 3.75 -6.21 0.71
CA ARG A 41 4.54 -6.48 -0.48
C ARG A 41 5.08 -5.19 -1.08
N VAL A 42 4.19 -4.24 -1.35
CA VAL A 42 4.59 -2.96 -1.92
C VAL A 42 5.66 -2.29 -1.06
N GLY A 43 5.68 -2.62 0.23
CA GLY A 43 6.65 -2.05 1.13
C GLY A 43 8.03 -2.67 0.96
N GLN A 44 8.05 -3.99 0.80
CA GLN A 44 9.31 -4.71 0.61
C GLN A 44 9.90 -4.40 -0.76
N ILE A 45 9.03 -4.15 -1.73
CA ILE A 45 9.46 -3.84 -3.08
C ILE A 45 10.23 -2.53 -3.12
N LEU A 46 9.82 -1.58 -2.28
CA LEU A 46 10.48 -0.29 -2.24
C LEU A 46 11.80 -0.38 -1.46
N LYS A 47 11.82 -1.23 -0.44
CA LYS A 47 13.02 -1.43 0.36
C LYS A 47 14.05 -2.23 -0.41
N GLU A 48 13.58 -3.01 -1.38
CA GLU A 48 14.46 -3.84 -2.19
C GLU A 48 15.47 -2.98 -2.95
N PRO A 49 16.72 -3.45 -3.06
CA PRO A 49 17.78 -2.72 -3.77
C PRO A 49 17.58 -2.73 -5.28
N LYS A 50 17.28 -3.91 -5.83
CA LYS A 50 17.05 -4.06 -7.26
C LYS A 50 15.83 -3.25 -7.70
N MET A 51 14.78 -3.30 -6.88
CA MET A 51 13.56 -2.57 -7.18
C MET A 51 13.78 -1.07 -7.08
N ALA A 52 14.68 -0.67 -6.17
CA ALA A 52 14.98 0.73 -5.97
C ALA A 52 15.51 1.37 -7.25
N ALA A 53 16.35 0.63 -7.97
CA ALA A 53 16.93 1.13 -9.22
C ALA A 53 15.91 1.07 -10.36
N SER A 54 14.90 0.21 -10.21
CA SER A 54 13.86 0.07 -11.22
C SER A 54 12.71 1.04 -10.97
N LEU A 55 12.42 1.30 -9.69
CA LEU A 55 11.35 2.21 -9.32
C LEU A 55 11.81 3.67 -9.40
N LEU A 56 13.11 3.88 -9.28
CA LEU A 56 13.68 5.22 -9.34
C LEU A 56 14.09 5.58 -10.76
N ASN A 57 14.46 4.57 -11.54
CA ASN A 57 14.88 4.78 -12.92
C ASN A 57 13.78 5.48 -13.73
N PRO A 58 14.17 6.38 -14.65
CA PRO A 58 13.21 7.11 -15.49
C PRO A 58 12.64 6.25 -16.61
N TYR A 59 13.12 5.00 -16.71
CA TYR A 59 12.65 4.08 -17.74
C TYR A 59 11.39 3.34 -17.28
N VAL A 60 11.11 3.39 -16.00
CA VAL A 60 9.93 2.72 -15.44
C VAL A 60 8.69 3.59 -15.59
N LYS A 61 8.38 3.97 -16.83
CA LYS A 61 7.22 4.80 -17.11
C LYS A 61 5.94 4.19 -16.53
N ARG A 62 4.91 5.02 -16.36
CA ARG A 62 3.65 4.54 -15.82
C ARG A 62 3.06 3.42 -16.65
N SER A 63 3.10 3.57 -17.97
CA SER A 63 2.57 2.56 -18.88
C SER A 63 3.29 1.23 -18.68
N VAL A 64 4.62 1.25 -18.80
CA VAL A 64 5.42 0.05 -18.64
C VAL A 64 5.21 -0.56 -17.25
N LYS A 65 5.01 0.30 -16.26
CA LYS A 65 4.80 -0.15 -14.88
C LYS A 65 3.51 -0.95 -14.79
N VAL A 66 2.52 -0.58 -15.60
CA VAL A 66 1.23 -1.26 -15.60
C VAL A 66 1.40 -2.74 -15.95
N LYS A 67 2.21 -3.02 -16.96
CA LYS A 67 2.46 -4.39 -17.38
C LYS A 67 3.26 -5.14 -16.32
N SER A 68 4.26 -4.47 -15.77
CA SER A 68 5.10 -5.08 -14.74
C SER A 68 4.31 -5.28 -13.45
N LEU A 69 3.27 -4.45 -13.26
CA LEU A 69 2.44 -4.54 -12.07
C LEU A 69 1.56 -5.79 -12.11
N SER A 70 1.27 -6.27 -13.32
CA SER A 70 0.43 -7.45 -13.50
C SER A 70 1.23 -8.72 -13.25
N ASP A 71 2.53 -8.67 -13.52
CA ASP A 71 3.41 -9.82 -13.32
C ASP A 71 4.01 -9.84 -11.92
N MET A 72 3.70 -8.81 -11.14
CA MET A 72 4.20 -8.73 -9.77
C MET A 72 3.05 -9.01 -8.82
N THR A 73 1.85 -8.64 -9.26
CA THR A 73 0.65 -8.87 -8.49
C THR A 73 0.32 -10.35 -8.46
N ALA A 74 0.70 -11.06 -9.54
CA ALA A 74 0.45 -12.49 -9.63
C ALA A 74 1.58 -13.30 -8.99
N LYS A 75 2.54 -12.60 -8.38
CA LYS A 75 3.67 -13.26 -7.73
C LYS A 75 3.79 -12.82 -6.27
N GLU A 76 3.68 -11.52 -6.03
CA GLU A 76 3.78 -10.98 -4.68
C GLU A 76 2.64 -11.49 -3.81
N LYS A 77 1.41 -11.21 -4.24
CA LYS A 77 0.22 -11.62 -3.52
C LYS A 77 -1.01 -10.90 -4.05
N PHE A 78 -0.80 -9.68 -4.55
CA PHE A 78 -1.88 -8.88 -5.12
C PHE A 78 -2.75 -9.68 -6.05
N SER A 79 -3.82 -9.03 -6.50
CA SER A 79 -4.77 -9.62 -7.43
C SER A 79 -6.20 -9.24 -7.11
N PRO A 80 -6.58 -9.25 -5.81
CA PRO A 80 -7.93 -8.95 -5.41
C PRO A 80 -8.18 -7.54 -4.90
N LEU A 81 -7.79 -7.25 -3.67
CA LEU A 81 -8.02 -5.92 -3.14
C LEU A 81 -6.77 -5.08 -3.34
N THR A 82 -5.81 -5.68 -4.02
CA THR A 82 -4.57 -5.02 -4.33
C THR A 82 -4.41 -4.86 -5.83
N SER A 83 -5.36 -5.40 -6.60
CA SER A 83 -5.30 -5.28 -8.04
C SER A 83 -5.98 -3.99 -8.50
N ASN A 84 -5.94 -3.01 -7.62
CA ASN A 84 -6.52 -1.69 -7.86
C ASN A 84 -5.60 -0.68 -7.21
N LEU A 85 -5.21 -1.00 -5.99
CA LEU A 85 -4.28 -0.17 -5.26
C LEU A 85 -2.94 -0.22 -5.98
N ILE A 86 -2.74 -1.27 -6.79
CA ILE A 86 -1.50 -1.41 -7.52
C ILE A 86 -1.36 -0.29 -8.55
N ASN A 87 -2.38 -0.12 -9.38
CA ASN A 87 -2.36 0.93 -10.39
C ASN A 87 -2.40 2.31 -9.74
N LEU A 88 -3.10 2.40 -8.61
CA LEU A 88 -3.21 3.65 -7.88
C LEU A 88 -1.88 4.06 -7.27
N LEU A 89 -1.10 3.06 -6.84
CA LEU A 89 0.20 3.33 -6.24
C LEU A 89 1.25 3.54 -7.33
N ALA A 90 1.01 2.98 -8.51
CA ALA A 90 1.93 3.11 -9.63
C ALA A 90 1.46 4.18 -10.62
N GLU A 91 0.36 4.86 -10.30
CA GLU A 91 -0.17 5.90 -11.17
C GLU A 91 0.16 7.29 -10.61
N ASN A 92 -0.39 7.59 -9.43
CA ASN A 92 -0.15 8.87 -8.79
C ASN A 92 1.34 9.09 -8.53
N GLY A 93 2.08 7.99 -8.43
CA GLY A 93 3.51 8.08 -8.17
C GLY A 93 3.84 8.02 -6.70
N ARG A 94 3.17 7.13 -5.98
CA ARG A 94 3.39 6.98 -4.54
C ARG A 94 4.35 5.83 -4.25
N LEU A 95 5.22 5.53 -5.20
CA LEU A 95 6.20 4.46 -5.04
C LEU A 95 7.52 5.01 -4.52
N THR A 96 7.45 5.85 -3.50
CA THR A 96 8.61 6.46 -2.88
C THR A 96 8.53 6.36 -1.38
N ASN A 97 7.34 6.65 -0.85
CA ASN A 97 7.10 6.58 0.59
C ASN A 97 6.00 5.56 0.88
N THR A 98 5.74 4.67 -0.08
CA THR A 98 4.73 3.65 0.06
C THR A 98 4.79 2.96 1.43
N PRO A 99 5.97 2.44 1.83
CA PRO A 99 6.13 1.77 3.12
C PRO A 99 5.46 2.53 4.26
N ALA A 100 5.36 3.85 4.11
CA ALA A 100 4.74 4.69 5.13
C ALA A 100 3.22 4.52 5.09
N VAL A 101 2.67 4.43 3.88
CA VAL A 101 1.23 4.27 3.71
C VAL A 101 0.78 2.88 4.16
N ILE A 102 1.69 1.92 4.08
CA ILE A 102 1.39 0.55 4.48
C ILE A 102 1.25 0.45 5.99
N SER A 103 2.04 1.23 6.72
CA SER A 103 2.00 1.22 8.18
C SER A 103 0.61 1.60 8.67
N ALA A 104 -0.01 2.55 7.98
CA ALA A 104 -1.34 3.00 8.36
C ALA A 104 -2.35 1.86 8.27
N PHE A 105 -2.18 1.00 7.27
CA PHE A 105 -3.06 -0.14 7.08
C PHE A 105 -3.13 -1.00 8.33
N SER A 106 -1.99 -1.16 8.99
CA SER A 106 -1.92 -1.98 10.19
C SER A 106 -2.61 -1.30 11.37
N THR A 107 -2.64 0.03 11.36
CA THR A 107 -3.28 0.77 12.44
C THR A 107 -4.73 1.07 12.10
N MET A 108 -5.02 1.15 10.82
CA MET A 108 -6.38 1.39 10.37
C MET A 108 -7.18 0.10 10.37
N MET A 109 -6.47 -1.02 10.26
CA MET A 109 -7.14 -2.31 10.26
C MET A 109 -7.81 -2.53 11.61
N SER A 110 -7.20 -2.00 12.67
CA SER A 110 -7.77 -2.14 14.01
C SER A 110 -9.16 -1.52 14.07
N VAL A 111 -9.44 -0.62 13.13
CA VAL A 111 -10.73 0.06 13.08
C VAL A 111 -11.79 -0.86 12.46
N HIS A 112 -11.42 -1.56 11.39
CA HIS A 112 -12.36 -2.47 10.72
C HIS A 112 -12.58 -3.72 11.56
N ARG A 113 -11.56 -4.12 12.30
CA ARG A 113 -11.64 -5.30 13.15
C ARG A 113 -12.47 -5.01 14.40
N GLY A 114 -12.44 -3.77 14.85
CA GLY A 114 -13.20 -3.38 16.03
C GLY A 114 -14.60 -2.91 15.69
N GLU A 115 -14.76 -2.36 14.48
CA GLU A 115 -16.06 -1.85 14.05
C GLU A 115 -16.64 -2.75 12.95
N VAL A 116 -16.98 -3.98 13.32
CA VAL A 116 -17.55 -4.93 12.36
C VAL A 116 -19.03 -5.18 12.66
N PRO A 117 -19.87 -5.27 11.61
CA PRO A 117 -21.31 -5.50 11.76
C PRO A 117 -21.60 -6.73 12.63
N CYS A 118 -20.99 -7.86 12.28
CA CYS A 118 -21.19 -9.08 13.03
C CYS A 118 -19.85 -9.77 13.32
N THR A 119 -19.77 -10.43 14.47
CA THR A 119 -18.55 -11.14 14.86
C THR A 119 -18.80 -12.03 16.07
N VAL A 120 -20.01 -12.60 16.14
CA VAL A 120 -20.37 -13.48 17.24
C VAL A 120 -21.00 -14.77 16.73
N PHE A 1 19.44 -2.38 16.58
CA PHE A 1 19.00 -1.39 17.60
C PHE A 1 18.68 -2.08 18.92
N ALA A 2 18.28 -1.29 19.91
CA ALA A 2 17.94 -1.83 21.22
C ALA A 2 17.40 -0.74 22.15
N LYS A 3 16.88 -1.15 23.29
CA LYS A 3 16.32 -0.20 24.26
C LYS A 3 15.18 0.59 23.66
N LEU A 4 14.44 -0.04 22.74
CA LEU A 4 13.31 0.60 22.09
C LEU A 4 13.76 1.83 21.31
N VAL A 5 13.68 1.75 19.98
CA VAL A 5 14.07 2.87 19.13
C VAL A 5 12.95 3.25 18.17
N ARG A 6 12.52 2.28 17.36
CA ARG A 6 11.45 2.51 16.40
C ARG A 6 11.87 3.56 15.36
N PRO A 7 11.35 3.45 14.13
CA PRO A 7 11.68 4.39 13.05
C PRO A 7 11.05 5.77 13.28
N PRO A 8 11.63 6.82 12.68
CA PRO A 8 11.12 8.19 12.83
C PRO A 8 9.79 8.39 12.10
N VAL A 9 9.71 7.91 10.86
CA VAL A 9 8.51 8.03 10.07
C VAL A 9 7.45 7.03 10.51
N GLN A 10 6.22 7.51 10.71
CA GLN A 10 5.12 6.65 11.13
C GLN A 10 3.82 7.44 11.23
N ILE A 11 2.85 7.05 10.41
CA ILE A 11 1.53 7.70 10.38
C ILE A 11 1.66 9.22 10.19
N TYR A 12 0.78 9.77 9.38
CA TYR A 12 0.80 11.19 9.07
C TYR A 12 -0.59 11.72 8.74
N GLY A 13 -1.13 11.28 7.59
CA GLY A 13 -2.46 11.71 7.20
C GLY A 13 -2.76 11.38 5.74
N ILE A 14 -2.39 12.29 4.84
CA ILE A 14 -2.63 12.09 3.42
C ILE A 14 -2.10 10.73 2.95
N GLU A 15 -0.88 10.40 3.37
CA GLU A 15 -0.26 9.14 3.00
C GLU A 15 -0.92 7.99 3.75
N GLY A 16 -1.41 8.27 4.96
CA GLY A 16 -2.07 7.25 5.74
C GLY A 16 -3.48 6.98 5.27
N ARG A 17 -4.09 7.99 4.66
CA ARG A 17 -5.46 7.86 4.15
C ARG A 17 -5.48 7.05 2.87
N TYR A 18 -4.40 7.15 2.08
CA TYR A 18 -4.30 6.41 0.83
C TYR A 18 -4.69 4.95 1.03
N ALA A 19 -4.30 4.42 2.18
CA ALA A 19 -4.61 3.04 2.52
C ALA A 19 -6.06 2.90 2.93
N THR A 20 -6.54 3.83 3.74
CA THR A 20 -7.92 3.81 4.20
C THR A 20 -8.88 4.19 3.08
N ALA A 21 -8.35 4.87 2.05
CA ALA A 21 -9.19 5.26 0.92
C ALA A 21 -9.11 4.23 -0.20
N LEU A 22 -8.32 3.19 0.04
CA LEU A 22 -8.16 2.11 -0.92
C LEU A 22 -8.71 0.85 -0.29
N TYR A 23 -8.30 0.63 0.94
CA TYR A 23 -8.76 -0.51 1.68
C TYR A 23 -10.20 -0.27 2.10
N SER A 24 -10.66 0.99 2.08
CA SER A 24 -12.04 1.29 2.43
C SER A 24 -12.96 0.39 1.62
N ALA A 25 -12.55 0.14 0.38
CA ALA A 25 -13.30 -0.74 -0.51
C ALA A 25 -13.04 -2.18 -0.08
N ALA A 26 -11.80 -2.43 0.32
CA ALA A 26 -11.41 -3.76 0.77
C ALA A 26 -12.08 -4.08 2.12
N SER A 27 -12.42 -3.03 2.86
CA SER A 27 -13.07 -3.19 4.15
C SER A 27 -14.49 -3.71 3.96
N LYS A 28 -15.23 -3.08 3.05
CA LYS A 28 -16.60 -3.48 2.76
C LYS A 28 -16.63 -4.98 2.45
N GLN A 29 -15.54 -5.48 1.89
CA GLN A 29 -15.43 -6.89 1.55
C GLN A 29 -14.94 -7.68 2.77
N ASN A 30 -14.01 -7.06 3.51
CA ASN A 30 -13.44 -7.69 4.71
C ASN A 30 -12.22 -8.53 4.32
N LYS A 31 -11.56 -8.11 3.25
CA LYS A 31 -10.39 -8.81 2.78
C LYS A 31 -9.12 -8.17 3.32
N LEU A 32 -9.24 -7.42 4.41
CA LEU A 32 -8.09 -6.76 5.03
C LEU A 32 -6.95 -7.76 5.24
N GLU A 33 -7.30 -9.02 5.47
CA GLU A 33 -6.29 -10.05 5.65
C GLU A 33 -5.60 -10.33 4.32
N GLN A 34 -6.37 -10.12 3.25
CA GLN A 34 -5.88 -10.32 1.89
C GLN A 34 -5.44 -8.98 1.28
N VAL A 35 -5.58 -7.90 2.04
CA VAL A 35 -5.20 -6.59 1.56
C VAL A 35 -4.31 -5.83 2.56
N GLU A 36 -4.07 -6.44 3.72
CA GLU A 36 -3.21 -5.85 4.73
C GLU A 36 -1.85 -6.51 4.66
N LYS A 37 -1.85 -7.80 4.38
CA LYS A 37 -0.63 -8.56 4.26
C LYS A 37 0.04 -8.25 2.94
N GLU A 38 -0.76 -8.10 1.88
CA GLU A 38 -0.22 -7.78 0.57
C GLU A 38 0.54 -6.46 0.64
N LEU A 39 -0.07 -5.45 1.25
CA LEU A 39 0.55 -4.14 1.37
C LEU A 39 1.99 -4.26 1.85
N LEU A 40 2.24 -5.21 2.74
CA LEU A 40 3.59 -5.44 3.25
C LEU A 40 4.55 -5.77 2.12
N ARG A 41 4.00 -6.31 1.04
CA ARG A 41 4.80 -6.69 -0.12
C ARG A 41 5.28 -5.44 -0.86
N VAL A 42 4.42 -4.44 -0.95
CA VAL A 42 4.76 -3.19 -1.62
C VAL A 42 5.97 -2.53 -0.96
N GLY A 43 6.12 -2.75 0.34
CA GLY A 43 7.23 -2.18 1.07
C GLY A 43 8.54 -2.86 0.73
N GLN A 44 8.50 -4.19 0.63
CA GLN A 44 9.69 -4.97 0.30
C GLN A 44 10.16 -4.66 -1.12
N ILE A 45 9.21 -4.31 -1.98
CA ILE A 45 9.53 -3.99 -3.37
C ILE A 45 10.47 -2.79 -3.45
N LEU A 46 10.37 -1.90 -2.47
CA LEU A 46 11.22 -0.71 -2.44
C LEU A 46 12.61 -1.05 -1.89
N LYS A 47 12.67 -2.06 -1.03
CA LYS A 47 13.94 -2.49 -0.44
C LYS A 47 14.74 -3.30 -1.45
N GLU A 48 14.04 -3.95 -2.38
CA GLU A 48 14.68 -4.76 -3.39
C GLU A 48 15.60 -3.91 -4.27
N PRO A 49 16.93 -4.10 -4.18
CA PRO A 49 17.90 -3.34 -4.97
C PRO A 49 17.56 -3.34 -6.46
N LYS A 50 17.15 -4.49 -6.97
CA LYS A 50 16.79 -4.62 -8.37
C LYS A 50 15.51 -3.83 -8.69
N MET A 51 14.65 -3.71 -7.69
CA MET A 51 13.39 -2.98 -7.85
C MET A 51 13.63 -1.48 -7.84
N ALA A 52 14.58 -1.04 -7.01
CA ALA A 52 14.90 0.38 -6.90
C ALA A 52 15.30 0.96 -8.26
N ALA A 53 15.85 0.11 -9.12
CA ALA A 53 16.26 0.54 -10.45
C ALA A 53 15.06 0.82 -11.34
N SER A 54 13.94 0.14 -11.07
CA SER A 54 12.73 0.33 -11.85
C SER A 54 11.78 1.31 -11.17
N LEU A 55 11.67 1.20 -9.86
CA LEU A 55 10.81 2.07 -9.08
C LEU A 55 11.17 3.54 -9.28
N LEU A 56 12.42 3.79 -9.66
CA LEU A 56 12.88 5.15 -9.89
C LEU A 56 13.50 5.30 -11.28
N ASN A 57 12.92 4.62 -12.26
CA ASN A 57 13.40 4.68 -13.63
C ASN A 57 12.41 5.40 -14.52
N PRO A 58 12.74 6.63 -14.97
CA PRO A 58 11.86 7.41 -15.85
C PRO A 58 11.50 6.65 -17.13
N TYR A 59 12.23 5.59 -17.41
CA TYR A 59 12.01 4.77 -18.59
C TYR A 59 10.82 3.84 -18.41
N VAL A 60 10.56 3.46 -17.16
CA VAL A 60 9.44 2.58 -16.84
C VAL A 60 8.10 3.24 -17.16
N LYS A 61 8.11 4.57 -17.24
CA LYS A 61 6.90 5.34 -17.53
C LYS A 61 5.80 5.02 -16.52
N ARG A 62 4.62 5.58 -16.75
CA ARG A 62 3.48 5.36 -15.86
C ARG A 62 2.60 4.23 -16.38
N SER A 63 2.11 4.39 -17.60
CA SER A 63 1.25 3.37 -18.22
C SER A 63 1.99 2.04 -18.33
N VAL A 64 3.19 2.08 -18.90
CA VAL A 64 4.00 0.88 -19.06
C VAL A 64 4.24 0.20 -17.71
N LYS A 65 4.53 1.01 -16.70
CA LYS A 65 4.77 0.49 -15.36
C LYS A 65 3.58 -0.32 -14.86
N VAL A 66 2.38 0.08 -15.28
CA VAL A 66 1.16 -0.61 -14.89
C VAL A 66 1.20 -2.08 -15.31
N LYS A 67 1.61 -2.31 -16.55
CA LYS A 67 1.69 -3.68 -17.07
C LYS A 67 2.70 -4.50 -16.29
N SER A 68 3.81 -3.87 -15.93
CA SER A 68 4.86 -4.55 -15.18
C SER A 68 4.34 -4.99 -13.81
N LEU A 69 3.38 -4.24 -13.27
CA LEU A 69 2.81 -4.55 -11.97
C LEU A 69 2.11 -5.90 -11.99
N SER A 70 1.48 -6.22 -13.12
CA SER A 70 0.77 -7.49 -13.28
C SER A 70 1.71 -8.66 -13.02
N ASP A 71 2.93 -8.58 -13.57
CA ASP A 71 3.91 -9.64 -13.39
C ASP A 71 4.65 -9.48 -12.05
N MET A 72 4.28 -8.46 -11.30
CA MET A 72 4.89 -8.21 -10.00
C MET A 72 3.93 -8.63 -8.90
N THR A 73 2.63 -8.48 -9.18
CA THR A 73 1.60 -8.86 -8.24
C THR A 73 1.47 -10.38 -8.19
N ALA A 74 1.76 -11.03 -9.31
CA ALA A 74 1.67 -12.47 -9.40
C ALA A 74 2.82 -13.15 -8.66
N LYS A 75 3.88 -12.39 -8.36
CA LYS A 75 5.03 -12.93 -7.66
C LYS A 75 5.22 -12.26 -6.29
N GLU A 76 4.19 -11.59 -5.80
CA GLU A 76 4.27 -10.92 -4.51
C GLU A 76 3.15 -11.41 -3.58
N LYS A 77 1.92 -11.29 -4.05
CA LYS A 77 0.75 -11.73 -3.28
C LYS A 77 -0.51 -11.03 -3.82
N PHE A 78 -0.35 -9.78 -4.24
CA PHE A 78 -1.45 -8.99 -4.79
C PHE A 78 -2.29 -9.77 -5.75
N SER A 79 -3.40 -9.16 -6.14
CA SER A 79 -4.32 -9.76 -7.11
C SER A 79 -5.76 -9.39 -6.82
N PRO A 80 -6.20 -9.48 -5.55
CA PRO A 80 -7.57 -9.21 -5.19
C PRO A 80 -7.85 -7.83 -4.65
N LEU A 81 -7.47 -7.57 -3.40
CA LEU A 81 -7.73 -6.26 -2.83
C LEU A 81 -6.51 -5.38 -3.02
N THR A 82 -5.50 -5.96 -3.68
CA THR A 82 -4.27 -5.26 -3.95
C THR A 82 -4.06 -5.11 -5.45
N SER A 83 -4.97 -5.67 -6.25
CA SER A 83 -4.85 -5.54 -7.69
C SER A 83 -5.54 -4.27 -8.16
N ASN A 84 -5.52 -3.28 -7.28
CA ASN A 84 -6.10 -1.97 -7.55
C ASN A 84 -5.21 -0.95 -6.87
N LEU A 85 -4.85 -1.27 -5.63
CA LEU A 85 -3.95 -0.44 -4.86
C LEU A 85 -2.59 -0.46 -5.56
N ILE A 86 -2.33 -1.52 -6.34
CA ILE A 86 -1.08 -1.66 -7.04
C ILE A 86 -0.94 -0.56 -8.10
N ASN A 87 -1.97 -0.41 -8.93
CA ASN A 87 -1.97 0.59 -9.97
C ASN A 87 -2.03 2.00 -9.37
N LEU A 88 -2.66 2.10 -8.21
CA LEU A 88 -2.79 3.38 -7.52
C LEU A 88 -1.45 3.82 -6.94
N LEU A 89 -0.66 2.86 -6.49
CA LEU A 89 0.65 3.16 -5.91
C LEU A 89 1.69 3.38 -7.00
N ALA A 90 1.50 2.70 -8.13
CA ALA A 90 2.42 2.83 -9.26
C ALA A 90 2.00 3.97 -10.19
N GLU A 91 0.83 4.54 -9.95
CA GLU A 91 0.32 5.63 -10.78
C GLU A 91 0.50 6.97 -10.07
N ASN A 92 -0.03 7.07 -8.86
CA ASN A 92 0.07 8.30 -8.07
C ASN A 92 1.53 8.72 -7.89
N GLY A 93 2.42 7.73 -7.90
CA GLY A 93 3.84 8.02 -7.73
C GLY A 93 4.27 7.97 -6.28
N ARG A 94 3.57 7.16 -5.48
CA ARG A 94 3.88 7.03 -4.07
C ARG A 94 4.61 5.72 -3.79
N LEU A 95 5.51 5.34 -4.69
CA LEU A 95 6.27 4.12 -4.54
C LEU A 95 7.64 4.39 -3.92
N THR A 96 7.72 5.43 -3.12
CA THR A 96 8.97 5.80 -2.46
C THR A 96 8.82 5.67 -0.95
N ASN A 97 7.66 6.07 -0.44
CA ASN A 97 7.37 5.99 0.99
C ASN A 97 6.11 5.18 1.25
N THR A 98 5.74 4.32 0.29
CA THR A 98 4.55 3.50 0.42
C THR A 98 4.54 2.69 1.73
N PRO A 99 5.67 2.08 2.13
CA PRO A 99 5.74 1.30 3.37
C PRO A 99 5.13 2.04 4.56
N ALA A 100 5.17 3.37 4.51
CA ALA A 100 4.62 4.19 5.58
C ALA A 100 3.10 4.15 5.55
N VAL A 101 2.54 4.02 4.36
CA VAL A 101 1.09 3.96 4.20
C VAL A 101 0.53 2.66 4.76
N ILE A 102 1.36 1.63 4.81
CA ILE A 102 0.94 0.33 5.33
C ILE A 102 0.70 0.39 6.83
N SER A 103 1.48 1.21 7.52
CA SER A 103 1.36 1.37 8.96
C SER A 103 -0.05 1.80 9.34
N ALA A 104 -0.55 2.84 8.67
CA ALA A 104 -1.88 3.35 8.93
C ALA A 104 -2.92 2.24 8.79
N PHE A 105 -2.59 1.25 7.96
CA PHE A 105 -3.48 0.11 7.74
C PHE A 105 -3.76 -0.63 9.03
N SER A 106 -2.70 -0.95 9.76
CA SER A 106 -2.82 -1.67 11.02
C SER A 106 -3.55 -0.86 12.07
N THR A 107 -3.64 0.45 11.86
CA THR A 107 -4.34 1.31 12.81
C THR A 107 -5.74 1.58 12.33
N MET A 108 -5.90 1.69 11.01
CA MET A 108 -7.21 1.92 10.43
C MET A 108 -7.99 0.61 10.39
N MET A 109 -7.25 -0.50 10.37
CA MET A 109 -7.88 -1.81 10.36
C MET A 109 -8.71 -2.00 11.63
N SER A 110 -8.22 -1.47 12.74
CA SER A 110 -8.92 -1.57 14.01
C SER A 110 -10.31 -0.95 13.90
N VAL A 111 -10.48 -0.06 12.93
CA VAL A 111 -11.75 0.61 12.71
C VAL A 111 -12.74 -0.32 12.02
N HIS A 112 -12.27 -1.05 11.01
CA HIS A 112 -13.13 -1.98 10.28
C HIS A 112 -13.50 -3.18 11.15
N ARG A 113 -12.58 -3.55 12.04
CA ARG A 113 -12.80 -4.68 12.93
C ARG A 113 -13.85 -4.35 13.98
N GLY A 114 -13.91 -3.08 14.36
CA GLY A 114 -14.88 -2.64 15.35
C GLY A 114 -16.30 -2.66 14.84
N GLU A 115 -16.44 -2.49 13.53
CA GLU A 115 -17.76 -2.48 12.90
C GLU A 115 -18.08 -3.85 12.29
N VAL A 116 -17.67 -4.91 12.99
CA VAL A 116 -17.92 -6.27 12.52
C VAL A 116 -18.01 -7.24 13.69
N PRO A 117 -18.76 -8.34 13.52
CA PRO A 117 -18.94 -9.35 14.57
C PRO A 117 -17.61 -9.85 15.12
N CYS A 118 -16.70 -10.21 14.22
CA CYS A 118 -15.39 -10.71 14.60
C CYS A 118 -15.52 -11.98 15.46
N THR A 119 -15.58 -13.12 14.79
CA THR A 119 -15.70 -14.40 15.49
C THR A 119 -14.33 -15.07 15.64
N VAL A 120 -14.14 -15.78 16.75
CA VAL A 120 -12.88 -16.47 17.01
C VAL A 120 -12.59 -17.51 15.91
N PHE A 1 21.92 15.79 21.02
CA PHE A 1 22.66 15.34 19.82
C PHE A 1 21.84 15.57 18.55
N ALA A 2 20.54 15.29 18.64
CA ALA A 2 19.64 15.47 17.50
C ALA A 2 18.21 15.70 17.96
N LYS A 3 17.69 14.78 18.75
CA LYS A 3 16.32 14.87 19.26
C LYS A 3 15.31 14.91 18.12
N LEU A 4 14.52 13.84 18.01
CA LEU A 4 13.52 13.75 16.95
C LEU A 4 12.16 13.39 17.53
N VAL A 5 11.21 14.32 17.42
CA VAL A 5 9.87 14.10 17.93
C VAL A 5 8.92 13.67 16.82
N ARG A 6 8.08 12.68 17.11
CA ARG A 6 7.11 12.18 16.13
C ARG A 6 5.96 11.45 16.83
N PRO A 7 4.93 12.19 17.25
CA PRO A 7 3.76 11.61 17.92
C PRO A 7 3.16 10.45 17.14
N PRO A 8 2.46 9.53 17.83
CA PRO A 8 1.83 8.38 17.19
C PRO A 8 0.94 8.78 16.02
N VAL A 9 -0.10 9.56 16.31
CA VAL A 9 -1.03 10.02 15.29
C VAL A 9 -1.75 8.83 14.64
N GLN A 10 -2.97 9.09 14.18
CA GLN A 10 -3.78 8.05 13.54
C GLN A 10 -3.32 7.82 12.10
N ILE A 11 -3.36 8.88 11.30
CA ILE A 11 -2.95 8.79 9.90
C ILE A 11 -1.87 9.82 9.58
N TYR A 12 -0.90 9.43 8.77
CA TYR A 12 0.22 10.29 8.44
C TYR A 12 0.69 10.07 7.00
N GLY A 13 0.02 10.73 6.06
CA GLY A 13 0.38 10.59 4.66
C GLY A 13 -0.81 10.39 3.75
N ILE A 14 -1.08 11.36 2.90
CA ILE A 14 -2.21 11.30 1.98
C ILE A 14 -2.24 9.95 1.27
N GLU A 15 -1.07 9.47 0.85
CA GLU A 15 -0.98 8.19 0.16
C GLU A 15 -1.57 7.08 1.03
N GLY A 16 -1.29 7.13 2.33
CA GLY A 16 -1.82 6.14 3.23
C GLY A 16 -3.31 5.96 3.08
N ARG A 17 -4.01 7.08 2.86
CA ARG A 17 -5.45 7.04 2.68
C ARG A 17 -5.83 6.22 1.45
N TYR A 18 -4.87 6.05 0.54
CA TYR A 18 -5.12 5.27 -0.66
C TYR A 18 -5.46 3.83 -0.30
N ALA A 19 -4.55 3.18 0.41
CA ALA A 19 -4.74 1.81 0.85
C ALA A 19 -5.90 1.70 1.83
N THR A 20 -6.08 2.74 2.63
CA THR A 20 -7.15 2.75 3.61
C THR A 20 -8.50 3.09 2.96
N ALA A 21 -8.46 3.82 1.86
CA ALA A 21 -9.67 4.20 1.15
C ALA A 21 -10.08 3.11 0.16
N LEU A 22 -9.23 2.11 0.00
CA LEU A 22 -9.52 1.00 -0.90
C LEU A 22 -9.92 -0.21 -0.07
N TYR A 23 -9.33 -0.32 1.09
CA TYR A 23 -9.64 -1.39 1.99
C TYR A 23 -11.03 -1.15 2.58
N SER A 24 -11.51 0.10 2.51
CA SER A 24 -12.84 0.42 3.03
C SER A 24 -13.84 -0.60 2.50
N ALA A 25 -13.67 -0.97 1.24
CA ALA A 25 -14.51 -1.98 0.62
C ALA A 25 -14.10 -3.34 1.15
N ALA A 26 -12.79 -3.50 1.34
CA ALA A 26 -12.24 -4.74 1.87
C ALA A 26 -12.78 -5.02 3.28
N SER A 27 -12.73 -4.00 4.14
CA SER A 27 -13.22 -4.13 5.51
C SER A 27 -14.67 -4.58 5.51
N LYS A 28 -15.47 -3.99 4.63
CA LYS A 28 -16.88 -4.34 4.52
C LYS A 28 -17.03 -5.84 4.38
N GLN A 29 -16.02 -6.46 3.75
CA GLN A 29 -16.01 -7.90 3.57
C GLN A 29 -15.17 -8.57 4.66
N ASN A 30 -13.85 -8.46 4.50
CA ASN A 30 -12.88 -9.02 5.45
C ASN A 30 -11.59 -9.35 4.72
N LYS A 31 -11.33 -8.65 3.62
CA LYS A 31 -10.14 -8.88 2.83
C LYS A 31 -8.90 -8.25 3.48
N LEU A 32 -9.07 -7.61 4.64
CA LEU A 32 -7.95 -6.99 5.34
C LEU A 32 -6.72 -7.89 5.33
N GLU A 33 -6.96 -9.20 5.29
CA GLU A 33 -5.87 -10.17 5.25
C GLU A 33 -5.27 -10.23 3.86
N GLN A 34 -6.12 -10.10 2.85
CA GLN A 34 -5.70 -10.12 1.46
C GLN A 34 -5.24 -8.73 1.00
N VAL A 35 -5.45 -7.73 1.86
CA VAL A 35 -5.05 -6.36 1.54
C VAL A 35 -3.89 -5.91 2.43
N GLU A 36 -3.91 -6.36 3.68
CA GLU A 36 -2.87 -6.01 4.63
C GLU A 36 -1.57 -6.71 4.27
N LYS A 37 -1.67 -8.01 4.01
CA LYS A 37 -0.52 -8.79 3.60
C LYS A 37 -0.08 -8.34 2.22
N GLU A 38 -1.03 -7.79 1.48
CA GLU A 38 -0.78 -7.28 0.15
C GLU A 38 -0.39 -5.80 0.21
N LEU A 39 -0.04 -5.33 1.40
CA LEU A 39 0.36 -3.95 1.59
C LEU A 39 1.83 -3.90 2.00
N LEU A 40 2.27 -4.94 2.71
CA LEU A 40 3.66 -5.04 3.13
C LEU A 40 4.54 -5.45 1.96
N ARG A 41 3.95 -6.14 0.99
CA ARG A 41 4.69 -6.58 -0.19
C ARG A 41 5.08 -5.39 -1.06
N VAL A 42 4.21 -4.39 -1.09
CA VAL A 42 4.46 -3.18 -1.88
C VAL A 42 5.70 -2.46 -1.38
N GLY A 43 5.97 -2.59 -0.08
CA GLY A 43 7.14 -1.95 0.50
C GLY A 43 8.41 -2.73 0.18
N GLN A 44 8.28 -4.05 0.09
CA GLN A 44 9.40 -4.90 -0.23
C GLN A 44 9.89 -4.64 -1.65
N ILE A 45 8.96 -4.22 -2.52
CA ILE A 45 9.29 -3.92 -3.90
C ILE A 45 10.31 -2.79 -3.99
N LEU A 46 10.39 -1.98 -2.95
CA LEU A 46 11.34 -0.89 -2.93
C LEU A 46 12.65 -1.33 -2.30
N LYS A 47 12.53 -2.14 -1.26
CA LYS A 47 13.70 -2.67 -0.57
C LYS A 47 14.34 -3.77 -1.39
N GLU A 48 13.58 -4.36 -2.31
CA GLU A 48 14.08 -5.42 -3.16
C GLU A 48 15.02 -4.86 -4.24
N PRO A 49 16.31 -5.25 -4.21
CA PRO A 49 17.30 -4.77 -5.18
C PRO A 49 16.93 -5.07 -6.62
N LYS A 50 15.98 -5.98 -6.81
CA LYS A 50 15.54 -6.36 -8.15
C LYS A 50 14.28 -5.58 -8.54
N MET A 51 14.17 -4.37 -8.01
CA MET A 51 13.01 -3.52 -8.28
C MET A 51 13.29 -2.08 -7.88
N ALA A 52 14.01 -1.89 -6.76
CA ALA A 52 14.33 -0.55 -6.28
C ALA A 52 15.01 0.27 -7.37
N ALA A 53 15.97 -0.35 -8.04
CA ALA A 53 16.70 0.32 -9.12
C ALA A 53 15.81 0.48 -10.36
N SER A 54 14.81 -0.38 -10.48
CA SER A 54 13.90 -0.34 -11.61
C SER A 54 12.81 0.71 -11.40
N LEU A 55 12.38 0.86 -10.15
CA LEU A 55 11.34 1.83 -9.81
C LEU A 55 11.91 3.25 -9.78
N LEU A 56 13.19 3.36 -9.45
CA LEU A 56 13.85 4.66 -9.39
C LEU A 56 14.23 5.14 -10.79
N ASN A 57 14.46 4.21 -11.69
CA ASN A 57 14.83 4.54 -13.06
C ASN A 57 13.76 5.41 -13.73
N PRO A 58 14.15 6.56 -14.32
CA PRO A 58 13.21 7.46 -15.00
C PRO A 58 12.46 6.78 -16.14
N TYR A 59 12.96 5.63 -16.57
CA TYR A 59 12.35 4.88 -17.67
C TYR A 59 11.16 4.06 -17.18
N VAL A 60 11.07 3.87 -15.86
CA VAL A 60 9.98 3.10 -15.28
C VAL A 60 8.62 3.62 -15.74
N LYS A 61 8.56 4.91 -16.05
CA LYS A 61 7.33 5.53 -16.50
C LYS A 61 6.22 5.39 -15.45
N ARG A 62 5.05 5.93 -15.75
CA ARG A 62 3.92 5.87 -14.83
C ARG A 62 2.89 4.83 -15.30
N SER A 63 2.79 4.66 -16.61
CA SER A 63 1.84 3.71 -17.19
C SER A 63 2.48 2.34 -17.32
N VAL A 64 3.75 2.30 -17.72
CA VAL A 64 4.47 1.05 -17.88
C VAL A 64 4.53 0.28 -16.56
N LYS A 65 4.88 0.97 -15.48
CA LYS A 65 4.96 0.35 -14.17
C LYS A 65 3.65 -0.33 -13.80
N VAL A 66 2.55 0.21 -14.31
CA VAL A 66 1.23 -0.35 -14.04
C VAL A 66 1.10 -1.76 -14.59
N LYS A 67 1.46 -1.93 -15.86
CA LYS A 67 1.39 -3.23 -16.51
C LYS A 67 2.34 -4.21 -15.84
N SER A 68 3.57 -3.75 -15.58
CA SER A 68 4.57 -4.58 -14.93
C SER A 68 4.16 -4.91 -13.49
N LEU A 69 3.35 -4.04 -12.90
CA LEU A 69 2.88 -4.24 -11.53
C LEU A 69 1.89 -5.40 -11.46
N SER A 70 1.00 -5.47 -12.45
CA SER A 70 -0.01 -6.53 -12.49
C SER A 70 0.62 -7.88 -12.80
N ASP A 71 1.78 -7.86 -13.44
CA ASP A 71 2.48 -9.10 -13.78
C ASP A 71 3.48 -9.43 -12.69
N MET A 72 4.06 -8.40 -12.09
CA MET A 72 5.02 -8.58 -11.02
C MET A 72 4.28 -8.84 -9.72
N THR A 73 3.05 -8.36 -9.62
CA THR A 73 2.27 -8.59 -8.42
C THR A 73 1.98 -10.07 -8.29
N ALA A 74 1.88 -10.77 -9.42
CA ALA A 74 1.63 -12.20 -9.41
C ALA A 74 2.60 -12.89 -8.46
N LYS A 75 3.78 -12.28 -8.28
CA LYS A 75 4.79 -12.83 -7.39
C LYS A 75 4.76 -12.18 -6.01
N GLU A 76 4.16 -10.99 -5.91
CA GLU A 76 4.08 -10.30 -4.63
C GLU A 76 2.97 -10.89 -3.76
N LYS A 77 1.73 -10.80 -4.25
CA LYS A 77 0.56 -11.33 -3.54
C LYS A 77 -0.71 -10.62 -4.01
N PHE A 78 -0.59 -9.35 -4.34
CA PHE A 78 -1.74 -8.55 -4.78
C PHE A 78 -2.54 -9.25 -5.85
N SER A 79 -3.55 -8.53 -6.32
CA SER A 79 -4.44 -8.98 -7.38
C SER A 79 -5.89 -8.62 -7.08
N PRO A 80 -6.35 -8.80 -5.83
CA PRO A 80 -7.72 -8.53 -5.46
C PRO A 80 -7.96 -7.20 -4.76
N LEU A 81 -7.51 -7.06 -3.52
CA LEU A 81 -7.71 -5.82 -2.81
C LEU A 81 -6.48 -4.95 -2.92
N THR A 82 -5.60 -5.35 -3.82
CA THR A 82 -4.38 -4.64 -4.05
C THR A 82 -4.15 -4.43 -5.54
N SER A 83 -5.09 -4.90 -6.37
CA SER A 83 -4.97 -4.71 -7.80
C SER A 83 -5.68 -3.44 -8.24
N ASN A 84 -5.70 -2.48 -7.33
CA ASN A 84 -6.30 -1.18 -7.55
C ASN A 84 -5.47 -0.17 -6.79
N LEU A 85 -5.13 -0.55 -5.56
CA LEU A 85 -4.29 0.26 -4.72
C LEU A 85 -2.88 0.25 -5.30
N ILE A 86 -2.60 -0.76 -6.15
CA ILE A 86 -1.28 -0.86 -6.78
C ILE A 86 -1.07 0.29 -7.76
N ASN A 87 -2.08 0.55 -8.58
CA ASN A 87 -1.99 1.62 -9.56
C ASN A 87 -1.98 2.98 -8.87
N LEU A 88 -2.65 3.06 -7.72
CA LEU A 88 -2.71 4.31 -6.96
C LEU A 88 -1.35 4.65 -6.37
N LEU A 89 -0.63 3.63 -5.92
CA LEU A 89 0.69 3.84 -5.34
C LEU A 89 1.68 4.25 -6.42
N ALA A 90 1.48 3.72 -7.62
CA ALA A 90 2.34 4.03 -8.75
C ALA A 90 1.63 4.91 -9.77
N GLU A 91 0.63 5.66 -9.29
CA GLU A 91 -0.15 6.54 -10.16
C GLU A 91 0.55 7.89 -10.32
N ASN A 92 1.04 8.43 -9.21
CA ASN A 92 1.73 9.71 -9.24
C ASN A 92 3.17 9.59 -8.71
N GLY A 93 3.69 8.36 -8.71
CA GLY A 93 5.03 8.13 -8.23
C GLY A 93 5.11 8.04 -6.72
N ARG A 94 4.25 7.22 -6.14
CA ARG A 94 4.22 7.05 -4.70
C ARG A 94 5.03 5.84 -4.26
N LEU A 95 6.01 5.46 -5.08
CA LEU A 95 6.85 4.31 -4.77
C LEU A 95 8.16 4.75 -4.15
N THR A 96 8.10 5.81 -3.34
CA THR A 96 9.28 6.34 -2.68
C THR A 96 9.11 6.23 -1.16
N ASN A 97 7.89 6.50 -0.70
CA ASN A 97 7.57 6.43 0.72
C ASN A 97 6.45 5.43 0.96
N THR A 98 6.35 4.43 0.08
CA THR A 98 5.32 3.40 0.18
C THR A 98 5.18 2.88 1.62
N PRO A 99 6.28 2.56 2.33
CA PRO A 99 6.20 2.05 3.70
C PRO A 99 5.28 2.89 4.58
N ALA A 100 5.11 4.16 4.22
CA ALA A 100 4.25 5.07 4.98
C ALA A 100 2.78 4.77 4.70
N VAL A 101 2.49 4.20 3.53
CA VAL A 101 1.12 3.88 3.16
C VAL A 101 0.62 2.66 3.93
N ILE A 102 1.54 1.80 4.33
CA ILE A 102 1.19 0.59 5.08
C ILE A 102 0.83 0.91 6.52
N SER A 103 1.26 2.08 7.00
CA SER A 103 0.98 2.49 8.37
C SER A 103 -0.45 3.03 8.50
N ALA A 104 -0.97 3.59 7.42
CA ALA A 104 -2.32 4.14 7.44
C ALA A 104 -3.35 3.02 7.52
N PHE A 105 -2.94 1.82 7.09
CA PHE A 105 -3.81 0.65 7.11
C PHE A 105 -3.99 0.13 8.52
N SER A 106 -2.87 -0.17 9.17
CA SER A 106 -2.89 -0.68 10.53
C SER A 106 -3.73 0.19 11.45
N THR A 107 -3.85 1.46 11.11
CA THR A 107 -4.63 2.39 11.90
C THR A 107 -6.11 2.17 11.67
N MET A 108 -6.56 2.30 10.43
CA MET A 108 -7.96 2.08 10.13
C MET A 108 -8.29 0.60 10.32
N MET A 109 -7.23 -0.22 10.35
CA MET A 109 -7.39 -1.66 10.56
C MET A 109 -8.04 -1.90 11.91
N SER A 110 -7.62 -1.11 12.91
CA SER A 110 -8.16 -1.24 14.26
C SER A 110 -9.65 -0.90 14.28
N VAL A 111 -10.10 -0.14 13.29
CA VAL A 111 -11.49 0.26 13.19
C VAL A 111 -12.35 -0.87 12.66
N HIS A 112 -11.85 -1.56 11.63
CA HIS A 112 -12.58 -2.67 11.02
C HIS A 112 -12.65 -3.86 11.98
N ARG A 113 -11.64 -3.98 12.85
CA ARG A 113 -11.60 -5.07 13.82
C ARG A 113 -12.62 -4.85 14.93
N GLY A 114 -12.88 -3.58 15.25
CA GLY A 114 -13.83 -3.27 16.30
C GLY A 114 -15.20 -2.92 15.75
N GLU A 115 -15.23 -2.43 14.52
CA GLU A 115 -16.49 -2.06 13.88
C GLU A 115 -17.44 -3.25 13.79
N VAL A 116 -16.87 -4.44 13.69
CA VAL A 116 -17.66 -5.67 13.60
C VAL A 116 -17.44 -6.55 14.81
N PRO A 117 -18.14 -6.27 15.93
CA PRO A 117 -18.01 -7.05 17.16
C PRO A 117 -18.19 -8.55 16.92
N CYS A 118 -18.15 -9.32 18.00
CA CYS A 118 -18.31 -10.78 17.90
C CYS A 118 -17.22 -11.39 17.04
N THR A 119 -17.11 -12.71 17.09
CA THR A 119 -16.10 -13.42 16.31
C THR A 119 -16.57 -14.83 15.96
N VAL A 120 -17.09 -15.53 16.95
CA VAL A 120 -17.57 -16.89 16.76
C VAL A 120 -19.08 -16.91 16.55
N PHE A 1 8.36 20.30 -0.72
CA PHE A 1 7.89 19.09 0.01
C PHE A 1 9.04 18.38 0.70
N ALA A 2 9.98 17.89 -0.10
CA ALA A 2 11.14 17.18 0.43
C ALA A 2 12.17 18.15 1.00
N LYS A 3 11.92 18.62 2.21
CA LYS A 3 12.83 19.55 2.88
C LYS A 3 12.55 19.62 4.37
N LEU A 4 11.27 19.69 4.73
CA LEU A 4 10.87 19.76 6.13
C LEU A 4 11.17 18.45 6.84
N VAL A 5 12.06 18.51 7.84
CA VAL A 5 12.44 17.32 8.61
C VAL A 5 11.95 17.43 10.05
N ARG A 6 11.22 16.42 10.51
CA ARG A 6 10.71 16.41 11.87
C ARG A 6 10.78 15.00 12.47
N PRO A 7 10.73 14.88 13.80
CA PRO A 7 10.79 13.59 14.49
C PRO A 7 9.76 12.60 13.94
N PRO A 8 9.69 11.40 14.54
CA PRO A 8 8.74 10.36 14.11
C PRO A 8 7.31 10.89 14.00
N VAL A 9 6.50 10.20 13.20
CA VAL A 9 5.11 10.60 13.01
C VAL A 9 4.26 9.42 12.53
N GLN A 10 3.94 8.52 13.46
CA GLN A 10 3.13 7.36 13.15
C GLN A 10 1.73 7.77 12.71
N ILE A 11 1.33 7.29 11.53
CA ILE A 11 0.02 7.60 10.96
C ILE A 11 -0.24 9.11 10.90
N TYR A 12 -0.77 9.55 9.77
CA TYR A 12 -1.00 10.98 9.54
C TYR A 12 -2.44 11.24 9.09
N GLY A 13 -2.73 10.94 7.82
CA GLY A 13 -4.07 11.16 7.32
C GLY A 13 -4.21 10.87 5.84
N ILE A 14 -3.84 11.84 5.00
CA ILE A 14 -3.94 11.68 3.55
C ILE A 14 -3.38 10.35 3.08
N GLU A 15 -2.18 10.00 3.56
CA GLU A 15 -1.56 8.75 3.17
C GLU A 15 -2.30 7.58 3.79
N GLY A 16 -2.85 7.79 4.98
CA GLY A 16 -3.60 6.74 5.65
C GLY A 16 -4.93 6.50 4.98
N ARG A 17 -5.55 7.56 4.49
CA ARG A 17 -6.84 7.46 3.81
C ARG A 17 -6.71 6.65 2.52
N TYR A 18 -5.52 6.60 1.95
CA TYR A 18 -5.28 5.85 0.72
C TYR A 18 -5.65 4.39 0.93
N ALA A 19 -5.10 3.79 1.98
CA ALA A 19 -5.38 2.40 2.29
C ALA A 19 -6.80 2.25 2.82
N THR A 20 -7.27 3.27 3.53
CA THR A 20 -8.62 3.24 4.07
C THR A 20 -9.65 3.43 2.96
N ALA A 21 -9.25 4.10 1.89
CA ALA A 21 -10.14 4.32 0.76
C ALA A 21 -10.03 3.18 -0.24
N LEU A 22 -9.25 2.16 0.11
CA LEU A 22 -9.09 0.99 -0.73
C LEU A 22 -9.64 -0.20 0.00
N TYR A 23 -9.29 -0.28 1.27
CA TYR A 23 -9.79 -1.33 2.10
C TYR A 23 -11.28 -1.10 2.38
N SER A 24 -11.75 0.13 2.14
CA SER A 24 -13.17 0.44 2.34
C SER A 24 -14.01 -0.61 1.65
N ALA A 25 -13.52 -1.07 0.51
CA ALA A 25 -14.19 -2.13 -0.23
C ALA A 25 -13.79 -3.47 0.36
N ALA A 26 -12.55 -3.53 0.85
CA ALA A 26 -12.04 -4.74 1.47
C ALA A 26 -12.69 -4.95 2.84
N SER A 27 -13.34 -3.91 3.36
CA SER A 27 -14.01 -3.99 4.65
C SER A 27 -15.29 -4.79 4.54
N LYS A 28 -16.05 -4.52 3.47
CA LYS A 28 -17.30 -5.24 3.24
C LYS A 28 -17.03 -6.72 3.07
N GLN A 29 -15.83 -7.04 2.58
CA GLN A 29 -15.42 -8.43 2.38
C GLN A 29 -14.68 -8.95 3.60
N ASN A 30 -13.74 -8.14 4.11
CA ASN A 30 -12.94 -8.50 5.28
C ASN A 30 -11.59 -9.04 4.84
N LYS A 31 -11.09 -8.48 3.74
CA LYS A 31 -9.80 -8.89 3.21
C LYS A 31 -8.66 -8.06 3.79
N LEU A 32 -8.92 -7.37 4.91
CA LEU A 32 -7.89 -6.55 5.56
C LEU A 32 -6.55 -7.28 5.55
N GLU A 33 -6.62 -8.59 5.67
CA GLU A 33 -5.42 -9.42 5.66
C GLU A 33 -4.81 -9.45 4.26
N GLN A 34 -5.66 -9.74 3.27
CA GLN A 34 -5.22 -9.79 1.87
C GLN A 34 -4.74 -8.42 1.41
N VAL A 35 -5.26 -7.37 2.06
CA VAL A 35 -4.88 -6.00 1.71
C VAL A 35 -3.82 -5.47 2.67
N GLU A 36 -3.62 -6.16 3.79
CA GLU A 36 -2.63 -5.75 4.78
C GLU A 36 -1.32 -6.47 4.55
N LYS A 37 -1.38 -7.61 3.88
CA LYS A 37 -0.19 -8.39 3.58
C LYS A 37 0.44 -7.86 2.30
N GLU A 38 -0.40 -7.45 1.37
CA GLU A 38 0.05 -6.91 0.11
C GLU A 38 0.98 -5.72 0.33
N LEU A 39 0.54 -4.78 1.16
CA LEU A 39 1.31 -3.59 1.43
C LEU A 39 2.75 -3.94 1.81
N LEU A 40 2.90 -5.02 2.57
CA LEU A 40 4.22 -5.48 2.99
C LEU A 40 5.02 -5.98 1.79
N ARG A 41 4.31 -6.40 0.75
CA ARG A 41 4.96 -6.89 -0.46
C ARG A 41 5.58 -5.75 -1.25
N VAL A 42 4.77 -4.71 -1.52
CA VAL A 42 5.25 -3.57 -2.27
C VAL A 42 6.39 -2.87 -1.55
N GLY A 43 6.42 -3.02 -0.22
CA GLY A 43 7.48 -2.41 0.57
C GLY A 43 8.80 -3.12 0.41
N GLN A 44 8.76 -4.45 0.44
CA GLN A 44 9.98 -5.25 0.29
C GLN A 44 10.56 -5.11 -1.12
N ILE A 45 9.70 -4.74 -2.07
CA ILE A 45 10.13 -4.57 -3.46
C ILE A 45 10.98 -3.30 -3.61
N LEU A 46 10.86 -2.37 -2.66
CA LEU A 46 11.64 -1.14 -2.73
C LEU A 46 13.02 -1.33 -2.12
N LYS A 47 13.11 -2.23 -1.13
CA LYS A 47 14.39 -2.50 -0.48
C LYS A 47 15.27 -3.37 -1.37
N GLU A 48 14.63 -4.16 -2.24
CA GLU A 48 15.35 -5.03 -3.15
C GLU A 48 16.27 -4.23 -4.07
N PRO A 49 17.60 -4.35 -3.90
CA PRO A 49 18.57 -3.62 -4.72
C PRO A 49 18.28 -3.75 -6.21
N LYS A 50 17.98 -4.98 -6.64
CA LYS A 50 17.68 -5.24 -8.04
C LYS A 50 16.38 -4.55 -8.46
N MET A 51 15.48 -4.37 -7.49
CA MET A 51 14.20 -3.72 -7.75
C MET A 51 14.36 -2.20 -7.83
N ALA A 52 15.18 -1.66 -6.93
CA ALA A 52 15.41 -0.22 -6.89
C ALA A 52 15.95 0.29 -8.23
N ALA A 53 16.66 -0.57 -8.94
CA ALA A 53 17.23 -0.22 -10.24
C ALA A 53 16.19 -0.31 -11.35
N SER A 54 15.10 -1.03 -11.09
CA SER A 54 14.04 -1.18 -12.06
C SER A 54 12.89 -0.23 -11.80
N LEU A 55 12.59 -0.02 -10.51
CA LEU A 55 11.50 0.87 -10.12
C LEU A 55 11.94 2.33 -10.20
N LEU A 56 13.23 2.57 -9.99
CA LEU A 56 13.77 3.93 -10.02
C LEU A 56 14.26 4.29 -11.42
N ASN A 57 14.54 3.26 -12.23
CA ASN A 57 15.02 3.48 -13.60
C ASN A 57 14.05 4.37 -14.38
N PRO A 58 14.54 5.50 -14.93
CA PRO A 58 13.70 6.42 -15.71
C PRO A 58 13.13 5.76 -16.96
N TYR A 59 13.63 4.58 -17.28
CA TYR A 59 13.18 3.84 -18.46
C TYR A 59 11.83 3.15 -18.22
N VAL A 60 11.32 3.25 -16.99
CA VAL A 60 10.05 2.63 -16.64
C VAL A 60 9.07 3.68 -16.11
N LYS A 61 8.53 4.49 -17.01
CA LYS A 61 7.58 5.54 -16.63
C LYS A 61 6.42 4.94 -15.83
N ARG A 62 5.52 5.81 -15.38
CA ARG A 62 4.36 5.39 -14.59
C ARG A 62 3.52 4.38 -15.36
N SER A 63 3.33 4.63 -16.66
CA SER A 63 2.54 3.73 -17.50
C SER A 63 3.23 2.39 -17.69
N VAL A 64 4.57 2.41 -17.64
CA VAL A 64 5.34 1.18 -17.81
C VAL A 64 5.51 0.48 -16.47
N LYS A 65 5.55 1.27 -15.40
CA LYS A 65 5.69 0.73 -14.05
C LYS A 65 4.33 0.25 -13.53
N VAL A 66 3.25 0.82 -14.07
CA VAL A 66 1.91 0.43 -13.64
C VAL A 66 1.49 -0.88 -14.31
N LYS A 67 1.94 -1.10 -15.54
CA LYS A 67 1.61 -2.31 -16.28
C LYS A 67 2.43 -3.49 -15.76
N SER A 68 3.69 -3.22 -15.41
CA SER A 68 4.58 -4.25 -14.91
C SER A 68 4.17 -4.66 -13.50
N LEU A 69 3.53 -3.74 -12.78
CA LEU A 69 3.09 -4.02 -11.42
C LEU A 69 1.93 -5.01 -11.41
N SER A 70 1.07 -4.92 -12.42
CA SER A 70 -0.09 -5.81 -12.53
C SER A 70 0.32 -7.20 -12.98
N ASP A 71 1.41 -7.29 -13.74
CA ASP A 71 1.90 -8.57 -14.22
C ASP A 71 2.87 -9.16 -13.21
N MET A 72 3.64 -8.29 -12.57
CA MET A 72 4.59 -8.72 -11.57
C MET A 72 3.86 -9.10 -10.29
N THR A 73 2.65 -8.56 -10.12
CA THR A 73 1.86 -8.88 -8.94
C THR A 73 1.53 -10.35 -8.93
N ALA A 74 1.37 -10.93 -10.12
CA ALA A 74 1.06 -12.35 -10.22
C ALA A 74 2.04 -13.15 -9.37
N LYS A 75 3.24 -12.61 -9.19
CA LYS A 75 4.26 -13.26 -8.38
C LYS A 75 4.37 -12.60 -7.01
N GLU A 76 3.88 -11.36 -6.88
CA GLU A 76 3.92 -10.65 -5.62
C GLU A 76 2.91 -11.23 -4.64
N LYS A 77 1.63 -11.11 -4.98
CA LYS A 77 0.54 -11.63 -4.13
C LYS A 77 -0.77 -10.94 -4.47
N PHE A 78 -0.71 -9.65 -4.79
CA PHE A 78 -1.90 -8.87 -5.10
C PHE A 78 -2.77 -9.54 -6.13
N SER A 79 -3.82 -8.81 -6.49
CA SER A 79 -4.79 -9.23 -7.48
C SER A 79 -6.21 -8.87 -7.04
N PRO A 80 -6.52 -8.99 -5.74
CA PRO A 80 -7.84 -8.71 -5.23
C PRO A 80 -8.02 -7.35 -4.56
N LEU A 81 -7.42 -7.16 -3.39
CA LEU A 81 -7.56 -5.90 -2.70
C LEU A 81 -6.36 -5.01 -2.99
N THR A 82 -5.52 -5.49 -3.89
CA THR A 82 -4.34 -4.76 -4.28
C THR A 82 -4.28 -4.61 -5.79
N SER A 83 -5.27 -5.15 -6.51
CA SER A 83 -5.27 -5.03 -7.95
C SER A 83 -5.91 -3.71 -8.38
N ASN A 84 -5.82 -2.74 -7.49
CA ASN A 84 -6.34 -1.40 -7.70
C ASN A 84 -5.37 -0.44 -7.05
N LEU A 85 -4.96 -0.80 -5.84
CA LEU A 85 -3.98 -0.03 -5.11
C LEU A 85 -2.64 -0.16 -5.83
N ILE A 86 -2.53 -1.21 -6.67
CA ILE A 86 -1.30 -1.42 -7.41
C ILE A 86 -1.10 -0.32 -8.44
N ASN A 87 -2.12 -0.10 -9.27
CA ASN A 87 -2.07 0.94 -10.28
C ASN A 87 -2.10 2.32 -9.65
N LEU A 88 -2.69 2.41 -8.46
CA LEU A 88 -2.79 3.67 -7.73
C LEU A 88 -1.46 4.04 -7.09
N LEU A 89 -0.69 3.03 -6.68
CA LEU A 89 0.60 3.26 -6.06
C LEU A 89 1.64 3.65 -7.11
N ALA A 90 1.48 3.12 -8.30
CA ALA A 90 2.41 3.42 -9.40
C ALA A 90 1.88 4.55 -10.28
N GLU A 91 0.79 5.19 -9.86
CA GLU A 91 0.21 6.28 -10.63
C GLU A 91 0.27 7.58 -9.83
N ASN A 92 -0.53 7.66 -8.78
CA ASN A 92 -0.57 8.85 -7.93
C ASN A 92 -0.57 8.48 -6.45
N GLY A 93 0.05 7.33 -6.14
CA GLY A 93 0.11 6.87 -4.76
C GLY A 93 1.49 6.99 -4.17
N ARG A 94 2.48 7.36 -4.99
CA ARG A 94 3.85 7.51 -4.53
C ARG A 94 4.48 6.15 -4.26
N LEU A 95 5.33 5.70 -5.18
CA LEU A 95 6.01 4.42 -5.03
C LEU A 95 7.38 4.60 -4.37
N THR A 96 7.57 5.74 -3.71
CA THR A 96 8.82 6.04 -3.02
C THR A 96 8.54 6.14 -1.52
N ASN A 97 7.40 6.71 -1.20
CA ASN A 97 6.98 6.86 0.20
C ASN A 97 5.88 5.86 0.53
N THR A 98 5.72 4.86 -0.33
CA THR A 98 4.71 3.82 -0.14
C THR A 98 4.70 3.27 1.30
N PRO A 99 5.89 2.98 1.89
CA PRO A 99 5.98 2.45 3.25
C PRO A 99 4.96 3.08 4.20
N ALA A 100 4.63 4.33 3.96
CA ALA A 100 3.67 5.04 4.79
C ALA A 100 2.28 4.43 4.65
N VAL A 101 1.86 4.20 3.41
CA VAL A 101 0.56 3.59 3.15
C VAL A 101 0.46 2.20 3.75
N ILE A 102 1.61 1.57 3.99
CA ILE A 102 1.65 0.23 4.56
C ILE A 102 1.37 0.27 6.06
N SER A 103 2.07 1.13 6.78
CA SER A 103 1.90 1.25 8.22
C SER A 103 0.62 2.01 8.56
N ALA A 104 0.15 2.82 7.61
CA ALA A 104 -1.06 3.61 7.81
C ALA A 104 -2.31 2.73 7.72
N PHE A 105 -2.22 1.64 6.97
CA PHE A 105 -3.34 0.72 6.81
C PHE A 105 -3.61 -0.06 8.09
N SER A 106 -2.54 -0.48 8.75
CA SER A 106 -2.65 -1.25 9.98
C SER A 106 -3.47 -0.50 11.03
N THR A 107 -3.55 0.82 10.89
CA THR A 107 -4.31 1.63 11.83
C THR A 107 -5.75 1.78 11.38
N MET A 108 -5.96 1.76 10.07
CA MET A 108 -7.30 1.89 9.51
C MET A 108 -7.97 0.52 9.47
N MET A 109 -7.16 -0.52 9.37
CA MET A 109 -7.67 -1.89 9.34
C MET A 109 -8.00 -2.38 10.74
N SER A 110 -7.52 -1.67 11.75
CA SER A 110 -7.78 -2.05 13.14
C SER A 110 -8.88 -1.18 13.74
N VAL A 111 -8.92 0.07 13.30
CA VAL A 111 -9.93 1.01 13.78
C VAL A 111 -11.32 0.59 13.31
N HIS A 112 -11.37 -0.32 12.33
CA HIS A 112 -12.63 -0.81 11.80
C HIS A 112 -13.33 -1.73 12.79
N ARG A 113 -12.53 -2.39 13.64
CA ARG A 113 -13.08 -3.31 14.62
C ARG A 113 -13.93 -2.56 15.64
N GLY A 114 -13.52 -1.35 15.99
CA GLY A 114 -14.26 -0.55 16.94
C GLY A 114 -15.68 -0.29 16.50
N GLU A 115 -15.89 -0.16 15.20
CA GLU A 115 -17.22 0.10 14.65
C GLU A 115 -17.75 -1.14 13.93
N VAL A 116 -17.11 -1.47 12.81
CA VAL A 116 -17.52 -2.62 12.01
C VAL A 116 -18.94 -2.44 11.46
N PRO A 117 -19.08 -1.73 10.33
CA PRO A 117 -20.37 -1.48 9.70
C PRO A 117 -20.97 -2.74 9.09
N CYS A 118 -22.29 -2.85 9.14
CA CYS A 118 -22.98 -4.01 8.59
C CYS A 118 -24.50 -3.83 8.66
N THR A 119 -25.20 -4.31 7.64
CA THR A 119 -26.65 -4.19 7.59
C THR A 119 -27.22 -4.99 6.41
N VAL A 120 -26.59 -6.12 6.12
CA VAL A 120 -27.04 -6.98 5.02
C VAL A 120 -27.76 -8.21 5.54
#